data_8FNT
#
_entry.id   8FNT
#
_cell.length_a   1.00
_cell.length_b   1.00
_cell.length_c   1.00
_cell.angle_alpha   90.00
_cell.angle_beta   90.00
_cell.angle_gamma   90.00
#
_symmetry.space_group_name_H-M   'P 1'
#
_entity_poly.entity_id   1
_entity_poly.type   'polypeptide(L)'
_entity_poly.pdbx_seq_one_letter_code
;MTDSVQTETTKGKIIINLFAPNLSGSTKEDDLIQKSLRDQLVESIRNSIAYPDTDKFAGLTRFIDEPGRNVFFVDGTRGA
GKTTFINSVVKSLNSDQDDVKVNIKCLPTIDPTKLPRHEPILVTVTARLNKMVSDKLKGYWASNDYRKQKEQWQNHLAQL
QRGLHLLTDKEYKPEYFSDALKLDAQLDYSIGGQDLSEIFEELVKRACEILDCKAILITFDDIDTQFDAGWDVLESIRKF
FNSRKLVVVATGDLRLYSQLIRGKQYENYSKTLLEQEKESVRLAERGYMVEHLEQQYLLKLFPVQKRIQLKTMLQLVGEK
GKAGKEEIKVKTEPSMQDIDAIDVRQAIGDAVREGLNLREGSDADMYVNELLKQPVRLLMQVLQDFYTKKYHATSVKLDG
KQSRNERPDELSVPNLLRNALYGSMLSNIYRAGLNYEQHRFGMDSLCKDIFTYVKQDRDFNTGFYLRPQSESEALRNCSI
YLASQVSENCQGSLSKFLQMLLVGCGSVSIFNQFVTELARAENDREKFEQLISEYVAYMSVGRIESASHWANRCCAVVAN
SPNDEKIGVFLGMVQLNRKSRQNMPEGYKKFNIDTENGLAKAAMASSLSTVASNNLMDFCSVFNLIGAIADISACRCERS
AITNAFNKVIAQTTCIVPPWSEAAVRAEMKGSSKSADNDAAVLDVDLDPKDDGVIDESQQDDATEFSDAITKVEQWLKNV
NEIEIGIRPSALLIGKVWSRFYFNLNNVADQHKTRLYRNAEHGRMASQSNAAKIMRFNVLAFLHAVLVEESLYHSVSDRE
YIGEGLRLNPVTSVDEFEKKIKIIGEKLKADNKTWKNTHPLFFLLISCPILHPFIFPIGGINCSVKALNKETSFNKLIDE
IVGDKLLSDEEWDYLTKNNDQKTNTRQQIFQNTITSLNSSTIVGASYDKDTPARKTKSPSLGDSEEK
;
_entity_poly.pdbx_strand_id   B,C,D,F,G,E,A
#
# COMPACT_ATOMS: atom_id res chain seq x y z
N LYS A 35 -38.62 40.87 19.40
CA LYS A 35 -37.84 41.35 18.26
C LYS A 35 -38.71 41.91 17.16
N SER A 36 -38.17 42.87 16.41
CA SER A 36 -38.79 43.27 15.15
C SER A 36 -38.75 42.15 14.13
N LEU A 37 -37.73 41.28 14.22
CA LEU A 37 -37.65 40.12 13.34
C LEU A 37 -38.75 39.10 13.60
N ARG A 38 -39.13 38.90 14.85
CA ARG A 38 -40.27 38.05 15.07
C ARG A 38 -41.55 38.70 14.52
N ASP A 39 -41.69 40.01 14.67
CA ASP A 39 -42.78 40.70 13.98
C ASP A 39 -42.74 40.37 12.49
N GLN A 40 -41.57 40.48 11.88
CA GLN A 40 -41.32 39.93 10.54
C GLN A 40 -42.01 38.59 10.32
N LEU A 41 -41.61 37.58 11.10
CA LEU A 41 -42.05 36.22 10.81
C LEU A 41 -43.58 36.11 10.94
N VAL A 42 -44.12 36.62 12.04
CA VAL A 42 -45.58 36.64 12.22
C VAL A 42 -46.27 37.28 11.04
N GLU A 43 -45.77 38.43 10.63
CA GLU A 43 -46.54 39.35 9.80
C GLU A 43 -46.48 38.92 8.34
N SER A 44 -45.33 38.40 7.92
CA SER A 44 -45.25 37.74 6.62
C SER A 44 -46.05 36.44 6.60
N ILE A 45 -46.07 35.68 7.70
CA ILE A 45 -46.95 34.51 7.76
C ILE A 45 -48.40 34.95 7.61
N ARG A 46 -48.77 36.04 8.28
CA ARG A 46 -50.12 36.55 8.23
C ARG A 46 -50.56 36.80 6.80
N ASN A 47 -49.76 37.55 6.04
CA ASN A 47 -50.11 37.79 4.64
C ASN A 47 -49.45 36.81 3.68
N SER A 48 -49.11 35.60 4.15
CA SER A 48 -48.64 34.54 3.28
C SER A 48 -49.74 33.56 2.87
N ILE A 49 -50.91 33.63 3.50
CA ILE A 49 -52.02 32.75 3.15
C ILE A 49 -53.15 33.48 2.44
N ALA A 50 -53.22 34.80 2.54
CA ALA A 50 -54.27 35.56 1.88
C ALA A 50 -54.11 35.49 0.36
N ARG A 69 -42.80 25.92 -1.59
CA ARG A 69 -43.71 25.52 -0.53
C ARG A 69 -44.16 26.74 0.27
N ASN A 70 -44.82 26.48 1.41
CA ASN A 70 -45.24 27.51 2.34
C ASN A 70 -44.50 27.33 3.67
N VAL A 71 -43.21 27.05 3.59
CA VAL A 71 -42.40 26.70 4.75
C VAL A 71 -41.43 27.84 5.03
N PHE A 72 -41.39 28.28 6.28
CA PHE A 72 -40.48 29.34 6.72
C PHE A 72 -39.37 28.70 7.55
N PHE A 73 -38.13 29.02 7.20
CA PHE A 73 -36.97 28.46 7.89
C PHE A 73 -36.24 29.54 8.66
N VAL A 74 -35.77 29.19 9.85
CA VAL A 74 -35.04 30.10 10.72
C VAL A 74 -33.66 29.51 10.99
N ASP A 75 -32.61 30.28 10.70
CA ASP A 75 -31.25 29.87 11.00
C ASP A 75 -30.94 30.14 12.47
N GLY A 76 -29.83 29.58 12.93
CA GLY A 76 -29.37 29.81 14.29
C GLY A 76 -28.25 28.87 14.71
N GLY A 81 -31.70 32.93 20.24
CA GLY A 81 -32.01 31.52 20.31
C GLY A 81 -33.16 31.10 19.41
N LYS A 82 -32.99 29.92 18.81
CA LYS A 82 -34.05 29.35 17.97
C LYS A 82 -35.28 28.97 18.78
N THR A 83 -35.10 28.24 19.87
CA THR A 83 -36.26 27.80 20.65
C THR A 83 -37.05 29.00 21.17
N THR A 84 -36.35 29.99 21.72
CA THR A 84 -37.03 31.17 22.26
C THR A 84 -37.76 31.94 21.17
N PHE A 85 -37.12 32.11 20.01
CA PHE A 85 -37.76 32.83 18.91
C PHE A 85 -38.99 32.08 18.41
N ILE A 86 -38.89 30.76 18.30
CA ILE A 86 -40.02 29.95 17.83
C ILE A 86 -41.19 30.10 18.78
N ASN A 87 -40.92 30.03 20.08
CA ASN A 87 -41.99 30.18 21.06
C ASN A 87 -42.60 31.59 21.01
N SER A 88 -41.76 32.62 20.85
CA SER A 88 -42.26 33.98 20.70
C SER A 88 -43.24 34.06 19.52
N VAL A 89 -42.85 33.47 18.38
CA VAL A 89 -43.72 33.49 17.21
C VAL A 89 -45.03 32.75 17.50
N VAL A 90 -44.93 31.56 18.09
CA VAL A 90 -46.13 30.79 18.38
C VAL A 90 -47.12 31.63 19.15
N LYS A 91 -46.60 32.51 19.99
CA LYS A 91 -47.46 33.32 20.83
C LYS A 91 -48.07 34.45 20.05
N SER A 92 -47.19 35.24 19.44
CA SER A 92 -47.61 36.39 18.66
C SER A 92 -48.72 36.03 17.70
N LEU A 93 -48.87 34.74 17.40
CA LEU A 93 -49.99 34.25 16.61
C LEU A 93 -51.16 33.75 17.45
N ASN A 94 -50.96 33.53 18.75
CA ASN A 94 -52.00 33.00 19.63
C ASN A 94 -52.49 31.66 19.12
N VAL A 102 -57.96 37.29 10.03
CA VAL A 102 -56.65 37.51 10.61
C VAL A 102 -56.30 36.35 11.54
N ASN A 103 -57.11 35.30 11.55
CA ASN A 103 -56.91 34.16 12.42
C ASN A 103 -55.94 33.17 11.81
N ILE A 104 -55.03 32.66 12.62
CA ILE A 104 -54.20 31.52 12.28
C ILE A 104 -54.06 30.67 13.54
N LYS A 105 -54.42 29.41 13.44
CA LYS A 105 -54.16 28.43 14.48
C LYS A 105 -52.68 28.05 14.48
N CYS A 106 -52.17 27.69 15.65
CA CYS A 106 -50.79 27.26 15.80
C CYS A 106 -50.73 26.03 16.69
N LEU A 107 -50.20 24.93 16.15
CA LEU A 107 -49.97 23.74 16.96
C LEU A 107 -48.86 24.00 17.97
N PRO A 108 -48.88 23.29 19.10
CA PRO A 108 -47.74 23.39 20.02
C PRO A 108 -46.46 22.96 19.33
N THR A 109 -45.37 23.65 19.64
CA THR A 109 -44.12 23.41 18.94
C THR A 109 -43.67 21.96 19.11
N ILE A 110 -43.29 21.34 18.00
CA ILE A 110 -42.87 19.94 17.98
C ILE A 110 -41.35 19.92 18.03
N ASP A 111 -40.80 19.19 18.99
CA ASP A 111 -39.37 18.98 19.04
C ASP A 111 -39.06 17.60 18.50
N PRO A 112 -38.55 17.48 17.27
CA PRO A 112 -38.35 16.14 16.69
C PRO A 112 -37.37 15.29 17.46
N THR A 113 -36.46 15.89 18.24
CA THR A 113 -35.50 15.12 19.00
C THR A 113 -36.06 14.57 20.31
N LYS A 114 -37.23 15.03 20.74
CA LYS A 114 -37.85 14.56 21.98
C LYS A 114 -39.04 13.64 21.74
N LEU A 115 -39.43 13.41 20.51
CA LEU A 115 -40.56 12.55 20.23
C LEU A 115 -40.18 11.11 20.49
N PRO A 116 -41.17 10.23 20.68
CA PRO A 116 -40.86 8.81 20.65
C PRO A 116 -40.04 8.53 19.43
N ARG A 117 -39.26 7.50 19.54
CA ARG A 117 -38.39 7.24 18.44
C ARG A 117 -39.14 6.93 17.17
N HIS A 118 -39.64 5.73 17.05
CA HIS A 118 -40.27 5.24 15.84
C HIS A 118 -41.69 5.76 15.95
N GLU A 119 -41.86 7.02 15.56
CA GLU A 119 -43.20 7.60 15.49
C GLU A 119 -43.22 8.65 14.38
N PRO A 120 -43.97 8.43 13.32
CA PRO A 120 -44.00 9.40 12.22
C PRO A 120 -44.49 10.76 12.69
N ILE A 121 -43.91 11.81 12.10
CA ILE A 121 -44.29 13.17 12.46
C ILE A 121 -45.77 13.40 12.21
N LEU A 122 -46.35 12.71 11.23
CA LEU A 122 -47.77 12.84 10.98
C LEU A 122 -48.58 12.43 12.21
N VAL A 123 -48.13 11.41 12.93
CA VAL A 123 -48.85 10.97 14.12
C VAL A 123 -48.88 12.08 15.16
N THR A 124 -47.72 12.69 15.44
CA THR A 124 -47.66 13.75 16.43
C THR A 124 -48.50 14.95 16.01
N VAL A 125 -48.38 15.35 14.74
CA VAL A 125 -49.16 16.48 14.25
C VAL A 125 -50.65 16.20 14.39
N THR A 126 -51.08 15.00 13.99
CA THR A 126 -52.50 14.67 14.06
C THR A 126 -52.98 14.60 15.51
N ALA A 127 -52.16 14.11 16.43
CA ALA A 127 -52.56 14.05 17.82
C ALA A 127 -52.70 15.44 18.42
N ARG A 128 -51.76 16.34 18.14
CA ARG A 128 -51.87 17.70 18.64
C ARG A 128 -53.08 18.41 18.02
N LEU A 129 -53.31 18.21 16.73
CA LEU A 129 -54.48 18.77 16.09
C LEU A 129 -55.76 18.21 16.71
N ASN A 130 -55.77 16.91 17.02
CA ASN A 130 -56.92 16.30 17.65
C ASN A 130 -57.19 16.92 19.01
N LYS A 131 -56.15 17.15 19.79
CA LYS A 131 -56.39 17.76 21.09
C LYS A 131 -56.90 19.19 20.94
N MET A 132 -56.32 19.98 20.04
CA MET A 132 -56.82 21.35 19.87
C MET A 132 -58.27 21.34 19.41
N VAL A 133 -58.60 20.47 18.44
CA VAL A 133 -59.95 20.41 17.91
C VAL A 133 -60.93 19.93 18.97
N SER A 134 -60.53 18.96 19.79
CA SER A 134 -61.46 18.43 20.79
C SER A 134 -61.62 19.39 21.96
N ASP A 135 -60.55 20.09 22.33
CA ASP A 135 -60.68 21.12 23.36
C ASP A 135 -61.63 22.22 22.90
N LYS A 136 -61.54 22.62 21.63
CA LYS A 136 -62.52 23.58 21.12
C LYS A 136 -63.91 22.97 21.05
N LEU A 137 -64.04 21.81 20.42
CA LEU A 137 -65.32 21.15 20.27
C LEU A 137 -66.01 20.95 21.60
N LYS A 138 -65.26 20.94 22.70
CA LYS A 138 -65.87 20.64 23.98
C LYS A 138 -66.78 21.76 24.46
N GLY A 139 -66.26 22.97 24.58
CA GLY A 139 -67.07 24.10 24.98
C GLY A 139 -68.25 24.26 24.04
N TYR A 140 -69.13 25.19 24.41
CA TYR A 140 -70.26 25.59 23.58
C TYR A 140 -70.85 24.46 22.75
N ARG A 147 -72.70 14.68 18.44
CA ARG A 147 -72.93 16.00 17.84
C ARG A 147 -72.60 15.97 16.36
N LYS A 148 -73.22 16.87 15.59
CA LYS A 148 -73.17 16.76 14.13
C LYS A 148 -71.74 16.77 13.60
N GLN A 149 -70.91 17.68 14.10
CA GLN A 149 -69.58 17.85 13.54
C GLN A 149 -68.63 16.74 13.92
N LYS A 150 -68.91 16.02 15.00
CA LYS A 150 -67.79 15.40 15.69
C LYS A 150 -67.43 14.08 15.07
N GLU A 151 -68.32 13.09 15.16
CA GLU A 151 -68.22 11.83 14.42
C GLU A 151 -67.75 12.04 12.98
N GLN A 152 -67.94 13.20 12.36
CA GLN A 152 -67.36 13.38 11.02
C GLN A 152 -65.96 13.96 11.08
N TRP A 153 -65.49 14.38 12.28
CA TRP A 153 -64.05 14.52 12.54
C TRP A 153 -63.43 13.17 12.88
N GLN A 154 -64.13 12.39 13.71
CA GLN A 154 -63.77 11.02 14.04
C GLN A 154 -63.58 10.19 12.77
N ASN A 155 -64.42 10.44 11.77
CA ASN A 155 -64.43 9.63 10.56
C ASN A 155 -63.06 9.70 9.93
N HIS A 156 -62.59 10.94 9.74
CA HIS A 156 -61.29 11.21 9.12
C HIS A 156 -60.16 10.77 10.03
N LEU A 157 -60.33 10.93 11.35
CA LEU A 157 -59.28 10.46 12.25
C LEU A 157 -59.11 8.93 12.16
N ALA A 158 -60.21 8.20 12.22
CA ALA A 158 -60.15 6.75 12.15
C ALA A 158 -59.63 6.28 10.79
N GLN A 159 -60.08 6.93 9.71
CA GLN A 159 -59.66 6.50 8.38
C GLN A 159 -58.21 6.86 8.11
N LEU A 160 -57.74 8.01 8.61
CA LEU A 160 -56.32 8.33 8.59
C LEU A 160 -55.54 7.29 9.36
N GLN A 161 -56.04 6.89 10.53
CA GLN A 161 -55.39 5.84 11.29
C GLN A 161 -55.24 4.59 10.45
N ARG A 162 -56.36 4.01 10.03
CA ARG A 162 -56.33 2.73 9.35
C ARG A 162 -55.64 2.83 8.00
N GLY A 163 -55.35 4.04 7.54
CA GLY A 163 -54.51 4.26 6.39
C GLY A 163 -53.06 4.52 6.73
N LEU A 164 -52.67 4.30 7.98
CA LEU A 164 -51.35 4.66 8.48
C LEU A 164 -50.38 3.48 8.54
N HIS A 165 -50.85 2.27 8.27
CA HIS A 165 -49.95 1.15 8.05
C HIS A 165 -48.99 1.38 6.90
N LEU A 166 -49.33 2.28 5.99
CA LEU A 166 -48.51 2.51 4.79
C LEU A 166 -47.13 3.04 5.16
N LEU A 167 -47.05 3.90 6.17
CA LEU A 167 -45.78 4.53 6.52
C LEU A 167 -44.83 3.57 7.22
N THR A 168 -45.36 2.54 7.88
CA THR A 168 -44.59 1.75 8.83
C THR A 168 -44.23 0.35 8.35
N ASP A 169 -44.91 -0.17 7.34
CA ASP A 169 -44.83 -1.59 7.03
C ASP A 169 -43.46 -1.96 6.48
N LYS A 170 -42.98 -3.15 6.89
CA LYS A 170 -41.82 -3.73 6.23
C LYS A 170 -42.08 -3.97 4.75
N GLU A 171 -43.31 -4.28 4.38
CA GLU A 171 -43.64 -4.53 2.98
C GLU A 171 -45.14 -4.36 2.78
N TYR A 172 -45.55 -4.52 1.52
CA TYR A 172 -46.95 -4.51 1.15
C TYR A 172 -47.50 -5.93 1.21
N LYS A 173 -48.68 -6.09 1.80
CA LYS A 173 -49.35 -7.38 1.69
C LYS A 173 -50.69 -7.21 0.99
N PRO A 174 -51.07 -8.13 0.10
CA PRO A 174 -52.29 -7.93 -0.71
C PRO A 174 -53.57 -7.60 0.06
N GLU A 175 -53.68 -7.91 1.35
CA GLU A 175 -54.94 -7.65 2.06
C GLU A 175 -55.33 -6.18 2.03
N TYR A 176 -54.35 -5.32 1.80
CA TYR A 176 -54.36 -3.86 1.69
C TYR A 176 -54.89 -3.37 0.35
N PHE A 177 -55.05 -4.26 -0.63
CA PHE A 177 -55.71 -3.84 -1.85
C PHE A 177 -57.19 -3.60 -1.59
N SER A 178 -57.86 -4.53 -0.93
CA SER A 178 -59.28 -4.35 -0.62
C SER A 178 -59.50 -3.06 0.16
N ASP A 179 -58.50 -2.65 0.94
CA ASP A 179 -58.60 -1.42 1.70
C ASP A 179 -58.56 -0.18 0.82
N ALA A 180 -58.04 -0.31 -0.40
CA ALA A 180 -57.82 0.82 -1.29
C ALA A 180 -58.89 0.96 -2.36
N LEU A 181 -59.91 0.10 -2.37
CA LEU A 181 -60.92 0.12 -3.42
C LEU A 181 -62.29 0.61 -2.98
N LYS A 182 -62.50 0.86 -1.68
CA LYS A 182 -63.76 1.37 -1.19
C LYS A 182 -63.69 2.89 -1.03
N LEU A 183 -64.77 3.56 -1.39
CA LEU A 183 -64.84 5.01 -1.39
C LEU A 183 -65.93 5.51 -0.46
N SER A 190 -60.37 12.09 -3.00
CA SER A 190 -61.06 12.31 -4.27
C SER A 190 -60.19 11.91 -5.45
N ILE A 191 -59.19 11.07 -5.21
CA ILE A 191 -58.23 10.73 -6.25
C ILE A 191 -58.21 9.24 -6.53
N GLY A 192 -58.49 8.42 -5.52
CA GLY A 192 -58.44 6.98 -5.68
C GLY A 192 -57.39 6.31 -4.82
N GLY A 193 -57.84 5.44 -3.93
CA GLY A 193 -56.94 4.70 -3.08
C GLY A 193 -56.98 5.16 -1.64
N GLN A 194 -55.89 4.90 -0.92
CA GLN A 194 -55.73 5.22 0.49
C GLN A 194 -54.59 6.20 0.70
N ASP A 195 -54.46 7.17 -0.19
CA ASP A 195 -53.33 8.08 -0.14
C ASP A 195 -53.44 8.95 1.11
N LEU A 196 -52.48 8.81 2.02
CA LEU A 196 -52.54 9.49 3.32
C LEU A 196 -52.48 11.00 3.17
N SER A 197 -51.86 11.49 2.11
CA SER A 197 -51.84 12.93 1.85
C SER A 197 -53.26 13.50 1.81
N GLU A 198 -54.15 12.87 1.02
CA GLU A 198 -55.51 13.40 0.89
C GLU A 198 -56.24 13.37 2.21
N ILE A 199 -56.13 12.26 2.94
CA ILE A 199 -56.86 12.10 4.18
C ILE A 199 -56.39 13.13 5.19
N PHE A 200 -55.09 13.39 5.25
CA PHE A 200 -54.59 14.40 6.16
C PHE A 200 -55.01 15.81 5.74
N GLU A 201 -55.08 16.06 4.43
CA GLU A 201 -55.52 17.38 3.99
C GLU A 201 -56.98 17.63 4.31
N GLU A 202 -57.85 16.62 4.18
CA GLU A 202 -59.22 16.72 4.71
C GLU A 202 -59.26 16.82 6.21
N LEU A 203 -58.33 16.17 6.92
CA LEU A 203 -58.30 16.35 8.35
C LEU A 203 -58.00 17.79 8.72
N VAL A 204 -57.09 18.42 7.97
CA VAL A 204 -56.77 19.82 8.21
C VAL A 204 -57.95 20.71 7.83
N LYS A 205 -58.67 20.37 6.77
CA LYS A 205 -59.89 21.11 6.44
C LYS A 205 -60.91 21.00 7.57
N ARG A 206 -61.11 19.78 8.09
CA ARG A 206 -61.89 19.58 9.31
C ARG A 206 -61.48 20.57 10.39
N ALA A 207 -60.21 20.53 10.76
CA ALA A 207 -59.75 21.32 11.90
C ALA A 207 -59.95 22.80 11.66
N CYS A 208 -59.71 23.27 10.43
CA CYS A 208 -59.87 24.69 10.12
C CYS A 208 -61.33 25.11 10.19
N GLU A 209 -62.24 24.26 9.70
CA GLU A 209 -63.65 24.58 9.82
C GLU A 209 -64.08 24.63 11.30
N ILE A 210 -63.60 23.69 12.09
CA ILE A 210 -64.04 23.59 13.48
C ILE A 210 -63.49 24.75 14.31
N LEU A 211 -62.22 25.09 14.11
CA LEU A 211 -61.51 26.00 14.99
C LEU A 211 -61.69 27.47 14.65
N ASP A 212 -62.45 27.80 13.59
CA ASP A 212 -62.50 29.17 13.10
C ASP A 212 -61.10 29.69 12.81
N CYS A 213 -60.42 29.00 11.91
CA CYS A 213 -59.11 29.40 11.40
C CYS A 213 -58.99 28.93 9.96
N LYS A 214 -58.09 29.57 9.23
CA LYS A 214 -57.78 29.18 7.86
C LYS A 214 -56.60 28.23 7.81
N ALA A 215 -55.49 28.64 8.39
CA ALA A 215 -54.25 27.88 8.27
C ALA A 215 -53.75 27.54 9.66
N ILE A 216 -53.18 26.34 9.75
CA ILE A 216 -52.71 25.79 11.02
C ILE A 216 -51.19 25.73 10.97
N LEU A 217 -50.54 26.46 11.86
CA LEU A 217 -49.10 26.61 11.81
C LEU A 217 -48.45 25.41 12.48
N ILE A 218 -47.90 24.50 11.67
CA ILE A 218 -47.10 23.41 12.18
C ILE A 218 -45.67 23.91 12.30
N THR A 219 -45.20 24.05 13.52
CA THR A 219 -43.91 24.67 13.80
C THR A 219 -42.97 23.62 14.38
N PHE A 220 -41.83 23.44 13.75
CA PHE A 220 -40.87 22.41 14.11
C PHE A 220 -39.66 23.01 14.78
N ASP A 221 -39.20 22.36 15.86
CA ASP A 221 -38.17 22.91 16.69
C ASP A 221 -36.79 22.40 16.25
N ASP A 222 -35.74 23.03 16.74
CA ASP A 222 -34.40 22.71 16.29
C ASP A 222 -33.99 21.30 16.66
N ILE A 223 -33.07 20.75 15.87
CA ILE A 223 -32.74 19.33 15.86
C ILE A 223 -31.24 19.12 16.05
N ASP A 224 -30.58 20.09 16.69
CA ASP A 224 -29.12 20.02 16.77
C ASP A 224 -28.68 18.76 17.53
N THR A 225 -29.48 18.36 18.52
CA THR A 225 -29.13 17.22 19.37
C THR A 225 -28.95 15.95 18.56
N GLN A 226 -29.94 15.62 17.73
CA GLN A 226 -29.94 14.36 16.99
C GLN A 226 -30.69 14.62 15.68
N PHE A 227 -29.94 14.87 14.61
CA PHE A 227 -30.52 15.37 13.37
C PHE A 227 -31.01 14.26 12.41
N ASP A 228 -31.12 13.00 12.87
CA ASP A 228 -31.86 12.02 12.06
C ASP A 228 -33.33 12.42 11.92
N ALA A 229 -33.95 12.84 13.03
CA ALA A 229 -35.37 13.13 12.98
C ALA A 229 -35.69 14.22 11.97
N GLY A 230 -34.70 14.99 11.57
CA GLY A 230 -34.92 16.00 10.54
C GLY A 230 -35.40 15.39 9.24
N TRP A 231 -35.01 14.15 8.94
CA TRP A 231 -35.44 13.53 7.69
C TRP A 231 -36.93 13.24 7.71
N ASP A 232 -37.43 12.71 8.83
CA ASP A 232 -38.87 12.50 8.96
C ASP A 232 -39.61 13.82 8.85
N VAL A 233 -39.05 14.87 9.45
CA VAL A 233 -39.66 16.19 9.38
C VAL A 233 -39.74 16.65 7.93
N LEU A 234 -38.64 16.51 7.18
CA LEU A 234 -38.62 16.94 5.79
C LEU A 234 -39.60 16.14 4.95
N GLU A 235 -39.64 14.82 5.15
CA GLU A 235 -40.55 14.00 4.35
C GLU A 235 -42.01 14.31 4.68
N SER A 236 -42.32 14.54 5.95
CA SER A 236 -43.68 14.90 6.32
C SER A 236 -44.06 16.25 5.73
N ILE A 237 -43.14 17.21 5.75
CA ILE A 237 -43.40 18.51 5.13
C ILE A 237 -43.66 18.35 3.64
N ARG A 238 -42.85 17.54 2.97
CA ARG A 238 -42.98 17.35 1.53
C ARG A 238 -44.29 16.67 1.18
N LYS A 239 -44.65 15.61 1.92
CA LYS A 239 -45.72 14.72 1.49
C LYS A 239 -47.07 15.01 2.15
N PHE A 240 -47.10 15.64 3.33
CA PHE A 240 -48.33 15.76 4.10
C PHE A 240 -48.72 17.18 4.46
N PHE A 241 -47.76 18.06 4.75
CA PHE A 241 -48.05 19.40 5.24
C PHE A 241 -48.10 20.40 4.11
N ASN A 242 -48.24 19.91 2.90
CA ASN A 242 -48.20 20.70 1.68
C ASN A 242 -49.66 21.01 1.42
N SER A 243 -50.07 22.17 1.90
CA SER A 243 -51.48 22.48 1.82
C SER A 243 -51.66 23.86 2.40
N ARG A 244 -52.72 24.53 1.98
CA ARG A 244 -52.87 25.92 2.32
C ARG A 244 -53.21 26.09 3.77
N LYS A 245 -54.08 25.22 4.22
CA LYS A 245 -54.54 25.15 5.57
C LYS A 245 -53.41 24.84 6.54
N LEU A 246 -52.19 24.70 6.02
CA LEU A 246 -51.00 24.48 6.82
C LEU A 246 -49.91 25.45 6.38
N VAL A 247 -49.30 26.10 7.36
CA VAL A 247 -48.09 26.88 7.15
C VAL A 247 -47.04 26.33 8.12
N VAL A 248 -45.85 26.04 7.60
CA VAL A 248 -44.82 25.34 8.36
C VAL A 248 -43.70 26.30 8.67
N VAL A 249 -43.29 26.34 9.94
CA VAL A 249 -42.11 27.08 10.38
C VAL A 249 -41.14 26.06 10.94
N ALA A 250 -40.05 25.82 10.22
CA ALA A 250 -38.98 24.95 10.67
C ALA A 250 -37.78 25.80 11.05
N THR A 251 -36.93 25.26 11.91
CA THR A 251 -35.72 25.96 12.34
C THR A 251 -34.61 24.96 12.53
N GLY A 252 -33.39 25.47 12.51
CA GLY A 252 -32.21 24.66 12.62
C GLY A 252 -31.08 25.28 11.82
N ASP A 253 -30.15 24.43 11.41
CA ASP A 253 -29.00 24.83 10.63
C ASP A 253 -29.03 24.09 9.30
N LEU A 254 -29.00 24.84 8.20
CA LEU A 254 -29.25 24.24 6.88
C LEU A 254 -28.14 23.29 6.46
N ARG A 255 -26.95 23.37 7.05
CA ARG A 255 -25.93 22.35 6.79
C ARG A 255 -26.40 20.98 7.24
N LEU A 256 -27.09 20.94 8.39
CA LEU A 256 -27.57 19.67 8.92
C LEU A 256 -28.56 19.02 7.95
N TYR A 257 -29.52 19.81 7.46
CA TYR A 257 -30.49 19.28 6.50
C TYR A 257 -29.83 18.95 5.17
N SER A 258 -28.83 19.73 4.76
CA SER A 258 -28.03 19.39 3.60
C SER A 258 -27.44 17.98 3.75
N GLN A 259 -26.80 17.74 4.86
CA GLN A 259 -26.25 16.43 5.21
C GLN A 259 -27.29 15.33 5.13
N LEU A 260 -28.42 15.54 5.79
CA LEU A 260 -29.46 14.52 5.80
C LEU A 260 -29.92 14.18 4.38
N ILE A 261 -30.18 15.21 3.58
CA ILE A 261 -30.71 15.00 2.23
C ILE A 261 -29.67 14.36 1.33
N ARG A 262 -28.42 14.82 1.43
CA ARG A 262 -27.37 14.25 0.61
C ARG A 262 -27.18 12.77 0.91
N GLY A 263 -27.13 12.42 2.20
CA GLY A 263 -27.03 11.02 2.57
C GLY A 263 -28.19 10.20 2.06
N LYS A 264 -29.41 10.74 2.18
CA LYS A 264 -30.57 10.03 1.69
C LYS A 264 -30.55 9.90 0.17
N GLN A 265 -30.01 10.89 -0.54
CA GLN A 265 -29.88 10.79 -1.98
C GLN A 265 -28.84 9.75 -2.35
N TYR A 266 -27.75 9.66 -1.59
CA TYR A 266 -26.79 8.63 -1.91
C TYR A 266 -27.41 7.26 -1.66
N GLU A 267 -28.32 7.19 -0.68
CA GLU A 267 -28.99 5.93 -0.37
C GLU A 267 -29.67 5.33 -1.59
N ASN A 268 -30.16 6.18 -2.51
CA ASN A 268 -30.90 5.62 -3.64
C ASN A 268 -30.00 4.87 -4.62
N TYR A 269 -28.74 5.26 -4.77
CA TYR A 269 -27.89 4.53 -5.68
C TYR A 269 -27.79 3.07 -5.26
N SER A 270 -27.87 2.19 -6.25
CA SER A 270 -27.79 0.76 -5.99
C SER A 270 -26.42 0.38 -5.42
N LYS A 271 -26.42 -0.63 -4.54
CA LYS A 271 -25.22 -1.10 -3.86
C LYS A 271 -24.08 -1.38 -4.82
N THR A 272 -24.25 -2.43 -5.60
CA THR A 272 -23.14 -3.01 -6.33
C THR A 272 -22.71 -2.05 -7.43
N LEU A 273 -23.61 -1.18 -7.86
CA LEU A 273 -23.19 -0.07 -8.68
C LEU A 273 -22.14 0.77 -7.97
N LEU A 274 -22.39 1.12 -6.70
CA LEU A 274 -21.45 1.94 -5.97
C LEU A 274 -20.13 1.21 -5.76
N GLU A 275 -20.16 -0.09 -5.45
CA GLU A 275 -18.90 -0.81 -5.31
C GLU A 275 -18.20 -1.09 -6.64
N GLN A 276 -18.87 -0.94 -7.78
CA GLN A 276 -18.28 -1.27 -9.07
C GLN A 276 -17.69 -0.04 -9.76
N GLU A 277 -18.47 1.03 -9.89
CA GLU A 277 -18.02 2.22 -10.60
C GLU A 277 -17.34 3.11 -9.58
N LYS A 278 -16.01 3.03 -9.52
CA LYS A 278 -15.24 3.74 -8.51
C LYS A 278 -14.09 4.51 -9.13
N GLU A 279 -14.21 4.84 -10.41
CA GLU A 279 -13.27 5.74 -11.03
C GLU A 279 -13.47 7.14 -10.46
N SER A 280 -12.47 8.00 -10.65
CA SER A 280 -12.60 9.35 -10.12
C SER A 280 -13.74 10.08 -10.82
N VAL A 281 -13.95 9.78 -12.11
CA VAL A 281 -15.04 10.43 -12.87
C VAL A 281 -16.39 10.03 -12.31
N ARG A 282 -16.56 8.77 -11.91
CA ARG A 282 -17.85 8.31 -11.43
C ARG A 282 -18.21 8.94 -10.11
N LEU A 283 -17.29 8.93 -9.15
CA LEU A 283 -17.51 9.63 -7.89
C LEU A 283 -17.75 11.11 -8.14
N ALA A 284 -17.02 11.70 -9.10
CA ALA A 284 -17.15 13.13 -9.37
C ALA A 284 -18.54 13.47 -9.90
N GLU A 285 -19.00 12.73 -10.90
CA GLU A 285 -20.33 13.00 -11.46
C GLU A 285 -21.43 12.66 -10.46
N ARG A 286 -21.30 11.57 -9.70
CA ARG A 286 -22.31 11.30 -8.70
C ARG A 286 -22.32 12.37 -7.61
N GLY A 287 -21.16 12.97 -7.33
CA GLY A 287 -21.14 14.11 -6.42
C GLY A 287 -21.86 15.32 -6.97
N TYR A 288 -21.57 15.67 -8.22
CA TYR A 288 -22.31 16.75 -8.87
C TYR A 288 -23.79 16.44 -8.87
N MET A 289 -24.13 15.17 -8.92
CA MET A 289 -25.50 14.79 -9.13
C MET A 289 -26.29 14.86 -7.84
N VAL A 290 -25.73 14.28 -6.79
CA VAL A 290 -26.29 14.44 -5.46
C VAL A 290 -26.31 15.92 -5.07
N GLU A 291 -25.32 16.69 -5.53
CA GLU A 291 -25.47 18.14 -5.53
C GLU A 291 -26.80 18.60 -6.07
N HIS A 292 -27.04 18.35 -7.36
CA HIS A 292 -28.22 18.91 -7.99
C HIS A 292 -29.47 18.49 -7.23
N LEU A 293 -29.54 17.21 -6.84
CA LEU A 293 -30.74 16.70 -6.18
C LEU A 293 -30.93 17.35 -4.81
N GLU A 294 -29.88 17.39 -3.99
CA GLU A 294 -29.98 17.98 -2.66
C GLU A 294 -30.33 19.46 -2.75
N GLN A 295 -29.69 20.19 -3.66
CA GLN A 295 -30.00 21.61 -3.84
C GLN A 295 -31.45 21.82 -4.23
N GLN A 296 -31.94 21.05 -5.19
CA GLN A 296 -33.33 21.22 -5.60
C GLN A 296 -34.27 20.88 -4.46
N TYR A 297 -33.95 19.83 -3.71
CA TYR A 297 -34.76 19.46 -2.55
C TYR A 297 -34.88 20.62 -1.57
N LEU A 298 -33.75 21.27 -1.27
CA LEU A 298 -33.76 22.39 -0.32
C LEU A 298 -34.40 23.66 -0.86
N LEU A 299 -34.15 24.00 -2.13
CA LEU A 299 -34.90 25.12 -2.69
C LEU A 299 -36.39 24.84 -2.69
N LYS A 300 -36.77 23.56 -2.72
CA LYS A 300 -38.18 23.18 -2.72
C LYS A 300 -38.79 23.34 -1.34
N LEU A 301 -38.23 22.64 -0.35
CA LEU A 301 -38.86 22.62 0.97
C LEU A 301 -38.65 23.92 1.74
N PHE A 302 -37.54 24.61 1.49
CA PHE A 302 -37.21 25.86 2.19
C PHE A 302 -36.99 26.95 1.15
N PRO A 303 -38.05 27.61 0.68
CA PRO A 303 -37.87 28.72 -0.26
C PRO A 303 -36.99 29.80 0.32
N VAL A 304 -36.15 30.38 -0.54
CA VAL A 304 -35.16 31.36 -0.08
C VAL A 304 -35.85 32.59 0.49
N GLN A 305 -36.92 33.05 -0.17
CA GLN A 305 -37.60 34.26 0.28
C GLN A 305 -38.23 34.09 1.67
N LYS A 306 -38.41 32.86 2.13
CA LYS A 306 -39.08 32.58 3.40
C LYS A 306 -38.11 32.26 4.53
N ARG A 307 -36.81 32.44 4.31
CA ARG A 307 -35.82 32.10 5.32
C ARG A 307 -35.55 33.29 6.23
N ILE A 308 -35.41 33.03 7.53
CA ILE A 308 -35.33 34.06 8.54
C ILE A 308 -33.88 34.26 8.97
N GLN A 309 -33.52 35.51 9.23
CA GLN A 309 -32.21 35.92 9.75
C GLN A 309 -31.78 35.18 11.00
N LEU A 310 -32.41 35.49 12.14
CA LEU A 310 -31.82 35.14 13.45
C LEU A 310 -30.31 35.51 13.46
N LYS A 311 -30.06 36.93 13.53
CA LYS A 311 -28.72 37.50 13.55
C LYS A 311 -27.92 36.80 14.65
N THR A 312 -26.72 37.32 14.90
CA THR A 312 -25.96 36.89 16.06
C THR A 312 -25.75 38.06 17.02
N MET A 313 -25.02 37.76 18.09
CA MET A 313 -24.82 38.76 19.13
C MET A 313 -24.10 39.99 18.61
N LEU A 314 -22.94 39.78 17.97
CA LEU A 314 -22.13 40.89 17.52
C LEU A 314 -22.91 41.85 16.64
N GLN A 315 -23.90 41.31 15.91
CA GLN A 315 -24.78 42.15 15.12
C GLN A 315 -25.78 42.91 15.96
N LEU A 316 -26.13 42.40 17.14
CA LEU A 316 -27.05 43.07 18.04
C LEU A 316 -26.38 44.13 18.90
N VAL A 317 -25.05 44.23 18.85
CA VAL A 317 -24.29 45.23 19.58
C VAL A 317 -23.35 45.94 18.61
N GLY A 318 -22.67 46.96 19.12
CA GLY A 318 -21.78 47.72 18.28
C GLY A 318 -20.58 46.92 17.81
N GLU A 319 -20.07 47.30 16.63
CA GLU A 319 -18.86 46.69 16.10
C GLU A 319 -17.63 47.23 16.81
N LYS A 320 -17.42 48.54 16.71
CA LYS A 320 -16.33 49.23 17.39
C LYS A 320 -16.81 50.55 17.97
N GLY A 321 -18.10 50.69 18.27
CA GLY A 321 -18.67 51.93 18.71
C GLY A 321 -19.47 52.65 17.64
N LYS A 322 -19.43 52.19 16.40
CA LYS A 322 -20.16 52.80 15.29
C LYS A 322 -21.47 52.07 14.99
N ALA A 323 -21.93 51.23 15.90
CA ALA A 323 -23.14 50.44 15.72
C ALA A 323 -23.75 50.22 17.11
N GLY A 324 -24.61 49.22 17.24
CA GLY A 324 -25.24 48.94 18.52
C GLY A 324 -26.76 49.00 18.52
N LYS A 325 -27.38 48.62 17.41
CA LYS A 325 -28.84 48.60 17.34
C LYS A 325 -29.43 47.74 18.45
N GLU A 326 -30.44 48.29 19.12
CA GLU A 326 -31.15 47.62 20.21
C GLU A 326 -30.21 46.92 21.18
N GLU A 327 -29.35 47.68 21.85
CA GLU A 327 -28.55 47.07 22.90
C GLU A 327 -29.44 46.52 23.99
N ILE A 328 -28.93 45.50 24.64
CA ILE A 328 -29.68 44.59 25.49
C ILE A 328 -29.19 44.61 26.93
N LYS A 329 -27.90 44.83 27.14
CA LYS A 329 -27.29 44.86 28.47
C LYS A 329 -27.26 43.49 29.11
N VAL A 330 -26.23 43.25 29.91
CA VAL A 330 -26.18 42.09 30.79
C VAL A 330 -26.04 42.62 32.20
N LYS A 331 -26.35 41.76 33.15
CA LYS A 331 -26.31 42.08 34.57
C LYS A 331 -25.25 41.27 35.28
N THR A 332 -24.34 41.99 35.93
CA THR A 332 -23.17 41.36 36.53
C THR A 332 -23.40 41.04 38.00
N GLU A 333 -24.07 41.93 38.73
CA GLU A 333 -24.23 41.81 40.17
C GLU A 333 -25.67 41.49 40.53
N PRO A 334 -25.89 40.93 41.71
CA PRO A 334 -27.27 40.61 42.12
C PRO A 334 -28.19 41.83 42.20
N SER A 335 -27.69 42.96 42.71
CA SER A 335 -28.58 44.10 42.94
C SER A 335 -29.00 44.75 41.62
N MET A 336 -28.03 45.42 40.98
CA MET A 336 -28.16 46.13 39.68
C MET A 336 -29.56 46.55 39.21
N GLN A 337 -30.23 47.39 39.99
CA GLN A 337 -31.59 47.84 39.70
C GLN A 337 -31.81 48.58 38.38
N ASP A 338 -31.83 47.83 37.27
CA ASP A 338 -32.05 48.34 35.90
C ASP A 338 -31.55 49.75 35.56
N ILE A 339 -30.30 50.04 35.90
CA ILE A 339 -29.70 51.34 35.63
C ILE A 339 -28.19 51.24 35.78
N ASP A 340 -27.76 50.30 36.62
CA ASP A 340 -26.34 50.09 36.86
C ASP A 340 -25.80 48.92 36.04
N ALA A 341 -26.68 48.25 35.31
CA ALA A 341 -26.26 47.13 34.48
C ALA A 341 -25.21 47.61 33.50
N ILE A 342 -24.01 47.05 33.61
CA ILE A 342 -22.84 47.58 32.88
C ILE A 342 -22.84 46.92 31.51
N ASP A 343 -23.68 47.44 30.61
CA ASP A 343 -23.68 47.08 29.19
C ASP A 343 -23.70 45.58 28.98
N VAL A 344 -23.36 45.14 27.76
CA VAL A 344 -23.02 43.75 27.49
C VAL A 344 -21.66 43.62 26.83
N ARG A 345 -21.36 44.45 25.83
CA ARG A 345 -20.00 44.51 25.31
C ARG A 345 -19.02 44.76 26.43
N GLN A 346 -19.42 45.59 27.40
CA GLN A 346 -18.54 45.89 28.53
C GLN A 346 -18.21 44.66 29.36
N ALA A 347 -19.24 43.91 29.77
CA ALA A 347 -18.98 42.79 30.66
C ALA A 347 -17.91 41.89 30.07
N ILE A 348 -18.00 41.63 28.77
CA ILE A 348 -17.02 40.79 28.09
C ILE A 348 -15.68 41.50 28.01
N GLY A 349 -15.68 42.79 27.67
CA GLY A 349 -14.43 43.52 27.57
C GLY A 349 -13.69 43.53 28.89
N ASP A 350 -14.45 43.59 29.97
CA ASP A 350 -13.88 43.74 31.29
C ASP A 350 -13.37 42.40 31.81
N ALA A 351 -14.11 41.33 31.54
CA ALA A 351 -13.59 39.99 31.80
C ALA A 351 -12.31 39.74 31.01
N VAL A 352 -12.30 40.10 29.74
CA VAL A 352 -11.16 39.84 28.88
C VAL A 352 -9.95 40.65 29.34
N ARG A 353 -10.13 41.96 29.55
CA ARG A 353 -9.03 42.80 29.99
C ARG A 353 -8.49 42.39 31.36
N GLU A 354 -9.36 42.04 32.32
CA GLU A 354 -8.89 41.58 33.62
C GLU A 354 -8.20 40.22 33.56
N GLY A 355 -8.76 39.25 32.84
CA GLY A 355 -8.26 37.88 32.91
C GLY A 355 -7.20 37.56 31.88
N LEU A 356 -7.02 38.45 30.91
CA LEU A 356 -5.95 38.32 29.93
C LEU A 356 -4.86 39.35 30.13
N ASN A 357 -5.12 40.41 30.91
CA ASN A 357 -4.14 41.47 31.17
C ASN A 357 -3.72 42.13 29.86
N LEU A 358 -4.70 42.77 29.21
CA LEU A 358 -4.58 43.13 27.81
C LEU A 358 -4.66 44.62 27.52
N ARG A 359 -5.00 45.46 28.50
CA ARG A 359 -5.17 46.90 28.26
C ARG A 359 -6.36 47.15 27.34
N GLU A 360 -6.72 48.41 27.08
CA GLU A 360 -7.83 48.74 26.17
C GLU A 360 -7.39 48.86 24.72
N GLY A 361 -6.29 48.25 24.31
CA GLY A 361 -5.88 48.37 22.93
C GLY A 361 -6.82 47.60 22.02
N SER A 362 -6.55 47.69 20.72
CA SER A 362 -7.40 47.01 19.74
C SER A 362 -7.41 45.50 19.97
N ASP A 363 -6.46 44.97 20.75
CA ASP A 363 -6.41 43.53 21.00
C ASP A 363 -7.49 43.07 21.97
N ALA A 364 -7.84 43.89 22.97
CA ALA A 364 -8.93 43.52 23.86
C ALA A 364 -10.27 43.56 23.14
N ASP A 365 -10.52 44.64 22.39
CA ASP A 365 -11.72 44.68 21.57
C ASP A 365 -11.74 43.54 20.57
N MET A 366 -10.57 43.18 20.05
CA MET A 366 -10.41 41.93 19.32
C MET A 366 -11.04 40.75 20.03
N TYR A 367 -10.46 40.36 21.16
CA TYR A 367 -10.91 39.16 21.83
C TYR A 367 -12.41 39.23 22.12
N VAL A 368 -12.89 40.42 22.48
CA VAL A 368 -14.31 40.60 22.76
C VAL A 368 -15.13 40.38 21.50
N ASN A 369 -14.69 40.91 20.36
CA ASN A 369 -15.42 40.70 19.12
C ASN A 369 -15.53 39.22 18.80
N GLU A 370 -14.43 38.49 18.95
CA GLU A 370 -14.52 37.08 18.61
C GLU A 370 -15.50 36.38 19.52
N LEU A 371 -15.43 36.67 20.82
CA LEU A 371 -16.26 36.01 21.81
C LEU A 371 -17.73 36.41 21.73
N LEU A 372 -18.03 37.58 21.15
CA LEU A 372 -19.42 37.96 20.92
C LEU A 372 -20.04 37.19 19.77
N LYS A 373 -19.22 36.64 18.88
CA LYS A 373 -19.71 35.86 17.75
C LYS A 373 -20.04 34.43 18.13
N GLN A 374 -19.87 34.07 19.40
CA GLN A 374 -20.03 32.70 19.84
C GLN A 374 -21.50 32.29 19.84
N PRO A 375 -21.76 30.99 19.86
CA PRO A 375 -23.12 30.55 20.17
C PRO A 375 -23.55 31.18 21.49
N VAL A 376 -24.77 31.71 21.46
CA VAL A 376 -25.22 32.63 22.49
C VAL A 376 -25.23 31.97 23.86
N ARG A 377 -25.48 30.66 23.91
CA ARG A 377 -25.40 29.91 25.16
C ARG A 377 -23.98 29.90 25.71
N LEU A 378 -22.98 29.69 24.85
CA LEU A 378 -21.61 29.64 25.33
C LEU A 378 -21.22 30.96 26.00
N LEU A 379 -21.54 32.08 25.34
CA LEU A 379 -21.26 33.38 25.93
C LEU A 379 -22.02 33.54 27.24
N MET A 380 -23.29 33.13 27.26
CA MET A 380 -24.07 33.20 28.49
C MET A 380 -23.35 32.48 29.63
N GLN A 381 -22.95 31.24 29.39
CA GLN A 381 -22.41 30.41 30.46
C GLN A 381 -21.05 30.91 30.92
N VAL A 382 -20.17 31.27 29.99
CA VAL A 382 -18.85 31.76 30.39
C VAL A 382 -18.99 33.06 31.17
N LEU A 383 -19.80 33.99 30.66
CA LEU A 383 -19.97 35.29 31.29
C LEU A 383 -20.66 35.20 32.64
N GLN A 384 -21.49 34.17 32.84
CA GLN A 384 -22.16 33.99 34.12
C GLN A 384 -21.27 33.29 35.15
N ASP A 385 -20.56 32.24 34.74
CA ASP A 385 -19.62 31.59 35.64
C ASP A 385 -18.58 32.59 36.15
N PHE A 386 -17.99 33.35 35.22
CA PHE A 386 -16.96 34.31 35.61
C PHE A 386 -17.45 35.24 36.70
N TYR A 387 -18.61 35.87 36.49
CA TYR A 387 -19.06 36.94 37.38
C TYR A 387 -19.63 36.39 38.68
N THR A 388 -20.31 35.24 38.66
CA THR A 388 -20.76 34.66 39.92
C THR A 388 -19.57 34.26 40.79
N LYS A 389 -18.56 33.62 40.21
CA LYS A 389 -17.38 33.27 41.00
C LYS A 389 -16.60 34.52 41.39
N LYS A 390 -16.77 35.61 40.65
CA LYS A 390 -16.13 36.86 41.03
C LYS A 390 -16.79 37.48 42.25
N TYR A 391 -18.13 37.53 42.26
CA TYR A 391 -18.86 37.88 43.48
C TYR A 391 -18.35 37.01 44.62
N HIS A 392 -18.26 35.72 44.39
CA HIS A 392 -17.62 34.80 45.32
C HIS A 392 -16.32 35.36 45.87
N ALA A 393 -15.37 35.68 44.98
CA ALA A 393 -14.03 36.07 45.41
C ALA A 393 -14.07 37.31 46.28
N THR A 394 -14.98 38.24 46.00
CA THR A 394 -15.13 39.48 46.77
C THR A 394 -16.28 39.40 47.76
N SER A 395 -16.63 38.19 48.20
CA SER A 395 -17.71 38.01 49.17
C SER A 395 -19.03 38.53 48.62
N SER A 412 -7.65 36.22 42.09
CA SER A 412 -7.03 36.27 40.77
C SER A 412 -8.09 36.19 39.67
N VAL A 413 -8.39 37.33 39.06
CA VAL A 413 -9.35 37.38 37.95
C VAL A 413 -8.92 36.43 36.81
N PRO A 414 -7.66 36.44 36.39
CA PRO A 414 -7.27 35.50 35.32
C PRO A 414 -7.57 34.06 35.66
N ASN A 415 -7.44 33.68 36.92
CA ASN A 415 -7.86 32.34 37.33
C ASN A 415 -9.35 32.14 37.10
N LEU A 416 -10.15 33.15 37.42
CA LEU A 416 -11.59 33.04 37.23
C LEU A 416 -11.96 32.91 35.76
N LEU A 417 -11.40 33.80 34.92
CA LEU A 417 -11.66 33.74 33.49
C LEU A 417 -11.13 32.43 32.90
N ARG A 418 -9.97 31.98 33.38
CA ARG A 418 -9.40 30.73 32.88
C ARG A 418 -10.30 29.55 33.22
N ASN A 419 -10.85 29.52 34.44
CA ASN A 419 -11.76 28.45 34.80
C ASN A 419 -13.02 28.48 33.93
N ALA A 420 -13.59 29.67 33.75
CA ALA A 420 -14.80 29.78 32.94
C ALA A 420 -14.53 29.35 31.49
N LEU A 421 -13.39 29.78 30.93
CA LEU A 421 -13.06 29.42 29.56
C LEU A 421 -12.76 27.94 29.43
N TYR A 422 -12.08 27.35 30.43
CA TYR A 422 -11.79 25.93 30.40
C TYR A 422 -13.08 25.12 30.37
N GLY A 423 -14.03 25.49 31.23
CA GLY A 423 -15.30 24.78 31.22
C GLY A 423 -16.11 25.01 29.95
N SER A 424 -16.19 26.26 29.50
CA SER A 424 -17.02 26.57 28.34
C SER A 424 -16.42 26.02 27.06
N MET A 425 -15.11 26.14 26.87
CA MET A 425 -14.44 25.66 25.68
C MET A 425 -13.83 24.27 25.91
N LEU A 426 -14.42 23.50 26.81
CA LEU A 426 -13.82 22.23 27.21
C LEU A 426 -13.74 21.26 26.04
N SER A 427 -14.81 21.16 25.25
CA SER A 427 -14.78 20.25 24.11
C SER A 427 -13.73 20.68 23.09
N ASN A 428 -13.54 21.98 22.93
CA ASN A 428 -12.54 22.48 21.98
C ASN A 428 -11.13 22.08 22.41
N ILE A 429 -10.78 22.33 23.68
CA ILE A 429 -9.44 21.99 24.12
C ILE A 429 -9.24 20.48 24.14
N TYR A 430 -10.27 19.72 24.52
CA TYR A 430 -10.17 18.27 24.50
C TYR A 430 -10.01 17.76 23.07
N ARG A 431 -10.56 18.48 22.09
CA ARG A 431 -10.29 18.16 20.69
C ARG A 431 -8.81 18.32 20.37
N ALA A 432 -8.26 19.48 20.72
CA ALA A 432 -6.93 19.86 20.27
C ALA A 432 -5.84 19.02 20.91
N GLY A 433 -6.17 18.18 21.89
CA GLY A 433 -5.17 17.38 22.57
C GLY A 433 -4.43 18.13 23.66
N LEU A 434 -4.95 19.27 24.08
CA LEU A 434 -4.32 20.02 25.15
C LEU A 434 -4.62 19.35 26.50
N ASN A 435 -3.96 19.83 27.55
CA ASN A 435 -4.02 19.19 28.86
C ASN A 435 -5.45 19.23 29.37
N TYR A 436 -5.98 18.07 29.82
CA TYR A 436 -7.34 18.09 30.33
C TYR A 436 -7.29 18.55 31.77
N GLU A 437 -6.40 17.89 32.54
CA GLU A 437 -6.36 17.92 34.00
C GLU A 437 -6.25 19.36 34.49
N GLN A 438 -6.92 19.67 35.60
CA GLN A 438 -6.62 20.92 36.31
C GLN A 438 -5.42 20.74 37.22
N HIS A 439 -5.24 19.55 37.78
CA HIS A 439 -4.20 19.32 38.77
C HIS A 439 -2.80 19.35 38.19
N ARG A 440 -2.66 19.55 36.89
CA ARG A 440 -1.34 19.82 36.37
C ARG A 440 -1.39 20.99 35.39
N PHE A 441 -2.15 22.02 35.74
CA PHE A 441 -2.15 23.22 34.91
C PHE A 441 -0.77 23.85 34.93
N GLY A 442 -0.30 24.26 36.11
CA GLY A 442 1.07 24.72 36.29
C GLY A 442 1.57 25.54 35.13
N MET A 443 2.84 25.43 34.73
CA MET A 443 3.22 25.93 33.42
C MET A 443 4.04 24.98 32.57
N ASP A 444 4.43 23.84 33.11
CA ASP A 444 5.08 22.84 32.26
C ASP A 444 4.13 22.40 31.15
N SER A 445 2.87 22.16 31.51
CA SER A 445 1.88 21.78 30.51
C SER A 445 1.41 22.97 29.68
N LEU A 446 1.53 24.19 30.19
CA LEU A 446 1.14 25.37 29.43
C LEU A 446 1.98 25.53 28.16
N CYS A 447 3.30 25.39 28.28
CA CYS A 447 4.16 25.54 27.11
C CYS A 447 3.84 24.47 26.08
N LYS A 448 3.61 23.23 26.53
CA LYS A 448 3.30 22.16 25.60
C LYS A 448 1.92 22.36 24.99
N ASP A 449 0.99 22.94 25.73
CA ASP A 449 -0.30 23.31 25.18
C ASP A 449 -0.14 24.34 24.06
N ILE A 450 0.70 25.34 24.29
CA ILE A 450 0.91 26.36 23.26
C ILE A 450 1.57 25.74 22.03
N PHE A 451 2.56 24.88 22.24
CA PHE A 451 3.19 24.24 21.09
C PHE A 451 2.19 23.41 20.30
N THR A 452 1.32 22.67 20.99
CA THR A 452 0.30 21.88 20.32
C THR A 452 -0.66 22.78 19.52
N TYR A 453 -1.13 23.86 20.15
CA TYR A 453 -2.02 24.79 19.47
C TYR A 453 -1.36 25.34 18.21
N VAL A 454 -0.10 25.72 18.33
CA VAL A 454 0.61 26.31 17.21
C VAL A 454 0.76 25.25 16.12
N LYS A 455 1.01 24.00 16.51
CA LYS A 455 1.16 22.92 15.55
C LYS A 455 -0.08 22.75 14.71
N GLN A 456 -1.27 22.79 15.34
CA GLN A 456 -2.49 22.63 14.55
C GLN A 456 -2.93 23.93 13.89
N ASP A 457 -2.60 25.07 14.47
CA ASP A 457 -2.78 26.35 13.80
C ASP A 457 -1.70 26.62 12.77
N ARG A 458 -0.77 25.69 12.58
CA ARG A 458 0.35 25.88 11.66
C ARG A 458 1.11 27.13 12.07
N ASP A 459 1.04 28.19 11.26
CA ASP A 459 1.62 29.47 11.64
C ASP A 459 3.07 29.31 12.06
N PHE A 460 3.32 28.93 13.31
CA PHE A 460 4.64 28.83 13.92
C PHE A 460 5.39 30.15 13.95
N ASN A 461 4.77 31.27 13.59
CA ASN A 461 5.39 32.60 13.54
C ASN A 461 4.70 33.62 14.42
N THR A 462 3.37 33.67 14.38
CA THR A 462 2.58 34.50 15.28
C THR A 462 1.74 33.65 16.21
N GLY A 463 1.84 32.33 16.14
CA GLY A 463 0.95 31.47 16.92
C GLY A 463 1.05 31.71 18.42
N PHE A 464 2.24 31.99 18.93
CA PHE A 464 2.42 32.18 20.37
C PHE A 464 1.73 33.43 20.90
N TYR A 465 1.32 34.33 20.00
CA TYR A 465 0.45 35.44 20.33
C TYR A 465 -0.90 34.98 20.87
N LEU A 466 -1.35 33.79 20.45
CA LEU A 466 -2.63 33.24 20.86
C LEU A 466 -3.79 34.15 20.48
N ARG A 467 -3.67 34.82 19.33
CA ARG A 467 -4.78 35.61 18.81
C ARG A 467 -5.80 34.70 18.13
N PRO A 468 -7.09 35.08 18.18
CA PRO A 468 -8.16 34.22 17.60
C PRO A 468 -8.40 34.48 16.10
N GLN A 469 -7.60 33.83 15.28
CA GLN A 469 -7.51 34.16 13.86
C GLN A 469 -7.69 32.91 13.00
N SER A 470 -7.73 31.74 13.63
CA SER A 470 -7.63 30.44 13.00
C SER A 470 -8.75 30.14 12.00
N GLU A 471 -8.56 29.06 11.24
CA GLU A 471 -9.61 28.60 10.34
C GLU A 471 -10.92 28.45 11.09
N SER A 472 -10.86 27.87 12.29
CA SER A 472 -12.01 27.21 12.87
C SER A 472 -12.32 27.71 14.27
N GLU A 473 -13.60 27.55 14.59
CA GLU A 473 -14.15 27.82 15.91
C GLU A 473 -13.40 27.09 17.02
N ALA A 474 -12.97 25.84 16.81
CA ALA A 474 -12.34 25.08 17.89
C ALA A 474 -11.01 25.71 18.31
N LEU A 475 -10.11 25.92 17.34
CA LEU A 475 -8.82 26.52 17.66
C LEU A 475 -8.95 27.98 18.08
N ARG A 476 -9.92 28.71 17.53
CA ARG A 476 -10.13 30.09 17.98
C ARG A 476 -10.53 30.14 19.45
N ASN A 477 -11.39 29.22 19.88
CA ASN A 477 -11.70 29.12 21.31
C ASN A 477 -10.47 28.73 22.12
N CYS A 478 -9.70 27.76 21.62
CA CYS A 478 -8.50 27.34 22.32
C CYS A 478 -7.52 28.50 22.49
N SER A 479 -7.48 29.42 21.53
CA SER A 479 -6.57 30.55 21.60
C SER A 479 -6.87 31.42 22.82
N ILE A 480 -8.13 31.78 23.01
CA ILE A 480 -8.49 32.63 24.15
C ILE A 480 -8.30 31.87 25.45
N TYR A 481 -8.62 30.56 25.45
CA TYR A 481 -8.39 29.77 26.67
C TYR A 481 -6.91 29.77 27.05
N LEU A 482 -6.04 29.57 26.07
CA LEU A 482 -4.61 29.54 26.35
C LEU A 482 -4.09 30.93 26.74
N ALA A 483 -4.67 31.99 26.17
CA ALA A 483 -4.31 33.33 26.60
C ALA A 483 -4.64 33.53 28.08
N SER A 484 -5.81 33.06 28.51
CA SER A 484 -6.15 33.13 29.92
C SER A 484 -5.18 32.31 30.76
N GLN A 485 -4.80 31.12 30.27
CA GLN A 485 -3.82 30.31 30.98
C GLN A 485 -2.52 31.07 31.18
N VAL A 486 -2.03 31.69 30.11
CA VAL A 486 -0.78 32.44 30.20
C VAL A 486 -0.92 33.59 31.19
N SER A 487 -2.02 34.33 31.10
CA SER A 487 -2.20 35.49 31.97
C SER A 487 -2.20 35.07 33.43
N GLU A 488 -2.90 33.98 33.76
CA GLU A 488 -2.99 33.55 35.15
C GLU A 488 -1.64 33.02 35.64
N ASN A 489 -1.01 32.15 34.86
CA ASN A 489 0.16 31.44 35.35
C ASN A 489 1.36 32.38 35.49
N CYS A 490 1.51 33.33 34.58
CA CYS A 490 2.63 34.25 34.58
C CYS A 490 2.41 35.44 35.49
N GLN A 491 1.23 35.56 36.10
CA GLN A 491 0.92 36.70 36.93
C GLN A 491 1.69 36.66 38.24
N GLY A 492 2.35 37.77 38.54
CA GLY A 492 3.08 37.93 39.78
C GLY A 492 4.34 37.10 39.87
N SER A 493 5.03 36.88 38.76
CA SER A 493 6.26 36.08 38.79
C SER A 493 7.16 36.48 37.64
N LEU A 494 8.36 36.95 37.96
CA LEU A 494 9.34 37.32 36.95
C LEU A 494 9.99 36.07 36.36
N SER A 495 10.23 35.06 37.21
CA SER A 495 10.72 33.78 36.73
C SER A 495 9.76 33.16 35.72
N LYS A 496 8.47 33.10 36.06
CA LYS A 496 7.50 32.47 35.17
C LYS A 496 7.31 33.30 33.90
N PHE A 497 7.46 34.62 33.99
CA PHE A 497 7.41 35.44 32.79
C PHE A 497 8.54 35.05 31.83
N LEU A 498 9.77 34.97 32.34
CA LEU A 498 10.89 34.54 31.49
C LEU A 498 10.67 33.13 30.98
N GLN A 499 10.03 32.28 31.77
CA GLN A 499 9.70 30.92 31.35
C GLN A 499 8.80 30.92 30.13
N MET A 500 7.58 31.43 30.31
CA MET A 500 6.70 31.67 29.18
C MET A 500 7.51 32.15 27.98
N LEU A 501 8.18 33.30 28.15
CA LEU A 501 8.93 33.90 27.05
C LEU A 501 9.86 32.87 26.41
N LEU A 502 10.67 32.16 27.22
CA LEU A 502 11.67 31.33 26.58
C LEU A 502 11.07 30.02 26.13
N VAL A 503 10.67 29.18 27.08
CA VAL A 503 10.27 27.83 26.75
C VAL A 503 9.11 27.85 25.75
N GLY A 504 8.05 28.59 26.06
CA GLY A 504 6.87 28.54 25.20
C GLY A 504 7.10 29.18 23.85
N CYS A 505 7.37 30.48 23.82
CA CYS A 505 7.51 31.18 22.55
C CYS A 505 8.75 30.72 21.78
N GLY A 506 9.91 30.68 22.44
CA GLY A 506 11.11 30.24 21.76
C GLY A 506 10.98 28.82 21.22
N SER A 507 10.26 27.97 21.95
CA SER A 507 10.05 26.60 21.53
C SER A 507 9.31 26.53 20.19
N VAL A 508 8.77 27.67 19.78
CA VAL A 508 8.03 27.77 18.53
C VAL A 508 8.85 28.48 17.46
N SER A 509 9.55 29.53 17.88
CA SER A 509 10.39 30.31 16.95
C SER A 509 11.60 29.51 16.51
N ILE A 510 12.32 28.95 17.48
CA ILE A 510 13.52 28.16 17.19
C ILE A 510 13.21 27.05 16.19
N PHE A 511 12.06 26.40 16.37
CA PHE A 511 11.64 25.32 15.48
C PHE A 511 11.48 25.81 14.04
N ASN A 512 10.86 26.98 13.86
CA ASN A 512 10.68 27.49 12.51
C ASN A 512 12.01 27.67 11.79
N GLN A 513 12.93 28.42 12.38
CA GLN A 513 14.02 28.95 11.59
C GLN A 513 15.18 27.98 11.49
N PHE A 514 15.24 26.96 12.34
CA PHE A 514 16.38 26.08 12.43
C PHE A 514 16.04 24.59 12.32
N VAL A 515 14.76 24.22 12.31
CA VAL A 515 14.39 22.81 12.25
C VAL A 515 13.42 22.50 11.10
N THR A 516 12.77 23.50 10.51
CA THR A 516 11.83 23.25 9.42
C THR A 516 12.54 22.90 8.12
N GLU A 517 13.83 23.22 7.99
CA GLU A 517 14.53 22.94 6.74
C GLU A 517 14.62 21.45 6.46
N LEU A 518 14.36 20.60 7.47
CA LEU A 518 14.39 19.16 7.26
C LEU A 518 13.10 18.65 6.65
N ALA A 519 11.97 18.93 7.29
CA ALA A 519 10.67 18.51 6.79
C ALA A 519 10.04 19.58 5.92
N ASP A 524 6.01 15.19 3.79
CA ASP A 524 5.20 14.18 4.46
C ASP A 524 4.74 14.70 5.83
N ARG A 525 3.57 14.25 6.26
CA ARG A 525 3.03 14.65 7.55
C ARG A 525 3.45 13.70 8.66
N GLU A 526 3.55 12.41 8.34
CA GLU A 526 4.05 11.41 9.28
C GLU A 526 5.47 11.73 9.73
N LYS A 527 6.32 12.11 8.78
CA LYS A 527 7.68 12.52 9.13
C LYS A 527 7.69 13.85 9.88
N PHE A 528 6.82 14.77 9.48
CA PHE A 528 6.85 16.10 10.07
C PHE A 528 6.49 16.06 11.55
N GLU A 529 5.41 15.37 11.90
CA GLU A 529 5.08 15.23 13.31
C GLU A 529 6.19 14.55 14.10
N GLN A 530 6.83 13.51 13.53
CA GLN A 530 7.88 12.85 14.29
C GLN A 530 9.08 13.74 14.49
N LEU A 531 9.40 14.57 13.51
CA LEU A 531 10.41 15.57 13.75
C LEU A 531 10.00 16.48 14.90
N ILE A 532 8.74 16.89 14.92
CA ILE A 532 8.23 17.66 16.06
C ILE A 532 8.38 16.87 17.35
N SER A 533 8.02 15.58 17.31
CA SER A 533 8.03 14.78 18.54
C SER A 533 9.39 14.79 19.21
N GLU A 534 10.46 14.57 18.45
CA GLU A 534 11.80 14.70 19.02
C GLU A 534 12.12 16.14 19.38
N TYR A 535 11.75 17.10 18.53
CA TYR A 535 12.02 18.48 18.89
C TYR A 535 11.41 18.81 20.25
N VAL A 536 10.20 18.33 20.51
CA VAL A 536 9.66 18.42 21.88
C VAL A 536 10.55 17.66 22.85
N ALA A 537 10.80 16.39 22.56
CA ALA A 537 11.49 15.54 23.54
C ALA A 537 12.87 16.07 23.86
N TYR A 538 13.61 16.51 22.84
CA TYR A 538 14.95 17.06 23.05
C TYR A 538 14.87 18.42 23.72
N MET A 539 13.95 19.26 23.28
CA MET A 539 13.78 20.59 23.85
C MET A 539 13.32 20.54 25.29
N SER A 540 12.77 19.40 25.73
CA SER A 540 12.16 19.22 27.06
C SER A 540 10.84 19.99 27.18
N VAL A 541 10.23 20.32 26.05
CA VAL A 541 9.01 21.11 26.07
C VAL A 541 7.91 20.30 26.74
N GLY A 542 7.34 20.84 27.81
CA GLY A 542 6.37 20.15 28.62
C GLY A 542 6.94 19.52 29.87
N ARG A 543 8.26 19.30 29.92
CA ARG A 543 8.91 18.64 31.05
C ARG A 543 10.26 19.25 31.34
N ILE A 544 10.42 20.56 31.13
CA ILE A 544 11.71 21.20 31.40
C ILE A 544 12.04 21.10 32.88
N GLU A 545 13.32 20.94 33.19
CA GLU A 545 13.75 21.07 34.57
C GLU A 545 13.94 22.54 34.93
N SER A 546 14.67 23.23 34.07
CA SER A 546 15.12 24.59 34.34
C SER A 546 15.17 25.32 33.01
N ALA A 547 15.10 26.66 33.10
CA ALA A 547 15.16 27.48 31.90
C ALA A 547 16.53 27.39 31.24
N SER A 548 17.60 27.31 32.04
CA SER A 548 18.94 27.19 31.48
C SER A 548 19.08 25.89 30.70
N HIS A 549 18.42 24.82 31.15
CA HIS A 549 18.47 23.56 30.42
C HIS A 549 17.91 23.72 29.01
N TRP A 550 16.77 24.41 28.88
CA TRP A 550 16.20 24.68 27.57
C TRP A 550 17.17 25.48 26.71
N ALA A 551 17.76 26.51 27.29
CA ALA A 551 18.68 27.36 26.54
C ALA A 551 19.93 26.59 26.13
N ASN A 552 20.42 25.68 26.97
CA ASN A 552 21.54 24.82 26.58
C ASN A 552 21.18 23.98 25.37
N ARG A 553 19.99 23.39 25.36
CA ARG A 553 19.54 22.60 24.22
C ARG A 553 19.27 23.50 23.01
N CYS A 554 18.83 24.74 23.25
CA CYS A 554 18.60 25.66 22.15
C CYS A 554 19.90 26.01 21.44
N CYS A 555 21.03 26.02 22.16
CA CYS A 555 22.30 26.31 21.52
C CYS A 555 22.63 25.28 20.45
N ALA A 556 22.43 24.00 20.75
CA ALA A 556 22.71 22.95 19.78
C ALA A 556 21.81 23.09 18.55
N VAL A 557 20.51 23.33 18.77
CA VAL A 557 19.58 23.42 17.65
C VAL A 557 19.96 24.56 16.72
N VAL A 558 20.28 25.73 17.29
CA VAL A 558 20.64 26.88 16.48
C VAL A 558 21.95 26.65 15.75
N ALA A 559 22.82 25.81 16.28
CA ALA A 559 24.20 25.71 15.82
C ALA A 559 24.43 24.60 14.78
N ASN A 560 23.35 24.05 14.21
CA ASN A 560 23.50 23.02 13.19
C ASN A 560 22.77 23.40 11.91
N SER A 561 22.98 24.64 11.43
CA SER A 561 22.35 25.07 10.19
C SER A 561 23.07 26.23 9.49
N PRO A 562 23.42 27.31 10.19
CA PRO A 562 23.91 28.50 9.50
C PRO A 562 25.07 28.21 8.56
N ASN A 563 25.32 29.18 7.69
CA ASN A 563 26.23 29.05 6.56
C ASN A 563 26.80 30.43 6.26
N ASP A 564 27.31 30.62 5.04
CA ASP A 564 27.81 31.92 4.60
C ASP A 564 29.05 32.35 5.40
N GLU A 565 30.14 31.61 5.15
CA GLU A 565 31.50 31.81 5.68
C GLU A 565 31.65 31.20 7.06
N LYS A 566 30.60 30.63 7.63
CA LYS A 566 30.73 29.72 8.78
C LYS A 566 31.37 30.42 9.97
N ILE A 567 30.92 31.64 10.25
CA ILE A 567 31.35 32.35 11.43
C ILE A 567 30.58 31.84 12.65
N GLY A 568 31.18 31.97 13.82
CA GLY A 568 30.51 31.63 15.07
C GLY A 568 29.63 32.75 15.60
N VAL A 569 29.07 33.57 14.73
CA VAL A 569 28.14 34.62 15.13
C VAL A 569 26.75 34.18 14.69
N PHE A 570 26.05 33.49 15.57
CA PHE A 570 24.74 32.91 15.29
C PHE A 570 23.66 33.89 15.73
N LEU A 571 22.41 33.41 15.86
CA LEU A 571 21.28 34.30 16.12
C LEU A 571 21.54 35.23 17.31
N GLY A 572 21.71 34.67 18.51
CA GLY A 572 21.86 35.48 19.70
C GLY A 572 23.04 35.08 20.55
N MET A 573 24.15 34.73 19.91
CA MET A 573 25.21 34.01 20.58
C MET A 573 26.52 34.22 19.86
N VAL A 574 27.62 33.82 20.49
CA VAL A 574 28.91 33.75 19.85
C VAL A 574 29.55 32.42 20.21
N GLN A 575 30.03 31.71 19.19
CA GLN A 575 30.75 30.44 19.39
C GLN A 575 32.22 30.77 19.57
N LEU A 576 32.71 30.66 20.79
CA LEU A 576 34.08 31.05 21.09
C LEU A 576 35.04 29.89 20.83
N ASN A 577 36.20 30.22 20.30
CA ASN A 577 37.24 29.22 20.12
C ASN A 577 37.76 28.76 21.48
N ARG A 578 37.96 27.46 21.62
CA ARG A 578 38.50 26.89 22.84
C ARG A 578 39.84 26.20 22.68
N LYS A 579 40.40 26.15 21.47
CA LYS A 579 41.72 25.58 21.26
C LYS A 579 42.66 26.68 20.80
N SER A 580 43.78 26.86 21.51
CA SER A 580 44.73 27.90 21.16
C SER A 580 45.64 27.45 20.03
N ARG A 581 45.06 26.97 18.93
CA ARG A 581 45.84 26.54 17.76
C ARG A 581 45.33 27.31 16.56
N GLN A 582 45.82 28.54 16.42
CA GLN A 582 45.50 29.42 15.30
C GLN A 582 46.38 30.67 15.40
N ASN A 583 46.95 31.12 14.28
CA ASN A 583 47.94 32.20 14.29
C ASN A 583 47.26 33.56 14.27
N MET A 584 47.33 34.29 15.39
CA MET A 584 46.60 35.57 15.53
C MET A 584 47.40 36.79 15.13
N PRO A 585 46.73 37.73 14.49
CA PRO A 585 47.14 39.13 14.54
C PRO A 585 46.81 39.71 15.91
N GLU A 586 47.61 40.71 16.29
CA GLU A 586 47.35 41.50 17.49
C GLU A 586 47.20 40.68 18.76
N GLY A 587 46.36 41.14 19.68
CA GLY A 587 46.23 40.54 21.00
C GLY A 587 45.13 39.49 21.06
N TYR A 588 44.61 39.11 19.92
CA TYR A 588 43.56 38.09 19.88
C TYR A 588 44.09 36.77 20.43
N LYS A 589 43.24 36.09 21.19
CA LYS A 589 43.61 34.89 21.91
C LYS A 589 42.32 34.20 22.33
N LYS A 590 42.43 33.30 23.29
CA LYS A 590 41.29 32.47 23.65
C LYS A 590 40.28 33.26 24.46
N PHE A 591 39.30 32.53 24.96
CA PHE A 591 38.48 32.96 26.07
C PHE A 591 38.88 32.14 27.30
N ASN A 592 39.07 32.83 28.42
CA ASN A 592 39.37 32.19 29.70
C ASN A 592 38.44 32.76 30.76
N ILE A 593 37.83 31.88 31.54
CA ILE A 593 36.97 32.32 32.62
C ILE A 593 37.73 32.76 33.85
N ASP A 594 38.99 32.31 34.00
CA ASP A 594 39.76 32.63 35.22
C ASP A 594 40.20 34.09 35.26
N THR A 595 40.48 34.70 34.11
CA THR A 595 40.89 36.10 34.15
C THR A 595 39.73 37.03 34.47
N GLU A 596 38.50 36.53 34.49
CA GLU A 596 37.34 37.32 34.86
C GLU A 596 36.92 37.03 36.29
N ASN A 597 36.36 38.04 36.94
CA ASN A 597 36.47 38.21 38.37
C ASN A 597 35.12 38.57 38.99
N GLY A 598 34.82 38.02 40.15
CA GLY A 598 33.61 38.45 40.84
C GLY A 598 32.36 38.28 39.98
N LEU A 599 31.55 39.34 39.94
CA LEU A 599 30.29 39.27 39.21
C LEU A 599 30.52 39.14 37.71
N ALA A 600 31.55 39.81 37.19
CA ALA A 600 31.83 39.71 35.75
C ALA A 600 32.02 38.25 35.36
N LYS A 601 32.75 37.50 36.18
CA LYS A 601 32.90 36.07 35.96
C LYS A 601 31.57 35.35 36.06
N ALA A 602 30.82 35.64 37.12
CA ALA A 602 29.54 34.99 37.34
C ALA A 602 28.56 35.30 36.22
N ALA A 603 28.47 36.56 35.82
CA ALA A 603 27.65 36.91 34.67
C ALA A 603 28.15 36.22 33.42
N MET A 604 29.46 36.23 33.22
CA MET A 604 30.01 35.62 32.01
C MET A 604 29.80 34.11 32.00
N ALA A 605 30.05 33.45 33.13
CA ALA A 605 29.96 32.00 33.14
C ALA A 605 28.53 31.51 32.99
N SER A 606 27.53 32.34 33.34
CA SER A 606 26.15 31.90 33.16
C SER A 606 25.84 31.64 31.70
N SER A 607 26.43 32.42 30.82
CA SER A 607 26.17 32.33 29.38
C SER A 607 26.99 31.23 28.71
N LEU A 608 27.94 30.62 29.41
CA LEU A 608 28.72 29.54 28.82
C LEU A 608 27.83 28.35 28.50
N SER A 609 28.03 27.78 27.31
CA SER A 609 27.27 26.64 26.85
C SER A 609 28.18 25.70 26.06
N THR A 610 28.20 24.44 26.45
CA THR A 610 29.01 23.43 25.78
C THR A 610 28.08 22.43 25.10
N VAL A 611 28.37 22.14 23.83
CA VAL A 611 27.58 21.21 23.03
C VAL A 611 28.49 20.09 22.57
N ALA A 612 28.07 18.85 22.80
CA ALA A 612 28.94 17.68 22.75
C ALA A 612 28.75 16.84 21.49
N SER A 613 28.56 17.45 20.32
CA SER A 613 28.37 16.65 19.12
C SER A 613 29.62 15.81 18.84
N ASN A 614 30.70 16.48 18.44
CA ASN A 614 32.00 15.83 18.30
C ASN A 614 33.16 16.67 18.79
N ASN A 615 33.04 18.01 18.86
CA ASN A 615 34.14 18.90 19.18
C ASN A 615 33.98 19.58 20.54
N LEU A 616 32.84 19.43 21.19
CA LEU A 616 32.58 20.00 22.51
C LEU A 616 32.89 21.51 22.57
N MET A 617 32.33 22.26 21.62
CA MET A 617 32.65 23.68 21.56
C MET A 617 32.14 24.35 22.82
N ASP A 618 32.24 25.67 22.84
CA ASP A 618 31.71 26.49 23.92
C ASP A 618 31.04 27.73 23.33
N PHE A 619 29.76 27.90 23.64
CA PHE A 619 29.01 29.06 23.16
C PHE A 619 28.73 30.00 24.32
N CYS A 620 28.90 31.30 24.06
CA CYS A 620 28.48 32.36 24.96
C CYS A 620 27.17 32.90 24.42
N SER A 621 26.06 32.49 25.02
CA SER A 621 24.74 32.70 24.44
C SER A 621 23.86 33.52 25.35
N VAL A 622 23.15 34.49 24.74
CA VAL A 622 22.21 35.34 25.47
C VAL A 622 21.04 34.54 26.04
N PHE A 623 20.59 33.51 25.34
CA PHE A 623 19.47 32.71 25.85
C PHE A 623 19.80 32.07 27.19
N ASN A 624 20.99 31.52 27.30
CA ASN A 624 21.42 30.86 28.53
C ASN A 624 21.57 31.86 29.66
N LEU A 625 21.96 33.09 29.33
CA LEU A 625 21.95 34.16 30.32
C LEU A 625 20.53 34.51 30.73
N ILE A 626 19.60 34.59 29.78
CA ILE A 626 18.20 34.77 30.13
C ILE A 626 17.69 33.58 30.93
N GLY A 627 18.05 32.37 30.50
CA GLY A 627 17.69 31.18 31.26
C GLY A 627 18.27 31.20 32.67
N ALA A 628 19.50 31.72 32.81
CA ALA A 628 20.09 31.86 34.14
C ALA A 628 19.28 32.80 35.01
N ILE A 629 18.88 33.95 34.47
CA ILE A 629 18.09 34.91 35.24
C ILE A 629 16.80 34.26 35.73
N ALA A 630 16.15 33.50 34.85
CA ALA A 630 14.91 32.85 35.26
C ALA A 630 15.13 31.90 36.42
N ASP A 631 16.29 31.22 36.44
CA ASP A 631 16.59 30.24 37.47
C ASP A 631 16.98 30.86 38.81
N ILE A 632 17.46 32.10 38.85
CA ILE A 632 17.68 32.78 40.13
C ILE A 632 16.65 33.87 40.35
N SER A 633 15.43 33.67 39.86
CA SER A 633 14.35 34.61 40.11
C SER A 633 13.29 34.07 41.06
N ALA A 634 13.20 32.75 41.20
CA ALA A 634 12.18 32.14 42.04
C ALA A 634 12.79 31.01 42.84
N CYS A 635 14.01 31.20 43.32
CA CYS A 635 14.60 30.17 44.18
C CYS A 635 13.97 30.32 45.56
N ARG A 636 14.30 31.40 46.28
CA ARG A 636 13.70 31.63 47.59
C ARG A 636 14.34 32.82 48.29
N CYS A 637 13.92 33.04 49.54
CA CYS A 637 14.52 34.05 50.40
C CYS A 637 15.93 33.69 50.87
N GLU A 638 16.38 32.45 50.71
CA GLU A 638 17.65 32.06 51.34
C GLU A 638 18.81 32.72 50.60
N ARG A 639 19.95 32.82 51.28
CA ARG A 639 21.20 33.11 50.57
C ARG A 639 21.88 31.83 50.12
N SER A 640 21.76 30.76 50.89
CA SER A 640 22.38 29.50 50.51
C SER A 640 21.73 28.91 49.26
N ALA A 641 20.40 29.02 49.16
CA ALA A 641 19.72 28.51 47.97
C ALA A 641 20.15 29.25 46.71
N ILE A 642 20.43 30.56 46.82
CA ILE A 642 20.98 31.28 45.68
C ILE A 642 22.36 30.74 45.34
N THR A 643 23.11 30.30 46.35
CA THR A 643 24.47 29.83 46.13
C THR A 643 24.51 28.66 45.16
N ASN A 644 23.75 27.62 45.44
CA ASN A 644 23.72 26.48 44.53
C ASN A 644 22.93 26.78 43.26
N ALA A 645 22.00 27.74 43.32
CA ALA A 645 21.35 28.21 42.10
C ALA A 645 22.39 28.75 41.12
N PHE A 646 23.36 29.49 41.62
CA PHE A 646 24.51 29.86 40.81
C PHE A 646 25.22 28.61 40.29
N ASN A 647 25.59 27.71 41.21
CA ASN A 647 26.44 26.58 40.84
C ASN A 647 25.81 25.71 39.76
N LYS A 648 24.48 25.75 39.62
CA LYS A 648 23.83 25.00 38.55
C LYS A 648 24.02 25.66 37.20
N VAL A 649 23.96 27.00 37.15
CA VAL A 649 24.05 27.72 35.90
C VAL A 649 25.50 28.14 35.65
N ILE A 650 26.25 28.34 36.74
CA ILE A 650 27.65 28.71 36.60
C ILE A 650 28.44 27.55 36.02
N ALA A 651 28.15 26.34 36.49
CA ALA A 651 28.95 25.18 36.12
C ALA A 651 28.85 24.91 34.62
N GLN A 652 29.91 24.32 34.08
CA GLN A 652 29.94 23.97 32.67
C GLN A 652 28.76 23.04 32.36
N THR A 653 27.80 23.56 31.59
CA THR A 653 26.64 22.79 31.21
C THR A 653 26.87 22.23 29.81
N THR A 654 26.82 20.91 29.69
CA THR A 654 27.20 20.20 28.48
C THR A 654 26.02 19.35 28.01
N CYS A 655 25.73 19.40 26.70
CA CYS A 655 24.58 18.70 26.17
C CYS A 655 24.88 18.22 24.76
N ILE A 656 24.04 17.33 24.27
CA ILE A 656 24.25 16.67 22.99
C ILE A 656 23.51 17.45 21.92
N VAL A 657 23.96 17.34 20.67
CA VAL A 657 23.18 17.87 19.56
C VAL A 657 21.94 17.02 19.36
N PRO A 658 20.81 17.57 18.92
CA PRO A 658 19.62 16.77 18.70
C PRO A 658 19.87 15.57 17.81
N PRO A 659 18.93 14.60 17.77
CA PRO A 659 19.05 13.45 16.83
C PRO A 659 18.54 13.82 15.42
N TRP A 660 18.89 15.03 14.95
CA TRP A 660 18.62 15.39 13.57
C TRP A 660 19.70 16.22 12.90
N SER A 661 20.90 16.34 13.48
CA SER A 661 21.93 17.15 12.81
C SER A 661 22.68 16.27 11.81
N THR A 704 33.75 32.68 48.52
CA THR A 704 35.19 32.63 48.24
C THR A 704 35.58 33.69 47.21
N GLU A 705 35.22 33.43 45.95
CA GLU A 705 35.49 34.36 44.86
C GLU A 705 34.24 34.96 44.27
N PHE A 706 33.05 34.53 44.69
CA PHE A 706 31.78 35.08 44.23
C PHE A 706 31.01 35.73 45.37
N SER A 707 31.70 36.09 46.45
CA SER A 707 31.02 36.45 47.70
C SER A 707 30.11 37.66 47.51
N ASP A 708 30.65 38.76 46.97
CA ASP A 708 29.86 39.98 46.88
C ASP A 708 28.78 39.87 45.82
N ALA A 709 29.06 39.17 44.72
CA ALA A 709 28.07 39.03 43.66
C ALA A 709 26.80 38.34 44.17
N ILE A 710 26.95 37.40 45.10
CA ILE A 710 25.79 36.66 45.61
C ILE A 710 24.89 37.57 46.45
N THR A 711 25.49 38.36 47.34
CA THR A 711 24.69 39.33 48.11
C THR A 711 23.88 40.21 47.17
N LYS A 712 24.48 40.56 46.04
CA LYS A 712 23.88 41.44 45.04
C LYS A 712 22.70 40.76 44.35
N VAL A 713 22.90 39.52 43.90
CA VAL A 713 21.80 38.71 43.40
C VAL A 713 20.79 38.46 44.52
N GLU A 714 21.27 38.22 45.72
CA GLU A 714 20.37 38.18 46.86
C GLU A 714 19.64 39.52 47.01
N GLN A 715 20.39 40.63 46.88
CA GLN A 715 19.80 41.97 46.79
C GLN A 715 18.67 42.01 45.77
N TRP A 716 19.03 41.83 44.50
CA TRP A 716 18.10 42.09 43.41
C TRP A 716 16.92 41.13 43.44
N LEU A 717 17.16 39.92 43.94
CA LEU A 717 16.08 38.96 44.05
C LEU A 717 15.00 39.44 45.02
N LYS A 718 15.42 39.94 46.20
CA LYS A 718 14.48 40.58 47.10
C LYS A 718 13.75 41.72 46.41
N ASN A 719 14.49 42.59 45.73
CA ASN A 719 13.89 43.66 44.95
C ASN A 719 12.83 43.11 44.00
N VAL A 720 13.12 42.00 43.33
CA VAL A 720 12.14 41.37 42.45
C VAL A 720 10.97 40.85 43.27
N ASN A 721 11.27 40.27 44.43
CA ASN A 721 10.26 39.55 45.21
C ASN A 721 9.14 40.47 45.67
N GLU A 722 9.47 41.67 46.16
CA GLU A 722 8.46 42.58 46.68
C GLU A 722 7.44 43.01 45.63
N ILE A 723 7.86 43.08 44.37
CA ILE A 723 7.27 43.97 43.38
C ILE A 723 7.06 43.30 42.03
N GLU A 724 7.58 42.08 41.85
CA GLU A 724 7.15 41.18 40.78
C GLU A 724 5.70 40.76 40.91
N ILE A 725 5.13 40.84 42.11
CA ILE A 725 3.77 40.35 42.32
C ILE A 725 2.80 41.27 41.59
N GLY A 726 3.25 42.49 41.29
CA GLY A 726 2.42 43.45 40.59
C GLY A 726 2.67 43.45 39.09
N ILE A 727 2.68 42.27 38.49
CA ILE A 727 2.92 42.14 37.06
C ILE A 727 1.93 41.14 36.42
N ARG A 728 1.05 41.67 35.59
CA ARG A 728 0.05 40.85 34.90
C ARG A 728 0.22 40.96 33.39
N PRO A 729 1.11 40.14 32.83
CA PRO A 729 1.40 40.14 31.39
C PRO A 729 0.37 39.37 30.58
N SER A 730 0.41 39.54 29.25
CA SER A 730 -0.51 38.86 28.36
C SER A 730 0.31 38.08 27.33
N ALA A 731 -0.37 37.12 26.69
CA ALA A 731 0.25 36.46 25.54
C ALA A 731 0.63 37.48 24.48
N LEU A 732 -0.10 38.59 24.41
CA LEU A 732 0.24 39.65 23.48
C LEU A 732 1.56 40.32 23.87
N LEU A 733 1.68 40.73 25.13
CA LEU A 733 2.91 41.38 25.58
C LEU A 733 4.09 40.44 25.48
N ILE A 734 3.94 39.22 26.00
CA ILE A 734 5.04 38.27 25.99
C ILE A 734 5.43 37.92 24.57
N GLY A 735 4.44 37.71 23.69
CA GLY A 735 4.73 37.44 22.30
C GLY A 735 5.39 38.62 21.61
N LYS A 736 4.93 39.83 21.91
CA LYS A 736 5.48 41.02 21.25
C LYS A 736 6.84 41.39 21.80
N VAL A 737 7.08 41.21 23.10
CA VAL A 737 8.41 41.38 23.65
C VAL A 737 9.38 40.45 22.94
N TRP A 738 8.96 39.19 22.71
CA TRP A 738 9.79 38.24 21.99
C TRP A 738 9.99 38.68 20.54
N SER A 739 8.95 39.23 19.91
CA SER A 739 9.04 39.63 18.50
C SER A 739 10.08 40.71 18.28
N ARG A 740 9.98 41.83 19.03
CA ARG A 740 11.06 42.82 19.05
C ARG A 740 12.40 42.18 19.39
N PHE A 741 12.46 41.44 20.50
CA PHE A 741 13.73 40.86 20.92
C PHE A 741 14.30 39.95 19.83
N TYR A 742 13.46 39.06 19.30
CA TYR A 742 13.92 38.14 18.27
C TYR A 742 14.33 38.89 17.01
N PHE A 743 13.64 39.98 16.68
CA PHE A 743 14.02 40.73 15.48
C PHE A 743 15.31 41.51 15.70
N ASN A 744 15.34 42.30 16.78
CA ASN A 744 16.57 43.00 17.12
C ASN A 744 17.76 42.04 17.10
N LEU A 745 17.50 40.77 17.40
CA LEU A 745 18.59 39.80 17.50
C LEU A 745 19.26 39.55 16.14
N ASN A 746 18.47 39.49 15.05
CA ASN A 746 19.06 39.20 13.74
C ASN A 746 19.74 40.44 13.12
N ASN A 747 19.30 41.63 13.48
CA ASN A 747 20.04 42.81 13.05
C ASN A 747 21.44 42.84 13.68
N VAL A 748 21.53 42.43 14.94
CA VAL A 748 22.84 42.31 15.56
C VAL A 748 23.63 41.18 14.94
N ALA A 749 22.98 40.10 14.55
CA ALA A 749 23.67 38.96 13.95
C ALA A 749 24.16 39.24 12.54
N ASP A 750 23.79 40.38 11.94
CA ASP A 750 24.24 40.71 10.60
C ASP A 750 25.09 41.97 10.55
N GLN A 751 24.66 43.05 11.22
CA GLN A 751 25.43 44.29 11.21
C GLN A 751 26.79 44.09 11.86
N HIS A 752 26.81 43.44 13.02
CA HIS A 752 28.07 43.16 13.71
C HIS A 752 28.80 41.95 13.16
N LYS A 753 28.15 41.14 12.32
CA LYS A 753 28.87 40.02 11.71
C LYS A 753 30.04 40.51 10.86
N THR A 754 29.81 41.48 9.99
CA THR A 754 30.76 41.87 8.95
C THR A 754 31.64 43.03 9.38
N ARG A 755 31.95 43.08 10.68
CA ARG A 755 32.74 44.16 11.28
C ARG A 755 33.82 43.62 12.21
N LEU A 756 34.21 42.36 12.06
CA LEU A 756 35.21 41.74 12.91
C LEU A 756 36.56 41.88 12.23
N TYR A 757 37.19 43.04 12.43
CA TYR A 757 38.50 43.35 11.90
C TYR A 757 39.57 42.99 12.93
N ARG A 758 40.83 43.07 12.52
CA ARG A 758 41.92 42.76 13.44
C ARG A 758 42.02 43.82 14.51
N ASN A 759 41.79 45.08 14.14
CA ASN A 759 41.79 46.20 15.06
C ASN A 759 40.39 46.65 15.43
N ALA A 760 39.36 45.92 15.01
CA ALA A 760 38.00 46.23 15.44
C ALA A 760 37.85 46.14 16.94
N GLU A 761 38.75 45.40 17.61
CA GLU A 761 38.73 45.34 19.06
C GLU A 761 38.96 46.73 19.64
N HIS A 762 38.66 46.84 20.93
CA HIS A 762 38.51 48.10 21.66
C HIS A 762 37.18 48.76 21.31
N GLY A 763 36.48 48.23 20.30
CA GLY A 763 35.16 48.69 19.92
C GLY A 763 34.94 50.17 20.07
N ARG A 764 35.90 50.98 19.69
CA ARG A 764 35.81 52.39 20.04
C ARG A 764 34.80 53.14 19.22
N MET A 765 34.34 52.51 18.15
CA MET A 765 33.57 53.19 17.12
C MET A 765 32.31 52.40 16.71
N ALA A 766 31.47 53.07 15.90
CA ALA A 766 30.25 52.45 15.46
C ALA A 766 30.50 51.40 14.41
N SER A 767 31.53 51.47 13.62
CA SER A 767 31.74 50.48 12.56
C SER A 767 32.80 49.46 12.93
N GLN A 768 33.20 49.38 14.20
CA GLN A 768 34.09 48.35 14.70
C GLN A 768 33.33 47.50 15.70
N SER A 769 33.36 46.18 15.50
CA SER A 769 32.65 45.25 16.37
C SER A 769 33.55 44.08 16.73
N ASN A 770 33.25 43.49 17.89
CA ASN A 770 34.01 42.39 18.46
C ASN A 770 33.04 41.46 19.18
N ALA A 771 33.58 40.47 19.89
CA ALA A 771 32.73 39.54 20.63
C ALA A 771 32.06 40.20 21.83
N ALA A 772 32.61 41.30 22.35
CA ALA A 772 31.99 42.02 23.44
C ALA A 772 30.86 42.95 22.99
N LYS A 773 31.04 43.61 21.85
CA LYS A 773 30.00 44.51 21.35
C LYS A 773 28.77 43.74 20.89
N ILE A 774 28.98 42.60 20.23
CA ILE A 774 27.86 41.79 19.77
C ILE A 774 27.00 41.39 20.96
N MET A 775 27.65 40.93 22.03
CA MET A 775 26.93 40.41 23.19
C MET A 775 26.22 41.54 23.93
N ARG A 776 26.89 42.68 24.08
CA ARG A 776 26.28 43.81 24.76
C ARG A 776 25.00 44.22 24.06
N PHE A 777 25.01 44.29 22.73
CA PHE A 777 23.81 44.71 22.02
C PHE A 777 22.75 43.61 22.00
N ASN A 778 23.17 42.35 22.09
CA ASN A 778 22.19 41.28 22.29
C ASN A 778 21.51 41.42 23.65
N VAL A 779 22.26 41.78 24.68
CA VAL A 779 21.66 42.07 25.98
C VAL A 779 20.81 43.33 25.89
N LEU A 780 21.34 44.37 25.25
CA LEU A 780 20.58 45.60 25.08
C LEU A 780 19.33 45.37 24.23
N ALA A 781 19.41 44.44 23.27
CA ALA A 781 18.23 44.11 22.46
C ALA A 781 17.12 43.55 23.33
N PHE A 782 17.47 42.67 24.28
CA PHE A 782 16.49 42.20 25.24
C PHE A 782 15.86 43.39 25.96
N LEU A 783 16.67 44.16 26.68
CA LEU A 783 16.16 45.18 27.59
C LEU A 783 15.33 46.20 26.83
N HIS A 784 15.76 46.56 25.62
CA HIS A 784 14.97 47.49 24.81
C HIS A 784 13.64 46.89 24.40
N ALA A 785 13.64 45.61 24.02
CA ALA A 785 12.40 44.96 23.63
C ALA A 785 11.40 44.95 24.78
N VAL A 786 11.88 44.64 25.99
CA VAL A 786 11.00 44.66 27.16
C VAL A 786 10.48 46.08 27.41
N LEU A 787 11.37 47.07 27.35
CA LEU A 787 10.99 48.43 27.66
C LEU A 787 9.90 48.93 26.72
N VAL A 788 10.06 48.65 25.42
CA VAL A 788 9.13 49.21 24.43
C VAL A 788 7.75 48.58 24.57
N GLU A 789 7.67 47.26 24.44
CA GLU A 789 6.37 46.60 24.47
C GLU A 789 5.69 46.78 25.81
N GLU A 790 6.47 46.75 26.89
CA GLU A 790 5.89 46.95 28.22
C GLU A 790 5.36 48.36 28.40
N SER A 791 5.98 49.34 27.72
CA SER A 791 5.38 50.67 27.68
C SER A 791 4.10 50.68 26.85
N LEU A 792 3.87 49.64 26.05
CA LEU A 792 2.73 49.58 25.14
C LEU A 792 1.66 48.59 25.59
N TYR A 793 2.06 47.41 26.12
CA TYR A 793 1.14 46.29 26.26
C TYR A 793 1.16 45.70 27.65
N HIS A 794 1.48 46.49 28.68
CA HIS A 794 1.43 46.04 30.07
C HIS A 794 0.25 46.70 30.75
N SER A 795 -0.61 45.86 31.35
CA SER A 795 -1.89 46.31 31.90
C SER A 795 -1.75 46.94 33.29
N VAL A 796 -0.54 47.31 33.68
CA VAL A 796 -0.34 48.02 34.95
C VAL A 796 -0.55 49.52 34.80
N SER A 797 -0.40 50.06 33.59
CA SER A 797 -0.60 51.47 33.33
C SER A 797 -1.58 51.62 32.16
N ASP A 798 -2.42 52.64 32.23
CA ASP A 798 -3.48 52.77 31.23
C ASP A 798 -2.89 53.15 29.88
N ARG A 799 -1.73 53.82 29.87
CA ARG A 799 -1.23 54.51 28.69
C ARG A 799 0.25 54.23 28.53
N GLU A 800 0.76 54.64 27.37
CA GLU A 800 2.20 54.69 27.09
C GLU A 800 2.85 55.96 27.62
N TYR A 801 4.08 55.79 28.10
CA TYR A 801 4.99 56.87 28.40
C TYR A 801 6.10 56.97 27.37
N ILE A 802 6.01 56.18 26.30
CA ILE A 802 7.08 56.11 25.31
C ILE A 802 6.89 57.10 24.18
N GLY A 803 5.66 57.51 23.90
CA GLY A 803 5.37 58.54 22.92
C GLY A 803 5.09 57.99 21.53
N GLU A 804 4.41 58.82 20.74
CA GLU A 804 4.11 58.49 19.35
C GLU A 804 5.32 58.85 18.50
N GLY A 805 6.17 57.86 18.25
CA GLY A 805 7.40 58.07 17.50
C GLY A 805 7.73 56.89 16.63
N LEU A 806 8.75 57.07 15.81
CA LEU A 806 9.26 56.02 14.93
C LEU A 806 10.19 55.12 15.73
N ARG A 807 9.89 53.83 15.76
CA ARG A 807 10.39 52.94 16.80
C ARG A 807 11.41 51.96 16.22
N LEU A 808 12.67 52.17 16.55
CA LEU A 808 13.76 51.32 16.09
C LEU A 808 14.43 50.60 17.25
N ASN A 809 15.32 49.70 16.91
CA ASN A 809 16.02 48.84 17.82
C ASN A 809 17.50 49.20 17.88
N PRO A 810 18.15 49.16 19.05
CA PRO A 810 19.59 49.42 19.09
C PRO A 810 20.38 48.26 18.53
N VAL A 811 20.98 48.46 17.35
CA VAL A 811 21.74 47.41 16.66
C VAL A 811 23.23 47.67 16.77
N THR A 812 23.70 48.82 16.28
CA THR A 812 25.12 49.16 16.29
C THR A 812 25.44 50.31 17.22
N SER A 813 24.43 50.91 17.86
CA SER A 813 24.65 52.00 18.81
C SER A 813 23.43 52.09 19.72
N VAL A 814 23.52 52.95 20.73
CA VAL A 814 22.47 53.03 21.74
C VAL A 814 21.65 54.31 21.56
N ASP A 815 21.59 54.82 20.33
CA ASP A 815 20.71 55.95 20.09
C ASP A 815 19.32 55.66 20.62
N GLU A 816 18.72 54.56 20.14
CA GLU A 816 17.32 54.27 20.43
C GLU A 816 17.08 53.92 21.89
N PHE A 817 18.04 53.24 22.54
CA PHE A 817 17.83 52.85 23.93
C PHE A 817 18.01 54.02 24.87
N GLU A 818 19.11 54.75 24.72
CA GLU A 818 19.33 55.98 25.48
C GLU A 818 18.07 56.84 25.44
N LYS A 819 17.40 56.83 24.29
CA LYS A 819 16.21 57.60 23.99
C LYS A 819 14.98 57.23 24.80
N LYS A 820 14.47 56.03 24.56
CA LYS A 820 13.15 55.68 25.04
C LYS A 820 13.11 55.69 26.56
N ILE A 821 14.13 55.10 27.21
CA ILE A 821 14.23 55.20 28.66
C ILE A 821 14.01 56.63 29.06
N LYS A 822 14.74 57.51 28.41
CA LYS A 822 14.76 58.91 28.75
C LYS A 822 13.43 59.60 28.53
N ILE A 823 12.86 59.48 27.33
CA ILE A 823 11.59 60.14 27.05
C ILE A 823 10.54 59.64 28.03
N ILE A 824 10.64 58.37 28.41
CA ILE A 824 9.83 57.83 29.50
C ILE A 824 10.29 58.41 30.83
N GLY A 825 11.60 58.67 30.97
CA GLY A 825 12.16 59.05 32.26
C GLY A 825 11.56 60.32 32.83
N GLU A 826 11.50 61.39 32.02
CA GLU A 826 11.00 62.66 32.54
C GLU A 826 9.52 62.84 32.30
N LYS A 827 8.87 61.93 31.59
CA LYS A 827 7.41 61.91 31.53
C LYS A 827 6.86 61.37 32.84
N LEU A 828 7.54 60.37 33.38
CA LEU A 828 7.15 59.74 34.64
C LEU A 828 7.01 60.77 35.74
N LYS A 829 7.81 61.83 35.66
CA LYS A 829 7.80 62.86 36.70
C LYS A 829 6.65 63.83 36.51
N ALA A 830 6.43 64.30 35.29
CA ALA A 830 5.27 65.13 35.02
C ALA A 830 3.98 64.36 35.28
N ASP A 831 4.03 63.03 35.19
CA ASP A 831 2.89 62.18 35.48
C ASP A 831 2.89 61.70 36.93
N ASN A 832 3.93 62.06 37.69
CA ASN A 832 4.08 61.62 39.08
C ASN A 832 4.03 60.09 39.19
N LYS A 833 4.89 59.44 38.38
CA LYS A 833 5.02 58.00 38.39
C LYS A 833 6.49 57.64 38.43
N THR A 834 6.79 56.41 38.86
CA THR A 834 8.16 55.90 38.92
C THR A 834 8.28 54.66 38.02
N TRP A 835 9.53 54.24 37.82
CA TRP A 835 9.83 53.01 37.09
C TRP A 835 9.32 51.77 37.80
N LYS A 836 8.97 51.93 39.08
CA LYS A 836 8.40 50.84 39.87
C LYS A 836 6.96 50.58 39.49
N ASN A 837 6.10 51.56 39.76
CA ASN A 837 4.67 51.40 39.55
C ASN A 837 4.38 51.09 38.09
N THR A 838 5.06 51.79 37.18
CA THR A 838 4.97 51.56 35.76
C THR A 838 6.28 51.03 35.24
N HIS A 839 6.20 50.12 34.27
CA HIS A 839 7.34 49.43 33.69
C HIS A 839 8.08 48.58 34.73
N PRO A 840 7.38 47.72 35.49
CA PRO A 840 8.09 46.87 36.45
C PRO A 840 9.10 45.92 35.83
N LEU A 841 8.69 45.16 34.81
CA LEU A 841 9.57 44.10 34.30
C LEU A 841 10.89 44.67 33.81
N PHE A 842 10.84 45.78 33.06
CA PHE A 842 12.07 46.39 32.59
C PHE A 842 12.92 46.86 33.77
N PHE A 843 12.30 47.44 34.78
CA PHE A 843 13.04 47.91 35.95
C PHE A 843 13.77 46.75 36.63
N LEU A 844 13.09 45.62 36.79
CA LEU A 844 13.73 44.47 37.44
C LEU A 844 14.86 43.91 36.58
N LEU A 845 14.65 43.89 35.26
CA LEU A 845 15.65 43.34 34.35
C LEU A 845 16.87 44.25 34.25
N ILE A 846 16.65 45.56 34.09
CA ILE A 846 17.76 46.50 34.01
C ILE A 846 18.55 46.55 35.31
N SER A 847 17.91 46.25 36.44
CA SER A 847 18.56 46.26 37.74
C SER A 847 19.22 44.94 38.10
N CYS A 848 19.18 43.96 37.21
CA CYS A 848 19.77 42.65 37.50
C CYS A 848 21.29 42.74 37.47
N PRO A 849 21.99 42.40 38.56
CA PRO A 849 23.45 42.35 38.50
C PRO A 849 23.98 41.44 37.42
N ILE A 850 23.23 40.40 37.04
CA ILE A 850 23.74 39.48 36.04
C ILE A 850 23.96 40.20 34.71
N LEU A 851 23.09 41.16 34.40
CA LEU A 851 23.12 41.84 33.11
C LEU A 851 24.14 42.97 33.07
N HIS A 852 24.44 43.60 34.20
CA HIS A 852 25.20 44.84 34.18
C HIS A 852 26.57 44.70 33.54
N PRO A 853 27.35 43.65 33.78
CA PRO A 853 28.66 43.56 33.12
C PRO A 853 28.59 43.61 31.60
N PHE A 854 27.51 43.12 31.00
CA PHE A 854 27.37 43.12 29.55
C PHE A 854 26.95 44.48 29.01
N ILE A 855 26.47 45.37 29.87
CA ILE A 855 25.91 46.64 29.44
C ILE A 855 27.02 47.57 28.96
N PHE A 856 28.09 47.67 29.75
CA PHE A 856 29.22 48.54 29.45
C PHE A 856 30.50 47.73 29.56
N PRO A 857 30.68 46.76 28.66
CA PRO A 857 31.90 45.95 28.67
C PRO A 857 33.07 46.70 28.04
N ILE A 858 34.27 46.22 28.34
CA ILE A 858 35.47 46.80 27.72
C ILE A 858 35.45 46.45 26.24
N GLY A 859 35.65 47.45 25.40
CA GLY A 859 35.62 47.24 23.97
C GLY A 859 34.23 47.11 23.38
N GLY A 860 33.19 47.43 24.13
CA GLY A 860 31.83 47.43 23.61
C GLY A 860 31.21 48.80 23.67
N ILE A 861 32.01 49.80 24.04
CA ILE A 861 31.55 51.17 24.25
C ILE A 861 32.12 52.03 23.14
N ASN A 862 31.24 52.71 22.41
CA ASN A 862 31.66 53.59 21.32
C ASN A 862 32.33 54.84 21.90
N CYS A 863 33.44 55.23 21.29
CA CYS A 863 34.29 56.31 21.81
C CYS A 863 34.50 57.40 20.77
N SER A 864 33.43 57.79 20.10
CA SER A 864 33.46 58.93 19.20
C SER A 864 32.90 60.15 19.92
N VAL A 865 33.37 61.32 19.50
CA VAL A 865 32.84 62.56 20.09
C VAL A 865 31.34 62.57 19.96
N LYS A 866 30.83 62.16 18.80
CA LYS A 866 29.39 62.15 18.62
C LYS A 866 28.77 61.06 19.50
N ALA A 867 29.33 59.85 19.39
CA ALA A 867 28.74 58.66 19.96
C ALA A 867 28.71 58.71 21.48
N LEU A 868 29.68 59.38 22.10
CA LEU A 868 29.71 59.43 23.55
C LEU A 868 28.55 60.23 24.12
N ASN A 869 28.11 61.27 23.43
CA ASN A 869 27.09 62.13 24.00
C ASN A 869 25.86 61.34 24.38
N LYS A 870 25.57 60.26 23.64
CA LYS A 870 24.55 59.32 24.07
C LYS A 870 25.05 58.48 25.23
N GLU A 871 26.27 57.96 25.14
CA GLU A 871 26.62 56.83 26.00
C GLU A 871 26.91 57.29 27.42
N THR A 872 27.57 58.43 27.57
CA THR A 872 27.69 59.01 28.90
C THR A 872 26.31 59.39 29.44
N SER A 873 25.47 59.95 28.58
CA SER A 873 24.10 60.29 28.96
C SER A 873 23.20 59.05 28.95
N PHE A 874 23.68 57.95 28.35
CA PHE A 874 23.03 56.67 28.53
C PHE A 874 23.26 56.11 29.93
N ASN A 875 24.44 56.36 30.50
CA ASN A 875 24.77 55.80 31.82
C ASN A 875 23.91 56.41 32.92
N LYS A 876 23.80 57.74 32.94
CA LYS A 876 23.04 58.45 33.96
C LYS A 876 21.63 57.90 34.10
N LEU A 877 20.95 57.71 32.98
CA LEU A 877 19.56 57.28 33.02
C LEU A 877 19.44 55.91 33.67
N ILE A 878 20.42 55.04 33.39
CA ILE A 878 20.41 53.70 33.96
C ILE A 878 20.58 53.77 35.46
N ASP A 879 21.56 54.54 35.94
CA ASP A 879 21.80 54.66 37.37
C ASP A 879 20.54 55.15 38.09
N GLU A 880 19.86 56.11 37.45
CA GLU A 880 18.73 56.76 38.09
C GLU A 880 17.56 55.79 38.25
N ILE A 881 17.45 54.81 37.34
CA ILE A 881 16.41 53.79 37.46
C ILE A 881 16.80 52.76 38.52
N VAL A 882 18.01 52.23 38.42
CA VAL A 882 18.44 51.14 39.29
C VAL A 882 18.45 51.60 40.74
N GLY A 883 18.86 52.84 40.98
CA GLY A 883 18.95 53.38 42.32
C GLY A 883 20.34 53.35 42.92
N ASP A 884 21.25 52.57 42.36
CA ASP A 884 22.66 52.61 42.70
C ASP A 884 23.45 52.93 41.45
N LYS A 885 24.56 53.64 41.63
CA LYS A 885 25.32 54.15 40.50
C LYS A 885 26.29 53.08 40.04
N LEU A 886 26.30 52.81 38.73
CA LEU A 886 26.77 51.52 38.23
C LEU A 886 28.30 51.44 38.22
N LEU A 887 28.94 52.34 37.47
CA LEU A 887 30.39 52.35 37.37
C LEU A 887 30.93 53.68 37.89
N SER A 888 32.00 53.63 38.68
CA SER A 888 32.64 54.86 39.14
C SER A 888 33.26 55.60 37.97
N ASP A 889 33.33 56.92 38.07
CA ASP A 889 33.97 57.69 37.00
C ASP A 889 35.36 57.11 36.71
N GLU A 890 36.12 56.91 37.75
CA GLU A 890 37.37 56.21 37.75
C GLU A 890 37.23 54.75 37.34
N GLU A 891 36.02 54.20 37.24
CA GLU A 891 35.85 53.01 36.40
C GLU A 891 35.33 53.39 35.03
N TRP A 892 34.60 54.51 34.93
CA TRP A 892 34.09 54.98 33.65
C TRP A 892 35.19 55.49 32.75
N ASP A 893 36.22 56.13 33.30
CA ASP A 893 37.30 56.69 32.50
C ASP A 893 38.07 55.61 31.75
N TYR A 894 38.34 54.47 32.36
CA TYR A 894 39.05 53.42 31.64
C TYR A 894 38.24 52.89 30.47
N LEU A 895 36.91 52.87 30.59
CA LEU A 895 36.08 52.37 29.50
C LEU A 895 36.24 53.21 28.23
N THR A 896 36.26 54.54 28.37
CA THR A 896 36.09 55.44 27.24
C THR A 896 37.39 56.10 26.76
N LYS A 897 38.38 56.09 27.65
CA LYS A 897 39.65 56.82 27.54
C LYS A 897 40.62 55.96 26.74
N PHE A 910 39.23 44.72 37.11
CA PHE A 910 37.95 45.41 37.06
C PHE A 910 36.79 44.45 37.29
N GLN A 911 36.17 44.55 38.46
CA GLN A 911 35.01 43.75 38.80
C GLN A 911 33.73 44.41 38.28
N ASN A 912 32.67 43.61 38.18
CA ASN A 912 31.37 44.06 37.69
C ASN A 912 31.47 44.66 36.29
N THR A 913 32.46 44.23 35.51
CA THR A 913 32.59 44.69 34.13
C THR A 913 33.42 43.67 33.35
N ILE A 914 32.94 43.29 32.17
CA ILE A 914 33.63 42.31 31.35
C ILE A 914 34.81 42.98 30.66
N THR A 915 36.00 42.39 30.83
CA THR A 915 37.24 42.94 30.30
C THR A 915 38.00 41.99 29.40
N SER A 916 37.50 40.77 29.18
CA SER A 916 38.23 39.77 28.42
C SER A 916 37.50 39.30 27.17
N LEU A 917 36.22 39.67 27.00
CA LEU A 917 35.48 39.24 25.83
C LEU A 917 35.89 40.01 24.57
N ASN A 918 36.38 41.25 24.73
CA ASN A 918 36.73 42.06 23.58
C ASN A 918 37.71 41.33 22.66
N SER A 919 38.80 40.82 23.24
CA SER A 919 39.87 40.19 22.48
C SER A 919 39.71 38.68 22.39
N SER A 920 38.48 38.17 22.51
CA SER A 920 38.21 36.75 22.34
C SER A 920 37.84 36.50 20.89
N THR A 921 38.58 35.59 20.25
CA THR A 921 38.39 35.30 18.83
C THR A 921 37.12 34.49 18.61
N ILE A 922 36.47 34.73 17.49
CA ILE A 922 35.22 34.06 17.11
C ILE A 922 35.51 33.13 15.94
N VAL A 923 34.91 31.94 15.97
CA VAL A 923 35.15 30.99 14.90
C VAL A 923 34.71 31.57 13.57
N GLY A 924 35.45 31.24 12.52
CA GLY A 924 35.09 31.66 11.18
C GLY A 924 35.52 33.08 10.89
N ALA A 925 35.57 33.93 11.91
CA ALA A 925 36.07 35.29 11.74
C ALA A 925 37.54 35.21 11.39
N SER A 926 37.85 35.39 10.12
CA SER A 926 39.23 35.22 9.66
C SER A 926 40.17 36.18 10.37
N TYR A 927 39.66 37.34 10.78
CA TYR A 927 40.43 38.36 11.46
C TYR A 927 41.73 38.68 10.71
N ASP A 928 41.60 39.24 9.51
CA ASP A 928 42.74 39.60 8.70
C ASP A 928 42.55 40.95 8.02
N LYS A 929 41.63 41.76 8.55
CA LYS A 929 41.34 43.07 7.99
C LYS A 929 41.45 44.16 9.05
N ASP A 930 41.20 45.40 8.65
CA ASP A 930 41.26 46.54 9.56
C ASP A 930 40.03 47.44 9.43
N THR A 931 40.18 48.69 9.85
CA THR A 931 39.08 49.66 9.78
C THR A 931 39.47 50.89 8.98
N PRO A 932 38.47 51.56 8.39
CA PRO A 932 38.66 52.79 7.56
C PRO A 932 39.08 54.06 8.32
N ALA A 933 39.50 55.08 7.52
CA ALA A 933 39.94 56.39 7.98
C ALA A 933 38.90 57.50 7.71
N ARG A 934 39.30 58.75 7.90
CA ARG A 934 38.44 59.93 7.73
C ARG A 934 37.25 59.88 8.68
N LYS B 35 -16.49 18.56 53.40
CA LYS B 35 -15.79 19.56 52.62
C LYS B 35 -16.56 20.89 52.57
N SER B 36 -15.82 21.98 52.44
CA SER B 36 -16.45 23.26 52.09
C SER B 36 -17.00 23.21 50.67
N LEU B 37 -16.40 22.40 49.80
CA LEU B 37 -16.91 22.24 48.44
C LEU B 37 -18.25 21.52 48.41
N ARG B 38 -18.46 20.54 49.28
CA ARG B 38 -19.79 19.98 49.33
C ARG B 38 -20.80 21.00 49.85
N ASP B 39 -20.40 21.82 50.83
CA ASP B 39 -21.25 22.95 51.21
C ASP B 39 -21.60 23.79 49.99
N GLN B 40 -20.58 24.12 49.18
CA GLN B 40 -20.79 24.67 47.84
C GLN B 40 -21.95 24.00 47.12
N LEU B 41 -21.85 22.71 46.86
CA LEU B 41 -22.82 22.06 45.98
C LEU B 41 -24.22 22.12 46.58
N VAL B 42 -24.34 21.77 47.87
CA VAL B 42 -25.62 21.86 48.56
C VAL B 42 -26.21 23.25 48.43
N GLU B 43 -25.39 24.26 48.67
CA GLU B 43 -25.88 25.59 48.98
C GLU B 43 -26.23 26.34 47.70
N SER B 44 -25.44 26.11 46.64
CA SER B 44 -25.84 26.57 45.32
C SER B 44 -27.07 25.82 44.80
N ILE B 45 -27.19 24.53 45.07
CA ILE B 45 -28.42 23.82 44.72
C ILE B 45 -29.60 24.44 45.45
N ARG B 46 -29.41 24.76 46.73
CA ARG B 46 -30.47 25.35 47.54
C ARG B 46 -31.00 26.62 46.89
N ASN B 47 -30.13 27.55 46.53
CA ASN B 47 -30.58 28.77 45.88
C ASN B 47 -30.51 28.68 44.35
N SER B 48 -30.58 27.46 43.80
CA SER B 48 -30.70 27.28 42.35
C SER B 48 -32.13 27.10 41.88
N ILE B 49 -33.07 26.86 42.81
CA ILE B 49 -34.47 26.68 42.44
C ILE B 49 -35.35 27.86 42.84
N ALA B 50 -34.90 28.70 43.77
CA ALA B 50 -35.68 29.86 44.21
C ALA B 50 -35.81 30.87 43.07
N ARG B 69 -29.45 24.01 31.40
CA ARG B 69 -30.26 23.11 32.23
C ARG B 69 -30.07 23.43 33.71
N ASN B 70 -30.58 22.56 34.57
CA ASN B 70 -30.42 22.65 36.01
C ASN B 70 -29.59 21.48 36.52
N VAL B 71 -28.54 21.14 35.79
CA VAL B 71 -27.74 19.94 36.05
C VAL B 71 -26.38 20.37 36.57
N PHE B 72 -25.97 19.78 37.69
CA PHE B 72 -24.67 20.03 38.29
C PHE B 72 -23.77 18.84 38.03
N PHE B 73 -22.57 19.12 37.52
CA PHE B 73 -21.61 18.07 37.19
C PHE B 73 -20.40 18.15 38.11
N VAL B 74 -19.91 16.99 38.52
CA VAL B 74 -18.75 16.87 39.40
C VAL B 74 -17.67 16.06 38.68
N ASP B 75 -16.48 16.63 38.56
CA ASP B 75 -15.35 15.93 37.98
C ASP B 75 -14.71 15.02 39.03
N GLY B 76 -13.84 14.12 38.56
CA GLY B 76 -13.11 13.25 39.46
C GLY B 76 -12.37 12.14 38.72
N GLY B 81 -13.06 11.49 46.34
CA GLY B 81 -13.86 10.51 45.63
C GLY B 81 -15.23 11.04 45.20
N LYS B 82 -15.62 10.66 43.98
CA LYS B 82 -16.93 11.02 43.45
C LYS B 82 -18.06 10.37 44.25
N THR B 83 -18.00 9.06 44.46
CA THR B 83 -19.08 8.39 45.17
C THR B 83 -19.27 8.96 46.57
N THR B 84 -18.16 9.13 47.30
CA THR B 84 -18.24 9.65 48.66
C THR B 84 -18.80 11.06 48.68
N PHE B 85 -18.34 11.91 47.77
CA PHE B 85 -18.84 13.28 47.71
C PHE B 85 -20.32 13.32 47.38
N ILE B 86 -20.75 12.49 46.42
CA ILE B 86 -22.16 12.44 46.04
C ILE B 86 -23.02 12.04 47.23
N ASN B 87 -22.58 11.02 47.97
CA ASN B 87 -23.33 10.59 49.15
C ASN B 87 -23.37 11.69 50.21
N SER B 88 -22.24 12.36 50.43
CA SER B 88 -22.20 13.48 51.37
C SER B 88 -23.26 14.53 50.99
N VAL B 89 -23.32 14.87 49.71
CA VAL B 89 -24.30 15.86 49.26
C VAL B 89 -25.72 15.36 49.49
N VAL B 90 -25.99 14.10 49.11
CA VAL B 90 -27.33 13.55 49.28
C VAL B 90 -27.77 13.73 50.73
N LYS B 91 -26.82 13.65 51.64
CA LYS B 91 -27.16 13.73 53.05
C LYS B 91 -27.42 15.15 53.45
N SER B 92 -26.43 16.00 53.20
CA SER B 92 -26.49 17.40 53.55
C SER B 92 -27.81 18.02 53.10
N LEU B 93 -28.49 17.37 52.15
CA LEU B 93 -29.82 17.77 51.73
C LEU B 93 -30.93 17.00 52.45
N ASN B 94 -30.62 15.89 53.11
CA ASN B 94 -31.61 15.07 53.77
C ASN B 94 -32.67 14.59 52.78
N VAL B 102 -37.02 25.77 52.24
CA VAL B 102 -35.64 25.30 52.27
C VAL B 102 -35.61 23.79 52.03
N ASN B 103 -36.76 23.20 51.69
CA ASN B 103 -36.85 21.76 51.50
C ASN B 103 -36.44 21.38 50.08
N ILE B 104 -35.67 20.31 49.97
CA ILE B 104 -35.41 19.64 48.70
C ILE B 104 -35.39 18.14 48.98
N LYS B 105 -36.22 17.41 48.26
CA LYS B 105 -36.17 15.96 48.24
C LYS B 105 -34.97 15.48 47.45
N CYS B 106 -34.45 14.32 47.82
CA CYS B 106 -33.33 13.71 47.11
C CYS B 106 -33.59 12.21 46.93
N LEU B 107 -33.61 11.77 45.68
CA LEU B 107 -33.73 10.36 45.39
C LEU B 107 -32.45 9.64 45.81
N PRO B 108 -32.54 8.34 46.14
CA PRO B 108 -31.31 7.58 46.39
C PRO B 108 -30.42 7.59 45.16
N THR B 109 -29.12 7.66 45.38
CA THR B 109 -28.19 7.81 44.27
C THR B 109 -28.30 6.64 43.32
N ILE B 110 -28.38 6.94 42.03
CA ILE B 110 -28.53 5.95 40.98
C ILE B 110 -27.14 5.66 40.41
N ASP B 111 -26.76 4.39 40.40
CA ASP B 111 -25.51 4.00 39.76
C ASP B 111 -25.85 3.40 38.39
N PRO B 112 -25.64 4.12 37.29
CA PRO B 112 -26.06 3.59 35.98
C PRO B 112 -25.36 2.30 35.59
N THR B 113 -24.19 2.02 36.15
CA THR B 113 -23.46 0.80 35.82
C THR B 113 -23.98 -0.43 36.57
N LYS B 114 -24.79 -0.24 37.61
CA LYS B 114 -25.32 -1.35 38.39
C LYS B 114 -26.79 -1.64 38.11
N LEU B 115 -27.44 -0.83 37.28
CA LEU B 115 -28.84 -1.06 36.99
C LEU B 115 -29.01 -2.29 36.12
N PRO B 116 -30.21 -2.87 36.08
CA PRO B 116 -30.47 -3.87 35.05
C PRO B 116 -30.02 -3.31 33.74
N ARG B 117 -29.69 -4.20 32.86
CA ARG B 117 -29.19 -3.73 31.61
C ARG B 117 -30.19 -2.92 30.85
N HIS B 118 -31.12 -3.58 30.20
CA HIS B 118 -32.08 -2.94 29.33
C HIS B 118 -33.15 -2.45 30.27
N GLU B 119 -32.90 -1.28 30.86
CA GLU B 119 -33.91 -0.64 31.69
C GLU B 119 -33.72 0.87 31.61
N PRO B 120 -34.67 1.59 31.03
CA PRO B 120 -34.50 3.05 30.91
C PRO B 120 -34.36 3.72 32.27
N ILE B 121 -33.53 4.77 32.30
CA ILE B 121 -33.30 5.50 33.54
C ILE B 121 -34.61 6.05 34.09
N LEU B 122 -35.55 6.37 33.20
CA LEU B 122 -36.84 6.85 33.66
C LEU B 122 -37.53 5.82 34.55
N VAL B 123 -37.38 4.53 34.23
CA VAL B 123 -38.00 3.50 35.04
C VAL B 123 -37.43 3.52 36.46
N THR B 124 -36.11 3.55 36.58
CA THR B 124 -35.48 3.56 37.89
C THR B 124 -35.87 4.82 38.68
N VAL B 125 -35.83 5.97 38.02
CA VAL B 125 -36.18 7.21 38.69
C VAL B 125 -37.62 7.15 39.19
N THR B 126 -38.54 6.68 38.34
CA THR B 126 -39.93 6.62 38.72
C THR B 126 -40.16 5.62 39.84
N ALA B 127 -39.45 4.50 39.84
CA ALA B 127 -39.61 3.51 40.90
C ALA B 127 -39.11 4.07 42.23
N ARG B 128 -37.96 4.73 42.24
CA ARG B 128 -37.45 5.32 43.48
C ARG B 128 -38.39 6.43 43.97
N LEU B 129 -38.89 7.25 43.04
CA LEU B 129 -39.86 8.27 43.43
C LEU B 129 -41.13 7.64 43.98
N ASN B 130 -41.57 6.53 43.38
CA ASN B 130 -42.75 5.84 43.87
C ASN B 130 -42.53 5.34 45.29
N LYS B 131 -41.36 4.78 45.56
CA LYS B 131 -41.14 4.30 46.92
C LYS B 131 -41.09 5.46 47.91
N MET B 132 -40.41 6.55 47.57
CA MET B 132 -40.38 7.68 48.50
C MET B 132 -41.78 8.23 48.74
N VAL B 133 -42.56 8.37 47.66
CA VAL B 133 -43.91 8.92 47.78
C VAL B 133 -44.81 7.99 48.59
N SER B 134 -44.68 6.68 48.37
CA SER B 134 -45.56 5.75 49.08
C SER B 134 -45.14 5.59 50.53
N ASP B 135 -43.84 5.64 50.82
CA ASP B 135 -43.39 5.63 52.21
C ASP B 135 -43.91 6.85 52.95
N LYS B 136 -43.90 8.02 52.31
CA LYS B 136 -44.52 9.18 52.94
C LYS B 136 -46.02 9.03 53.04
N LEU B 137 -46.68 8.71 51.93
CA LEU B 137 -48.12 8.56 51.90
C LEU B 137 -48.61 7.58 52.96
N LYS B 138 -47.74 6.67 53.41
CA LYS B 138 -48.20 5.65 54.32
C LYS B 138 -48.52 6.21 55.70
N GLY B 139 -47.57 6.87 56.35
CA GLY B 139 -47.82 7.47 57.63
C GLY B 139 -48.99 8.44 57.56
N TYR B 140 -49.37 8.94 58.71
CA TYR B 140 -50.39 9.99 58.84
C TYR B 140 -51.50 9.89 57.79
N ARG B 147 -57.60 6.59 49.45
CA ARG B 147 -57.42 7.94 49.97
C ARG B 147 -57.35 8.94 48.81
N LYS B 148 -57.71 10.21 49.09
CA LYS B 148 -57.95 11.17 48.02
C LYS B 148 -56.74 11.33 47.12
N GLN B 149 -55.56 11.47 47.70
CA GLN B 149 -54.38 11.77 46.92
C GLN B 149 -53.87 10.60 46.12
N LYS B 150 -54.21 9.38 46.51
CA LYS B 150 -53.32 8.30 46.16
C LYS B 150 -53.60 7.78 44.76
N GLU B 151 -54.77 7.18 44.55
CA GLU B 151 -55.26 6.84 43.23
C GLU B 151 -55.00 7.93 42.19
N GLN B 152 -54.84 9.20 42.58
CA GLN B 152 -54.47 10.19 41.56
C GLN B 152 -52.96 10.32 41.43
N TRP B 153 -52.17 9.69 42.32
CA TRP B 153 -50.77 9.37 42.02
C TRP B 153 -50.65 8.12 41.18
N GLN B 154 -51.45 7.10 41.53
CA GLN B 154 -51.59 5.87 40.74
C GLN B 154 -51.94 6.18 39.31
N ASN B 155 -52.77 7.20 39.09
CA ASN B 155 -53.30 7.51 37.77
C ASN B 155 -52.12 7.81 36.86
N HIS B 156 -51.26 8.72 37.33
CA HIS B 156 -50.08 9.14 36.57
C HIS B 156 -49.07 8.02 36.49
N LEU B 157 -48.93 7.21 37.54
CA LEU B 157 -48.01 6.08 37.46
C LEU B 157 -48.45 5.08 36.38
N ALA B 158 -49.72 4.70 36.39
CA ALA B 158 -50.23 3.75 35.40
C ALA B 158 -50.16 4.33 33.99
N GLN B 159 -50.49 5.61 33.84
CA GLN B 159 -50.50 6.21 32.51
C GLN B 159 -49.08 6.43 31.99
N LEU B 160 -48.14 6.78 32.87
CA LEU B 160 -46.74 6.80 32.51
C LEU B 160 -46.28 5.42 32.07
N GLN B 161 -46.69 4.39 32.82
CA GLN B 161 -46.38 3.03 32.42
C GLN B 161 -46.86 2.75 31.01
N ARG B 162 -48.16 2.83 30.80
CA ARG B 162 -48.74 2.44 29.52
C ARG B 162 -48.28 3.35 28.40
N GLY B 163 -47.66 4.47 28.74
CA GLY B 163 -46.99 5.31 27.77
C GLY B 163 -45.51 5.03 27.61
N LEU B 164 -45.03 3.93 28.17
CA LEU B 164 -43.61 3.62 28.22
C LEU B 164 -43.16 2.62 27.16
N HIS B 165 -44.09 2.06 26.39
CA HIS B 165 -43.74 1.31 25.20
C HIS B 165 -42.96 2.15 24.19
N LEU B 166 -43.09 3.47 24.27
CA LEU B 166 -42.45 4.34 23.29
C LEU B 166 -40.93 4.24 23.34
N LEU B 167 -40.37 4.10 24.54
CA LEU B 167 -38.91 4.08 24.67
C LEU B 167 -38.30 2.78 24.18
N THR B 168 -39.06 1.68 24.18
CA THR B 168 -38.50 0.34 24.05
C THR B 168 -38.79 -0.32 22.71
N ASP B 169 -39.77 0.15 21.96
CA ASP B 169 -40.28 -0.61 20.83
C ASP B 169 -39.27 -0.68 19.69
N LYS B 170 -39.21 -1.85 19.04
CA LYS B 170 -38.49 -1.96 17.78
C LYS B 170 -39.07 -1.01 16.73
N GLU B 171 -40.37 -0.78 16.76
CA GLU B 171 -40.99 0.10 15.79
C GLU B 171 -42.32 0.59 16.32
N TYR B 172 -42.97 1.44 15.53
CA TYR B 172 -44.30 1.93 15.81
C TYR B 172 -45.32 1.00 15.18
N LYS B 173 -46.37 0.65 15.93
CA LYS B 173 -47.48 -0.05 15.30
C LYS B 173 -48.75 0.77 15.47
N PRO B 174 -49.59 0.85 14.43
CA PRO B 174 -50.76 1.74 14.47
C PRO B 174 -51.68 1.61 15.69
N GLU B 175 -51.68 0.49 16.42
CA GLU B 175 -52.61 0.36 17.54
C GLU B 175 -52.41 1.45 18.60
N TYR B 176 -51.23 2.05 18.61
CA TYR B 176 -50.72 3.12 19.43
C TYR B 176 -51.23 4.48 19.05
N PHE B 177 -51.87 4.61 17.88
CA PHE B 177 -52.52 5.88 17.57
C PHE B 177 -53.74 6.09 18.47
N SER B 178 -54.59 5.06 18.59
CA SER B 178 -55.76 5.18 19.45
C SER B 178 -55.34 5.54 20.87
N ASP B 179 -54.15 5.12 21.27
CA ASP B 179 -53.65 5.43 22.61
C ASP B 179 -53.29 6.89 22.77
N ALA B 180 -53.06 7.60 21.66
CA ALA B 180 -52.59 8.97 21.68
C ALA B 180 -53.68 9.99 21.44
N LEU B 181 -54.94 9.57 21.30
CA LEU B 181 -56.04 10.49 20.98
C LEU B 181 -57.01 10.72 22.12
N LYS B 182 -56.90 9.99 23.23
CA LYS B 182 -57.77 10.18 24.38
C LYS B 182 -57.10 11.09 25.40
N LEU B 183 -57.90 11.98 25.99
CA LEU B 183 -57.40 12.98 26.93
C LEU B 183 -58.06 12.82 28.29
N SER B 190 -50.93 18.27 28.55
CA SER B 190 -51.68 19.43 28.09
C SER B 190 -51.23 19.87 26.71
N ILE B 191 -50.60 18.97 25.95
CA ILE B 191 -50.03 19.34 24.66
C ILE B 191 -50.62 18.52 23.53
N GLY B 192 -51.02 17.29 23.82
CA GLY B 192 -51.55 16.41 22.79
C GLY B 192 -50.70 15.18 22.55
N GLY B 193 -51.29 14.02 22.78
CA GLY B 193 -50.60 12.76 22.55
C GLY B 193 -50.23 12.04 23.84
N GLN B 194 -49.22 11.19 23.74
CA GLN B 194 -48.73 10.38 24.84
C GLN B 194 -47.28 10.72 25.16
N ASP B 195 -46.94 12.01 25.10
CA ASP B 195 -45.55 12.41 25.28
C ASP B 195 -45.13 12.12 26.71
N LEU B 196 -44.14 11.23 26.88
CA LEU B 196 -43.72 10.78 28.20
C LEU B 196 -43.13 11.90 29.03
N SER B 197 -42.55 12.91 28.37
CA SER B 197 -42.03 14.07 29.09
C SER B 197 -43.11 14.71 29.96
N GLU B 198 -44.29 14.97 29.38
CA GLU B 198 -45.34 15.64 30.14
C GLU B 198 -45.81 14.79 31.31
N ILE B 199 -46.00 13.50 31.05
CA ILE B 199 -46.53 12.60 32.08
C ILE B 199 -45.55 12.51 33.24
N PHE B 200 -44.25 12.45 32.93
CA PHE B 200 -43.25 12.41 33.99
C PHE B 200 -43.18 13.74 34.74
N GLU B 201 -43.37 14.86 34.04
CA GLU B 201 -43.34 16.13 34.73
C GLU B 201 -44.52 16.30 35.68
N GLU B 202 -45.72 15.83 35.29
CA GLU B 202 -46.84 15.74 36.24
C GLU B 202 -46.59 14.74 37.34
N LEU B 203 -45.86 13.65 37.05
CA LEU B 203 -45.53 12.74 38.13
C LEU B 203 -44.65 13.42 39.16
N VAL B 204 -43.72 14.23 38.69
CA VAL B 204 -42.85 14.98 39.60
C VAL B 204 -43.65 16.03 40.36
N LYS B 205 -44.62 16.67 39.70
CA LYS B 205 -45.50 17.59 40.42
C LYS B 205 -46.28 16.87 41.50
N ARG B 206 -46.84 15.69 41.17
CA ARG B 206 -47.43 14.81 42.17
C ARG B 206 -46.50 14.65 43.37
N ALA B 207 -45.29 14.16 43.11
CA ALA B 207 -44.39 13.81 44.20
C ALA B 207 -44.04 15.03 45.03
N CYS B 208 -43.85 16.19 44.40
CA CYS B 208 -43.51 17.40 45.14
C CYS B 208 -44.67 17.86 46.01
N GLU B 209 -45.89 17.78 45.50
CA GLU B 209 -47.05 18.12 46.33
C GLU B 209 -47.17 17.17 47.52
N ILE B 210 -46.96 15.88 47.28
CA ILE B 210 -47.17 14.89 48.35
C ILE B 210 -46.09 15.01 49.42
N LEU B 211 -44.84 15.18 49.00
CA LEU B 211 -43.70 15.06 49.91
C LEU B 211 -43.36 16.34 50.65
N ASP B 212 -44.10 17.43 50.44
CA ASP B 212 -43.72 18.73 50.99
C ASP B 212 -42.29 19.08 50.56
N CYS B 213 -42.09 19.15 49.26
CA CYS B 213 -40.83 19.58 48.67
C CYS B 213 -41.14 20.28 47.35
N LYS B 214 -40.19 21.10 46.91
CA LYS B 214 -40.29 21.76 45.61
C LYS B 214 -39.58 20.97 44.54
N ALA B 215 -38.31 20.65 44.76
CA ALA B 215 -37.50 20.05 43.73
C ALA B 215 -36.94 18.74 44.26
N ILE B 216 -36.85 17.76 43.37
CA ILE B 216 -36.43 16.41 43.69
C ILE B 216 -35.09 16.17 43.03
N LEU B 217 -34.06 15.94 43.84
CA LEU B 217 -32.69 15.86 43.36
C LEU B 217 -32.46 14.46 42.81
N ILE B 218 -32.43 14.34 41.49
CA ILE B 218 -32.03 13.10 40.83
C ILE B 218 -30.52 13.15 40.68
N THR B 219 -29.82 12.29 41.42
CA THR B 219 -28.37 12.32 41.49
C THR B 219 -27.82 11.04 40.88
N PHE B 220 -26.95 11.20 39.89
CA PHE B 220 -26.42 10.08 39.12
C PHE B 220 -24.97 9.83 39.49
N ASP B 221 -24.62 8.55 39.63
CA ASP B 221 -23.33 8.17 40.15
C ASP B 221 -22.36 7.93 39.01
N ASP B 222 -21.07 7.85 39.32
CA ASP B 222 -20.05 7.75 38.31
C ASP B 222 -20.15 6.45 37.51
N ILE B 223 -19.64 6.51 36.28
CA ILE B 223 -19.89 5.50 35.26
C ILE B 223 -18.57 5.00 34.69
N ASP B 224 -17.49 5.09 35.47
CA ASP B 224 -16.18 4.76 34.92
C ASP B 224 -16.13 3.29 34.48
N THR B 225 -16.84 2.43 35.20
CA THR B 225 -16.81 0.99 34.94
C THR B 225 -17.27 0.68 33.52
N GLN B 226 -18.42 1.19 33.13
CA GLN B 226 -19.04 0.87 31.84
C GLN B 226 -19.84 2.10 31.40
N PHE B 227 -19.24 2.92 30.54
CA PHE B 227 -19.78 4.23 30.24
C PHE B 227 -20.80 4.23 29.08
N ASP B 228 -21.31 3.07 28.64
CA ASP B 228 -22.49 3.10 27.77
C ASP B 228 -23.69 3.69 28.49
N ALA B 229 -23.91 3.29 29.74
CA ALA B 229 -25.11 3.73 30.43
C ALA B 229 -25.16 5.23 30.56
N GLY B 230 -24.02 5.91 30.39
CA GLY B 230 -24.02 7.35 30.40
C GLY B 230 -24.90 7.95 29.33
N TRP B 231 -25.06 7.26 28.19
CA TRP B 231 -25.91 7.80 27.13
C TRP B 231 -27.37 7.82 27.54
N ASP B 232 -27.83 6.73 28.15
CA ASP B 232 -29.21 6.71 28.65
C ASP B 232 -29.40 7.80 29.70
N VAL B 233 -28.38 8.01 30.55
CA VAL B 233 -28.46 9.06 31.56
C VAL B 233 -28.61 10.42 30.89
N LEU B 234 -27.78 10.68 29.88
CA LEU B 234 -27.82 11.97 29.20
C LEU B 234 -29.16 12.17 28.49
N GLU B 235 -29.66 11.15 27.82
CA GLU B 235 -30.93 11.28 27.11
C GLU B 235 -32.08 11.48 28.09
N SER B 236 -32.07 10.77 29.22
CA SER B 236 -33.11 10.97 30.22
C SER B 236 -33.05 12.37 30.81
N ILE B 237 -31.83 12.87 31.06
CA ILE B 237 -31.68 14.24 31.56
C ILE B 237 -32.24 15.23 30.55
N ARG B 238 -31.91 15.04 29.27
CA ARG B 238 -32.35 15.96 28.24
C ARG B 238 -33.86 15.94 28.07
N LYS B 239 -34.46 14.75 28.05
CA LYS B 239 -35.85 14.62 27.61
C LYS B 239 -36.85 14.55 28.76
N PHE B 240 -36.45 14.13 29.96
CA PHE B 240 -37.40 13.85 31.03
C PHE B 240 -37.15 14.63 32.32
N PHE B 241 -35.90 14.87 32.70
CA PHE B 241 -35.56 15.48 33.98
C PHE B 241 -35.42 16.98 33.86
N ASN B 242 -35.94 17.52 32.78
CA ASN B 242 -35.81 18.93 32.43
C ASN B 242 -37.06 19.55 33.01
N SER B 243 -36.93 20.07 34.22
CA SER B 243 -38.10 20.55 34.91
C SER B 243 -37.64 21.11 36.23
N ARG B 244 -38.41 22.03 36.77
CA ARG B 244 -37.97 22.75 37.94
C ARG B 244 -37.98 21.88 39.15
N LYS B 245 -39.03 21.10 39.24
CA LYS B 245 -39.25 20.15 40.30
C LYS B 245 -38.17 19.08 40.33
N LEU B 246 -37.20 19.16 39.41
CA LEU B 246 -36.06 18.27 39.35
C LEU B 246 -34.78 19.07 39.25
N VAL B 247 -33.82 18.73 40.09
CA VAL B 247 -32.44 19.21 39.97
C VAL B 247 -31.55 18.00 39.88
N VAL B 248 -30.66 17.99 38.90
CA VAL B 248 -29.86 16.81 38.58
C VAL B 248 -28.42 17.06 38.96
N VAL B 249 -27.82 16.12 39.68
CA VAL B 249 -26.40 16.13 39.99
C VAL B 249 -25.80 14.88 39.36
N ALA B 250 -25.03 15.07 38.30
CA ALA B 250 -24.30 13.99 37.66
C ALA B 250 -22.82 14.12 37.98
N THR B 251 -22.11 13.00 37.90
CA THR B 251 -20.69 12.99 38.17
C THR B 251 -20.01 12.00 37.24
N GLY B 252 -18.72 12.19 37.08
CA GLY B 252 -17.92 11.37 36.20
C GLY B 252 -16.79 12.18 35.60
N ASP B 253 -16.34 11.76 34.44
CA ASP B 253 -15.27 12.42 33.71
C ASP B 253 -15.80 12.87 32.36
N LEU B 254 -15.67 14.17 32.07
CA LEU B 254 -16.34 14.73 30.90
C LEU B 254 -15.77 14.23 29.58
N ARG B 255 -14.55 13.67 29.58
CA ARG B 255 -14.05 13.00 28.38
C ARG B 255 -14.92 11.81 28.02
N LEU B 256 -15.37 11.07 29.02
CA LEU B 256 -16.21 9.90 28.77
C LEU B 256 -17.52 10.30 28.09
N TYR B 257 -18.18 11.34 28.62
CA TYR B 257 -19.42 11.81 28.01
C TYR B 257 -19.17 12.44 26.64
N SER B 258 -18.02 13.11 26.48
CA SER B 258 -17.62 13.58 25.16
C SER B 258 -17.59 12.44 24.16
N GLN B 259 -16.91 11.37 24.52
CA GLN B 259 -16.84 10.14 23.72
C GLN B 259 -18.22 9.61 23.38
N LEU B 260 -19.06 9.46 24.39
CA LEU B 260 -20.39 8.91 24.16
C LEU B 260 -21.18 9.76 23.16
N ILE B 261 -21.16 11.08 23.37
CA ILE B 261 -21.94 11.98 22.53
C ILE B 261 -21.39 12.03 21.11
N ARG B 262 -20.06 12.08 20.98
CA ARG B 262 -19.46 12.12 19.65
C ARG B 262 -19.79 10.86 18.87
N GLY B 263 -19.67 9.69 19.51
CA GLY B 263 -20.04 8.47 18.84
C GLY B 263 -21.50 8.45 18.43
N LYS B 264 -22.38 8.91 19.32
CA LYS B 264 -23.80 8.97 18.98
C LYS B 264 -24.08 9.95 17.86
N GLN B 265 -23.33 11.05 17.81
CA GLN B 265 -23.49 11.99 16.71
C GLN B 265 -23.00 11.38 15.41
N TYR B 266 -21.91 10.62 15.45
CA TYR B 266 -21.48 10.00 14.21
C TYR B 266 -22.51 8.98 13.77
N GLU B 267 -23.22 8.37 14.74
CA GLU B 267 -24.25 7.40 14.42
C GLU B 267 -25.30 7.97 13.48
N ASN B 268 -25.58 9.26 13.57
CA ASN B 268 -26.64 9.81 12.74
C ASN B 268 -26.28 9.87 11.26
N TYR B 269 -25.01 10.04 10.92
CA TYR B 269 -24.66 10.07 9.51
C TYR B 269 -25.06 8.76 8.85
N SER B 270 -25.63 8.87 7.65
CA SER B 270 -26.05 7.70 6.91
C SER B 270 -24.84 6.83 6.53
N LYS B 271 -25.09 5.52 6.49
CA LYS B 271 -24.06 4.52 6.20
C LYS B 271 -23.28 4.84 4.93
N THR B 272 -23.96 4.70 3.82
CA THR B 272 -23.30 4.67 2.54
C THR B 272 -22.72 6.03 2.22
N LEU B 273 -23.28 7.08 2.82
CA LEU B 273 -22.62 8.37 2.79
C LEU B 273 -21.23 8.25 3.40
N LEU B 274 -21.12 7.63 4.57
CA LEU B 274 -19.82 7.52 5.22
C LEU B 274 -18.86 6.67 4.40
N GLU B 275 -19.34 5.57 3.81
CA GLU B 275 -18.43 4.78 2.97
C GLU B 275 -18.13 5.44 1.62
N GLN B 276 -18.88 6.46 1.21
CA GLN B 276 -18.67 7.07 -0.11
C GLN B 276 -17.78 8.31 -0.04
N GLU B 277 -18.12 9.25 0.84
CA GLU B 277 -17.36 10.50 0.93
C GLU B 277 -16.24 10.27 1.93
N LYS B 278 -15.05 9.97 1.40
CA LYS B 278 -13.92 9.62 2.25
C LYS B 278 -12.68 10.41 1.85
N GLU B 279 -12.88 11.57 1.24
CA GLU B 279 -11.78 12.50 1.02
C GLU B 279 -11.34 13.06 2.36
N SER B 280 -10.13 13.63 2.38
CA SER B 280 -9.66 14.20 3.64
C SER B 280 -10.54 15.37 4.05
N VAL B 281 -11.06 16.12 3.08
CA VAL B 281 -11.92 17.26 3.38
C VAL B 281 -13.21 16.80 4.03
N ARG B 282 -13.77 15.68 3.58
CA ARG B 282 -15.06 15.23 4.12
C ARG B 282 -14.91 14.77 5.56
N LEU B 283 -13.92 13.92 5.84
CA LEU B 283 -13.66 13.54 7.21
C LEU B 283 -13.35 14.77 8.06
N ALA B 284 -12.61 15.73 7.50
CA ALA B 284 -12.24 16.93 8.26
C ALA B 284 -13.46 17.76 8.65
N GLU B 285 -14.33 18.04 7.68
CA GLU B 285 -15.54 18.82 7.99
C GLU B 285 -16.51 18.05 8.87
N ARG B 286 -16.66 16.74 8.66
CA ARG B 286 -17.52 15.99 9.56
C ARG B 286 -16.94 15.94 10.97
N GLY B 287 -15.62 15.97 11.09
CA GLY B 287 -15.01 16.09 12.42
C GLY B 287 -15.29 17.43 13.07
N TYR B 288 -15.11 18.52 12.32
CA TYR B 288 -15.49 19.83 12.85
C TYR B 288 -16.96 19.85 13.23
N MET B 289 -17.74 19.06 12.53
CA MET B 289 -19.17 19.17 12.67
C MET B 289 -19.65 18.41 13.90
N VAL B 290 -19.19 17.18 14.03
CA VAL B 290 -19.42 16.42 15.26
C VAL B 290 -18.82 17.16 16.45
N GLU B 291 -17.70 17.86 16.25
CA GLU B 291 -17.28 18.87 17.20
C GLU B 291 -18.41 19.78 17.63
N HIS B 292 -18.93 20.56 16.70
CA HIS B 292 -19.91 21.57 17.07
C HIS B 292 -21.08 20.93 17.80
N LEU B 293 -21.56 19.80 17.29
CA LEU B 293 -22.73 19.16 17.89
C LEU B 293 -22.43 18.66 19.30
N GLU B 294 -21.32 17.93 19.47
CA GLU B 294 -20.97 17.40 20.79
C GLU B 294 -20.74 18.53 21.79
N GLN B 295 -20.04 19.58 21.37
CA GLN B 295 -19.81 20.71 22.25
C GLN B 295 -21.12 21.35 22.68
N GLN B 296 -22.02 21.61 21.74
CA GLN B 296 -23.28 22.23 22.11
C GLN B 296 -24.07 21.32 23.03
N TYR B 297 -24.06 20.02 22.76
CA TYR B 297 -24.73 19.05 23.62
C TYR B 297 -24.25 19.16 25.06
N LEU B 298 -22.93 19.23 25.23
CA LEU B 298 -22.35 19.31 26.58
C LEU B 298 -22.53 20.66 27.26
N LEU B 299 -22.40 21.75 26.52
CA LEU B 299 -22.75 23.05 27.12
C LEU B 299 -24.21 23.08 27.52
N LYS B 300 -25.05 22.29 26.85
CA LYS B 300 -26.47 22.24 27.15
C LYS B 300 -26.74 21.45 28.43
N LEU B 301 -26.33 20.18 28.44
CA LEU B 301 -26.69 19.32 29.57
C LEU B 301 -25.87 19.63 30.82
N PHE B 302 -24.65 20.11 30.66
CA PHE B 302 -23.76 20.41 31.78
C PHE B 302 -23.32 21.86 31.68
N PRO B 303 -24.12 22.81 32.18
CA PRO B 303 -23.69 24.21 32.16
C PRO B 303 -22.37 24.40 32.90
N VAL B 304 -21.54 25.28 32.36
CA VAL B 304 -20.20 25.47 32.90
C VAL B 304 -20.25 26.01 34.32
N GLN B 305 -21.17 26.95 34.58
CA GLN B 305 -21.25 27.55 35.91
C GLN B 305 -21.66 26.55 36.97
N LYS B 306 -22.21 25.41 36.59
CA LYS B 306 -22.71 24.42 37.54
C LYS B 306 -21.77 23.24 37.72
N ARG B 307 -20.56 23.31 37.19
CA ARG B 307 -19.61 22.22 37.28
C ARG B 307 -18.76 22.34 38.54
N ILE B 308 -18.53 21.20 39.20
CA ILE B 308 -17.88 21.17 40.51
C ILE B 308 -16.41 20.77 40.36
N GLN B 309 -15.57 21.39 41.18
CA GLN B 309 -14.14 21.09 41.29
C GLN B 309 -13.82 19.63 41.51
N LEU B 310 -14.08 19.12 42.72
CA LEU B 310 -13.46 17.86 43.16
C LEU B 310 -11.96 17.87 42.83
N LYS B 311 -11.16 18.77 43.66
CA LYS B 311 -9.73 18.92 43.52
C LYS B 311 -9.07 17.54 43.53
N THR B 312 -7.75 17.53 43.56
CA THR B 312 -7.03 16.30 43.78
C THR B 312 -6.24 16.37 45.07
N MET B 313 -5.50 15.30 45.34
CA MET B 313 -4.78 15.20 46.59
C MET B 313 -3.73 16.29 46.73
N LEU B 314 -2.87 16.43 45.72
CA LEU B 314 -1.78 17.39 45.80
C LEU B 314 -2.29 18.79 46.10
N GLN B 315 -3.51 19.10 45.65
CA GLN B 315 -4.11 20.38 45.98
C GLN B 315 -4.61 20.45 47.41
N LEU B 316 -4.92 19.30 48.02
CA LEU B 316 -5.35 19.25 49.41
C LEU B 316 -4.20 19.26 50.40
N VAL B 317 -2.95 19.17 49.91
CA VAL B 317 -1.77 19.20 50.75
C VAL B 317 -0.81 20.24 50.17
N GLY B 318 0.29 20.47 50.89
CA GLY B 318 1.25 21.46 50.46
C GLY B 318 1.95 21.06 49.18
N GLU B 319 2.37 22.08 48.42
CA GLU B 319 3.14 21.86 47.21
C GLU B 319 4.59 21.53 47.56
N LYS B 320 5.26 22.47 48.22
CA LYS B 320 6.63 22.28 48.71
C LYS B 320 6.80 22.85 50.11
N GLY B 321 5.72 22.92 50.89
CA GLY B 321 5.73 23.55 52.19
C GLY B 321 5.11 24.92 52.23
N LYS B 322 4.76 25.50 51.07
CA LYS B 322 4.14 26.81 50.98
C LYS B 322 2.63 26.72 50.81
N ALA B 323 2.04 25.57 51.10
CA ALA B 323 0.61 25.34 50.95
C ALA B 323 0.20 24.30 51.99
N GLY B 324 -0.95 23.65 51.78
CA GLY B 324 -1.41 22.64 52.70
C GLY B 324 -2.77 22.91 53.33
N LYS B 325 -3.66 23.54 52.58
CA LYS B 325 -5.01 23.80 53.08
C LYS B 325 -5.69 22.51 53.53
N GLU B 326 -6.28 22.55 54.71
CA GLU B 326 -7.01 21.43 55.30
C GLU B 326 -6.26 20.12 55.16
N GLU B 327 -5.08 20.03 55.76
CA GLU B 327 -4.40 18.74 55.79
C GLU B 327 -5.24 17.72 56.52
N ILE B 328 -5.04 16.48 56.13
CA ILE B 328 -5.93 15.37 56.43
C ILE B 328 -5.24 14.27 57.23
N LYS B 329 -3.94 14.07 57.02
CA LYS B 329 -3.16 13.05 57.70
C LYS B 329 -3.54 11.66 57.27
N VAL B 330 -2.56 10.76 57.26
CA VAL B 330 -2.80 9.34 57.11
C VAL B 330 -2.26 8.67 58.36
N LYS B 331 -2.70 7.45 58.58
CA LYS B 331 -2.30 6.65 59.73
C LYS B 331 -1.53 5.43 59.29
N THR B 332 -0.32 5.31 59.83
CA THR B 332 0.61 4.28 59.40
C THR B 332 0.52 3.05 60.29
N GLU B 333 0.37 3.23 61.59
CA GLU B 333 0.42 2.15 62.56
C GLU B 333 -0.95 1.89 63.16
N PRO B 334 -1.18 0.69 63.69
CA PRO B 334 -2.47 0.39 64.31
C PRO B 334 -2.83 1.30 65.47
N SER B 335 -1.87 1.65 66.33
CA SER B 335 -2.21 2.39 67.54
C SER B 335 -2.56 3.84 67.21
N MET B 336 -1.60 4.61 66.75
CA MET B 336 -1.82 5.93 66.15
C MET B 336 -2.99 6.67 66.79
N GLN B 337 -2.83 6.99 68.07
CA GLN B 337 -3.87 7.66 68.86
C GLN B 337 -4.27 9.07 68.42
N ASP B 338 -4.51 9.26 67.13
CA ASP B 338 -4.92 10.56 66.57
C ASP B 338 -4.10 11.74 67.04
N ILE B 339 -2.77 11.60 67.02
CA ILE B 339 -1.85 12.64 67.44
C ILE B 339 -0.45 12.29 66.93
N ASP B 340 -0.21 10.99 66.79
CA ASP B 340 1.07 10.49 66.31
C ASP B 340 1.00 10.20 64.82
N ALA B 341 -0.19 10.38 64.23
CA ALA B 341 -0.35 10.13 62.81
C ALA B 341 0.62 11.01 62.04
N ILE B 342 1.51 10.37 61.29
CA ILE B 342 2.66 11.08 60.68
C ILE B 342 2.18 11.61 59.33
N ASP B 343 1.47 12.74 59.38
CA ASP B 343 1.09 13.51 58.20
C ASP B 343 0.46 12.63 57.12
N VAL B 344 0.41 13.15 55.89
CA VAL B 344 0.14 12.35 54.70
C VAL B 344 1.23 12.52 53.66
N ARG B 345 1.64 13.76 53.38
CA ARG B 345 2.82 13.96 52.54
C ARG B 345 3.99 13.18 53.08
N GLN B 346 4.11 13.12 54.41
CA GLN B 346 5.21 12.38 55.02
C GLN B 346 5.17 10.90 54.69
N ALA B 347 4.03 10.25 54.89
CA ALA B 347 3.99 8.81 54.70
C ALA B 347 4.52 8.44 53.33
N ILE B 348 4.12 9.22 52.31
CA ILE B 348 4.59 8.98 50.95
C ILE B 348 6.07 9.31 50.82
N GLY B 349 6.49 10.45 51.40
CA GLY B 349 7.90 10.83 51.30
C GLY B 349 8.79 9.77 51.92
N ASP B 350 8.30 9.15 52.99
CA ASP B 350 9.10 8.23 53.76
C ASP B 350 9.14 6.86 53.08
N ALA B 351 8.01 6.43 52.51
CA ALA B 351 8.02 5.26 51.65
C ALA B 351 8.96 5.46 50.47
N VAL B 352 8.89 6.62 49.83
CA VAL B 352 9.71 6.87 48.64
C VAL B 352 11.18 6.92 48.99
N ARG B 353 11.54 7.68 50.02
CA ARG B 353 12.94 7.78 50.43
C ARG B 353 13.49 6.43 50.89
N GLU B 354 12.74 5.64 51.66
CA GLU B 354 13.21 4.32 52.07
C GLU B 354 13.31 3.33 50.92
N GLY B 355 12.31 3.26 50.04
CA GLY B 355 12.26 2.22 49.04
C GLY B 355 12.94 2.56 47.73
N LEU B 356 13.28 3.84 47.55
CA LEU B 356 14.04 4.29 46.40
C LEU B 356 15.46 4.68 46.76
N ASN B 357 15.75 4.88 48.05
CA ASN B 357 17.08 5.27 48.52
C ASN B 357 17.50 6.60 47.87
N LEU B 358 16.74 7.65 48.22
CA LEU B 358 16.74 8.88 47.44
C LEU B 358 17.20 10.13 48.21
N ARG B 359 17.36 10.04 49.54
CA ARG B 359 17.72 11.21 50.34
C ARG B 359 16.58 12.22 50.32
N GLU B 360 16.68 13.32 51.08
CA GLU B 360 15.65 14.36 51.09
C GLU B 360 15.85 15.43 50.01
N GLY B 361 16.56 15.14 48.93
CA GLY B 361 16.74 16.15 47.91
C GLY B 361 15.44 16.41 47.16
N SER B 362 15.50 17.36 46.24
CA SER B 362 14.31 17.71 45.48
C SER B 362 13.76 16.53 44.69
N ASP B 363 14.56 15.47 44.53
CA ASP B 363 14.11 14.30 43.77
C ASP B 363 13.10 13.45 44.57
N ALA B 364 13.27 13.36 45.89
CA ALA B 364 12.28 12.63 46.67
C ALA B 364 10.96 13.38 46.73
N ASP B 365 11.01 14.69 46.99
CA ASP B 365 9.79 15.49 46.93
C ASP B 365 9.18 15.43 45.53
N MET B 366 10.03 15.38 44.51
CA MET B 366 9.58 15.03 43.17
C MET B 366 8.67 13.81 43.15
N TYR B 367 9.24 12.64 43.45
CA TYR B 367 8.48 11.41 43.33
C TYR B 367 7.21 11.48 44.15
N VAL B 368 7.28 12.11 45.32
CA VAL B 368 6.10 12.25 46.17
C VAL B 368 5.05 13.12 45.50
N ASN B 369 5.47 14.23 44.88
CA ASN B 369 4.53 15.09 44.19
C ASN B 369 3.81 14.33 43.09
N GLU B 370 4.56 13.55 42.30
CA GLU B 370 3.88 12.86 41.22
C GLU B 370 2.87 11.86 41.79
N LEU B 371 3.26 11.13 42.83
CA LEU B 371 2.43 10.09 43.40
C LEU B 371 1.23 10.65 44.16
N LEU B 372 1.30 11.90 44.63
CA LEU B 372 0.14 12.54 45.23
C LEU B 372 -0.91 12.94 44.21
N LYS B 373 -0.53 13.07 42.95
CA LYS B 373 -1.44 13.42 41.88
C LYS B 373 -2.22 12.22 41.36
N GLN B 374 -2.00 11.06 41.94
CA GLN B 374 -2.59 9.83 41.45
C GLN B 374 -4.07 9.77 41.75
N PRO B 375 -4.81 8.91 41.05
CA PRO B 375 -6.16 8.60 41.52
C PRO B 375 -6.10 8.15 42.96
N VAL B 376 -7.01 8.72 43.74
CA VAL B 376 -6.90 8.68 45.19
C VAL B 376 -6.93 7.24 45.71
N ARG B 377 -7.65 6.36 45.02
CA ARG B 377 -7.65 4.94 45.38
C ARG B 377 -6.27 4.32 45.19
N LEU B 378 -5.58 4.64 44.10
CA LEU B 378 -4.27 4.05 43.86
C LEU B 378 -3.31 4.42 44.98
N LEU B 379 -3.29 5.70 45.36
CA LEU B 379 -2.44 6.12 46.47
C LEU B 379 -2.85 5.41 47.75
N MET B 380 -4.16 5.30 48.00
CA MET B 380 -4.64 4.60 49.18
C MET B 380 -4.07 3.18 49.23
N GLN B 381 -4.22 2.45 48.13
CA GLN B 381 -3.86 1.03 48.13
C GLN B 381 -2.35 0.84 48.24
N VAL B 382 -1.57 1.61 47.49
CA VAL B 382 -0.12 1.46 47.56
C VAL B 382 0.39 1.81 48.96
N LEU B 383 -0.08 2.94 49.51
CA LEU B 383 0.35 3.40 50.81
C LEU B 383 -0.10 2.48 51.94
N GLN B 384 -1.19 1.75 51.75
CA GLN B 384 -1.67 0.81 52.76
C GLN B 384 -0.95 -0.53 52.68
N ASP B 385 -0.77 -1.07 51.47
CA ASP B 385 -0.01 -2.30 51.32
C ASP B 385 1.40 -2.13 51.88
N PHE B 386 2.08 -1.05 51.50
CA PHE B 386 3.45 -0.83 51.97
C PHE B 386 3.53 -0.89 53.50
N TYR B 387 2.67 -0.13 54.18
CA TYR B 387 2.82 0.01 55.62
C TYR B 387 2.31 -1.19 56.39
N THR B 388 1.25 -1.86 55.91
CA THR B 388 0.83 -3.08 56.58
C THR B 388 1.91 -4.17 56.46
N LYS B 389 2.48 -4.34 55.27
CA LYS B 389 3.55 -5.33 55.16
C LYS B 389 4.80 -4.88 55.89
N LYS B 390 4.94 -3.57 56.13
CA LYS B 390 6.06 -3.09 56.92
C LYS B 390 5.90 -3.45 58.40
N TYR B 391 4.70 -3.21 58.95
CA TYR B 391 4.37 -3.73 60.27
C TYR B 391 4.71 -5.22 60.32
N HIS B 392 4.25 -5.95 59.31
CA HIS B 392 4.64 -7.34 59.12
C HIS B 392 6.13 -7.54 59.36
N ALA B 393 6.97 -6.83 58.58
CA ALA B 393 8.40 -7.08 58.61
C ALA B 393 8.99 -6.86 59.99
N THR B 394 8.46 -5.88 60.73
CA THR B 394 8.93 -5.56 62.08
C THR B 394 8.01 -6.14 63.15
N SER B 395 7.31 -7.23 62.83
CA SER B 395 6.41 -7.89 63.77
C SER B 395 5.33 -6.94 64.25
N SER B 412 13.72 -5.58 54.00
CA SER B 412 14.08 -4.70 52.89
C SER B 412 12.91 -3.80 52.50
N VAL B 413 12.96 -2.54 52.91
CA VAL B 413 11.92 -1.57 52.56
C VAL B 413 11.77 -1.46 51.03
N PRO B 414 12.85 -1.35 50.26
CA PRO B 414 12.66 -1.29 48.80
C PRO B 414 11.92 -2.47 48.24
N ASN B 415 12.09 -3.66 48.81
CA ASN B 415 11.27 -4.79 48.41
C ASN B 415 9.80 -4.53 48.70
N LEU B 416 9.49 -3.95 49.86
CA LEU B 416 8.11 -3.67 50.21
C LEU B 416 7.49 -2.65 49.27
N LEU B 417 8.19 -1.53 49.05
CA LEU B 417 7.69 -0.51 48.14
C LEU B 417 7.58 -1.06 46.72
N ARG B 418 8.55 -1.88 46.31
CA ARG B 418 8.51 -2.47 44.98
C ARG B 418 7.31 -3.38 44.82
N ASN B 419 7.00 -4.19 45.83
CA ASN B 419 5.82 -5.05 45.76
C ASN B 419 4.54 -4.20 45.67
N ALA B 420 4.44 -3.17 46.52
CA ALA B 420 3.25 -2.33 46.50
C ALA B 420 3.09 -1.63 45.15
N LEU B 421 4.20 -1.11 44.60
CA LEU B 421 4.14 -0.43 43.31
C LEU B 421 3.83 -1.40 42.18
N TYR B 422 4.39 -2.62 42.23
CA TYR B 422 4.11 -3.61 41.21
C TYR B 422 2.63 -3.93 41.18
N GLY B 423 2.03 -4.16 42.35
CA GLY B 423 0.61 -4.44 42.40
C GLY B 423 -0.25 -3.25 41.99
N SER B 424 0.08 -2.06 42.50
CA SER B 424 -0.75 -0.89 42.23
C SER B 424 -0.63 -0.44 40.77
N MET B 425 0.58 -0.43 40.22
CA MET B 425 0.80 -0.01 38.85
C MET B 425 0.87 -1.21 37.91
N LEU B 426 0.19 -2.29 38.26
CA LEU B 426 0.32 -3.54 37.52
C LEU B 426 -0.16 -3.37 36.08
N SER B 427 -1.30 -2.71 35.88
CA SER B 427 -1.81 -2.52 34.53
C SER B 427 -0.87 -1.66 33.71
N ASN B 428 -0.21 -0.69 34.34
CA ASN B 428 0.71 0.18 33.62
C ASN B 428 1.92 -0.62 33.12
N ILE B 429 2.54 -1.40 34.00
CA ILE B 429 3.71 -2.16 33.58
C ILE B 429 3.32 -3.24 32.57
N TYR B 430 2.16 -3.87 32.75
CA TYR B 430 1.70 -4.85 31.78
C TYR B 430 1.41 -4.20 30.43
N ARG B 431 1.02 -2.93 30.43
CA ARG B 431 0.92 -2.20 29.18
C ARG B 431 2.27 -2.07 28.50
N ALA B 432 3.26 -1.61 29.25
CA ALA B 432 4.54 -1.24 28.67
C ALA B 432 5.33 -2.45 28.16
N GLY B 433 4.87 -3.66 28.41
CA GLY B 433 5.60 -4.84 28.00
C GLY B 433 6.72 -5.23 28.93
N LEU B 434 6.76 -4.67 30.13
CA LEU B 434 7.80 -5.02 31.07
C LEU B 434 7.49 -6.39 31.69
N ASN B 435 8.46 -6.92 32.44
CA ASN B 435 8.37 -8.28 32.95
C ASN B 435 7.17 -8.41 33.88
N TYR B 436 6.33 -9.43 33.66
CA TYR B 436 5.18 -9.58 34.54
C TYR B 436 5.64 -10.31 35.79
N GLU B 437 6.33 -11.44 35.56
CA GLU B 437 6.61 -12.47 36.55
C GLU B 437 7.34 -11.86 37.75
N GLN B 438 7.05 -12.34 38.95
CA GLN B 438 7.90 -12.04 40.08
C GLN B 438 9.08 -12.99 40.14
N HIS B 439 8.88 -14.24 39.70
CA HIS B 439 9.90 -15.26 39.84
C HIS B 439 11.10 -15.04 38.93
N ARG B 440 11.08 -13.99 38.11
CA ARG B 440 12.31 -13.63 37.41
C ARG B 440 12.53 -12.13 37.50
N PHE B 441 12.30 -11.56 38.68
CA PHE B 441 12.60 -10.16 38.87
C PHE B 441 14.11 -9.95 38.74
N GLY B 442 14.89 -10.57 39.63
CA GLY B 442 16.34 -10.60 39.50
C GLY B 442 16.91 -9.29 39.05
N MET B 443 17.96 -9.27 38.21
CA MET B 443 18.27 -8.06 37.48
C MET B 443 18.53 -8.22 36.00
N ASP B 444 18.53 -9.45 35.51
CA ASP B 444 18.60 -9.62 34.06
C ASP B 444 17.39 -8.98 33.39
N SER B 445 16.21 -9.21 33.97
CA SER B 445 15.00 -8.61 33.44
C SER B 445 14.88 -7.13 33.79
N LEU B 446 15.55 -6.67 34.86
CA LEU B 446 15.51 -5.26 35.23
C LEU B 446 16.11 -4.38 34.15
N CYS B 447 17.28 -4.76 33.63
CA CYS B 447 17.93 -3.96 32.60
C CYS B 447 17.07 -3.90 31.35
N LYS B 448 16.47 -5.03 30.98
CA LYS B 448 15.62 -5.05 29.79
C LYS B 448 14.34 -4.26 30.02
N ASP B 449 13.84 -4.26 31.26
CA ASP B 449 12.71 -3.42 31.61
C ASP B 449 13.05 -1.94 31.43
N ILE B 450 14.23 -1.54 31.89
CA ILE B 450 14.64 -0.15 31.75
C ILE B 450 14.80 0.21 30.28
N PHE B 451 15.41 -0.67 29.49
CA PHE B 451 15.56 -0.39 28.07
C PHE B 451 14.20 -0.24 27.41
N THR B 452 13.24 -1.09 27.75
CA THR B 452 11.90 -1.00 27.19
C THR B 452 11.24 0.32 27.57
N TYR B 453 11.32 0.69 28.86
CA TYR B 453 10.74 1.94 29.32
C TYR B 453 11.35 3.11 28.56
N VAL B 454 12.67 3.10 28.40
CA VAL B 454 13.34 4.18 27.72
C VAL B 454 12.91 4.24 26.26
N LYS B 455 12.72 3.06 25.66
CA LYS B 455 12.29 2.98 24.27
C LYS B 455 10.94 3.65 24.07
N GLN B 456 9.98 3.42 24.97
CA GLN B 456 8.68 4.06 24.82
C GLN B 456 8.67 5.49 25.34
N ASP B 457 9.50 5.81 26.33
CA ASP B 457 9.71 7.18 26.74
C ASP B 457 10.62 7.94 25.79
N ARG B 458 11.09 7.29 24.72
CA ARG B 458 12.02 7.90 23.79
C ARG B 458 13.25 8.37 24.56
N ASP B 459 13.47 9.67 24.69
CA ASP B 459 14.54 10.18 25.54
C ASP B 459 15.87 9.55 25.17
N PHE B 460 16.16 8.36 25.67
CA PHE B 460 17.43 7.65 25.51
C PHE B 460 18.62 8.42 26.08
N ASN B 461 18.41 9.54 26.78
CA ASN B 461 19.47 10.37 27.33
C ASN B 461 19.37 10.56 28.84
N THR B 462 18.17 10.81 29.35
CA THR B 462 17.92 10.85 30.78
C THR B 462 16.99 9.75 31.22
N GLY B 463 16.56 8.88 30.29
CA GLY B 463 15.56 7.87 30.63
C GLY B 463 15.99 6.94 31.75
N PHE B 464 17.26 6.59 31.82
CA PHE B 464 17.75 5.66 32.84
C PHE B 464 17.67 6.25 34.25
N TYR B 465 17.50 7.56 34.37
CA TYR B 465 17.17 8.22 35.63
C TYR B 465 15.86 7.72 36.22
N LEU B 466 14.93 7.28 35.35
CA LEU B 466 13.62 6.80 35.78
C LEU B 466 12.85 7.87 36.54
N ARG B 467 13.02 9.14 36.14
CA ARG B 467 12.23 10.22 36.70
C ARG B 467 10.84 10.24 36.07
N PRO B 468 9.81 10.65 36.83
CA PRO B 468 8.42 10.66 36.31
C PRO B 468 8.05 11.93 35.56
N GLN B 469 8.40 11.96 34.27
CA GLN B 469 8.36 13.19 33.49
C GLN B 469 7.59 12.97 32.19
N SER B 470 7.21 11.73 31.91
CA SER B 470 6.70 11.28 30.62
C SER B 470 5.41 11.96 30.19
N GLU B 471 5.05 11.75 28.92
CA GLU B 471 3.75 12.22 28.42
C GLU B 471 2.65 11.79 29.35
N SER B 472 2.67 10.53 29.77
CA SER B 472 1.47 9.84 30.19
C SER B 472 1.61 9.23 31.58
N GLU B 473 0.44 9.09 32.19
CA GLU B 473 0.25 8.40 33.46
C GLU B 473 0.85 7.00 33.47
N ALA B 474 0.73 6.24 32.38
CA ALA B 474 1.20 4.85 32.39
C ALA B 474 2.72 4.78 32.56
N LEU B 475 3.45 5.48 31.70
CA LEU B 475 4.91 5.45 31.79
C LEU B 475 5.42 6.18 33.03
N ARG B 476 4.72 7.22 33.50
CA ARG B 476 5.13 7.86 34.74
C ARG B 476 5.02 6.91 35.93
N ASN B 477 3.97 6.10 35.97
CA ASN B 477 3.88 5.06 37.00
C ASN B 477 4.99 4.03 36.83
N CYS B 478 5.25 3.61 35.59
CA CYS B 478 6.30 2.63 35.34
C CYS B 478 7.65 3.16 35.81
N SER B 479 7.87 4.46 35.72
CA SER B 479 9.15 5.04 36.12
C SER B 479 9.41 4.81 37.60
N ILE B 480 8.42 5.11 38.45
CA ILE B 480 8.61 4.93 39.89
C ILE B 480 8.71 3.44 40.22
N TYR B 481 7.93 2.60 39.53
CA TYR B 481 8.04 1.17 39.78
C TYR B 481 9.43 0.66 39.46
N LEU B 482 10.00 1.09 38.33
CA LEU B 482 11.34 0.66 37.96
C LEU B 482 12.40 1.25 38.88
N ALA B 483 12.18 2.47 39.38
CA ALA B 483 13.10 3.02 40.39
C ALA B 483 13.11 2.15 41.64
N SER B 484 11.94 1.70 42.09
CA SER B 484 11.89 0.79 43.22
C SER B 484 12.61 -0.52 42.91
N GLN B 485 12.42 -1.04 41.68
CA GLN B 485 13.11 -2.26 41.28
C GLN B 485 14.63 -2.07 41.39
N VAL B 486 15.14 -0.96 40.86
CA VAL B 486 16.57 -0.69 40.92
C VAL B 486 17.04 -0.61 42.36
N SER B 487 16.30 0.13 43.18
CA SER B 487 16.72 0.32 44.56
C SER B 487 16.80 -1.00 45.30
N GLU B 488 15.80 -1.87 45.11
CA GLU B 488 15.80 -3.15 45.81
C GLU B 488 16.89 -4.07 45.31
N ASN B 489 17.01 -4.20 43.98
CA ASN B 489 17.90 -5.21 43.42
C ASN B 489 19.36 -4.86 43.64
N CYS B 490 19.71 -3.57 43.55
CA CYS B 490 21.09 -3.12 43.71
C CYS B 490 21.49 -2.93 45.16
N GLN B 491 20.56 -3.10 46.09
CA GLN B 491 20.85 -2.87 47.49
C GLN B 491 21.75 -3.96 48.06
N GLY B 492 22.82 -3.52 48.71
CA GLY B 492 23.75 -4.40 49.37
C GLY B 492 24.60 -5.23 48.43
N SER B 493 24.96 -4.69 47.27
CA SER B 493 25.77 -5.44 46.31
C SER B 493 26.55 -4.49 45.43
N LEU B 494 27.89 -4.57 45.50
CA LEU B 494 28.74 -3.75 44.66
C LEU B 494 28.77 -4.28 43.23
N SER B 495 28.74 -5.61 43.08
CA SER B 495 28.62 -6.21 41.76
C SER B 495 27.35 -5.77 41.06
N LYS B 496 26.21 -5.87 41.75
CA LYS B 496 24.94 -5.50 41.12
C LYS B 496 24.87 -4.00 40.85
N PHE B 497 25.53 -3.19 41.69
CA PHE B 497 25.60 -1.76 41.40
C PHE B 497 26.31 -1.52 40.08
N LEU B 498 27.48 -2.13 39.90
CA LEU B 498 28.19 -1.97 38.62
C LEU B 498 27.38 -2.54 37.47
N GLN B 499 26.61 -3.59 37.73
CA GLN B 499 25.72 -4.17 36.72
C GLN B 499 24.70 -3.16 36.24
N MET B 500 23.81 -2.75 37.14
CA MET B 500 22.91 -1.63 36.87
C MET B 500 23.64 -0.57 36.04
N LEU B 501 24.70 -0.02 36.62
CA LEU B 501 25.43 1.06 35.95
C LEU B 501 25.79 0.68 34.52
N LEU B 502 26.38 -0.50 34.32
CA LEU B 502 26.88 -0.77 32.98
C LEU B 502 25.75 -1.26 32.08
N VAL B 503 25.24 -2.44 32.35
CA VAL B 503 24.31 -3.07 31.43
C VAL B 503 23.09 -2.17 31.22
N GLY B 504 22.45 -1.71 32.30
CA GLY B 504 21.22 -0.96 32.14
C GLY B 504 21.44 0.41 31.53
N CYS B 505 22.19 1.28 32.23
CA CYS B 505 22.36 2.64 31.75
C CYS B 505 23.18 2.69 30.46
N GLY B 506 24.34 2.02 30.43
CA GLY B 506 25.15 2.01 29.23
C GLY B 506 24.40 1.45 28.03
N SER B 507 23.55 0.47 28.28
CA SER B 507 22.77 -0.14 27.21
C SER B 507 21.86 0.88 26.55
N VAL B 508 21.72 2.04 27.19
CA VAL B 508 20.88 3.11 26.68
C VAL B 508 21.72 4.23 26.08
N SER B 509 22.82 4.55 26.76
CA SER B 509 23.71 5.61 26.30
C SER B 509 24.45 5.20 25.03
N ILE B 510 25.05 4.01 25.05
CA ILE B 510 25.79 3.50 23.91
C ILE B 510 24.92 3.50 22.66
N PHE B 511 23.67 3.11 22.81
CA PHE B 511 22.72 3.07 21.69
C PHE B 511 22.53 4.46 21.08
N ASN B 512 22.37 5.48 21.93
CA ASN B 512 22.18 6.82 21.40
C ASN B 512 23.34 7.26 20.51
N GLN B 513 24.54 7.21 21.03
CA GLN B 513 25.62 7.96 20.41
C GLN B 513 26.30 7.19 19.29
N PHE B 514 26.09 5.88 19.21
CA PHE B 514 26.82 5.04 18.27
C PHE B 514 25.93 4.17 17.41
N VAL B 515 24.63 4.12 17.65
CA VAL B 515 23.74 3.25 16.87
C VAL B 515 22.55 4.01 16.27
N THR B 516 22.24 5.21 16.75
CA THR B 516 21.11 5.96 16.21
C THR B 516 21.40 6.55 14.84
N GLU B 517 22.66 6.67 14.46
CA GLU B 517 23.00 7.26 13.16
C GLU B 517 22.47 6.43 12.00
N LEU B 518 22.08 5.17 12.25
CA LEU B 518 21.53 4.32 11.21
C LEU B 518 20.06 4.62 10.97
N ALA B 519 19.24 4.53 12.01
CA ALA B 519 17.82 4.79 11.90
C ALA B 519 17.51 6.24 12.23
N ASP B 524 11.81 5.38 9.58
CA ASP B 524 10.81 4.34 9.72
C ASP B 524 10.82 3.79 11.14
N ARG B 525 9.64 3.35 11.62
CA ARG B 525 9.52 2.78 12.95
C ARG B 525 9.74 1.27 12.94
N GLU B 526 9.28 0.61 11.88
CA GLU B 526 9.51 -0.82 11.71
C GLU B 526 11.00 -1.14 11.66
N LYS B 527 11.77 -0.33 10.93
CA LYS B 527 13.21 -0.51 10.89
C LYS B 527 13.85 -0.14 12.23
N PHE B 528 13.35 0.91 12.87
CA PHE B 528 13.98 1.39 14.10
C PHE B 528 13.87 0.36 15.20
N GLU B 529 12.69 -0.20 15.43
CA GLU B 529 12.57 -1.26 16.44
C GLU B 529 13.45 -2.46 16.11
N GLN B 530 13.55 -2.85 14.83
CA GLN B 530 14.38 -4.01 14.53
C GLN B 530 15.84 -3.73 14.77
N LEU B 531 16.28 -2.51 14.49
CA LEU B 531 17.63 -2.15 14.89
C LEU B 531 17.79 -2.29 16.40
N ILE B 532 16.79 -1.84 17.15
CA ILE B 532 16.82 -2.05 18.60
C ILE B 532 16.87 -3.53 18.92
N SER B 533 16.04 -4.33 18.24
CA SER B 533 15.95 -5.75 18.57
C SER B 533 17.31 -6.43 18.50
N GLU B 534 18.08 -6.20 17.44
CA GLU B 534 19.44 -6.73 17.38
C GLU B 534 20.33 -6.06 18.42
N TYR B 535 20.22 -4.74 18.58
CA TYR B 535 21.04 -4.09 19.58
C TYR B 535 20.84 -4.73 20.95
N VAL B 536 19.60 -5.07 21.30
CA VAL B 536 19.38 -5.90 22.48
C VAL B 536 20.06 -7.25 22.33
N ALA B 537 19.76 -7.97 21.24
CA ALA B 537 20.22 -9.34 21.10
C ALA B 537 21.75 -9.42 21.13
N TYR B 538 22.41 -8.50 20.41
CA TYR B 538 23.87 -8.49 20.40
C TYR B 538 24.43 -8.02 21.73
N MET B 539 23.83 -6.99 22.31
CA MET B 539 24.27 -6.46 23.59
C MET B 539 24.07 -7.46 24.72
N SER B 540 23.22 -8.48 24.51
CA SER B 540 22.82 -9.45 25.54
C SER B 540 21.92 -8.82 26.61
N VAL B 541 21.31 -7.68 26.29
CA VAL B 541 20.50 -6.97 27.27
C VAL B 541 19.30 -7.83 27.63
N GLY B 542 19.16 -8.14 28.92
CA GLY B 542 18.15 -9.05 29.41
C GLY B 542 18.65 -10.46 29.64
N ARG B 543 19.77 -10.84 29.02
CA ARG B 543 20.30 -12.19 29.13
C ARG B 543 21.82 -12.21 29.20
N ILE B 544 22.42 -11.18 29.81
CA ILE B 544 23.88 -11.13 29.89
C ILE B 544 24.39 -12.31 30.71
N GLU B 545 25.54 -12.84 30.33
CA GLU B 545 26.22 -13.81 31.19
C GLU B 545 27.00 -13.09 32.27
N SER B 546 27.79 -12.11 31.85
CA SER B 546 28.75 -11.44 32.70
C SER B 546 28.87 -10.00 32.23
N ALA B 547 29.31 -9.15 33.16
CA ALA B 547 29.48 -7.74 32.84
C ALA B 547 30.59 -7.53 31.80
N SER B 548 31.66 -8.32 31.90
CA SER B 548 32.74 -8.21 30.92
C SER B 548 32.25 -8.56 29.52
N HIS B 549 31.31 -9.51 29.40
CA HIS B 549 30.77 -9.86 28.10
C HIS B 549 30.07 -8.65 27.46
N TRP B 550 29.29 -7.91 28.25
CA TRP B 550 28.65 -6.71 27.74
C TRP B 550 29.69 -5.70 27.29
N ALA B 551 30.72 -5.50 28.10
CA ALA B 551 31.74 -4.53 27.78
C ALA B 551 32.52 -4.94 26.53
N ASN B 552 32.76 -6.25 26.35
CA ASN B 552 33.39 -6.72 25.12
C ASN B 552 32.55 -6.37 23.89
N ARG B 553 31.24 -6.59 23.98
CA ARG B 553 30.35 -6.23 22.89
C ARG B 553 30.23 -4.72 22.73
N CYS B 554 30.34 -3.99 23.83
CA CYS B 554 30.30 -2.53 23.75
C CYS B 554 31.50 -1.99 22.99
N CYS B 555 32.65 -2.67 23.05
CA CYS B 555 33.82 -2.21 22.31
C CYS B 555 33.55 -2.19 20.81
N ALA B 556 32.92 -3.26 20.30
CA ALA B 556 32.61 -3.30 18.88
C ALA B 556 31.65 -2.20 18.48
N VAL B 557 30.59 -1.99 19.27
CA VAL B 557 29.59 -0.99 18.93
C VAL B 557 30.22 0.40 18.87
N VAL B 558 31.05 0.73 19.86
CA VAL B 558 31.67 2.05 19.89
C VAL B 558 32.66 2.21 18.75
N ALA B 559 33.23 1.11 18.25
CA ALA B 559 34.36 1.18 17.34
C ALA B 559 33.97 1.13 15.87
N ASN B 560 32.70 1.32 15.53
CA ASN B 560 32.27 1.32 14.13
C ASN B 560 31.54 2.61 13.78
N SER B 561 32.10 3.77 14.16
CA SER B 561 31.49 5.05 13.83
C SER B 561 32.47 6.23 13.81
N PRO B 562 33.33 6.40 14.83
CA PRO B 562 34.11 7.65 14.91
C PRO B 562 34.90 7.94 13.64
N ASN B 563 35.34 9.19 13.57
CA ASN B 563 35.94 9.76 12.36
C ASN B 563 36.93 10.84 12.81
N ASP B 564 37.26 11.76 11.90
CA ASP B 564 38.14 12.88 12.22
C ASP B 564 39.56 12.41 12.56
N GLU B 565 40.23 11.92 11.51
CA GLU B 565 41.63 11.48 11.47
C GLU B 565 41.78 10.04 11.97
N LYS B 566 40.69 9.40 12.41
CA LYS B 566 40.66 7.95 12.56
C LYS B 566 41.70 7.47 13.56
N ILE B 567 41.80 8.17 14.68
CA ILE B 567 42.66 7.75 15.77
C ILE B 567 41.95 6.65 16.56
N GLY B 568 42.76 5.81 17.22
CA GLY B 568 42.23 4.79 18.11
C GLY B 568 41.94 5.30 19.51
N VAL B 569 41.59 6.57 19.65
CA VAL B 569 41.21 7.14 20.93
C VAL B 569 39.70 7.37 20.90
N PHE B 570 38.96 6.37 21.33
CA PHE B 570 37.50 6.38 21.28
C PHE B 570 36.95 6.90 22.61
N LEU B 571 35.67 6.68 22.87
CA LEU B 571 35.01 7.26 24.05
C LEU B 571 35.79 7.01 25.34
N GLY B 572 35.93 5.74 25.72
CA GLY B 572 36.57 5.42 26.99
C GLY B 572 37.65 4.36 26.86
N MET B 573 38.41 4.41 25.78
CA MET B 573 39.22 3.27 25.37
C MET B 573 40.38 3.74 24.52
N VAL B 574 41.33 2.84 24.28
CA VAL B 574 42.37 3.06 23.29
C VAL B 574 42.51 1.80 22.46
N GLN B 575 42.51 1.96 21.14
CA GLN B 575 42.71 0.85 20.21
C GLN B 575 44.21 0.72 19.97
N LEU B 576 44.81 -0.30 20.54
CA LEU B 576 46.25 -0.46 20.46
C LEU B 576 46.64 -1.22 19.19
N ASN B 577 47.75 -0.79 18.59
CA ASN B 577 48.28 -1.50 17.45
C ASN B 577 48.80 -2.86 17.89
N ARG B 578 48.52 -3.88 17.08
CA ARG B 578 49.01 -5.22 17.36
C ARG B 578 49.93 -5.79 16.29
N LYS B 579 50.22 -5.05 15.23
CA LYS B 579 51.18 -5.49 14.22
C LYS B 579 52.38 -4.55 14.23
N SER B 580 53.58 -5.10 14.40
CA SER B 580 54.77 -4.28 14.45
C SER B 580 55.25 -3.93 13.05
N ARG B 581 54.35 -3.39 12.22
CA ARG B 581 54.70 -2.97 10.87
C ARG B 581 54.32 -1.49 10.73
N GLN B 582 55.22 -0.63 11.22
CA GLN B 582 55.07 0.82 11.12
C GLN B 582 56.35 1.47 11.63
N ASN B 583 56.87 2.48 10.93
CA ASN B 583 58.18 3.06 11.24
C ASN B 583 58.07 4.12 12.33
N MET B 584 58.60 3.79 13.53
CA MET B 584 58.44 4.68 14.70
C MET B 584 59.57 5.68 14.89
N PRO B 585 59.21 6.88 15.30
CA PRO B 585 60.11 7.74 16.06
C PRO B 585 60.27 7.21 17.47
N GLU B 586 61.44 7.49 18.05
CA GLU B 586 61.71 7.22 19.45
C GLU B 586 61.47 5.75 19.86
N GLY B 587 61.03 5.54 21.10
CA GLY B 587 60.89 4.22 21.66
C GLY B 587 59.52 3.63 21.48
N TYR B 588 58.70 4.26 20.65
CA TYR B 588 57.35 3.75 20.40
C TYR B 588 57.42 2.38 19.75
N LYS B 589 56.52 1.50 20.16
CA LYS B 589 56.53 0.11 19.76
C LYS B 589 55.16 -0.46 20.10
N LYS B 590 55.08 -1.78 20.16
CA LYS B 590 53.80 -2.42 20.32
C LYS B 590 53.30 -2.31 21.74
N PHE B 591 52.21 -3.02 22.01
CA PHE B 591 51.83 -3.40 23.35
C PHE B 591 52.07 -4.89 23.51
N ASN B 592 52.70 -5.26 24.64
CA ASN B 592 52.94 -6.65 24.98
C ASN B 592 52.50 -6.88 26.41
N ILE B 593 51.73 -7.94 26.63
CA ILE B 593 51.28 -8.30 27.97
C ILE B 593 52.36 -8.99 28.78
N ASP B 594 53.37 -9.58 28.13
CA ASP B 594 54.37 -10.36 28.85
C ASP B 594 55.35 -9.46 29.63
N THR B 595 55.64 -8.27 29.13
CA THR B 595 56.55 -7.39 29.87
C THR B 595 55.90 -6.81 31.12
N GLU B 596 54.59 -6.99 31.29
CA GLU B 596 53.89 -6.53 32.49
C GLU B 596 53.64 -7.70 33.43
N ASN B 597 53.61 -7.38 34.72
CA ASN B 597 54.03 -8.32 35.76
C ASN B 597 53.03 -8.29 36.92
N GLY B 598 52.75 -9.45 37.48
CA GLY B 598 51.92 -9.47 38.68
C GLY B 598 50.58 -8.78 38.47
N LEU B 599 50.23 -7.91 39.42
CA LEU B 599 48.93 -7.23 39.37
C LEU B 599 48.85 -6.29 38.18
N ALA B 600 49.95 -5.61 37.85
CA ALA B 600 49.93 -4.70 36.70
C ALA B 600 49.48 -5.44 35.45
N LYS B 601 50.00 -6.66 35.26
CA LYS B 601 49.55 -7.48 34.15
C LYS B 601 48.09 -7.86 34.28
N ALA B 602 47.70 -8.29 35.47
CA ALA B 602 46.31 -8.71 35.71
C ALA B 602 45.35 -7.55 35.51
N ALA B 603 45.69 -6.38 36.06
CA ALA B 603 44.88 -5.19 35.83
C ALA B 603 44.87 -4.84 34.35
N MET B 604 46.03 -4.90 33.71
CA MET B 604 46.11 -4.54 32.30
C MET B 604 45.33 -5.52 31.44
N ALA B 605 45.50 -6.82 31.68
CA ALA B 605 44.87 -7.81 30.82
C ALA B 605 43.35 -7.81 30.97
N SER B 606 42.82 -7.36 32.10
CA SER B 606 41.37 -7.31 32.24
C SER B 606 40.75 -6.39 31.20
N SER B 607 41.43 -5.31 30.86
CA SER B 607 40.92 -4.32 29.93
C SER B 607 41.14 -4.70 28.47
N LEU B 608 41.88 -5.77 28.20
CA LEU B 608 42.09 -6.20 26.83
C LEU B 608 40.78 -6.65 26.21
N SER B 609 40.55 -6.21 24.97
CA SER B 609 39.34 -6.56 24.23
C SER B 609 39.68 -6.76 22.77
N THR B 610 39.29 -7.91 22.22
CA THR B 610 39.53 -8.24 20.82
C THR B 610 38.20 -8.29 20.09
N VAL B 611 38.13 -7.63 18.95
CA VAL B 611 36.93 -7.57 18.13
C VAL B 611 37.26 -8.15 16.76
N ALA B 612 36.45 -9.09 16.30
CA ALA B 612 36.80 -9.98 15.19
C ALA B 612 36.10 -9.62 13.89
N SER B 613 35.96 -8.34 13.57
CA SER B 613 35.29 -8.00 12.31
C SER B 613 36.05 -8.56 11.12
N ASN B 614 37.22 -7.99 10.85
CA ASN B 614 38.14 -8.54 9.85
C ASN B 614 39.60 -8.48 10.26
N ASN B 615 40.00 -7.60 11.19
CA ASN B 615 41.39 -7.39 11.55
C ASN B 615 41.74 -7.87 12.95
N LEU B 616 40.74 -8.26 13.74
CA LEU B 616 40.96 -8.79 15.10
C LEU B 616 41.81 -7.85 15.95
N MET B 617 41.43 -6.57 15.99
CA MET B 617 42.25 -5.61 16.72
C MET B 617 42.24 -5.98 18.20
N ASP B 618 42.84 -5.10 19.00
CA ASP B 618 42.85 -5.23 20.44
C ASP B 618 42.60 -3.86 21.07
N PHE B 619 41.55 -3.77 21.89
CA PHE B 619 41.23 -2.53 22.57
C PHE B 619 41.53 -2.67 24.06
N CYS B 620 42.13 -1.63 24.62
CA CYS B 620 42.30 -1.49 26.06
C CYS B 620 41.22 -0.53 26.54
N SER B 621 40.16 -1.07 27.12
CA SER B 621 38.93 -0.31 27.36
C SER B 621 38.59 -0.26 28.84
N VAL B 622 38.23 0.94 29.29
CA VAL B 622 37.81 1.15 30.68
C VAL B 622 36.53 0.38 31.02
N PHE B 623 35.62 0.23 30.07
CA PHE B 623 34.37 -0.50 30.34
C PHE B 623 34.66 -1.95 30.73
N ASN B 624 35.55 -2.59 30.00
CA ASN B 624 35.89 -3.98 30.25
C ASN B 624 36.60 -4.13 31.60
N LEU B 625 37.36 -3.12 31.99
CA LEU B 625 37.92 -3.08 33.34
C LEU B 625 36.84 -2.93 34.38
N ILE B 626 35.86 -2.06 34.15
CA ILE B 626 34.72 -1.96 35.04
C ILE B 626 33.93 -3.27 35.02
N GLY B 627 33.73 -3.84 33.83
CA GLY B 627 33.08 -5.14 33.75
C GLY B 627 33.85 -6.23 34.49
N ALA B 628 35.19 -6.16 34.44
CA ALA B 628 36.00 -7.11 35.19
C ALA B 628 35.76 -6.96 36.70
N ILE B 629 35.75 -5.72 37.20
CA ILE B 629 35.52 -5.51 38.62
C ILE B 629 34.18 -6.10 39.05
N ALA B 630 33.15 -5.90 38.24
CA ALA B 630 31.84 -6.44 38.57
C ALA B 630 31.89 -7.95 38.68
N ASP B 631 32.68 -8.60 37.82
CA ASP B 631 32.76 -10.06 37.79
C ASP B 631 33.58 -10.66 38.94
N ILE B 632 34.48 -9.91 39.57
CA ILE B 632 35.15 -10.39 40.77
C ILE B 632 34.66 -9.65 42.01
N SER B 633 33.39 -9.25 42.02
CA SER B 633 32.81 -8.62 43.19
C SER B 633 31.80 -9.51 43.89
N ALA B 634 31.25 -10.50 43.21
CA ALA B 634 30.22 -11.35 43.78
C ALA B 634 30.47 -12.79 43.38
N CYS B 635 31.74 -13.20 43.36
CA CYS B 635 32.04 -14.59 43.08
C CYS B 635 31.76 -15.39 44.35
N ARG B 636 32.58 -15.21 45.38
CA ARG B 636 32.33 -15.91 46.65
C ARG B 636 33.49 -15.69 47.62
N CYS B 637 33.39 -16.37 48.76
CA CYS B 637 34.46 -16.39 49.76
C CYS B 637 35.69 -17.19 49.31
N GLU B 638 35.61 -17.99 48.24
CA GLU B 638 36.71 -18.89 47.94
C GLU B 638 37.90 -18.10 47.40
N ARG B 639 39.09 -18.70 47.49
CA ARG B 639 40.22 -18.17 46.72
C ARG B 639 40.29 -18.83 45.35
N SER B 640 39.90 -20.09 45.25
CA SER B 640 39.91 -20.78 43.96
C SER B 640 38.89 -20.18 42.99
N ALA B 641 37.71 -19.83 43.50
CA ALA B 641 36.69 -19.22 42.64
C ALA B 641 37.16 -17.88 42.09
N ILE B 642 37.92 -17.12 42.86
CA ILE B 642 38.52 -15.89 42.34
C ILE B 642 39.52 -16.23 41.24
N THR B 643 40.19 -17.37 41.36
CA THR B 643 41.23 -17.74 40.39
C THR B 643 40.65 -17.83 38.98
N ASN B 644 39.60 -18.64 38.81
CA ASN B 644 38.99 -18.76 37.49
C ASN B 644 38.18 -17.53 37.13
N ALA B 645 37.70 -16.77 38.13
CA ALA B 645 37.09 -15.48 37.84
C ALA B 645 38.07 -14.58 37.11
N PHE B 646 39.33 -14.57 37.54
CA PHE B 646 40.38 -13.92 36.77
C PHE B 646 40.48 -14.51 35.38
N ASN B 647 40.62 -15.83 35.29
CA ASN B 647 40.90 -16.47 34.01
C ASN B 647 39.82 -16.19 32.98
N LYS B 648 38.60 -15.87 33.42
CA LYS B 648 37.54 -15.51 32.48
C LYS B 648 37.75 -14.12 31.89
N VAL B 649 38.19 -13.17 32.71
CA VAL B 649 38.33 -11.79 32.28
C VAL B 649 39.77 -11.55 31.83
N ILE B 650 40.71 -12.32 32.40
CA ILE B 650 42.10 -12.17 32.00
C ILE B 650 42.29 -12.66 30.57
N ALA B 651 41.65 -13.77 30.24
CA ALA B 651 41.86 -14.43 28.96
C ALA B 651 41.42 -13.53 27.82
N GLN B 652 42.08 -13.70 26.68
CA GLN B 652 41.73 -12.94 25.48
C GLN B 652 40.27 -13.17 25.14
N THR B 653 39.45 -12.13 25.32
CA THR B 653 38.03 -12.19 25.02
C THR B 653 37.81 -11.62 23.63
N THR B 654 37.23 -12.43 22.75
CA THR B 654 37.11 -12.10 21.34
C THR B 654 35.64 -12.16 20.93
N CYS B 655 35.18 -11.15 20.20
CA CYS B 655 33.78 -11.07 19.84
C CYS B 655 33.64 -10.44 18.46
N ILE B 656 32.44 -10.56 17.89
CA ILE B 656 32.18 -10.13 16.53
C ILE B 656 31.63 -8.71 16.57
N VAL B 657 31.78 -7.97 15.48
CA VAL B 657 31.09 -6.69 15.36
C VAL B 657 29.61 -6.95 15.17
N PRO B 658 28.73 -6.08 15.66
CA PRO B 658 27.29 -6.28 15.46
C PRO B 658 26.91 -6.50 14.02
N PRO B 659 25.69 -6.99 13.74
CA PRO B 659 25.20 -7.13 12.34
C PRO B 659 24.65 -5.78 11.82
N TRP B 660 25.34 -4.68 12.11
CA TRP B 660 25.00 -3.41 11.50
C TRP B 660 26.19 -2.53 11.15
N SER B 661 27.42 -3.03 11.16
CA SER B 661 28.55 -2.17 10.81
C SER B 661 28.74 -2.17 9.29
N THR B 704 51.15 -18.92 40.24
CA THR B 704 52.39 -18.98 39.46
C THR B 704 52.97 -17.58 39.27
N GLU B 705 52.33 -16.79 38.39
CA GLU B 705 52.75 -15.43 38.12
C GLU B 705 51.74 -14.39 38.58
N PHE B 706 50.57 -14.81 39.05
CA PHE B 706 49.55 -13.91 39.57
C PHE B 706 49.28 -14.17 41.05
N SER B 707 50.23 -14.80 41.75
CA SER B 707 49.94 -15.34 43.08
C SER B 707 49.54 -14.24 44.06
N ASP B 708 50.36 -13.19 44.17
CA ASP B 708 50.09 -12.17 45.18
C ASP B 708 48.89 -11.32 44.81
N ALA B 709 48.69 -11.06 43.51
CA ALA B 709 47.56 -10.24 43.08
C ALA B 709 46.24 -10.88 43.48
N ILE B 710 46.17 -12.22 43.47
CA ILE B 710 44.92 -12.90 43.80
C ILE B 710 44.59 -12.75 45.28
N THR B 711 45.57 -12.94 46.17
CA THR B 711 45.34 -12.71 47.59
C THR B 711 44.78 -11.31 47.82
N LYS B 712 45.27 -10.35 47.04
CA LYS B 712 44.89 -8.95 47.14
C LYS B 712 43.44 -8.74 46.70
N VAL B 713 43.09 -9.29 45.54
CA VAL B 713 41.70 -9.32 45.13
C VAL B 713 40.86 -10.13 46.10
N GLU B 714 41.40 -11.24 46.59
CA GLU B 714 40.76 -11.94 47.69
C GLU B 714 40.65 -11.02 48.91
N GLN B 715 41.71 -10.29 49.21
CA GLN B 715 41.67 -9.21 50.23
C GLN B 715 40.49 -8.29 50.00
N TRP B 716 40.53 -7.56 48.88
CA TRP B 716 39.61 -6.45 48.66
C TRP B 716 38.18 -6.95 48.54
N LEU B 717 38.01 -8.18 48.03
CA LEU B 717 36.68 -8.75 47.91
C LEU B 717 36.05 -8.94 49.29
N LYS B 718 36.81 -9.51 50.23
CA LYS B 718 36.35 -9.57 51.61
C LYS B 718 36.01 -8.19 52.15
N ASN B 719 36.89 -7.22 51.94
CA ASN B 719 36.62 -5.84 52.31
C ASN B 719 35.29 -5.38 51.73
N VAL B 720 35.03 -5.69 50.47
CA VAL B 720 33.75 -5.34 49.85
C VAL B 720 32.61 -6.11 50.53
N ASN B 721 32.87 -7.38 50.84
CA ASN B 721 31.82 -8.28 51.30
C ASN B 721 31.21 -7.82 52.64
N GLU B 722 32.04 -7.39 53.58
CA GLU B 722 31.55 -6.99 54.91
C GLU B 722 30.61 -5.79 54.85
N ILE B 723 30.82 -4.91 53.87
CA ILE B 723 30.45 -3.49 53.99
C ILE B 723 29.78 -2.96 52.72
N GLU B 724 29.77 -3.74 51.64
CA GLU B 724 28.86 -3.52 50.52
C GLU B 724 27.40 -3.69 50.90
N ILE B 725 27.11 -4.40 51.98
CA ILE B 725 25.72 -4.67 52.34
C ILE B 725 25.06 -3.38 52.79
N GLY B 726 25.88 -2.40 53.17
CA GLY B 726 25.38 -1.11 53.63
C GLY B 726 25.39 -0.06 52.53
N ILE B 727 24.85 -0.42 51.36
CA ILE B 727 24.79 0.50 50.23
C ILE B 727 23.41 0.50 49.60
N ARG B 728 22.74 1.64 49.65
CA ARG B 728 21.40 1.77 49.07
C ARG B 728 21.37 2.84 47.99
N PRO B 729 21.70 2.46 46.75
CA PRO B 729 21.71 3.37 45.61
C PRO B 729 20.33 3.53 44.99
N SER B 730 20.18 4.63 44.26
CA SER B 730 18.94 4.95 43.58
C SER B 730 19.20 5.03 42.08
N ALA B 731 18.12 4.93 41.31
CA ALA B 731 18.24 5.20 39.88
C ALA B 731 18.80 6.60 39.64
N LEU B 732 18.54 7.53 40.57
CA LEU B 732 19.11 8.87 40.48
C LEU B 732 20.62 8.84 40.65
N LEU B 733 21.10 8.20 41.71
CA LEU B 733 22.54 8.14 41.96
C LEU B 733 23.24 7.39 40.84
N ILE B 734 22.73 6.20 40.49
CA ILE B 734 23.37 5.39 39.47
C ILE B 734 23.35 6.11 38.13
N GLY B 735 22.22 6.74 37.80
CA GLY B 735 22.16 7.52 36.57
C GLY B 735 23.08 8.71 36.58
N LYS B 736 23.18 9.40 37.73
CA LYS B 736 24.02 10.59 37.80
C LYS B 736 25.50 10.25 37.89
N VAL B 737 25.85 9.15 38.56
CA VAL B 737 27.23 8.68 38.52
C VAL B 737 27.64 8.40 37.08
N TRP B 738 26.74 7.77 36.31
CA TRP B 738 27.02 7.52 34.91
C TRP B 738 27.13 8.81 34.12
N SER B 739 26.28 9.80 34.44
CA SER B 739 26.28 11.06 33.70
C SER B 739 27.61 11.80 33.83
N ARG B 740 28.06 12.05 35.07
CA ARG B 740 29.42 12.54 35.28
C ARG B 740 30.46 11.66 34.60
N PHE B 741 30.42 10.35 34.87
CA PHE B 741 31.42 9.46 34.31
C PHE B 741 31.41 9.53 32.79
N TYR B 742 30.22 9.42 32.19
CA TYR B 742 30.12 9.47 30.73
C TYR B 742 30.56 10.81 30.18
N PHE B 743 30.30 11.91 30.92
CA PHE B 743 30.73 13.22 30.43
C PHE B 743 32.22 13.39 30.57
N ASN B 744 32.74 13.15 31.77
CA ASN B 744 34.18 13.20 31.97
C ASN B 744 34.89 12.38 30.91
N LEU B 745 34.23 11.34 30.41
CA LEU B 745 34.87 10.45 29.45
C LEU B 745 35.15 11.14 28.12
N ASN B 746 34.24 12.00 27.65
CA ASN B 746 34.44 12.65 26.35
C ASN B 746 35.42 13.83 26.44
N ASN B 747 35.54 14.45 27.60
CA ASN B 747 36.59 15.45 27.76
C ASN B 747 37.97 14.81 27.67
N VAL B 748 38.12 13.61 28.24
CA VAL B 748 39.37 12.89 28.08
C VAL B 748 39.56 12.44 26.64
N ALA B 749 38.48 12.08 25.95
CA ALA B 749 38.58 11.63 24.57
C ALA B 749 38.91 12.76 23.60
N ASP B 750 38.90 14.01 24.05
CA ASP B 750 39.21 15.14 23.17
C ASP B 750 40.45 15.89 23.60
N GLN B 751 40.58 16.22 24.90
CA GLN B 751 41.75 16.95 25.37
C GLN B 751 43.02 16.14 25.16
N HIS B 752 42.99 14.87 25.53
CA HIS B 752 44.14 14.00 25.35
C HIS B 752 44.25 13.46 23.93
N LYS B 753 43.22 13.60 23.10
CA LYS B 753 43.35 13.16 21.71
C LYS B 753 44.46 13.91 20.99
N THR B 754 44.48 15.24 21.10
CA THR B 754 45.31 16.10 20.26
C THR B 754 46.62 16.46 20.96
N ARG B 755 47.15 15.50 21.74
CA ARG B 755 48.36 15.71 22.52
C ARG B 755 49.30 14.50 22.40
N LEU B 756 49.16 13.70 21.36
CA LEU B 756 49.97 12.50 21.16
C LEU B 756 51.14 12.88 20.27
N TYR B 757 52.19 13.43 20.89
CA TYR B 757 53.40 13.82 20.22
C TYR B 757 54.42 12.68 20.28
N ARG B 758 55.53 12.83 19.57
CA ARG B 758 56.55 11.79 19.58
C ARG B 758 57.24 11.74 20.94
N ASN B 759 57.44 12.90 21.56
CA ASN B 759 58.02 13.01 22.89
C ASN B 759 56.96 13.26 23.97
N ALA B 760 55.68 13.23 23.61
CA ALA B 760 54.64 13.34 24.63
C ALA B 760 54.72 12.21 25.65
N GLU B 761 55.37 11.11 25.29
CA GLU B 761 55.57 10.03 26.23
C GLU B 761 56.39 10.52 27.42
N HIS B 762 56.38 9.71 28.48
CA HIS B 762 56.84 10.08 29.82
C HIS B 762 55.83 10.99 30.50
N GLY B 763 54.81 11.45 29.75
CA GLY B 763 53.73 12.24 30.29
C GLY B 763 54.11 13.17 31.40
N ARG B 764 55.23 13.85 31.29
CA ARG B 764 55.73 14.58 32.44
C ARG B 764 54.96 15.83 32.74
N MET B 765 54.13 16.24 31.80
CA MET B 765 53.52 17.55 31.82
C MET B 765 51.99 17.50 31.52
N ALA B 766 51.35 18.66 31.72
CA ALA B 766 49.94 18.74 31.51
C ALA B 766 49.60 18.74 30.04
N SER B 767 50.43 19.20 29.15
CA SER B 767 50.06 19.24 27.74
C SER B 767 50.70 18.13 26.93
N GLN B 768 51.25 17.11 27.59
CA GLN B 768 51.76 15.90 26.94
C GLN B 768 50.90 14.72 27.38
N SER B 769 50.40 13.97 26.41
CA SER B 769 49.55 12.82 26.70
C SER B 769 49.97 11.62 25.86
N ASN B 770 49.68 10.44 26.38
CA ASN B 770 50.05 9.16 25.81
C ASN B 770 48.93 8.16 26.08
N ALA B 771 49.17 6.90 25.74
CA ALA B 771 48.17 5.87 25.99
C ALA B 771 48.00 5.56 27.47
N ALA B 772 49.01 5.85 28.29
CA ALA B 772 48.90 5.65 29.73
C ALA B 772 48.15 6.78 30.43
N LYS B 773 48.37 8.03 30.01
CA LYS B 773 47.68 9.15 30.63
C LYS B 773 46.19 9.14 30.31
N ILE B 774 45.85 8.81 29.07
CA ILE B 774 44.44 8.75 28.68
C ILE B 774 43.71 7.76 29.57
N MET B 775 44.31 6.59 29.76
CA MET B 775 43.64 5.52 30.49
C MET B 775 43.55 5.86 31.97
N ARG B 776 44.62 6.43 32.53
CA ARG B 776 44.60 6.81 33.94
C ARG B 776 43.46 7.79 34.22
N PHE B 777 43.28 8.78 33.34
CA PHE B 777 42.23 9.76 33.59
C PHE B 777 40.85 9.18 33.31
N ASN B 778 40.76 8.20 32.41
CA ASN B 778 39.51 7.47 32.25
C ASN B 778 39.16 6.70 33.52
N VAL B 779 40.17 6.09 34.15
CA VAL B 779 39.93 5.46 35.44
C VAL B 779 39.64 6.51 36.51
N LEU B 780 40.39 7.60 36.51
CA LEU B 780 40.13 8.67 37.46
C LEU B 780 38.78 9.31 37.22
N ALA B 781 38.33 9.35 35.96
CA ALA B 781 37.00 9.89 35.66
C ALA B 781 35.93 9.05 36.33
N PHE B 782 36.07 7.72 36.28
CA PHE B 782 35.16 6.86 37.03
C PHE B 782 35.15 7.25 38.50
N LEU B 783 36.31 7.14 39.14
CA LEU B 783 36.36 7.26 40.60
C LEU B 783 35.88 8.63 41.05
N HIS B 784 36.20 9.67 40.28
CA HIS B 784 35.71 11.01 40.62
C HIS B 784 34.20 11.10 40.47
N ALA B 785 33.65 10.49 39.41
CA ALA B 785 32.21 10.51 39.22
C ALA B 785 31.49 9.84 40.38
N VAL B 786 32.01 8.69 40.84
CA VAL B 786 31.40 8.01 41.97
C VAL B 786 31.51 8.87 43.23
N LEU B 787 32.70 9.45 43.46
CA LEU B 787 32.91 10.22 44.68
C LEU B 787 31.96 11.41 44.76
N VAL B 788 31.77 12.11 43.65
CA VAL B 788 30.98 13.34 43.68
C VAL B 788 29.51 13.03 43.91
N GLU B 789 28.91 12.23 43.03
CA GLU B 789 27.48 11.96 43.13
C GLU B 789 27.15 11.23 44.42
N GLU B 790 28.03 10.31 44.84
CA GLU B 790 27.80 9.58 46.08
C GLU B 790 27.88 10.51 47.29
N SER B 791 28.70 11.56 47.21
CA SER B 791 28.66 12.60 48.24
C SER B 791 27.36 13.38 48.18
N LEU B 792 26.62 13.29 47.08
CA LEU B 792 25.40 14.06 46.86
C LEU B 792 24.13 13.23 46.95
N TYR B 793 24.14 12.00 46.42
CA TYR B 793 22.90 11.27 46.17
C TYR B 793 22.93 9.86 46.73
N HIS B 794 23.69 9.63 47.81
CA HIS B 794 23.71 8.34 48.49
C HIS B 794 22.99 8.46 49.82
N SER B 795 21.98 7.61 50.03
CA SER B 795 21.08 7.71 51.17
C SER B 795 21.68 7.12 52.45
N VAL B 796 23.00 6.91 52.48
CA VAL B 796 23.65 6.46 53.71
C VAL B 796 24.01 7.61 54.64
N SER B 797 24.14 8.83 54.10
CA SER B 797 24.44 10.02 54.88
C SER B 797 23.42 11.09 54.55
N ASP B 798 23.05 11.87 55.57
CA ASP B 798 21.98 12.84 55.38
C ASP B 798 22.43 13.98 54.47
N ARG B 799 23.73 14.26 54.43
CA ARG B 799 24.26 15.49 53.88
C ARG B 799 25.47 15.19 53.02
N GLU B 800 25.90 16.23 52.30
CA GLU B 800 27.18 16.23 51.58
C GLU B 800 28.34 16.63 52.49
N TYR B 801 29.47 15.98 52.24
CA TYR B 801 30.77 16.36 52.77
C TYR B 801 31.64 16.99 51.70
N ILE B 802 31.09 17.23 50.52
CA ILE B 802 31.86 17.73 49.38
C ILE B 802 31.88 19.24 49.31
N GLY B 803 30.86 19.92 49.85
CA GLY B 803 30.84 21.35 49.94
C GLY B 803 30.14 22.03 48.76
N GLU B 804 29.70 23.25 49.00
CA GLU B 804 29.06 24.08 47.97
C GLU B 804 30.17 24.75 47.15
N GLY B 805 30.52 24.12 46.04
CA GLY B 805 31.59 24.61 45.20
C GLY B 805 31.30 24.37 43.73
N LEU B 806 32.17 24.94 42.89
CA LEU B 806 32.09 24.77 41.44
C LEU B 806 32.73 23.43 41.08
N ARG B 807 31.97 22.58 40.39
CA ARG B 807 32.27 21.15 40.35
C ARG B 807 32.71 20.76 38.95
N LEU B 808 34.00 20.45 38.82
CA LEU B 808 34.61 20.04 37.56
C LEU B 808 35.13 18.62 37.65
N ASN B 809 35.54 18.12 36.51
CA ASN B 809 36.01 16.76 36.31
C ASN B 809 37.50 16.75 36.01
N PRO B 810 38.27 15.78 36.53
CA PRO B 810 39.69 15.72 36.17
C PRO B 810 39.88 15.21 34.75
N VAL B 811 40.30 16.08 33.85
CA VAL B 811 40.48 15.74 32.44
C VAL B 811 41.96 15.62 32.10
N THR B 812 42.73 16.68 32.30
CA THR B 812 44.16 16.68 31.98
C THR B 812 45.04 16.76 33.21
N SER B 813 44.45 16.86 34.41
CA SER B 813 45.23 16.89 35.65
C SER B 813 44.29 16.50 36.79
N VAL B 814 44.87 16.34 37.98
CA VAL B 814 44.12 15.84 39.12
C VAL B 814 43.83 16.96 40.11
N ASP B 815 43.76 18.19 39.62
CA ASP B 815 43.35 19.28 40.50
C ASP B 815 42.06 18.91 41.21
N GLU B 816 41.01 18.59 40.43
CA GLU B 816 39.68 18.41 40.99
C GLU B 816 39.58 17.15 41.86
N PHE B 817 40.29 16.09 41.50
CA PHE B 817 40.19 14.86 42.27
C PHE B 817 40.96 14.96 43.58
N GLU B 818 42.21 15.40 43.51
CA GLU B 818 43.00 15.66 44.72
C GLU B 818 42.18 16.46 45.71
N LYS B 819 41.36 17.37 45.18
CA LYS B 819 40.52 18.30 45.90
C LYS B 819 39.40 17.67 46.70
N LYS B 820 38.44 17.09 45.99
CA LYS B 820 37.19 16.71 46.61
C LYS B 820 37.40 15.63 47.66
N ILE B 821 38.21 14.61 47.34
CA ILE B 821 38.59 13.63 48.35
C ILE B 821 38.99 14.35 49.60
N LYS B 822 39.90 15.30 49.42
CA LYS B 822 40.50 16.01 50.52
C LYS B 822 39.51 16.85 51.31
N ILE B 823 38.75 17.71 50.64
CA ILE B 823 37.80 18.54 51.36
C ILE B 823 36.81 17.67 52.11
N ILE B 824 36.49 16.51 51.53
CA ILE B 824 35.72 15.50 52.25
C ILE B 824 36.58 14.86 53.34
N GLY B 825 37.89 14.75 53.09
CA GLY B 825 38.75 13.99 53.99
C GLY B 825 38.79 14.55 55.40
N GLU B 826 39.01 15.85 55.54
CA GLU B 826 39.12 16.43 56.88
C GLU B 826 37.80 16.96 57.40
N LYS B 827 36.74 16.94 56.59
CA LYS B 827 35.41 17.19 57.11
C LYS B 827 34.91 15.98 57.87
N LEU B 828 35.24 14.80 57.35
CA LEU B 828 34.85 13.53 57.95
C LEU B 828 35.30 13.47 59.41
N LYS B 829 36.42 14.12 59.71
CA LYS B 829 36.98 14.08 61.06
C LYS B 829 36.26 15.05 61.98
N ALA B 830 36.04 16.28 61.52
CA ALA B 830 35.24 17.21 62.32
C ALA B 830 33.82 16.70 62.51
N ASP B 831 33.36 15.86 61.60
CA ASP B 831 32.04 15.24 61.70
C ASP B 831 32.11 13.88 62.38
N ASN B 832 33.31 13.42 62.74
CA ASN B 832 33.52 12.10 63.33
C ASN B 832 32.91 11.00 62.46
N LYS B 833 33.31 10.99 61.19
CA LYS B 833 32.88 9.99 60.23
C LYS B 833 34.10 9.48 59.47
N THR B 834 33.97 8.30 58.89
CA THR B 834 35.03 7.70 58.08
C THR B 834 34.53 7.47 56.65
N TRP B 835 35.47 7.14 55.76
CA TRP B 835 35.16 6.78 54.39
C TRP B 835 34.35 5.50 54.30
N LYS B 836 34.28 4.74 55.39
CA LYS B 836 33.50 3.53 55.48
C LYS B 836 32.03 3.83 55.60
N ASN B 837 31.66 4.45 56.72
CA ASN B 837 30.26 4.70 57.03
C ASN B 837 29.63 5.59 55.96
N THR B 838 30.37 6.60 55.52
CA THR B 838 29.95 7.48 54.44
C THR B 838 30.86 7.29 53.24
N HIS B 839 30.28 7.38 52.07
CA HIS B 839 30.96 7.15 50.80
C HIS B 839 31.50 5.71 50.68
N PRO B 840 30.66 4.69 50.93
CA PRO B 840 31.14 3.31 50.78
C PRO B 840 31.60 2.96 49.38
N LEU B 841 30.77 3.22 48.36
CA LEU B 841 31.08 2.73 47.02
C LEU B 841 32.42 3.27 46.53
N PHE B 842 32.67 4.57 46.74
CA PHE B 842 33.95 5.13 46.33
C PHE B 842 35.10 4.48 47.09
N PHE B 843 34.91 4.25 48.38
CA PHE B 843 35.96 3.62 49.18
C PHE B 843 36.30 2.23 48.64
N LEU B 844 35.28 1.44 48.31
CA LEU B 844 35.53 0.11 47.78
C LEU B 844 36.21 0.18 46.42
N LEU B 845 35.78 1.13 45.58
CA LEU B 845 36.35 1.25 44.24
C LEU B 845 37.78 1.76 44.28
N ILE B 846 38.04 2.80 45.07
CA ILE B 846 39.40 3.32 45.17
C ILE B 846 40.35 2.31 45.79
N SER B 847 39.84 1.39 46.61
CA SER B 847 40.66 0.37 47.25
C SER B 847 40.81 -0.89 46.41
N CYS B 848 40.27 -0.90 45.20
CA CYS B 848 40.35 -2.10 44.36
C CYS B 848 41.77 -2.25 43.81
N PRO B 849 42.45 -3.37 44.07
CA PRO B 849 43.76 -3.58 43.44
C PRO B 849 43.72 -3.52 41.92
N ILE B 850 42.57 -3.84 41.31
CA ILE B 850 42.52 -3.82 39.85
C ILE B 850 42.77 -2.42 39.33
N LEU B 851 42.29 -1.40 40.04
CA LEU B 851 42.37 -0.03 39.59
C LEU B 851 43.72 0.62 39.87
N HIS B 852 44.41 0.19 40.93
CA HIS B 852 45.57 0.94 41.39
C HIS B 852 46.66 1.10 40.34
N PRO B 853 47.01 0.08 39.54
CA PRO B 853 48.07 0.29 38.54
C PRO B 853 47.77 1.42 37.56
N PHE B 854 46.50 1.68 37.26
CA PHE B 854 46.14 2.74 36.34
C PHE B 854 46.17 4.13 36.99
N ILE B 855 46.21 4.18 38.31
CA ILE B 855 46.11 5.46 39.03
C ILE B 855 47.40 6.25 38.86
N PHE B 856 48.54 5.59 39.05
CA PHE B 856 49.85 6.22 38.95
C PHE B 856 50.72 5.40 38.02
N PRO B 857 50.37 5.36 36.74
CA PRO B 857 51.18 4.62 35.77
C PRO B 857 52.42 5.40 35.36
N ILE B 858 53.39 4.67 34.81
CA ILE B 858 54.58 5.32 34.29
C ILE B 858 54.19 6.15 33.07
N GLY B 859 54.62 7.40 33.05
CA GLY B 859 54.26 8.29 31.95
C GLY B 859 52.86 8.84 32.01
N GLY B 860 52.15 8.67 33.13
CA GLY B 860 50.83 9.25 33.29
C GLY B 860 50.79 10.24 34.43
N ILE B 861 51.96 10.53 35.00
CA ILE B 861 52.10 11.39 36.17
C ILE B 861 52.76 12.69 35.74
N ASN B 862 52.09 13.80 36.01
CA ASN B 862 52.63 15.11 35.66
C ASN B 862 53.81 15.44 36.57
N CYS B 863 54.88 15.99 35.98
CA CYS B 863 56.13 16.22 36.68
C CYS B 863 56.56 17.67 36.57
N SER B 864 55.62 18.58 36.77
CA SER B 864 55.93 20.00 36.86
C SER B 864 56.01 20.40 38.33
N VAL B 865 56.81 21.43 38.61
CA VAL B 865 56.89 21.94 39.98
C VAL B 865 55.50 22.26 40.48
N LYS B 866 54.70 22.90 39.62
CA LYS B 866 53.35 23.22 40.06
C LYS B 866 52.52 21.96 40.20
N ALA B 867 52.57 21.12 39.16
CA ALA B 867 51.66 19.99 39.02
C ALA B 867 51.91 18.95 40.10
N LEU B 868 53.16 18.81 40.57
CA LEU B 868 53.43 17.80 41.57
C LEU B 868 52.78 18.11 42.90
N ASN B 869 52.65 19.39 43.26
CA ASN B 869 52.16 19.72 44.58
C ASN B 869 50.79 19.10 44.81
N LYS B 870 50.00 18.93 43.74
CA LYS B 870 48.78 18.14 43.85
C LYS B 870 49.11 16.66 43.91
N GLU B 871 50.01 16.18 43.05
CA GLU B 871 50.05 14.75 42.78
C GLU B 871 50.71 14.00 43.93
N THR B 872 51.78 14.56 44.50
CA THR B 872 52.33 14.00 45.72
C THR B 872 51.31 14.08 46.85
N SER B 873 50.60 15.22 46.94
CA SER B 873 49.55 15.38 47.94
C SER B 873 48.26 14.68 47.49
N PHE B 874 48.19 14.29 46.22
CA PHE B 874 47.12 13.37 45.79
C PHE B 874 47.37 11.96 46.31
N ASN B 875 48.63 11.55 46.40
CA ASN B 875 48.94 10.18 46.81
C ASN B 875 48.57 9.93 48.27
N LYS B 876 48.98 10.84 49.16
CA LYS B 876 48.72 10.70 50.60
C LYS B 876 47.26 10.45 50.89
N LEU B 877 46.38 11.23 50.26
CA LEU B 877 44.95 11.11 50.56
C LEU B 877 44.44 9.73 50.18
N ILE B 878 44.95 9.19 49.08
CA ILE B 878 44.52 7.88 48.63
C ILE B 878 44.97 6.81 49.63
N ASP B 879 46.23 6.86 50.05
CA ASP B 879 46.73 5.86 51.01
C ASP B 879 45.88 5.89 52.29
N GLU B 880 45.53 7.09 52.71
CA GLU B 880 44.84 7.25 53.98
C GLU B 880 43.43 6.66 53.93
N ILE B 881 42.82 6.66 52.76
CA ILE B 881 41.50 6.04 52.60
C ILE B 881 41.65 4.52 52.53
N VAL B 882 42.53 4.05 51.65
CA VAL B 882 42.65 2.61 51.40
C VAL B 882 43.07 1.87 52.66
N GLY B 883 43.97 2.49 53.45
CA GLY B 883 44.47 1.90 54.66
C GLY B 883 45.83 1.23 54.52
N ASP B 884 46.26 0.96 53.29
CA ASP B 884 47.63 0.53 53.01
C ASP B 884 48.25 1.52 52.05
N LYS B 885 49.56 1.71 52.19
CA LYS B 885 50.26 2.74 51.46
C LYS B 885 50.66 2.19 50.10
N LEU B 886 50.36 2.95 49.04
CA LEU B 886 50.21 2.35 47.72
C LEU B 886 51.57 2.08 47.07
N LEU B 887 52.38 3.13 46.88
CA LEU B 887 53.68 2.98 46.26
C LEU B 887 54.76 3.44 47.23
N SER B 888 55.84 2.67 47.34
CA SER B 888 56.96 3.08 48.16
C SER B 888 57.62 4.34 47.59
N ASP B 889 58.20 5.15 48.46
CA ASP B 889 58.89 6.33 47.98
C ASP B 889 59.88 5.94 46.87
N GLU B 890 60.67 4.95 47.17
CA GLU B 890 61.55 4.28 46.25
C GLU B 890 60.80 3.60 45.11
N GLU B 891 59.48 3.48 45.16
CA GLU B 891 58.74 3.30 43.92
C GLU B 891 58.18 4.62 43.42
N TRP B 892 57.92 5.55 44.34
CA TRP B 892 57.42 6.87 43.97
C TRP B 892 58.47 7.70 43.24
N ASP B 893 59.74 7.57 43.63
CA ASP B 893 60.80 8.37 43.01
C ASP B 893 60.96 8.06 41.53
N TYR B 894 60.88 6.79 41.13
CA TYR B 894 61.01 6.48 39.71
C TYR B 894 59.88 7.09 38.90
N LEU B 895 58.68 7.19 39.47
CA LEU B 895 57.54 7.76 38.74
C LEU B 895 57.80 9.21 38.35
N THR B 896 58.35 10.01 39.27
CA THR B 896 58.35 11.46 39.12
C THR B 896 59.70 12.06 38.71
N LYS B 897 60.74 11.25 38.65
CA LYS B 897 62.10 11.76 38.44
C LYS B 897 62.51 11.55 36.99
N PHE B 910 58.79 -3.39 37.91
CA PHE B 910 57.88 -2.68 38.80
C PHE B 910 56.49 -3.33 38.81
N GLN B 911 56.17 -4.01 39.90
CA GLN B 911 54.86 -4.62 40.07
C GLN B 911 53.86 -3.60 40.63
N ASN B 912 52.57 -3.91 40.46
CA ASN B 912 51.49 -3.05 40.92
C ASN B 912 51.56 -1.65 40.30
N THR B 913 52.17 -1.54 39.12
CA THR B 913 52.23 -0.27 38.42
C THR B 913 52.48 -0.53 36.94
N ILE B 914 51.70 0.13 36.10
CA ILE B 914 51.82 -0.05 34.65
C ILE B 914 53.04 0.72 34.14
N THR B 915 53.92 0.00 33.44
CA THR B 915 55.16 0.58 32.95
C THR B 915 55.35 0.45 31.44
N SER B 916 54.40 -0.15 30.72
CA SER B 916 54.56 -0.39 29.30
C SER B 916 53.51 0.29 28.44
N LEU B 917 52.46 0.87 29.04
CA LEU B 917 51.43 1.53 28.26
C LEU B 917 51.88 2.89 27.74
N ASN B 918 52.81 3.54 28.43
CA ASN B 918 53.26 4.86 28.02
C ASN B 918 53.72 4.86 26.57
N SER B 919 54.61 3.94 26.22
CA SER B 919 55.21 3.89 24.91
C SER B 919 54.48 2.95 23.96
N SER B 920 53.20 2.70 24.19
CA SER B 920 52.38 1.90 23.30
C SER B 920 51.71 2.82 22.28
N THR B 921 51.93 2.54 21.00
CA THR B 921 51.41 3.40 19.94
C THR B 921 49.92 3.19 19.76
N ILE B 922 49.22 4.26 19.41
CA ILE B 922 47.78 4.27 19.21
C ILE B 922 47.49 4.42 17.73
N VAL B 923 46.50 3.68 17.23
CA VAL B 923 46.18 3.75 15.81
C VAL B 923 45.78 5.18 15.44
N GLY B 924 46.14 5.59 14.24
CA GLY B 924 45.76 6.89 13.73
C GLY B 924 46.64 8.01 14.26
N ALA B 925 47.18 7.83 15.47
CA ALA B 925 48.12 8.82 16.01
C ALA B 925 49.37 8.79 15.15
N SER B 926 49.52 9.77 14.28
CA SER B 926 50.62 9.76 13.34
C SER B 926 51.96 9.78 14.05
N TYR B 927 52.00 10.37 15.24
CA TYR B 927 53.22 10.46 16.04
C TYR B 927 54.41 10.98 15.23
N ASP B 928 54.24 12.14 14.60
CA ASP B 928 55.30 12.74 13.80
C ASP B 928 55.62 14.16 14.22
N LYS B 929 54.79 14.71 15.11
CA LYS B 929 54.99 16.07 15.60
C LYS B 929 55.54 16.08 17.03
N ASP B 930 56.12 17.20 17.43
CA ASP B 930 56.67 17.34 18.77
C ASP B 930 55.85 18.30 19.61
N THR B 931 56.26 18.49 20.86
CA THR B 931 55.56 19.38 21.78
C THR B 931 56.09 20.81 21.68
N PRO B 932 55.21 21.80 21.87
CA PRO B 932 55.55 23.22 21.81
C PRO B 932 56.47 23.68 22.95
N ALA B 933 57.09 24.83 22.74
CA ALA B 933 58.06 25.42 23.67
C ALA B 933 57.39 26.50 24.54
N ARG B 934 58.22 27.26 25.26
CA ARG B 934 57.75 28.30 26.18
C ARG B 934 56.84 27.72 27.25
N LYS C 35 0.22 -24.97 53.90
CA LYS C 35 1.13 -23.82 53.79
C LYS C 35 0.90 -22.81 54.90
N SER C 36 1.96 -22.10 55.27
CA SER C 36 1.80 -20.91 56.09
C SER C 36 1.08 -19.81 55.32
N LEU C 37 1.22 -19.80 53.99
CA LEU C 37 0.50 -18.83 53.18
C LEU C 37 -1.00 -19.08 53.16
N ARG C 38 -1.43 -20.33 53.17
CA ARG C 38 -2.85 -20.54 53.32
C ARG C 38 -3.33 -20.09 54.70
N ASP C 39 -2.54 -20.34 55.75
CA ASP C 39 -2.85 -19.74 57.04
C ASP C 39 -3.03 -18.23 56.90
N GLN C 40 -2.09 -17.58 56.22
CA GLN C 40 -2.27 -16.19 55.77
C GLN C 40 -3.67 -15.92 55.27
N LEU C 41 -4.09 -16.61 54.21
CA LEU C 41 -5.34 -16.25 53.55
C LEU C 41 -6.52 -16.43 54.49
N VAL C 42 -6.59 -17.59 55.16
CA VAL C 42 -7.64 -17.83 56.15
C VAL C 42 -7.69 -16.74 57.19
N GLU C 43 -6.53 -16.37 57.70
CA GLU C 43 -6.45 -15.65 58.96
C GLU C 43 -6.68 -14.16 58.74
N SER C 44 -6.18 -13.65 57.61
CA SER C 44 -6.56 -12.31 57.17
C SER C 44 -8.04 -12.24 56.78
N ILE C 45 -8.59 -13.28 56.16
CA ILE C 45 -10.03 -13.30 55.90
C ILE C 45 -10.79 -13.25 57.23
N ARG C 46 -10.31 -14.01 58.21
CA ARG C 46 -10.95 -14.05 59.51
C ARG C 46 -11.08 -12.67 60.11
N ASN C 47 -9.97 -11.92 60.16
CA ASN C 47 -10.04 -10.56 60.70
C ASN C 47 -10.22 -9.50 59.60
N SER C 48 -10.80 -9.88 58.46
CA SER C 48 -11.18 -8.92 57.43
C SER C 48 -12.64 -8.48 57.52
N ILE C 49 -13.45 -9.17 58.31
CA ILE C 49 -14.87 -8.81 58.46
C ILE C 49 -15.17 -8.20 59.81
N ALA C 50 -14.33 -8.39 60.81
CA ALA C 50 -14.56 -7.83 62.14
C ALA C 50 -14.48 -6.31 62.10
N ARG C 69 -12.74 -3.20 47.57
CA ARG C 69 -13.70 -4.28 47.82
C ARG C 69 -13.20 -5.19 48.95
N ASN C 70 -13.88 -6.32 49.13
CA ASN C 70 -13.50 -7.35 50.09
C ASN C 70 -13.09 -8.63 49.35
N VAL C 71 -12.35 -8.48 48.27
CA VAL C 71 -12.01 -9.57 47.37
C VAL C 71 -10.53 -9.87 47.51
N PHE C 72 -10.21 -11.15 47.71
CA PHE C 72 -8.84 -11.63 47.81
C PHE C 72 -8.48 -12.36 46.53
N PHE C 73 -7.35 -11.98 45.93
CA PHE C 73 -6.90 -12.57 44.68
C PHE C 73 -5.63 -13.38 44.91
N VAL C 74 -5.55 -14.52 44.23
CA VAL C 74 -4.41 -15.42 44.32
C VAL C 74 -3.81 -15.58 42.93
N ASP C 75 -2.52 -15.32 42.80
CA ASP C 75 -1.81 -15.52 41.55
C ASP C 75 -1.41 -16.99 41.42
N GLY C 76 -1.01 -17.36 40.20
CA GLY C 76 -0.53 -18.71 39.94
C GLY C 76 -0.36 -19.01 38.47
N GLY C 81 -0.18 -24.96 43.34
CA GLY C 81 -1.38 -24.95 42.52
C GLY C 81 -2.49 -24.07 43.06
N LYS C 82 -3.17 -23.37 42.15
CA LYS C 82 -4.31 -22.55 42.51
C LYS C 82 -5.48 -23.39 43.02
N THR C 83 -5.87 -24.41 42.27
CA THR C 83 -7.02 -25.21 42.69
C THR C 83 -6.78 -25.85 44.06
N THR C 84 -5.60 -26.44 44.25
CA THR C 84 -5.30 -27.09 45.52
C THR C 84 -5.29 -26.09 46.68
N PHE C 85 -4.69 -24.92 46.46
CA PHE C 85 -4.65 -23.90 47.50
C PHE C 85 -6.05 -23.39 47.84
N ILE C 86 -6.88 -23.18 46.82
CA ILE C 86 -8.25 -22.72 47.04
C ILE C 86 -9.02 -23.73 47.88
N ASN C 87 -8.88 -25.01 47.54
CA ASN C 87 -9.57 -26.04 48.30
C ASN C 87 -9.06 -26.11 49.74
N SER C 88 -7.73 -25.99 49.93
CA SER C 88 -7.18 -25.95 51.28
C SER C 88 -7.81 -24.82 52.09
N VAL C 89 -7.92 -23.64 51.49
CA VAL C 89 -8.52 -22.50 52.19
C VAL C 89 -9.98 -22.80 52.52
N VAL C 90 -10.73 -23.30 51.54
CA VAL C 90 -12.15 -23.59 51.79
C VAL C 90 -12.30 -24.47 53.01
N LYS C 91 -11.32 -25.34 53.22
CA LYS C 91 -11.41 -26.27 54.33
C LYS C 91 -11.08 -25.59 55.64
N SER C 92 -9.89 -25.00 55.66
CA SER C 92 -9.39 -24.32 56.84
C SER C 92 -10.43 -23.39 57.41
N LEU C 93 -11.42 -23.01 56.60
CA LEU C 93 -12.56 -22.24 57.07
C LEU C 93 -13.76 -23.10 57.45
N ASN C 94 -13.78 -24.37 57.04
CA ASN C 94 -14.92 -25.25 57.30
C ASN C 94 -16.20 -24.67 56.70
N VAL C 102 -16.19 -16.24 65.27
CA VAL C 102 -15.09 -16.78 64.47
C VAL C 102 -15.65 -17.61 63.32
N ASN C 103 -16.96 -17.58 63.12
CA ASN C 103 -17.60 -18.37 62.08
C ASN C 103 -17.56 -17.63 60.75
N ILE C 104 -17.26 -18.37 59.69
CA ILE C 104 -17.43 -17.93 58.31
C ILE C 104 -17.92 -19.11 57.51
N LYS C 105 -19.06 -18.94 56.84
CA LYS C 105 -19.55 -19.90 55.87
C LYS C 105 -18.72 -19.81 54.59
N CYS C 106 -18.63 -20.93 53.89
CA CYS C 106 -17.92 -20.98 52.61
C CYS C 106 -18.73 -21.79 51.61
N LEU C 107 -19.08 -21.15 50.50
CA LEU C 107 -19.74 -21.86 49.42
C LEU C 107 -18.78 -22.83 48.75
N PRO C 108 -19.28 -23.92 48.16
CA PRO C 108 -18.40 -24.79 47.38
C PRO C 108 -17.75 -24.01 46.25
N THR C 109 -16.49 -24.33 45.98
CA THR C 109 -15.73 -23.56 45.01
C THR C 109 -16.39 -23.61 43.64
N ILE C 110 -16.54 -22.44 43.02
CA ILE C 110 -17.18 -22.31 41.73
C ILE C 110 -16.09 -22.28 40.66
N ASP C 111 -16.20 -23.17 39.68
CA ASP C 111 -15.29 -23.15 38.54
C ASP C 111 -16.01 -22.49 37.37
N PRO C 112 -15.70 -21.23 37.03
CA PRO C 112 -16.47 -20.56 35.97
C PRO C 112 -16.35 -21.22 34.62
N THR C 113 -15.29 -22.00 34.37
CA THR C 113 -15.12 -22.67 33.09
C THR C 113 -15.94 -23.95 32.98
N LYS C 114 -16.47 -24.47 34.08
CA LYS C 114 -17.26 -25.69 34.06
C LYS C 114 -18.76 -25.46 34.23
N LEU C 115 -19.17 -24.21 34.43
CA LEU C 115 -20.59 -23.93 34.59
C LEU C 115 -21.31 -24.08 33.27
N PRO C 116 -22.63 -24.25 33.29
CA PRO C 116 -23.38 -24.11 32.05
C PRO C 116 -22.95 -22.85 31.38
N ARG C 117 -23.08 -22.84 30.10
CA ARG C 117 -22.62 -21.69 29.40
C ARG C 117 -23.36 -20.44 29.79
N HIS C 118 -24.55 -20.26 29.26
CA HIS C 118 -25.31 -19.04 29.44
C HIS C 118 -25.99 -19.25 30.79
N GLU C 119 -25.26 -18.96 31.85
CA GLU C 119 -25.83 -18.99 33.17
C GLU C 119 -25.11 -17.96 34.04
N PRO C 120 -25.80 -16.91 34.49
CA PRO C 120 -25.14 -15.89 35.30
C PRO C 120 -24.57 -16.47 36.59
N ILE C 121 -23.42 -15.94 37.00
CA ILE C 121 -22.77 -16.40 38.22
C ILE C 121 -23.68 -16.24 39.42
N LEU C 122 -24.57 -15.23 39.38
CA LEU C 122 -25.52 -15.06 40.47
C LEU C 122 -26.40 -16.29 40.63
N VAL C 123 -26.78 -16.91 39.52
CA VAL C 123 -27.62 -18.11 39.59
C VAL C 123 -26.89 -19.22 40.34
N THR C 124 -25.65 -19.48 39.97
CA THR C 124 -24.88 -20.55 40.62
C THR C 124 -24.68 -20.24 42.10
N VAL C 125 -24.30 -18.99 42.41
CA VAL C 125 -24.08 -18.62 43.80
C VAL C 125 -25.35 -18.81 44.61
N THR C 126 -26.48 -18.36 44.06
CA THR C 126 -27.75 -18.46 44.78
C THR C 126 -28.17 -19.91 44.95
N ALA C 127 -27.92 -20.76 43.95
CA ALA C 127 -28.28 -22.17 44.07
C ALA C 127 -27.44 -22.87 45.14
N ARG C 128 -26.13 -22.60 45.16
CA ARG C 128 -25.28 -23.20 46.19
C ARG C 128 -25.67 -22.69 47.58
N LEU C 129 -25.96 -21.40 47.69
CA LEU C 129 -26.43 -20.85 48.95
C LEU C 129 -27.75 -21.49 49.36
N ASN C 130 -28.64 -21.70 48.40
CA ASN C 130 -29.91 -22.34 48.70
C ASN C 130 -29.70 -23.75 49.22
N LYS C 131 -28.80 -24.51 48.62
CA LYS C 131 -28.57 -25.86 49.12
C LYS C 131 -27.97 -25.83 50.52
N MET C 132 -26.99 -24.96 50.78
CA MET C 132 -26.42 -24.90 52.12
C MET C 132 -27.47 -24.50 53.14
N VAL C 133 -28.29 -23.50 52.80
CA VAL C 133 -29.31 -23.02 53.73
C VAL C 133 -30.37 -24.09 53.97
N SER C 134 -30.76 -24.82 52.92
CA SER C 134 -31.81 -25.82 53.09
C SER C 134 -31.28 -27.06 53.81
N ASP C 135 -30.03 -27.43 53.56
CA ASP C 135 -29.44 -28.53 54.31
C ASP C 135 -29.36 -28.19 55.79
N LYS C 136 -29.01 -26.95 56.13
CA LYS C 136 -29.06 -26.55 57.54
C LYS C 136 -30.50 -26.50 58.04
N LEU C 137 -31.37 -25.79 57.33
CA LEU C 137 -32.76 -25.66 57.75
C LEU C 137 -33.41 -27.01 57.97
N LYS C 138 -32.88 -28.07 57.35
CA LYS C 138 -33.56 -29.35 57.45
C LYS C 138 -33.47 -29.94 58.85
N GLY C 139 -32.25 -30.12 59.37
CA GLY C 139 -32.08 -30.63 60.71
C GLY C 139 -32.81 -29.77 61.71
N TYR C 140 -32.83 -30.23 62.95
CA TYR C 140 -33.37 -29.47 64.09
C TYR C 140 -34.55 -28.61 63.72
N ARG C 147 -42.53 -23.71 58.23
CA ARG C 147 -41.80 -23.22 59.40
C ARG C 147 -41.54 -21.72 59.27
N LYS C 148 -41.36 -21.04 60.42
CA LYS C 148 -41.38 -19.59 60.42
C LYS C 148 -40.34 -19.00 59.49
N GLN C 149 -39.11 -19.52 59.54
CA GLN C 149 -38.02 -18.92 58.80
C GLN C 149 -38.10 -19.18 57.32
N LYS C 150 -38.80 -20.21 56.90
CA LYS C 150 -38.42 -20.81 55.64
C LYS C 150 -39.06 -20.08 54.48
N GLU C 151 -40.39 -20.14 54.36
CA GLU C 151 -41.15 -19.31 53.44
C GLU C 151 -40.66 -17.87 53.38
N GLN C 152 -39.99 -17.35 54.41
CA GLN C 152 -39.43 -16.01 54.25
C GLN C 152 -38.00 -16.04 53.70
N TRP C 153 -37.40 -17.23 53.59
CA TRP C 153 -36.25 -17.45 52.69
C TRP C 153 -36.73 -17.67 51.25
N GLN C 154 -37.79 -18.47 51.11
CA GLN C 154 -38.46 -18.68 49.84
C GLN C 154 -38.87 -17.36 49.21
N ASN C 155 -39.29 -16.41 50.04
CA ASN C 155 -39.85 -15.15 49.55
C ASN C 155 -38.79 -14.46 48.73
N HIS C 156 -37.59 -14.34 49.32
CA HIS C 156 -36.46 -13.69 48.68
C HIS C 156 -35.95 -14.52 47.52
N LEU C 157 -35.98 -15.85 47.63
CA LEU C 157 -35.55 -16.67 46.50
C LEU C 157 -36.46 -16.47 45.29
N ALA C 158 -37.77 -16.53 45.51
CA ALA C 158 -38.72 -16.35 44.41
C ALA C 158 -38.65 -14.95 43.83
N GLN C 159 -38.51 -13.93 44.69
CA GLN C 159 -38.47 -12.56 44.21
C GLN C 159 -37.16 -12.25 43.49
N LEU C 160 -36.05 -12.80 43.97
CA LEU C 160 -34.80 -12.74 43.23
C LEU C 160 -34.94 -13.40 41.88
N GLN C 161 -35.60 -14.57 41.85
CA GLN C 161 -35.87 -15.22 40.57
C GLN C 161 -36.60 -14.29 39.63
N ARG C 162 -37.81 -13.88 40.01
CA ARG C 162 -38.65 -13.11 39.12
C ARG C 162 -38.05 -11.75 38.81
N GLY C 163 -37.02 -11.36 39.55
CA GLY C 163 -36.23 -10.19 39.22
C GLY C 163 -35.00 -10.48 38.39
N LEU C 164 -34.88 -11.70 37.86
CA LEU C 164 -33.68 -12.16 37.18
C LEU C 164 -33.77 -12.09 35.66
N HIS C 165 -34.95 -11.76 35.12
CA HIS C 165 -35.06 -11.43 33.71
C HIS C 165 -34.18 -10.26 33.32
N LEU C 166 -33.79 -9.42 34.28
CA LEU C 166 -33.03 -8.22 33.97
C LEU C 166 -31.66 -8.56 33.40
N LEU C 167 -31.02 -9.62 33.89
CA LEU C 167 -29.68 -9.95 33.45
C LEU C 167 -29.66 -10.54 32.03
N THR C 168 -30.76 -11.16 31.60
CA THR C 168 -30.75 -12.02 30.42
C THR C 168 -31.44 -11.42 29.20
N ASP C 169 -32.27 -10.41 29.37
CA ASP C 169 -33.18 -10.01 28.31
C ASP C 169 -32.44 -9.36 27.15
N LYS C 170 -32.89 -9.67 25.93
CA LYS C 170 -32.45 -8.92 24.76
C LYS C 170 -32.77 -7.44 24.89
N GLU C 171 -33.89 -7.10 25.54
CA GLU C 171 -34.27 -5.71 25.70
C GLU C 171 -35.24 -5.58 26.85
N TYR C 172 -35.64 -4.34 27.11
CA TYR C 172 -36.64 -4.03 28.12
C TYR C 172 -38.01 -4.01 27.44
N LYS C 173 -38.99 -4.64 28.09
CA LYS C 173 -40.36 -4.48 27.62
C LYS C 173 -41.21 -3.85 28.72
N PRO C 174 -42.10 -2.92 28.39
CA PRO C 174 -42.84 -2.18 29.42
C PRO C 174 -43.57 -3.02 30.47
N GLU C 175 -43.88 -4.29 30.22
CA GLU C 175 -44.63 -5.07 31.21
C GLU C 175 -43.91 -5.16 32.56
N TYR C 176 -42.59 -4.95 32.53
CA TYR C 176 -41.61 -4.93 33.60
C TYR C 176 -41.64 -3.67 34.43
N PHE C 177 -42.34 -2.64 33.97
CA PHE C 177 -42.53 -1.47 34.82
C PHE C 177 -43.44 -1.81 35.99
N SER C 178 -44.58 -2.44 35.72
CA SER C 178 -45.49 -2.82 36.78
C SER C 178 -44.78 -3.69 37.81
N ASP C 179 -43.78 -4.45 37.37
CA ASP C 179 -43.03 -5.31 38.27
C ASP C 179 -42.14 -4.51 39.21
N ALA C 180 -41.82 -3.26 38.86
CA ALA C 180 -40.88 -2.45 39.60
C ALA C 180 -41.54 -1.43 40.51
N LEU C 181 -42.88 -1.41 40.60
CA LEU C 181 -43.59 -0.40 41.38
C LEU C 181 -44.25 -0.95 42.64
N LYS C 182 -44.25 -2.25 42.85
CA LYS C 182 -44.83 -2.85 44.05
C LYS C 182 -43.75 -3.10 45.09
N LEU C 183 -44.08 -2.84 46.35
CA LEU C 183 -43.12 -2.94 47.45
C LEU C 183 -43.60 -3.96 48.48
N SER C 190 -35.00 -1.62 49.66
CA SER C 190 -35.32 -0.41 50.40
C SER C 190 -34.95 0.83 49.61
N ILE C 191 -34.80 0.69 48.28
CA ILE C 191 -34.32 1.81 47.47
C ILE C 191 -35.32 2.19 46.39
N GLY C 192 -36.10 1.22 45.91
CA GLY C 192 -37.05 1.49 44.85
C GLY C 192 -36.75 0.72 43.58
N GLY C 193 -37.69 -0.13 43.18
CA GLY C 193 -37.55 -0.89 41.96
C GLY C 193 -37.29 -2.36 42.20
N GLN C 194 -36.69 -3.02 41.21
CA GLN C 194 -36.37 -4.43 41.23
C GLN C 194 -34.87 -4.66 41.14
N ASP C 195 -34.10 -3.82 41.83
CA ASP C 195 -32.65 -3.90 41.71
C ASP C 195 -32.17 -5.20 42.32
N LEU C 196 -31.57 -6.06 41.48
CA LEU C 196 -31.17 -7.40 41.91
C LEU C 196 -30.09 -7.36 42.98
N SER C 197 -29.27 -6.30 43.00
CA SER C 197 -28.28 -6.14 44.06
C SER C 197 -28.92 -6.20 45.44
N GLU C 198 -29.98 -5.41 45.66
CA GLU C 198 -30.61 -5.38 46.98
C GLU C 198 -31.18 -6.73 47.35
N ILE C 199 -31.87 -7.36 46.41
CA ILE C 199 -32.54 -8.63 46.69
C ILE C 199 -31.50 -9.69 47.04
N PHE C 200 -30.38 -9.70 46.33
CA PHE C 200 -29.34 -10.67 46.65
C PHE C 200 -28.68 -10.35 48.00
N GLU C 201 -28.54 -9.07 48.33
CA GLU C 201 -27.95 -8.75 49.62
C GLU C 201 -28.85 -9.15 50.78
N GLU C 202 -30.17 -9.00 50.64
CA GLU C 202 -31.10 -9.57 51.61
C GLU C 202 -31.08 -11.09 51.60
N LEU C 203 -30.86 -11.71 50.43
CA LEU C 203 -30.74 -13.15 50.42
C LEU C 203 -29.54 -13.59 51.24
N VAL C 204 -28.45 -12.85 51.14
CA VAL C 204 -27.26 -13.17 51.91
C VAL C 204 -27.50 -12.91 53.38
N LYS C 205 -28.24 -11.85 53.72
CA LYS C 205 -28.62 -11.63 55.12
C LYS C 205 -29.45 -12.79 55.64
N ARG C 206 -30.44 -13.24 54.85
CA ARG C 206 -31.16 -14.47 55.15
C ARG C 206 -30.20 -15.60 55.50
N ALA C 207 -29.30 -15.91 54.56
CA ALA C 207 -28.45 -17.08 54.73
C ALA C 207 -27.57 -16.95 55.97
N CYS C 208 -27.06 -15.75 56.23
CA CYS C 208 -26.21 -15.55 57.40
C CYS C 208 -26.99 -15.71 58.70
N GLU C 209 -28.22 -15.20 58.75
CA GLU C 209 -29.04 -15.41 59.94
C GLU C 209 -29.32 -16.89 60.15
N ILE C 210 -29.64 -17.61 59.06
CA ILE C 210 -30.05 -19.00 59.19
C ILE C 210 -28.87 -19.89 59.59
N LEU C 211 -27.70 -19.65 58.98
CA LEU C 211 -26.58 -20.57 59.09
C LEU C 211 -25.70 -20.32 60.31
N ASP C 212 -26.01 -19.34 61.15
CA ASP C 212 -25.11 -18.94 62.23
C ASP C 212 -23.72 -18.62 61.66
N CYS C 213 -23.68 -17.64 60.76
CA CYS C 213 -22.46 -17.11 60.20
C CYS C 213 -22.66 -15.64 59.90
N LYS C 214 -21.55 -14.91 59.81
CA LYS C 214 -21.58 -13.51 59.43
C LYS C 214 -21.36 -13.34 57.94
N ALA C 215 -20.29 -13.90 57.42
CA ALA C 215 -19.90 -13.67 56.04
C ALA C 215 -19.79 -15.01 55.33
N ILE C 216 -20.19 -15.01 54.06
CA ILE C 216 -20.24 -16.21 53.25
C ILE C 216 -19.19 -16.08 52.16
N LEU C 217 -18.22 -16.99 52.18
CA LEU C 217 -17.06 -16.89 51.31
C LEU C 217 -17.42 -17.45 49.94
N ILE C 218 -17.63 -16.56 48.98
CA ILE C 218 -17.81 -16.95 47.58
C ILE C 218 -16.42 -17.04 46.97
N THR C 219 -16.00 -18.25 46.64
CA THR C 219 -14.64 -18.50 46.19
C THR C 219 -14.69 -18.98 44.75
N PHE C 220 -13.96 -18.29 43.88
CA PHE C 220 -13.98 -18.53 42.45
C PHE C 220 -12.70 -19.19 42.00
N ASP C 221 -12.82 -20.19 41.14
CA ASP C 221 -11.70 -21.02 40.76
C ASP C 221 -11.04 -20.48 39.49
N ASP C 222 -9.86 -20.97 39.19
CA ASP C 222 -9.08 -20.44 38.07
C ASP C 222 -9.76 -20.69 36.73
N ILE C 223 -9.45 -19.82 35.77
CA ILE C 223 -10.18 -19.70 34.53
C ILE C 223 -9.24 -19.81 33.34
N ASP C 224 -8.11 -20.49 33.53
CA ASP C 224 -7.09 -20.49 32.47
C ASP C 224 -7.65 -21.15 31.21
N THR C 225 -8.51 -22.14 31.38
CA THR C 225 -9.05 -22.90 30.24
C THR C 225 -9.77 -21.99 29.26
N GLN C 226 -10.71 -21.19 29.76
CA GLN C 226 -11.58 -20.36 28.92
C GLN C 226 -11.92 -19.10 29.71
N PHE C 227 -11.18 -18.02 29.47
CA PHE C 227 -11.25 -16.85 30.33
C PHE C 227 -12.34 -15.84 29.93
N ASP C 228 -13.29 -16.20 29.07
CA ASP C 228 -14.49 -15.37 28.93
C ASP C 228 -15.28 -15.33 30.23
N ALA C 229 -15.47 -16.48 30.86
CA ALA C 229 -16.31 -16.52 32.05
C ALA C 229 -15.78 -15.61 33.14
N GLY C 230 -14.51 -15.22 33.07
CA GLY C 230 -13.97 -14.27 34.02
C GLY C 230 -14.72 -12.95 34.02
N TRP C 231 -15.28 -12.56 32.87
CA TRP C 231 -16.00 -11.28 32.83
C TRP C 231 -17.29 -11.34 33.63
N ASP C 232 -18.03 -12.45 33.49
CA ASP C 232 -19.23 -12.63 34.30
C ASP C 232 -18.86 -12.64 35.78
N VAL C 233 -17.74 -13.29 36.12
CA VAL C 233 -17.28 -13.33 37.50
C VAL C 233 -17.01 -11.91 38.01
N LEU C 234 -16.29 -11.12 37.20
CA LEU C 234 -15.95 -9.76 37.62
C LEU C 234 -17.20 -8.91 37.78
N GLU C 235 -18.14 -9.02 36.83
CA GLU C 235 -19.36 -8.21 36.91
C GLU C 235 -20.20 -8.61 38.10
N SER C 236 -20.30 -9.92 38.38
CA SER C 236 -21.05 -10.38 39.56
C SER C 236 -20.40 -9.90 40.84
N ILE C 237 -19.06 -9.94 40.90
CA ILE C 237 -18.35 -9.42 42.07
C ILE C 237 -18.64 -7.94 42.25
N ARG C 238 -18.59 -7.18 41.16
CA ARG C 238 -18.80 -5.74 41.23
C ARG C 238 -20.22 -5.40 41.66
N LYS C 239 -21.20 -6.07 41.09
CA LYS C 239 -22.59 -5.64 41.20
C LYS C 239 -23.39 -6.37 42.28
N PHE C 240 -22.99 -7.59 42.66
CA PHE C 240 -23.83 -8.42 43.53
C PHE C 240 -23.13 -8.90 44.81
N PHE C 241 -21.83 -9.21 44.76
CA PHE C 241 -21.13 -9.80 45.89
C PHE C 241 -20.47 -8.74 46.74
N ASN C 242 -20.89 -7.50 46.57
CA ASN C 242 -20.31 -6.35 47.21
C ASN C 242 -21.15 -6.18 48.46
N SER C 243 -20.67 -6.75 49.55
CA SER C 243 -21.48 -6.75 50.75
C SER C 243 -20.67 -7.43 51.82
N ARG C 244 -20.98 -7.10 53.07
CA ARG C 244 -20.14 -7.55 54.16
C ARG C 244 -20.30 -9.02 54.39
N LYS C 245 -21.53 -9.45 54.31
CA LYS C 245 -21.94 -10.81 54.47
C LYS C 245 -21.34 -11.71 53.39
N LEU C 246 -20.55 -11.12 52.50
CA LEU C 246 -19.83 -11.84 51.46
C LEU C 246 -18.38 -11.43 51.45
N VAL C 247 -17.50 -12.42 51.43
CA VAL C 247 -16.07 -12.22 51.19
C VAL C 247 -15.70 -13.09 50.00
N VAL C 248 -15.02 -12.52 49.02
CA VAL C 248 -14.77 -13.18 47.74
C VAL C 248 -13.29 -13.50 47.65
N VAL C 249 -12.99 -14.75 47.30
CA VAL C 249 -11.63 -15.19 46.99
C VAL C 249 -11.63 -15.64 45.54
N ALA C 250 -10.98 -14.85 44.68
CA ALA C 250 -10.80 -15.20 43.28
C ALA C 250 -9.35 -15.57 43.05
N THR C 251 -9.12 -16.36 42.01
CA THR C 251 -7.77 -16.78 41.66
C THR C 251 -7.64 -16.84 40.15
N GLY C 252 -6.40 -16.82 39.70
CA GLY C 252 -6.10 -16.82 38.29
C GLY C 252 -4.84 -16.01 38.03
N ASP C 253 -4.74 -15.51 36.82
CA ASP C 253 -3.61 -14.70 36.38
C ASP C 253 -4.12 -13.33 35.97
N LEU C 254 -3.57 -12.28 36.59
CA LEU C 254 -4.15 -10.94 36.42
C LEU C 254 -3.99 -10.39 35.02
N ARG C 255 -3.07 -10.95 34.20
CA ARG C 255 -3.02 -10.56 32.79
C ARG C 255 -4.31 -10.96 32.09
N LEU C 256 -4.85 -12.11 32.42
CA LEU C 256 -6.08 -12.58 31.79
C LEU C 256 -7.23 -11.61 32.08
N TYR C 257 -7.39 -11.22 33.35
CA TYR C 257 -8.44 -10.28 33.71
C TYR C 257 -8.17 -8.89 33.11
N SER C 258 -6.90 -8.50 33.04
CA SER C 258 -6.53 -7.27 32.32
C SER C 258 -7.06 -7.30 30.90
N GLN C 259 -6.77 -8.38 30.20
CA GLN C 259 -7.28 -8.60 28.83
C GLN C 259 -8.79 -8.49 28.76
N LEU C 260 -9.48 -9.21 29.63
CA LEU C 260 -10.93 -9.19 29.60
C LEU C 260 -11.48 -7.79 29.78
N ILE C 261 -10.96 -7.07 30.77
CA ILE C 261 -11.46 -5.73 31.09
C ILE C 261 -11.12 -4.75 29.99
N ARG C 262 -9.92 -4.82 29.45
CA ARG C 262 -9.52 -3.91 28.39
C ARG C 262 -10.40 -4.11 27.16
N GLY C 263 -10.62 -5.36 26.77
CA GLY C 263 -11.51 -5.63 25.65
C GLY C 263 -12.91 -5.11 25.91
N LYS C 264 -13.43 -5.33 27.11
CA LYS C 264 -14.76 -4.84 27.43
C LYS C 264 -14.81 -3.32 27.44
N GLN C 265 -13.73 -2.66 27.86
CA GLN C 265 -13.68 -1.21 27.81
C GLN C 265 -13.64 -0.73 26.37
N TYR C 266 -12.90 -1.43 25.51
CA TYR C 266 -12.91 -0.99 24.12
C TYR C 266 -14.29 -1.18 23.53
N GLU C 267 -15.03 -2.19 24.03
CA GLU C 267 -16.38 -2.44 23.54
C GLU C 267 -17.27 -1.21 23.67
N ASN C 268 -17.04 -0.39 24.70
CA ASN C 268 -17.93 0.75 24.89
C ASN C 268 -17.78 1.82 23.81
N TYR C 269 -16.59 1.99 23.24
CA TYR C 269 -16.46 3.00 22.19
C TYR C 269 -17.39 2.69 21.04
N SER C 270 -18.03 3.73 20.53
CA SER C 270 -18.96 3.57 19.41
C SER C 270 -18.23 3.09 18.16
N LYS C 271 -18.94 2.29 17.36
CA LYS C 271 -18.39 1.69 16.14
C LYS C 271 -17.73 2.71 15.24
N THR C 272 -18.57 3.55 14.65
CA THR C 272 -18.15 4.38 13.54
C THR C 272 -17.15 5.42 14.02
N LEU C 273 -17.21 5.76 15.30
CA LEU C 273 -16.13 6.51 15.90
C LEU C 273 -14.81 5.78 15.73
N LEU C 274 -14.77 4.49 16.05
CA LEU C 274 -13.52 3.74 15.94
C LEU C 274 -13.07 3.64 14.48
N GLU C 275 -13.99 3.42 13.55
CA GLU C 275 -13.57 3.40 12.15
C GLU C 275 -13.22 4.77 11.58
N GLN C 276 -13.60 5.86 12.25
CA GLN C 276 -13.36 7.20 11.70
C GLN C 276 -12.09 7.83 12.24
N GLU C 277 -11.94 7.86 13.56
CA GLU C 277 -10.77 8.50 14.17
C GLU C 277 -9.68 7.44 14.27
N LYS C 278 -8.76 7.45 13.30
CA LYS C 278 -7.74 6.42 13.22
C LYS C 278 -6.37 7.05 13.03
N GLU C 279 -6.21 8.30 13.46
CA GLU C 279 -4.88 8.90 13.52
C GLU C 279 -4.09 8.23 14.62
N SER C 280 -2.77 8.39 14.59
CA SER C 280 -1.95 7.77 15.61
C SER C 280 -2.26 8.37 16.97
N VAL C 281 -2.61 9.66 17.01
CA VAL C 281 -2.94 10.32 18.27
C VAL C 281 -4.21 9.74 18.87
N ARG C 282 -5.20 9.41 18.03
CA ARG C 282 -6.47 8.92 18.55
C ARG C 282 -6.31 7.53 19.16
N LEU C 283 -5.67 6.62 18.43
CA LEU C 283 -5.38 5.31 18.99
C LEU C 283 -4.52 5.44 20.25
N ALA C 284 -3.57 6.39 20.25
CA ALA C 284 -2.69 6.56 21.39
C ALA C 284 -3.46 7.00 22.64
N GLU C 285 -4.29 8.03 22.50
CA GLU C 285 -5.06 8.51 23.64
C GLU C 285 -6.12 7.49 24.07
N ARG C 286 -6.77 6.81 23.14
CA ARG C 286 -7.72 5.79 23.55
C ARG C 286 -7.00 4.62 24.24
N GLY C 287 -5.75 4.35 23.86
CA GLY C 287 -4.97 3.37 24.59
C GLY C 287 -4.66 3.81 26.01
N TYR C 288 -4.19 5.05 26.17
CA TYR C 288 -3.98 5.59 27.52
C TYR C 288 -5.28 5.55 28.30
N MET C 289 -6.39 5.65 27.60
CA MET C 289 -7.65 5.84 28.30
C MET C 289 -8.19 4.51 28.78
N VAL C 290 -8.20 3.52 27.89
CA VAL C 290 -8.51 2.16 28.28
C VAL C 290 -7.52 1.67 29.34
N GLU C 291 -6.27 2.12 29.26
CA GLU C 291 -5.38 2.02 30.41
C GLU C 291 -6.02 2.47 31.70
N HIS C 292 -6.35 3.75 31.78
CA HIS C 292 -6.83 4.29 33.05
C HIS C 292 -8.04 3.51 33.53
N LEU C 293 -8.96 3.22 32.62
CA LEU C 293 -10.20 2.53 33.02
C LEU C 293 -9.92 1.11 33.52
N GLU C 294 -9.14 0.34 32.76
CA GLU C 294 -8.82 -1.03 33.15
C GLU C 294 -8.06 -1.06 34.47
N GLN C 295 -7.08 -0.17 34.63
CA GLN C 295 -6.34 -0.10 35.88
C GLN C 295 -7.24 0.20 37.06
N GLN C 296 -8.12 1.20 36.91
CA GLN C 296 -9.00 1.53 38.03
C GLN C 296 -9.94 0.37 38.33
N TYR C 297 -10.44 -0.30 37.29
CA TYR C 297 -11.30 -1.46 37.47
C TYR C 297 -10.60 -2.52 38.32
N LEU C 298 -9.34 -2.80 38.00
CA LEU C 298 -8.59 -3.84 38.73
C LEU C 298 -8.18 -3.41 40.14
N LEU C 299 -7.76 -2.17 40.32
CA LEU C 299 -7.52 -1.71 41.69
C LEU C 299 -8.80 -1.76 42.51
N LYS C 300 -9.94 -1.65 41.85
CA LYS C 300 -11.23 -1.70 42.53
C LYS C 300 -11.59 -3.11 42.95
N LEU C 301 -11.68 -4.03 41.98
CA LEU C 301 -12.16 -5.36 42.28
C LEU C 301 -11.15 -6.20 43.02
N PHE C 302 -9.84 -5.96 42.80
CA PHE C 302 -8.77 -6.72 43.42
C PHE C 302 -7.85 -5.75 44.14
N PRO C 303 -8.16 -5.38 45.38
CA PRO C 303 -7.27 -4.50 46.14
C PRO C 303 -5.88 -5.13 46.26
N VAL C 304 -4.86 -4.27 46.19
CA VAL C 304 -3.49 -4.75 46.19
C VAL C 304 -3.15 -5.43 47.51
N GLN C 305 -3.60 -4.86 48.62
CA GLN C 305 -3.28 -5.43 49.93
C GLN C 305 -3.87 -6.81 50.14
N LYS C 306 -4.86 -7.20 49.32
CA LYS C 306 -5.55 -8.48 49.48
C LYS C 306 -5.08 -9.54 48.49
N ARG C 307 -4.02 -9.28 47.74
CA ARG C 307 -3.52 -10.21 46.74
C ARG C 307 -2.53 -11.19 47.36
N ILE C 308 -2.64 -12.45 46.97
CA ILE C 308 -1.87 -13.54 47.58
C ILE C 308 -0.69 -13.91 46.68
N GLN C 309 0.42 -14.24 47.33
CA GLN C 309 1.65 -14.74 46.70
C GLN C 309 1.44 -15.91 45.76
N LEU C 310 1.17 -17.09 46.32
CA LEU C 310 1.34 -18.34 45.56
C LEU C 310 2.68 -18.31 44.80
N LYS C 311 3.85 -18.46 45.66
CA LYS C 311 5.22 -18.48 45.15
C LYS C 311 5.31 -19.49 44.00
N THR C 312 6.53 -19.73 43.55
CA THR C 312 6.77 -20.80 42.62
C THR C 312 7.71 -21.84 43.24
N MET C 313 8.03 -22.85 42.45
CA MET C 313 8.84 -23.95 42.96
C MET C 313 10.22 -23.48 43.39
N LEU C 314 10.92 -22.78 42.50
CA LEU C 314 12.29 -22.38 42.79
C LEU C 314 12.37 -21.59 44.09
N GLN C 315 11.31 -20.87 44.43
CA GLN C 315 11.26 -20.17 45.71
C GLN C 315 11.03 -21.12 46.88
N LEU C 316 10.41 -22.27 46.64
CA LEU C 316 10.17 -23.26 47.69
C LEU C 316 11.38 -24.16 47.93
N VAL C 317 12.42 -24.05 47.11
CA VAL C 317 13.64 -24.82 47.25
C VAL C 317 14.83 -23.86 47.21
N GLY C 318 16.02 -24.40 47.43
CA GLY C 318 17.20 -23.58 47.46
C GLY C 318 17.54 -23.01 46.09
N GLU C 319 18.18 -21.83 46.11
CA GLU C 319 18.64 -21.20 44.88
C GLU C 319 19.90 -21.90 44.37
N LYS C 320 20.97 -21.88 45.19
CA LYS C 320 22.22 -22.57 44.90
C LYS C 320 22.77 -23.26 46.13
N GLY C 321 21.91 -23.61 47.08
CA GLY C 321 22.34 -24.16 48.35
C GLY C 321 22.27 -23.19 49.51
N LYS C 322 22.00 -21.91 49.24
CA LYS C 322 21.90 -20.88 50.27
C LYS C 322 20.45 -20.59 50.65
N ALA C 323 19.52 -21.46 50.29
CA ALA C 323 18.10 -21.28 50.56
C ALA C 323 17.49 -22.67 50.71
N GLY C 324 16.17 -22.77 50.56
CA GLY C 324 15.50 -24.05 50.67
C GLY C 324 14.44 -24.13 51.75
N LYS C 325 13.75 -23.02 51.99
CA LYS C 325 12.67 -23.01 52.97
C LYS C 325 11.63 -24.10 52.67
N GLU C 326 11.26 -24.85 53.70
CA GLU C 326 10.27 -25.91 53.62
C GLU C 326 10.46 -26.79 52.39
N GLU C 327 11.60 -27.48 52.30
CA GLU C 327 11.76 -28.44 51.23
C GLU C 327 10.70 -29.53 51.35
N ILE C 328 10.38 -30.08 50.21
CA ILE C 328 9.19 -30.91 50.00
C ILE C 328 9.53 -32.33 49.56
N LYS C 329 10.63 -32.49 48.81
CA LYS C 329 11.07 -33.78 48.32
C LYS C 329 10.15 -34.33 47.26
N VAL C 330 10.72 -35.06 46.30
CA VAL C 330 9.96 -35.86 45.37
C VAL C 330 10.39 -37.29 45.54
N LYS C 331 9.56 -38.20 45.04
CA LYS C 331 9.80 -39.62 45.14
C LYS C 331 9.99 -40.24 43.77
N THR C 332 11.14 -40.89 43.62
CA THR C 332 11.56 -41.39 42.32
C THR C 332 11.15 -42.85 42.13
N GLU C 333 11.26 -43.67 43.17
CA GLU C 333 11.04 -45.10 43.08
C GLU C 333 9.77 -45.50 43.80
N PRO C 334 9.20 -46.65 43.44
CA PRO C 334 7.98 -47.10 44.12
C PRO C 334 8.14 -47.31 45.63
N SER C 335 9.27 -47.86 46.07
CA SER C 335 9.40 -48.22 47.49
C SER C 335 9.56 -46.96 48.35
N MET C 336 10.72 -46.32 48.23
CA MET C 336 11.14 -45.09 48.94
C MET C 336 10.41 -44.71 50.23
N GLN C 337 10.49 -45.58 51.24
CA GLN C 337 9.81 -45.37 52.52
C GLN C 337 10.17 -44.10 53.31
N ASP C 338 9.66 -42.97 52.86
CA ASP C 338 9.86 -41.64 53.49
C ASP C 338 11.19 -41.38 54.20
N ILE C 339 12.30 -41.67 53.53
CA ILE C 339 13.63 -41.47 54.10
C ILE C 339 14.67 -41.55 52.97
N ASP C 340 14.33 -42.30 51.93
CA ASP C 340 15.21 -42.48 50.79
C ASP C 340 14.83 -41.55 49.65
N ALA C 341 13.74 -40.81 49.81
CA ALA C 341 13.29 -39.89 48.77
C ALA C 341 14.40 -38.90 48.48
N ILE C 342 14.89 -38.91 47.25
CA ILE C 342 16.11 -38.17 46.90
C ILE C 342 15.68 -36.76 46.52
N ASP C 343 15.45 -35.94 47.55
CA ASP C 343 15.22 -34.51 47.41
C ASP C 343 14.17 -34.18 46.35
N VAL C 344 14.14 -32.93 45.89
CA VAL C 344 13.43 -32.54 44.68
C VAL C 344 14.36 -31.82 43.70
N ARG C 345 15.15 -30.87 44.19
CA ARG C 345 16.19 -30.29 43.33
C ARG C 345 17.07 -31.39 42.76
N GLN C 346 17.33 -32.43 43.56
CA GLN C 346 18.15 -33.53 43.08
C GLN C 346 17.53 -34.25 41.91
N ALA C 347 16.27 -34.65 42.02
CA ALA C 347 15.68 -35.45 40.96
C ALA C 347 15.85 -34.77 39.62
N ILE C 348 15.62 -33.45 39.60
CA ILE C 348 15.78 -32.67 38.38
C ILE C 348 17.25 -32.59 37.98
N GLY C 349 18.14 -32.33 38.95
CA GLY C 349 19.55 -32.22 38.63
C GLY C 349 20.07 -33.51 38.02
N ASP C 350 19.54 -34.63 38.50
CA ASP C 350 20.04 -35.93 38.11
C ASP C 350 19.50 -36.33 36.75
N ALA C 351 18.21 -36.03 36.50
CA ALA C 351 17.67 -36.17 35.16
C ALA C 351 18.45 -35.31 34.16
N VAL C 352 18.72 -34.05 34.53
CA VAL C 352 19.39 -33.13 33.62
C VAL C 352 20.82 -33.59 33.34
N ARG C 353 21.58 -33.91 34.40
CA ARG C 353 22.95 -34.35 34.23
C ARG C 353 23.04 -35.67 33.45
N GLU C 354 22.15 -36.64 33.73
CA GLU C 354 22.16 -37.88 32.95
C GLU C 354 21.74 -37.70 31.50
N GLY C 355 20.67 -36.94 31.23
CA GLY C 355 20.10 -36.89 29.90
C GLY C 355 20.67 -35.81 29.02
N LEU C 356 21.42 -34.88 29.62
CA LEU C 356 22.14 -33.85 28.88
C LEU C 356 23.64 -34.08 28.86
N ASN C 357 24.15 -34.94 29.75
CA ASN C 357 25.58 -35.23 29.82
C ASN C 357 26.36 -33.95 30.12
N LEU C 358 26.10 -33.38 31.30
CA LEU C 358 26.44 -32.00 31.61
C LEU C 358 27.42 -31.81 32.76
N ARG C 359 27.73 -32.87 33.53
CA ARG C 359 28.59 -32.75 34.70
C ARG C 359 27.91 -31.89 35.77
N GLU C 360 28.51 -31.74 36.95
CA GLU C 360 27.95 -30.91 38.02
C GLU C 360 28.37 -29.44 37.93
N GLY C 361 28.76 -28.94 36.77
CA GLY C 361 29.17 -27.56 36.69
C GLY C 361 27.96 -26.64 36.83
N SER C 362 28.24 -25.34 36.82
CA SER C 362 27.17 -24.37 36.99
C SER C 362 26.12 -24.48 35.89
N ASP C 363 26.44 -25.19 34.79
CA ASP C 363 25.50 -25.33 33.68
C ASP C 363 24.37 -26.31 34.01
N ALA C 364 24.67 -27.37 34.77
CA ALA C 364 23.61 -28.29 35.17
C ALA C 364 22.67 -27.63 36.17
N ASP C 365 23.23 -26.98 37.19
CA ASP C 365 22.39 -26.21 38.11
C ASP C 365 21.62 -25.14 37.37
N MET C 366 22.23 -24.54 36.35
CA MET C 366 21.51 -23.72 35.40
C MET C 366 20.23 -24.37 34.91
N TYR C 367 20.37 -25.45 34.15
CA TYR C 367 19.21 -26.06 33.52
C TYR C 367 18.16 -26.41 34.57
N VAL C 368 18.63 -26.87 35.74
CA VAL C 368 17.71 -27.23 36.81
C VAL C 368 16.97 -25.99 37.32
N ASN C 369 17.67 -24.88 37.48
CA ASN C 369 17.02 -23.65 37.94
C ASN C 369 15.94 -23.24 36.97
N GLU C 370 16.23 -23.29 35.67
CA GLU C 370 15.21 -22.85 34.74
C GLU C 370 13.99 -23.76 34.83
N LEU C 371 14.23 -25.07 34.88
CA LEU C 371 13.15 -26.05 34.89
C LEU C 371 12.36 -26.07 36.19
N LEU C 372 12.94 -25.59 37.30
CA LEU C 372 12.20 -25.45 38.54
C LEU C 372 11.23 -24.27 38.50
N LYS C 373 11.46 -23.31 37.60
CA LYS C 373 10.61 -22.15 37.46
C LYS C 373 9.38 -22.44 36.62
N GLN C 374 9.23 -23.67 36.15
CA GLN C 374 8.17 -24.03 35.23
C GLN C 374 6.82 -24.07 35.93
N PRO C 375 5.73 -24.01 35.17
CA PRO C 375 4.44 -24.35 35.75
C PRO C 375 4.54 -25.72 36.40
N VAL C 376 4.02 -25.78 37.62
CA VAL C 376 4.30 -26.89 38.51
C VAL C 376 3.82 -28.21 37.92
N ARG C 377 2.73 -28.18 37.15
CA ARG C 377 2.27 -29.38 36.45
C ARG C 377 3.29 -29.86 35.41
N LEU C 378 3.88 -28.95 34.65
CA LEU C 378 4.85 -29.36 33.64
C LEU C 378 6.02 -30.10 34.27
N LEU C 379 6.56 -29.53 35.35
CA LEU C 379 7.64 -30.20 36.07
C LEU C 379 7.18 -31.55 36.59
N MET C 380 5.97 -31.60 37.16
CA MET C 380 5.45 -32.86 37.65
C MET C 380 5.45 -33.92 36.55
N GLN C 381 4.89 -33.58 35.40
CA GLN C 381 4.70 -34.56 34.33
C GLN C 381 6.04 -35.00 33.73
N VAL C 382 6.94 -34.05 33.46
CA VAL C 382 8.23 -34.43 32.89
C VAL C 382 9.01 -35.30 33.86
N LEU C 383 9.07 -34.89 35.13
CA LEU C 383 9.82 -35.61 36.15
C LEU C 383 9.23 -36.98 36.44
N GLN C 384 7.92 -37.15 36.24
CA GLN C 384 7.28 -38.44 36.47
C GLN C 384 7.45 -39.38 35.27
N ASP C 385 7.25 -38.87 34.05
CA ASP C 385 7.47 -39.69 32.86
C ASP C 385 8.91 -40.21 32.84
N PHE C 386 9.88 -39.31 33.06
CA PHE C 386 11.27 -39.72 33.02
C PHE C 386 11.53 -40.89 33.96
N TYR C 387 11.12 -40.77 35.22
CA TYR C 387 11.51 -41.76 36.22
C TYR C 387 10.71 -43.05 36.12
N THR C 388 9.43 -42.97 35.75
CA THR C 388 8.69 -44.21 35.53
C THR C 388 9.26 -44.99 34.37
N LYS C 389 9.57 -44.33 33.25
CA LYS C 389 10.17 -45.04 32.13
C LYS C 389 11.59 -45.48 32.47
N LYS C 390 12.22 -44.82 33.43
CA LYS C 390 13.54 -45.25 33.88
C LYS C 390 13.46 -46.56 34.67
N TYR C 391 12.53 -46.62 35.63
CA TYR C 391 12.22 -47.89 36.28
C TYR C 391 11.99 -48.95 35.21
N HIS C 392 11.15 -48.62 34.23
CA HIS C 392 10.98 -49.46 33.05
C HIS C 392 12.31 -49.99 32.53
N ALA C 393 13.23 -49.08 32.18
CA ALA C 393 14.47 -49.48 31.52
C ALA C 393 15.28 -50.43 32.37
N THR C 394 15.26 -50.26 33.70
CA THR C 394 15.98 -51.12 34.63
C THR C 394 15.08 -52.15 35.28
N SER C 395 13.99 -52.52 34.62
CA SER C 395 13.06 -53.51 35.13
C SER C 395 12.46 -53.07 36.46
N SER C 412 19.27 -45.90 27.53
CA SER C 412 19.77 -44.56 27.25
C SER C 412 18.97 -43.51 28.01
N VAL C 413 19.54 -42.98 29.10
CA VAL C 413 18.89 -41.93 29.87
C VAL C 413 18.58 -40.70 28.98
N PRO C 414 19.50 -40.23 28.15
CA PRO C 414 19.15 -39.08 27.30
C PRO C 414 17.96 -39.34 26.42
N ASN C 415 17.76 -40.57 25.96
CA ASN C 415 16.54 -40.90 25.24
C ASN C 415 15.32 -40.72 26.13
N LEU C 416 15.41 -41.14 27.39
CA LEU C 416 14.29 -41.01 28.31
C LEU C 416 13.97 -39.54 28.58
N LEU C 417 14.98 -38.75 28.92
CA LEU C 417 14.78 -37.33 29.16
C LEU C 417 14.28 -36.63 27.90
N ARG C 418 14.81 -37.01 26.74
CA ARG C 418 14.38 -36.43 25.49
C ARG C 418 12.90 -36.72 25.21
N ASN C 419 12.47 -37.95 25.46
CA ASN C 419 11.06 -38.29 25.28
C ASN C 419 10.19 -37.47 26.24
N ALA C 420 10.58 -37.40 27.51
CA ALA C 420 9.79 -36.65 28.48
C ALA C 420 9.72 -35.17 28.10
N LEU C 421 10.84 -34.59 27.68
CA LEU C 421 10.87 -33.18 27.30
C LEU C 421 10.06 -32.95 26.02
N TYR C 422 10.15 -33.87 25.06
CA TYR C 422 9.38 -33.73 23.83
C TYR C 422 7.89 -33.70 24.14
N GLY C 423 7.43 -34.61 24.98
CA GLY C 423 6.02 -34.62 25.34
C GLY C 423 5.62 -33.40 26.14
N SER C 424 6.43 -33.04 27.15
CA SER C 424 6.04 -31.95 28.04
C SER C 424 6.12 -30.59 27.33
N MET C 425 7.16 -30.37 26.54
CA MET C 425 7.34 -29.12 25.82
C MET C 425 6.83 -29.22 24.39
N LEU C 426 5.86 -30.09 24.16
CA LEU C 426 5.42 -30.38 22.79
C LEU C 426 4.83 -29.15 22.13
N SER C 427 4.00 -28.39 22.84
CA SER C 427 3.41 -27.19 22.25
C SER C 427 4.49 -26.16 21.93
N ASN C 428 5.53 -26.09 22.76
CA ASN C 428 6.59 -25.13 22.52
C ASN C 428 7.34 -25.46 21.23
N ILE C 429 7.75 -26.73 21.07
CA ILE C 429 8.50 -27.09 19.87
C ILE C 429 7.60 -27.00 18.63
N TYR C 430 6.32 -27.38 18.76
CA TYR C 430 5.41 -27.24 17.64
C TYR C 430 5.19 -25.77 17.28
N ARG C 431 5.30 -24.87 18.26
CA ARG C 431 5.31 -23.44 17.94
C ARG C 431 6.50 -23.08 17.09
N ALA C 432 7.69 -23.48 17.52
CA ALA C 432 8.93 -22.99 16.92
C ALA C 432 9.14 -23.54 15.51
N GLY C 433 8.29 -24.46 15.05
CA GLY C 433 8.48 -25.04 13.74
C GLY C 433 9.51 -26.14 13.69
N LEU C 434 9.92 -26.67 14.84
CA LEU C 434 10.87 -27.76 14.87
C LEU C 434 10.17 -29.07 14.48
N ASN C 435 10.97 -30.11 14.28
CA ASN C 435 10.46 -31.37 13.75
C ASN C 435 9.44 -31.96 14.71
N TYR C 436 8.25 -32.35 14.21
CA TYR C 436 7.27 -32.92 15.11
C TYR C 436 7.59 -34.38 15.29
N GLU C 437 7.78 -35.06 14.15
CA GLU C 437 7.80 -36.52 14.03
C GLU C 437 8.86 -37.10 14.95
N GLN C 438 8.57 -38.27 15.54
CA GLN C 438 9.63 -39.04 16.18
C GLN C 438 10.38 -39.87 15.16
N HIS C 439 9.68 -40.35 14.14
CA HIS C 439 10.27 -41.28 13.19
C HIS C 439 11.31 -40.64 12.29
N ARG C 440 11.57 -39.35 12.44
CA ARG C 440 12.74 -38.78 11.78
C ARG C 440 13.51 -37.89 12.74
N PHE C 441 13.67 -38.35 13.98
CA PHE C 441 14.49 -37.61 14.91
C PHE C 441 15.93 -37.60 14.43
N GLY C 442 16.54 -38.79 14.31
CA GLY C 442 17.84 -38.94 13.69
C GLY C 442 18.79 -37.82 14.05
N MET C 443 19.65 -37.35 13.12
CA MET C 443 20.28 -36.08 13.33
C MET C 443 20.25 -35.12 12.15
N ASP C 444 19.73 -35.56 11.02
CA ASP C 444 19.53 -34.62 9.92
C ASP C 444 18.57 -33.52 10.34
N SER C 445 17.47 -33.92 10.99
CA SER C 445 16.50 -32.95 11.48
C SER C 445 16.99 -32.21 12.73
N LEU C 446 17.91 -32.81 13.48
CA LEU C 446 18.43 -32.14 14.67
C LEU C 446 19.18 -30.86 14.32
N CYS C 447 20.04 -30.90 13.30
CA CYS C 447 20.79 -29.72 12.91
C CYS C 447 19.84 -28.63 12.43
N LYS C 448 18.83 -29.00 11.67
CA LYS C 448 17.87 -28.02 11.17
C LYS C 448 17.02 -27.47 12.30
N ASP C 449 16.73 -28.30 13.30
CA ASP C 449 16.04 -27.83 14.50
C ASP C 449 16.88 -26.78 15.23
N ILE C 450 18.17 -27.04 15.36
CA ILE C 450 19.04 -26.08 16.04
C ILE C 450 19.12 -24.78 15.25
N PHE C 451 19.25 -24.87 13.92
CA PHE C 451 19.28 -23.67 13.12
C PHE C 451 18.00 -22.87 13.26
N THR C 452 16.85 -23.55 13.27
CA THR C 452 15.58 -22.85 13.45
C THR C 452 15.51 -22.17 14.81
N TYR C 453 15.89 -22.89 15.87
CA TYR C 453 15.88 -22.32 17.21
C TYR C 453 16.76 -21.08 17.26
N VAL C 454 17.94 -21.17 16.66
CA VAL C 454 18.88 -20.05 16.69
C VAL C 454 18.29 -18.89 15.92
N LYS C 455 17.61 -19.19 14.81
CA LYS C 455 16.99 -18.15 13.99
C LYS C 455 15.97 -17.35 14.78
N GLN C 456 15.13 -18.03 15.57
CA GLN C 456 14.14 -17.30 16.36
C GLN C 456 14.72 -16.74 17.65
N ASP C 457 15.74 -17.38 18.21
CA ASP C 457 16.49 -16.81 19.32
C ASP C 457 17.48 -15.74 18.85
N ARG C 458 17.52 -15.46 17.55
CA ARG C 458 18.48 -14.50 17.00
C ARG C 458 19.88 -14.96 17.37
N ASP C 459 20.57 -14.23 18.24
CA ASP C 459 21.86 -14.68 18.75
C ASP C 459 22.81 -15.01 17.61
N PHE C 460 22.71 -16.23 17.06
CA PHE C 460 23.59 -16.77 16.03
C PHE C 460 25.05 -16.86 16.48
N ASN C 461 25.36 -16.60 17.75
CA ASN C 461 26.72 -16.62 18.29
C ASN C 461 26.91 -17.60 19.44
N THR C 462 25.97 -17.62 20.38
CA THR C 462 25.96 -18.61 21.44
C THR C 462 24.74 -19.53 21.35
N GLY C 463 23.90 -19.35 20.32
CA GLY C 463 22.67 -20.11 20.24
C GLY C 463 22.87 -21.61 20.22
N PHE C 464 23.93 -22.09 19.56
CA PHE C 464 24.17 -23.53 19.46
C PHE C 464 24.52 -24.16 20.81
N TYR C 465 24.86 -23.36 21.81
CA TYR C 465 24.97 -23.80 23.20
C TYR C 465 23.65 -24.36 23.72
N LEU C 466 22.53 -23.88 23.20
CA LEU C 466 21.20 -24.31 23.65
C LEU C 466 20.99 -24.05 25.14
N ARG C 467 21.55 -22.94 25.63
CA ARG C 467 21.29 -22.52 27.00
C ARG C 467 19.94 -21.83 27.10
N PRO C 468 19.25 -21.97 28.24
CA PRO C 468 17.90 -21.37 28.39
C PRO C 468 17.92 -19.92 28.87
N GLN C 469 18.07 -19.01 27.91
CA GLN C 469 18.38 -17.62 28.21
C GLN C 469 17.42 -16.68 27.49
N SER C 470 16.57 -17.23 26.62
CA SER C 470 15.76 -16.50 25.66
C SER C 470 14.77 -15.54 26.29
N GLU C 471 14.17 -14.69 25.44
CA GLU C 471 13.10 -13.83 25.89
C GLU C 471 12.03 -14.62 26.62
N SER C 472 11.67 -15.76 26.06
CA SER C 472 10.36 -16.35 26.32
C SER C 472 10.46 -17.79 26.79
N GLU C 473 9.42 -18.16 27.52
CA GLU C 473 9.17 -19.51 27.98
C GLU C 473 9.21 -20.54 26.85
N ALA C 474 8.66 -20.22 25.67
CA ALA C 474 8.59 -21.22 24.60
C ALA C 474 9.98 -21.62 24.11
N LEU C 475 10.80 -20.63 23.73
CA LEU C 475 12.14 -20.93 23.26
C LEU C 475 13.05 -21.45 24.36
N ARG C 476 12.84 -21.01 25.61
CA ARG C 476 13.63 -21.55 26.71
C ARG C 476 13.35 -23.04 26.92
N ASN C 477 12.08 -23.46 26.79
CA ASN C 477 11.77 -24.88 26.81
C ASN C 477 12.38 -25.60 25.63
N CYS C 478 12.29 -25.00 24.44
CA CYS C 478 12.88 -25.62 23.25
C CYS C 478 14.38 -25.82 23.42
N SER C 479 15.04 -24.93 24.14
CA SER C 479 16.48 -25.05 24.32
C SER C 479 16.85 -26.33 25.07
N ILE C 480 16.17 -26.60 26.17
CA ILE C 480 16.47 -27.80 26.94
C ILE C 480 16.07 -29.05 26.15
N TYR C 481 14.95 -28.98 25.42
CA TYR C 481 14.55 -30.12 24.60
C TYR C 481 15.61 -30.43 23.56
N LEU C 482 16.13 -29.41 22.89
CA LEU C 482 17.16 -29.62 21.88
C LEU C 482 18.47 -30.07 22.49
N ALA C 483 18.78 -29.61 23.71
CA ALA C 483 19.97 -30.12 24.40
C ALA C 483 19.83 -31.61 24.65
N SER C 484 18.66 -32.07 25.07
CA SER C 484 18.43 -33.50 25.24
C SER C 484 18.57 -34.23 23.91
N GLN C 485 18.03 -33.65 22.84
CA GLN C 485 18.18 -34.26 21.52
C GLN C 485 19.64 -34.44 21.16
N VAL C 486 20.45 -33.40 21.36
CA VAL C 486 21.88 -33.49 21.06
C VAL C 486 22.55 -34.56 21.91
N SER C 487 22.24 -34.56 23.20
CA SER C 487 22.90 -35.52 24.09
C SER C 487 22.58 -36.95 23.68
N GLU C 488 21.32 -37.23 23.33
CA GLU C 488 20.94 -38.60 22.97
C GLU C 488 21.55 -38.98 21.63
N ASN C 489 21.43 -38.12 20.62
CA ASN C 489 21.80 -38.51 19.27
C ASN C 489 23.30 -38.66 19.12
N CYS C 490 24.08 -37.80 19.78
CA CYS C 490 25.54 -37.83 19.68
C CYS C 490 26.18 -38.83 20.63
N GLN C 491 25.37 -39.49 21.46
CA GLN C 491 25.92 -40.41 22.44
C GLN C 491 26.44 -41.68 21.78
N GLY C 492 27.68 -42.03 22.11
CA GLY C 492 28.30 -43.25 21.63
C GLY C 492 28.65 -43.22 20.16
N SER C 493 29.02 -42.07 19.61
CA SER C 493 29.36 -41.99 18.20
C SER C 493 30.30 -40.82 17.96
N LEU C 494 31.51 -41.13 17.46
CA LEU C 494 32.48 -40.09 17.14
C LEU C 494 32.12 -39.41 15.83
N SER C 495 31.59 -40.17 14.86
CA SER C 495 31.07 -39.57 13.64
C SER C 495 29.96 -38.57 13.92
N LYS C 496 28.97 -38.97 14.74
CA LYS C 496 27.86 -38.07 15.02
C LYS C 496 28.30 -36.87 15.84
N PHE C 497 29.31 -37.05 16.70
CA PHE C 497 29.87 -35.91 17.42
C PHE C 497 30.43 -34.89 16.45
N LEU C 498 31.25 -35.33 15.50
CA LEU C 498 31.79 -34.40 14.51
C LEU C 498 30.68 -33.80 13.67
N GLN C 499 29.62 -34.56 13.43
CA GLN C 499 28.45 -34.07 12.69
C GLN C 499 27.82 -32.89 13.41
N MET C 500 27.26 -33.15 14.59
CA MET C 500 26.81 -32.08 15.47
C MET C 500 27.75 -30.89 15.36
N LEU C 501 29.02 -31.11 15.72
CA LEU C 501 30.00 -30.02 15.72
C LEU C 501 29.98 -29.27 14.40
N LEU C 502 30.07 -29.99 13.27
CA LEU C 502 30.23 -29.26 12.03
C LEU C 502 28.91 -28.74 11.53
N VAL C 503 28.04 -29.64 11.12
CA VAL C 503 26.82 -29.24 10.43
C VAL C 503 26.00 -28.30 11.31
N GLY C 504 25.73 -28.70 12.57
CA GLY C 504 24.85 -27.90 13.39
C GLY C 504 25.47 -26.59 13.81
N CYS C 505 26.57 -26.64 14.57
CA CYS C 505 27.17 -25.40 15.09
C CYS C 505 27.77 -24.56 13.98
N GLY C 506 28.57 -25.16 13.10
CA GLY C 506 29.15 -24.40 12.01
C GLY C 506 28.10 -23.77 11.11
N SER C 507 26.98 -24.47 10.93
CA SER C 507 25.90 -23.97 10.11
C SER C 507 25.33 -22.66 10.67
N VAL C 508 25.72 -22.35 11.91
CA VAL C 508 25.27 -21.14 12.57
C VAL C 508 26.36 -20.09 12.62
N SER C 509 27.60 -20.54 12.87
CA SER C 509 28.74 -19.64 12.94
C SER C 509 29.10 -19.09 11.56
N ILE C 510 29.22 -19.99 10.59
CA ILE C 510 29.55 -19.59 9.23
C ILE C 510 28.59 -18.53 8.70
N PHE C 511 27.30 -18.72 9.01
CA PHE C 511 26.27 -17.78 8.58
C PHE C 511 26.51 -16.38 9.17
N ASN C 512 26.86 -16.32 10.45
CA ASN C 512 27.10 -15.01 11.05
C ASN C 512 28.21 -14.25 10.32
N GLN C 513 29.37 -14.84 10.20
CA GLN C 513 30.54 -14.04 9.90
C GLN C 513 30.74 -13.83 8.42
N PHE C 514 30.06 -14.60 7.57
CA PHE C 514 30.29 -14.57 6.13
C PHE C 514 29.03 -14.39 5.30
N VAL C 515 27.84 -14.40 5.90
CA VAL C 515 26.61 -14.26 5.15
C VAL C 515 25.71 -13.14 5.67
N THR C 516 25.92 -12.66 6.89
CA THR C 516 25.09 -11.59 7.43
C THR C 516 25.38 -10.23 6.81
N GLU C 517 26.54 -10.06 6.16
CA GLU C 517 26.88 -8.77 5.58
C GLU C 517 25.92 -8.39 4.45
N LEU C 518 25.14 -9.34 3.95
CA LEU C 518 24.18 -9.04 2.88
C LEU C 518 22.90 -8.45 3.46
N ALA C 519 22.26 -9.16 4.38
CA ALA C 519 21.02 -8.69 5.00
C ALA C 519 21.32 -7.92 6.28
N ASP C 524 15.40 -5.68 6.01
CA ASP C 524 14.12 -6.32 5.78
C ASP C 524 14.12 -7.73 6.36
N ARG C 525 12.94 -8.18 6.80
CA ARG C 525 12.81 -9.52 7.36
C ARG C 525 12.45 -10.54 6.28
N GLU C 526 11.63 -10.13 5.31
CA GLU C 526 11.31 -10.98 4.17
C GLU C 526 12.55 -11.38 3.40
N LYS C 527 13.46 -10.43 3.16
CA LYS C 527 14.72 -10.74 2.51
C LYS C 527 15.62 -11.57 3.41
N PHE C 528 15.63 -11.28 4.71
CA PHE C 528 16.55 -11.96 5.61
C PHE C 528 16.24 -13.45 5.69
N GLU C 529 14.98 -13.79 5.91
CA GLU C 529 14.62 -15.21 5.92
C GLU C 529 14.94 -15.90 4.59
N GLN C 530 14.71 -15.23 3.45
CA GLN C 530 15.01 -15.90 2.20
C GLN C 530 16.49 -16.12 2.02
N LEU C 531 17.30 -15.17 2.47
CA LEU C 531 18.73 -15.44 2.48
C LEU C 531 19.04 -16.66 3.34
N ILE C 532 18.39 -16.78 4.49
CA ILE C 532 18.54 -17.97 5.30
C ILE C 532 18.08 -19.20 4.53
N SER C 533 16.94 -19.10 3.83
CA SER C 533 16.37 -20.26 3.17
C SER C 533 17.36 -20.87 2.17
N GLU C 534 18.02 -20.05 1.34
CA GLU C 534 19.06 -20.57 0.48
C GLU C 534 20.28 -21.02 1.28
N TYR C 535 20.67 -20.25 2.30
CA TYR C 535 21.81 -20.68 3.09
C TYR C 535 21.58 -22.08 3.63
N VAL C 536 20.37 -22.37 4.10
CA VAL C 536 20.02 -23.76 4.42
C VAL C 536 20.12 -24.65 3.18
N ALA C 537 19.44 -24.26 2.09
CA ALA C 537 19.34 -25.14 0.94
C ALA C 537 20.72 -25.44 0.36
N TYR C 538 21.56 -24.42 0.25
CA TYR C 538 22.91 -24.61 -0.29
C TYR C 538 23.78 -25.37 0.71
N MET C 539 23.68 -25.03 1.99
CA MET C 539 24.47 -25.69 3.01
C MET C 539 24.07 -27.15 3.18
N SER C 540 22.88 -27.53 2.68
CA SER C 540 22.31 -28.87 2.88
C SER C 540 21.86 -29.12 4.31
N VAL C 541 21.66 -28.03 5.07
CA VAL C 541 21.31 -28.16 6.48
C VAL C 541 19.94 -28.82 6.59
N GLY C 542 19.89 -29.95 7.28
CA GLY C 542 18.69 -30.75 7.38
C GLY C 542 18.66 -31.93 6.42
N ARG C 543 19.46 -31.90 5.36
CA ARG C 543 19.47 -32.95 4.36
C ARG C 543 20.88 -33.23 3.84
N ILE C 544 21.89 -33.10 4.70
CA ILE C 544 23.26 -33.35 4.27
C ILE C 544 23.41 -34.81 3.85
N GLU C 545 24.23 -35.04 2.83
CA GLU C 545 24.61 -36.42 2.53
C GLU C 545 25.75 -36.87 3.42
N SER C 546 26.77 -36.03 3.51
CA SER C 546 28.02 -36.36 4.17
C SER C 546 28.59 -35.09 4.76
N ALA C 547 29.44 -35.28 5.77
CA ALA C 547 30.07 -34.13 6.42
C ALA C 547 31.01 -33.41 5.48
N SER C 548 31.73 -34.16 4.63
CA SER C 548 32.63 -33.52 3.66
C SER C 548 31.86 -32.66 2.68
N HIS C 549 30.63 -33.06 2.32
CA HIS C 549 29.82 -32.24 1.43
C HIS C 549 29.55 -30.87 2.05
N TRP C 550 29.19 -30.85 3.34
CA TRP C 550 28.97 -29.58 4.03
C TRP C 550 30.24 -28.74 4.02
N ALA C 551 31.38 -29.36 4.31
CA ALA C 551 32.63 -28.63 4.37
C ALA C 551 33.03 -28.10 2.98
N ASN C 552 32.74 -28.87 1.92
CA ASN C 552 32.98 -28.37 0.57
C ASN C 552 32.16 -27.11 0.30
N ARG C 553 30.89 -27.13 0.68
CA ARG C 553 30.04 -25.95 0.51
C ARG C 553 30.46 -24.82 1.44
N CYS C 554 30.99 -25.17 2.62
CA CYS C 554 31.47 -24.14 3.53
C CYS C 554 32.67 -23.39 2.96
N CYS C 555 33.49 -24.07 2.14
CA CYS C 555 34.63 -23.40 1.53
C CYS C 555 34.18 -22.24 0.63
N ALA C 556 33.15 -22.47 -0.17
CA ALA C 556 32.65 -21.41 -1.04
C ALA C 556 32.11 -20.24 -0.23
N VAL C 557 31.33 -20.53 0.82
CA VAL C 557 30.73 -19.46 1.61
C VAL C 557 31.79 -18.60 2.25
N VAL C 558 32.82 -19.23 2.83
CA VAL C 558 33.89 -18.48 3.49
C VAL C 558 34.69 -17.67 2.48
N ALA C 559 34.74 -18.12 1.22
CA ALA C 559 35.69 -17.59 0.26
C ALA C 559 35.10 -16.47 -0.61
N ASN C 560 33.95 -15.90 -0.24
CA ASN C 560 33.37 -14.81 -1.01
C ASN C 560 33.12 -13.59 -0.13
N SER C 561 34.12 -13.19 0.67
CA SER C 561 33.98 -12.02 1.51
C SER C 561 35.31 -11.37 1.92
N PRO C 562 36.30 -12.13 2.40
CA PRO C 562 37.48 -11.49 2.98
C PRO C 562 38.14 -10.48 2.06
N ASN C 563 39.00 -9.67 2.67
CA ASN C 563 39.59 -8.50 2.03
C ASN C 563 40.95 -8.27 2.67
N ASP C 564 41.48 -7.04 2.57
CA ASP C 564 42.75 -6.67 3.20
C ASP C 564 43.92 -7.45 2.59
N GLU C 565 44.21 -7.10 1.35
CA GLU C 565 45.33 -7.57 0.52
C GLU C 565 45.01 -8.91 -0.14
N LYS C 566 43.85 -9.49 0.12
CA LYS C 566 43.30 -10.55 -0.72
C LYS C 566 44.22 -11.77 -0.75
N ILE C 567 44.73 -12.14 0.41
CA ILE C 567 45.51 -13.37 0.54
C ILE C 567 44.57 -14.56 0.60
N GLY C 568 45.09 -15.72 0.19
CA GLY C 568 44.35 -16.96 0.31
C GLY C 568 44.47 -17.62 1.67
N VAL C 569 44.63 -16.82 2.72
CA VAL C 569 44.66 -17.34 4.09
C VAL C 569 43.36 -16.93 4.75
N PHE C 570 42.37 -17.80 4.66
CA PHE C 570 41.02 -17.53 5.14
C PHE C 570 40.89 -18.09 6.57
N LEU C 571 39.66 -18.23 7.07
CA LEU C 571 39.43 -18.61 8.46
C LEU C 571 40.24 -19.85 8.86
N GLY C 572 39.96 -20.99 8.24
CA GLY C 572 40.61 -22.22 8.63
C GLY C 572 41.18 -22.99 7.47
N MET C 573 41.76 -22.29 6.51
CA MET C 573 42.03 -22.87 5.20
C MET C 573 43.15 -22.10 4.53
N VAL C 574 43.66 -22.66 3.44
CA VAL C 574 44.57 -21.94 2.55
C VAL C 574 44.12 -22.19 1.11
N GLN C 575 43.99 -21.10 0.35
CA GLN C 575 43.64 -21.19 -1.07
C GLN C 575 44.94 -21.32 -1.85
N LEU C 576 45.20 -22.50 -2.37
CA LEU C 576 46.46 -22.77 -3.05
C LEU C 576 46.36 -22.39 -4.51
N ASN C 577 47.45 -21.83 -5.03
CA ASN C 577 47.53 -21.55 -6.45
C ASN C 577 47.57 -22.85 -7.24
N ARG C 578 46.83 -22.88 -8.35
CA ARG C 578 46.82 -24.04 -9.22
C ARG C 578 47.31 -23.77 -10.62
N LYS C 579 47.72 -22.54 -10.95
CA LYS C 579 48.29 -22.24 -12.25
C LYS C 579 49.74 -21.80 -12.05
N SER C 580 50.66 -22.47 -12.74
CA SER C 580 52.07 -22.15 -12.59
C SER C 580 52.44 -20.96 -13.47
N ARG C 581 51.70 -19.85 -13.33
CA ARG C 581 51.99 -18.63 -14.09
C ARG C 581 52.17 -17.50 -13.07
N GLN C 582 53.37 -17.43 -12.51
CA GLN C 582 53.76 -16.38 -11.57
C GLN C 582 55.25 -16.53 -11.26
N ASN C 583 56.00 -15.42 -11.24
CA ASN C 583 57.46 -15.46 -11.13
C ASN C 583 57.89 -15.56 -9.67
N MET C 584 58.42 -16.73 -9.29
CA MET C 584 58.76 -16.98 -7.87
C MET C 584 60.19 -16.64 -7.50
N PRO C 585 60.36 -16.10 -6.30
CA PRO C 585 61.61 -16.22 -5.58
C PRO C 585 61.75 -17.65 -5.04
N GLU C 586 63.01 -18.06 -4.89
CA GLU C 586 63.35 -19.31 -4.23
C GLU C 586 62.65 -20.54 -4.83
N GLY C 587 62.34 -21.51 -3.99
CA GLY C 587 61.81 -22.79 -4.45
C GLY C 587 60.30 -22.84 -4.46
N TYR C 588 59.67 -21.68 -4.29
CA TYR C 588 58.22 -21.64 -4.31
C TYR C 588 57.68 -22.06 -5.67
N LYS C 589 56.58 -22.81 -5.64
CA LYS C 589 56.03 -23.43 -6.84
C LYS C 589 54.61 -23.85 -6.49
N LYS C 590 54.06 -24.75 -7.29
CA LYS C 590 52.66 -25.10 -7.14
C LYS C 590 52.44 -26.00 -5.94
N PHE C 591 51.21 -26.49 -5.84
CA PHE C 591 50.91 -27.68 -5.07
C PHE C 591 50.62 -28.82 -6.02
N ASN C 592 51.21 -29.98 -5.76
CA ASN C 592 50.98 -31.20 -6.52
C ASN C 592 50.67 -32.33 -5.56
N ILE C 593 49.61 -33.07 -5.84
CA ILE C 593 49.26 -34.22 -5.02
C ILE C 593 50.11 -35.44 -5.33
N ASP C 594 50.73 -35.51 -6.52
CA ASP C 594 51.46 -36.71 -6.90
C ASP C 594 52.80 -36.83 -6.16
N THR C 595 53.44 -35.72 -5.81
CA THR C 595 54.69 -35.83 -5.07
C THR C 595 54.48 -36.27 -3.63
N GLU C 596 53.23 -36.31 -3.15
CA GLU C 596 52.93 -36.78 -1.81
C GLU C 596 52.39 -38.20 -1.86
N ASN C 597 52.67 -38.95 -0.80
CA ASN C 597 52.85 -40.39 -0.87
C ASN C 597 52.10 -41.07 0.27
N GLY C 598 51.49 -42.21 -0.02
CA GLY C 598 50.90 -42.98 1.06
C GLY C 598 49.88 -42.17 1.86
N LEU C 599 50.01 -42.25 3.19
CA LEU C 599 49.05 -41.56 4.06
C LEU C 599 49.16 -40.06 3.93
N ALA C 600 50.37 -39.52 3.76
CA ALA C 600 50.53 -38.08 3.61
C ALA C 600 49.68 -37.58 2.45
N LYS C 601 49.67 -38.32 1.34
CA LYS C 601 48.81 -37.97 0.22
C LYS C 601 47.36 -38.09 0.59
N ALA C 602 46.99 -39.21 1.23
CA ALA C 602 45.60 -39.44 1.61
C ALA C 602 45.11 -38.39 2.59
N ALA C 603 45.93 -38.07 3.61
CA ALA C 603 45.58 -37.00 4.52
C ALA C 603 45.50 -35.68 3.78
N MET C 604 46.47 -35.41 2.90
CA MET C 604 46.47 -34.15 2.18
C MET C 604 45.28 -34.04 1.24
N ALA C 605 44.99 -35.11 0.48
CA ALA C 605 43.92 -35.03 -0.50
C ALA C 605 42.55 -34.90 0.14
N SER C 606 42.39 -35.36 1.38
CA SER C 606 41.08 -35.21 2.02
C SER C 606 40.70 -33.76 2.17
N SER C 607 41.68 -32.89 2.40
CA SER C 607 41.44 -31.47 2.62
C SER C 607 41.30 -30.68 1.33
N LEU C 608 41.56 -31.31 0.18
CA LEU C 608 41.41 -30.62 -1.09
C LEU C 608 39.95 -30.25 -1.33
N SER C 609 39.72 -29.01 -1.78
CA SER C 609 38.39 -28.52 -2.05
C SER C 609 38.42 -27.63 -3.28
N THR C 610 37.57 -27.91 -4.25
CA THR C 610 37.48 -27.15 -5.48
C THR C 610 36.13 -26.44 -5.52
N VAL C 611 36.16 -25.14 -5.83
CA VAL C 611 34.96 -24.32 -5.89
C VAL C 611 34.87 -23.74 -7.30
N ALA C 612 33.70 -23.90 -7.92
CA ALA C 612 33.55 -23.73 -9.37
C ALA C 612 32.85 -22.43 -9.75
N SER C 613 33.14 -21.32 -9.07
CA SER C 613 32.48 -20.07 -9.44
C SER C 613 32.81 -19.68 -10.86
N ASN C 614 34.06 -19.28 -11.10
CA ASN C 614 34.57 -19.04 -12.44
C ASN C 614 36.00 -19.53 -12.67
N ASN C 615 36.81 -19.70 -11.62
CA ASN C 615 38.21 -20.03 -11.75
C ASN C 615 38.54 -21.43 -11.26
N LEU C 616 37.61 -22.13 -10.63
CA LEU C 616 37.79 -23.50 -10.15
C LEU C 616 39.04 -23.64 -9.28
N MET C 617 39.17 -22.77 -8.27
CA MET C 617 40.37 -22.80 -7.45
C MET C 617 40.44 -24.13 -6.72
N ASP C 618 41.42 -24.23 -5.82
CA ASP C 618 41.58 -25.38 -4.96
C ASP C 618 41.93 -24.91 -3.55
N PHE C 619 41.12 -25.29 -2.57
CA PHE C 619 41.37 -24.92 -1.19
C PHE C 619 41.79 -26.16 -0.40
N CYS C 620 42.81 -25.98 0.43
CA CYS C 620 43.22 -26.97 1.43
C CYS C 620 42.65 -26.52 2.76
N SER C 621 41.54 -27.14 3.17
CA SER C 621 40.72 -26.63 4.26
C SER C 621 40.65 -27.64 5.40
N VAL C 622 40.80 -27.13 6.62
CA VAL C 622 40.69 -27.95 7.83
C VAL C 622 39.28 -28.51 8.00
N PHE C 623 38.24 -27.78 7.62
CA PHE C 623 36.88 -28.27 7.77
C PHE C 623 36.66 -29.55 6.96
N ASN C 624 37.14 -29.58 5.74
CA ASN C 624 36.99 -30.73 4.87
C ASN C 624 37.78 -31.93 5.40
N LEU C 625 38.89 -31.66 6.06
CA LEU C 625 39.61 -32.71 6.77
C LEU C 625 38.81 -33.22 7.96
N ILE C 626 38.20 -32.32 8.72
CA ILE C 626 37.30 -32.75 9.79
C ILE C 626 36.10 -33.48 9.20
N GLY C 627 35.54 -32.94 8.11
CA GLY C 627 34.46 -33.64 7.44
C GLY C 627 34.87 -35.01 6.94
N ALA C 628 36.12 -35.14 6.46
CA ALA C 628 36.62 -36.44 6.05
C ALA C 628 36.67 -37.42 7.22
N ILE C 629 37.17 -36.96 8.38
CA ILE C 629 37.24 -37.85 9.54
C ILE C 629 35.85 -38.35 9.92
N ALA C 630 34.86 -37.45 9.89
CA ALA C 630 33.51 -37.86 10.23
C ALA C 630 33.01 -38.95 9.28
N ASP C 631 33.38 -38.86 8.01
CA ASP C 631 32.91 -39.81 7.00
C ASP C 631 33.61 -41.18 7.07
N ILE C 632 34.81 -41.28 7.65
CA ILE C 632 35.42 -42.59 7.89
C ILE C 632 35.41 -42.94 9.36
N SER C 633 34.39 -42.48 10.10
CA SER C 633 34.24 -42.85 11.49
C SER C 633 33.08 -43.81 11.75
N ALA C 634 32.11 -43.86 10.84
CA ALA C 634 30.93 -44.69 11.03
C ALA C 634 30.59 -45.38 9.73
N CYS C 635 31.60 -45.83 8.99
CA CYS C 635 31.32 -46.58 7.77
C CYS C 635 30.94 -48.00 8.20
N ARG C 636 31.91 -48.78 8.70
CA ARG C 636 31.61 -50.13 9.17
C ARG C 636 32.89 -50.87 9.54
N CYS C 637 32.71 -52.15 9.89
CA CYS C 637 33.82 -53.06 10.14
C CYS C 637 34.60 -53.43 8.88
N GLU C 638 34.08 -53.17 7.68
CA GLU C 638 34.73 -53.71 6.49
C GLU C 638 36.04 -52.97 6.23
N ARG C 639 36.93 -53.60 5.47
CA ARG C 639 38.05 -52.87 4.89
C ARG C 639 37.68 -52.29 3.53
N SER C 640 36.83 -53.00 2.77
CA SER C 640 36.43 -52.50 1.46
C SER C 640 35.57 -51.24 1.59
N ALA C 641 34.68 -51.20 2.57
CA ALA C 641 33.86 -50.01 2.77
C ALA C 641 34.70 -48.79 3.11
N ILE C 642 35.79 -48.99 3.86
CA ILE C 642 36.71 -47.88 4.10
C ILE C 642 37.35 -47.44 2.80
N THR C 643 37.57 -48.39 1.88
CA THR C 643 38.26 -48.07 0.63
C THR C 643 37.50 -47.01 -0.17
N ASN C 644 36.22 -47.25 -0.43
CA ASN C 644 35.43 -46.28 -1.16
C ASN C 644 35.08 -45.07 -0.30
N ALA C 645 35.06 -45.23 1.02
CA ALA C 645 34.93 -44.08 1.90
C ALA C 645 36.06 -43.09 1.66
N PHE C 646 37.28 -43.60 1.50
CA PHE C 646 38.37 -42.76 1.05
C PHE C 646 38.06 -42.14 -0.30
N ASN C 647 37.70 -42.97 -1.28
CA ASN C 647 37.54 -42.49 -2.64
C ASN C 647 36.51 -41.38 -2.75
N LYS C 648 35.57 -41.30 -1.81
CA LYS C 648 34.59 -40.22 -1.83
C LYS C 648 35.20 -38.90 -1.38
N VAL C 649 36.08 -38.94 -0.37
CA VAL C 649 36.65 -37.74 0.21
C VAL C 649 38.00 -37.47 -0.46
N ILE C 650 38.66 -38.53 -0.92
CA ILE C 650 39.95 -38.36 -1.59
C ILE C 650 39.74 -37.66 -2.93
N ALA C 651 38.69 -38.05 -3.64
CA ALA C 651 38.47 -37.57 -5.00
C ALA C 651 38.25 -36.06 -5.01
N GLN C 652 38.63 -35.44 -6.12
CA GLN C 652 38.42 -34.01 -6.27
C GLN C 652 36.94 -33.69 -6.12
N THR C 653 36.60 -33.01 -5.04
CA THR C 653 35.23 -32.62 -4.76
C THR C 653 35.04 -31.18 -5.23
N THR C 654 34.10 -30.96 -6.13
CA THR C 654 33.91 -29.69 -6.80
C THR C 654 32.47 -29.22 -6.59
N CYS C 655 32.33 -27.93 -6.25
CA CYS C 655 31.00 -27.41 -5.93
C CYS C 655 30.92 -25.95 -6.36
N ILE C 656 29.70 -25.44 -6.39
CA ILE C 656 29.42 -24.10 -6.92
C ILE C 656 29.44 -23.12 -5.76
N VAL C 657 29.71 -21.86 -6.05
CA VAL C 657 29.52 -20.82 -5.04
C VAL C 657 28.04 -20.62 -4.79
N PRO C 658 27.61 -20.27 -3.58
CA PRO C 658 26.19 -20.04 -3.34
C PRO C 658 25.55 -19.06 -4.30
N PRO C 659 24.21 -19.00 -4.37
CA PRO C 659 23.52 -17.98 -5.20
C PRO C 659 23.44 -16.63 -4.48
N TRP C 660 24.52 -16.23 -3.80
CA TRP C 660 24.58 -14.88 -3.24
C TRP C 660 25.95 -14.23 -3.33
N SER C 661 26.90 -14.76 -4.09
CA SER C 661 28.21 -14.09 -4.17
C SER C 661 28.18 -13.01 -5.24
N THR C 704 46.94 -50.24 -3.84
CA THR C 704 47.95 -49.89 -4.83
C THR C 704 48.97 -48.92 -4.25
N GLU C 705 48.55 -47.66 -4.09
CA GLU C 705 49.40 -46.62 -3.52
C GLU C 705 48.91 -46.13 -2.17
N PHE C 706 47.74 -46.58 -1.71
CA PHE C 706 47.20 -46.21 -0.41
C PHE C 706 47.07 -47.42 0.50
N SER C 707 47.80 -48.50 0.21
CA SER C 707 47.53 -49.79 0.83
C SER C 707 47.70 -49.74 2.35
N ASP C 708 48.84 -49.25 2.82
CA ASP C 708 49.12 -49.28 4.26
C ASP C 708 48.26 -48.25 5.00
N ALA C 709 48.00 -47.10 4.38
CA ALA C 709 47.20 -46.08 5.04
C ALA C 709 45.81 -46.59 5.37
N ILE C 710 45.25 -47.45 4.51
CA ILE C 710 43.90 -47.96 4.73
C ILE C 710 43.85 -48.89 5.93
N THR C 711 44.81 -49.82 6.03
CA THR C 711 44.89 -50.68 7.21
C THR C 711 44.91 -49.85 8.49
N LYS C 712 45.60 -48.71 8.42
CA LYS C 712 45.77 -47.81 9.54
C LYS C 712 44.46 -47.13 9.91
N VAL C 713 43.78 -46.58 8.91
CA VAL C 713 42.42 -46.08 9.11
C VAL C 713 41.49 -47.21 9.55
N GLU C 714 41.66 -48.38 8.94
CA GLU C 714 40.96 -49.55 9.43
C GLU C 714 41.35 -49.83 10.88
N GLN C 715 42.65 -49.74 11.19
CA GLN C 715 43.15 -49.76 12.58
C GLN C 715 42.37 -48.81 13.45
N TRP C 716 42.51 -47.51 13.18
CA TRP C 716 42.03 -46.47 14.10
C TRP C 716 40.52 -46.50 14.20
N LEU C 717 39.85 -46.91 13.12
CA LEU C 717 38.40 -46.99 13.15
C LEU C 717 37.94 -48.04 14.15
N LYS C 718 38.57 -49.23 14.13
CA LYS C 718 38.31 -50.22 15.18
C LYS C 718 38.57 -49.64 16.56
N ASN C 719 39.71 -48.98 16.74
CA ASN C 719 40.02 -48.31 17.99
C ASN C 719 38.88 -47.37 18.40
N VAL C 720 38.35 -46.62 17.44
CA VAL C 720 37.21 -45.73 17.73
C VAL C 720 36.00 -46.57 18.07
N ASN C 721 35.80 -47.67 17.36
CA ASN C 721 34.57 -48.45 17.46
C ASN C 721 34.36 -49.03 18.86
N GLU C 722 35.41 -49.57 19.47
CA GLU C 722 35.30 -50.21 20.78
C GLU C 722 34.86 -49.23 21.87
N ILE C 723 35.24 -47.96 21.73
CA ILE C 723 35.43 -47.06 22.87
C ILE C 723 34.84 -45.68 22.62
N GLU C 724 34.38 -45.39 21.40
CA GLU C 724 33.48 -44.29 21.12
C GLU C 724 32.12 -44.46 21.80
N ILE C 725 31.75 -45.68 22.15
CA ILE C 725 30.42 -45.91 22.71
C ILE C 725 30.36 -45.29 24.10
N GLY C 726 31.52 -45.05 24.72
CA GLY C 726 31.57 -44.49 26.05
C GLY C 726 31.82 -42.98 26.05
N ILE C 727 31.38 -42.30 24.99
CA ILE C 727 31.53 -40.85 24.90
C ILE C 727 30.17 -40.15 24.94
N ARG C 728 29.89 -39.42 26.02
CA ARG C 728 28.63 -38.69 26.19
C ARG C 728 28.87 -37.17 26.24
N PRO C 729 28.55 -36.48 25.13
CA PRO C 729 28.74 -35.04 24.98
C PRO C 729 27.45 -34.27 25.18
N SER C 730 27.60 -32.98 25.47
CA SER C 730 26.49 -32.08 25.67
C SER C 730 26.55 -30.97 24.63
N ALA C 731 25.42 -30.29 24.45
CA ALA C 731 25.44 -29.09 23.64
C ALA C 731 26.42 -28.08 24.20
N LEU C 732 26.65 -28.10 25.51
CA LEU C 732 27.65 -27.24 26.13
C LEU C 732 29.06 -27.61 25.68
N LEU C 733 29.41 -28.89 25.80
CA LEU C 733 30.74 -29.34 25.40
C LEU C 733 30.96 -29.11 23.90
N ILE C 734 30.01 -29.56 23.08
CA ILE C 734 30.16 -29.43 21.64
C ILE C 734 30.23 -27.97 21.24
N GLY C 735 29.37 -27.14 21.84
CA GLY C 735 29.43 -25.71 21.55
C GLY C 735 30.72 -25.08 22.02
N LYS C 736 31.22 -25.49 23.19
CA LYS C 736 32.43 -24.88 23.72
C LYS C 736 33.68 -25.39 23.02
N VAL C 737 33.70 -26.67 22.62
CA VAL C 737 34.79 -27.16 21.79
C VAL C 737 34.86 -26.35 20.50
N TRP C 738 33.71 -26.06 19.90
CA TRP C 738 33.67 -25.24 18.71
C TRP C 738 34.14 -23.81 19.00
N SER C 739 33.77 -23.27 20.16
CA SER C 739 34.13 -21.89 20.50
C SER C 739 35.63 -21.70 20.59
N ARG C 740 36.31 -22.52 21.41
CA ARG C 740 37.77 -22.56 21.39
C ARG C 740 38.31 -22.81 19.98
N PHE C 741 37.83 -23.86 19.32
CA PHE C 741 38.35 -24.18 18.00
C PHE C 741 38.16 -23.00 17.04
N TYR C 742 36.94 -22.46 17.00
CA TYR C 742 36.66 -21.34 16.11
C TYR C 742 37.49 -20.11 16.47
N PHE C 743 37.75 -19.89 17.76
CA PHE C 743 38.56 -18.73 18.14
C PHE C 743 40.01 -18.95 17.81
N ASN C 744 40.57 -20.08 18.27
CA ASN C 744 41.94 -20.41 17.91
C ASN C 744 42.15 -20.27 16.41
N LEU C 745 41.08 -20.49 15.63
CA LEU C 745 41.21 -20.47 14.19
C LEU C 745 41.54 -19.07 13.66
N ASN C 746 40.95 -18.02 14.24
CA ASN C 746 41.20 -16.67 13.73
C ASN C 746 42.55 -16.11 14.20
N ASN C 747 43.06 -16.57 15.34
CA ASN C 747 44.40 -16.19 15.73
C ASN C 747 45.43 -16.76 14.75
N VAL C 748 45.20 -17.98 14.29
CA VAL C 748 46.07 -18.54 13.25
C VAL C 748 45.88 -17.81 11.95
N ALA C 749 44.66 -17.36 11.63
CA ALA C 749 44.39 -16.65 10.39
C ALA C 749 44.97 -15.25 10.37
N ASP C 750 45.49 -14.74 11.50
CA ASP C 750 46.06 -13.41 11.55
C ASP C 750 47.55 -13.42 11.88
N GLN C 751 47.95 -14.18 12.90
CA GLN C 751 49.37 -14.22 13.27
C GLN C 751 50.21 -14.79 12.14
N HIS C 752 49.77 -15.90 11.56
CA HIS C 752 50.48 -16.52 10.45
C HIS C 752 50.19 -15.86 9.12
N LYS C 753 49.17 -14.99 9.03
CA LYS C 753 48.95 -14.27 7.79
C LYS C 753 50.14 -13.40 7.41
N THR C 754 50.66 -12.61 8.34
CA THR C 754 51.63 -11.56 8.05
C THR C 754 53.06 -12.04 8.27
N ARG C 755 53.31 -13.32 7.98
CA ARG C 755 54.60 -13.95 8.17
C ARG C 755 55.01 -14.80 6.98
N LEU C 756 54.44 -14.54 5.81
CA LEU C 756 54.72 -15.31 4.60
C LEU C 756 55.82 -14.58 3.84
N TYR C 757 57.06 -14.83 4.24
CA TYR C 757 58.24 -14.26 3.61
C TYR C 757 58.75 -15.21 2.53
N ARG C 758 59.74 -14.76 1.76
CA ARG C 758 60.30 -15.61 0.72
C ARG C 758 61.10 -16.75 1.32
N ASN C 759 61.80 -16.47 2.43
CA ASN C 759 62.55 -17.46 3.17
C ASN C 759 61.83 -17.93 4.43
N ALA C 760 60.58 -17.49 4.63
CA ALA C 760 59.80 -18.01 5.76
C ALA C 760 59.61 -19.52 5.67
N GLU C 761 59.74 -20.08 4.47
CA GLU C 761 59.67 -21.52 4.31
C GLU C 761 60.78 -22.19 5.12
N HIS C 762 60.61 -23.50 5.30
CA HIS C 762 61.35 -24.31 6.27
C HIS C 762 60.85 -24.07 7.68
N GLY C 763 59.99 -23.06 7.84
CA GLY C 763 59.34 -22.77 9.12
C GLY C 763 60.19 -23.03 10.33
N ARG C 764 61.46 -22.66 10.30
CA ARG C 764 62.35 -23.12 11.36
C ARG C 764 62.13 -22.40 12.65
N MET C 765 61.38 -21.31 12.60
CA MET C 765 61.31 -20.36 13.69
C MET C 765 59.84 -19.95 14.01
N ALA C 766 59.72 -19.23 15.14
CA ALA C 766 58.40 -18.81 15.56
C ALA C 766 57.89 -17.68 14.71
N SER C 767 58.70 -16.84 14.12
CA SER C 767 58.18 -15.72 13.35
C SER C 767 58.25 -15.96 11.85
N GLN C 768 58.47 -17.20 11.41
CA GLN C 768 58.41 -17.59 10.01
C GLN C 768 57.26 -18.57 9.84
N SER C 769 56.38 -18.27 8.88
CA SER C 769 55.22 -19.11 8.62
C SER C 769 55.06 -19.34 7.13
N ASN C 770 54.42 -20.47 6.81
CA ASN C 770 54.22 -20.94 5.45
C ASN C 770 52.86 -21.63 5.38
N ALA C 771 52.57 -22.24 4.24
CA ALA C 771 51.30 -22.95 4.08
C ALA C 771 51.24 -24.22 4.92
N ALA C 772 52.39 -24.79 5.29
CA ALA C 772 52.40 -25.97 6.16
C ALA C 772 52.24 -25.62 7.64
N LYS C 773 52.83 -24.52 8.09
CA LYS C 773 52.70 -24.14 9.50
C LYS C 773 51.28 -23.67 9.81
N ILE C 774 50.67 -22.93 8.89
CA ILE C 774 49.30 -22.48 9.11
C ILE C 774 48.38 -23.67 9.31
N MET C 775 48.54 -24.68 8.45
CA MET C 775 47.62 -25.82 8.47
C MET C 775 47.87 -26.67 9.71
N ARG C 776 49.14 -26.87 10.07
CA ARG C 776 49.46 -27.64 11.25
C ARG C 776 48.82 -27.04 12.49
N PHE C 777 48.88 -25.71 12.63
CA PHE C 777 48.31 -25.09 13.82
C PHE C 777 46.79 -25.05 13.75
N ASN C 778 46.22 -25.03 12.54
CA ASN C 778 44.79 -25.20 12.41
C ASN C 778 44.36 -26.58 12.87
N VAL C 779 45.14 -27.61 12.53
CA VAL C 779 44.87 -28.95 13.05
C VAL C 779 45.13 -28.99 14.55
N LEU C 780 46.24 -28.38 15.00
CA LEU C 780 46.52 -28.34 16.43
C LEU C 780 45.47 -27.54 17.17
N ALA C 781 44.90 -26.50 16.53
CA ALA C 781 43.84 -25.73 17.15
C ALA C 781 42.63 -26.62 17.44
N PHE C 782 42.27 -27.47 16.48
CA PHE C 782 41.21 -28.46 16.74
C PHE C 782 41.55 -29.28 17.97
N LEU C 783 42.67 -30.01 17.91
CA LEU C 783 42.97 -31.01 18.93
C LEU C 783 43.09 -30.36 20.31
N HIS C 784 43.65 -29.16 20.37
CA HIS C 784 43.74 -28.45 21.64
C HIS C 784 42.36 -28.06 22.15
N ALA C 785 41.48 -27.59 21.25
CA ALA C 785 40.14 -27.22 21.65
C ALA C 785 39.39 -28.40 22.24
N VAL C 786 39.51 -29.58 21.60
CA VAL C 786 38.86 -30.78 22.13
C VAL C 786 39.45 -31.15 23.48
N LEU C 787 40.79 -31.11 23.59
CA LEU C 787 41.43 -31.53 24.82
C LEU C 787 41.00 -30.67 26.00
N VAL C 788 40.93 -29.36 25.80
CA VAL C 788 40.66 -28.45 26.91
C VAL C 788 39.22 -28.60 27.39
N GLU C 789 38.26 -28.38 26.50
CA GLU C 789 36.86 -28.43 26.90
C GLU C 789 36.47 -29.82 27.39
N GLU C 790 37.00 -30.85 26.75
CA GLU C 790 36.69 -32.22 27.18
C GLU C 790 37.27 -32.51 28.56
N SER C 791 38.40 -31.88 28.91
CA SER C 791 38.88 -31.95 30.28
C SER C 791 37.97 -31.19 31.23
N LEU C 792 37.09 -30.33 30.69
CA LEU C 792 36.23 -29.48 31.49
C LEU C 792 34.77 -29.90 31.48
N TYR C 793 34.25 -30.31 30.31
CA TYR C 793 32.81 -30.42 30.11
C TYR C 793 32.40 -31.78 29.55
N HIS C 794 33.16 -32.83 29.83
CA HIS C 794 32.80 -34.18 29.42
C HIS C 794 32.37 -34.98 30.65
N SER C 795 31.16 -35.55 30.60
CA SER C 795 30.53 -36.18 31.74
C SER C 795 31.03 -37.60 31.99
N VAL C 796 32.17 -37.97 31.40
CA VAL C 796 32.78 -39.26 31.67
C VAL C 796 33.66 -39.24 32.92
N SER C 797 34.15 -38.07 33.31
CA SER C 797 34.98 -37.90 34.50
C SER C 797 34.39 -36.80 35.36
N ASP C 798 34.47 -36.97 36.68
CA ASP C 798 33.81 -36.03 37.57
C ASP C 798 34.52 -34.68 37.56
N ARG C 799 35.81 -34.67 37.24
CA ARG C 799 36.67 -33.53 37.50
C ARG C 799 37.56 -33.26 36.30
N GLU C 800 38.24 -32.12 36.34
CA GLU C 800 39.31 -31.79 35.42
C GLU C 800 40.65 -32.37 35.85
N TYR C 801 41.42 -32.78 34.85
CA TYR C 801 42.83 -33.13 34.99
C TYR C 801 43.72 -32.05 34.38
N ILE C 802 43.13 -30.94 33.95
CA ILE C 802 43.86 -29.90 33.25
C ILE C 802 44.42 -28.84 34.20
N GLY C 803 43.81 -28.65 35.36
CA GLY C 803 44.33 -27.76 36.37
C GLY C 803 43.76 -26.35 36.29
N GLU C 804 43.86 -25.64 37.41
CA GLU C 804 43.42 -24.24 37.49
C GLU C 804 44.56 -23.37 37.00
N GLY C 805 44.52 -23.01 35.71
CA GLY C 805 45.56 -22.23 35.09
C GLY C 805 45.00 -21.26 34.07
N LEU C 806 45.89 -20.41 33.57
CA LEU C 806 45.56 -19.45 32.53
C LEU C 806 45.61 -20.15 31.19
N ARG C 807 44.50 -20.09 30.44
CA ARG C 807 44.24 -21.06 29.37
C ARG C 807 44.32 -20.35 28.02
N LEU C 808 45.37 -20.64 27.28
CA LEU C 808 45.61 -20.08 25.96
C LEU C 808 45.58 -21.16 24.89
N ASN C 809 45.61 -20.71 23.65
CA ASN C 809 45.52 -21.53 22.47
C ASN C 809 46.84 -21.55 21.72
N PRO C 810 47.27 -22.69 21.15
CA PRO C 810 48.51 -22.67 20.36
C PRO C 810 48.30 -22.00 19.01
N VAL C 811 48.88 -20.82 18.84
CA VAL C 811 48.73 -20.03 17.62
C VAL C 811 50.01 -20.09 16.77
N THR C 812 51.13 -19.65 17.33
CA THR C 812 52.39 -19.64 16.61
C THR C 812 53.40 -20.62 17.16
N SER C 813 53.07 -21.34 18.23
CA SER C 813 53.96 -22.35 18.79
C SER C 813 53.11 -23.32 19.61
N VAL C 814 53.76 -24.39 20.09
CA VAL C 814 53.04 -25.45 20.79
C VAL C 814 53.32 -25.39 22.29
N ASP C 815 53.64 -24.20 22.80
CA ASP C 815 53.78 -24.08 24.25
C ASP C 815 52.55 -24.64 24.94
N GLU C 816 51.37 -24.12 24.59
CA GLU C 816 50.15 -24.45 25.32
C GLU C 816 49.72 -25.90 25.11
N PHE C 817 49.93 -26.45 23.91
CA PHE C 817 49.49 -27.81 23.66
C PHE C 817 50.42 -28.83 24.30
N GLU C 818 51.72 -28.68 24.09
CA GLU C 818 52.71 -29.51 24.78
C GLU C 818 52.38 -29.58 26.27
N LYS C 819 51.90 -28.48 26.81
CA LYS C 819 51.56 -28.27 28.20
C LYS C 819 50.42 -29.11 28.71
N LYS C 820 49.22 -28.81 28.21
CA LYS C 820 48.01 -29.33 28.82
C LYS C 820 47.96 -30.85 28.72
N ILE C 821 48.29 -31.41 27.56
CA ILE C 821 48.41 -32.85 27.44
C ILE C 821 49.22 -33.36 28.60
N LYS C 822 50.38 -32.74 28.79
CA LYS C 822 51.34 -33.18 29.76
C LYS C 822 50.84 -33.06 31.19
N ILE C 823 50.36 -31.88 31.59
CA ILE C 823 49.90 -31.71 32.95
C ILE C 823 48.78 -32.69 33.23
N ILE C 824 47.96 -32.98 32.22
CA ILE C 824 46.99 -34.06 32.30
C ILE C 824 47.71 -35.42 32.29
N GLY C 825 48.84 -35.51 31.57
CA GLY C 825 49.47 -36.79 31.36
C GLY C 825 49.90 -37.48 32.65
N GLU C 826 50.61 -36.75 33.52
CA GLU C 826 51.11 -37.37 34.75
C GLU C 826 50.15 -37.22 35.92
N LYS C 827 49.07 -36.46 35.76
CA LYS C 827 47.99 -36.47 36.73
C LYS C 827 47.20 -37.76 36.62
N LEU C 828 47.01 -38.21 35.37
CA LEU C 828 46.26 -39.43 35.10
C LEU C 828 46.85 -40.61 35.85
N LYS C 829 48.17 -40.57 36.08
CA LYS C 829 48.85 -41.68 36.74
C LYS C 829 48.67 -41.61 38.25
N ALA C 830 48.86 -40.42 38.84
CA ALA C 830 48.58 -40.27 40.26
C ALA C 830 47.11 -40.54 40.56
N ASP C 831 46.24 -40.34 39.57
CA ASP C 831 44.82 -40.63 39.70
C ASP C 831 44.48 -42.05 39.24
N ASN C 832 45.46 -42.79 38.74
CA ASN C 832 45.25 -44.13 38.20
C ASN C 832 44.17 -44.13 37.11
N LYS C 833 44.36 -43.25 36.13
CA LYS C 833 43.46 -43.14 34.99
C LYS C 833 44.30 -43.10 33.70
N THR C 834 43.66 -43.43 32.59
CA THR C 834 44.30 -43.39 31.27
C THR C 834 43.56 -42.41 30.36
N TRP C 835 44.19 -42.12 29.22
CA TRP C 835 43.58 -41.29 28.18
C TRP C 835 42.35 -41.95 27.58
N LYS C 836 42.17 -43.24 27.83
CA LYS C 836 41.02 -43.99 27.37
C LYS C 836 39.78 -43.66 28.18
N ASN C 837 39.83 -44.02 29.45
CA ASN C 837 38.68 -43.86 30.34
C ASN C 837 38.28 -42.40 30.43
N THR C 838 39.27 -41.53 30.54
CA THR C 838 39.06 -40.09 30.56
C THR C 838 39.66 -39.47 29.30
N HIS C 839 38.99 -38.45 28.80
CA HIS C 839 39.37 -37.77 27.55
C HIS C 839 39.31 -38.72 26.35
N PRO C 840 38.20 -39.44 26.15
CA PRO C 840 38.12 -40.32 24.97
C PRO C 840 38.22 -39.59 23.64
N LEU C 841 37.41 -38.54 23.44
CA LEU C 841 37.33 -37.93 22.11
C LEU C 841 38.69 -37.41 21.67
N PHE C 842 39.43 -36.74 22.56
CA PHE C 842 40.75 -36.27 22.20
C PHE C 842 41.68 -37.43 21.87
N PHE C 843 41.59 -38.51 22.63
CA PHE C 843 42.44 -39.66 22.37
C PHE C 843 42.17 -40.23 20.98
N LEU C 844 40.91 -40.36 20.61
CA LEU C 844 40.58 -40.88 19.29
C LEU C 844 41.02 -39.94 18.19
N LEU C 845 40.87 -38.63 18.41
CA LEU C 845 41.25 -37.65 17.40
C LEU C 845 42.76 -37.56 17.24
N ILE C 846 43.49 -37.49 18.36
CA ILE C 846 44.95 -37.42 18.28
C ILE C 846 45.54 -38.70 17.68
N SER C 847 44.85 -39.83 17.80
CA SER C 847 45.32 -41.09 17.26
C SER C 847 44.88 -41.33 15.82
N CYS C 848 44.20 -40.38 15.21
CA CYS C 848 43.73 -40.55 13.84
C CYS C 848 44.90 -40.47 12.86
N PRO C 849 45.16 -41.50 12.06
CA PRO C 849 46.19 -41.37 11.02
C PRO C 849 45.97 -40.20 10.08
N ILE C 850 44.72 -39.79 9.87
CA ILE C 850 44.47 -38.70 8.93
C ILE C 850 45.15 -37.43 9.42
N LEU C 851 45.17 -37.21 10.74
CA LEU C 851 45.68 -35.98 11.32
C LEU C 851 47.20 -35.97 11.44
N HIS C 852 47.83 -37.13 11.61
CA HIS C 852 49.23 -37.16 11.99
C HIS C 852 50.15 -36.44 11.00
N PRO C 853 50.00 -36.58 9.68
CA PRO C 853 50.90 -35.86 8.77
C PRO C 853 50.90 -34.35 8.97
N PHE C 854 49.78 -33.76 9.41
CA PHE C 854 49.72 -32.33 9.62
C PHE C 854 50.34 -31.90 10.95
N ILE C 855 50.59 -32.85 11.85
CA ILE C 855 51.05 -32.52 13.19
C ILE C 855 52.52 -32.07 13.15
N PHE C 856 53.34 -32.81 12.42
CA PHE C 856 54.77 -32.52 12.30
C PHE C 856 55.14 -32.51 10.82
N PRO C 857 54.62 -31.54 10.07
CA PRO C 857 54.97 -31.44 8.65
C PRO C 857 56.34 -30.83 8.45
N ILE C 858 56.88 -31.03 7.26
CA ILE C 858 58.15 -30.40 6.91
C ILE C 858 57.92 -28.90 6.78
N GLY C 859 58.76 -28.12 7.44
CA GLY C 859 58.62 -26.68 7.43
C GLY C 859 57.53 -26.15 8.33
N GLY C 860 56.98 -26.97 9.21
CA GLY C 860 56.00 -26.51 10.18
C GLY C 860 56.49 -26.68 11.60
N ILE C 861 57.75 -27.10 11.75
CA ILE C 861 58.35 -27.42 13.03
C ILE C 861 59.36 -26.34 13.37
N ASN C 862 59.19 -25.70 14.52
CA ASN C 862 60.13 -24.66 14.95
C ASN C 862 61.45 -25.30 15.35
N CYS C 863 62.56 -24.66 14.93
CA CYS C 863 63.89 -25.22 15.10
C CYS C 863 64.81 -24.25 15.82
N SER C 864 64.30 -23.64 16.88
CA SER C 864 65.11 -22.83 17.78
C SER C 864 65.54 -23.66 18.98
N VAL C 865 66.69 -23.30 19.55
CA VAL C 865 67.14 -23.99 20.76
C VAL C 865 66.06 -23.93 21.81
N LYS C 866 65.42 -22.77 21.95
CA LYS C 866 64.36 -22.66 22.93
C LYS C 866 63.17 -23.48 22.49
N ALA C 867 62.75 -23.27 21.25
CA ALA C 867 61.48 -23.78 20.73
C ALA C 867 61.48 -25.30 20.67
N LEU C 868 62.64 -25.91 20.44
CA LEU C 868 62.66 -27.37 20.34
C LEU C 868 62.36 -28.04 21.67
N ASN C 869 62.76 -27.44 22.78
CA ASN C 869 62.61 -28.11 24.06
C ASN C 869 61.15 -28.50 24.29
N LYS C 870 60.23 -27.70 23.77
CA LYS C 870 58.83 -28.11 23.75
C LYS C 870 58.58 -29.19 22.71
N GLU C 871 59.13 -29.00 21.50
CA GLU C 871 58.60 -29.75 20.36
C GLU C 871 59.10 -31.19 20.39
N THR C 872 60.36 -31.41 20.75
CA THR C 872 60.83 -32.76 21.00
C THR C 872 60.07 -33.38 22.16
N SER C 873 59.85 -32.59 23.22
CA SER C 873 59.08 -33.06 24.36
C SER C 873 57.58 -33.00 24.08
N PHE C 874 57.19 -32.31 23.01
CA PHE C 874 55.82 -32.44 22.51
C PHE C 874 55.60 -33.79 21.83
N ASN C 875 56.62 -34.32 21.17
CA ASN C 875 56.46 -35.57 20.43
C ASN C 875 56.24 -36.76 21.37
N LYS C 876 57.07 -36.87 22.41
CA LYS C 876 56.97 -37.97 23.36
C LYS C 876 55.58 -38.15 23.91
N LEU C 877 54.96 -37.03 24.33
CA LEU C 877 53.65 -37.11 24.95
C LEU C 877 52.63 -37.66 23.99
N ILE C 878 52.75 -37.28 22.72
CA ILE C 878 51.81 -37.75 21.71
C ILE C 878 51.96 -39.26 21.52
N ASP C 879 53.19 -39.74 21.37
CA ASP C 879 53.43 -41.17 21.18
C ASP C 879 52.85 -41.96 22.34
N GLU C 880 53.01 -41.43 23.54
CA GLU C 880 52.61 -42.17 24.74
C GLU C 880 51.09 -42.30 24.82
N ILE C 881 50.37 -41.34 24.26
CA ILE C 881 48.90 -41.43 24.21
C ILE C 881 48.46 -42.40 23.12
N VAL C 882 48.99 -42.21 21.91
CA VAL C 882 48.54 -42.98 20.77
C VAL C 882 48.84 -44.46 20.97
N GLY C 883 49.98 -44.77 21.57
CA GLY C 883 50.40 -46.14 21.80
C GLY C 883 51.39 -46.67 20.79
N ASP C 884 51.52 -46.01 19.63
CA ASP C 884 52.58 -46.30 18.67
C ASP C 884 53.38 -45.03 18.46
N LYS C 885 54.67 -45.21 18.21
CA LYS C 885 55.60 -44.10 18.15
C LYS C 885 55.58 -43.52 16.74
N LEU C 886 55.43 -42.20 16.65
CA LEU C 886 54.89 -41.59 15.43
C LEU C 886 55.95 -41.50 14.33
N LEU C 887 57.04 -40.79 14.60
CA LEU C 887 58.11 -40.63 13.63
C LEU C 887 59.40 -41.21 14.19
N SER C 888 60.14 -41.95 13.35
CA SER C 888 61.43 -42.46 13.77
C SER C 888 62.42 -41.30 13.98
N ASP C 889 63.37 -41.51 14.88
CA ASP C 889 64.38 -40.47 15.08
C ASP C 889 64.99 -40.06 13.75
N GLU C 890 65.40 -41.07 13.00
CA GLU C 890 65.83 -40.96 11.64
C GLU C 890 64.73 -40.46 10.70
N GLU C 891 63.47 -40.37 11.14
CA GLU C 891 62.56 -39.46 10.46
C GLU C 891 62.46 -38.14 11.21
N TRP C 892 62.70 -38.16 12.51
CA TRP C 892 62.66 -36.94 13.32
C TRP C 892 63.83 -36.02 13.00
N ASP C 893 65.00 -36.58 12.72
CA ASP C 893 66.19 -35.77 12.45
C ASP C 893 66.02 -34.90 11.21
N TYR C 894 65.43 -35.43 10.15
CA TYR C 894 65.24 -34.61 8.95
C TYR C 894 64.31 -33.43 9.22
N LEU C 895 63.32 -33.61 10.10
CA LEU C 895 62.39 -32.53 10.39
C LEU C 895 63.09 -31.32 11.00
N THR C 896 64.02 -31.55 11.93
CA THR C 896 64.54 -30.49 12.79
C THR C 896 65.94 -30.00 12.43
N PHE C 910 59.33 -39.45 2.08
CA PHE C 910 58.87 -39.50 3.47
C PHE C 910 57.36 -39.72 3.53
N GLN C 911 56.97 -40.93 3.93
CA GLN C 911 55.56 -41.26 4.12
C GLN C 911 55.09 -40.84 5.52
N ASN C 912 53.78 -40.73 5.66
CA ASN C 912 53.15 -40.33 6.92
C ASN C 912 53.65 -38.97 7.40
N THR C 913 54.09 -38.11 6.48
CA THR C 913 54.52 -36.77 6.83
C THR C 913 54.43 -35.90 5.59
N ILE C 914 53.84 -34.72 5.74
CA ILE C 914 53.69 -33.79 4.63
C ILE C 914 55.02 -33.10 4.35
N THR C 915 55.48 -33.19 3.09
CA THR C 915 56.76 -32.64 2.70
C THR C 915 56.68 -31.63 1.55
N SER C 916 55.49 -31.36 1.03
CA SER C 916 55.35 -30.49 -0.13
C SER C 916 54.51 -29.25 0.12
N LEU C 917 53.84 -29.15 1.28
CA LEU C 917 53.02 -27.99 1.56
C LEU C 917 53.86 -26.77 1.95
N ASN C 918 55.06 -27.00 2.50
CA ASN C 918 55.90 -25.89 2.93
C ASN C 918 56.12 -24.89 1.81
N SER C 919 56.56 -25.38 0.65
CA SER C 919 56.91 -24.52 -0.47
C SER C 919 55.76 -24.34 -1.45
N SER C 920 54.52 -24.48 -1.00
CA SER C 920 53.35 -24.23 -1.82
C SER C 920 52.93 -22.78 -1.64
N THR C 921 52.86 -22.05 -2.76
CA THR C 921 52.55 -20.63 -2.72
C THR C 921 51.07 -20.40 -2.42
N ILE C 922 50.78 -19.33 -1.71
CA ILE C 922 49.42 -18.96 -1.32
C ILE C 922 49.01 -17.73 -2.09
N VAL C 923 47.75 -17.70 -2.55
CA VAL C 923 47.29 -16.55 -3.32
C VAL C 923 47.40 -15.28 -2.48
N GLY C 924 47.72 -14.18 -3.15
CA GLY C 924 47.77 -12.89 -2.50
C GLY C 924 49.06 -12.68 -1.72
N ALA C 925 49.66 -13.76 -1.23
CA ALA C 925 50.95 -13.66 -0.56
C ALA C 925 51.98 -13.24 -1.61
N SER C 926 52.36 -11.96 -1.59
CA SER C 926 53.24 -11.45 -2.62
C SER C 926 54.58 -12.17 -2.63
N TYR C 927 54.98 -12.67 -1.46
CA TYR C 927 56.25 -13.39 -1.31
C TYR C 927 57.42 -12.62 -1.91
N ASP C 928 57.54 -11.34 -1.54
CA ASP C 928 58.62 -10.49 -2.04
C ASP C 928 59.50 -9.99 -0.92
N LYS C 929 58.92 -9.79 0.26
CA LYS C 929 59.66 -9.30 1.42
C LYS C 929 60.45 -10.42 2.08
N ASP C 930 61.34 -10.05 3.00
CA ASP C 930 62.17 -11.02 3.69
C ASP C 930 61.90 -11.04 5.20
N THR C 931 62.46 -12.04 5.88
CA THR C 931 62.30 -12.19 7.30
C THR C 931 63.23 -11.25 8.03
N PRO C 932 62.75 -10.53 9.04
CA PRO C 932 63.61 -9.58 9.73
C PRO C 932 64.80 -10.28 10.36
N ALA C 933 65.94 -9.59 10.35
CA ALA C 933 67.17 -10.11 10.94
C ALA C 933 67.12 -9.93 12.45
N ARG C 934 68.25 -10.12 13.11
CA ARG C 934 68.35 -9.96 14.55
C ARG C 934 67.43 -10.96 15.26
N LYS D 35 -16.23 -51.37 -24.14
CA LYS D 35 -14.80 -51.28 -23.85
C LYS D 35 -14.29 -52.48 -23.08
N SER D 36 -13.01 -52.81 -23.29
CA SER D 36 -12.34 -53.74 -22.39
C SER D 36 -12.17 -53.14 -21.01
N LEU D 37 -12.08 -51.81 -20.91
CA LEU D 37 -12.00 -51.15 -19.62
C LEU D 37 -13.30 -51.26 -18.83
N ARG D 38 -14.44 -51.22 -19.49
CA ARG D 38 -15.66 -51.47 -18.73
C ARG D 38 -15.70 -52.93 -18.27
N ASP D 39 -15.24 -53.87 -19.10
CA ASP D 39 -15.06 -55.24 -18.62
C ASP D 39 -14.21 -55.24 -17.35
N GLN D 40 -13.08 -54.52 -17.38
CA GLN D 40 -12.31 -54.21 -16.18
C GLN D 40 -13.21 -53.89 -14.99
N LEU D 41 -13.99 -52.81 -15.11
CA LEU D 41 -14.71 -52.31 -13.93
C LEU D 41 -15.71 -53.35 -13.42
N VAL D 42 -16.51 -53.91 -14.34
CA VAL D 42 -17.44 -54.98 -13.97
C VAL D 42 -16.74 -56.10 -13.25
N GLU D 43 -15.61 -56.53 -13.78
CA GLU D 43 -15.06 -57.83 -13.46
C GLU D 43 -14.26 -57.76 -12.16
N SER D 44 -13.57 -56.63 -11.96
CA SER D 44 -12.99 -56.35 -10.65
C SER D 44 -14.06 -56.11 -9.59
N ILE D 45 -15.18 -55.46 -9.93
CA ILE D 45 -16.28 -55.34 -8.98
C ILE D 45 -16.79 -56.73 -8.62
N ARG D 46 -16.91 -57.60 -9.63
CA ARG D 46 -17.41 -58.95 -9.41
C ARG D 46 -16.57 -59.67 -8.36
N ASN D 47 -15.25 -59.68 -8.52
CA ASN D 47 -14.40 -60.33 -7.53
C ASN D 47 -13.86 -59.35 -6.48
N SER D 48 -14.57 -58.24 -6.24
CA SER D 48 -14.24 -57.34 -5.14
C SER D 48 -15.05 -57.60 -3.88
N ILE D 49 -16.10 -58.42 -3.97
CA ILE D 49 -16.94 -58.73 -2.81
C ILE D 49 -16.75 -60.15 -2.31
N ALA D 50 -16.21 -61.05 -3.14
CA ALA D 50 -16.00 -62.43 -2.73
C ALA D 50 -14.93 -62.51 -1.65
N ARG D 69 -11.87 -48.20 1.41
CA ARG D 69 -13.29 -48.45 1.19
C ARG D 69 -13.49 -49.45 0.05
N ASN D 70 -14.74 -49.59 -0.39
CA ASN D 70 -15.10 -50.41 -1.53
C ASN D 70 -15.65 -49.54 -2.65
N VAL D 71 -15.01 -48.40 -2.88
CA VAL D 71 -15.49 -47.39 -3.80
C VAL D 71 -14.57 -47.35 -5.02
N PHE D 72 -15.16 -47.42 -6.20
CA PHE D 72 -14.44 -47.34 -7.46
C PHE D 72 -14.66 -45.97 -8.08
N PHE D 73 -13.58 -45.30 -8.46
CA PHE D 73 -13.65 -43.97 -9.03
C PHE D 73 -13.23 -44.00 -10.50
N VAL D 74 -13.92 -43.23 -11.32
CA VAL D 74 -13.65 -43.13 -12.75
C VAL D 74 -13.33 -41.68 -13.08
N ASP D 75 -12.17 -41.45 -13.69
CA ASP D 75 -11.80 -40.12 -14.15
C ASP D 75 -12.47 -39.83 -15.49
N GLY D 76 -12.43 -38.56 -15.88
CA GLY D 76 -12.95 -38.14 -17.17
C GLY D 76 -13.06 -36.64 -17.32
N GLY D 81 -16.72 -40.95 -22.52
CA GLY D 81 -17.63 -40.24 -21.63
C GLY D 81 -17.89 -40.97 -20.32
N LYS D 82 -17.96 -40.19 -19.24
CA LYS D 82 -18.28 -40.73 -17.92
C LYS D 82 -19.69 -41.28 -17.86
N THR D 83 -20.68 -40.49 -18.28
CA THR D 83 -22.07 -40.95 -18.20
C THR D 83 -22.28 -42.24 -18.99
N THR D 84 -21.77 -42.26 -20.23
CA THR D 84 -21.94 -43.43 -21.08
C THR D 84 -21.27 -44.66 -20.48
N PHE D 85 -20.04 -44.49 -19.96
CA PHE D 85 -19.32 -45.60 -19.36
C PHE D 85 -20.04 -46.11 -18.11
N ILE D 86 -20.56 -45.20 -17.28
CA ILE D 86 -21.27 -45.59 -16.07
C ILE D 86 -22.50 -46.42 -16.44
N ASN D 87 -23.25 -45.96 -17.45
CA ASN D 87 -24.43 -46.70 -17.87
C ASN D 87 -24.06 -48.07 -18.44
N SER D 88 -22.98 -48.13 -19.23
CA SER D 88 -22.51 -49.41 -19.74
C SER D 88 -22.23 -50.38 -18.59
N VAL D 89 -21.55 -49.90 -17.55
CA VAL D 89 -21.25 -50.74 -16.40
C VAL D 89 -22.52 -51.20 -15.71
N VAL D 90 -23.46 -50.25 -15.48
CA VAL D 90 -24.70 -50.60 -14.81
C VAL D 90 -25.37 -51.76 -15.53
N LYS D 91 -25.20 -51.81 -16.83
CA LYS D 91 -25.85 -52.83 -17.62
C LYS D 91 -25.13 -54.14 -17.50
N SER D 92 -23.85 -54.11 -17.82
CA SER D 92 -23.00 -55.28 -17.79
C SER D 92 -23.17 -56.03 -16.48
N LEU D 93 -23.68 -55.36 -15.45
CA LEU D 93 -24.03 -56.01 -14.19
C LEU D 93 -25.49 -56.42 -14.11
N ASN D 94 -26.35 -55.91 -15.00
CA ASN D 94 -27.78 -56.21 -14.95
C ASN D 94 -28.38 -55.78 -13.61
N VAL D 102 -22.68 -64.98 -8.39
CA VAL D 102 -22.22 -64.04 -9.40
C VAL D 102 -23.20 -62.88 -9.53
N ASN D 103 -24.18 -62.82 -8.62
CA ASN D 103 -25.20 -61.78 -8.66
C ASN D 103 -24.71 -60.52 -7.97
N ILE D 104 -24.99 -59.38 -8.59
CA ILE D 104 -24.85 -58.07 -7.95
C ILE D 104 -26.02 -57.22 -8.42
N LYS D 105 -26.77 -56.68 -7.48
CA LYS D 105 -27.79 -55.69 -7.75
C LYS D 105 -27.13 -54.35 -8.06
N CYS D 106 -27.80 -53.54 -8.88
CA CYS D 106 -27.33 -52.20 -9.21
C CYS D 106 -28.49 -51.22 -9.17
N LEU D 107 -28.36 -50.20 -8.31
CA LEU D 107 -29.35 -49.14 -8.28
C LEU D 107 -29.27 -48.31 -9.55
N PRO D 108 -30.37 -47.69 -9.97
CA PRO D 108 -30.29 -46.75 -11.09
C PRO D 108 -29.31 -45.63 -10.78
N THR D 109 -28.57 -45.20 -11.81
CA THR D 109 -27.51 -44.23 -11.60
C THR D 109 -28.08 -42.95 -11.03
N ILE D 110 -27.42 -42.43 -9.98
CA ILE D 110 -27.85 -41.22 -9.30
C ILE D 110 -27.03 -40.07 -9.85
N ASP D 111 -27.71 -39.03 -10.32
CA ASP D 111 -27.04 -37.82 -10.75
C ASP D 111 -27.16 -36.78 -9.64
N PRO D 112 -26.11 -36.52 -8.85
CA PRO D 112 -26.27 -35.60 -7.71
C PRO D 112 -26.64 -34.19 -8.12
N THR D 113 -26.36 -33.78 -9.36
CA THR D 113 -26.69 -32.43 -9.81
C THR D 113 -28.15 -32.30 -10.22
N LYS D 114 -28.88 -33.40 -10.40
CA LYS D 114 -30.27 -33.35 -10.82
C LYS D 114 -31.24 -33.68 -9.69
N LEU D 115 -30.74 -34.03 -8.50
CA LEU D 115 -31.62 -34.35 -7.40
C LEU D 115 -32.29 -33.09 -6.88
N PRO D 116 -33.40 -33.23 -6.15
CA PRO D 116 -33.89 -32.09 -5.40
C PRO D 116 -32.75 -31.49 -4.65
N ARG D 117 -32.87 -30.23 -4.39
CA ARG D 117 -31.78 -29.58 -3.73
C ARG D 117 -31.51 -30.15 -2.36
N HIS D 118 -32.29 -29.76 -1.40
CA HIS D 118 -32.09 -30.12 -0.01
C HIS D 118 -32.71 -31.49 0.10
N GLU D 119 -31.93 -32.50 -0.28
CA GLU D 119 -32.36 -33.87 -0.12
C GLU D 119 -31.13 -34.75 0.09
N PRO D 120 -30.96 -35.35 1.26
CA PRO D 120 -29.77 -36.17 1.50
C PRO D 120 -29.70 -37.34 0.53
N ILE D 121 -28.47 -37.69 0.14
CA ILE D 121 -28.27 -38.79 -0.80
C ILE D 121 -28.83 -40.08 -0.23
N LEU D 122 -28.82 -40.22 1.09
CA LEU D 122 -29.41 -41.41 1.71
C LEU D 122 -30.88 -41.54 1.33
N VAL D 123 -31.60 -40.43 1.25
CA VAL D 123 -33.01 -40.48 0.90
C VAL D 123 -33.18 -41.06 -0.51
N THR D 124 -32.41 -40.55 -1.47
CA THR D 124 -32.53 -41.03 -2.84
C THR D 124 -32.14 -42.50 -2.94
N VAL D 125 -31.05 -42.88 -2.29
CA VAL D 125 -30.60 -44.27 -2.32
C VAL D 125 -31.67 -45.18 -1.74
N THR D 126 -32.24 -44.79 -0.59
CA THR D 126 -33.25 -45.61 0.05
C THR D 126 -34.51 -45.70 -0.79
N ALA D 127 -34.90 -44.61 -1.46
CA ALA D 127 -36.10 -44.65 -2.30
C ALA D 127 -35.90 -45.57 -3.50
N ARG D 128 -34.73 -45.49 -4.14
CA ARG D 128 -34.47 -46.37 -5.28
C ARG D 128 -34.40 -47.83 -4.83
N LEU D 129 -33.76 -48.07 -3.68
CA LEU D 129 -33.74 -49.42 -3.13
C LEU D 129 -35.14 -49.91 -2.80
N ASN D 130 -35.98 -49.01 -2.26
CA ASN D 130 -37.35 -49.38 -1.95
C ASN D 130 -38.10 -49.77 -3.21
N LYS D 131 -37.92 -49.01 -4.29
CA LYS D 131 -38.63 -49.38 -5.52
C LYS D 131 -38.14 -50.71 -6.06
N MET D 132 -36.82 -50.94 -6.08
CA MET D 132 -36.32 -52.21 -6.58
C MET D 132 -36.84 -53.37 -5.73
N VAL D 133 -36.81 -53.21 -4.40
CA VAL D 133 -37.25 -54.26 -3.50
C VAL D 133 -38.74 -54.50 -3.64
N SER D 134 -39.53 -53.44 -3.80
CA SER D 134 -40.98 -53.63 -3.90
C SER D 134 -41.38 -54.19 -5.26
N ASP D 135 -40.69 -53.79 -6.31
CA ASP D 135 -40.94 -54.38 -7.62
C ASP D 135 -40.64 -55.87 -7.60
N LYS D 136 -39.55 -56.28 -6.95
CA LYS D 136 -39.30 -57.71 -6.79
C LYS D 136 -40.34 -58.35 -5.89
N LEU D 137 -40.55 -57.80 -4.70
CA LEU D 137 -41.49 -58.36 -3.75
C LEU D 137 -42.87 -58.53 -4.37
N LYS D 138 -43.18 -57.77 -5.43
CA LYS D 138 -44.53 -57.84 -5.96
C LYS D 138 -44.82 -59.16 -6.65
N GLY D 139 -44.02 -59.54 -7.64
CA GLY D 139 -44.20 -60.80 -8.30
C GLY D 139 -44.16 -61.94 -7.30
N TYR D 140 -44.46 -63.14 -7.80
CA TYR D 140 -44.34 -64.38 -7.03
C TYR D 140 -44.67 -64.21 -5.56
N ARG D 147 -47.60 -59.96 3.99
CA ARG D 147 -46.70 -61.09 3.73
C ARG D 147 -45.52 -61.06 4.71
N LYS D 148 -44.93 -62.23 4.96
CA LYS D 148 -43.98 -62.36 6.06
C LYS D 148 -42.82 -61.39 5.93
N GLN D 149 -42.24 -61.28 4.75
CA GLN D 149 -41.03 -60.48 4.59
C GLN D 149 -41.29 -58.99 4.63
N LYS D 150 -42.51 -58.56 4.36
CA LYS D 150 -42.64 -57.22 3.83
C LYS D 150 -42.66 -56.20 4.94
N GLU D 151 -43.71 -56.20 5.76
CA GLU D 151 -43.76 -55.43 7.00
C GLU D 151 -42.44 -55.45 7.78
N GLN D 152 -41.58 -56.45 7.60
CA GLN D 152 -40.27 -56.35 8.27
C GLN D 152 -39.23 -55.66 7.38
N TRP D 153 -39.56 -55.39 6.11
CA TRP D 153 -38.85 -54.37 5.33
C TRP D 153 -39.39 -52.98 5.65
N GLN D 154 -40.72 -52.87 5.75
CA GLN D 154 -41.39 -51.66 6.20
C GLN D 154 -40.84 -51.18 7.53
N ASN D 155 -40.52 -52.13 8.41
CA ASN D 155 -40.12 -51.81 9.78
C ASN D 155 -38.88 -50.94 9.71
N HIS D 156 -37.89 -51.42 8.94
CA HIS D 156 -36.62 -50.73 8.79
C HIS D 156 -36.80 -49.45 7.98
N LEU D 157 -37.69 -49.46 6.99
CA LEU D 157 -37.92 -48.23 6.24
C LEU D 157 -38.51 -47.14 7.14
N ALA D 158 -39.54 -47.48 7.92
CA ALA D 158 -40.15 -46.49 8.80
C ALA D 158 -39.19 -46.03 9.88
N GLN D 159 -38.40 -46.96 10.44
CA GLN D 159 -37.48 -46.57 11.51
C GLN D 159 -36.30 -45.78 10.98
N LEU D 160 -35.82 -46.10 9.78
CA LEU D 160 -34.85 -45.25 9.12
C LEU D 160 -35.42 -43.86 8.89
N GLN D 161 -36.68 -43.80 8.44
CA GLN D 161 -37.33 -42.50 8.29
C GLN D 161 -37.29 -41.72 9.58
N ARG D 162 -37.92 -42.24 10.62
CA ARG D 162 -38.08 -41.51 11.85
C ARG D 162 -36.74 -41.26 12.53
N GLY D 163 -35.68 -41.92 12.06
CA GLY D 163 -34.33 -41.62 12.46
C GLY D 163 -33.61 -40.65 11.56
N LEU D 164 -34.32 -40.02 10.64
CA LEU D 164 -33.73 -39.18 9.60
C LEU D 164 -33.80 -37.69 9.90
N HIS D 165 -34.47 -37.30 10.98
CA HIS D 165 -34.36 -35.94 11.48
C HIS D 165 -32.94 -35.56 11.83
N LEU D 166 -32.08 -36.55 12.10
CA LEU D 166 -30.72 -36.27 12.54
C LEU D 166 -29.92 -35.54 11.48
N LEU D 167 -30.13 -35.87 10.20
CA LEU D 167 -29.34 -35.27 9.13
C LEU D 167 -29.74 -33.83 8.85
N THR D 168 -30.98 -33.45 9.17
CA THR D 168 -31.55 -32.20 8.67
C THR D 168 -31.71 -31.12 9.71
N ASP D 169 -31.67 -31.45 11.00
CA ASP D 169 -32.11 -30.52 12.02
C ASP D 169 -31.15 -29.34 12.17
N LYS D 170 -31.72 -28.15 12.39
CA LYS D 170 -30.91 -27.02 12.81
C LYS D 170 -30.19 -27.30 14.12
N GLU D 171 -30.79 -28.08 15.01
CA GLU D 171 -30.17 -28.39 16.28
C GLU D 171 -30.80 -29.64 16.87
N TYR D 172 -30.28 -30.05 18.01
CA TYR D 172 -30.81 -31.17 18.78
C TYR D 172 -31.85 -30.64 19.76
N LYS D 173 -33.00 -31.32 19.84
CA LYS D 173 -33.92 -31.00 20.91
C LYS D 173 -34.13 -32.23 21.79
N PRO D 174 -34.20 -32.06 23.12
CA PRO D 174 -34.25 -33.23 24.02
C PRO D 174 -35.33 -34.27 23.72
N GLU D 175 -36.41 -33.94 22.99
CA GLU D 175 -37.47 -34.93 22.77
C GLU D 175 -36.95 -36.18 22.07
N TYR D 176 -35.83 -36.04 21.37
CA TYR D 176 -35.05 -37.01 20.62
C TYR D 176 -34.22 -37.94 21.48
N PHE D 177 -34.08 -37.65 22.77
CA PHE D 177 -33.45 -38.60 23.66
C PHE D 177 -34.33 -39.83 23.85
N SER D 178 -35.62 -39.61 24.14
CA SER D 178 -36.53 -40.73 24.32
C SER D 178 -36.55 -41.60 23.08
N ASP D 179 -36.30 -41.01 21.91
CA ASP D 179 -36.28 -41.75 20.67
C ASP D 179 -35.06 -42.66 20.56
N ALA D 180 -34.02 -42.39 21.34
CA ALA D 180 -32.76 -43.10 21.25
C ALA D 180 -32.58 -44.16 22.32
N LEU D 181 -33.57 -44.37 23.19
CA LEU D 181 -33.43 -45.30 24.31
C LEU D 181 -34.26 -46.57 24.17
N LYS D 182 -35.12 -46.67 23.16
CA LYS D 182 -35.92 -47.87 22.94
C LYS D 182 -35.25 -48.77 21.92
N LEU D 183 -35.30 -50.07 22.17
CA LEU D 183 -34.63 -51.06 21.33
C LEU D 183 -35.62 -52.06 20.74
N SER D 190 -27.59 -52.57 16.76
CA SER D 190 -27.03 -53.43 17.80
C SER D 190 -25.94 -52.71 18.59
N ILE D 191 -25.94 -51.39 18.55
CA ILE D 191 -24.87 -50.63 19.18
C ILE D 191 -25.40 -49.68 20.25
N GLY D 192 -26.63 -49.21 20.09
CA GLY D 192 -27.18 -48.26 21.05
C GLY D 192 -27.49 -46.91 20.44
N GLY D 193 -28.76 -46.53 20.46
CA GLY D 193 -29.18 -45.25 19.96
C GLY D 193 -29.94 -45.34 18.65
N GLN D 194 -29.93 -44.24 17.90
CA GLN D 194 -30.63 -44.11 16.63
C GLN D 194 -29.65 -43.85 15.50
N ASP D 195 -28.50 -44.53 15.53
CA ASP D 195 -27.45 -44.27 14.56
C ASP D 195 -27.93 -44.71 13.18
N LEU D 196 -28.05 -43.75 12.25
CA LEU D 196 -28.62 -44.03 10.93
C LEU D 196 -27.76 -44.99 10.13
N SER D 197 -26.46 -45.01 10.40
CA SER D 197 -25.59 -45.98 9.73
C SER D 197 -26.08 -47.41 9.93
N GLU D 198 -26.37 -47.80 11.18
CA GLU D 198 -26.79 -49.16 11.45
C GLU D 198 -28.10 -49.48 10.76
N ILE D 199 -29.05 -48.56 10.85
CA ILE D 199 -30.38 -48.80 10.30
C ILE D 199 -30.30 -48.96 8.78
N PHE D 200 -29.46 -48.14 8.13
CA PHE D 200 -29.30 -48.28 6.69
C PHE D 200 -28.58 -49.57 6.34
N GLU D 201 -27.62 -49.99 7.16
CA GLU D 201 -26.94 -51.25 6.86
C GLU D 201 -27.85 -52.45 6.99
N GLU D 202 -28.76 -52.46 7.98
CA GLU D 202 -29.82 -53.46 8.02
C GLU D 202 -30.80 -53.32 6.89
N LEU D 203 -31.06 -52.08 6.43
CA LEU D 203 -31.92 -51.94 5.27
C LEU D 203 -31.29 -52.60 4.05
N VAL D 204 -29.98 -52.45 3.90
CA VAL D 204 -29.27 -53.07 2.80
C VAL D 204 -29.26 -54.59 2.96
N LYS D 205 -29.12 -55.08 4.19
CA LYS D 205 -29.23 -56.52 4.42
C LYS D 205 -30.61 -57.03 4.03
N ARG D 206 -31.66 -56.30 4.43
CA ARG D 206 -33.02 -56.56 3.94
C ARG D 206 -33.02 -56.72 2.43
N ALA D 207 -32.56 -55.69 1.73
CA ALA D 207 -32.69 -55.66 0.28
C ALA D 207 -31.91 -56.82 -0.36
N CYS D 208 -30.73 -57.14 0.18
CA CYS D 208 -29.94 -58.22 -0.37
C CYS D 208 -30.61 -59.58 -0.15
N GLU D 209 -31.20 -59.79 1.02
CA GLU D 209 -31.94 -61.03 1.25
C GLU D 209 -33.12 -61.13 0.29
N ILE D 210 -33.85 -60.04 0.10
CA ILE D 210 -35.07 -60.09 -0.70
C ILE D 210 -34.75 -60.29 -2.18
N LEU D 211 -33.72 -59.59 -2.68
CA LEU D 211 -33.48 -59.51 -4.12
C LEU D 211 -32.63 -60.66 -4.66
N ASP D 212 -32.21 -61.60 -3.82
CA ASP D 212 -31.23 -62.61 -4.24
C ASP D 212 -30.00 -61.94 -4.83
N CYS D 213 -29.34 -61.14 -4.00
CA CYS D 213 -28.07 -60.50 -4.34
C CYS D 213 -27.27 -60.35 -3.05
N LYS D 214 -25.96 -60.21 -3.22
CA LYS D 214 -25.07 -59.95 -2.09
C LYS D 214 -24.82 -58.46 -1.92
N ALA D 215 -24.39 -57.80 -2.98
CA ALA D 215 -23.97 -56.41 -2.88
C ALA D 215 -24.78 -55.58 -3.86
N ILE D 216 -25.10 -54.38 -3.44
CA ILE D 216 -25.94 -53.46 -4.20
C ILE D 216 -25.09 -52.30 -4.65
N LEU D 217 -24.95 -52.15 -5.96
CA LEU D 217 -24.03 -51.17 -6.53
C LEU D 217 -24.69 -49.81 -6.54
N ILE D 218 -24.28 -48.95 -5.61
CA ILE D 218 -24.69 -47.55 -5.62
C ILE D 218 -23.72 -46.80 -6.50
N THR D 219 -24.20 -46.34 -7.65
CA THR D 219 -23.35 -45.72 -8.66
C THR D 219 -23.72 -44.26 -8.81
N PHE D 220 -22.74 -43.39 -8.64
CA PHE D 220 -22.95 -41.95 -8.62
C PHE D 220 -22.41 -41.32 -9.91
N ASP D 221 -23.19 -40.39 -10.46
CA ASP D 221 -22.89 -39.84 -11.77
C ASP D 221 -22.06 -38.57 -11.61
N ASP D 222 -21.48 -38.11 -12.72
CA ASP D 222 -20.58 -36.97 -12.68
C ASP D 222 -21.28 -35.69 -12.27
N ILE D 223 -20.49 -34.79 -11.69
CA ILE D 223 -21.00 -33.63 -10.96
C ILE D 223 -20.37 -32.35 -11.50
N ASP D 224 -19.96 -32.37 -12.78
CA ASP D 224 -19.22 -31.22 -13.31
C ASP D 224 -20.09 -29.96 -13.28
N THR D 225 -21.40 -30.13 -13.48
CA THR D 225 -22.31 -28.99 -13.56
C THR D 225 -22.28 -28.18 -12.28
N GLN D 226 -22.46 -28.82 -11.13
CA GLN D 226 -22.58 -28.14 -9.84
C GLN D 226 -22.00 -29.07 -8.78
N PHE D 227 -20.74 -28.85 -8.42
CA PHE D 227 -20.01 -29.81 -7.60
C PHE D 227 -20.18 -29.60 -6.08
N ASP D 228 -21.16 -28.81 -5.64
CA ASP D 228 -21.51 -28.86 -4.21
C ASP D 228 -22.06 -30.23 -3.83
N ALA D 229 -22.94 -30.78 -4.66
CA ALA D 229 -23.58 -32.03 -4.29
C ALA D 229 -22.56 -33.14 -4.08
N GLY D 230 -21.34 -32.97 -4.61
CA GLY D 230 -20.30 -33.94 -4.36
C GLY D 230 -20.00 -34.13 -2.89
N TRP D 231 -20.18 -33.08 -2.09
CA TRP D 231 -19.89 -33.21 -0.65
C TRP D 231 -20.90 -34.12 0.03
N ASP D 232 -22.19 -33.97 -0.30
CA ASP D 232 -23.18 -34.88 0.24
C ASP D 232 -22.90 -36.31 -0.21
N VAL D 233 -22.46 -36.47 -1.46
CA VAL D 233 -22.12 -37.79 -1.96
C VAL D 233 -20.98 -38.39 -1.14
N LEU D 234 -19.92 -37.60 -0.91
CA LEU D 234 -18.77 -38.08 -0.16
C LEU D 234 -19.15 -38.44 1.28
N GLU D 235 -19.95 -37.58 1.92
CA GLU D 235 -20.34 -37.84 3.30
C GLU D 235 -21.23 -39.08 3.40
N SER D 236 -22.15 -39.26 2.44
CA SER D 236 -22.99 -40.45 2.44
C SER D 236 -22.15 -41.70 2.21
N ILE D 237 -21.17 -41.63 1.31
CA ILE D 237 -20.29 -42.76 1.08
C ILE D 237 -19.52 -43.10 2.37
N ARG D 238 -19.00 -42.07 3.04
CA ARG D 238 -18.21 -42.29 4.25
C ARG D 238 -19.05 -42.87 5.37
N LYS D 239 -20.26 -42.34 5.58
CA LYS D 239 -21.02 -42.64 6.79
C LYS D 239 -22.07 -43.73 6.61
N PHE D 240 -22.57 -43.96 5.39
CA PHE D 240 -23.73 -44.83 5.20
C PHE D 240 -23.49 -45.99 4.23
N PHE D 241 -22.72 -45.79 3.17
CA PHE D 241 -22.56 -46.79 2.13
C PHE D 241 -21.35 -47.66 2.38
N ASN D 242 -20.86 -47.64 3.61
CA ASN D 242 -19.64 -48.32 4.01
C ASN D 242 -20.15 -49.65 4.52
N SER D 243 -20.13 -50.63 3.64
CA SER D 243 -20.72 -51.90 4.01
C SER D 243 -20.54 -52.83 2.84
N ARG D 244 -20.53 -54.12 3.13
CA ARG D 244 -20.18 -55.08 2.11
C ARG D 244 -21.25 -55.20 1.08
N LYS D 245 -22.47 -55.21 1.57
CA LYS D 245 -23.66 -55.29 0.78
C LYS D 245 -23.81 -54.09 -0.13
N LEU D 246 -22.86 -53.17 -0.10
CA LEU D 246 -22.81 -52.02 -0.97
C LEU D 246 -21.43 -51.91 -1.60
N VAL D 247 -21.42 -51.72 -2.91
CA VAL D 247 -20.22 -51.35 -3.66
C VAL D 247 -20.53 -50.06 -4.39
N VAL D 248 -19.66 -49.07 -4.28
CA VAL D 248 -19.93 -47.72 -4.78
C VAL D 248 -19.03 -47.46 -5.97
N VAL D 249 -19.63 -46.97 -7.06
CA VAL D 249 -18.89 -46.51 -8.23
C VAL D 249 -19.21 -45.03 -8.38
N ALA D 250 -18.23 -44.18 -8.09
CA ALA D 250 -18.34 -42.75 -8.29
C ALA D 250 -17.50 -42.34 -9.49
N THR D 251 -17.87 -41.22 -10.10
CA THR D 251 -17.13 -40.71 -11.25
C THR D 251 -17.10 -39.19 -11.19
N GLY D 252 -16.15 -38.63 -11.91
CA GLY D 252 -15.95 -37.20 -11.93
C GLY D 252 -14.48 -36.89 -12.11
N ASP D 253 -14.09 -35.71 -11.63
CA ASP D 253 -12.72 -35.24 -11.71
C ASP D 253 -12.21 -35.00 -10.30
N LEU D 254 -11.10 -35.65 -9.94
CA LEU D 254 -10.66 -35.66 -8.55
C LEU D 254 -10.20 -34.28 -8.06
N ARG D 255 -9.89 -33.35 -8.97
CA ARG D 255 -9.63 -31.98 -8.53
C ARG D 255 -10.87 -31.36 -7.90
N LEU D 256 -12.04 -31.66 -8.46
CA LEU D 256 -13.28 -31.11 -7.93
C LEU D 256 -13.51 -31.59 -6.50
N TYR D 257 -13.35 -32.89 -6.26
CA TYR D 257 -13.51 -33.44 -4.91
C TYR D 257 -12.41 -32.94 -3.98
N SER D 258 -11.19 -32.77 -4.50
CA SER D 258 -10.13 -32.13 -3.72
C SER D 258 -10.57 -30.77 -3.22
N GLN D 259 -11.07 -29.95 -4.12
CA GLN D 259 -11.64 -28.63 -3.79
C GLN D 259 -12.70 -28.71 -2.72
N LEU D 260 -13.68 -29.58 -2.92
CA LEU D 260 -14.77 -29.70 -1.96
C LEU D 260 -14.25 -30.04 -0.57
N ILE D 261 -13.36 -31.04 -0.50
CA ILE D 261 -12.87 -31.51 0.79
C ILE D 261 -11.98 -30.47 1.44
N ARG D 262 -11.13 -29.82 0.67
CA ARG D 262 -10.26 -28.80 1.25
C ARG D 262 -11.07 -27.65 1.82
N GLY D 263 -12.07 -27.18 1.07
CA GLY D 263 -12.93 -26.14 1.59
C GLY D 263 -13.65 -26.56 2.85
N LYS D 264 -14.16 -27.79 2.87
CA LYS D 264 -14.83 -28.28 4.07
C LYS D 264 -13.88 -28.42 5.23
N GLN D 265 -12.63 -28.78 4.97
CA GLN D 265 -11.63 -28.85 6.04
C GLN D 265 -11.31 -27.46 6.56
N TYR D 266 -11.23 -26.48 5.66
CA TYR D 266 -10.97 -25.14 6.17
C TYR D 266 -12.16 -24.68 7.00
N GLU D 267 -13.37 -25.15 6.65
CA GLU D 267 -14.56 -24.79 7.41
C GLU D 267 -14.42 -25.10 8.89
N ASN D 268 -13.68 -26.17 9.24
CA ASN D 268 -13.61 -26.53 10.64
C ASN D 268 -12.82 -25.54 11.48
N TYR D 269 -11.82 -24.88 10.91
CA TYR D 269 -11.08 -23.92 11.72
C TYR D 269 -12.01 -22.83 12.23
N SER D 270 -11.82 -22.48 13.49
CA SER D 270 -12.64 -21.44 14.11
C SER D 270 -12.43 -20.09 13.43
N LYS D 271 -13.51 -19.30 13.40
CA LYS D 271 -13.51 -17.99 12.75
C LYS D 271 -12.36 -17.11 13.21
N THR D 272 -12.46 -16.68 14.46
CA THR D 272 -11.61 -15.61 14.94
C THR D 272 -10.17 -16.07 15.02
N LEU D 273 -9.97 -17.38 15.16
CA LEU D 273 -8.64 -17.93 14.94
C LEU D 273 -8.12 -17.57 13.56
N LEU D 274 -8.94 -17.78 12.52
CA LEU D 274 -8.49 -17.49 11.17
C LEU D 274 -8.24 -16.00 10.97
N GLU D 275 -9.10 -15.14 11.53
CA GLU D 275 -8.83 -13.70 11.42
C GLU D 275 -7.67 -13.23 12.30
N GLN D 276 -7.23 -14.01 13.27
CA GLN D 276 -6.19 -13.56 14.20
C GLN D 276 -4.80 -14.02 13.77
N GLU D 277 -4.64 -15.32 13.52
CA GLU D 277 -3.34 -15.86 13.17
C GLU D 277 -3.19 -15.77 11.66
N LYS D 278 -2.52 -14.71 11.20
CA LYS D 278 -2.42 -14.45 9.78
C LYS D 278 -0.97 -14.18 9.37
N GLU D 279 -0.03 -14.69 10.15
CA GLU D 279 1.35 -14.67 9.74
C GLU D 279 1.54 -15.64 8.57
N SER D 280 2.66 -15.48 7.85
CA SER D 280 2.88 -16.37 6.72
C SER D 280 3.05 -17.80 7.21
N VAL D 281 3.65 -17.98 8.39
CA VAL D 281 3.85 -19.32 8.94
C VAL D 281 2.52 -19.99 9.25
N ARG D 282 1.54 -19.23 9.76
CA ARG D 282 0.27 -19.82 10.14
C ARG D 282 -0.51 -20.29 8.92
N LEU D 283 -0.63 -19.42 7.90
CA LEU D 283 -1.26 -19.85 6.67
C LEU D 283 -0.51 -21.02 6.06
N ALA D 284 0.83 -21.01 6.14
CA ALA D 284 1.64 -22.07 5.56
C ALA D 284 1.36 -23.42 6.23
N GLU D 285 1.42 -23.45 7.55
CA GLU D 285 1.16 -24.70 8.27
C GLU D 285 -0.30 -25.14 8.14
N ARG D 286 -1.24 -24.22 8.17
CA ARG D 286 -2.63 -24.64 7.96
C ARG D 286 -2.83 -25.15 6.54
N GLY D 287 -2.08 -24.64 5.57
CA GLY D 287 -2.12 -25.20 4.23
C GLY D 287 -1.56 -26.61 4.18
N TYR D 288 -0.39 -26.83 4.79
CA TYR D 288 0.14 -28.18 4.88
C TYR D 288 -0.85 -29.10 5.58
N MET D 289 -1.63 -28.52 6.49
CA MET D 289 -2.45 -29.34 7.35
C MET D 289 -3.71 -29.76 6.65
N VAL D 290 -4.39 -28.80 6.02
CA VAL D 290 -5.52 -29.11 5.16
C VAL D 290 -5.07 -30.02 4.01
N GLU D 291 -3.83 -29.85 3.54
CA GLU D 291 -3.20 -30.90 2.74
C GLU D 291 -3.38 -32.28 3.34
N HIS D 292 -2.77 -32.50 4.50
CA HIS D 292 -2.76 -33.84 5.05
C HIS D 292 -4.17 -34.38 5.19
N LEU D 293 -5.08 -33.55 5.69
CA LEU D 293 -6.45 -34.00 5.92
C LEU D 293 -7.16 -34.35 4.61
N GLU D 294 -7.10 -33.45 3.62
CA GLU D 294 -7.75 -33.69 2.34
C GLU D 294 -7.17 -34.92 1.65
N GLN D 295 -5.84 -35.06 1.67
CA GLN D 295 -5.21 -36.24 1.07
C GLN D 295 -5.68 -37.52 1.74
N GLN D 296 -5.68 -37.55 3.07
CA GLN D 296 -6.11 -38.76 3.75
C GLN D 296 -7.58 -39.06 3.45
N TYR D 297 -8.41 -38.02 3.42
CA TYR D 297 -9.81 -38.18 3.08
C TYR D 297 -9.97 -38.87 1.72
N LEU D 298 -9.21 -38.40 0.73
CA LEU D 298 -9.31 -38.98 -0.62
C LEU D 298 -8.69 -40.36 -0.75
N LEU D 299 -7.55 -40.61 -0.12
CA LEU D 299 -7.05 -41.98 -0.10
C LEU D 299 -8.03 -42.91 0.59
N LYS D 300 -8.85 -42.37 1.49
CA LYS D 300 -9.83 -43.17 2.21
C LYS D 300 -11.02 -43.51 1.32
N LEU D 301 -11.71 -42.48 0.82
CA LEU D 301 -12.95 -42.72 0.09
C LEU D 301 -12.71 -43.28 -1.30
N PHE D 302 -11.58 -42.94 -1.92
CA PHE D 302 -11.24 -43.40 -3.27
C PHE D 302 -9.90 -44.11 -3.23
N PRO D 303 -9.87 -45.39 -2.91
CA PRO D 303 -8.60 -46.13 -2.94
C PRO D 303 -7.97 -46.07 -4.31
N VAL D 304 -6.64 -45.97 -4.33
CA VAL D 304 -5.92 -45.79 -5.58
C VAL D 304 -6.09 -47.01 -6.47
N GLN D 305 -6.03 -48.21 -5.89
CA GLN D 305 -6.13 -49.42 -6.69
C GLN D 305 -7.49 -49.56 -7.37
N LYS D 306 -8.50 -48.83 -6.92
CA LYS D 306 -9.85 -48.95 -7.45
C LYS D 306 -10.22 -47.82 -8.42
N ARG D 307 -9.25 -47.01 -8.82
CA ARG D 307 -9.52 -45.88 -9.72
C ARG D 307 -9.39 -46.32 -11.18
N ILE D 308 -10.31 -45.83 -12.01
CA ILE D 308 -10.44 -46.27 -13.39
C ILE D 308 -9.81 -45.24 -14.32
N GLN D 309 -9.17 -45.74 -15.38
CA GLN D 309 -8.58 -44.95 -16.46
C GLN D 309 -9.52 -43.95 -17.09
N LEU D 310 -10.48 -44.43 -17.88
CA LEU D 310 -11.20 -43.55 -18.83
C LEU D 310 -10.17 -42.68 -19.58
N LYS D 311 -9.37 -43.39 -20.56
CA LYS D 311 -8.37 -42.76 -21.38
C LYS D 311 -8.98 -41.53 -22.07
N THR D 312 -8.22 -40.93 -22.97
CA THR D 312 -8.76 -39.90 -23.82
C THR D 312 -8.72 -40.35 -25.28
N MET D 313 -9.16 -39.44 -26.15
CA MET D 313 -9.26 -39.77 -27.56
C MET D 313 -7.90 -40.10 -28.16
N LEU D 314 -6.93 -39.21 -27.98
CA LEU D 314 -5.62 -39.40 -28.59
C LEU D 314 -5.03 -40.75 -28.23
N GLN D 315 -5.36 -41.26 -27.05
CA GLN D 315 -4.92 -42.58 -26.65
C GLN D 315 -5.68 -43.69 -27.36
N LEU D 316 -6.91 -43.41 -27.79
CA LEU D 316 -7.70 -44.40 -28.52
C LEU D 316 -7.38 -44.44 -30.00
N VAL D 317 -6.55 -43.52 -30.49
CA VAL D 317 -6.12 -43.48 -31.88
C VAL D 317 -4.60 -43.40 -31.92
N GLY D 318 -4.06 -43.47 -33.13
CA GLY D 318 -2.62 -43.44 -33.29
C GLY D 318 -2.02 -42.11 -32.89
N GLU D 319 -0.77 -42.16 -32.43
CA GLU D 319 -0.02 -40.95 -32.11
C GLU D 319 0.47 -40.27 -33.39
N LYS D 320 1.29 -40.98 -34.16
CA LYS D 320 1.78 -40.50 -35.45
C LYS D 320 1.77 -41.62 -36.49
N GLY D 321 0.91 -42.61 -36.32
CA GLY D 321 0.89 -43.78 -37.16
C GLY D 321 1.49 -45.01 -36.53
N LYS D 322 2.13 -44.89 -35.37
CA LYS D 322 2.75 -46.00 -34.66
C LYS D 322 1.86 -46.55 -33.55
N ALA D 323 0.57 -46.21 -33.57
CA ALA D 323 -0.38 -46.63 -32.54
C ALA D 323 -1.75 -46.73 -33.20
N GLY D 324 -2.81 -46.69 -32.40
CA GLY D 324 -4.16 -46.77 -32.95
C GLY D 324 -4.98 -47.93 -32.46
N LYS D 325 -4.78 -48.33 -31.20
CA LYS D 325 -5.57 -49.41 -30.62
C LYS D 325 -7.06 -49.12 -30.72
N GLU D 326 -7.82 -50.12 -31.18
CA GLU D 326 -9.26 -50.04 -31.32
C GLU D 326 -9.72 -48.73 -31.95
N GLU D 327 -9.31 -48.47 -33.18
CA GLU D 327 -9.84 -47.32 -33.88
C GLU D 327 -11.36 -47.44 -34.03
N ILE D 328 -11.99 -46.29 -34.09
CA ILE D 328 -13.42 -46.13 -33.91
C ILE D 328 -14.10 -45.54 -35.14
N LYS D 329 -13.39 -44.69 -35.88
CA LYS D 329 -13.92 -44.04 -37.08
C LYS D 329 -15.00 -43.03 -36.75
N VAL D 330 -15.06 -41.98 -37.55
CA VAL D 330 -16.18 -41.04 -37.53
C VAL D 330 -16.79 -41.06 -38.92
N LYS D 331 -18.01 -40.58 -39.00
CA LYS D 331 -18.78 -40.53 -40.23
C LYS D 331 -19.05 -39.09 -40.64
N THR D 332 -18.61 -38.78 -41.86
CA THR D 332 -18.65 -37.40 -42.34
C THR D 332 -19.92 -37.14 -43.14
N GLU D 333 -20.36 -38.09 -43.96
CA GLU D 333 -21.46 -37.90 -44.88
C GLU D 333 -22.67 -38.70 -44.44
N PRO D 334 -23.86 -38.31 -44.89
CA PRO D 334 -25.07 -39.07 -44.53
C PRO D 334 -25.05 -40.52 -44.97
N SER D 335 -24.55 -40.81 -46.18
CA SER D 335 -24.66 -42.18 -46.71
C SER D 335 -23.71 -43.12 -45.98
N MET D 336 -22.41 -42.93 -46.24
CA MET D 336 -21.27 -43.70 -45.68
C MET D 336 -21.55 -45.09 -45.08
N GLN D 337 -22.04 -46.00 -45.91
CA GLN D 337 -22.40 -47.36 -45.48
C GLN D 337 -21.27 -48.21 -44.88
N ASP D 338 -20.91 -47.92 -43.63
CA ASP D 338 -19.89 -48.63 -42.85
C ASP D 338 -18.69 -49.23 -43.62
N ILE D 339 -18.06 -48.44 -44.48
CA ILE D 339 -16.92 -48.88 -45.26
C ILE D 339 -16.21 -47.66 -45.83
N ASP D 340 -16.98 -46.60 -46.05
CA ASP D 340 -16.44 -45.36 -46.60
C ASP D 340 -16.16 -44.34 -45.51
N ALA D 341 -16.49 -44.67 -44.27
CA ALA D 341 -16.24 -43.76 -43.16
C ALA D 341 -14.76 -43.45 -43.09
N ILE D 342 -14.42 -42.18 -43.26
CA ILE D 342 -13.02 -41.78 -43.45
C ILE D 342 -12.43 -41.56 -42.07
N ASP D 343 -12.04 -42.67 -41.43
CA ASP D 343 -11.28 -42.67 -40.18
C ASP D 343 -11.88 -41.75 -39.13
N VAL D 344 -11.10 -41.41 -38.11
CA VAL D 344 -11.40 -40.30 -37.22
C VAL D 344 -10.24 -39.31 -37.15
N ARG D 345 -9.00 -39.79 -37.00
CA ARG D 345 -7.86 -38.90 -37.14
C ARG D 345 -7.93 -38.14 -38.46
N GLN D 346 -8.40 -38.83 -39.50
CA GLN D 346 -8.50 -38.19 -40.80
C GLN D 346 -9.47 -37.02 -40.79
N ALA D 347 -10.68 -37.22 -40.29
CA ALA D 347 -11.68 -36.16 -40.39
C ALA D 347 -11.12 -34.87 -39.80
N ILE D 348 -10.43 -34.98 -38.67
CA ILE D 348 -9.83 -33.82 -38.03
C ILE D 348 -8.67 -33.29 -38.87
N GLY D 349 -7.82 -34.19 -39.37
CA GLY D 349 -6.68 -33.73 -40.17
C GLY D 349 -7.15 -32.98 -41.39
N ASP D 350 -8.26 -33.41 -41.95
CA ASP D 350 -8.75 -32.87 -43.20
C ASP D 350 -9.45 -31.54 -42.97
N ALA D 351 -10.22 -31.44 -41.88
CA ALA D 351 -10.76 -30.15 -41.47
C ALA D 351 -9.62 -29.16 -41.20
N VAL D 352 -8.58 -29.61 -40.49
CA VAL D 352 -7.49 -28.71 -40.11
C VAL D 352 -6.72 -28.26 -41.34
N ARG D 353 -6.33 -29.20 -42.20
CA ARG D 353 -5.59 -28.86 -43.42
C ARG D 353 -6.41 -27.97 -44.35
N GLU D 354 -7.70 -28.24 -44.54
CA GLU D 354 -8.53 -27.38 -45.38
C GLU D 354 -8.75 -25.99 -44.78
N GLY D 355 -9.06 -25.90 -43.50
CA GLY D 355 -9.49 -24.64 -42.92
C GLY D 355 -8.36 -23.80 -42.35
N LEU D 356 -7.18 -24.40 -42.22
CA LEU D 356 -5.98 -23.67 -41.82
C LEU D 356 -5.00 -23.50 -42.96
N ASN D 357 -5.16 -24.25 -44.05
CA ASN D 357 -4.26 -24.16 -45.21
C ASN D 357 -2.82 -24.48 -44.80
N LEU D 358 -2.64 -25.74 -44.35
CA LEU D 358 -1.46 -26.12 -43.58
C LEU D 358 -0.59 -27.19 -44.22
N ARG D 359 -1.02 -27.83 -45.31
CA ARG D 359 -0.27 -28.91 -45.93
C ARG D 359 -0.21 -30.11 -44.99
N GLU D 360 0.37 -31.24 -45.41
CA GLU D 360 0.51 -32.42 -44.55
C GLU D 360 1.79 -32.41 -43.71
N GLY D 361 2.40 -31.27 -43.44
CA GLY D 361 3.60 -31.27 -42.66
C GLY D 361 3.30 -31.61 -41.20
N SER D 362 4.36 -31.67 -40.41
CA SER D 362 4.18 -32.02 -39.01
C SER D 362 3.30 -31.02 -38.27
N ASP D 363 3.06 -29.85 -38.87
CA ASP D 363 2.24 -28.83 -38.22
C ASP D 363 0.75 -29.19 -38.28
N ALA D 364 0.29 -29.82 -39.36
CA ALA D 364 -1.10 -30.24 -39.40
C ALA D 364 -1.36 -31.39 -38.43
N ASP D 365 -0.49 -32.40 -38.43
CA ASP D 365 -0.60 -33.45 -37.43
C ASP D 365 -0.49 -32.88 -36.03
N MET D 366 0.34 -31.86 -35.85
CA MET D 366 0.32 -31.06 -34.64
C MET D 366 -1.09 -30.65 -34.24
N TYR D 367 -1.71 -29.78 -35.04
CA TYR D 367 -3.00 -29.22 -34.66
C TYR D 367 -3.99 -30.34 -34.39
N VAL D 368 -3.93 -31.41 -35.18
CA VAL D 368 -4.83 -32.54 -34.99
C VAL D 368 -4.57 -33.22 -33.66
N ASN D 369 -3.30 -33.40 -33.29
CA ASN D 369 -2.98 -34.01 -32.01
C ASN D 369 -3.55 -33.19 -30.87
N GLU D 370 -3.39 -31.88 -30.94
CA GLU D 370 -3.89 -31.09 -29.82
C GLU D 370 -5.40 -31.21 -29.73
N LEU D 371 -6.08 -31.14 -30.87
CA LEU D 371 -7.53 -31.18 -30.91
C LEU D 371 -8.12 -32.54 -30.57
N LEU D 372 -7.34 -33.61 -30.74
CA LEU D 372 -7.79 -34.94 -30.30
C LEU D 372 -7.75 -35.09 -28.79
N LYS D 373 -6.96 -34.26 -28.11
CA LYS D 373 -6.85 -34.30 -26.66
C LYS D 373 -7.99 -33.56 -25.97
N GLN D 374 -8.91 -33.01 -26.74
CA GLN D 374 -9.96 -32.17 -26.21
C GLN D 374 -11.00 -32.99 -25.45
N PRO D 375 -11.80 -32.34 -24.61
CA PRO D 375 -12.97 -33.02 -24.09
C PRO D 375 -13.79 -33.54 -25.26
N VAL D 376 -14.21 -34.79 -25.13
CA VAL D 376 -14.69 -35.56 -26.26
C VAL D 376 -15.94 -34.91 -26.86
N ARG D 377 -16.75 -34.25 -26.04
CA ARG D 377 -17.90 -33.49 -26.54
C ARG D 377 -17.48 -32.34 -27.44
N LEU D 378 -16.43 -31.60 -27.04
CA LEU D 378 -15.99 -30.47 -27.85
C LEU D 378 -15.58 -30.92 -29.24
N LEU D 379 -14.78 -31.98 -29.30
CA LEU D 379 -14.39 -32.53 -30.60
C LEU D 379 -15.61 -32.98 -31.39
N MET D 380 -16.54 -33.67 -30.71
CA MET D 380 -17.77 -34.09 -31.38
C MET D 380 -18.47 -32.92 -32.03
N GLN D 381 -18.69 -31.85 -31.27
CA GLN D 381 -19.50 -30.73 -31.75
C GLN D 381 -18.79 -29.97 -32.87
N VAL D 382 -17.50 -29.70 -32.70
CA VAL D 382 -16.79 -28.96 -33.74
C VAL D 382 -16.75 -29.78 -35.03
N LEU D 383 -16.40 -31.07 -34.92
CA LEU D 383 -16.30 -31.95 -36.09
C LEU D 383 -17.64 -32.18 -36.76
N GLN D 384 -18.73 -32.09 -36.02
CA GLN D 384 -20.06 -32.27 -36.60
C GLN D 384 -20.57 -30.99 -37.26
N ASP D 385 -20.41 -29.84 -36.59
CA ASP D 385 -20.80 -28.58 -37.21
C ASP D 385 -20.05 -28.37 -38.52
N PHE D 386 -18.74 -28.57 -38.51
CA PHE D 386 -17.94 -28.36 -39.72
C PHE D 386 -18.51 -29.16 -40.88
N TYR D 387 -18.70 -30.47 -40.69
CA TYR D 387 -19.04 -31.34 -41.80
C TYR D 387 -20.49 -31.21 -42.23
N THR D 388 -21.42 -30.97 -41.30
CA THR D 388 -22.80 -30.72 -41.72
C THR D 388 -22.90 -29.44 -42.53
N LYS D 389 -22.26 -28.36 -42.09
CA LYS D 389 -22.29 -27.14 -42.88
C LYS D 389 -21.49 -27.29 -44.17
N LYS D 390 -20.57 -28.24 -44.21
CA LYS D 390 -19.85 -28.51 -45.44
C LYS D 390 -20.75 -29.21 -46.47
N TYR D 391 -21.47 -30.24 -46.03
CA TYR D 391 -22.53 -30.80 -46.87
C TYR D 391 -23.43 -29.69 -47.38
N HIS D 392 -23.85 -28.82 -46.47
CA HIS D 392 -24.56 -27.60 -46.84
C HIS D 392 -23.91 -26.91 -48.03
N ALA D 393 -22.63 -26.55 -47.90
CA ALA D 393 -21.97 -25.73 -48.92
C ALA D 393 -21.96 -26.42 -50.27
N THR D 394 -21.85 -27.75 -50.29
CA THR D 394 -21.83 -28.54 -51.52
C THR D 394 -23.19 -29.18 -51.79
N SER D 395 -24.26 -28.60 -51.28
CA SER D 395 -25.60 -29.11 -51.49
C SER D 395 -25.73 -30.53 -50.94
N SER D 412 -16.07 -21.62 -48.85
CA SER D 412 -14.81 -21.40 -48.12
C SER D 412 -14.72 -22.31 -46.90
N VAL D 413 -13.93 -23.38 -47.01
CA VAL D 413 -13.70 -24.30 -45.91
C VAL D 413 -13.16 -23.55 -44.66
N PRO D 414 -12.16 -22.69 -44.81
CA PRO D 414 -11.69 -21.96 -43.61
C PRO D 414 -12.78 -21.19 -42.92
N ASN D 415 -13.74 -20.65 -43.66
CA ASN D 415 -14.89 -20.02 -43.02
C ASN D 415 -15.68 -21.05 -42.20
N LEU D 416 -15.86 -22.25 -42.75
CA LEU D 416 -16.61 -23.28 -42.04
C LEU D 416 -15.88 -23.71 -40.76
N LEU D 417 -14.59 -24.01 -40.87
CA LEU D 417 -13.81 -24.38 -39.70
C LEU D 417 -13.76 -23.24 -38.70
N ARG D 418 -13.63 -22.01 -39.17
CA ARG D 418 -13.59 -20.86 -38.29
C ARG D 418 -14.90 -20.70 -37.52
N ASN D 419 -16.03 -20.90 -38.20
CA ASN D 419 -17.31 -20.83 -37.51
C ASN D 419 -17.42 -21.92 -36.45
N ALA D 420 -17.05 -23.16 -36.82
CA ALA D 420 -17.14 -24.25 -35.86
C ALA D 420 -16.23 -24.01 -34.67
N LEU D 421 -15.01 -23.54 -34.91
CA LEU D 421 -14.08 -23.27 -33.81
C LEU D 421 -14.55 -22.11 -32.96
N TYR D 422 -15.11 -21.07 -33.57
CA TYR D 422 -15.61 -19.93 -32.81
C TYR D 422 -16.72 -20.38 -31.87
N GLY D 423 -17.65 -21.18 -32.36
CA GLY D 423 -18.71 -21.68 -31.50
C GLY D 423 -18.21 -22.62 -30.43
N SER D 424 -17.34 -23.57 -30.81
CA SER D 424 -16.89 -24.58 -29.85
C SER D 424 -15.96 -23.98 -28.80
N MET D 425 -15.04 -23.11 -29.21
CA MET D 425 -14.10 -22.49 -28.28
C MET D 425 -14.58 -21.11 -27.85
N LEU D 426 -15.89 -20.90 -27.85
CA LEU D 426 -16.45 -19.57 -27.60
C LEU D 426 -16.08 -19.07 -26.21
N SER D 427 -16.21 -19.92 -25.19
CA SER D 427 -15.88 -19.49 -23.84
C SER D 427 -14.39 -19.16 -23.72
N ASN D 428 -13.54 -19.89 -24.45
CA ASN D 428 -12.11 -19.61 -24.38
C ASN D 428 -11.79 -18.24 -24.97
N ILE D 429 -12.31 -17.94 -26.15
CA ILE D 429 -12.02 -16.64 -26.76
C ILE D 429 -12.65 -15.51 -25.95
N TYR D 430 -13.86 -15.74 -25.41
CA TYR D 430 -14.48 -14.72 -24.58
C TYR D 430 -13.69 -14.51 -23.30
N ARG D 431 -13.00 -15.54 -22.82
CA ARG D 431 -12.07 -15.36 -21.71
C ARG D 431 -10.94 -14.42 -22.09
N ALA D 432 -10.29 -14.70 -23.22
CA ALA D 432 -9.06 -14.02 -23.58
C ALA D 432 -9.28 -12.56 -23.95
N GLY D 433 -10.52 -12.11 -24.04
CA GLY D 433 -10.79 -10.74 -24.43
C GLY D 433 -10.74 -10.49 -25.92
N LEU D 434 -10.76 -11.55 -26.72
CA LEU D 434 -10.76 -11.40 -28.16
C LEU D 434 -12.15 -10.97 -28.63
N ASN D 435 -12.23 -10.61 -29.91
CA ASN D 435 -13.46 -10.04 -30.46
C ASN D 435 -14.60 -11.03 -30.36
N TYR D 436 -15.74 -10.61 -29.83
CA TYR D 436 -16.85 -11.56 -29.73
C TYR D 436 -17.56 -11.58 -31.06
N GLU D 437 -17.89 -10.37 -31.55
CA GLU D 437 -18.82 -10.12 -32.64
C GLU D 437 -18.39 -10.89 -33.88
N GLN D 438 -19.36 -11.40 -34.64
CA GLN D 438 -19.05 -11.88 -35.99
C GLN D 438 -19.06 -10.72 -36.97
N HIS D 439 -19.92 -9.72 -36.74
CA HIS D 439 -20.11 -8.65 -37.70
C HIS D 439 -18.91 -7.72 -37.78
N ARG D 440 -17.86 -7.95 -37.00
CA ARG D 440 -16.62 -7.23 -37.25
C ARG D 440 -15.45 -8.19 -37.20
N PHE D 441 -15.61 -9.35 -37.81
CA PHE D 441 -14.48 -10.26 -37.90
C PHE D 441 -13.39 -9.64 -38.77
N GLY D 442 -13.72 -9.37 -40.04
CA GLY D 442 -12.84 -8.61 -40.92
C GLY D 442 -11.39 -8.98 -40.75
N MET D 443 -10.45 -8.01 -40.83
CA MET D 443 -9.13 -8.26 -40.31
C MET D 443 -8.55 -7.17 -39.42
N ASP D 444 -9.26 -6.06 -39.28
CA ASP D 444 -8.80 -5.08 -38.30
C ASP D 444 -8.81 -5.67 -36.91
N SER D 445 -9.89 -6.39 -36.57
CA SER D 445 -9.97 -7.05 -35.28
C SER D 445 -9.10 -8.30 -35.20
N LEU D 446 -8.78 -8.91 -36.34
CA LEU D 446 -7.92 -10.09 -36.33
C LEU D 446 -6.52 -9.78 -35.81
N CYS D 447 -5.92 -8.68 -36.27
CA CYS D 447 -4.58 -8.33 -35.81
C CYS D 447 -4.59 -8.03 -34.32
N LYS D 448 -5.62 -7.34 -33.85
CA LYS D 448 -5.71 -7.03 -32.43
C LYS D 448 -5.97 -8.28 -31.61
N ASP D 449 -6.71 -9.23 -32.17
CA ASP D 449 -6.91 -10.52 -31.52
C ASP D 449 -5.57 -11.25 -31.37
N ILE D 450 -4.75 -11.24 -32.42
CA ILE D 450 -3.45 -11.90 -32.34
C ILE D 450 -2.56 -11.22 -31.32
N PHE D 451 -2.56 -9.88 -31.32
CA PHE D 451 -1.75 -9.18 -30.33
C PHE D 451 -2.19 -9.52 -28.91
N THR D 452 -3.50 -9.58 -28.68
CA THR D 452 -4.01 -9.94 -27.35
C THR D 452 -3.59 -11.35 -26.97
N TYR D 453 -3.76 -12.31 -27.89
CA TYR D 453 -3.36 -13.69 -27.62
C TYR D 453 -1.88 -13.75 -27.28
N VAL D 454 -1.06 -13.04 -28.03
CA VAL D 454 0.38 -13.06 -27.80
C VAL D 454 0.69 -12.45 -26.44
N LYS D 455 -0.06 -11.40 -26.09
CA LYS D 455 0.15 -10.74 -24.81
C LYS D 455 -0.08 -11.70 -23.65
N GLN D 456 -1.15 -12.51 -23.71
CA GLN D 456 -1.40 -13.44 -22.62
C GLN D 456 -0.56 -14.71 -22.75
N ASP D 457 -0.21 -15.11 -23.95
CA ASP D 457 0.75 -16.18 -24.16
C ASP D 457 2.18 -15.71 -23.94
N ARG D 458 2.38 -14.44 -23.59
CA ARG D 458 3.72 -13.89 -23.42
C ARG D 458 4.48 -14.08 -24.73
N ASP D 459 5.51 -14.93 -24.73
CA ASP D 459 6.20 -15.27 -25.97
C ASP D 459 6.67 -14.01 -26.70
N PHE D 460 5.79 -13.38 -27.46
CA PHE D 460 6.08 -12.24 -28.32
C PHE D 460 7.13 -12.52 -29.38
N ASN D 461 7.55 -13.78 -29.55
CA ASN D 461 8.58 -14.18 -30.52
C ASN D 461 8.10 -15.21 -31.52
N THR D 462 7.40 -16.24 -31.05
CA THR D 462 6.76 -17.21 -31.92
C THR D 462 5.24 -17.16 -31.80
N GLY D 463 4.71 -16.23 -31.01
CA GLY D 463 3.27 -16.21 -30.75
C GLY D 463 2.44 -16.04 -32.02
N PHE D 464 2.92 -15.25 -32.98
CA PHE D 464 2.15 -15.01 -34.20
C PHE D 464 2.02 -16.25 -35.07
N TYR D 465 2.82 -17.29 -34.82
CA TYR D 465 2.64 -18.62 -35.40
C TYR D 465 1.29 -19.21 -35.03
N LEU D 466 0.74 -18.85 -33.88
CA LEU D 466 -0.54 -19.39 -33.40
C LEU D 466 -0.48 -20.90 -33.25
N ARG D 467 0.67 -21.43 -32.84
CA ARG D 467 0.78 -22.85 -32.54
C ARG D 467 0.21 -23.14 -31.15
N PRO D 468 -0.38 -24.33 -30.95
CA PRO D 468 -1.01 -24.67 -29.65
C PRO D 468 -0.02 -25.26 -28.63
N GLN D 469 0.66 -24.37 -27.93
CA GLN D 469 1.82 -24.75 -27.12
C GLN D 469 1.69 -24.21 -25.71
N SER D 470 0.67 -23.38 -25.46
CA SER D 470 0.52 -22.57 -24.26
C SER D 470 0.41 -23.37 -22.97
N GLU D 471 0.51 -22.66 -21.84
CA GLU D 471 0.27 -23.28 -20.55
C GLU D 471 -1.04 -24.04 -20.55
N SER D 472 -2.07 -23.43 -21.10
CA SER D 472 -3.44 -23.76 -20.73
C SER D 472 -4.31 -24.09 -21.93
N GLU D 473 -5.32 -24.89 -21.62
CA GLU D 473 -6.39 -25.26 -22.54
C GLU D 473 -7.05 -24.05 -23.19
N ALA D 474 -7.27 -22.96 -22.45
CA ALA D 474 -8.00 -21.82 -23.01
C ALA D 474 -7.23 -21.17 -24.16
N LEU D 475 -5.97 -20.80 -23.90
CA LEU D 475 -5.16 -20.17 -24.93
C LEU D 475 -4.80 -21.14 -26.05
N ARG D 476 -4.63 -22.42 -25.74
CA ARG D 476 -4.38 -23.39 -26.81
C ARG D 476 -5.57 -23.50 -27.76
N ASN D 477 -6.79 -23.46 -27.23
CA ASN D 477 -7.96 -23.40 -28.10
C ASN D 477 -8.00 -22.10 -28.90
N CYS D 478 -7.69 -20.99 -28.24
CA CYS D 478 -7.68 -19.70 -28.93
C CYS D 478 -6.68 -19.69 -30.07
N SER D 479 -5.57 -20.42 -29.93
CA SER D 479 -4.56 -20.45 -30.96
C SER D 479 -5.11 -21.05 -32.26
N ILE D 480 -5.78 -22.19 -32.17
CA ILE D 480 -6.33 -22.81 -33.38
C ILE D 480 -7.47 -21.97 -33.94
N TYR D 481 -8.27 -21.37 -33.06
CA TYR D 481 -9.34 -20.49 -33.56
C TYR D 481 -8.76 -19.33 -34.35
N LEU D 482 -7.70 -18.70 -33.83
CA LEU D 482 -7.09 -17.57 -34.53
C LEU D 482 -6.39 -18.02 -35.80
N ALA D 483 -5.82 -19.23 -35.81
CA ALA D 483 -5.25 -19.76 -37.05
C ALA D 483 -6.32 -19.89 -38.12
N SER D 484 -7.51 -20.39 -37.74
CA SER D 484 -8.60 -20.47 -38.69
C SER D 484 -9.01 -19.07 -39.16
N GLN D 485 -9.05 -18.11 -38.25
CA GLN D 485 -9.37 -16.73 -38.62
C GLN D 485 -8.39 -16.22 -39.67
N VAL D 486 -7.09 -16.43 -39.43
CA VAL D 486 -6.08 -15.98 -40.39
C VAL D 486 -6.27 -16.67 -41.73
N SER D 487 -6.48 -17.98 -41.71
CA SER D 487 -6.60 -18.72 -42.96
C SER D 487 -7.77 -18.22 -43.77
N GLU D 488 -8.91 -17.97 -43.12
CA GLU D 488 -10.10 -17.54 -43.86
C GLU D 488 -9.93 -16.12 -44.37
N ASN D 489 -9.46 -15.20 -43.52
CA ASN D 489 -9.47 -13.79 -43.88
C ASN D 489 -8.44 -13.49 -44.95
N CYS D 490 -7.27 -14.14 -44.89
CA CYS D 490 -6.19 -13.89 -45.84
C CYS D 490 -6.36 -14.69 -47.12
N GLN D 491 -7.36 -15.54 -47.21
CA GLN D 491 -7.55 -16.38 -48.39
C GLN D 491 -8.00 -15.57 -49.59
N GLY D 492 -7.28 -15.75 -50.69
CA GLY D 492 -7.62 -15.10 -51.94
C GLY D 492 -7.38 -13.61 -51.97
N SER D 493 -6.35 -13.13 -51.27
CA SER D 493 -6.06 -11.71 -51.25
C SER D 493 -4.59 -11.47 -50.96
N LEU D 494 -3.89 -10.84 -51.92
CA LEU D 494 -2.48 -10.50 -51.73
C LEU D 494 -2.33 -9.30 -50.80
N SER D 495 -3.25 -8.33 -50.90
CA SER D 495 -3.28 -7.22 -49.96
C SER D 495 -3.45 -7.69 -48.53
N LYS D 496 -4.43 -8.55 -48.29
CA LYS D 496 -4.69 -9.02 -46.94
C LYS D 496 -3.56 -9.90 -46.43
N PHE D 497 -2.89 -10.63 -47.32
CA PHE D 497 -1.71 -11.39 -46.92
C PHE D 497 -0.64 -10.46 -46.39
N LEU D 498 -0.32 -9.40 -47.14
CA LEU D 498 0.68 -8.44 -46.67
C LEU D 498 0.22 -7.77 -45.39
N GLN D 499 -1.09 -7.56 -45.24
CA GLN D 499 -1.66 -6.99 -44.03
C GLN D 499 -1.35 -7.86 -42.81
N MET D 500 -1.92 -9.07 -42.81
CA MET D 500 -1.55 -10.07 -41.82
C MET D 500 -0.05 -9.98 -41.52
N LEU D 501 0.77 -10.18 -42.55
CA LEU D 501 2.21 -10.19 -42.37
C LEU D 501 2.67 -8.94 -41.63
N LEU D 502 2.25 -7.76 -42.08
CA LEU D 502 2.84 -6.57 -41.48
C LEU D 502 2.17 -6.24 -40.16
N VAL D 503 0.91 -5.84 -40.23
CA VAL D 503 0.24 -5.32 -39.05
C VAL D 503 0.25 -6.35 -37.94
N GLY D 504 -0.20 -7.58 -38.21
CA GLY D 504 -0.31 -8.56 -37.15
C GLY D 504 1.02 -9.02 -36.62
N CYS D 505 1.83 -9.66 -37.46
CA CYS D 505 3.10 -10.23 -36.99
C CYS D 505 4.08 -9.13 -36.60
N GLY D 506 4.28 -8.13 -37.47
CA GLY D 506 5.20 -7.06 -37.13
C GLY D 506 4.79 -6.33 -35.86
N SER D 507 3.49 -6.21 -35.63
CA SER D 507 2.99 -5.53 -34.45
C SER D 507 3.39 -6.29 -33.18
N VAL D 508 4.11 -7.39 -33.36
CA VAL D 508 4.56 -8.21 -32.23
C VAL D 508 6.08 -8.18 -32.11
N SER D 509 6.76 -8.44 -33.22
CA SER D 509 8.23 -8.45 -33.24
C SER D 509 8.78 -7.06 -32.92
N ILE D 510 8.26 -6.05 -33.60
CA ILE D 510 8.69 -4.67 -33.40
C ILE D 510 8.56 -4.30 -31.93
N PHE D 511 7.48 -4.74 -31.29
CA PHE D 511 7.30 -4.49 -29.85
C PHE D 511 8.41 -5.17 -29.05
N ASN D 512 8.74 -6.42 -29.38
CA ASN D 512 9.79 -7.10 -28.63
C ASN D 512 11.10 -6.33 -28.68
N GLN D 513 11.59 -6.05 -29.87
CA GLN D 513 13.00 -5.70 -30.00
C GLN D 513 13.26 -4.22 -29.77
N PHE D 514 12.22 -3.39 -29.81
CA PHE D 514 12.38 -1.95 -29.75
C PHE D 514 11.54 -1.27 -28.69
N VAL D 515 10.65 -1.97 -28.00
CA VAL D 515 9.79 -1.35 -27.00
C VAL D 515 9.86 -2.05 -25.64
N THR D 516 10.36 -3.28 -25.57
CA THR D 516 10.44 -3.98 -24.30
C THR D 516 11.54 -3.46 -23.39
N GLU D 517 12.51 -2.73 -23.93
CA GLU D 517 13.60 -2.22 -23.12
C GLU D 517 13.11 -1.23 -22.07
N LEU D 518 11.89 -0.72 -22.20
CA LEU D 518 11.34 0.21 -21.23
C LEU D 518 10.77 -0.53 -20.02
N ALA D 519 9.84 -1.45 -20.26
CA ALA D 519 9.23 -2.21 -19.19
C ALA D 519 9.97 -3.53 -18.96
N ASP D 524 6.98 -4.03 -13.39
CA ASP D 524 5.58 -3.87 -13.01
C ASP D 524 4.67 -4.33 -14.15
N ARG D 525 3.49 -4.84 -13.79
CA ARG D 525 2.52 -5.29 -14.77
C ARG D 525 1.57 -4.17 -15.17
N GLU D 526 1.21 -3.32 -14.21
CA GLU D 526 0.38 -2.16 -14.49
C GLU D 526 1.04 -1.24 -15.50
N LYS D 527 2.34 -0.99 -15.34
CA LYS D 527 3.07 -0.19 -16.32
C LYS D 527 3.22 -0.92 -17.63
N PHE D 528 3.45 -2.24 -17.59
CA PHE D 528 3.72 -2.99 -18.82
C PHE D 528 2.51 -2.97 -19.74
N GLU D 529 1.34 -3.28 -19.20
CA GLU D 529 0.13 -3.21 -20.04
C GLU D 529 -0.10 -1.80 -20.59
N GLN D 530 0.14 -0.76 -19.80
CA GLN D 530 -0.09 0.58 -20.33
C GLN D 530 0.88 0.92 -21.43
N LEU D 531 2.12 0.47 -21.31
CA LEU D 531 3.02 0.62 -22.43
C LEU D 531 2.48 -0.09 -23.66
N ILE D 532 1.93 -1.29 -23.47
CA ILE D 532 1.27 -1.99 -24.57
C ILE D 532 0.10 -1.15 -25.09
N SER D 533 -0.70 -0.59 -24.19
CA SER D 533 -1.90 0.12 -24.62
C SER D 533 -1.57 1.24 -25.59
N GLU D 534 -0.56 2.06 -25.27
CA GLU D 534 -0.13 3.08 -26.24
C GLU D 534 0.51 2.43 -27.47
N TYR D 535 1.34 1.40 -27.28
CA TYR D 535 1.93 0.76 -28.45
C TYR D 535 0.84 0.32 -29.42
N VAL D 536 -0.27 -0.24 -28.91
CA VAL D 536 -1.43 -0.47 -29.76
C VAL D 536 -1.95 0.84 -30.33
N ALA D 537 -2.23 1.80 -29.47
CA ALA D 537 -2.90 3.02 -29.92
C ALA D 537 -2.07 3.76 -30.95
N TYR D 538 -0.76 3.87 -30.72
CA TYR D 538 0.11 4.54 -31.68
C TYR D 538 0.29 3.71 -32.95
N MET D 539 0.46 2.40 -32.79
CA MET D 539 0.65 1.51 -33.91
C MET D 539 -0.61 1.43 -34.78
N SER D 540 -1.77 1.85 -34.24
CA SER D 540 -3.08 1.71 -34.88
C SER D 540 -3.54 0.25 -34.96
N VAL D 541 -2.97 -0.61 -34.12
CA VAL D 541 -3.29 -2.03 -34.16
C VAL D 541 -4.76 -2.21 -33.78
N GLY D 542 -5.53 -2.81 -34.69
CA GLY D 542 -6.95 -2.95 -34.53
C GLY D 542 -7.77 -1.91 -35.27
N ARG D 543 -7.16 -0.78 -35.63
CA ARG D 543 -7.86 0.29 -36.30
C ARG D 543 -7.00 0.97 -37.36
N ILE D 544 -6.12 0.21 -38.02
CA ILE D 544 -5.27 0.79 -39.05
C ILE D 544 -6.12 1.35 -40.18
N GLU D 545 -5.67 2.46 -40.76
CA GLU D 545 -6.29 2.91 -42.01
C GLU D 545 -5.71 2.18 -43.19
N SER D 546 -4.39 2.12 -43.23
CA SER D 546 -3.65 1.62 -44.38
C SER D 546 -2.38 0.97 -43.87
N ALA D 547 -1.84 0.06 -44.69
CA ALA D 547 -0.60 -0.62 -44.32
C ALA D 547 0.58 0.36 -44.27
N SER D 548 0.60 1.33 -45.19
CA SER D 548 1.68 2.32 -45.17
C SER D 548 1.66 3.14 -43.90
N HIS D 549 0.46 3.42 -43.36
CA HIS D 549 0.37 4.15 -42.10
C HIS D 549 1.06 3.39 -40.97
N TRP D 550 0.83 2.08 -40.89
CA TRP D 550 1.52 1.28 -39.88
C TRP D 550 3.02 1.34 -40.08
N ALA D 551 3.48 1.21 -41.32
CA ALA D 551 4.90 1.22 -41.59
C ALA D 551 5.52 2.58 -41.27
N ASN D 552 4.79 3.67 -41.53
CA ASN D 552 5.27 4.99 -41.14
C ASN D 552 5.47 5.08 -39.62
N ARG D 553 4.51 4.56 -38.86
CA ARG D 553 4.64 4.55 -37.41
C ARG D 553 5.71 3.58 -36.96
N CYS D 554 5.91 2.49 -37.70
CA CYS D 554 6.96 1.54 -37.37
C CYS D 554 8.34 2.18 -37.52
N CYS D 555 8.51 3.12 -38.44
CA CYS D 555 9.80 3.78 -38.60
C CYS D 555 10.19 4.52 -37.33
N ALA D 556 9.24 5.25 -36.72
CA ALA D 556 9.55 5.97 -35.49
C ALA D 556 9.92 5.02 -34.37
N VAL D 557 9.17 3.93 -34.21
CA VAL D 557 9.43 2.99 -33.12
C VAL D 557 10.82 2.38 -33.26
N VAL D 558 11.17 1.97 -34.46
CA VAL D 558 12.48 1.35 -34.67
C VAL D 558 13.61 2.37 -34.46
N ALA D 559 13.33 3.65 -34.67
CA ALA D 559 14.38 4.66 -34.76
C ALA D 559 14.65 5.38 -33.44
N ASN D 560 14.17 4.84 -32.32
CA ASN D 560 14.42 5.46 -31.01
C ASN D 560 15.05 4.45 -30.05
N SER D 561 16.08 3.73 -30.50
CA SER D 561 16.76 2.78 -29.62
C SER D 561 18.20 2.45 -30.06
N PRO D 562 18.45 2.14 -31.33
CA PRO D 562 19.78 1.61 -31.70
C PRO D 562 20.91 2.52 -31.26
N ASN D 563 22.11 1.93 -31.28
CA ASN D 563 23.31 2.52 -30.69
C ASN D 563 24.50 2.00 -31.49
N ASP D 564 25.70 2.05 -30.90
CA ASP D 564 26.91 1.52 -31.53
C ASP D 564 27.28 2.29 -32.79
N GLU D 565 27.70 3.53 -32.57
CA GLU D 565 28.22 4.51 -33.54
C GLU D 565 27.09 5.24 -34.25
N LYS D 566 25.84 4.92 -33.96
CA LYS D 566 24.71 5.79 -34.30
C LYS D 566 24.61 6.01 -35.80
N ILE D 567 24.77 4.93 -36.56
CA ILE D 567 24.57 4.98 -38.00
C ILE D 567 23.07 4.93 -38.30
N GLY D 568 22.69 5.49 -39.45
CA GLY D 568 21.33 5.41 -39.92
C GLY D 568 21.01 4.13 -40.67
N VAL D 569 21.67 3.03 -40.30
CA VAL D 569 21.38 1.71 -40.88
C VAL D 569 20.69 0.89 -39.82
N PHE D 570 19.35 0.96 -39.81
CA PHE D 570 18.52 0.33 -38.81
C PHE D 570 18.09 -1.05 -39.32
N LEU D 571 17.08 -1.65 -38.69
CA LEU D 571 16.68 -3.02 -39.00
C LEU D 571 16.50 -3.23 -40.51
N GLY D 572 15.52 -2.56 -41.10
CA GLY D 572 15.20 -2.78 -42.50
C GLY D 572 15.12 -1.50 -43.30
N MET D 573 16.00 -0.55 -43.02
CA MET D 573 15.80 0.82 -43.46
C MET D 573 17.13 1.53 -43.53
N VAL D 574 17.13 2.71 -44.14
CA VAL D 574 18.26 3.62 -44.08
C VAL D 574 17.74 5.02 -43.80
N GLN D 575 18.34 5.68 -42.80
CA GLN D 575 17.99 7.06 -42.45
C GLN D 575 18.88 7.97 -43.30
N LEU D 576 18.28 8.60 -44.29
CA LEU D 576 19.05 9.42 -45.22
C LEU D 576 19.19 10.84 -44.68
N ASN D 577 20.38 11.41 -44.90
CA ASN D 577 20.60 12.80 -44.56
C ASN D 577 19.76 13.70 -45.46
N ARG D 578 19.15 14.73 -44.86
CA ARG D 578 18.38 15.68 -45.62
C ARG D 578 18.91 17.10 -45.56
N LYS D 579 19.99 17.36 -44.85
CA LYS D 579 20.61 18.68 -44.83
C LYS D 579 21.99 18.60 -45.47
N SER D 580 22.23 19.42 -46.48
CA SER D 580 23.51 19.40 -47.18
C SER D 580 24.56 20.20 -46.41
N ARG D 581 24.72 19.89 -45.12
CA ARG D 581 25.73 20.56 -44.29
C ARG D 581 26.62 19.48 -43.69
N GLN D 582 27.59 19.03 -44.49
CA GLN D 582 28.58 18.05 -44.07
C GLN D 582 29.62 17.90 -45.19
N ASN D 583 30.90 17.87 -44.85
CA ASN D 583 31.99 17.90 -45.84
C ASN D 583 32.27 16.51 -46.38
N MET D 584 31.92 16.27 -47.65
CA MET D 584 32.03 14.93 -48.24
C MET D 584 33.35 14.66 -48.95
N PRO D 585 33.86 13.45 -48.81
CA PRO D 585 34.73 12.86 -49.81
C PRO D 585 33.92 12.46 -51.03
N GLU D 586 34.59 12.48 -52.18
CA GLU D 586 34.04 11.96 -53.43
C GLU D 586 32.70 12.59 -53.81
N GLY D 587 31.83 11.81 -54.46
CA GLY D 587 30.60 12.32 -55.02
C GLY D 587 29.42 12.18 -54.07
N TYR D 588 29.71 11.86 -52.81
CA TYR D 588 28.64 11.73 -51.82
C TYR D 588 27.93 13.07 -51.63
N LYS D 589 26.62 12.99 -51.49
CA LYS D 589 25.77 14.17 -51.44
C LYS D 589 24.42 13.72 -50.88
N LYS D 590 23.40 14.54 -51.10
CA LYS D 590 22.13 14.28 -50.46
C LYS D 590 21.39 13.16 -51.16
N PHE D 591 20.14 12.97 -50.74
CA PHE D 591 19.15 12.27 -51.53
C PHE D 591 18.16 13.29 -52.08
N ASN D 592 17.85 13.17 -53.37
CA ASN D 592 16.86 14.02 -54.02
C ASN D 592 15.90 13.13 -54.81
N ILE D 593 14.62 13.37 -54.63
CA ILE D 593 13.62 12.61 -55.38
C ILE D 593 13.45 13.11 -56.80
N ASP D 594 13.85 14.35 -57.10
CA ASP D 594 13.62 14.92 -58.43
C ASP D 594 14.55 14.31 -59.49
N THR D 595 15.77 13.93 -59.11
CA THR D 595 16.66 13.33 -60.10
C THR D 595 16.24 11.91 -60.47
N GLU D 596 15.28 11.34 -59.75
CA GLU D 596 14.77 10.02 -60.08
C GLU D 596 13.43 10.13 -60.80
N ASN D 597 13.16 9.16 -61.68
CA ASN D 597 12.36 9.38 -62.86
C ASN D 597 11.37 8.22 -63.04
N GLY D 598 10.15 8.55 -63.45
CA GLY D 598 9.22 7.48 -63.78
C GLY D 598 9.00 6.52 -62.62
N LEU D 599 9.07 5.22 -62.92
CA LEU D 599 8.82 4.21 -61.91
C LEU D 599 9.89 4.22 -60.83
N ALA D 600 11.15 4.46 -61.20
CA ALA D 600 12.20 4.51 -60.20
C ALA D 600 11.87 5.53 -59.12
N LYS D 601 11.37 6.69 -59.53
CA LYS D 601 10.92 7.69 -58.57
C LYS D 601 9.74 7.19 -57.76
N ALA D 602 8.75 6.61 -58.44
CA ALA D 602 7.56 6.12 -57.76
C ALA D 602 7.90 5.01 -56.78
N ALA D 603 8.74 4.06 -57.21
CA ALA D 603 9.20 3.03 -56.28
C ALA D 603 9.99 3.64 -55.15
N MET D 604 10.87 4.60 -55.46
CA MET D 604 11.68 5.20 -54.43
C MET D 604 10.84 6.01 -53.45
N ALA D 605 9.92 6.81 -53.97
CA ALA D 605 9.15 7.69 -53.10
C ALA D 605 8.20 6.91 -52.20
N SER D 606 7.80 5.69 -52.58
CA SER D 606 6.92 4.92 -51.72
C SER D 606 7.60 4.62 -50.38
N SER D 607 8.91 4.40 -50.41
CA SER D 607 9.66 4.05 -49.22
C SER D 607 10.05 5.25 -48.37
N LEU D 608 9.81 6.47 -48.87
CA LEU D 608 10.13 7.66 -48.08
C LEU D 608 9.27 7.71 -46.82
N SER D 609 9.90 8.03 -45.70
CA SER D 609 9.21 8.13 -44.42
C SER D 609 9.80 9.28 -43.61
N THR D 610 8.94 10.19 -43.16
CA THR D 610 9.36 11.33 -42.37
C THR D 610 8.80 11.18 -40.95
N VAL D 611 9.66 11.37 -39.96
CA VAL D 611 9.29 11.25 -38.56
C VAL D 611 9.57 12.58 -37.88
N ALA D 612 8.58 13.11 -37.17
CA ALA D 612 8.55 14.51 -36.76
C ALA D 612 8.87 14.71 -35.28
N SER D 613 9.84 13.98 -34.73
CA SER D 613 10.15 14.17 -33.31
C SER D 613 10.63 15.58 -33.05
N ASN D 614 11.83 15.90 -33.53
CA ASN D 614 12.34 17.26 -33.51
C ASN D 614 13.09 17.67 -34.77
N ASN D 615 13.62 16.72 -35.56
CA ASN D 615 14.45 17.02 -36.71
C ASN D 615 13.80 16.68 -38.04
N LEU D 616 12.64 16.02 -38.03
CA LEU D 616 11.89 15.68 -39.25
C LEU D 616 12.76 14.95 -40.26
N MET D 617 13.44 13.90 -39.83
CA MET D 617 14.35 13.20 -40.73
C MET D 617 13.54 12.59 -41.86
N ASP D 618 14.23 11.81 -42.69
CA ASP D 618 13.61 11.06 -43.77
C ASP D 618 14.22 9.66 -43.82
N PHE D 619 13.37 8.65 -43.70
CA PHE D 619 13.83 7.26 -43.76
C PHE D 619 13.35 6.64 -45.06
N CYS D 620 14.25 5.89 -45.71
CA CYS D 620 13.93 5.03 -46.83
C CYS D 620 13.81 3.61 -46.30
N SER D 621 12.58 3.15 -46.10
CA SER D 621 12.33 1.94 -45.33
C SER D 621 11.61 0.89 -46.18
N VAL D 622 12.09 -0.36 -46.05
CA VAL D 622 11.51 -1.49 -46.75
C VAL D 622 10.06 -1.76 -46.28
N PHE D 623 9.76 -1.53 -45.00
CA PHE D 623 8.41 -1.78 -44.51
C PHE D 623 7.39 -0.89 -45.23
N ASN D 624 7.72 0.37 -45.40
CA ASN D 624 6.83 1.32 -46.06
C ASN D 624 6.65 0.97 -47.53
N LEU D 625 7.68 0.40 -48.14
CA LEU D 625 7.54 -0.14 -49.49
C LEU D 625 6.62 -1.36 -49.50
N ILE D 626 6.77 -2.25 -48.52
CA ILE D 626 5.84 -3.36 -48.40
C ILE D 626 4.44 -2.84 -48.09
N GLY D 627 4.34 -1.86 -47.19
CA GLY D 627 3.05 -1.22 -46.93
C GLY D 627 2.46 -0.58 -48.16
N ALA D 628 3.31 0.01 -49.01
CA ALA D 628 2.82 0.59 -50.26
C ALA D 628 2.24 -0.49 -51.17
N ILE D 629 2.94 -1.61 -51.30
CA ILE D 629 2.45 -2.69 -52.16
C ILE D 629 1.07 -3.16 -51.68
N ALA D 630 0.91 -3.30 -50.36
CA ALA D 630 -0.38 -3.74 -49.83
C ALA D 630 -1.48 -2.76 -50.21
N ASP D 631 -1.17 -1.46 -50.22
CA ASP D 631 -2.16 -0.43 -50.50
C ASP D 631 -2.53 -0.32 -51.98
N ILE D 632 -1.68 -0.76 -52.91
CA ILE D 632 -2.08 -0.83 -54.32
C ILE D 632 -2.29 -2.27 -54.76
N SER D 633 -2.74 -3.14 -53.85
CA SER D 633 -3.07 -4.51 -54.21
C SER D 633 -4.56 -4.79 -54.21
N ALA D 634 -5.35 -3.98 -53.51
CA ALA D 634 -6.78 -4.21 -53.39
C ALA D 634 -7.52 -2.90 -53.51
N CYS D 635 -7.06 -2.03 -54.42
CA CYS D 635 -7.79 -0.78 -54.64
C CYS D 635 -9.00 -1.13 -55.52
N ARG D 636 -8.77 -1.46 -56.79
CA ARG D 636 -9.87 -1.85 -57.66
C ARG D 636 -9.39 -2.03 -59.11
N CYS D 637 -10.36 -2.28 -60.00
CA CYS D 637 -10.11 -2.34 -61.43
C CYS D 637 -9.79 -1.00 -62.06
N GLU D 638 -10.02 0.12 -61.36
CA GLU D 638 -9.92 1.41 -62.04
C GLU D 638 -8.45 1.74 -62.30
N ARG D 639 -8.21 2.64 -63.26
CA ARG D 639 -6.89 3.26 -63.36
C ARG D 639 -6.82 4.53 -62.52
N SER D 640 -7.93 5.25 -62.40
CA SER D 640 -7.93 6.47 -61.60
C SER D 640 -7.76 6.16 -60.12
N ALA D 641 -8.38 5.09 -59.63
CA ALA D 641 -8.22 4.71 -58.23
C ALA D 641 -6.78 4.35 -57.90
N ILE D 642 -6.06 3.74 -58.85
CA ILE D 642 -4.65 3.49 -58.65
C ILE D 642 -3.89 4.81 -58.57
N THR D 643 -4.36 5.82 -59.30
CA THR D 643 -3.66 7.10 -59.35
C THR D 643 -3.56 7.73 -57.97
N ASN D 644 -4.69 7.88 -57.28
CA ASN D 644 -4.66 8.45 -55.94
C ASN D 644 -4.12 7.46 -54.92
N ALA D 645 -4.21 6.15 -55.20
CA ALA D 645 -3.54 5.17 -54.35
C ALA D 645 -2.04 5.44 -54.33
N PHE D 646 -1.45 5.77 -55.48
CA PHE D 646 -0.09 6.25 -55.50
C PHE D 646 0.06 7.51 -54.65
N ASN D 647 -0.78 8.52 -54.91
CA ASN D 647 -0.60 9.82 -54.28
C ASN D 647 -0.66 9.73 -52.76
N LYS D 648 -1.30 8.70 -52.21
CA LYS D 648 -1.33 8.52 -50.76
C LYS D 648 0.01 8.02 -50.24
N VAL D 649 0.65 7.11 -50.96
CA VAL D 649 1.89 6.50 -50.51
C VAL D 649 3.07 7.27 -51.09
N ILE D 650 2.87 7.87 -52.26
CA ILE D 650 3.93 8.65 -52.87
C ILE D 650 4.22 9.90 -52.04
N ALA D 651 3.15 10.54 -51.57
CA ALA D 651 3.28 11.83 -50.89
C ALA D 651 4.09 11.69 -49.62
N GLN D 652 4.78 12.77 -49.26
CA GLN D 652 5.55 12.78 -48.03
C GLN D 652 4.64 12.47 -46.84
N THR D 653 4.85 11.29 -46.25
CA THR D 653 4.08 10.86 -45.11
C THR D 653 4.88 11.17 -43.85
N THR D 654 4.28 11.96 -42.96
CA THR D 654 4.96 12.51 -41.80
C THR D 654 4.20 12.11 -40.54
N CYS D 655 4.93 11.65 -39.52
CA CYS D 655 4.29 11.16 -38.31
C CYS D 655 5.16 11.46 -37.11
N ILE D 656 4.58 11.33 -35.92
CA ILE D 656 5.24 11.72 -34.68
C ILE D 656 5.92 10.49 -34.10
N VAL D 657 6.94 10.69 -33.28
CA VAL D 657 7.51 9.58 -32.52
C VAL D 657 6.51 9.18 -31.43
N PRO D 658 6.45 7.91 -31.04
CA PRO D 658 5.53 7.50 -29.99
C PRO D 658 5.67 8.32 -28.72
N PRO D 659 4.69 8.25 -27.80
CA PRO D 659 4.83 8.92 -26.47
C PRO D 659 5.66 8.08 -25.49
N TRP D 660 6.76 7.48 -25.98
CA TRP D 660 7.70 6.82 -25.08
C TRP D 660 9.16 6.99 -25.47
N SER D 661 9.51 7.88 -26.39
CA SER D 661 10.94 8.02 -26.73
C SER D 661 11.60 9.00 -25.76
N THR D 704 1.38 12.56 -66.04
CA THR D 704 2.35 13.61 -66.31
C THR D 704 3.78 13.06 -66.32
N GLU D 705 4.28 12.75 -65.12
CA GLU D 705 5.62 12.18 -64.97
C GLU D 705 5.60 10.75 -64.45
N PHE D 706 4.43 10.22 -64.09
CA PHE D 706 4.28 8.85 -63.63
C PHE D 706 3.41 8.03 -64.57
N SER D 707 3.25 8.49 -65.81
CA SER D 707 2.21 7.95 -66.68
C SER D 707 2.41 6.46 -66.94
N ASP D 708 3.59 6.06 -67.39
CA ASP D 708 3.81 4.67 -67.76
C ASP D 708 3.85 3.76 -66.54
N ALA D 709 4.40 4.25 -65.42
CA ALA D 709 4.49 3.43 -64.22
C ALA D 709 3.10 3.02 -63.74
N ILE D 710 2.09 3.88 -63.92
CA ILE D 710 0.75 3.58 -63.45
C ILE D 710 0.12 2.46 -64.27
N THR D 711 0.24 2.53 -65.61
CA THR D 711 -0.26 1.44 -66.44
C THR D 711 0.35 0.11 -66.00
N LYS D 712 1.60 0.15 -65.58
CA LYS D 712 2.35 -1.02 -65.17
C LYS D 712 1.81 -1.58 -63.85
N VAL D 713 1.63 -0.69 -62.88
CA VAL D 713 0.94 -1.08 -61.65
C VAL D 713 -0.49 -1.49 -61.95
N GLU D 714 -1.14 -0.78 -62.85
CA GLU D 714 -2.43 -1.24 -63.33
C GLU D 714 -2.29 -2.62 -63.98
N GLN D 715 -1.24 -2.80 -64.80
CA GLN D 715 -0.86 -4.13 -65.32
C GLN D 715 -0.80 -5.16 -64.20
N TRP D 716 0.15 -4.97 -63.29
CA TRP D 716 0.49 -6.02 -62.32
C TRP D 716 -0.67 -6.26 -61.37
N LEU D 717 -1.46 -5.23 -61.11
CA LEU D 717 -2.61 -5.39 -60.24
C LEU D 717 -3.63 -6.35 -60.85
N LYS D 718 -3.94 -6.17 -62.15
CA LYS D 718 -4.76 -7.14 -62.85
C LYS D 718 -4.16 -8.54 -62.77
N ASN D 719 -2.86 -8.65 -63.04
CA ASN D 719 -2.16 -9.92 -62.89
C ASN D 719 -2.40 -10.52 -61.50
N VAL D 720 -2.33 -9.68 -60.46
CA VAL D 720 -2.60 -10.15 -59.10
C VAL D 720 -4.06 -10.55 -58.97
N ASN D 721 -4.94 -9.76 -59.59
CA ASN D 721 -6.38 -9.92 -59.38
C ASN D 721 -6.89 -11.28 -59.87
N GLU D 722 -6.44 -11.74 -61.03
CA GLU D 722 -6.92 -12.99 -61.60
C GLU D 722 -6.59 -14.19 -60.72
N ILE D 723 -5.47 -14.12 -60.00
CA ILE D 723 -4.71 -15.31 -59.60
C ILE D 723 -4.26 -15.24 -58.15
N GLU D 724 -4.44 -14.09 -57.47
CA GLU D 724 -4.40 -14.00 -56.02
C GLU D 724 -5.52 -14.80 -55.36
N ILE D 725 -6.60 -15.08 -56.07
CA ILE D 725 -7.74 -15.74 -55.46
C ILE D 725 -7.36 -17.18 -55.12
N GLY D 726 -6.32 -17.68 -55.79
CA GLY D 726 -5.86 -19.03 -55.55
C GLY D 726 -4.69 -19.10 -54.58
N ILE D 727 -4.80 -18.36 -53.49
CA ILE D 727 -3.74 -18.33 -52.48
C ILE D 727 -4.31 -18.51 -51.08
N ARG D 728 -4.06 -19.68 -50.49
CA ARG D 728 -4.54 -19.99 -49.15
C ARG D 728 -3.37 -20.16 -48.19
N PRO D 729 -3.00 -19.08 -47.48
CA PRO D 729 -1.90 -19.09 -46.54
C PRO D 729 -2.32 -19.48 -45.12
N SER D 730 -1.35 -19.83 -44.29
CA SER D 730 -1.59 -20.22 -42.92
C SER D 730 -0.83 -19.29 -41.99
N ALA D 731 -1.24 -19.27 -40.72
CA ALA D 731 -0.46 -18.57 -39.72
C ALA D 731 0.96 -19.10 -39.67
N LEU D 732 1.13 -20.39 -40.02
CA LEU D 732 2.47 -20.97 -40.09
C LEU D 732 3.28 -20.36 -41.22
N LEU D 733 2.70 -20.32 -42.43
CA LEU D 733 3.42 -19.76 -43.58
C LEU D 733 3.69 -18.28 -43.36
N ILE D 734 2.67 -17.53 -42.97
CA ILE D 734 2.84 -16.09 -42.80
C ILE D 734 3.84 -15.81 -41.69
N GLY D 735 3.76 -16.56 -40.58
CA GLY D 735 4.72 -16.39 -39.51
C GLY D 735 6.12 -16.77 -39.94
N LYS D 736 6.26 -17.85 -40.71
CA LYS D 736 7.58 -18.31 -41.11
C LYS D 736 8.17 -17.45 -42.22
N VAL D 737 7.34 -16.94 -43.13
CA VAL D 737 7.83 -15.97 -44.11
C VAL D 737 8.39 -14.76 -43.38
N TRP D 738 7.69 -14.31 -42.34
CA TRP D 738 8.19 -13.19 -41.54
C TRP D 738 9.47 -13.55 -40.81
N SER D 739 9.58 -14.79 -40.32
CA SER D 739 10.75 -15.20 -39.56
C SER D 739 12.02 -15.16 -40.40
N ARG D 740 12.01 -15.84 -41.56
CA ARG D 740 13.08 -15.68 -42.54
C ARG D 740 13.31 -14.21 -42.89
N PHE D 741 12.24 -13.51 -43.27
CA PHE D 741 12.40 -12.12 -43.70
C PHE D 741 13.00 -11.28 -42.57
N TYR D 742 12.45 -11.41 -41.37
CA TYR D 742 12.95 -10.65 -40.23
C TYR D 742 14.38 -11.03 -39.90
N PHE D 743 14.75 -12.30 -40.06
CA PHE D 743 16.12 -12.70 -39.76
C PHE D 743 17.08 -12.21 -40.83
N ASN D 744 16.77 -12.51 -42.09
CA ASN D 744 17.58 -12.00 -43.18
C ASN D 744 17.79 -10.51 -43.02
N LEU D 745 16.83 -9.82 -42.40
CA LEU D 745 16.92 -8.36 -42.29
C LEU D 745 18.07 -7.92 -41.39
N ASN D 746 18.32 -8.65 -40.28
CA ASN D 746 19.40 -8.24 -39.37
C ASN D 746 20.79 -8.63 -39.88
N ASN D 747 20.88 -9.66 -40.69
CA ASN D 747 22.16 -9.95 -41.34
C ASN D 747 22.55 -8.83 -42.30
N VAL D 748 21.56 -8.29 -43.02
CA VAL D 748 21.83 -7.14 -43.86
C VAL D 748 22.15 -5.91 -43.03
N ALA D 749 21.51 -5.76 -41.86
CA ALA D 749 21.74 -4.62 -41.00
C ALA D 749 23.11 -4.66 -40.32
N ASP D 750 23.85 -5.76 -40.42
CA ASP D 750 25.16 -5.87 -39.80
C ASP D 750 26.28 -6.05 -40.81
N GLN D 751 26.11 -6.97 -41.77
CA GLN D 751 27.16 -7.19 -42.76
C GLN D 751 27.40 -5.94 -43.60
N HIS D 752 26.33 -5.32 -44.07
CA HIS D 752 26.44 -4.09 -44.86
C HIS D 752 26.63 -2.86 -43.99
N LYS D 753 26.42 -2.94 -42.68
CA LYS D 753 26.70 -1.79 -41.84
C LYS D 753 28.16 -1.36 -41.91
N THR D 754 29.08 -2.31 -41.77
CA THR D 754 30.50 -2.02 -41.57
C THR D 754 31.28 -2.05 -42.89
N ARG D 755 30.62 -1.64 -43.97
CA ARG D 755 31.18 -1.65 -45.31
C ARG D 755 30.92 -0.35 -46.06
N LEU D 756 30.63 0.73 -45.34
CA LEU D 756 30.32 2.02 -45.95
C LEU D 756 31.61 2.82 -46.02
N TYR D 757 32.39 2.57 -47.06
CA TYR D 757 33.64 3.26 -47.32
C TYR D 757 33.38 4.46 -48.23
N ARG D 758 34.42 5.28 -48.43
CA ARG D 758 34.26 6.44 -49.30
C ARG D 758 34.13 6.00 -50.75
N ASN D 759 34.85 4.96 -51.14
CA ASN D 759 34.79 4.38 -52.46
C ASN D 759 33.96 3.10 -52.50
N ALA D 760 33.31 2.74 -51.40
CA ALA D 760 32.40 1.59 -51.42
C ALA D 760 31.28 1.80 -52.41
N GLU D 761 30.98 3.05 -52.78
CA GLU D 761 29.97 3.31 -53.79
C GLU D 761 30.38 2.68 -55.11
N HIS D 762 29.41 2.59 -56.01
CA HIS D 762 29.44 1.77 -57.23
C HIS D 762 29.25 0.30 -56.89
N GLY D 763 29.27 -0.03 -55.59
CA GLY D 763 29.00 -1.38 -55.12
C GLY D 763 29.50 -2.48 -56.02
N ARG D 764 30.69 -2.35 -56.57
CA ARG D 764 31.08 -3.28 -57.62
C ARG D 764 31.42 -4.64 -57.10
N MET D 765 31.56 -4.75 -55.80
CA MET D 765 32.15 -5.93 -55.17
C MET D 765 31.32 -6.42 -53.95
N ALA D 766 31.71 -7.61 -53.47
CA ALA D 766 31.01 -8.19 -52.36
C ALA D 766 31.35 -7.50 -51.07
N SER D 767 32.50 -6.90 -50.89
CA SER D 767 32.82 -6.28 -49.62
C SER D 767 32.69 -4.77 -49.65
N GLN D 768 32.04 -4.21 -50.67
CA GLN D 768 31.71 -2.80 -50.74
C GLN D 768 30.20 -2.66 -50.71
N SER D 769 29.71 -1.81 -49.79
CA SER D 769 28.28 -1.60 -49.64
C SER D 769 27.98 -0.12 -49.52
N ASN D 770 26.75 0.23 -49.91
CA ASN D 770 26.26 1.60 -49.95
C ASN D 770 24.78 1.59 -49.59
N ALA D 771 24.13 2.75 -49.72
CA ALA D 771 22.71 2.84 -49.41
C ALA D 771 21.85 2.11 -50.43
N ALA D 772 22.35 1.90 -51.64
CA ALA D 772 21.61 1.14 -52.65
C ALA D 772 21.73 -0.37 -52.47
N LYS D 773 22.92 -0.85 -52.09
CA LYS D 773 23.09 -2.30 -51.89
C LYS D 773 22.33 -2.77 -50.66
N ILE D 774 22.34 -1.99 -49.58
CA ILE D 774 21.62 -2.38 -48.39
C ILE D 774 20.14 -2.56 -48.72
N MET D 775 19.58 -1.61 -49.46
CA MET D 775 18.15 -1.63 -49.73
C MET D 775 17.79 -2.76 -50.69
N ARG D 776 18.63 -2.97 -51.70
CA ARG D 776 18.38 -4.06 -52.65
C ARG D 776 18.31 -5.40 -51.93
N PHE D 777 19.25 -5.64 -50.99
CA PHE D 777 19.24 -6.93 -50.30
C PHE D 777 18.12 -7.01 -49.28
N ASN D 778 17.68 -5.86 -48.74
CA ASN D 778 16.48 -5.86 -47.92
C ASN D 778 15.26 -6.24 -48.75
N VAL D 779 15.17 -5.74 -49.98
CA VAL D 779 14.10 -6.18 -50.87
C VAL D 779 14.30 -7.63 -51.27
N LEU D 780 15.53 -8.02 -51.59
CA LEU D 780 15.80 -9.42 -51.92
C LEU D 780 15.55 -10.33 -50.72
N ALA D 781 15.80 -9.83 -49.51
CA ALA D 781 15.50 -10.61 -48.32
C ALA D 781 14.01 -10.95 -48.23
N PHE D 782 13.16 -9.96 -48.52
CA PHE D 782 11.73 -10.23 -48.61
C PHE D 782 11.47 -11.35 -49.60
N LEU D 783 11.83 -11.13 -50.87
CA LEU D 783 11.42 -12.02 -51.94
C LEU D 783 11.96 -13.44 -51.70
N HIS D 784 13.18 -13.54 -51.17
CA HIS D 784 13.73 -14.85 -50.86
C HIS D 784 12.96 -15.52 -49.74
N ALA D 785 12.59 -14.75 -48.71
CA ALA D 785 11.83 -15.32 -47.60
C ALA D 785 10.50 -15.87 -48.08
N VAL D 786 9.80 -15.13 -48.96
CA VAL D 786 8.54 -15.61 -49.50
C VAL D 786 8.76 -16.85 -50.34
N LEU D 787 9.79 -16.85 -51.19
CA LEU D 787 10.03 -17.97 -52.09
C LEU D 787 10.29 -19.26 -51.31
N VAL D 788 11.09 -19.17 -50.26
CA VAL D 788 11.50 -20.38 -49.54
C VAL D 788 10.34 -20.97 -48.78
N GLU D 789 9.72 -20.20 -47.88
CA GLU D 789 8.65 -20.74 -47.06
C GLU D 789 7.45 -21.15 -47.90
N GLU D 790 7.16 -20.37 -48.95
CA GLU D 790 6.04 -20.72 -49.82
C GLU D 790 6.32 -21.99 -50.60
N SER D 791 7.59 -22.27 -50.90
CA SER D 791 7.93 -23.59 -51.44
C SER D 791 7.76 -24.68 -50.40
N LEU D 792 7.66 -24.32 -49.12
CA LEU D 792 7.58 -25.27 -48.01
C LEU D 792 6.19 -25.35 -47.38
N TYR D 793 5.52 -24.22 -47.21
CA TYR D 793 4.35 -24.15 -46.33
C TYR D 793 3.14 -23.51 -47.01
N HIS D 794 3.03 -23.63 -48.34
CA HIS D 794 1.85 -23.16 -49.06
C HIS D 794 1.04 -24.35 -49.53
N SER D 795 -0.24 -24.36 -49.18
CA SER D 795 -1.12 -25.50 -49.38
C SER D 795 -1.66 -25.58 -50.80
N VAL D 796 -1.05 -24.85 -51.74
CA VAL D 796 -1.44 -24.96 -53.15
C VAL D 796 -0.74 -26.10 -53.85
N SER D 797 0.41 -26.55 -53.34
CA SER D 797 1.16 -27.67 -53.91
C SER D 797 1.45 -28.66 -52.80
N ASP D 798 1.44 -29.95 -53.16
CA ASP D 798 1.56 -30.98 -52.13
C ASP D 798 2.99 -31.00 -51.58
N ARG D 799 3.97 -30.57 -52.37
CA ARG D 799 5.36 -30.84 -52.11
C ARG D 799 6.19 -29.58 -52.34
N GLU D 800 7.45 -29.65 -51.92
CA GLU D 800 8.46 -28.66 -52.24
C GLU D 800 9.09 -28.92 -53.61
N TYR D 801 9.39 -27.82 -54.29
CA TYR D 801 10.23 -27.78 -55.47
C TYR D 801 11.59 -27.18 -55.17
N ILE D 802 11.87 -26.90 -53.90
CA ILE D 802 13.10 -26.22 -53.50
C ILE D 802 14.23 -27.20 -53.20
N GLY D 803 13.92 -28.42 -52.80
CA GLY D 803 14.91 -29.45 -52.60
C GLY D 803 15.40 -29.55 -51.16
N GLU D 804 15.96 -30.71 -50.83
CA GLU D 804 16.55 -30.96 -49.52
C GLU D 804 17.98 -30.42 -49.55
N GLY D 805 18.15 -29.18 -49.08
CA GLY D 805 19.43 -28.53 -49.09
C GLY D 805 19.63 -27.65 -47.87
N LEU D 806 20.86 -27.15 -47.74
CA LEU D 806 21.22 -26.23 -46.66
C LEU D 806 20.77 -24.82 -47.05
N ARG D 807 19.95 -24.20 -46.21
CA ARG D 807 19.11 -23.09 -46.62
C ARG D 807 19.60 -21.80 -45.97
N LEU D 808 20.19 -20.93 -46.79
CA LEU D 808 20.72 -19.65 -46.34
C LEU D 808 19.96 -18.51 -47.00
N ASN D 809 20.26 -17.31 -46.53
CA ASN D 809 19.63 -16.07 -46.94
C ASN D 809 20.61 -15.20 -47.70
N PRO D 810 20.17 -14.51 -48.77
CA PRO D 810 21.09 -13.59 -49.46
C PRO D 810 21.35 -12.34 -48.64
N VAL D 811 22.57 -12.21 -48.12
CA VAL D 811 22.95 -11.08 -47.27
C VAL D 811 23.85 -10.12 -48.03
N THR D 812 25.00 -10.59 -48.51
CA THR D 812 25.95 -9.76 -49.21
C THR D 812 26.08 -10.12 -50.69
N SER D 813 25.37 -11.15 -51.15
CA SER D 813 25.39 -11.53 -52.56
C SER D 813 24.14 -12.35 -52.83
N VAL D 814 23.93 -12.67 -54.11
CA VAL D 814 22.71 -13.35 -54.53
C VAL D 814 22.99 -14.81 -54.85
N ASP D 815 24.01 -15.39 -54.24
CA ASP D 815 24.23 -16.82 -54.42
C ASP D 815 22.94 -17.58 -54.13
N GLU D 816 22.39 -17.39 -52.94
CA GLU D 816 21.27 -18.20 -52.48
C GLU D 816 19.98 -17.92 -53.27
N PHE D 817 19.76 -16.66 -53.67
CA PHE D 817 18.52 -16.33 -54.37
C PHE D 817 18.57 -16.81 -55.82
N GLU D 818 19.65 -16.48 -56.52
CA GLU D 818 19.86 -17.00 -57.88
C GLU D 818 19.60 -18.49 -57.91
N LYS D 819 19.97 -19.17 -56.83
CA LYS D 819 19.88 -20.61 -56.63
C LYS D 819 18.47 -21.15 -56.58
N LYS D 820 17.76 -20.80 -55.52
CA LYS D 820 16.51 -21.48 -55.21
C LYS D 820 15.48 -21.26 -56.29
N ILE D 821 15.34 -20.01 -56.78
CA ILE D 821 14.47 -19.77 -57.93
C ILE D 821 14.78 -20.80 -58.99
N LYS D 822 16.06 -20.93 -59.30
CA LYS D 822 16.53 -21.76 -60.38
C LYS D 822 16.26 -23.24 -60.15
N ILE D 823 16.67 -23.77 -59.00
CA ILE D 823 16.45 -25.19 -58.75
C ILE D 823 14.97 -25.49 -58.79
N ILE D 824 14.15 -24.54 -58.35
CA ILE D 824 12.71 -24.62 -58.54
C ILE D 824 12.36 -24.43 -60.02
N GLY D 825 13.14 -23.61 -60.73
CA GLY D 825 12.77 -23.22 -62.08
C GLY D 825 12.68 -24.40 -63.03
N GLU D 826 13.70 -25.25 -63.06
CA GLU D 826 13.70 -26.38 -63.99
C GLU D 826 13.10 -27.65 -63.41
N LYS D 827 12.77 -27.64 -62.12
CA LYS D 827 11.96 -28.72 -61.57
C LYS D 827 10.52 -28.59 -62.00
N LEU D 828 10.06 -27.34 -62.05
CA LEU D 828 8.69 -27.02 -62.45
C LEU D 828 8.37 -27.61 -63.82
N LYS D 829 9.40 -27.71 -64.67
CA LYS D 829 9.20 -28.22 -66.02
C LYS D 829 9.14 -29.73 -66.05
N ALA D 830 10.06 -30.40 -65.36
CA ALA D 830 9.98 -31.84 -65.24
C ALA D 830 8.71 -32.27 -64.53
N ASP D 831 8.16 -31.39 -63.70
CA ASP D 831 6.90 -31.63 -63.00
C ASP D 831 5.71 -31.09 -63.78
N ASN D 832 5.95 -30.43 -64.92
CA ASN D 832 4.91 -29.80 -65.72
C ASN D 832 4.08 -28.83 -64.88
N LYS D 833 4.77 -27.90 -64.22
CA LYS D 833 4.14 -26.87 -63.41
C LYS D 833 4.78 -25.53 -63.76
N THR D 834 4.06 -24.45 -63.45
CA THR D 834 4.54 -23.09 -63.67
C THR D 834 4.61 -22.34 -62.34
N TRP D 835 5.26 -21.17 -62.38
CA TRP D 835 5.32 -20.27 -61.23
C TRP D 835 3.94 -19.73 -60.85
N LYS D 836 2.97 -19.89 -61.73
CA LYS D 836 1.60 -19.48 -61.49
C LYS D 836 0.91 -20.44 -60.54
N ASN D 837 0.72 -21.68 -61.01
CA ASN D 837 -0.03 -22.67 -60.26
C ASN D 837 0.62 -22.93 -58.91
N THR D 838 1.95 -23.01 -58.90
CA THR D 838 2.74 -23.17 -57.69
C THR D 838 3.58 -21.92 -57.47
N HIS D 839 3.74 -21.56 -56.20
CA HIS D 839 4.42 -20.36 -55.78
C HIS D 839 3.75 -19.08 -56.30
N PRO D 840 2.43 -18.93 -56.09
CA PRO D 840 1.77 -17.70 -56.54
C PRO D 840 2.31 -16.43 -55.89
N LEU D 841 2.37 -16.40 -54.56
CA LEU D 841 2.69 -15.14 -53.87
C LEU D 841 4.05 -14.61 -54.31
N PHE D 842 5.06 -15.48 -54.40
CA PHE D 842 6.37 -15.04 -54.85
C PHE D 842 6.30 -14.52 -56.29
N PHE D 843 5.54 -15.20 -57.15
CA PHE D 843 5.41 -14.75 -58.53
C PHE D 843 4.81 -13.36 -58.60
N LEU D 844 3.76 -13.09 -57.82
CA LEU D 844 3.14 -11.78 -57.84
C LEU D 844 4.08 -10.73 -57.28
N LEU D 845 4.83 -11.06 -56.24
CA LEU D 845 5.74 -10.11 -55.60
C LEU D 845 6.94 -9.82 -56.50
N ILE D 846 7.55 -10.85 -57.07
CA ILE D 846 8.69 -10.64 -57.95
C ILE D 846 8.30 -9.88 -59.22
N SER D 847 7.04 -9.97 -59.63
CA SER D 847 6.55 -9.29 -60.82
C SER D 847 6.04 -7.88 -60.53
N CYS D 848 6.14 -7.42 -59.29
CA CYS D 848 5.65 -6.09 -58.94
C CYS D 848 6.56 -5.02 -59.51
N PRO D 849 6.06 -4.11 -60.35
CA PRO D 849 6.92 -3.00 -60.79
C PRO D 849 7.49 -2.18 -59.66
N ILE D 850 6.82 -2.13 -58.51
CA ILE D 850 7.32 -1.32 -57.40
C ILE D 850 8.68 -1.84 -56.95
N LEU D 851 8.86 -3.16 -56.98
CA LEU D 851 10.07 -3.79 -56.45
C LEU D 851 11.23 -3.76 -57.45
N HIS D 852 10.94 -3.77 -58.74
CA HIS D 852 11.99 -4.01 -59.73
C HIS D 852 13.13 -3.00 -59.66
N PRO D 853 12.90 -1.69 -59.50
CA PRO D 853 14.04 -0.77 -59.43
C PRO D 853 15.03 -1.09 -58.33
N PHE D 854 14.58 -1.68 -57.21
CA PHE D 854 15.48 -2.03 -56.11
C PHE D 854 16.25 -3.30 -56.37
N ILE D 855 15.83 -4.09 -57.35
CA ILE D 855 16.43 -5.41 -57.58
C ILE D 855 17.82 -5.26 -58.19
N PHE D 856 17.95 -4.40 -59.18
CA PHE D 856 19.22 -4.16 -59.88
C PHE D 856 19.47 -2.66 -59.93
N PRO D 857 19.70 -2.06 -58.77
CA PRO D 857 20.00 -0.63 -58.74
C PRO D 857 21.44 -0.35 -59.13
N ILE D 858 21.69 0.92 -59.49
CA ILE D 858 23.05 1.33 -59.80
C ILE D 858 23.86 1.31 -58.51
N GLY D 859 25.02 0.68 -58.55
CA GLY D 859 25.86 0.54 -57.38
C GLY D 859 25.41 -0.49 -56.38
N GLY D 860 24.46 -1.36 -56.75
CA GLY D 860 24.04 -2.44 -55.89
C GLY D 860 24.33 -3.79 -56.52
N ILE D 861 25.00 -3.77 -57.67
CA ILE D 861 25.27 -4.97 -58.46
C ILE D 861 26.75 -5.29 -58.35
N ASN D 862 27.07 -6.51 -57.91
CA ASN D 862 28.46 -6.93 -57.80
C ASN D 862 29.06 -7.15 -59.18
N CYS D 863 30.29 -6.68 -59.37
CA CYS D 863 30.95 -6.66 -60.67
C CYS D 863 32.29 -7.37 -60.63
N SER D 864 32.32 -8.52 -59.99
CA SER D 864 33.48 -9.39 -60.01
C SER D 864 33.28 -10.48 -61.07
N VAL D 865 34.40 -10.96 -61.62
CA VAL D 865 34.31 -12.06 -62.58
C VAL D 865 33.54 -13.21 -61.96
N LYS D 866 33.83 -13.51 -60.71
CA LYS D 866 33.12 -14.60 -60.06
C LYS D 866 31.67 -14.22 -59.83
N ALA D 867 31.47 -13.03 -59.25
CA ALA D 867 30.17 -12.61 -58.74
C ALA D 867 29.18 -12.42 -59.88
N LEU D 868 29.64 -12.03 -61.07
CA LEU D 868 28.70 -11.81 -62.15
C LEU D 868 28.06 -13.09 -62.64
N ASN D 869 28.78 -14.21 -62.59
CA ASN D 869 28.24 -15.44 -63.16
C ASN D 869 26.89 -15.77 -62.53
N LYS D 870 26.71 -15.41 -61.26
CA LYS D 870 25.38 -15.50 -60.66
C LYS D 870 24.48 -14.39 -61.18
N GLU D 871 24.99 -13.16 -61.24
CA GLU D 871 24.07 -12.02 -61.32
C GLU D 871 23.50 -11.88 -62.72
N THR D 872 24.33 -12.10 -63.75
CA THR D 872 23.79 -12.18 -65.10
C THR D 872 22.84 -13.36 -65.23
N SER D 873 23.21 -14.50 -64.63
CA SER D 873 22.34 -15.66 -64.62
C SER D 873 21.24 -15.53 -63.57
N PHE D 874 21.38 -14.56 -62.66
CA PHE D 874 20.26 -14.19 -61.80
C PHE D 874 19.19 -13.43 -62.59
N ASN D 875 19.60 -12.62 -63.56
CA ASN D 875 18.65 -11.81 -64.31
C ASN D 875 17.72 -12.66 -65.17
N LYS D 876 18.28 -13.60 -65.92
CA LYS D 876 17.51 -14.46 -66.81
C LYS D 876 16.36 -15.13 -66.10
N LEU D 877 16.63 -15.70 -64.92
CA LEU D 877 15.60 -16.44 -64.21
C LEU D 877 14.44 -15.54 -63.83
N ILE D 878 14.76 -14.30 -63.47
CA ILE D 878 13.72 -13.35 -63.09
C ILE D 878 12.85 -13.01 -64.29
N ASP D 879 13.47 -12.71 -65.43
CA ASP D 879 12.70 -12.37 -66.63
C ASP D 879 11.75 -13.51 -66.99
N GLU D 880 12.25 -14.73 -66.86
CA GLU D 880 11.50 -15.90 -67.30
C GLU D 880 10.26 -16.12 -66.43
N ILE D 881 10.33 -15.71 -65.16
CA ILE D 881 9.16 -15.80 -64.28
C ILE D 881 8.18 -14.68 -64.58
N VAL D 882 8.68 -13.45 -64.63
CA VAL D 882 7.81 -12.29 -64.77
C VAL D 882 7.08 -12.34 -66.10
N GLY D 883 7.74 -12.80 -67.15
CA GLY D 883 7.17 -12.87 -68.47
C GLY D 883 7.54 -11.72 -69.38
N ASP D 884 8.06 -10.61 -68.83
CA ASP D 884 8.65 -9.55 -69.61
C ASP D 884 10.08 -9.36 -69.15
N LYS D 885 10.93 -8.97 -70.09
CA LYS D 885 12.36 -8.92 -69.85
C LYS D 885 12.71 -7.57 -69.22
N LEU D 886 13.45 -7.60 -68.12
CA LEU D 886 13.42 -6.49 -67.16
C LEU D 886 14.26 -5.32 -67.64
N LEU D 887 15.56 -5.53 -67.85
CA LEU D 887 16.45 -4.48 -68.30
C LEU D 887 17.05 -4.86 -69.64
N SER D 888 17.10 -3.90 -70.57
CA SER D 888 17.76 -4.14 -71.85
C SER D 888 19.26 -4.34 -71.65
N ASP D 889 19.86 -5.13 -72.53
CA ASP D 889 21.31 -5.32 -72.43
C ASP D 889 22.01 -3.97 -72.36
N GLU D 890 21.64 -3.10 -73.28
CA GLU D 890 22.02 -1.71 -73.30
C GLU D 890 21.50 -0.94 -72.10
N GLU D 891 20.62 -1.51 -71.27
CA GLU D 891 20.52 -0.99 -69.91
C GLU D 891 21.31 -1.85 -68.94
N TRP D 892 21.51 -3.13 -69.28
CA TRP D 892 22.29 -4.03 -68.44
C TRP D 892 23.77 -3.68 -68.47
N ASP D 893 24.29 -3.25 -69.62
CA ASP D 893 25.71 -2.94 -69.75
C ASP D 893 26.13 -1.77 -68.83
N TYR D 894 25.32 -0.75 -68.70
CA TYR D 894 25.69 0.36 -67.81
C TYR D 894 25.76 -0.10 -66.36
N LEU D 895 24.91 -1.05 -65.96
CA LEU D 895 24.92 -1.53 -64.58
C LEU D 895 26.26 -2.17 -64.21
N THR D 896 26.82 -2.97 -65.10
CA THR D 896 27.93 -3.87 -64.75
C THR D 896 29.30 -3.41 -65.24
N LYS D 897 29.53 -2.10 -65.36
CA LYS D 897 30.96 -1.58 -65.20
C LYS D 897 31.57 -1.26 -63.85
N PHE D 910 17.92 7.00 -66.74
CA PHE D 910 17.57 5.59 -66.65
C PHE D 910 16.29 5.39 -65.85
N GLN D 911 15.21 5.06 -66.54
CA GLN D 911 13.94 4.76 -65.90
C GLN D 911 13.88 3.29 -65.47
N ASN D 912 12.96 3.01 -64.55
CA ASN D 912 12.77 1.66 -64.01
C ASN D 912 14.04 1.12 -63.37
N THR D 913 14.92 2.01 -62.90
CA THR D 913 16.13 1.59 -62.21
C THR D 913 16.62 2.74 -61.34
N ILE D 914 16.96 2.44 -60.09
CA ILE D 914 17.42 3.45 -59.15
C ILE D 914 18.88 3.80 -59.46
N THR D 915 19.15 5.09 -59.66
CA THR D 915 20.47 5.56 -60.03
C THR D 915 21.04 6.61 -59.08
N SER D 916 20.31 6.99 -58.03
CA SER D 916 20.74 8.05 -57.15
C SER D 916 20.93 7.61 -55.71
N LEU D 917 20.51 6.39 -55.35
CA LEU D 917 20.67 5.93 -53.97
C LEU D 917 22.10 5.53 -53.66
N ASN D 918 22.87 5.13 -54.68
CA ASN D 918 24.24 4.67 -54.45
C ASN D 918 25.04 5.73 -53.70
N SER D 919 25.03 6.96 -54.19
CA SER D 919 25.83 8.04 -53.65
C SER D 919 25.07 8.88 -52.64
N SER D 920 24.05 8.32 -52.00
CA SER D 920 23.31 9.00 -50.94
C SER D 920 23.95 8.67 -49.60
N THR D 921 24.36 9.70 -48.86
CA THR D 921 25.06 9.51 -47.60
C THR D 921 24.10 9.05 -46.51
N ILE D 922 24.59 8.22 -45.61
CA ILE D 922 23.81 7.68 -44.50
C ILE D 922 24.29 8.31 -43.21
N VAL D 923 23.36 8.64 -42.31
CA VAL D 923 23.74 9.26 -41.06
C VAL D 923 24.67 8.32 -40.28
N GLY D 924 25.63 8.93 -39.57
CA GLY D 924 26.52 8.17 -38.72
C GLY D 924 27.65 7.52 -39.50
N ALA D 925 27.40 7.21 -40.77
CA ALA D 925 28.41 6.59 -41.62
C ALA D 925 29.68 7.44 -41.63
N SER D 926 30.78 6.86 -41.18
CA SER D 926 32.06 7.56 -41.13
C SER D 926 32.42 8.20 -42.47
N TYR D 927 32.37 7.40 -43.52
CA TYR D 927 32.69 7.85 -44.87
C TYR D 927 34.03 8.59 -44.93
N ASP D 928 35.06 8.00 -44.35
CA ASP D 928 36.39 8.60 -44.34
C ASP D 928 37.43 7.62 -44.86
N LYS D 929 37.27 6.35 -44.51
CA LYS D 929 38.18 5.30 -44.94
C LYS D 929 37.58 4.51 -46.09
N ASP D 930 38.41 4.20 -47.09
CA ASP D 930 37.95 3.44 -48.26
C ASP D 930 38.56 2.04 -48.30
N THR D 931 37.76 1.05 -47.95
CA THR D 931 38.19 -0.36 -47.96
C THR D 931 39.52 -0.56 -47.24
N PRO D 932 39.53 -0.33 -45.91
CA PRO D 932 40.73 -0.49 -45.08
C PRO D 932 41.41 -1.84 -45.31
N ALA D 933 42.64 -1.80 -45.81
CA ALA D 933 43.40 -3.01 -46.08
C ALA D 933 43.46 -3.92 -44.84
N ARG D 934 43.24 -5.21 -45.06
CA ARG D 934 43.27 -6.21 -44.00
C ARG D 934 42.42 -5.81 -42.80
N LYS E 35 -37.98 -14.84 -43.23
CA LYS E 35 -36.59 -15.13 -43.55
C LYS E 35 -36.40 -16.57 -44.02
N SER E 36 -35.39 -16.77 -44.88
CA SER E 36 -34.93 -18.12 -45.15
C SER E 36 -34.29 -18.75 -43.92
N LEU E 37 -33.72 -17.93 -43.05
CA LEU E 37 -33.15 -18.42 -41.80
C LEU E 37 -34.21 -18.94 -40.84
N ARG E 38 -35.37 -18.30 -40.79
CA ARG E 38 -36.41 -18.90 -39.98
C ARG E 38 -36.88 -20.23 -40.59
N ASP E 39 -36.96 -20.30 -41.93
CA ASP E 39 -37.19 -21.59 -42.56
C ASP E 39 -36.16 -22.62 -42.07
N GLN E 40 -34.88 -22.23 -42.08
CA GLN E 40 -33.83 -22.97 -41.38
C GLN E 40 -34.29 -23.52 -40.04
N LEU E 41 -34.65 -22.63 -39.12
CA LEU E 41 -34.88 -23.06 -37.75
C LEU E 41 -36.06 -24.04 -37.69
N VAL E 42 -37.17 -23.67 -38.33
CA VAL E 42 -38.34 -24.56 -38.40
C VAL E 42 -37.95 -25.92 -38.93
N GLU E 43 -37.20 -25.94 -40.00
CA GLU E 43 -37.08 -27.12 -40.85
C GLU E 43 -36.07 -28.10 -40.27
N SER E 44 -34.99 -27.55 -39.68
CA SER E 44 -34.10 -28.36 -38.87
C SER E 44 -34.78 -28.88 -37.60
N ILE E 45 -35.63 -28.06 -36.97
CA ILE E 45 -36.40 -28.56 -35.83
C ILE E 45 -37.30 -29.71 -36.28
N ARG E 46 -37.91 -29.56 -37.45
CA ARG E 46 -38.81 -30.57 -37.98
C ARG E 46 -38.09 -31.91 -38.08
N ASN E 47 -36.93 -31.94 -38.72
CA ASN E 47 -36.18 -33.19 -38.83
C ASN E 47 -35.13 -33.35 -37.72
N SER E 48 -35.33 -32.70 -36.58
CA SER E 48 -34.49 -32.92 -35.40
C SER E 48 -35.08 -33.93 -34.42
N ILE E 49 -36.33 -34.31 -34.59
CA ILE E 49 -36.98 -35.27 -33.69
C ILE E 49 -37.22 -36.62 -34.36
N ALA E 50 -37.21 -36.68 -35.70
CA ALA E 50 -37.43 -37.94 -36.40
C ALA E 50 -36.27 -38.90 -36.16
N ARG E 69 -27.73 -31.76 -26.17
CA ARG E 69 -29.16 -31.61 -25.92
C ARG E 69 -29.93 -31.43 -27.23
N ASN E 70 -31.21 -31.08 -27.12
CA ASN E 70 -32.07 -30.77 -28.25
C ASN E 70 -32.49 -29.30 -28.20
N VAL E 71 -31.53 -28.43 -27.88
CA VAL E 71 -31.80 -27.02 -27.63
C VAL E 71 -31.19 -26.22 -28.77
N PHE E 72 -32.00 -25.33 -29.36
CA PHE E 72 -31.56 -24.43 -30.43
C PHE E 72 -31.40 -23.03 -29.85
N PHE E 73 -30.25 -22.42 -30.10
CA PHE E 73 -29.95 -21.09 -29.60
C PHE E 73 -29.86 -20.10 -30.74
N VAL E 74 -30.39 -18.90 -30.52
CA VAL E 74 -30.39 -17.83 -31.50
C VAL E 74 -29.65 -16.63 -30.90
N ASP E 75 -28.64 -16.15 -31.62
CA ASP E 75 -27.92 -14.95 -31.21
C ASP E 75 -28.68 -13.71 -31.64
N GLY E 76 -28.27 -12.57 -31.09
CA GLY E 76 -28.87 -11.29 -31.47
C GLY E 76 -28.45 -10.16 -30.55
N GLY E 81 -34.37 -8.91 -35.27
CA GLY E 81 -34.79 -8.99 -33.88
C GLY E 81 -35.02 -10.41 -33.38
N LYS E 82 -34.58 -10.64 -32.14
CA LYS E 82 -34.80 -11.94 -31.51
C LYS E 82 -36.28 -12.20 -31.26
N THR E 83 -36.98 -11.27 -30.63
CA THR E 83 -38.39 -11.50 -30.32
C THR E 83 -39.19 -11.76 -31.58
N THR E 84 -38.99 -10.94 -32.61
CA THR E 84 -39.74 -11.09 -33.86
C THR E 84 -39.44 -12.43 -34.52
N PHE E 85 -38.15 -12.82 -34.55
CA PHE E 85 -37.78 -14.09 -35.16
C PHE E 85 -38.37 -15.27 -34.39
N ILE E 86 -38.34 -15.19 -33.07
CA ILE E 86 -38.90 -16.26 -32.23
C ILE E 86 -40.38 -16.42 -32.51
N ASN E 87 -41.10 -15.31 -32.58
CA ASN E 87 -42.54 -15.37 -32.87
C ASN E 87 -42.79 -15.93 -34.27
N SER E 88 -42.00 -15.51 -35.25
CA SER E 88 -42.12 -16.06 -36.60
C SER E 88 -41.99 -17.58 -36.58
N VAL E 89 -40.99 -18.08 -35.85
CA VAL E 89 -40.78 -19.52 -35.76
C VAL E 89 -41.97 -20.19 -35.09
N VAL E 90 -42.44 -19.63 -33.98
CA VAL E 90 -43.56 -20.22 -33.26
C VAL E 90 -44.72 -20.41 -34.21
N LYS E 91 -44.85 -19.51 -35.16
CA LYS E 91 -45.98 -19.56 -36.08
C LYS E 91 -45.76 -20.62 -37.13
N SER E 92 -44.64 -20.48 -37.83
CA SER E 92 -44.28 -21.40 -38.90
C SER E 92 -44.45 -22.85 -38.46
N LEU E 93 -44.46 -23.08 -37.14
CA LEU E 93 -44.75 -24.39 -36.60
C LEU E 93 -46.22 -24.58 -36.23
N ASN E 94 -47.01 -23.50 -36.14
CA ASN E 94 -48.40 -23.58 -35.74
C ASN E 94 -48.53 -24.21 -34.35
N VAL E 102 -45.57 -34.85 -39.09
CA VAL E 102 -45.02 -33.52 -39.34
C VAL E 102 -45.52 -32.55 -38.28
N ASN E 103 -46.21 -33.06 -37.26
CA ASN E 103 -46.78 -32.22 -36.22
C ASN E 103 -45.74 -31.92 -35.14
N ILE E 104 -45.70 -30.66 -34.70
CA ILE E 104 -44.99 -30.26 -33.51
C ILE E 104 -45.85 -29.21 -32.81
N LYS E 105 -46.15 -29.47 -31.55
CA LYS E 105 -46.78 -28.48 -30.67
C LYS E 105 -45.75 -27.42 -30.28
N CYS E 106 -46.24 -26.20 -30.03
CA CYS E 106 -45.40 -25.10 -29.59
C CYS E 106 -46.10 -24.34 -28.46
N LEU E 107 -45.46 -24.30 -27.30
CA LEU E 107 -45.96 -23.50 -26.20
C LEU E 107 -45.85 -22.00 -26.53
N PRO E 108 -46.71 -21.17 -25.96
CA PRO E 108 -46.53 -19.73 -26.13
C PRO E 108 -45.17 -19.30 -25.60
N THR E 109 -44.55 -18.35 -26.29
CA THR E 109 -43.20 -17.95 -25.94
C THR E 109 -43.14 -17.42 -24.52
N ILE E 110 -42.15 -17.91 -23.77
CA ILE E 110 -41.97 -17.55 -22.37
C ILE E 110 -40.92 -16.45 -22.31
N ASP E 111 -41.26 -15.33 -21.69
CA ASP E 111 -40.29 -14.27 -21.45
C ASP E 111 -39.82 -14.36 -20.01
N PRO E 112 -38.62 -14.87 -19.75
CA PRO E 112 -38.19 -15.05 -18.35
C PRO E 112 -38.11 -13.77 -17.55
N THR E 113 -37.96 -12.61 -18.22
CA THR E 113 -37.87 -11.34 -17.52
C THR E 113 -39.23 -10.78 -17.12
N LYS E 114 -40.32 -11.33 -17.65
CA LYS E 114 -41.66 -10.85 -17.34
C LYS E 114 -42.44 -11.80 -16.43
N LEU E 115 -41.86 -12.94 -16.08
CA LEU E 115 -42.56 -13.87 -15.21
C LEU E 115 -42.62 -13.34 -13.80
N PRO E 116 -43.53 -13.84 -12.97
CA PRO E 116 -43.42 -13.56 -11.55
C PRO E 116 -42.02 -13.83 -11.12
N ARG E 117 -41.63 -13.14 -10.09
CA ARG E 117 -40.27 -13.30 -9.69
C ARG E 117 -39.95 -14.71 -9.27
N HIS E 118 -40.33 -15.06 -8.06
CA HIS E 118 -39.98 -16.34 -7.47
C HIS E 118 -41.02 -17.29 -8.03
N GLU E 119 -40.75 -17.77 -9.24
CA GLU E 119 -41.61 -18.78 -9.84
C GLU E 119 -40.76 -19.65 -10.76
N PRO E 120 -40.58 -20.92 -10.45
CA PRO E 120 -39.74 -21.78 -11.29
C PRO E 120 -40.29 -21.87 -12.71
N ILE E 121 -39.37 -21.96 -13.67
CA ILE E 121 -39.76 -22.04 -15.07
C ILE E 121 -40.62 -23.27 -15.31
N LEU E 122 -40.40 -24.33 -14.52
CA LEU E 122 -41.24 -25.53 -14.65
C LEU E 122 -42.71 -25.19 -14.41
N VAL E 123 -42.98 -24.29 -13.46
CA VAL E 123 -44.36 -23.92 -13.17
C VAL E 123 -45.01 -23.28 -14.39
N THR E 124 -44.31 -22.30 -15.00
CA THR E 124 -44.87 -21.63 -16.16
C THR E 124 -45.06 -22.59 -17.33
N VAL E 125 -44.06 -23.43 -17.57
CA VAL E 125 -44.16 -24.40 -18.67
C VAL E 125 -45.35 -25.33 -18.44
N THR E 126 -45.49 -25.83 -17.22
CA THR E 126 -46.58 -26.75 -16.92
C THR E 126 -47.94 -26.07 -17.03
N ALA E 127 -48.02 -24.81 -16.61
CA ALA E 127 -49.30 -24.10 -16.72
C ALA E 127 -49.68 -23.86 -18.17
N ARG E 128 -48.73 -23.46 -19.01
CA ARG E 128 -49.04 -23.26 -20.42
C ARG E 128 -49.40 -24.58 -21.09
N LEU E 129 -48.68 -25.65 -20.74
CA LEU E 129 -49.03 -26.97 -21.27
C LEU E 129 -50.42 -27.39 -20.80
N ASN E 130 -50.76 -27.09 -19.55
CA ASN E 130 -52.08 -27.42 -19.03
C ASN E 130 -53.16 -26.68 -19.81
N LYS E 131 -52.93 -25.41 -20.09
CA LYS E 131 -53.96 -24.69 -20.86
C LYS E 131 -54.09 -25.25 -22.27
N MET E 132 -52.97 -25.52 -22.95
CA MET E 132 -53.08 -26.08 -24.29
C MET E 132 -53.79 -27.43 -24.26
N VAL E 133 -53.43 -28.29 -23.31
CA VAL E 133 -54.03 -29.61 -23.22
C VAL E 133 -55.51 -29.52 -22.88
N SER E 134 -55.89 -28.60 -21.99
CA SER E 134 -57.29 -28.51 -21.59
C SER E 134 -58.13 -27.85 -22.68
N ASP E 135 -57.57 -26.88 -23.40
CA ASP E 135 -58.27 -26.30 -24.54
C ASP E 135 -58.53 -27.37 -25.60
N LYS E 136 -57.55 -28.23 -25.86
CA LYS E 136 -57.80 -29.34 -26.78
C LYS E 136 -58.81 -30.32 -26.20
N LEU E 137 -58.56 -30.78 -24.98
CA LEU E 137 -59.42 -31.75 -24.34
C LEU E 137 -60.87 -31.28 -24.30
N LYS E 138 -61.09 -29.97 -24.38
CA LYS E 138 -62.45 -29.48 -24.25
C LYS E 138 -63.32 -29.84 -25.43
N GLY E 139 -62.93 -29.46 -26.64
CA GLY E 139 -63.68 -29.82 -27.82
C GLY E 139 -63.85 -31.32 -27.91
N TYR E 140 -64.65 -31.73 -28.89
CA TYR E 140 -64.83 -33.15 -29.22
C TYR E 140 -64.78 -34.07 -28.01
N ARG E 147 -64.01 -37.84 -17.87
CA ARG E 147 -63.64 -38.50 -19.12
C ARG E 147 -62.36 -39.32 -18.93
N LYS E 148 -62.18 -40.35 -19.76
CA LYS E 148 -61.15 -41.35 -19.49
C LYS E 148 -59.78 -40.72 -19.41
N GLN E 149 -59.44 -39.84 -20.35
CA GLN E 149 -58.08 -39.32 -20.42
C GLN E 149 -57.78 -38.31 -19.34
N LYS E 150 -58.78 -37.70 -18.75
CA LYS E 150 -58.53 -36.39 -18.19
C LYS E 150 -57.96 -36.50 -16.78
N GLU E 151 -58.76 -36.99 -15.84
CA GLU E 151 -58.28 -37.36 -14.51
C GLU E 151 -56.94 -38.07 -14.54
N GLN E 152 -56.53 -38.72 -15.64
CA GLN E 152 -55.18 -39.27 -15.65
C GLN E 152 -54.16 -38.27 -16.21
N TRP E 153 -54.61 -37.12 -16.73
CA TRP E 153 -53.76 -35.94 -16.87
C TRP E 153 -53.69 -35.18 -15.56
N GLN E 154 -54.83 -35.04 -14.90
CA GLN E 154 -54.92 -34.47 -13.55
C GLN E 154 -53.99 -35.18 -12.59
N ASN E 155 -53.86 -36.50 -12.75
CA ASN E 155 -53.11 -37.32 -11.81
C ASN E 155 -51.68 -36.81 -11.78
N HIS E 156 -51.10 -36.68 -12.98
CA HIS E 156 -49.73 -36.23 -13.15
C HIS E 156 -49.59 -34.76 -12.79
N LEU E 157 -50.61 -33.95 -13.09
CA LEU E 157 -50.54 -32.55 -12.69
C LEU E 157 -50.49 -32.40 -11.18
N ALA E 158 -51.40 -33.09 -10.47
CA ALA E 158 -51.44 -33.00 -9.02
C ALA E 158 -50.17 -33.58 -8.40
N GLN E 159 -49.67 -34.69 -8.94
CA GLN E 159 -48.49 -35.31 -8.36
C GLN E 159 -47.22 -34.51 -8.65
N LEU E 160 -47.14 -33.90 -9.83
CA LEU E 160 -46.08 -32.94 -10.12
C LEU E 160 -46.16 -31.78 -9.14
N GLN E 161 -47.37 -31.28 -8.90
CA GLN E 161 -47.53 -30.22 -7.92
C GLN E 161 -46.95 -30.63 -6.57
N ARG E 162 -47.51 -31.68 -5.99
CA ARG E 162 -47.14 -32.07 -4.63
C ARG E 162 -45.70 -32.53 -4.57
N GLY E 163 -45.06 -32.74 -5.71
CA GLY E 163 -43.64 -32.99 -5.79
C GLY E 163 -42.81 -31.74 -6.05
N LEU E 164 -43.43 -30.56 -5.96
CA LEU E 164 -42.80 -29.30 -6.34
C LEU E 164 -42.26 -28.51 -5.16
N HIS E 165 -42.52 -28.95 -3.94
CA HIS E 165 -41.84 -28.41 -2.77
C HIS E 165 -40.32 -28.56 -2.86
N LEU E 166 -39.85 -29.51 -3.66
CA LEU E 166 -38.42 -29.79 -3.74
C LEU E 166 -37.64 -28.60 -4.28
N LEU E 167 -38.21 -27.88 -5.24
CA LEU E 167 -37.49 -26.78 -5.88
C LEU E 167 -37.39 -25.56 -4.97
N THR E 168 -38.32 -25.40 -4.03
CA THR E 168 -38.51 -24.13 -3.33
C THR E 168 -38.04 -24.14 -1.89
N ASP E 169 -37.87 -25.29 -1.27
CA ASP E 169 -37.74 -25.37 0.17
C ASP E 169 -36.41 -24.78 0.64
N LYS E 170 -36.46 -24.08 1.78
CA LYS E 170 -35.23 -23.70 2.47
C LYS E 170 -34.41 -24.92 2.85
N GLU E 171 -35.06 -26.02 3.18
CA GLU E 171 -34.34 -27.23 3.56
C GLU E 171 -35.25 -28.44 3.39
N TYR E 172 -34.69 -29.61 3.67
CA TYR E 172 -35.42 -30.86 3.67
C TYR E 172 -35.98 -31.11 5.07
N LYS E 173 -37.26 -31.51 5.13
CA LYS E 173 -37.77 -31.98 6.41
C LYS E 173 -38.22 -33.42 6.28
N PRO E 174 -37.96 -34.27 7.28
CA PRO E 174 -38.25 -35.71 7.15
C PRO E 174 -39.66 -36.08 6.70
N GLU E 175 -40.67 -35.22 6.87
CA GLU E 175 -42.04 -35.62 6.51
C GLU E 175 -42.15 -36.01 5.04
N TYR E 176 -41.22 -35.53 4.23
CA TYR E 176 -41.01 -35.72 2.80
C TYR E 176 -40.41 -37.06 2.44
N PHE E 177 -39.92 -37.81 3.42
CA PHE E 177 -39.51 -39.18 3.13
C PHE E 177 -40.72 -40.05 2.82
N SER E 178 -41.75 -39.98 3.67
CA SER E 178 -42.95 -40.78 3.42
C SER E 178 -43.53 -40.46 2.06
N ASP E 179 -43.32 -39.23 1.57
CA ASP E 179 -43.81 -38.83 0.26
C ASP E 179 -43.05 -39.50 -0.86
N ALA E 180 -41.85 -39.99 -0.59
CA ALA E 180 -40.96 -40.54 -1.61
C ALA E 180 -40.97 -42.06 -1.66
N LEU E 181 -41.77 -42.73 -0.83
CA LEU E 181 -41.76 -44.19 -0.75
C LEU E 181 -42.99 -44.87 -1.33
N LYS E 182 -44.01 -44.11 -1.71
CA LYS E 182 -45.21 -44.67 -2.31
C LYS E 182 -45.14 -44.60 -3.83
N LEU E 183 -45.60 -45.67 -4.48
CA LEU E 183 -45.50 -45.79 -5.93
C LEU E 183 -46.89 -45.93 -6.56
N SER E 190 -40.55 -44.24 -12.69
CA SER E 190 -40.13 -45.63 -12.78
C SER E 190 -38.73 -45.84 -12.25
N ILE E 191 -38.26 -44.91 -11.40
CA ILE E 191 -36.89 -44.96 -10.93
C ILE E 191 -36.81 -45.05 -9.41
N GLY E 192 -37.79 -44.49 -8.72
CA GLY E 192 -37.78 -44.48 -7.27
C GLY E 192 -37.69 -43.09 -6.67
N GLY E 193 -38.72 -42.72 -5.92
CA GLY E 193 -38.73 -41.43 -5.26
C GLY E 193 -39.73 -40.45 -5.87
N GLN E 194 -39.47 -39.17 -5.66
CA GLN E 194 -40.32 -38.09 -6.13
C GLN E 194 -39.56 -37.19 -7.10
N ASP E 195 -38.76 -37.79 -7.97
CA ASP E 195 -37.90 -37.02 -8.85
C ASP E 195 -38.77 -36.27 -9.85
N LEU E 196 -38.73 -34.93 -9.79
CA LEU E 196 -39.61 -34.09 -10.61
C LEU E 196 -39.33 -34.25 -12.09
N SER E 197 -38.09 -34.60 -12.45
CA SER E 197 -37.77 -34.86 -13.86
C SER E 197 -38.70 -35.93 -14.45
N GLU E 198 -38.84 -37.06 -13.76
CA GLU E 198 -39.67 -38.14 -14.30
C GLU E 198 -41.12 -37.71 -14.44
N ILE E 199 -41.64 -37.06 -13.40
CA ILE E 199 -43.04 -36.68 -13.40
C ILE E 199 -43.32 -35.70 -14.52
N PHE E 200 -42.41 -34.75 -14.76
CA PHE E 200 -42.60 -33.82 -15.85
C PHE E 200 -42.47 -34.51 -17.20
N GLU E 201 -41.59 -35.49 -17.31
CA GLU E 201 -41.47 -36.20 -18.59
C GLU E 201 -42.72 -37.01 -18.91
N GLU E 202 -43.34 -37.64 -17.90
CA GLU E 202 -44.66 -38.24 -18.10
C GLU E 202 -45.73 -37.21 -18.37
N LEU E 203 -45.63 -36.01 -17.78
CA LEU E 203 -46.58 -34.98 -18.11
C LEU E 203 -46.49 -34.61 -19.57
N VAL E 204 -45.27 -34.55 -20.09
CA VAL E 204 -45.07 -34.23 -21.50
C VAL E 204 -45.57 -35.37 -22.37
N LYS E 205 -45.36 -36.62 -21.93
CA LYS E 205 -45.94 -37.76 -22.66
C LYS E 205 -47.46 -37.66 -22.70
N ARG E 206 -48.08 -37.36 -21.55
CA ARG E 206 -49.50 -37.04 -21.51
C ARG E 206 -49.87 -36.04 -22.59
N ALA E 207 -49.23 -34.87 -22.57
CA ALA E 207 -49.62 -33.80 -23.46
C ALA E 207 -49.46 -34.20 -24.93
N CYS E 208 -48.39 -34.92 -25.23
CA CYS E 208 -48.15 -35.34 -26.62
C CYS E 208 -49.21 -36.35 -27.08
N GLU E 209 -49.58 -37.29 -26.21
CA GLU E 209 -50.65 -38.21 -26.57
C GLU E 209 -51.97 -37.47 -26.79
N ILE E 210 -52.28 -36.50 -25.92
CA ILE E 210 -53.57 -35.82 -25.99
C ILE E 210 -53.64 -34.92 -27.22
N LEU E 211 -52.56 -34.19 -27.51
CA LEU E 211 -52.60 -33.12 -28.50
C LEU E 211 -52.34 -33.58 -29.92
N ASP E 212 -52.12 -34.88 -30.15
CA ASP E 212 -51.69 -35.36 -31.46
C ASP E 212 -50.44 -34.60 -31.91
N CYS E 213 -49.39 -34.73 -31.11
CA CYS E 213 -48.07 -34.20 -31.43
C CYS E 213 -47.02 -35.11 -30.80
N LYS E 214 -45.81 -35.03 -31.34
CA LYS E 214 -44.68 -35.76 -30.79
C LYS E 214 -43.90 -34.92 -29.82
N ALA E 215 -43.47 -33.73 -30.25
CA ALA E 215 -42.57 -32.92 -29.46
C ALA E 215 -43.21 -31.56 -29.26
N ILE E 216 -42.99 -31.01 -28.07
CA ILE E 216 -43.59 -29.75 -27.66
C ILE E 216 -42.47 -28.72 -27.54
N LEU E 217 -42.56 -27.68 -28.36
CA LEU E 217 -41.49 -26.71 -28.48
C LEU E 217 -41.61 -25.70 -27.33
N ILE E 218 -40.74 -25.84 -26.34
CA ILE E 218 -40.62 -24.85 -25.28
C ILE E 218 -39.64 -23.79 -25.75
N THR E 219 -40.14 -22.59 -26.03
CA THR E 219 -39.35 -21.53 -26.63
C THR E 219 -39.20 -20.40 -25.63
N PHE E 220 -37.95 -20.03 -25.36
CA PHE E 220 -37.62 -19.05 -24.34
C PHE E 220 -37.17 -17.75 -25.00
N ASP E 221 -37.65 -16.63 -24.45
CA ASP E 221 -37.45 -15.34 -25.07
C ASP E 221 -36.21 -14.67 -24.49
N ASP E 222 -35.73 -13.62 -25.14
CA ASP E 222 -34.49 -12.97 -24.74
C ASP E 222 -34.60 -12.32 -23.36
N ILE E 223 -33.44 -12.21 -22.72
CA ILE E 223 -33.33 -11.91 -21.30
C ILE E 223 -32.41 -10.71 -21.08
N ASP E 224 -32.30 -9.85 -22.09
CA ASP E 224 -31.32 -8.76 -21.99
C ASP E 224 -31.66 -7.84 -20.82
N THR E 225 -32.95 -7.67 -20.55
CA THR E 225 -33.40 -6.75 -19.50
C THR E 225 -32.81 -7.12 -18.14
N GLN E 226 -32.98 -8.39 -17.74
CA GLN E 226 -32.59 -8.84 -16.40
C GLN E 226 -32.18 -10.31 -16.54
N PHE E 227 -30.88 -10.55 -16.66
CA PHE E 227 -30.39 -11.87 -17.03
C PHE E 227 -30.17 -12.82 -15.84
N ASP E 228 -30.68 -12.51 -14.65
CA ASP E 228 -30.74 -13.55 -13.61
C ASP E 228 -31.65 -14.69 -14.02
N ALA E 229 -32.82 -14.37 -14.56
CA ALA E 229 -33.78 -15.42 -14.88
C ALA E 229 -33.20 -16.43 -15.85
N GLY E 230 -32.14 -16.06 -16.57
CA GLY E 230 -31.49 -17.01 -17.46
C GLY E 230 -30.98 -18.24 -16.73
N TRP E 231 -30.61 -18.09 -15.45
CA TRP E 231 -30.11 -19.24 -14.71
C TRP E 231 -31.21 -20.25 -14.46
N ASP E 232 -32.39 -19.78 -14.06
CA ASP E 232 -33.52 -20.69 -13.90
C ASP E 232 -33.86 -21.35 -15.22
N VAL E 233 -33.78 -20.61 -16.32
CA VAL E 233 -34.03 -21.18 -17.63
C VAL E 233 -33.04 -22.29 -17.93
N LEU E 234 -31.75 -22.03 -17.69
CA LEU E 234 -30.73 -23.03 -17.97
C LEU E 234 -30.92 -24.27 -17.10
N GLU E 235 -31.21 -24.08 -15.81
CA GLU E 235 -31.38 -25.22 -14.92
C GLU E 235 -32.61 -26.03 -15.30
N SER E 236 -33.70 -25.36 -15.67
CA SER E 236 -34.89 -26.09 -16.11
C SER E 236 -34.63 -26.85 -17.40
N ILE E 237 -33.89 -26.25 -18.33
CA ILE E 237 -33.53 -26.95 -19.56
C ILE E 237 -32.70 -28.19 -19.24
N ARG E 238 -31.72 -28.03 -18.34
CA ARG E 238 -30.83 -29.15 -18.01
C ARG E 238 -31.59 -30.28 -17.31
N LYS E 239 -32.45 -29.93 -16.36
CA LYS E 239 -33.00 -30.93 -15.45
C LYS E 239 -34.39 -31.43 -15.84
N PHE E 240 -35.18 -30.65 -16.60
CA PHE E 240 -36.58 -30.99 -16.83
C PHE E 240 -36.98 -31.09 -18.29
N PHE E 241 -36.41 -30.25 -19.17
CA PHE E 241 -36.83 -30.19 -20.57
C PHE E 241 -35.99 -31.09 -21.44
N ASN E 242 -35.29 -32.02 -20.81
CA ASN E 242 -34.34 -32.90 -21.46
C ASN E 242 -35.18 -34.12 -21.78
N SER E 243 -35.70 -34.15 -22.99
CA SER E 243 -36.61 -35.22 -23.33
C SER E 243 -37.02 -35.01 -24.78
N ARG E 244 -37.41 -36.10 -25.41
CA ARG E 244 -37.63 -36.05 -26.85
C ARG E 244 -38.86 -35.27 -27.17
N LYS E 245 -39.88 -35.51 -26.38
CA LYS E 245 -41.15 -34.86 -26.47
C LYS E 245 -41.05 -33.37 -26.24
N LEU E 246 -39.83 -32.87 -26.01
CA LEU E 246 -39.56 -31.46 -25.85
C LEU E 246 -38.39 -31.06 -26.74
N VAL E 247 -38.58 -29.98 -27.48
CA VAL E 247 -37.50 -29.32 -28.21
C VAL E 247 -37.47 -27.87 -27.73
N VAL E 248 -36.30 -27.37 -27.37
CA VAL E 248 -36.16 -26.08 -26.73
C VAL E 248 -35.49 -25.12 -27.70
N VAL E 249 -36.08 -23.94 -27.86
CA VAL E 249 -35.48 -22.85 -28.62
C VAL E 249 -35.26 -21.70 -27.65
N ALA E 250 -34.01 -21.43 -27.30
CA ALA E 250 -33.64 -20.31 -26.46
C ALA E 250 -32.97 -19.26 -27.32
N THR E 251 -33.02 -18.01 -26.86
CA THR E 251 -32.40 -16.91 -27.58
C THR E 251 -31.82 -15.92 -26.57
N GLY E 252 -30.89 -15.12 -27.06
CA GLY E 252 -30.21 -14.16 -26.23
C GLY E 252 -28.79 -13.97 -26.73
N ASP E 253 -27.92 -13.56 -25.82
CA ASP E 253 -26.52 -13.34 -26.11
C ASP E 253 -25.68 -14.25 -25.23
N LEU E 254 -24.82 -15.06 -25.85
CA LEU E 254 -24.15 -16.12 -25.12
C LEU E 254 -23.14 -15.60 -24.10
N ARG E 255 -22.70 -14.34 -24.21
CA ARG E 255 -21.89 -13.75 -23.15
C ARG E 255 -22.67 -13.67 -21.86
N LEU E 256 -23.95 -13.33 -21.95
CA LEU E 256 -24.78 -13.23 -20.76
C LEU E 256 -24.88 -14.57 -20.03
N TYR E 257 -25.15 -15.64 -20.78
CA TYR E 257 -25.23 -16.97 -20.18
C TYR E 257 -23.85 -17.43 -19.69
N SER E 258 -22.78 -17.07 -20.40
CA SER E 258 -21.44 -17.31 -19.91
C SER E 258 -21.25 -16.71 -18.52
N GLN E 259 -21.60 -15.44 -18.38
CA GLN E 259 -21.56 -14.73 -17.10
C GLN E 259 -22.35 -15.45 -16.03
N LEU E 260 -23.60 -15.79 -16.34
CA LEU E 260 -24.44 -16.45 -15.35
C LEU E 260 -23.81 -17.76 -14.87
N ILE E 261 -23.34 -18.57 -15.80
CA ILE E 261 -22.80 -19.89 -15.47
C ILE E 261 -21.50 -19.76 -14.71
N ARG E 262 -20.64 -18.84 -15.14
CA ARG E 262 -19.36 -18.66 -14.46
C ARG E 262 -19.57 -18.20 -13.02
N GLY E 263 -20.47 -17.24 -12.81
CA GLY E 263 -20.78 -16.82 -11.46
C GLY E 263 -21.33 -17.95 -10.62
N LYS E 264 -22.23 -18.74 -11.20
CA LYS E 264 -22.78 -19.87 -10.46
C LYS E 264 -21.73 -20.93 -10.16
N GLN E 265 -20.77 -21.11 -11.07
CA GLN E 265 -19.67 -22.04 -10.80
C GLN E 265 -18.77 -21.50 -9.70
N TYR E 266 -18.53 -20.19 -9.68
CA TYR E 266 -17.72 -19.69 -8.60
C TYR E 266 -18.47 -19.85 -7.28
N GLU E 267 -19.81 -19.80 -7.34
CA GLU E 267 -20.61 -19.96 -6.13
C GLU E 267 -20.29 -21.27 -5.42
N ASN E 268 -19.93 -22.32 -6.17
CA ASN E 268 -19.72 -23.61 -5.51
C ASN E 268 -18.47 -23.63 -4.64
N TYR E 269 -17.43 -22.87 -4.98
CA TYR E 269 -16.25 -22.88 -4.13
C TYR E 269 -16.62 -22.43 -2.73
N SER E 270 -16.06 -23.13 -1.74
CA SER E 270 -16.32 -22.80 -0.35
C SER E 270 -15.77 -21.41 -0.01
N LYS E 271 -16.48 -20.73 0.90
CA LYS E 271 -16.14 -19.37 1.32
C LYS E 271 -14.69 -19.23 1.73
N THR E 272 -14.37 -19.84 2.86
CA THR E 272 -13.12 -19.55 3.53
C THR E 272 -11.96 -20.07 2.72
N LEU E 273 -12.22 -21.07 1.88
CA LEU E 273 -11.25 -21.43 0.87
C LEU E 273 -10.92 -20.24 -0.02
N LEU E 274 -11.95 -19.55 -0.51
CA LEU E 274 -11.72 -18.41 -1.38
C LEU E 274 -10.98 -17.28 -0.65
N GLU E 275 -11.34 -17.01 0.61
CA GLU E 275 -10.61 -15.98 1.34
C GLU E 275 -9.21 -16.41 1.78
N GLN E 276 -8.89 -17.71 1.74
CA GLN E 276 -7.59 -18.19 2.22
C GLN E 276 -6.58 -18.34 1.09
N GLU E 277 -6.94 -19.05 0.03
CA GLU E 277 -6.02 -19.30 -1.07
C GLU E 277 -6.16 -18.15 -2.06
N LYS E 278 -5.26 -17.18 -1.95
CA LYS E 278 -5.36 -15.97 -2.75
C LYS E 278 -4.03 -15.65 -3.41
N GLU E 279 -3.20 -16.66 -3.62
CA GLU E 279 -2.00 -16.50 -4.43
C GLU E 279 -2.42 -16.32 -5.88
N SER E 280 -1.50 -15.81 -6.69
CA SER E 280 -1.83 -15.61 -8.09
C SER E 280 -2.09 -16.94 -8.76
N VAL E 281 -1.37 -17.99 -8.33
CA VAL E 281 -1.56 -19.32 -8.91
C VAL E 281 -2.94 -19.86 -8.62
N ARG E 282 -3.46 -19.61 -7.41
CA ARG E 282 -4.76 -20.16 -7.03
C ARG E 282 -5.88 -19.50 -7.82
N LEU E 283 -5.89 -18.17 -7.88
CA LEU E 283 -6.86 -17.49 -8.72
C LEU E 283 -6.71 -17.92 -10.17
N ALA E 284 -5.48 -18.11 -10.64
CA ALA E 284 -5.24 -18.49 -12.02
C ALA E 284 -5.84 -19.87 -12.34
N GLU E 285 -5.53 -20.86 -11.51
CA GLU E 285 -6.07 -22.20 -11.75
C GLU E 285 -7.58 -22.25 -11.55
N ARG E 286 -8.11 -21.54 -10.54
CA ARG E 286 -9.56 -21.53 -10.40
C ARG E 286 -10.23 -20.82 -11.59
N GLY E 287 -9.54 -19.84 -12.19
CA GLY E 287 -10.05 -19.25 -13.41
C GLY E 287 -10.06 -20.22 -14.58
N TYR E 288 -8.95 -20.94 -14.78
CA TYR E 288 -8.93 -21.98 -15.80
C TYR E 288 -10.02 -23.00 -15.53
N MET E 289 -10.34 -23.19 -14.26
CA MET E 289 -11.19 -24.29 -13.90
C MET E 289 -12.65 -23.93 -14.12
N VAL E 290 -13.05 -22.75 -13.66
CA VAL E 290 -14.35 -22.21 -13.97
C VAL E 290 -14.50 -22.05 -15.48
N GLU E 291 -13.42 -21.72 -16.18
CA GLU E 291 -13.37 -21.91 -17.62
C GLU E 291 -13.90 -23.26 -18.05
N HIS E 292 -13.20 -24.33 -17.67
CA HIS E 292 -13.56 -25.63 -18.19
C HIS E 292 -15.01 -25.95 -17.87
N LEU E 293 -15.45 -25.65 -16.65
CA LEU E 293 -16.81 -25.98 -16.25
C LEU E 293 -17.84 -25.19 -17.04
N GLU E 294 -17.66 -23.86 -17.14
CA GLU E 294 -18.61 -23.03 -17.88
C GLU E 294 -18.66 -23.43 -19.35
N GLN E 295 -17.49 -23.67 -19.95
CA GLN E 295 -17.46 -24.11 -21.35
C GLN E 295 -18.20 -25.41 -21.55
N GLN E 296 -17.96 -26.40 -20.69
CA GLN E 296 -18.64 -27.67 -20.86
C GLN E 296 -20.14 -27.49 -20.66
N TYR E 297 -20.54 -26.68 -19.69
CA TYR E 297 -21.94 -26.39 -19.47
C TYR E 297 -22.60 -25.86 -20.74
N LEU E 298 -21.95 -24.90 -21.39
CA LEU E 298 -22.51 -24.29 -22.59
C LEU E 298 -22.47 -25.20 -23.82
N LEU E 299 -21.39 -25.95 -24.01
CA LEU E 299 -21.43 -26.94 -25.08
C LEU E 299 -22.51 -27.97 -24.83
N LYS E 300 -22.87 -28.18 -23.58
CA LYS E 300 -23.91 -29.14 -23.24
C LYS E 300 -25.30 -28.60 -23.56
N LEU E 301 -25.66 -27.47 -22.96
CA LEU E 301 -27.02 -26.97 -23.09
C LEU E 301 -27.29 -26.36 -24.46
N PHE E 302 -26.25 -25.79 -25.10
CA PHE E 302 -26.39 -25.15 -26.40
C PHE E 302 -25.41 -25.80 -27.37
N PRO E 303 -25.79 -26.92 -28.00
CA PRO E 303 -24.89 -27.52 -28.99
C PRO E 303 -24.57 -26.55 -30.11
N VAL E 304 -23.32 -26.61 -30.57
CA VAL E 304 -22.85 -25.66 -31.57
C VAL E 304 -23.62 -25.81 -32.87
N GLN E 305 -23.89 -27.05 -33.28
CA GLN E 305 -24.57 -27.28 -34.55
C GLN E 305 -25.99 -26.74 -34.55
N LYS E 306 -26.57 -26.46 -33.38
CA LYS E 306 -27.95 -26.01 -33.26
C LYS E 306 -28.07 -24.52 -33.04
N ARG E 307 -26.98 -23.76 -33.16
CA ARG E 307 -27.00 -22.32 -32.91
C ARG E 307 -27.34 -21.57 -34.20
N ILE E 308 -28.16 -20.54 -34.06
CA ILE E 308 -28.72 -19.82 -35.21
C ILE E 308 -27.97 -18.51 -35.41
N GLN E 309 -27.77 -18.15 -36.67
CA GLN E 309 -27.17 -16.89 -37.11
C GLN E 309 -27.79 -15.65 -36.50
N LEU E 310 -29.00 -15.31 -36.94
CA LEU E 310 -29.53 -13.95 -36.72
C LEU E 310 -28.44 -12.90 -37.06
N LYS E 311 -28.16 -12.76 -38.48
CA LYS E 311 -27.18 -11.84 -39.02
C LYS E 311 -27.44 -10.45 -38.43
N THR E 312 -26.71 -9.46 -38.93
CA THR E 312 -27.01 -8.09 -38.62
C THR E 312 -27.42 -7.33 -39.87
N MET E 313 -27.67 -6.04 -39.68
CA MET E 313 -28.18 -5.22 -40.78
C MET E 313 -27.18 -5.16 -41.93
N LEU E 314 -25.93 -4.79 -41.62
CA LEU E 314 -24.93 -4.60 -42.66
C LEU E 314 -24.79 -5.84 -43.53
N GLN E 315 -25.03 -7.01 -42.95
CA GLN E 315 -25.03 -8.25 -43.71
C GLN E 315 -26.27 -8.40 -44.58
N LEU E 316 -27.38 -7.77 -44.21
CA LEU E 316 -28.60 -7.82 -44.99
C LEU E 316 -28.62 -6.80 -46.13
N VAL E 317 -27.63 -5.92 -46.19
CA VAL E 317 -27.51 -4.92 -47.24
C VAL E 317 -26.09 -5.00 -47.82
N GLY E 318 -25.87 -4.22 -48.88
CA GLY E 318 -24.58 -4.24 -49.53
C GLY E 318 -23.48 -3.69 -48.65
N GLU E 319 -22.26 -4.19 -48.88
CA GLU E 319 -21.08 -3.68 -48.18
C GLU E 319 -20.66 -2.35 -48.77
N LYS E 320 -20.30 -2.35 -50.07
CA LYS E 320 -19.94 -1.14 -50.80
C LYS E 320 -20.56 -1.14 -52.19
N GLY E 321 -21.68 -1.84 -52.38
CA GLY E 321 -22.28 -2.02 -53.68
C GLY E 321 -22.04 -3.37 -54.31
N LYS E 322 -21.18 -4.21 -53.70
CA LYS E 322 -20.88 -5.54 -54.20
C LYS E 322 -21.66 -6.63 -53.48
N ALA E 323 -22.71 -6.25 -52.75
CA ALA E 323 -23.52 -7.17 -51.98
C ALA E 323 -24.94 -6.61 -51.93
N GLY E 324 -25.74 -7.07 -50.96
CA GLY E 324 -27.09 -6.58 -50.84
C GLY E 324 -28.17 -7.64 -50.93
N LYS E 325 -27.88 -8.84 -50.45
CA LYS E 325 -28.87 -9.91 -50.45
C LYS E 325 -30.15 -9.49 -49.73
N GLU E 326 -31.28 -9.75 -50.37
CA GLU E 326 -32.61 -9.44 -49.84
C GLU E 326 -32.67 -8.05 -49.23
N GLU E 327 -32.46 -7.02 -50.04
CA GLU E 327 -32.68 -5.68 -49.54
C GLU E 327 -34.13 -5.49 -49.12
N ILE E 328 -34.31 -4.60 -48.17
CA ILE E 328 -35.51 -4.47 -47.38
C ILE E 328 -36.17 -3.10 -47.55
N LYS E 329 -35.37 -2.07 -47.75
CA LYS E 329 -35.86 -0.70 -47.91
C LYS E 329 -36.42 -0.13 -46.63
N VAL E 330 -36.25 1.16 -46.44
CA VAL E 330 -36.93 1.90 -45.39
C VAL E 330 -37.78 2.95 -46.07
N LYS E 331 -38.74 3.47 -45.32
CA LYS E 331 -39.66 4.49 -45.79
C LYS E 331 -39.48 5.78 -45.04
N THR E 332 -39.22 6.84 -45.80
CA THR E 332 -38.86 8.13 -45.22
C THR E 332 -40.09 9.03 -45.06
N GLU E 333 -40.98 9.02 -46.04
CA GLU E 333 -42.10 9.93 -46.09
C GLU E 333 -43.41 9.20 -45.84
N PRO E 334 -44.45 9.92 -45.41
CA PRO E 334 -45.74 9.26 -45.18
C PRO E 334 -46.34 8.61 -46.41
N SER E 335 -46.23 9.23 -47.59
CA SER E 335 -46.92 8.71 -48.77
C SER E 335 -46.24 7.44 -49.27
N MET E 336 -45.02 7.57 -49.78
CA MET E 336 -44.14 6.43 -50.06
C MET E 336 -44.91 5.20 -50.52
N GLN E 337 -45.59 5.33 -51.67
CA GLN E 337 -46.43 4.27 -52.23
C GLN E 337 -45.72 2.96 -52.63
N ASP E 338 -44.93 2.40 -51.73
CA ASP E 338 -44.22 1.14 -51.97
C ASP E 338 -43.48 1.09 -53.30
N ILE E 339 -42.75 2.16 -53.61
CA ILE E 339 -41.98 2.27 -54.85
C ILE E 339 -41.04 3.46 -54.70
N ASP E 340 -41.46 4.43 -53.90
CA ASP E 340 -40.66 5.63 -53.65
C ASP E 340 -39.74 5.44 -52.46
N ALA E 341 -39.86 4.29 -51.79
CA ALA E 341 -39.02 3.97 -50.64
C ALA E 341 -37.58 4.10 -51.08
N ILE E 342 -36.90 5.12 -50.57
CA ILE E 342 -35.50 5.38 -51.00
C ILE E 342 -34.61 4.46 -50.18
N ASP E 343 -34.54 3.20 -50.64
CA ASP E 343 -33.59 2.22 -50.12
C ASP E 343 -33.60 2.14 -48.60
N VAL E 344 -32.55 1.54 -48.02
CA VAL E 344 -32.25 1.66 -46.61
C VAL E 344 -30.83 2.17 -46.37
N ARG E 345 -29.84 1.61 -47.09
CA ARG E 345 -28.50 2.19 -47.06
C ARG E 345 -28.56 3.67 -47.40
N GLN E 346 -29.45 4.03 -48.34
CA GLN E 346 -29.57 5.42 -48.74
C GLN E 346 -30.04 6.30 -47.60
N ALA E 347 -31.11 5.93 -46.93
CA ALA E 347 -31.66 6.81 -45.91
C ALA E 347 -30.57 7.20 -44.92
N ILE E 348 -29.76 6.23 -44.52
CA ILE E 348 -28.65 6.49 -43.59
C ILE E 348 -27.59 7.33 -44.25
N GLY E 349 -27.22 7.00 -45.51
CA GLY E 349 -26.20 7.76 -46.19
C GLY E 349 -26.59 9.22 -46.32
N ASP E 350 -27.88 9.45 -46.51
CA ASP E 350 -28.38 10.78 -46.80
C ASP E 350 -28.50 11.60 -45.51
N ALA E 351 -28.95 10.95 -44.43
CA ALA E 351 -28.88 11.58 -43.11
C ALA E 351 -27.45 11.93 -42.75
N VAL E 352 -26.51 11.01 -42.99
CA VAL E 352 -25.12 11.22 -42.60
C VAL E 352 -24.51 12.34 -43.42
N ARG E 353 -24.66 12.29 -44.75
CA ARG E 353 -24.11 13.32 -45.62
C ARG E 353 -24.73 14.69 -45.34
N GLU E 354 -26.04 14.79 -45.12
CA GLU E 354 -26.65 16.07 -44.78
C GLU E 354 -26.24 16.59 -43.42
N GLY E 355 -26.24 15.75 -42.38
CA GLY E 355 -26.06 16.23 -41.03
C GLY E 355 -24.61 16.27 -40.57
N LEU E 356 -23.72 15.65 -41.34
CA LEU E 356 -22.29 15.71 -41.09
C LEU E 356 -21.56 16.57 -42.11
N ASN E 357 -22.18 16.86 -43.25
CA ASN E 357 -21.58 17.67 -44.30
C ASN E 357 -20.30 17.00 -44.81
N LEU E 358 -20.48 15.81 -45.39
CA LEU E 358 -19.39 14.87 -45.60
C LEU E 358 -19.10 14.51 -47.05
N ARG E 359 -19.96 14.92 -48.00
CA ARG E 359 -19.77 14.56 -49.41
C ARG E 359 -19.96 13.04 -49.59
N GLU E 360 -19.92 12.54 -50.82
CA GLU E 360 -20.04 11.10 -51.07
C GLU E 360 -18.71 10.36 -51.03
N GLY E 361 -17.70 10.88 -50.35
CA GLY E 361 -16.44 10.17 -50.31
C GLY E 361 -16.54 8.92 -49.46
N SER E 362 -15.43 8.18 -49.41
CA SER E 362 -15.44 6.94 -48.64
C SER E 362 -15.74 7.18 -47.17
N ASP E 363 -15.64 8.43 -46.70
CA ASP E 363 -15.92 8.74 -45.30
C ASP E 363 -17.42 8.69 -44.98
N ALA E 364 -18.27 9.10 -45.91
CA ALA E 364 -19.70 8.99 -45.65
C ALA E 364 -20.15 7.54 -45.65
N ASP E 365 -19.72 6.77 -46.65
CA ASP E 365 -19.99 5.34 -46.63
C ASP E 365 -19.41 4.68 -45.38
N MET E 366 -18.26 5.16 -44.94
CA MET E 366 -17.74 4.83 -43.62
C MET E 366 -18.80 4.96 -42.54
N TYR E 367 -19.21 6.19 -42.26
CA TYR E 367 -20.11 6.43 -41.15
C TYR E 367 -21.37 5.59 -41.28
N VAL E 368 -21.84 5.43 -42.52
CA VAL E 368 -23.03 4.62 -42.75
C VAL E 368 -22.78 3.16 -42.42
N ASN E 369 -21.61 2.64 -42.81
CA ASN E 369 -21.28 1.26 -42.49
C ASN E 369 -21.28 1.04 -40.99
N GLU E 370 -20.67 1.96 -40.25
CA GLU E 370 -20.62 1.73 -38.82
C GLU E 370 -22.02 1.74 -38.23
N LEU E 371 -22.85 2.70 -38.67
CA LEU E 371 -24.20 2.86 -38.14
C LEU E 371 -25.15 1.75 -38.57
N LEU E 372 -24.86 1.05 -39.67
CA LEU E 372 -25.64 -0.10 -40.06
C LEU E 372 -25.36 -1.32 -39.18
N LYS E 373 -24.21 -1.34 -38.51
CA LYS E 373 -23.83 -2.43 -37.63
C LYS E 373 -24.46 -2.31 -36.25
N GLN E 374 -25.27 -1.27 -36.04
CA GLN E 374 -25.81 -0.98 -34.73
C GLN E 374 -26.90 -1.98 -34.35
N PRO E 375 -27.22 -2.08 -33.06
CA PRO E 375 -28.44 -2.78 -32.70
C PRO E 375 -29.61 -2.20 -33.47
N VAL E 376 -30.40 -3.10 -34.03
CA VAL E 376 -31.36 -2.74 -35.07
C VAL E 376 -32.38 -1.73 -34.56
N ARG E 377 -32.71 -1.81 -33.26
CA ARG E 377 -33.60 -0.80 -32.66
C ARG E 377 -32.98 0.59 -32.66
N LEU E 378 -31.68 0.69 -32.34
CA LEU E 378 -31.03 2.00 -32.32
C LEU E 378 -31.10 2.66 -33.69
N LEU E 379 -30.77 1.90 -34.73
CA LEU E 379 -30.87 2.43 -36.09
C LEU E 379 -32.31 2.83 -36.40
N MET E 380 -33.27 1.97 -36.03
CA MET E 380 -34.67 2.30 -36.26
C MET E 380 -35.01 3.65 -35.64
N GLN E 381 -34.68 3.84 -34.38
CA GLN E 381 -35.11 5.02 -33.66
C GLN E 381 -34.42 6.28 -34.18
N VAL E 382 -33.10 6.21 -34.40
CA VAL E 382 -32.40 7.39 -34.91
C VAL E 382 -32.92 7.77 -36.29
N LEU E 383 -33.05 6.78 -37.18
CA LEU E 383 -33.50 7.02 -38.55
C LEU E 383 -34.94 7.50 -38.62
N GLN E 384 -35.76 7.13 -37.63
CA GLN E 384 -37.15 7.58 -37.60
C GLN E 384 -37.30 8.97 -37.00
N ASP E 385 -36.60 9.26 -35.90
CA ASP E 385 -36.62 10.60 -35.33
C ASP E 385 -36.14 11.61 -36.35
N PHE E 386 -35.00 11.33 -37.00
CA PHE E 386 -34.45 12.27 -37.97
C PHE E 386 -35.48 12.64 -39.03
N TYR E 387 -36.09 11.63 -39.65
CA TYR E 387 -36.94 11.88 -40.81
C TYR E 387 -38.30 12.45 -40.44
N THR E 388 -38.87 12.02 -39.30
CA THR E 388 -40.13 12.64 -38.88
C THR E 388 -39.92 14.11 -38.55
N LYS E 389 -38.86 14.45 -37.82
CA LYS E 389 -38.61 15.86 -37.53
C LYS E 389 -38.20 16.61 -38.79
N LYS E 390 -37.71 15.89 -39.80
CA LYS E 390 -37.39 16.54 -41.07
C LYS E 390 -38.67 16.90 -41.83
N TYR E 391 -39.61 15.97 -41.92
CA TYR E 391 -40.95 16.30 -42.41
C TYR E 391 -41.46 17.52 -41.67
N HIS E 392 -41.36 17.50 -40.34
CA HIS E 392 -41.64 18.67 -39.52
C HIS E 392 -41.04 19.93 -40.12
N ALA E 393 -39.73 19.95 -40.32
CA ALA E 393 -39.03 21.17 -40.72
C ALA E 393 -39.54 21.69 -42.05
N THR E 394 -39.91 20.79 -42.96
CA THR E 394 -40.43 21.15 -44.28
C THR E 394 -41.95 21.05 -44.33
N SER E 395 -42.62 21.19 -43.19
CA SER E 395 -44.08 21.14 -43.12
C SER E 395 -44.59 19.80 -43.63
N SER E 412 -32.15 23.28 -40.36
CA SER E 412 -30.80 22.77 -40.25
C SER E 412 -30.79 21.26 -40.07
N VAL E 413 -30.47 20.54 -41.15
CA VAL E 413 -30.38 19.09 -41.10
C VAL E 413 -29.36 18.63 -40.02
N PRO E 414 -28.18 19.22 -39.95
CA PRO E 414 -27.24 18.79 -38.90
C PRO E 414 -27.82 18.91 -37.51
N ASN E 415 -28.65 19.93 -37.26
CA ASN E 415 -29.35 20.00 -35.98
C ASN E 415 -30.26 18.80 -35.80
N LEU E 416 -30.98 18.40 -36.86
CA LEU E 416 -31.88 17.26 -36.75
C LEU E 416 -31.12 15.97 -36.49
N LEU E 417 -30.07 15.71 -37.26
CA LEU E 417 -29.26 14.52 -37.04
C LEU E 417 -28.59 14.55 -35.67
N ARG E 418 -28.13 15.73 -35.25
CA ARG E 418 -27.51 15.86 -33.94
C ARG E 418 -28.49 15.54 -32.82
N ASN E 419 -29.72 16.02 -32.93
CA ASN E 419 -30.74 15.70 -31.92
C ASN E 419 -31.02 14.20 -31.90
N ALA E 420 -31.19 13.60 -33.08
CA ALA E 420 -31.47 12.17 -33.12
C ALA E 420 -30.32 11.36 -32.55
N LEU E 421 -29.09 11.73 -32.87
CA LEU E 421 -27.92 11.02 -32.36
C LEU E 421 -27.76 11.23 -30.86
N TYR E 422 -28.02 12.45 -30.39
CA TYR E 422 -27.92 12.71 -28.95
C TYR E 422 -28.89 11.84 -28.18
N GLY E 423 -30.14 11.75 -28.66
CA GLY E 423 -31.10 10.90 -27.99
C GLY E 423 -30.77 9.43 -28.09
N SER E 424 -30.39 8.97 -29.29
CA SER E 424 -30.15 7.54 -29.50
C SER E 424 -28.89 7.08 -28.78
N MET E 425 -27.82 7.87 -28.86
CA MET E 425 -26.55 7.52 -28.23
C MET E 425 -26.40 8.19 -26.87
N LEU E 426 -27.53 8.46 -26.20
CA LEU E 426 -27.50 9.24 -24.98
C LEU E 426 -26.72 8.53 -23.88
N SER E 427 -26.93 7.23 -23.73
CA SER E 427 -26.20 6.51 -22.69
C SER E 427 -24.70 6.49 -22.98
N ASN E 428 -24.33 6.42 -24.26
CA ASN E 428 -22.92 6.42 -24.62
C ASN E 428 -22.24 7.74 -24.23
N ILE E 429 -22.86 8.87 -24.61
CA ILE E 429 -22.24 10.16 -24.30
C ILE E 429 -22.26 10.39 -22.80
N TYR E 430 -23.33 9.98 -22.10
CA TYR E 430 -23.36 10.12 -20.66
C TYR E 430 -22.31 9.25 -19.99
N ARG E 431 -21.96 8.13 -20.62
CA ARG E 431 -20.82 7.35 -20.15
C ARG E 431 -19.52 8.15 -20.24
N ALA E 432 -19.27 8.71 -21.42
CA ALA E 432 -17.98 9.30 -21.71
C ALA E 432 -17.73 10.58 -20.92
N GLY E 433 -18.71 11.09 -20.20
CA GLY E 433 -18.55 12.33 -19.46
C GLY E 433 -18.71 13.57 -20.29
N LEU E 434 -19.27 13.44 -21.50
CA LEU E 434 -19.50 14.59 -22.34
C LEU E 434 -20.71 15.37 -21.83
N ASN E 435 -20.92 16.56 -22.40
CA ASN E 435 -21.94 17.48 -21.91
C ASN E 435 -23.31 16.84 -22.03
N TYR E 436 -24.11 16.85 -20.95
CA TYR E 436 -25.43 16.26 -21.06
C TYR E 436 -26.36 17.30 -21.66
N GLU E 437 -26.31 18.51 -21.07
CA GLU E 437 -27.31 19.57 -21.26
C GLU E 437 -27.44 19.90 -22.74
N GLN E 438 -28.66 20.21 -23.18
CA GLN E 438 -28.81 20.84 -24.50
C GLN E 438 -28.61 22.34 -24.39
N HIS E 439 -28.99 22.94 -23.27
CA HIS E 439 -28.96 24.38 -23.12
C HIS E 439 -27.56 24.96 -23.05
N ARG E 440 -26.53 24.12 -23.11
CA ARG E 440 -25.19 24.65 -23.30
C ARG E 440 -24.45 23.85 -24.35
N PHE E 441 -25.13 23.51 -25.43
CA PHE E 441 -24.45 22.85 -26.53
C PHE E 441 -23.41 23.79 -27.12
N GLY E 442 -23.87 24.93 -27.65
CA GLY E 442 -22.98 25.99 -28.09
C GLY E 442 -21.74 25.47 -28.79
N MET E 443 -20.56 26.08 -28.59
CA MET E 443 -19.33 25.39 -28.93
C MET E 443 -18.24 25.42 -27.89
N ASP E 444 -18.45 26.15 -26.80
CA ASP E 444 -17.50 26.06 -25.70
C ASP E 444 -17.44 24.63 -25.17
N SER E 445 -18.61 24.01 -24.98
CA SER E 445 -18.66 22.63 -24.53
C SER E 445 -18.31 21.64 -25.63
N LEU E 446 -18.45 22.02 -26.90
CA LEU E 446 -18.09 21.13 -27.99
C LEU E 446 -16.60 20.81 -28.00
N CYS E 447 -15.76 21.83 -27.84
CA CYS E 447 -14.31 21.60 -27.84
C CYS E 447 -13.92 20.71 -26.67
N LYS E 448 -14.51 20.95 -25.50
CA LYS E 448 -14.19 20.13 -24.34
C LYS E 448 -14.71 18.71 -24.50
N ASP E 449 -15.85 18.56 -25.19
CA ASP E 449 -16.35 17.22 -25.51
C ASP E 449 -15.37 16.48 -26.41
N ILE E 450 -14.83 17.17 -27.41
CA ILE E 450 -13.87 16.53 -28.31
C ILE E 450 -12.61 16.16 -27.55
N PHE E 451 -12.12 17.05 -26.69
CA PHE E 451 -10.93 16.72 -25.91
C PHE E 451 -11.17 15.51 -25.03
N THR E 452 -12.34 15.44 -24.39
CA THR E 452 -12.66 14.28 -23.56
C THR E 452 -12.71 13.00 -24.38
N TYR E 453 -13.39 13.04 -25.53
CA TYR E 453 -13.47 11.87 -26.40
C TYR E 453 -12.07 11.41 -26.80
N VAL E 454 -11.22 12.37 -27.16
CA VAL E 454 -9.87 12.03 -27.60
C VAL E 454 -9.10 11.42 -26.44
N LYS E 455 -9.32 11.96 -25.24
CA LYS E 455 -8.65 11.45 -24.05
C LYS E 455 -8.97 9.99 -23.81
N GLN E 456 -10.23 9.59 -23.95
CA GLN E 456 -10.58 8.19 -23.74
C GLN E 456 -10.30 7.34 -24.97
N ASP E 457 -10.37 7.91 -26.16
CA ASP E 457 -9.91 7.23 -27.36
C ASP E 457 -8.40 7.23 -27.48
N ARG E 458 -7.69 7.81 -26.52
CA ARG E 458 -6.23 7.93 -26.57
C ARG E 458 -5.87 8.68 -27.86
N ASP E 459 -5.25 7.99 -28.83
CA ASP E 459 -4.99 8.59 -30.12
C ASP E 459 -4.26 9.92 -29.98
N PHE E 460 -4.99 11.00 -29.73
CA PHE E 460 -4.48 12.36 -29.67
C PHE E 460 -3.84 12.83 -30.97
N ASN E 461 -3.94 12.07 -32.06
CA ASN E 461 -3.33 12.39 -33.35
C ASN E 461 -4.35 12.46 -34.48
N THR E 462 -5.26 11.51 -34.55
CA THR E 462 -6.36 11.54 -35.49
C THR E 462 -7.71 11.66 -34.78
N GLY E 463 -7.71 11.77 -33.45
CA GLY E 463 -8.95 11.75 -32.71
C GLY E 463 -9.91 12.86 -33.09
N PHE E 464 -9.39 14.05 -33.40
CA PHE E 464 -10.24 15.19 -33.74
C PHE E 464 -10.99 14.99 -35.07
N TYR E 465 -10.57 14.02 -35.88
CA TYR E 465 -11.32 13.56 -37.04
C TYR E 465 -12.70 13.03 -36.65
N LEU E 466 -12.83 12.49 -35.45
CA LEU E 466 -14.09 11.92 -34.96
C LEU E 466 -14.56 10.78 -35.86
N ARG E 467 -13.62 10.01 -36.40
CA ARG E 467 -13.96 8.81 -37.16
C ARG E 467 -14.30 7.66 -36.20
N PRO E 468 -15.22 6.78 -36.60
CA PRO E 468 -15.66 5.66 -35.72
C PRO E 468 -14.77 4.42 -35.82
N GLN E 469 -13.68 4.43 -35.06
CA GLN E 469 -12.60 3.47 -35.24
C GLN E 469 -12.25 2.82 -33.91
N SER E 470 -12.82 3.31 -32.81
CA SER E 470 -12.43 3.00 -31.44
C SER E 470 -12.55 1.53 -31.08
N GLU E 471 -11.99 1.18 -29.91
CA GLU E 471 -12.17 -0.16 -29.36
C GLU E 471 -13.63 -0.54 -29.33
N SER E 472 -14.47 0.39 -28.89
CA SER E 472 -15.75 0.04 -28.32
C SER E 472 -16.91 0.78 -28.98
N GLU E 473 -18.06 0.12 -28.89
CA GLU E 473 -19.35 0.65 -29.31
C GLU E 473 -19.65 2.01 -28.69
N ALA E 474 -19.31 2.24 -27.42
CA ALA E 474 -19.68 3.49 -26.76
C ALA E 474 -18.97 4.69 -27.40
N LEU E 475 -17.64 4.62 -27.49
CA LEU E 475 -16.89 5.71 -28.08
C LEU E 475 -17.13 5.83 -29.58
N ARG E 476 -17.38 4.72 -30.28
CA ARG E 476 -17.71 4.80 -31.70
C ARG E 476 -19.01 5.56 -31.92
N ASN E 477 -20.01 5.33 -31.07
CA ASN E 477 -21.24 6.12 -31.12
C ASN E 477 -20.96 7.59 -30.81
N CYS E 478 -20.16 7.83 -29.77
CA CYS E 478 -19.82 9.20 -29.40
C CYS E 478 -19.13 9.94 -30.55
N SER E 479 -18.36 9.22 -31.35
CA SER E 479 -17.65 9.86 -32.46
C SER E 479 -18.63 10.44 -33.47
N ILE E 480 -19.64 9.68 -33.89
CA ILE E 480 -20.60 10.18 -34.85
C ILE E 480 -21.45 11.29 -34.23
N TYR E 481 -21.80 11.14 -32.95
CA TYR E 481 -22.55 12.21 -32.29
C TYR E 481 -21.77 13.51 -32.29
N LEU E 482 -20.47 13.45 -31.97
CA LEU E 482 -19.65 14.66 -31.94
C LEU E 482 -19.42 15.21 -33.34
N ALA E 483 -19.34 14.33 -34.35
CA ALA E 483 -19.26 14.81 -35.72
C ALA E 483 -20.50 15.61 -36.09
N SER E 484 -21.68 15.13 -35.69
CA SER E 484 -22.90 15.89 -35.93
C SER E 484 -22.88 17.22 -35.18
N GLN E 485 -22.37 17.21 -33.94
CA GLN E 485 -22.25 18.45 -33.18
C GLN E 485 -21.38 19.46 -33.93
N VAL E 486 -20.24 19.01 -34.42
CA VAL E 486 -19.34 19.90 -35.16
C VAL E 486 -20.03 20.43 -36.41
N SER E 487 -20.68 19.55 -37.15
CA SER E 487 -21.29 19.97 -38.40
C SER E 487 -22.36 21.02 -38.15
N GLU E 488 -23.19 20.84 -37.11
CA GLU E 488 -24.25 21.80 -36.84
C GLU E 488 -23.69 23.11 -36.33
N ASN E 489 -22.78 23.06 -35.37
CA ASN E 489 -22.35 24.28 -34.70
C ASN E 489 -21.51 25.15 -35.60
N CYS E 490 -20.67 24.55 -36.45
CA CYS E 490 -19.79 25.29 -37.35
C CYS E 490 -20.48 25.70 -38.63
N GLN E 491 -21.72 25.30 -38.83
CA GLN E 491 -22.42 25.61 -40.07
C GLN E 491 -22.78 27.08 -40.16
N GLY E 492 -22.42 27.68 -41.28
CA GLY E 492 -22.75 29.07 -41.55
C GLY E 492 -22.00 30.07 -40.72
N SER E 493 -20.75 29.78 -40.35
CA SER E 493 -19.97 30.70 -39.54
C SER E 493 -18.49 30.49 -39.78
N LEU E 494 -17.82 31.54 -40.27
CA LEU E 494 -16.38 31.49 -40.50
C LEU E 494 -15.63 31.61 -39.18
N SER E 495 -16.14 32.43 -38.26
CA SER E 495 -15.57 32.51 -36.92
C SER E 495 -15.61 31.17 -36.21
N LYS E 496 -16.77 30.51 -36.22
CA LYS E 496 -16.89 29.23 -35.53
C LYS E 496 -16.08 28.14 -36.22
N PHE E 497 -15.91 28.24 -37.54
CA PHE E 497 -15.02 27.30 -38.22
C PHE E 497 -13.60 27.44 -37.71
N LEU E 498 -13.08 28.67 -37.65
CA LEU E 498 -11.74 28.87 -37.11
C LEU E 498 -11.66 28.44 -35.65
N GLN E 499 -12.75 28.60 -34.91
CA GLN E 499 -12.82 28.17 -33.53
C GLN E 499 -12.61 26.66 -33.41
N MET E 500 -13.55 25.90 -33.96
CA MET E 500 -13.38 24.46 -34.10
C MET E 500 -11.92 24.16 -34.43
N LEU E 501 -11.45 24.68 -35.57
CA LEU E 501 -10.10 24.39 -36.03
C LEU E 501 -9.09 24.64 -34.93
N LEU E 502 -9.14 25.83 -34.29
CA LEU E 502 -8.06 26.13 -33.36
C LEU E 502 -8.29 25.47 -32.03
N VAL E 503 -9.31 25.92 -31.31
CA VAL E 503 -9.49 25.48 -29.94
C VAL E 503 -9.63 23.97 -29.88
N GLY E 504 -10.53 23.39 -30.67
CA GLY E 504 -10.77 21.96 -30.55
C GLY E 504 -9.62 21.12 -31.03
N CYS E 505 -9.28 21.21 -32.33
CA CYS E 505 -8.23 20.36 -32.87
C CYS E 505 -6.85 20.72 -32.31
N GLY E 506 -6.49 22.00 -32.31
CA GLY E 506 -5.20 22.38 -31.76
C GLY E 506 -5.05 22.00 -30.30
N SER E 507 -6.15 22.06 -29.56
CA SER E 507 -6.13 21.71 -28.14
C SER E 507 -5.74 20.24 -27.95
N VAL E 508 -5.73 19.50 -29.06
CA VAL E 508 -5.37 18.08 -29.03
C VAL E 508 -3.98 17.86 -29.60
N SER E 509 -3.67 18.57 -30.68
CA SER E 509 -2.37 18.46 -31.33
C SER E 509 -1.26 19.05 -30.46
N ILE E 510 -1.48 20.28 -29.99
CA ILE E 510 -0.51 20.95 -29.15
C ILE E 510 -0.13 20.10 -27.95
N PHE E 511 -1.13 19.45 -27.35
CA PHE E 511 -0.91 18.60 -26.19
C PHE E 511 0.02 17.44 -26.52
N ASN E 512 -0.19 16.81 -27.67
CA ASN E 512 0.67 15.68 -28.04
C ASN E 512 2.14 16.10 -28.10
N GLN E 513 2.44 17.11 -28.90
CA GLN E 513 3.83 17.29 -29.31
C GLN E 513 4.64 18.10 -28.31
N PHE E 514 3.98 18.80 -27.39
CA PHE E 514 4.66 19.71 -26.50
C PHE E 514 4.34 19.49 -25.02
N VAL E 515 3.42 18.61 -24.68
CA VAL E 515 3.06 18.38 -23.28
C VAL E 515 3.14 16.92 -22.87
N THR E 516 3.18 15.98 -23.80
CA THR E 516 3.25 14.57 -23.46
C THR E 516 4.63 14.15 -22.96
N GLU E 517 5.66 14.94 -23.23
CA GLU E 517 7.00 14.58 -22.81
C GLU E 517 7.13 14.53 -21.28
N LEU E 518 6.17 15.10 -20.57
CA LEU E 518 6.19 15.08 -19.11
C LEU E 518 5.66 13.77 -18.57
N ALA E 519 4.43 13.41 -18.94
CA ALA E 519 3.81 12.17 -18.49
C ALA E 519 4.07 11.05 -19.49
N ASP E 524 2.28 6.97 -14.97
CA ASP E 524 1.14 6.95 -14.07
C ASP E 524 -0.09 7.56 -14.74
N ARG E 525 -1.27 7.07 -14.36
CA ARG E 525 -2.52 7.59 -14.91
C ARG E 525 -3.06 8.73 -14.08
N GLU E 526 -2.90 8.65 -12.76
CA GLU E 526 -3.30 9.73 -11.86
C GLU E 526 -2.57 11.02 -12.20
N LYS E 527 -1.26 10.93 -12.45
CA LYS E 527 -0.50 12.11 -12.86
C LYS E 527 -0.89 12.55 -14.27
N PHE E 528 -1.14 11.61 -15.17
CA PHE E 528 -1.41 11.96 -16.55
C PHE E 528 -2.70 12.76 -16.67
N GLU E 529 -3.78 12.30 -16.06
CA GLU E 529 -5.01 13.08 -16.07
C GLU E 529 -4.83 14.45 -15.45
N GLN E 530 -4.07 14.56 -14.35
CA GLN E 530 -3.92 15.88 -13.75
C GLN E 530 -3.13 16.81 -14.63
N LEU E 531 -2.14 16.29 -15.34
CA LEU E 531 -1.48 17.11 -16.34
C LEU E 531 -2.49 17.58 -17.38
N ILE E 532 -3.37 16.69 -17.82
CA ILE E 532 -4.45 17.09 -18.72
C ILE E 532 -5.31 18.16 -18.07
N SER E 533 -5.67 17.97 -16.79
CA SER E 533 -6.59 18.88 -16.13
C SER E 533 -6.08 20.32 -16.18
N GLU E 534 -4.80 20.54 -15.85
CA GLU E 534 -4.25 21.88 -16.01
C GLU E 534 -4.14 22.27 -17.48
N TYR E 535 -3.72 21.35 -18.34
CA TYR E 535 -3.65 21.70 -19.76
C TYR E 535 -4.99 22.22 -20.25
N VAL E 536 -6.09 21.59 -19.82
CA VAL E 536 -7.41 22.17 -20.07
C VAL E 536 -7.52 23.54 -19.41
N ALA E 537 -7.27 23.59 -18.09
CA ALA E 537 -7.54 24.82 -17.34
C ALA E 537 -6.72 25.98 -17.88
N TYR E 538 -5.45 25.75 -18.18
CA TYR E 538 -4.59 26.80 -18.72
C TYR E 538 -4.98 27.15 -20.15
N MET E 539 -5.26 26.13 -20.96
CA MET E 539 -5.64 26.32 -22.34
C MET E 539 -6.99 27.03 -22.47
N SER E 540 -7.79 27.04 -21.39
CA SER E 540 -9.16 27.56 -21.37
C SER E 540 -10.13 26.67 -22.17
N VAL E 541 -9.74 25.41 -22.40
CA VAL E 541 -10.55 24.53 -23.22
C VAL E 541 -11.87 24.28 -22.51
N GLY E 542 -12.97 24.61 -23.17
CA GLY E 542 -14.29 24.55 -22.61
C GLY E 542 -14.81 25.87 -22.10
N ARG E 543 -13.92 26.84 -21.84
CA ARG E 543 -14.31 28.14 -21.31
C ARG E 543 -13.49 29.27 -21.91
N ILE E 544 -13.11 29.15 -23.19
CA ILE E 544 -12.32 30.20 -23.83
C ILE E 544 -13.12 31.49 -23.87
N GLU E 545 -12.44 32.62 -23.72
CA GLU E 545 -13.09 33.90 -24.00
C GLU E 545 -13.06 34.19 -25.47
N SER E 546 -11.89 34.04 -26.07
CA SER E 546 -11.63 34.47 -27.43
C SER E 546 -10.60 33.52 -28.02
N ALA E 547 -10.58 33.45 -29.34
CA ALA E 547 -9.63 32.59 -30.03
C ALA E 547 -8.21 33.09 -29.84
N SER E 548 -8.01 34.41 -29.84
CA SER E 548 -6.68 34.96 -29.61
C SER E 548 -6.15 34.59 -28.23
N HIS E 549 -7.03 34.51 -27.23
CA HIS E 549 -6.60 34.11 -25.90
C HIS E 549 -6.02 32.70 -25.92
N TRP E 550 -6.67 31.77 -26.63
CA TRP E 550 -6.13 30.42 -26.76
C TRP E 550 -4.78 30.44 -27.44
N ALA E 551 -4.66 31.21 -28.51
CA ALA E 551 -3.41 31.27 -29.26
C ALA E 551 -2.30 31.89 -28.42
N ASN E 552 -2.62 32.89 -27.59
CA ASN E 552 -1.63 33.46 -26.67
C ASN E 552 -1.12 32.40 -25.71
N ARG E 553 -2.02 31.59 -25.15
CA ARG E 553 -1.61 30.51 -24.25
C ARG E 553 -0.89 29.41 -25.01
N CYS E 554 -1.26 29.20 -26.28
CA CYS E 554 -0.57 28.20 -27.09
C CYS E 554 0.89 28.58 -27.32
N CYS E 555 1.19 29.89 -27.39
CA CYS E 555 2.57 30.31 -27.58
C CYS E 555 3.45 29.85 -26.43
N ALA E 556 2.97 29.99 -25.20
CA ALA E 556 3.75 29.55 -24.04
C ALA E 556 3.98 28.06 -24.07
N VAL E 557 2.93 27.28 -24.37
CA VAL E 557 3.05 25.83 -24.35
C VAL E 557 4.08 25.37 -25.37
N VAL E 558 4.01 25.93 -26.59
CA VAL E 558 4.94 25.53 -27.63
C VAL E 558 6.37 25.95 -27.30
N ALA E 559 6.53 26.99 -26.50
CA ALA E 559 7.84 27.63 -26.31
C ALA E 559 8.60 27.12 -25.11
N ASN E 560 8.20 25.99 -24.51
CA ASN E 560 8.91 25.44 -23.38
C ASN E 560 9.33 23.99 -23.63
N SER E 561 9.91 23.72 -24.80
CA SER E 561 10.38 22.37 -25.11
C SER E 561 11.47 22.32 -26.17
N PRO E 562 11.34 23.00 -27.32
CA PRO E 562 12.28 22.77 -28.41
C PRO E 562 13.74 22.94 -28.00
N ASN E 563 14.61 22.43 -28.86
CA ASN E 563 16.03 22.28 -28.58
C ASN E 563 16.77 22.38 -29.91
N ASP E 564 18.01 21.87 -29.96
CA ASP E 564 18.79 21.82 -31.20
C ASP E 564 19.16 23.24 -31.67
N GLU E 565 20.03 23.87 -30.89
CA GLU E 565 20.65 25.18 -31.11
C GLU E 565 19.74 26.31 -30.65
N LYS E 566 18.54 26.02 -30.17
CA LYS E 566 17.76 26.97 -29.39
C LYS E 566 17.44 28.23 -30.19
N ILE E 567 17.04 28.04 -31.44
CA ILE E 567 16.59 29.13 -32.28
C ILE E 567 15.15 29.48 -31.92
N GLY E 568 14.77 30.73 -32.16
CA GLY E 568 13.40 31.16 -31.98
C GLY E 568 12.50 30.86 -33.17
N VAL E 569 12.79 29.79 -33.90
CA VAL E 569 11.94 29.36 -35.01
C VAL E 569 11.22 28.10 -34.56
N PHE E 570 10.05 28.28 -33.98
CA PHE E 570 9.25 27.20 -33.40
C PHE E 570 8.27 26.69 -34.45
N LEU E 571 7.25 25.93 -34.02
CA LEU E 571 6.34 25.28 -34.95
C LEU E 571 5.78 26.24 -36.01
N GLY E 572 5.02 27.24 -35.58
CA GLY E 572 4.37 28.14 -36.50
C GLY E 572 4.59 29.60 -36.17
N MET E 573 5.78 29.95 -35.73
CA MET E 573 6.00 31.22 -35.05
C MET E 573 7.46 31.61 -35.17
N VAL E 574 7.76 32.85 -34.81
CA VAL E 574 9.13 33.30 -34.64
C VAL E 574 9.21 34.10 -33.34
N GLN E 575 10.19 33.75 -32.50
CA GLN E 575 10.44 34.47 -31.26
C GLN E 575 11.41 35.62 -31.57
N LEU E 576 10.89 36.83 -31.58
CA LEU E 576 11.69 37.98 -31.96
C LEU E 576 12.45 38.53 -30.77
N ASN E 577 13.68 38.96 -31.01
CA ASN E 577 14.45 39.63 -29.98
C ASN E 577 13.83 40.97 -29.66
N ARG E 578 13.76 41.29 -28.37
CA ARG E 578 13.23 42.58 -27.94
C ARG E 578 14.25 43.44 -27.19
N LYS E 579 15.47 42.99 -27.00
CA LYS E 579 16.50 43.80 -26.38
C LYS E 579 17.60 44.07 -27.40
N SER E 580 17.92 45.34 -27.63
CA SER E 580 18.94 45.69 -28.61
C SER E 580 20.33 45.56 -28.02
N ARG E 581 20.64 44.40 -27.42
CA ARG E 581 21.96 44.14 -26.85
C ARG E 581 22.51 42.88 -27.50
N GLN E 582 23.07 43.06 -28.71
CA GLN E 582 23.70 41.99 -29.45
C GLN E 582 24.38 42.59 -30.69
N ASN E 583 25.60 42.18 -31.00
CA ASN E 583 26.40 42.82 -32.06
C ASN E 583 26.06 42.23 -33.42
N MET E 584 25.39 43.03 -34.26
CA MET E 584 24.90 42.55 -35.56
C MET E 584 25.85 42.75 -36.72
N PRO E 585 25.91 41.76 -37.60
CA PRO E 585 26.30 42.00 -38.99
C PRO E 585 25.17 42.70 -39.72
N GLU E 586 25.56 43.47 -40.73
CA GLU E 586 24.62 44.10 -41.67
C GLU E 586 23.55 44.95 -40.99
N GLY E 587 22.36 44.98 -41.57
CA GLY E 587 21.29 45.85 -41.11
C GLY E 587 20.36 45.20 -40.11
N TYR E 588 20.76 44.03 -39.61
CA TYR E 588 19.93 43.34 -38.62
C TYR E 588 19.81 44.18 -37.35
N LYS E 589 18.61 44.17 -36.78
CA LYS E 589 18.26 45.01 -35.66
C LYS E 589 16.99 44.44 -35.04
N LYS E 590 16.31 45.26 -34.25
CA LYS E 590 15.18 44.77 -33.49
C LYS E 590 13.97 44.59 -34.39
N PHE E 591 12.85 44.29 -33.74
CA PHE E 591 11.54 44.50 -34.31
C PHE E 591 10.89 45.68 -33.62
N ASN E 592 10.31 46.58 -34.42
CA ASN E 592 9.58 47.73 -33.92
C ASN E 592 8.23 47.80 -34.62
N ILE E 593 7.17 47.98 -33.84
CA ILE E 593 5.84 48.11 -34.42
C ILE E 593 5.57 49.50 -34.97
N ASP E 594 6.33 50.51 -34.52
CA ASP E 594 6.04 51.89 -34.95
C ASP E 594 6.48 52.15 -36.40
N THR E 595 7.52 51.50 -36.87
CA THR E 595 7.92 51.71 -38.26
C THR E 595 6.96 51.07 -39.24
N GLU E 596 6.02 50.25 -38.77
CA GLU E 596 5.00 49.65 -39.63
C GLU E 596 3.69 50.39 -39.49
N ASN E 597 2.93 50.40 -40.58
CA ASN E 597 2.03 51.49 -40.90
C ASN E 597 0.67 50.95 -41.36
N GLY E 598 -0.40 51.60 -40.96
CA GLY E 598 -1.70 51.21 -41.48
C GLY E 598 -2.01 49.74 -41.25
N LEU E 599 -2.47 49.08 -42.32
CA LEU E 599 -2.86 47.68 -42.20
C LEU E 599 -1.67 46.79 -41.90
N ALA E 600 -0.50 47.09 -42.50
CA ALA E 600 0.69 46.28 -42.22
C ALA E 600 0.96 46.22 -40.73
N LYS E 601 0.83 47.36 -40.06
CA LYS E 601 0.98 47.39 -38.61
C LYS E 601 -0.12 46.57 -37.93
N ALA E 602 -1.37 46.78 -38.35
CA ALA E 602 -2.49 46.08 -37.75
C ALA E 602 -2.38 44.58 -37.96
N ALA E 603 -2.04 44.16 -39.18
CA ALA E 603 -1.80 42.74 -39.43
C ALA E 603 -0.63 42.25 -38.59
N MET E 604 0.45 43.03 -38.54
CA MET E 604 1.62 42.59 -37.80
C MET E 604 1.33 42.53 -36.31
N ALA E 605 0.67 43.55 -35.76
CA ALA E 605 0.46 43.58 -34.32
C ALA E 605 -0.50 42.50 -33.85
N SER E 606 -1.38 42.00 -34.73
CA SER E 606 -2.28 40.93 -34.31
C SER E 606 -1.51 39.69 -33.90
N SER E 607 -0.39 39.42 -34.57
CA SER E 607 0.41 38.24 -34.32
C SER E 607 1.36 38.40 -33.15
N LEU E 608 1.48 39.60 -32.59
CA LEU E 608 2.35 39.79 -31.44
C LEU E 608 1.83 39.02 -30.24
N SER E 609 2.76 38.35 -29.55
CA SER E 609 2.42 37.55 -28.37
C SER E 609 3.53 37.69 -27.34
N THR E 610 3.16 38.06 -26.11
CA THR E 610 4.11 38.21 -25.03
C THR E 610 3.83 37.14 -23.98
N VAL E 611 4.89 36.46 -23.55
CA VAL E 611 4.80 35.39 -22.56
C VAL E 611 5.67 35.78 -21.37
N ALA E 612 5.09 35.72 -20.17
CA ALA E 612 5.64 36.37 -18.98
C ALA E 612 6.31 35.40 -18.02
N SER E 613 7.03 34.40 -18.51
CA SER E 613 7.66 33.46 -17.59
C SER E 613 8.66 34.18 -16.69
N ASN E 614 9.78 34.62 -17.28
CA ASN E 614 10.74 35.48 -16.59
C ASN E 614 11.31 36.59 -17.46
N ASN E 615 11.29 36.46 -18.79
CA ASN E 615 11.93 37.41 -19.69
C ASN E 615 10.94 38.22 -20.51
N LEU E 616 9.66 37.89 -20.48
CA LEU E 616 8.61 38.62 -21.19
C LEU E 616 8.93 38.78 -22.67
N MET E 617 9.26 37.68 -23.34
CA MET E 617 9.66 37.77 -24.73
C MET E 617 8.48 38.27 -25.55
N ASP E 618 8.67 38.26 -26.86
CA ASP E 618 7.62 38.60 -27.81
C ASP E 618 7.66 37.63 -28.98
N PHE E 619 6.55 36.94 -29.23
CA PHE E 619 6.46 36.01 -30.33
C PHE E 619 5.53 36.58 -31.40
N CYS E 620 5.95 36.44 -32.66
CA CYS E 620 5.13 36.71 -33.82
C CYS E 620 4.62 35.37 -34.33
N SER E 621 3.37 35.06 -34.02
CA SER E 621 2.86 33.70 -34.18
C SER E 621 1.67 33.68 -35.13
N VAL E 622 1.69 32.69 -36.04
CA VAL E 622 0.60 32.49 -36.98
C VAL E 622 -0.71 32.12 -36.28
N PHE E 623 -0.65 31.37 -35.18
CA PHE E 623 -1.87 31.00 -34.48
C PHE E 623 -2.63 32.22 -33.98
N ASN E 624 -1.91 33.18 -33.41
CA ASN E 624 -2.52 34.39 -32.88
C ASN E 624 -3.10 35.24 -34.00
N LEU E 625 -2.49 35.19 -35.17
CA LEU E 625 -3.08 35.82 -36.35
C LEU E 625 -4.35 35.10 -36.77
N ILE E 626 -4.34 33.77 -36.76
CA ILE E 626 -5.57 33.03 -37.03
C ILE E 626 -6.59 33.30 -35.94
N GLY E 627 -6.15 33.32 -34.67
CA GLY E 627 -7.05 33.69 -33.59
C GLY E 627 -7.60 35.10 -33.75
N ALA E 628 -6.79 36.02 -34.25
CA ALA E 628 -7.27 37.38 -34.51
C ALA E 628 -8.36 37.36 -35.56
N ILE E 629 -8.17 36.63 -36.66
CA ILE E 629 -9.18 36.57 -37.71
C ILE E 629 -10.50 36.05 -37.15
N ALA E 630 -10.43 35.02 -36.32
CA ALA E 630 -11.65 34.47 -35.74
C ALA E 630 -12.39 35.52 -34.92
N ASP E 631 -11.64 36.38 -34.23
CA ASP E 631 -12.23 37.38 -33.35
C ASP E 631 -12.83 38.58 -34.10
N ILE E 632 -12.41 38.86 -35.33
CA ILE E 632 -13.07 39.88 -36.14
C ILE E 632 -13.86 39.25 -37.28
N SER E 633 -14.41 38.06 -37.05
CA SER E 633 -15.27 37.42 -38.04
C SER E 633 -16.72 37.38 -37.63
N ALA E 634 -17.02 37.50 -36.34
CA ALA E 634 -18.38 37.41 -35.84
C ALA E 634 -18.61 38.47 -34.78
N CYS E 635 -18.05 39.66 -35.00
CA CYS E 635 -18.33 40.75 -34.06
C CYS E 635 -19.72 41.28 -34.38
N ARG E 636 -19.89 41.96 -35.52
CA ARG E 636 -21.21 42.45 -35.90
C ARG E 636 -21.13 43.33 -37.14
N CYS E 637 -22.28 43.90 -37.52
CA CYS E 637 -22.36 44.87 -38.59
C CYS E 637 -21.71 46.22 -38.25
N GLU E 638 -21.39 46.50 -37.00
CA GLU E 638 -20.96 47.84 -36.65
C GLU E 638 -19.56 48.10 -37.19
N ARG E 639 -19.22 49.39 -37.34
CA ARG E 639 -17.81 49.73 -37.53
C ARG E 639 -17.12 49.98 -36.20
N SER E 640 -17.85 50.50 -35.21
CA SER E 640 -17.26 50.75 -33.90
C SER E 640 -16.91 49.43 -33.19
N ALA E 641 -17.77 48.43 -33.32
CA ALA E 641 -17.48 47.12 -32.71
C ALA E 641 -16.22 46.49 -33.29
N ILE E 642 -15.98 46.69 -34.59
CA ILE E 642 -14.73 46.23 -35.18
C ILE E 642 -13.56 46.98 -34.58
N THR E 643 -13.77 48.26 -34.23
CA THR E 643 -12.69 49.08 -33.71
C THR E 643 -12.09 48.49 -32.44
N ASN E 644 -12.93 48.22 -31.44
CA ASN E 644 -12.42 47.62 -30.22
C ASN E 644 -12.08 46.16 -30.40
N ALA E 645 -12.69 45.48 -31.37
CA ALA E 645 -12.26 44.13 -31.72
C ALA E 645 -10.79 44.13 -32.13
N PHE E 646 -10.37 45.13 -32.91
CA PHE E 646 -8.95 45.33 -33.16
C PHE E 646 -8.21 45.54 -31.84
N ASN E 647 -8.66 46.51 -31.04
CA ASN E 647 -7.92 46.91 -29.86
C ASN E 647 -7.69 45.75 -28.89
N LYS E 648 -8.53 44.72 -28.95
CA LYS E 648 -8.33 43.54 -28.10
C LYS E 648 -7.18 42.68 -28.60
N VAL E 649 -7.06 42.53 -29.92
CA VAL E 649 -6.05 41.65 -30.50
C VAL E 649 -4.83 42.48 -30.86
N ILE E 650 -5.03 43.76 -31.16
CA ILE E 650 -3.90 44.62 -31.48
C ILE E 650 -3.03 44.84 -30.26
N ALA E 651 -3.67 45.03 -29.11
CA ALA E 651 -2.97 45.40 -27.89
C ALA E 651 -2.02 44.29 -27.46
N GLN E 652 -0.94 44.68 -26.80
CA GLN E 652 0.02 43.72 -26.29
C GLN E 652 -0.68 42.74 -25.37
N THR E 653 -0.79 41.50 -25.81
CA THR E 653 -1.42 40.45 -25.03
C THR E 653 -0.33 39.65 -24.32
N THR E 654 -0.41 39.60 -23.00
CA THR E 654 0.64 39.06 -22.15
C THR E 654 0.05 37.95 -21.28
N CYS E 655 0.76 36.83 -21.20
CA CYS E 655 0.24 35.68 -20.47
C CYS E 655 1.40 34.91 -19.83
N ILE E 656 1.06 34.03 -18.91
CA ILE E 656 2.04 33.32 -18.10
C ILE E 656 2.33 31.99 -18.79
N VAL E 657 3.51 31.42 -18.53
CA VAL E 657 3.78 30.05 -18.97
C VAL E 657 2.95 29.09 -18.12
N PRO E 658 2.51 27.96 -18.66
CA PRO E 658 1.74 27.01 -17.86
C PRO E 658 2.42 26.63 -16.56
N PRO E 659 1.69 26.01 -15.61
CA PRO E 659 2.33 25.49 -14.37
C PRO E 659 2.98 24.12 -14.60
N TRP E 660 3.67 23.95 -15.73
CA TRP E 660 4.46 22.75 -15.94
C TRP E 660 5.78 22.98 -16.67
N SER E 661 6.24 24.23 -16.84
CA SER E 661 7.52 24.42 -17.53
C SER E 661 8.66 24.31 -16.53
N THR E 704 -7.48 57.12 -36.58
CA THR E 704 -6.27 57.93 -36.47
C THR E 704 -5.17 57.41 -37.40
N GLU E 705 -4.58 56.28 -37.02
CA GLU E 705 -3.54 55.64 -37.81
C GLU E 705 -3.96 54.30 -38.38
N PHE E 706 -5.14 53.79 -38.02
CA PHE E 706 -5.68 52.54 -38.54
C PHE E 706 -6.96 52.78 -39.34
N SER E 707 -7.19 54.01 -39.80
CA SER E 707 -8.51 54.38 -40.30
C SER E 707 -8.91 53.54 -41.50
N ASP E 708 -8.06 53.46 -42.52
CA ASP E 708 -8.44 52.78 -43.75
C ASP E 708 -8.47 51.26 -43.56
N ALA E 709 -7.58 50.73 -42.73
CA ALA E 709 -7.55 49.29 -42.49
C ALA E 709 -8.87 48.80 -41.90
N ILE E 710 -9.51 49.63 -41.06
CA ILE E 710 -10.75 49.21 -40.40
C ILE E 710 -11.89 49.13 -41.42
N THR E 711 -12.02 50.13 -42.29
CA THR E 711 -13.03 50.06 -43.35
C THR E 711 -12.87 48.78 -44.15
N LYS E 712 -11.63 48.36 -44.35
CA LYS E 712 -11.27 47.17 -45.13
C LYS E 712 -11.70 45.91 -44.41
N VAL E 713 -11.36 45.81 -43.13
CA VAL E 713 -11.88 44.73 -42.30
C VAL E 713 -13.39 44.81 -42.19
N GLU E 714 -13.91 46.02 -42.07
CA GLU E 714 -15.34 46.20 -42.17
C GLU E 714 -15.84 45.73 -43.54
N GLN E 715 -15.11 46.08 -44.61
CA GLN E 715 -15.35 45.53 -45.95
C GLN E 715 -15.44 44.01 -45.90
N TRP E 716 -14.32 43.36 -45.57
CA TRP E 716 -14.20 41.92 -45.73
C TRP E 716 -15.15 41.19 -44.82
N LEU E 717 -15.45 41.78 -43.66
CA LEU E 717 -16.38 41.15 -42.74
C LEU E 717 -17.77 41.06 -43.36
N LYS E 718 -18.24 42.16 -43.96
CA LYS E 718 -19.49 42.10 -44.72
C LYS E 718 -19.42 41.03 -45.80
N ASN E 719 -18.33 41.01 -46.57
CA ASN E 719 -18.12 39.97 -47.56
C ASN E 719 -18.27 38.58 -46.94
N VAL E 720 -17.70 38.38 -45.76
CA VAL E 720 -17.83 37.11 -45.05
C VAL E 720 -19.29 36.89 -44.66
N ASN E 721 -19.94 37.97 -44.20
CA ASN E 721 -21.26 37.87 -43.59
C ASN E 721 -22.31 37.35 -44.59
N GLU E 722 -22.30 37.84 -45.82
CA GLU E 722 -23.31 37.45 -46.81
C GLU E 722 -23.25 35.96 -47.14
N ILE E 723 -22.07 35.36 -47.06
CA ILE E 723 -21.72 34.20 -47.86
C ILE E 723 -20.98 33.13 -47.05
N GLU E 724 -20.60 33.44 -45.79
CA GLU E 724 -20.25 32.44 -44.80
C GLU E 724 -21.42 31.54 -44.43
N ILE E 725 -22.65 31.99 -44.64
CA ILE E 725 -23.81 31.21 -44.23
C ILE E 725 -23.90 29.95 -45.08
N GLY E 726 -23.25 29.98 -46.24
CA GLY E 726 -23.27 28.84 -47.14
C GLY E 726 -22.03 27.97 -47.01
N ILE E 727 -21.71 27.60 -45.77
CA ILE E 727 -20.55 26.76 -45.50
C ILE E 727 -20.90 25.64 -44.54
N ARG E 728 -20.79 24.40 -45.01
CA ARG E 728 -21.09 23.23 -44.19
C ARG E 728 -19.88 22.32 -44.07
N PRO E 729 -19.01 22.60 -43.08
CA PRO E 729 -17.81 21.82 -42.84
C PRO E 729 -18.09 20.59 -41.99
N SER E 730 -17.18 19.63 -42.08
CA SER E 730 -17.27 18.39 -41.32
C SER E 730 -16.05 18.27 -40.42
N ALA E 731 -16.17 17.41 -39.41
CA ALA E 731 -15.00 17.07 -38.61
C ALA E 731 -13.90 16.52 -39.49
N LEU E 732 -14.26 15.88 -40.61
CA LEU E 732 -13.26 15.40 -41.57
C LEU E 732 -12.54 16.56 -42.24
N LEU E 733 -13.29 17.52 -42.78
CA LEU E 733 -12.67 18.66 -43.45
C LEU E 733 -11.85 19.48 -42.47
N ILE E 734 -12.43 19.82 -41.32
CA ILE E 734 -11.73 20.63 -40.35
C ILE E 734 -10.49 19.91 -39.84
N GLY E 735 -10.62 18.62 -39.56
CA GLY E 735 -9.46 17.85 -39.13
C GLY E 735 -8.40 17.75 -40.21
N LYS E 736 -8.82 17.56 -41.46
CA LYS E 736 -7.86 17.41 -42.55
C LYS E 736 -7.24 18.73 -42.96
N VAL E 737 -8.00 19.83 -42.91
CA VAL E 737 -7.40 21.14 -43.11
C VAL E 737 -6.31 21.38 -42.08
N TRP E 738 -6.57 21.00 -40.82
CA TRP E 738 -5.56 21.13 -39.79
C TRP E 738 -4.37 20.21 -40.05
N SER E 739 -4.62 19.00 -40.56
CA SER E 739 -3.54 18.05 -40.79
C SER E 739 -2.54 18.56 -41.83
N ARG E 740 -3.03 18.94 -43.01
CA ARG E 740 -2.19 19.66 -43.97
C ARG E 740 -1.53 20.88 -43.35
N PHE E 741 -2.32 21.75 -42.73
CA PHE E 741 -1.78 22.98 -42.17
C PHE E 741 -0.70 22.66 -41.14
N TYR E 742 -1.01 21.75 -40.21
CA TYR E 742 -0.05 21.39 -39.18
C TYR E 742 1.20 20.74 -39.77
N PHE E 743 1.03 19.96 -40.85
CA PHE E 743 2.21 19.32 -41.45
C PHE E 743 3.04 20.33 -42.21
N ASN E 744 2.40 21.08 -43.11
CA ASN E 744 3.09 22.15 -43.82
C ASN E 744 3.87 23.02 -42.84
N LEU E 745 3.36 23.13 -41.61
CA LEU E 745 3.98 24.01 -40.64
C LEU E 745 5.37 23.54 -40.22
N ASN E 746 5.56 22.22 -40.06
CA ASN E 746 6.87 21.72 -39.63
C ASN E 746 7.89 21.69 -40.76
N ASN E 747 7.45 21.56 -42.00
CA ASN E 747 8.38 21.70 -43.10
C ASN E 747 8.94 23.12 -43.18
N VAL E 748 8.09 24.11 -42.91
CA VAL E 748 8.58 25.48 -42.83
C VAL E 748 9.48 25.67 -41.61
N ALA E 749 9.18 24.99 -40.50
CA ALA E 749 9.98 25.11 -39.29
C ALA E 749 11.34 24.44 -39.42
N ASP E 750 11.60 23.69 -40.48
CA ASP E 750 12.89 23.03 -40.66
C ASP E 750 13.63 23.52 -41.90
N GLN E 751 12.96 23.62 -43.05
CA GLN E 751 13.63 24.08 -44.25
C GLN E 751 14.14 25.50 -44.09
N HIS E 752 13.28 26.40 -43.58
CA HIS E 752 13.67 27.78 -43.35
C HIS E 752 14.46 27.97 -42.07
N LYS E 753 14.51 26.97 -41.18
CA LYS E 753 15.34 27.12 -39.99
C LYS E 753 16.81 27.30 -40.35
N THR E 754 17.34 26.47 -41.23
CA THR E 754 18.78 26.37 -41.47
C THR E 754 19.21 27.22 -42.66
N ARG E 755 18.54 28.36 -42.85
CA ARG E 755 18.79 29.26 -43.95
C ARG E 755 18.84 30.72 -43.51
N LEU E 756 19.12 30.96 -42.23
CA LEU E 756 19.17 32.31 -41.67
C LEU E 756 20.63 32.77 -41.72
N TYR E 757 21.04 33.28 -42.88
CA TYR E 757 22.38 33.80 -43.09
C TYR E 757 22.39 35.30 -42.82
N ARG E 758 23.58 35.89 -42.83
CA ARG E 758 23.67 37.34 -42.59
C ARG E 758 23.11 38.11 -43.77
N ASN E 759 23.32 37.60 -44.98
CA ASN E 759 22.79 38.18 -46.20
C ASN E 759 21.56 37.43 -46.72
N ALA E 760 21.06 36.45 -45.97
CA ALA E 760 19.83 35.79 -46.36
C ALA E 760 18.66 36.76 -46.43
N GLU E 761 18.77 37.90 -45.76
CA GLU E 761 17.75 38.92 -45.84
C GLU E 761 17.63 39.41 -47.28
N HIS E 762 16.53 40.12 -47.54
CA HIS E 762 16.03 40.44 -48.88
C HIS E 762 15.39 39.22 -49.53
N GLY E 763 15.55 38.05 -48.90
CA GLY E 763 14.92 36.83 -49.35
C GLY E 763 14.79 36.69 -50.84
N ARG E 764 15.81 37.04 -51.59
CA ARG E 764 15.63 37.14 -53.04
C ARG E 764 15.56 35.80 -53.70
N MET E 765 15.90 34.76 -52.98
CA MET E 765 16.15 33.45 -53.55
C MET E 765 15.46 32.31 -52.75
N ALA E 766 15.49 31.11 -53.35
CA ALA E 766 14.87 29.99 -52.71
C ALA E 766 15.68 29.48 -51.56
N SER E 767 16.98 29.64 -51.51
CA SER E 767 17.75 29.09 -50.42
C SER E 767 18.17 30.15 -49.40
N GLN E 768 17.57 31.34 -49.45
CA GLN E 768 17.75 32.40 -48.47
C GLN E 768 16.44 32.62 -47.76
N SER E 769 16.47 32.57 -46.42
CA SER E 769 15.28 32.76 -45.61
C SER E 769 15.56 33.71 -44.45
N ASN E 770 14.48 34.36 -44.00
CA ASN E 770 14.52 35.37 -42.95
C ASN E 770 13.24 35.25 -42.14
N ALA E 771 13.04 36.20 -41.22
CA ALA E 771 11.84 36.19 -40.40
C ALA E 771 10.59 36.52 -41.20
N ALA E 772 10.72 37.21 -42.33
CA ALA E 772 9.57 37.51 -43.17
C ALA E 772 9.18 36.34 -44.07
N LYS E 773 10.16 35.61 -44.61
CA LYS E 773 9.84 34.48 -45.47
C LYS E 773 9.23 33.34 -44.68
N ILE E 774 9.74 33.09 -43.47
CA ILE E 774 9.17 32.02 -42.65
C ILE E 774 7.69 32.29 -42.40
N MET E 775 7.37 33.54 -42.05
CA MET E 775 6.00 33.87 -41.67
C MET E 775 5.10 33.84 -42.88
N ARG E 776 5.57 34.34 -44.02
CA ARG E 776 4.77 34.33 -45.23
C ARG E 776 4.38 32.90 -45.60
N PHE E 777 5.32 31.96 -45.52
CA PHE E 777 5.00 30.59 -45.89
C PHE E 777 4.15 29.90 -44.82
N ASN E 778 4.27 30.34 -43.56
CA ASN E 778 3.34 29.86 -42.54
C ASN E 778 1.92 30.33 -42.85
N VAL E 779 1.78 31.58 -43.30
CA VAL E 779 0.47 32.06 -43.74
C VAL E 779 0.04 31.33 -45.01
N LEU E 780 0.97 31.16 -45.95
CA LEU E 780 0.65 30.44 -47.18
C LEU E 780 0.33 28.98 -46.88
N ALA E 781 0.97 28.40 -45.85
CA ALA E 781 0.67 27.04 -45.46
C ALA E 781 -0.78 26.91 -45.04
N PHE E 782 -1.28 27.87 -44.25
CA PHE E 782 -2.70 27.90 -43.92
C PHE E 782 -3.53 27.89 -45.18
N LEU E 783 -3.37 28.93 -46.00
CA LEU E 783 -4.29 29.14 -47.13
C LEU E 783 -4.25 27.97 -48.09
N HIS E 784 -3.06 27.38 -48.30
CA HIS E 784 -2.98 26.20 -49.16
C HIS E 784 -3.69 25.01 -48.54
N ALA E 785 -3.54 24.83 -47.23
CA ALA E 785 -4.23 23.71 -46.57
C ALA E 785 -5.74 23.83 -46.71
N VAL E 786 -6.28 25.04 -46.53
CA VAL E 786 -7.71 25.25 -46.69
C VAL E 786 -8.12 24.99 -48.13
N LEU E 787 -7.35 25.51 -49.09
CA LEU E 787 -7.71 25.37 -50.50
C LEU E 787 -7.78 23.91 -50.92
N VAL E 788 -6.80 23.11 -50.49
CA VAL E 788 -6.71 21.73 -50.95
C VAL E 788 -7.85 20.90 -50.38
N GLU E 789 -7.94 20.83 -49.05
CA GLU E 789 -8.95 19.98 -48.42
C GLU E 789 -10.35 20.44 -48.78
N GLU E 790 -10.55 21.76 -48.85
CA GLU E 790 -11.87 22.29 -49.19
C GLU E 790 -12.23 21.95 -50.64
N SER E 791 -11.24 21.84 -51.52
CA SER E 791 -11.50 21.31 -52.84
C SER E 791 -11.84 19.83 -52.80
N LEU E 792 -11.55 19.15 -51.69
CA LEU E 792 -11.74 17.72 -51.55
C LEU E 792 -12.90 17.35 -50.64
N TYR E 793 -13.08 18.06 -49.53
CA TYR E 793 -13.95 17.59 -48.44
C TYR E 793 -14.96 18.64 -48.00
N HIS E 794 -15.37 19.53 -48.89
CA HIS E 794 -16.41 20.52 -48.60
C HIS E 794 -17.67 20.14 -49.35
N SER E 795 -18.77 20.00 -48.62
CA SER E 795 -20.03 19.47 -49.14
C SER E 795 -20.83 20.51 -49.91
N VAL E 796 -20.22 21.63 -50.29
CA VAL E 796 -20.89 22.61 -51.13
C VAL E 796 -20.80 22.28 -52.61
N SER E 797 -19.81 21.48 -53.02
CA SER E 797 -19.63 21.07 -54.40
C SER E 797 -19.50 19.55 -54.43
N ASP E 798 -20.06 18.95 -55.49
CA ASP E 798 -20.10 17.48 -55.53
C ASP E 798 -18.70 16.91 -55.75
N ARG E 799 -17.80 17.69 -56.38
CA ARG E 799 -16.56 17.16 -56.92
C ARG E 799 -15.42 18.09 -56.60
N GLU E 800 -14.21 17.60 -56.87
CA GLU E 800 -13.00 18.41 -56.85
C GLU E 800 -12.79 19.17 -58.15
N TYR E 801 -12.26 20.38 -58.02
CA TYR E 801 -11.72 21.17 -59.10
C TYR E 801 -10.21 21.21 -59.06
N ILE E 802 -9.59 20.44 -58.16
CA ILE E 802 -8.16 20.49 -57.95
C ILE E 802 -7.41 19.49 -58.83
N GLY E 803 -8.05 18.40 -59.22
CA GLY E 803 -7.47 17.45 -60.15
C GLY E 803 -6.77 16.29 -59.46
N GLU E 804 -6.61 15.21 -60.21
CA GLU E 804 -5.90 14.02 -59.75
C GLU E 804 -4.40 14.25 -59.98
N GLY E 805 -3.71 14.73 -58.95
CA GLY E 805 -2.31 15.05 -59.05
C GLY E 805 -1.57 14.73 -57.76
N LEU E 806 -0.25 14.85 -57.84
CA LEU E 806 0.62 14.65 -56.69
C LEU E 806 0.64 15.93 -55.87
N ARG E 807 0.29 15.82 -54.58
CA ARG E 807 -0.16 16.97 -53.81
C ARG E 807 0.88 17.32 -52.75
N LEU E 808 1.56 18.44 -52.95
CA LEU E 808 2.59 18.93 -52.05
C LEU E 808 2.18 20.26 -51.45
N ASN E 809 2.98 20.70 -50.49
CA ASN E 809 2.75 21.89 -49.70
C ASN E 809 3.81 22.95 -50.04
N PRO E 810 3.44 24.23 -50.11
CA PRO E 810 4.47 25.26 -50.35
C PRO E 810 5.32 25.49 -49.11
N VAL E 811 6.58 25.06 -49.17
CA VAL E 811 7.51 25.17 -48.04
C VAL E 811 8.52 26.28 -48.27
N THR E 812 9.30 26.19 -49.34
CA THR E 812 10.32 27.17 -49.65
C THR E 812 10.01 27.98 -50.90
N SER E 813 8.91 27.69 -51.58
CA SER E 813 8.50 28.45 -52.76
C SER E 813 7.01 28.23 -52.98
N VAL E 814 6.45 28.97 -53.93
CA VAL E 814 5.01 28.95 -54.16
C VAL E 814 4.68 28.16 -55.42
N ASP E 815 5.53 27.21 -55.79
CA ASP E 815 5.18 26.35 -56.91
C ASP E 815 3.80 25.77 -56.71
N GLU E 816 3.59 25.08 -55.58
CA GLU E 816 2.37 24.32 -55.36
C GLU E 816 1.15 25.22 -55.18
N PHE E 817 1.32 26.39 -54.55
CA PHE E 817 0.17 27.25 -54.31
C PHE E 817 -0.25 27.98 -55.58
N GLU E 818 0.70 28.60 -56.27
CA GLU E 818 0.44 29.21 -57.57
C GLU E 818 -0.34 28.24 -58.45
N LYS E 819 -0.03 26.96 -58.33
CA LYS E 819 -0.59 25.87 -59.08
C LYS E 819 -2.06 25.60 -58.83
N LYS E 820 -2.36 25.15 -57.62
CA LYS E 820 -3.68 24.58 -57.37
C LYS E 820 -4.77 25.64 -57.54
N ILE E 821 -4.55 26.84 -56.99
CA ILE E 821 -5.48 27.94 -57.25
C ILE E 821 -5.78 27.98 -58.72
N LYS E 822 -4.72 27.98 -59.51
CA LYS E 822 -4.81 28.15 -60.94
C LYS E 822 -5.53 27.02 -61.64
N ILE E 823 -5.12 25.78 -61.39
CA ILE E 823 -5.77 24.65 -62.05
C ILE E 823 -7.24 24.64 -61.68
N ILE E 824 -7.56 25.05 -60.45
CA ILE E 824 -8.94 25.29 -60.07
C ILE E 824 -9.50 26.53 -60.77
N GLY E 825 -8.63 27.52 -61.01
CA GLY E 825 -9.10 28.80 -61.51
C GLY E 825 -9.80 28.71 -62.85
N GLU E 826 -9.18 28.03 -63.83
CA GLU E 826 -9.77 27.97 -65.16
C GLU E 826 -10.65 26.74 -65.36
N LYS E 827 -10.69 25.84 -64.38
CA LYS E 827 -11.70 24.78 -64.39
C LYS E 827 -13.05 25.35 -64.02
N LEU E 828 -13.04 26.29 -63.06
CA LEU E 828 -14.26 26.92 -62.58
C LEU E 828 -15.02 27.55 -63.72
N LYS E 829 -14.30 27.99 -64.76
CA LYS E 829 -14.94 28.67 -65.89
C LYS E 829 -15.54 27.66 -66.86
N ALA E 830 -14.79 26.61 -67.19
CA ALA E 830 -15.37 25.56 -68.02
C ALA E 830 -16.53 24.88 -67.31
N ASP E 831 -16.55 24.93 -65.98
CA ASP E 831 -17.64 24.40 -65.19
C ASP E 831 -18.70 25.46 -64.88
N ASN E 832 -18.47 26.70 -65.29
CA ASN E 832 -19.35 27.82 -65.01
C ASN E 832 -19.60 27.95 -63.50
N LYS E 833 -18.51 28.03 -62.74
CA LYS E 833 -18.53 28.20 -61.30
C LYS E 833 -17.55 29.30 -60.92
N THR E 834 -17.76 29.89 -59.74
CA THR E 834 -16.88 30.91 -59.20
C THR E 834 -16.28 30.44 -57.87
N TRP E 835 -15.28 31.20 -57.41
CA TRP E 835 -14.67 30.96 -56.10
C TRP E 835 -15.65 31.20 -54.96
N LYS E 836 -16.77 31.83 -55.26
CA LYS E 836 -17.83 32.07 -54.29
C LYS E 836 -18.62 30.81 -54.01
N ASN E 837 -19.32 30.34 -55.03
CA ASN E 837 -20.21 29.19 -54.88
C ASN E 837 -19.43 27.97 -54.42
N THR E 838 -18.25 27.77 -55.00
CA THR E 838 -17.35 26.70 -54.62
C THR E 838 -16.09 27.29 -54.00
N HIS E 839 -15.56 26.59 -53.00
CA HIS E 839 -14.42 27.03 -52.23
C HIS E 839 -14.68 28.34 -51.49
N PRO E 840 -15.80 28.44 -50.72
CA PRO E 840 -16.05 29.67 -49.97
C PRO E 840 -14.97 30.00 -48.94
N LEU E 841 -14.62 29.04 -48.07
CA LEU E 841 -13.75 29.35 -46.95
C LEU E 841 -12.41 29.89 -47.43
N PHE E 842 -11.82 29.26 -48.44
CA PHE E 842 -10.56 29.76 -48.97
C PHE E 842 -10.73 31.16 -49.55
N PHE E 843 -11.83 31.40 -50.25
CA PHE E 843 -12.07 32.73 -50.82
C PHE E 843 -12.13 33.79 -49.73
N LEU E 844 -12.83 33.51 -48.64
CA LEU E 844 -12.93 34.48 -47.55
C LEU E 844 -11.58 34.69 -46.89
N LEU E 845 -10.81 33.61 -46.72
CA LEU E 845 -9.52 33.70 -46.05
C LEU E 845 -8.50 34.43 -46.92
N ILE E 846 -8.43 34.08 -48.21
CA ILE E 846 -7.49 34.74 -49.10
C ILE E 846 -7.83 36.22 -49.28
N SER E 847 -9.10 36.59 -49.11
CA SER E 847 -9.53 37.97 -49.26
C SER E 847 -9.44 38.77 -47.96
N CYS E 848 -8.93 38.17 -46.90
CA CYS E 848 -8.84 38.87 -45.62
C CYS E 848 -7.73 39.91 -45.67
N PRO E 849 -8.03 41.20 -45.43
CA PRO E 849 -6.95 42.19 -45.35
C PRO E 849 -5.90 41.85 -44.30
N ILE E 850 -6.26 41.12 -43.25
CA ILE E 850 -5.28 40.81 -42.20
C ILE E 850 -4.15 39.99 -42.79
N LEU E 851 -4.46 39.08 -43.71
CA LEU E 851 -3.48 38.16 -44.27
C LEU E 851 -2.61 38.77 -45.35
N HIS E 852 -3.14 39.74 -46.09
CA HIS E 852 -2.46 40.19 -47.31
C HIS E 852 -1.05 40.70 -47.07
N PRO E 853 -0.75 41.49 -46.03
CA PRO E 853 0.63 41.95 -45.84
C PRO E 853 1.64 40.81 -45.72
N PHE E 854 1.23 39.66 -45.19
CA PHE E 854 2.15 38.54 -45.05
C PHE E 854 2.35 37.77 -46.35
N ILE E 855 1.49 38.00 -47.34
CA ILE E 855 1.52 37.21 -48.57
C ILE E 855 2.71 37.60 -49.41
N PHE E 856 2.94 38.90 -49.57
CA PHE E 856 4.03 39.43 -50.38
C PHE E 856 4.80 40.45 -49.54
N PRO E 857 5.46 40.00 -48.49
CA PRO E 857 6.25 40.91 -47.67
C PRO E 857 7.58 41.24 -48.31
N ILE E 858 8.19 42.33 -47.84
CA ILE E 858 9.52 42.69 -48.31
C ILE E 858 10.51 41.64 -47.80
N GLY E 859 11.34 41.13 -48.70
CA GLY E 859 12.29 40.10 -48.34
C GLY E 859 11.70 38.72 -48.18
N GLY E 860 10.46 38.51 -48.60
CA GLY E 860 9.85 37.18 -48.57
C GLY E 860 9.50 36.70 -49.96
N ILE E 861 9.89 37.47 -50.97
CA ILE E 861 9.56 37.21 -52.38
C ILE E 861 10.82 36.77 -53.10
N ASN E 862 10.76 35.59 -53.71
CA ASN E 862 11.89 35.06 -54.45
C ASN E 862 12.08 35.86 -55.74
N CYS E 863 13.34 36.20 -56.05
CA CYS E 863 13.68 37.09 -57.15
C CYS E 863 14.66 36.43 -58.12
N SER E 864 14.41 35.18 -58.45
CA SER E 864 15.15 34.49 -59.48
C SER E 864 14.36 34.54 -60.79
N VAL E 865 15.10 34.49 -61.90
CA VAL E 865 14.43 34.46 -63.21
C VAL E 865 13.45 33.31 -63.24
N LYS E 866 13.86 32.16 -62.72
CA LYS E 866 12.95 31.03 -62.72
C LYS E 866 11.81 31.29 -61.75
N ALA E 867 12.17 31.67 -60.52
CA ALA E 867 11.24 31.74 -59.41
C ALA E 867 10.16 32.79 -59.64
N LEU E 868 10.49 33.87 -60.34
CA LEU E 868 9.50 34.91 -60.55
C LEU E 868 8.35 34.46 -61.43
N ASN E 869 8.62 33.60 -62.40
CA ASN E 869 7.57 33.23 -63.34
C ASN E 869 6.35 32.69 -62.62
N LYS E 870 6.57 32.02 -61.47
CA LYS E 870 5.45 31.67 -60.62
C LYS E 870 4.92 32.90 -59.88
N GLU E 871 5.81 33.72 -59.34
CA GLU E 871 5.37 34.64 -58.30
C GLU E 871 4.61 35.82 -58.90
N THR E 872 5.08 36.34 -60.03
CA THR E 872 4.29 37.32 -60.77
C THR E 872 2.98 36.71 -61.22
N SER E 873 3.03 35.46 -61.71
CA SER E 873 1.82 34.76 -62.12
C SER E 873 1.08 34.20 -60.90
N PHE E 874 1.73 34.18 -59.74
CA PHE E 874 1.02 33.93 -58.49
C PHE E 874 0.15 35.13 -58.09
N ASN E 875 0.62 36.34 -58.38
CA ASN E 875 -0.10 37.54 -57.96
C ASN E 875 -1.43 37.68 -58.70
N LYS E 876 -1.41 37.53 -60.03
CA LYS E 876 -2.60 37.69 -60.86
C LYS E 876 -3.74 36.83 -60.37
N LEU E 877 -3.46 35.56 -60.06
CA LEU E 877 -4.52 34.64 -59.67
C LEU E 877 -5.18 35.10 -58.38
N ILE E 878 -4.37 35.64 -57.47
CA ILE E 878 -4.90 36.12 -56.20
C ILE E 878 -5.82 37.31 -56.42
N ASP E 879 -5.38 38.29 -57.23
CA ASP E 879 -6.21 39.47 -57.49
C ASP E 879 -7.54 39.06 -58.09
N GLU E 880 -7.50 38.08 -58.98
CA GLU E 880 -8.70 37.69 -59.72
C GLU E 880 -9.72 37.04 -58.80
N ILE E 881 -9.26 36.38 -57.74
CA ILE E 881 -10.18 35.81 -56.76
C ILE E 881 -10.73 36.89 -55.84
N VAL E 882 -9.84 37.70 -55.28
CA VAL E 882 -10.25 38.68 -54.27
C VAL E 882 -11.21 39.70 -54.88
N GLY E 883 -10.97 40.08 -56.14
CA GLY E 883 -11.79 41.07 -56.83
C GLY E 883 -11.22 42.46 -56.83
N ASP E 884 -10.25 42.75 -55.96
CA ASP E 884 -9.48 43.98 -56.02
C ASP E 884 -8.02 43.62 -56.16
N LYS E 885 -7.30 44.49 -56.87
CA LYS E 885 -5.92 44.19 -57.24
C LYS E 885 -4.99 44.62 -56.10
N LEU E 886 -4.11 43.70 -55.69
CA LEU E 886 -3.54 43.76 -54.34
C LEU E 886 -2.45 44.82 -54.23
N LEU E 887 -1.40 44.69 -55.03
CA LEU E 887 -0.29 45.65 -55.00
C LEU E 887 -0.14 46.29 -56.36
N SER E 888 0.06 47.62 -56.37
CA SER E 888 0.31 48.32 -57.63
C SER E 888 1.64 47.87 -58.22
N ASP E 889 1.75 47.92 -59.54
CA ASP E 889 3.01 47.57 -60.18
C ASP E 889 4.15 48.35 -59.53
N GLU E 890 3.94 49.65 -59.43
CA GLU E 890 4.77 50.57 -58.70
C GLU E 890 4.82 50.27 -57.21
N GLU E 891 3.97 49.37 -56.69
CA GLU E 891 4.33 48.74 -55.43
C GLU E 891 4.96 47.38 -55.67
N TRP E 892 4.60 46.73 -56.78
CA TRP E 892 5.17 45.43 -57.13
C TRP E 892 6.64 45.53 -57.51
N ASP E 893 7.03 46.62 -58.18
CA ASP E 893 8.42 46.77 -58.62
C ASP E 893 9.40 46.83 -57.45
N TYR E 894 9.05 47.53 -56.38
CA TYR E 894 9.97 47.58 -55.24
C TYR E 894 10.15 46.21 -54.61
N LEU E 895 9.12 45.36 -54.63
CA LEU E 895 9.24 44.04 -54.03
C LEU E 895 10.31 43.20 -54.73
N THR E 896 10.35 43.24 -56.05
CA THR E 896 11.10 42.26 -56.83
C THR E 896 12.43 42.79 -57.41
N LYS E 897 12.74 44.05 -57.19
CA LYS E 897 13.98 44.61 -57.71
C LYS E 897 15.03 44.66 -56.61
N PHE E 910 5.47 52.12 -47.18
CA PHE E 910 4.66 51.14 -47.90
C PHE E 910 3.58 50.55 -46.99
N GLN E 911 2.34 50.95 -47.23
CA GLN E 911 1.21 50.42 -46.49
C GLN E 911 0.71 49.12 -47.12
N ASN E 912 -0.04 48.35 -46.34
CA ASN E 912 -0.58 47.07 -46.78
C ASN E 912 0.51 46.10 -47.21
N THR E 913 1.73 46.26 -46.68
CA THR E 913 2.82 45.34 -46.98
C THR E 913 3.85 45.44 -45.87
N ILE E 914 4.30 44.29 -45.37
CA ILE E 914 5.27 44.25 -44.30
C ILE E 914 6.66 44.55 -44.85
N THR E 915 7.33 45.55 -44.25
CA THR E 915 8.62 46.00 -44.72
C THR E 915 9.71 45.96 -43.66
N SER E 916 9.40 45.52 -42.44
CA SER E 916 10.35 45.56 -41.34
C SER E 916 10.65 44.19 -40.75
N LEU E 917 9.91 43.15 -41.13
CA LEU E 917 10.16 41.82 -40.59
C LEU E 917 11.39 41.17 -41.22
N ASN E 918 11.73 41.56 -42.44
CA ASN E 918 12.87 40.93 -43.12
C ASN E 918 14.14 41.02 -42.27
N SER E 919 14.46 42.22 -41.80
CA SER E 919 15.70 42.46 -41.08
C SER E 919 15.50 42.38 -39.56
N SER E 920 14.50 41.64 -39.10
CA SER E 920 14.29 41.42 -37.68
C SER E 920 15.01 40.15 -37.27
N THR E 921 15.90 40.26 -36.28
CA THR E 921 16.72 39.14 -35.85
C THR E 921 15.90 38.14 -35.05
N ILE E 922 16.24 36.87 -35.19
CA ILE E 922 15.55 35.77 -34.52
C ILE E 922 16.49 35.20 -33.45
N VAL E 923 15.92 34.87 -32.28
CA VAL E 923 16.75 34.34 -31.21
C VAL E 923 17.42 33.05 -31.66
N GLY E 924 18.65 32.84 -31.20
CA GLY E 924 19.38 31.62 -31.47
C GLY E 924 20.00 31.62 -32.85
N ALA E 925 19.40 32.33 -33.80
CA ALA E 925 20.01 32.48 -35.12
C ALA E 925 21.29 33.26 -34.98
N SER E 926 22.43 32.57 -35.01
CA SER E 926 23.69 33.23 -34.75
C SER E 926 23.97 34.33 -35.77
N TYR E 927 23.43 34.18 -36.98
CA TYR E 927 23.62 35.15 -38.04
C TYR E 927 25.08 35.54 -38.23
N ASP E 928 25.97 34.54 -38.20
CA ASP E 928 27.39 34.79 -38.36
C ASP E 928 27.92 34.25 -39.69
N LYS E 929 27.19 33.30 -40.27
CA LYS E 929 27.59 32.70 -41.54
C LYS E 929 26.90 33.38 -42.72
N ASP E 930 27.44 33.15 -43.92
CA ASP E 930 26.87 33.74 -45.13
C ASP E 930 26.34 32.65 -46.07
N THR E 931 25.45 33.04 -46.97
CA THR E 931 24.86 32.11 -47.92
C THR E 931 25.93 31.49 -48.82
N PRO E 932 25.76 30.20 -49.15
CA PRO E 932 26.71 29.48 -50.01
C PRO E 932 26.69 30.01 -51.44
N ALA E 933 27.83 29.92 -52.12
CA ALA E 933 27.93 30.39 -53.50
C ALA E 933 27.62 29.27 -54.50
N ARG E 934 27.96 29.51 -55.75
CA ARG E 934 27.73 28.55 -56.83
C ARG E 934 26.30 28.00 -56.83
N LYS F 35 -0.53 -56.96 19.68
CA LYS F 35 0.71 -56.28 20.05
C LYS F 35 1.02 -56.40 21.54
N SER F 36 2.30 -56.39 21.88
CA SER F 36 2.69 -56.21 23.27
C SER F 36 2.33 -54.80 23.75
N LEU F 37 2.30 -53.83 22.84
CA LEU F 37 1.89 -52.47 23.20
C LEU F 37 0.41 -52.40 23.57
N ARG F 38 -0.44 -53.16 22.90
CA ARG F 38 -1.82 -53.18 23.36
C ARG F 38 -1.92 -53.84 24.73
N ASP F 39 -1.13 -54.89 24.97
CA ASP F 39 -1.04 -55.43 26.32
C ASP F 39 -0.67 -54.32 27.30
N GLN F 40 0.35 -53.53 26.96
CA GLN F 40 0.63 -52.26 27.65
C GLN F 40 -0.64 -51.50 28.01
N LEU F 41 -1.40 -51.10 27.00
CA LEU F 41 -2.50 -50.17 27.25
C LEU F 41 -3.54 -50.82 28.17
N VAL F 42 -3.94 -52.05 27.85
CA VAL F 42 -4.88 -52.80 28.71
C VAL F 42 -4.38 -52.84 30.14
N GLU F 43 -3.12 -53.17 30.31
CA GLU F 43 -2.61 -53.64 31.59
C GLU F 43 -2.31 -52.48 32.51
N SER F 44 -1.82 -51.38 31.94
CA SER F 44 -1.73 -50.12 32.68
C SER F 44 -3.11 -49.56 33.00
N ILE F 45 -4.08 -49.69 32.08
CA ILE F 45 -5.44 -49.29 32.43
C ILE F 45 -5.96 -50.12 33.60
N ARG F 46 -5.67 -51.42 33.56
CA ARG F 46 -6.11 -52.32 34.62
C ARG F 46 -5.64 -51.84 35.98
N ASN F 47 -4.35 -51.57 36.12
CA ASN F 47 -3.84 -51.07 37.39
C ASN F 47 -3.76 -49.55 37.44
N SER F 48 -4.59 -48.85 36.65
CA SER F 48 -4.71 -47.40 36.75
C SER F 48 -5.88 -46.95 37.62
N ILE F 49 -6.79 -47.87 37.97
CA ILE F 49 -7.94 -47.52 38.79
C ILE F 49 -7.82 -48.09 40.21
N ALA F 50 -6.99 -49.10 40.44
CA ALA F 50 -6.82 -49.68 41.76
C ALA F 50 -6.19 -48.67 42.72
N ARG F 69 -5.33 -36.11 34.66
CA ARG F 69 -6.57 -36.85 34.44
C ARG F 69 -6.30 -38.35 34.41
N ASN F 70 -7.31 -39.12 34.00
CA ASN F 70 -7.21 -40.56 33.80
C ASN F 70 -7.41 -40.90 32.33
N VAL F 71 -6.80 -40.11 31.45
CA VAL F 71 -7.01 -40.20 30.02
C VAL F 71 -5.74 -40.73 29.38
N PHE F 72 -5.89 -41.76 28.55
CA PHE F 72 -4.79 -42.36 27.81
C PHE F 72 -4.88 -41.93 26.35
N PHE F 73 -3.78 -41.42 25.81
CA PHE F 73 -3.74 -40.94 24.44
C PHE F 73 -2.85 -41.83 23.60
N VAL F 74 -3.27 -42.09 22.37
CA VAL F 74 -2.53 -42.92 21.41
C VAL F 74 -2.22 -42.08 20.19
N ASP F 75 -0.95 -42.00 19.82
CA ASP F 75 -0.53 -41.31 18.61
C ASP F 75 -0.72 -42.23 17.40
N GLY F 76 -0.64 -41.64 16.21
CA GLY F 76 -0.72 -42.40 14.98
C GLY F 76 -0.87 -41.52 13.75
N ALA F 80 0.45 -50.13 13.62
CA ALA F 80 0.05 -49.63 12.32
C ALA F 80 -1.08 -48.60 12.43
N GLY F 81 -2.25 -49.03 12.92
CA GLY F 81 -3.46 -48.23 12.81
C GLY F 81 -4.10 -47.90 14.15
N LYS F 82 -4.57 -46.66 14.26
CA LYS F 82 -5.29 -46.21 15.45
C LYS F 82 -6.60 -46.96 15.63
N THR F 83 -7.43 -47.01 14.61
CA THR F 83 -8.73 -47.66 14.75
C THR F 83 -8.56 -49.13 15.15
N THR F 84 -7.67 -49.84 14.46
CA THR F 84 -7.47 -51.25 14.75
C THR F 84 -6.95 -51.46 16.17
N PHE F 85 -5.99 -50.64 16.60
CA PHE F 85 -5.44 -50.75 17.94
C PHE F 85 -6.51 -50.46 18.99
N ILE F 86 -7.33 -49.44 18.76
CA ILE F 86 -8.39 -49.09 19.71
C ILE F 86 -9.36 -50.26 19.86
N ASN F 87 -9.75 -50.85 18.73
CA ASN F 87 -10.66 -51.98 18.80
C ASN F 87 -10.03 -53.18 19.51
N SER F 88 -8.74 -53.44 19.24
CA SER F 88 -8.05 -54.50 19.94
C SER F 88 -8.11 -54.28 21.45
N VAL F 89 -7.86 -53.05 21.89
CA VAL F 89 -7.91 -52.75 23.32
C VAL F 89 -9.31 -52.95 23.87
N VAL F 90 -10.32 -52.43 23.15
CA VAL F 90 -11.70 -52.59 23.61
C VAL F 90 -12.00 -54.04 23.90
N LYS F 91 -11.39 -54.92 23.11
CA LYS F 91 -11.67 -56.34 23.24
C LYS F 91 -10.94 -56.91 24.42
N SER F 92 -9.63 -56.73 24.42
CA SER F 92 -8.76 -57.25 25.46
C SER F 92 -9.32 -56.91 26.84
N LEU F 93 -10.20 -55.90 26.91
CA LEU F 93 -10.90 -55.58 28.13
C LEU F 93 -12.28 -56.23 28.23
N ASN F 94 -12.82 -56.74 27.13
CA ASN F 94 -14.16 -57.34 27.13
C ASN F 94 -15.20 -56.32 27.56
N VAL F 102 -11.00 -57.21 38.79
CA VAL F 102 -10.28 -57.15 37.52
C VAL F 102 -11.25 -56.74 36.40
N ASN F 103 -12.47 -56.37 36.78
CA ASN F 103 -13.49 -56.01 35.78
C ASN F 103 -13.36 -54.55 35.39
N ILE F 104 -13.48 -54.29 34.09
CA ILE F 104 -13.66 -52.95 33.55
C ILE F 104 -14.65 -53.04 32.41
N LYS F 105 -15.72 -52.26 32.49
CA LYS F 105 -16.64 -52.08 31.39
C LYS F 105 -16.02 -51.20 30.33
N CYS F 106 -16.42 -51.42 29.07
CA CYS F 106 -15.95 -50.62 27.95
C CYS F 106 -17.12 -50.27 27.04
N LEU F 107 -17.36 -48.97 26.87
CA LEU F 107 -18.37 -48.52 25.93
C LEU F 107 -17.92 -48.82 24.50
N PRO F 108 -18.86 -49.01 23.57
CA PRO F 108 -18.46 -49.12 22.16
C PRO F 108 -17.72 -47.87 21.71
N THR F 109 -16.71 -48.07 20.86
CA THR F 109 -15.86 -46.96 20.48
C THR F 109 -16.67 -45.89 19.78
N ILE F 110 -16.45 -44.65 20.20
CA ILE F 110 -17.15 -43.49 19.67
C ILE F 110 -16.28 -42.85 18.60
N ASP F 111 -16.83 -42.68 17.41
CA ASP F 111 -16.14 -41.96 16.35
C ASP F 111 -16.71 -40.55 16.28
N PRO F 112 -16.00 -39.53 16.79
CA PRO F 112 -16.60 -38.17 16.81
C PRO F 112 -16.91 -37.62 15.44
N THR F 113 -16.25 -38.11 14.39
CA THR F 113 -16.50 -37.62 13.04
C THR F 113 -17.74 -38.23 12.40
N LYS F 114 -18.29 -39.31 12.97
CA LYS F 114 -19.46 -39.97 12.42
C LYS F 114 -20.72 -39.71 13.22
N LEU F 115 -20.64 -38.98 14.33
CA LEU F 115 -21.81 -38.71 15.13
C LEU F 115 -22.69 -37.71 14.41
N PRO F 116 -23.98 -37.63 14.78
CA PRO F 116 -24.77 -36.50 14.33
C PRO F 116 -24.00 -35.26 14.59
N ARG F 117 -24.29 -34.27 13.80
CA ARG F 117 -23.53 -33.07 13.94
C ARG F 117 -23.70 -32.43 15.30
N HIS F 118 -24.79 -31.74 15.50
CA HIS F 118 -25.04 -30.97 16.69
C HIS F 118 -25.57 -32.00 17.68
N GLU F 119 -24.64 -32.72 18.31
CA GLU F 119 -25.02 -33.64 19.36
C GLU F 119 -23.86 -33.72 20.35
N PRO F 120 -24.06 -33.27 21.59
CA PRO F 120 -22.97 -33.31 22.57
C PRO F 120 -22.50 -34.74 22.82
N ILE F 121 -21.19 -34.87 23.05
CA ILE F 121 -20.59 -36.18 23.30
C ILE F 121 -21.24 -36.82 24.52
N LEU F 122 -21.67 -36.01 25.48
CA LEU F 122 -22.35 -36.55 26.66
C LEU F 122 -23.59 -37.33 26.24
N VAL F 123 -24.31 -36.87 25.23
CA VAL F 123 -25.52 -37.56 24.79
C VAL F 123 -25.16 -38.95 24.28
N THR F 124 -24.15 -39.04 23.41
CA THR F 124 -23.76 -40.34 22.86
C THR F 124 -23.26 -41.26 23.96
N VAL F 125 -22.42 -40.75 24.86
CA VAL F 125 -21.90 -41.58 25.94
C VAL F 125 -23.04 -42.10 26.80
N THR F 126 -23.99 -41.23 27.15
CA THR F 126 -25.10 -41.64 28.00
C THR F 126 -25.99 -42.64 27.29
N ALA F 127 -26.21 -42.48 25.98
CA ALA F 127 -27.04 -43.43 25.25
C ALA F 127 -26.38 -44.81 25.19
N ARG F 128 -25.07 -44.86 24.91
CA ARG F 128 -24.38 -46.14 24.89
C ARG F 128 -24.37 -46.79 26.27
N LEU F 129 -24.15 -45.98 27.31
CA LEU F 129 -24.22 -46.49 28.67
C LEU F 129 -25.62 -47.01 28.98
N ASN F 130 -26.64 -46.30 28.52
CA ASN F 130 -28.01 -46.74 28.75
C ASN F 130 -28.26 -48.07 28.08
N LYS F 131 -27.78 -48.26 26.86
CA LYS F 131 -28.00 -49.54 26.21
C LYS F 131 -27.26 -50.66 26.93
N MET F 132 -26.00 -50.43 27.33
CA MET F 132 -25.28 -51.48 28.05
C MET F 132 -25.98 -51.82 29.36
N VAL F 133 -26.41 -50.80 30.10
CA VAL F 133 -27.06 -51.02 31.39
C VAL F 133 -28.39 -51.72 31.21
N SER F 134 -29.16 -51.36 30.17
CA SER F 134 -30.47 -51.97 29.99
C SER F 134 -30.35 -53.39 29.45
N ASP F 135 -29.36 -53.65 28.59
CA ASP F 135 -29.11 -55.00 28.14
C ASP F 135 -28.74 -55.90 29.30
N LYS F 136 -27.91 -55.40 30.23
CA LYS F 136 -27.62 -56.18 31.43
C LYS F 136 -28.86 -56.31 32.31
N LEU F 137 -29.51 -55.19 32.63
CA LEU F 137 -30.68 -55.19 33.49
C LEU F 137 -31.75 -56.12 32.97
N LYS F 138 -31.73 -56.44 31.67
CA LYS F 138 -32.81 -57.24 31.12
C LYS F 138 -32.76 -58.68 31.60
N GLY F 139 -31.65 -59.37 31.40
CA GLY F 139 -31.50 -60.73 31.87
C GLY F 139 -31.73 -60.79 33.36
N TYR F 140 -31.76 -62.02 33.87
CA TYR F 140 -31.83 -62.30 35.31
C TYR F 140 -32.65 -61.27 36.08
N ARG F 147 -38.91 -52.78 38.58
CA ARG F 147 -37.91 -53.45 39.41
C ARG F 147 -37.14 -52.40 40.23
N LYS F 148 -36.59 -52.85 41.36
CA LYS F 148 -36.07 -51.90 42.35
C LYS F 148 -35.00 -50.99 41.76
N GLN F 149 -34.07 -51.55 41.01
CA GLN F 149 -32.93 -50.78 40.54
C GLN F 149 -33.28 -49.84 39.41
N LYS F 150 -34.37 -50.09 38.71
CA LYS F 150 -34.40 -49.59 37.34
C LYS F 150 -34.87 -48.15 37.29
N GLU F 151 -36.13 -47.90 37.65
CA GLU F 151 -36.66 -46.56 37.87
C GLU F 151 -35.68 -45.65 38.62
N GLN F 152 -34.74 -46.18 39.40
CA GLN F 152 -33.75 -45.28 40.00
C GLN F 152 -32.52 -45.12 39.10
N TRP F 153 -32.41 -45.90 38.02
CA TRP F 153 -31.55 -45.54 36.89
C TRP F 153 -32.25 -44.55 35.96
N GLN F 154 -33.55 -44.80 35.72
CA GLN F 154 -34.40 -43.88 34.98
C GLN F 154 -34.38 -42.50 35.59
N ASN F 155 -34.32 -42.43 36.93
CA ASN F 155 -34.43 -41.17 37.64
C ASN F 155 -33.30 -40.27 37.18
N HIS F 156 -32.08 -40.81 37.22
CA HIS F 156 -30.88 -40.08 36.83
C HIS F 156 -30.87 -39.84 35.33
N LEU F 157 -31.35 -40.79 34.53
CA LEU F 157 -31.42 -40.55 33.09
C LEU F 157 -32.34 -39.38 32.76
N ALA F 158 -33.54 -39.37 33.33
CA ALA F 158 -34.50 -38.30 33.07
C ALA F 158 -33.98 -36.97 33.60
N GLN F 159 -33.37 -36.97 34.79
CA GLN F 159 -32.90 -35.71 35.36
C GLN F 159 -31.67 -35.18 34.65
N LEU F 160 -30.79 -36.07 34.19
CA LEU F 160 -29.70 -35.67 33.30
C LEU F 160 -30.25 -35.07 32.03
N GLN F 161 -31.29 -35.70 31.47
CA GLN F 161 -31.94 -35.14 30.29
C GLN F 161 -32.40 -33.72 30.55
N ARG F 162 -33.30 -33.55 31.50
CA ARG F 162 -33.92 -32.26 31.73
C ARG F 162 -32.91 -31.24 32.22
N GLY F 163 -31.72 -31.69 32.60
CA GLY F 163 -30.60 -30.81 32.88
C GLY F 163 -29.69 -30.57 31.70
N LEU F 164 -30.09 -30.99 30.51
CA LEU F 164 -29.23 -30.96 29.32
C LEU F 164 -29.50 -29.78 28.41
N HIS F 165 -30.52 -28.98 28.70
CA HIS F 165 -30.69 -27.70 28.03
C HIS F 165 -29.49 -26.78 28.24
N LEU F 166 -28.71 -27.01 29.29
CA LEU F 166 -27.61 -26.12 29.62
C LEU F 166 -26.54 -26.11 28.53
N LEU F 167 -26.29 -27.28 27.92
CA LEU F 167 -25.21 -27.37 26.93
C LEU F 167 -25.60 -26.70 25.60
N THR F 168 -26.89 -26.61 25.30
CA THR F 168 -27.35 -26.29 23.95
C THR F 168 -27.92 -24.90 23.79
N ASP F 169 -28.30 -24.24 24.88
CA ASP F 169 -29.13 -23.04 24.77
C ASP F 169 -28.36 -21.88 24.17
N LYS F 170 -29.05 -21.09 23.34
CA LYS F 170 -28.51 -19.80 22.91
C LYS F 170 -28.25 -18.88 24.10
N GLU F 171 -29.07 -18.98 25.14
CA GLU F 171 -28.89 -18.13 26.31
C GLU F 171 -29.60 -18.76 27.49
N TYR F 172 -29.47 -18.09 28.64
CA TYR F 172 -30.16 -18.47 29.85
C TYR F 172 -31.50 -17.76 29.91
N LYS F 173 -32.56 -18.50 30.26
CA LYS F 173 -33.82 -17.82 30.56
C LYS F 173 -34.22 -18.11 32.00
N PRO F 174 -34.75 -17.12 32.72
CA PRO F 174 -35.03 -17.30 34.16
C PRO F 174 -35.87 -18.51 34.54
N GLU F 175 -36.65 -19.11 33.64
CA GLU F 175 -37.50 -20.23 34.04
C GLU F 175 -36.70 -21.40 34.60
N TYR F 176 -35.42 -21.44 34.25
CA TYR F 176 -34.37 -22.38 34.61
C TYR F 176 -33.82 -22.17 36.01
N PHE F 177 -34.14 -21.05 36.65
CA PHE F 177 -33.78 -20.90 38.05
C PHE F 177 -34.60 -21.85 38.91
N SER F 178 -35.91 -21.88 38.71
CA SER F 178 -36.75 -22.79 39.49
C SER F 178 -36.30 -24.22 39.33
N ASP F 179 -35.71 -24.54 38.18
CA ASP F 179 -35.21 -25.89 37.93
C ASP F 179 -33.97 -26.21 38.76
N ALA F 180 -33.28 -25.18 39.25
CA ALA F 180 -32.01 -25.34 39.94
C ALA F 180 -32.13 -25.27 41.46
N LEU F 181 -33.35 -25.11 42.01
CA LEU F 181 -33.53 -24.93 43.43
C LEU F 181 -34.18 -26.12 44.14
N LYS F 182 -34.63 -27.12 43.41
CA LYS F 182 -35.22 -28.31 44.01
C LYS F 182 -34.19 -29.42 44.13
N LEU F 183 -34.23 -30.12 45.24
CA LEU F 183 -33.25 -31.16 45.55
C LEU F 183 -33.92 -32.52 45.73
N SER F 190 -24.99 -33.20 45.00
CA SER F 190 -24.76 -32.91 46.40
C SER F 190 -24.05 -31.58 46.58
N ILE F 191 -24.13 -30.71 45.57
CA ILE F 191 -23.40 -29.45 45.60
C ILE F 191 -24.32 -28.25 45.50
N GLY F 192 -25.45 -28.40 44.83
CA GLY F 192 -26.36 -27.29 44.65
C GLY F 192 -26.53 -26.89 43.19
N GLY F 193 -27.76 -26.99 42.70
CA GLY F 193 -28.07 -26.60 41.34
C GLY F 193 -28.33 -27.78 40.43
N GLN F 194 -28.14 -27.56 39.14
CA GLN F 194 -28.38 -28.54 38.08
C GLN F 194 -27.09 -28.85 37.35
N ASP F 195 -25.98 -28.95 38.08
CA ASP F 195 -24.69 -29.13 37.43
C ASP F 195 -24.63 -30.50 36.79
N LEU F 196 -24.51 -30.53 35.46
CA LEU F 196 -24.56 -31.79 34.70
C LEU F 196 -23.42 -32.72 35.04
N SER F 197 -22.29 -32.17 35.47
CA SER F 197 -21.18 -33.01 35.92
C SER F 197 -21.61 -33.97 37.02
N GLU F 198 -22.28 -33.47 38.06
CA GLU F 198 -22.67 -34.32 39.17
C GLU F 198 -23.64 -35.39 38.72
N ILE F 199 -24.63 -34.99 37.92
CA ILE F 199 -25.67 -35.93 37.50
C ILE F 199 -25.07 -37.04 36.66
N PHE F 200 -24.12 -36.70 35.78
CA PHE F 200 -23.47 -37.72 34.98
C PHE F 200 -22.58 -38.61 35.84
N GLU F 201 -21.94 -38.05 36.86
CA GLU F 201 -21.11 -38.89 37.71
C GLU F 201 -21.92 -39.88 38.53
N GLU F 202 -23.11 -39.48 39.01
CA GLU F 202 -24.06 -40.43 39.59
C GLU F 202 -24.60 -41.40 38.57
N LEU F 203 -24.77 -40.96 37.31
CA LEU F 203 -25.19 -41.91 36.30
C LEU F 203 -24.14 -43.00 36.11
N VAL F 204 -22.87 -42.61 36.15
CA VAL F 204 -21.79 -43.57 36.02
C VAL F 204 -21.74 -44.47 37.25
N LYS F 205 -21.99 -43.91 38.44
CA LYS F 205 -22.08 -44.75 39.63
C LYS F 205 -23.20 -45.77 39.50
N ARG F 206 -24.37 -45.32 39.03
CA ARG F 206 -25.45 -46.23 38.66
C ARG F 206 -24.94 -47.37 37.81
N ALA F 207 -24.34 -47.02 36.67
CA ALA F 207 -23.96 -48.04 35.69
C ALA F 207 -22.95 -49.01 36.27
N CYS F 208 -22.00 -48.50 37.07
CA CYS F 208 -20.99 -49.37 37.66
C CYS F 208 -21.60 -50.32 38.68
N GLU F 209 -22.54 -49.84 39.50
CA GLU F 209 -23.23 -50.73 40.43
C GLU F 209 -24.01 -51.81 39.68
N ILE F 210 -24.70 -51.42 38.60
CA ILE F 210 -25.57 -52.36 37.90
C ILE F 210 -24.75 -53.41 37.16
N LEU F 211 -23.68 -52.98 36.50
CA LEU F 211 -22.96 -53.83 35.55
C LEU F 211 -21.90 -54.72 36.20
N ASP F 212 -21.72 -54.65 37.52
CA ASP F 212 -20.59 -55.33 38.17
C ASP F 212 -19.28 -54.92 37.52
N CYS F 213 -19.00 -53.62 37.57
CA CYS F 213 -17.74 -53.05 37.13
C CYS F 213 -17.43 -51.84 37.99
N LYS F 214 -16.16 -51.47 38.00
CA LYS F 214 -15.72 -50.27 38.70
C LYS F 214 -15.66 -49.08 37.76
N ALA F 215 -14.93 -49.23 36.66
CA ALA F 215 -14.67 -48.11 35.77
C ALA F 215 -15.14 -48.47 34.38
N ILE F 216 -15.67 -47.46 33.70
CA ILE F 216 -16.27 -47.62 32.38
C ILE F 216 -15.39 -46.90 31.38
N LEU F 217 -14.83 -47.65 30.45
CA LEU F 217 -13.83 -47.12 29.52
C LEU F 217 -14.55 -46.40 28.38
N ILE F 218 -14.54 -45.08 28.42
CA ILE F 218 -15.02 -44.27 27.31
C ILE F 218 -13.86 -44.07 26.35
N THR F 219 -13.95 -44.71 25.18
CA THR F 219 -12.85 -44.73 24.22
C THR F 219 -13.25 -43.96 22.98
N PHE F 220 -12.44 -42.97 22.62
CA PHE F 220 -12.74 -42.06 21.53
C PHE F 220 -11.85 -42.36 20.33
N ASP F 221 -12.44 -42.35 19.15
CA ASP F 221 -11.76 -42.78 17.95
C ASP F 221 -11.12 -41.58 17.25
N ASP F 222 -10.24 -41.86 16.30
CA ASP F 222 -9.48 -40.81 15.65
C ASP F 222 -10.38 -39.87 14.84
N ILE F 223 -9.89 -38.64 14.68
CA ILE F 223 -10.68 -37.52 14.20
C ILE F 223 -10.00 -36.85 13.02
N ASP F 224 -9.18 -37.60 12.28
CA ASP F 224 -8.39 -36.98 11.23
C ASP F 224 -9.29 -36.37 10.16
N THR F 225 -10.44 -37.02 9.91
CA THR F 225 -11.34 -36.59 8.86
C THR F 225 -11.81 -35.15 9.08
N GLN F 226 -12.32 -34.85 10.28
CA GLN F 226 -12.93 -33.55 10.58
C GLN F 226 -12.67 -33.28 12.06
N PHE F 227 -11.63 -32.51 12.36
CA PHE F 227 -11.15 -32.37 13.73
C PHE F 227 -11.85 -31.25 14.53
N ASP F 228 -12.97 -30.70 14.05
CA ASP F 228 -13.79 -29.87 14.95
C ASP F 228 -14.34 -30.69 16.11
N ALA F 229 -14.84 -31.89 15.83
CA ALA F 229 -15.48 -32.66 16.87
C ALA F 229 -14.52 -32.95 18.02
N GLY F 230 -13.21 -32.85 17.77
CA GLY F 230 -12.26 -33.02 18.84
C GLY F 230 -12.46 -32.04 19.98
N TRP F 231 -12.97 -30.85 19.69
CA TRP F 231 -13.18 -29.88 20.77
C TRP F 231 -14.29 -30.32 21.70
N ASP F 232 -15.39 -30.82 21.15
CA ASP F 232 -16.45 -31.35 21.99
C ASP F 232 -15.93 -32.52 22.81
N VAL F 233 -15.10 -33.36 22.20
CA VAL F 233 -14.51 -34.48 22.92
C VAL F 233 -13.67 -33.99 24.10
N LEU F 234 -12.83 -32.99 23.85
CA LEU F 234 -11.97 -32.46 24.90
C LEU F 234 -12.78 -31.84 26.02
N GLU F 235 -13.81 -31.06 25.66
CA GLU F 235 -14.63 -30.41 26.68
C GLU F 235 -15.40 -31.43 27.50
N SER F 236 -15.93 -32.47 26.85
CA SER F 236 -16.64 -33.52 27.58
C SER F 236 -15.69 -34.27 28.50
N ILE F 237 -14.48 -34.54 28.05
CA ILE F 237 -13.48 -35.19 28.90
C ILE F 237 -13.18 -34.32 30.11
N ARG F 238 -12.99 -33.02 29.88
CA ARG F 238 -12.64 -32.11 30.97
C ARG F 238 -13.78 -31.98 31.98
N LYS F 239 -15.01 -31.84 31.50
CA LYS F 239 -16.11 -31.43 32.36
C LYS F 239 -16.97 -32.59 32.87
N PHE F 240 -17.02 -33.72 32.16
CA PHE F 240 -17.97 -34.78 32.48
C PHE F 240 -17.35 -36.15 32.74
N PHE F 241 -16.27 -36.52 32.04
CA PHE F 241 -15.70 -37.85 32.15
C PHE F 241 -14.58 -37.90 33.16
N ASN F 242 -14.54 -36.90 34.03
CA ASN F 242 -13.50 -36.71 35.03
C ASN F 242 -14.05 -37.40 36.25
N SER F 243 -13.68 -38.66 36.41
CA SER F 243 -14.27 -39.43 37.48
C SER F 243 -13.63 -40.80 37.44
N ARG F 244 -13.63 -41.46 38.58
CA ARG F 244 -12.89 -42.69 38.70
C ARG F 244 -13.54 -43.79 37.94
N LYS F 245 -14.84 -43.82 38.04
CA LYS F 245 -15.71 -44.77 37.38
C LYS F 245 -15.61 -44.64 35.86
N LEU F 246 -14.77 -43.72 35.38
CA LEU F 246 -14.52 -43.53 33.97
C LEU F 246 -13.03 -43.48 33.72
N VAL F 247 -12.57 -44.24 32.73
CA VAL F 247 -11.23 -44.15 32.19
C VAL F 247 -11.36 -43.88 30.71
N VAL F 248 -10.65 -42.89 30.21
CA VAL F 248 -10.82 -42.41 28.84
C VAL F 248 -9.59 -42.78 28.03
N VAL F 249 -9.82 -43.37 26.87
CA VAL F 249 -8.76 -43.63 25.89
C VAL F 249 -9.11 -42.85 24.63
N ALA F 250 -8.34 -41.80 24.37
CA ALA F 250 -8.48 -41.01 23.17
C ALA F 250 -7.31 -41.30 22.24
N THR F 251 -7.52 -41.08 20.94
CA THR F 251 -6.47 -41.31 19.97
C THR F 251 -6.57 -40.24 18.88
N GLY F 252 -5.47 -40.07 18.17
CA GLY F 252 -5.38 -39.07 17.14
C GLY F 252 -3.96 -38.55 17.05
N ASP F 253 -3.84 -37.33 16.56
CA ASP F 253 -2.55 -36.66 16.41
C ASP F 253 -2.58 -35.38 17.24
N LEU F 254 -1.61 -35.24 18.14
CA LEU F 254 -1.67 -34.17 19.13
C LEU F 254 -1.50 -32.78 18.51
N ARG F 255 -0.96 -32.68 17.29
CA ARG F 255 -0.95 -31.40 16.60
C ARG F 255 -2.37 -30.92 16.34
N LEU F 256 -3.26 -31.84 15.98
CA LEU F 256 -4.64 -31.49 15.70
C LEU F 256 -5.32 -30.89 16.93
N TYR F 257 -5.16 -31.56 18.08
CA TYR F 257 -5.73 -31.05 19.33
C TYR F 257 -5.05 -29.75 19.76
N SER F 258 -3.73 -29.63 19.52
CA SER F 258 -3.05 -28.36 19.74
C SER F 258 -3.73 -27.23 18.98
N GLN F 259 -3.96 -27.45 17.70
CA GLN F 259 -4.68 -26.51 16.83
C GLN F 259 -6.03 -26.15 17.40
N LEU F 260 -6.82 -27.16 17.74
CA LEU F 260 -8.16 -26.90 18.24
C LEU F 260 -8.12 -26.03 19.49
N ILE F 261 -7.25 -26.39 20.43
CA ILE F 261 -7.19 -25.68 21.71
C ILE F 261 -6.66 -24.27 21.53
N ARG F 262 -5.63 -24.11 20.70
CA ARG F 262 -5.08 -22.79 20.46
C ARG F 262 -6.12 -21.86 19.84
N GLY F 263 -6.84 -22.36 18.82
CA GLY F 263 -7.89 -21.56 18.23
C GLY F 263 -8.96 -21.19 19.24
N LYS F 264 -9.37 -22.16 20.06
CA LYS F 264 -10.38 -21.87 21.08
C LYS F 264 -9.87 -20.88 22.12
N GLN F 265 -8.57 -20.93 22.44
CA GLN F 265 -8.01 -19.96 23.36
C GLN F 265 -7.97 -18.58 22.73
N TYR F 266 -7.66 -18.51 21.43
CA TYR F 266 -7.68 -17.19 20.82
C TYR F 266 -9.11 -16.66 20.79
N GLU F 267 -10.09 -17.57 20.71
CA GLU F 267 -11.49 -17.17 20.71
C GLU F 267 -11.83 -16.33 21.93
N ASN F 268 -11.20 -16.59 23.07
CA ASN F 268 -11.57 -15.85 24.27
C ASN F 268 -11.18 -14.39 24.22
N TYR F 269 -10.10 -14.02 23.54
CA TYR F 269 -9.74 -12.62 23.48
C TYR F 269 -10.87 -11.81 22.84
N SER F 270 -11.14 -10.66 23.44
CA SER F 270 -12.19 -9.79 22.92
C SER F 270 -11.86 -9.28 21.52
N LYS F 271 -12.92 -9.10 20.71
CA LYS F 271 -12.78 -8.67 19.32
C LYS F 271 -11.92 -7.42 19.18
N THR F 272 -12.46 -6.32 19.65
CA THR F 272 -11.90 -5.02 19.32
C THR F 272 -10.56 -4.85 19.97
N LEU F 273 -10.32 -5.57 21.06
CA LEU F 273 -8.96 -5.69 21.57
C LEU F 273 -8.03 -6.24 20.51
N LEU F 274 -8.43 -7.33 19.85
CA LEU F 274 -7.58 -7.93 18.83
C LEU F 274 -7.37 -6.99 17.64
N GLU F 275 -8.42 -6.29 17.21
CA GLU F 275 -8.22 -5.33 16.12
C GLU F 275 -7.48 -4.06 16.55
N GLN F 276 -7.34 -3.79 17.84
CA GLN F 276 -6.70 -2.56 18.30
C GLN F 276 -5.23 -2.74 18.61
N GLU F 277 -4.90 -3.74 19.44
CA GLU F 277 -3.52 -3.95 19.85
C GLU F 277 -2.88 -4.87 18.83
N LYS F 278 -2.16 -4.29 17.88
CA LYS F 278 -1.60 -5.05 16.77
C LYS F 278 -0.13 -4.73 16.58
N GLU F 279 0.53 -4.26 17.63
CA GLU F 279 1.97 -4.11 17.60
C GLU F 279 2.60 -5.50 17.60
N SER F 280 3.87 -5.56 17.21
CA SER F 280 4.53 -6.85 17.18
C SER F 280 4.63 -7.43 18.58
N VAL F 281 4.79 -6.56 19.58
CA VAL F 281 4.89 -7.02 20.97
C VAL F 281 3.58 -7.65 21.43
N ARG F 282 2.44 -7.09 21.02
CA ARG F 282 1.15 -7.60 21.47
C ARG F 282 0.87 -8.97 20.89
N LEU F 283 1.04 -9.13 19.58
CA LEU F 283 0.91 -10.44 18.97
C LEU F 283 1.91 -11.42 19.58
N ALA F 284 3.12 -10.95 19.87
CA ALA F 284 4.15 -11.83 20.42
C ALA F 284 3.76 -12.35 21.81
N GLU F 285 3.35 -11.45 22.69
CA GLU F 285 2.96 -11.87 24.04
C GLU F 285 1.67 -12.70 24.02
N ARG F 286 0.70 -12.33 23.19
CA ARG F 286 -0.49 -13.16 23.11
C ARG F 286 -0.17 -14.54 22.54
N GLY F 287 0.83 -14.63 21.66
CA GLY F 287 1.29 -15.94 21.21
C GLY F 287 1.93 -16.75 22.32
N TYR F 288 2.82 -16.13 23.09
CA TYR F 288 3.39 -16.82 24.24
C TYR F 288 2.29 -17.24 25.20
N MET F 289 1.21 -16.48 25.21
CA MET F 289 0.21 -16.67 26.23
C MET F 289 -0.72 -17.81 25.86
N VAL F 290 -1.20 -17.79 24.61
CA VAL F 290 -1.94 -18.92 24.09
C VAL F 290 -1.07 -20.18 24.10
N GLU F 291 0.24 -20.02 23.90
CA GLU F 291 1.17 -21.08 24.27
C GLU F 291 0.91 -21.65 25.64
N HIS F 292 1.08 -20.82 26.66
CA HIS F 292 1.00 -21.34 28.02
C HIS F 292 -0.33 -22.02 28.25
N LEU F 293 -1.42 -21.39 27.79
CA LEU F 293 -2.75 -21.94 28.03
C LEU F 293 -2.94 -23.28 27.31
N GLU F 294 -2.60 -23.33 26.02
CA GLU F 294 -2.77 -24.56 25.25
C GLU F 294 -1.91 -25.69 25.83
N GLN F 295 -0.67 -25.38 26.18
CA GLN F 295 0.21 -26.38 26.77
C GLN F 295 -0.37 -26.92 28.08
N GLN F 296 -0.82 -26.03 28.96
CA GLN F 296 -1.37 -26.50 30.22
C GLN F 296 -2.62 -27.34 29.97
N TYR F 297 -3.46 -26.91 29.03
CA TYR F 297 -4.66 -27.68 28.68
C TYR F 297 -4.29 -29.11 28.28
N LEU F 298 -3.27 -29.25 27.43
CA LEU F 298 -2.86 -30.58 26.97
C LEU F 298 -2.15 -31.41 28.02
N LEU F 299 -1.28 -30.80 28.82
CA LEU F 299 -0.72 -31.56 29.93
C LEU F 299 -1.81 -32.00 30.90
N LYS F 300 -2.92 -31.26 30.94
CA LYS F 300 -4.03 -31.60 31.82
C LYS F 300 -4.82 -32.78 31.28
N LEU F 301 -5.36 -32.64 30.06
CA LEU F 301 -6.26 -33.67 29.54
C LEU F 301 -5.53 -34.92 29.11
N PHE F 302 -4.28 -34.79 28.66
CA PHE F 302 -3.49 -35.91 28.17
C PHE F 302 -2.19 -35.97 28.96
N PRO F 303 -2.18 -36.60 30.13
CA PRO F 303 -0.93 -36.73 30.90
C PRO F 303 0.13 -37.45 30.08
N VAL F 304 1.37 -37.00 30.23
CA VAL F 304 2.47 -37.52 29.42
C VAL F 304 2.69 -39.00 29.71
N GLN F 305 2.63 -39.38 30.98
CA GLN F 305 2.89 -40.76 31.35
C GLN F 305 1.86 -41.72 30.77
N LYS F 306 0.70 -41.23 30.33
CA LYS F 306 -0.38 -42.07 29.83
C LYS F 306 -0.46 -42.08 28.31
N ARG F 307 0.52 -41.53 27.61
CA ARG F 307 0.50 -41.46 26.16
C ARG F 307 1.14 -42.71 25.55
N ILE F 308 0.53 -43.22 24.49
CA ILE F 308 0.91 -44.50 23.90
C ILE F 308 1.75 -44.27 22.65
N GLN F 309 2.74 -45.13 22.45
CA GLN F 309 3.60 -45.17 21.28
C GLN F 309 2.86 -45.21 19.95
N LEU F 310 2.26 -46.35 19.63
CA LEU F 310 1.86 -46.62 18.24
C LEU F 310 3.01 -46.25 17.28
N LYS F 311 4.14 -47.16 17.32
CA LYS F 311 5.33 -47.00 16.50
C LYS F 311 4.90 -46.83 15.04
N THR F 312 5.88 -46.82 14.15
CA THR F 312 5.59 -46.87 12.74
C THR F 312 6.15 -48.14 12.13
N MET F 313 5.97 -48.26 10.82
CA MET F 313 6.38 -49.48 10.13
C MET F 313 7.88 -49.72 10.23
N LEU F 314 8.67 -48.70 9.86
CA LEU F 314 10.12 -48.87 9.84
C LEU F 314 10.65 -49.34 11.19
N GLN F 315 9.97 -48.96 12.27
CA GLN F 315 10.34 -49.45 13.59
C GLN F 315 9.93 -50.89 13.81
N LEU F 316 8.91 -51.38 13.10
CA LEU F 316 8.48 -52.76 13.21
C LEU F 316 9.30 -53.71 12.34
N VAL F 317 10.18 -53.18 11.51
CA VAL F 317 11.05 -53.98 10.65
C VAL F 317 12.48 -53.51 10.84
N GLY F 318 13.40 -54.22 10.20
CA GLY F 318 14.80 -53.88 10.34
C GLY F 318 15.15 -52.54 9.72
N GLU F 319 16.17 -51.89 10.28
CA GLU F 319 16.67 -50.64 9.72
C GLU F 319 17.51 -50.91 8.49
N LYS F 320 18.61 -51.66 8.66
CA LYS F 320 19.47 -52.08 7.57
C LYS F 320 19.89 -53.54 7.72
N GLY F 321 19.09 -54.35 8.40
CA GLY F 321 19.44 -55.72 8.73
C GLY F 321 19.89 -55.93 10.15
N LYS F 322 20.07 -54.86 10.92
CA LYS F 322 20.49 -54.94 12.32
C LYS F 322 19.31 -54.82 13.28
N ALA F 323 18.09 -54.98 12.79
CA ALA F 323 16.88 -54.83 13.59
C ALA F 323 15.82 -55.76 12.98
N GLY F 324 14.55 -55.51 13.29
CA GLY F 324 13.48 -56.33 12.74
C GLY F 324 12.61 -57.01 13.78
N LYS F 325 12.41 -56.37 14.92
CA LYS F 325 11.55 -56.93 15.96
C LYS F 325 10.16 -57.23 15.41
N GLU F 326 9.67 -58.44 15.71
CA GLU F 326 8.35 -58.91 15.30
C GLU F 326 8.06 -58.59 13.85
N GLU F 327 8.84 -59.15 12.93
CA GLU F 327 8.49 -59.01 11.52
C GLU F 327 7.14 -59.64 11.24
N ILE F 328 6.48 -59.10 10.24
CA ILE F 328 5.06 -59.29 9.98
C ILE F 328 4.81 -59.95 8.62
N LYS F 329 5.66 -59.67 7.65
CA LYS F 329 5.53 -60.22 6.29
C LYS F 329 4.35 -59.63 5.55
N VAL F 330 4.48 -59.48 4.25
CA VAL F 330 3.37 -59.18 3.37
C VAL F 330 3.26 -60.32 2.38
N LYS F 331 2.10 -60.41 1.74
CA LYS F 331 1.81 -61.44 0.78
C LYS F 331 1.60 -60.85 -0.60
N THR F 332 2.40 -61.34 -1.55
CA THR F 332 2.43 -60.77 -2.88
C THR F 332 1.49 -61.51 -3.84
N GLU F 333 1.43 -62.83 -3.73
CA GLU F 333 0.69 -63.66 -4.67
C GLU F 333 -0.53 -64.25 -4.00
N PRO F 334 -1.53 -64.65 -4.81
CA PRO F 334 -2.73 -65.26 -4.22
C PRO F 334 -2.46 -66.54 -3.43
N SER F 335 -1.57 -67.41 -3.91
CA SER F 335 -1.40 -68.70 -3.27
C SER F 335 -0.68 -68.56 -1.92
N MET F 336 0.61 -68.23 -2.00
CA MET F 336 1.54 -68.02 -0.85
C MET F 336 1.17 -68.62 0.51
N GLN F 337 1.05 -69.95 0.56
CA GLN F 337 0.67 -70.67 1.78
C GLN F 337 1.57 -70.50 3.01
N ASP F 338 1.46 -69.34 3.66
CA ASP F 338 2.21 -68.97 4.87
C ASP F 338 3.62 -69.54 5.05
N ILE F 339 4.45 -69.41 4.02
CA ILE F 339 5.83 -69.90 4.04
C ILE F 339 6.60 -69.27 2.89
N ASP F 340 5.88 -68.94 1.83
CA ASP F 340 6.49 -68.33 0.65
C ASP F 340 6.32 -66.81 0.65
N ALA F 341 5.60 -66.30 1.65
CA ALA F 341 5.40 -64.86 1.73
C ALA F 341 6.74 -64.17 1.82
N ILE F 342 7.04 -63.34 0.82
CA ILE F 342 8.40 -62.78 0.65
C ILE F 342 8.45 -61.51 1.50
N ASP F 343 8.68 -61.71 2.80
CA ASP F 343 8.97 -60.64 3.74
C ASP F 343 7.98 -59.47 3.64
N VAL F 344 8.35 -58.32 4.19
CA VAL F 344 7.69 -57.06 3.89
C VAL F 344 8.68 -56.01 3.41
N ARG F 345 9.83 -55.86 4.07
CA ARG F 345 10.88 -55.02 3.54
C ARG F 345 11.22 -55.44 2.12
N GLN F 346 11.18 -56.74 1.85
CA GLN F 346 11.48 -57.24 0.52
C GLN F 346 10.50 -56.74 -0.52
N ALA F 347 9.20 -56.89 -0.26
CA ALA F 347 8.22 -56.53 -1.27
C ALA F 347 8.47 -55.11 -1.75
N ILE F 348 8.72 -54.21 -0.82
CA ILE F 348 9.00 -52.82 -1.16
C ILE F 348 10.33 -52.69 -1.88
N GLY F 349 11.37 -53.38 -1.39
CA GLY F 349 12.67 -53.28 -2.03
C GLY F 349 12.60 -53.75 -3.46
N ASP F 350 11.78 -54.75 -3.71
CA ASP F 350 11.70 -55.39 -5.01
C ASP F 350 10.88 -54.55 -5.97
N ALA F 351 9.78 -53.97 -5.48
CA ALA F 351 9.05 -52.97 -6.27
C ALA F 351 9.96 -51.80 -6.62
N VAL F 352 10.71 -51.30 -5.65
CA VAL F 352 11.55 -50.13 -5.87
C VAL F 352 12.66 -50.44 -6.86
N ARG F 353 13.39 -51.55 -6.64
CA ARG F 353 14.46 -51.93 -7.55
C ARG F 353 13.96 -52.22 -8.96
N GLU F 354 12.83 -52.91 -9.11
CA GLU F 354 12.28 -53.14 -10.45
C GLU F 354 11.77 -51.87 -11.13
N GLY F 355 11.03 -51.02 -10.42
CA GLY F 355 10.35 -49.91 -11.07
C GLY F 355 11.16 -48.63 -11.12
N LEU F 356 12.27 -48.60 -10.38
CA LEU F 356 13.21 -47.48 -10.43
C LEU F 356 14.50 -47.85 -11.12
N ASN F 357 14.78 -49.15 -11.30
CA ASN F 357 16.00 -49.62 -11.95
C ASN F 357 17.23 -49.12 -11.18
N LEU F 358 17.35 -49.60 -9.93
CA LEU F 358 18.21 -48.98 -8.94
C LEU F 358 19.33 -49.87 -8.40
N ARG F 359 19.32 -51.17 -8.72
CA ARG F 359 20.31 -52.10 -8.17
C ARG F 359 20.13 -52.24 -6.67
N GLU F 360 20.90 -53.10 -6.00
CA GLU F 360 20.82 -53.27 -4.55
C GLU F 360 21.74 -52.32 -3.77
N GLY F 361 22.13 -51.19 -4.35
CA GLY F 361 22.99 -50.30 -3.62
C GLY F 361 22.24 -49.63 -2.48
N SER F 362 22.98 -48.81 -1.72
CA SER F 362 22.36 -48.13 -0.59
C SER F 362 21.21 -47.23 -1.01
N ASP F 363 21.10 -46.92 -2.31
CA ASP F 363 20.04 -46.05 -2.79
C ASP F 363 18.69 -46.76 -2.84
N ALA F 364 18.68 -48.06 -3.15
CA ALA F 364 17.40 -48.78 -3.12
C ALA F 364 16.92 -48.96 -1.69
N ASP F 365 17.80 -49.38 -0.79
CA ASP F 365 17.44 -49.43 0.62
C ASP F 365 17.01 -48.06 1.13
N MET F 366 17.67 -47.02 0.64
CA MET F 366 17.18 -45.66 0.82
C MET F 366 15.70 -45.53 0.52
N TYR F 367 15.33 -45.67 -0.74
CA TYR F 367 13.96 -45.42 -1.15
C TYR F 367 13.00 -46.28 -0.32
N VAL F 368 13.41 -47.52 -0.03
CA VAL F 368 12.56 -48.41 0.76
C VAL F 368 12.41 -47.87 2.18
N ASN F 369 13.49 -47.37 2.78
CA ASN F 369 13.39 -46.81 4.12
C ASN F 369 12.42 -45.66 4.14
N GLU F 370 12.50 -44.77 3.16
CA GLU F 370 11.60 -43.63 3.20
C GLU F 370 10.16 -44.10 3.08
N LEU F 371 9.89 -45.03 2.17
CA LEU F 371 8.55 -45.51 1.91
C LEU F 371 7.99 -46.36 3.04
N LEU F 372 8.85 -46.96 3.86
CA LEU F 372 8.37 -47.68 5.04
C LEU F 372 7.90 -46.74 6.14
N LYS F 373 8.36 -45.49 6.11
CA LYS F 373 7.96 -44.49 7.09
C LYS F 373 6.62 -43.87 6.78
N GLN F 374 5.97 -44.30 5.71
CA GLN F 374 4.75 -43.68 5.25
C GLN F 374 3.58 -44.02 6.16
N PRO F 375 2.50 -43.25 6.08
CA PRO F 375 1.26 -43.71 6.70
C PRO F 375 0.93 -45.09 6.18
N VAL F 376 0.58 -45.95 7.12
CA VAL F 376 0.56 -47.38 6.87
C VAL F 376 -0.45 -47.73 5.77
N ARG F 377 -1.54 -46.97 5.67
CA ARG F 377 -2.49 -47.15 4.59
C ARG F 377 -1.87 -46.85 3.23
N LEU F 378 -1.08 -45.78 3.12
CA LEU F 378 -0.47 -45.45 1.83
C LEU F 378 0.42 -46.58 1.35
N LEU F 379 1.27 -47.11 2.24
CA LEU F 379 2.11 -48.23 1.88
C LEU F 379 1.26 -49.43 1.48
N MET F 380 0.20 -49.70 2.26
CA MET F 380 -0.69 -50.81 1.92
C MET F 380 -1.21 -50.67 0.50
N GLN F 381 -1.74 -49.50 0.16
CA GLN F 381 -2.42 -49.32 -1.12
C GLN F 381 -1.43 -49.37 -2.28
N VAL F 382 -0.28 -48.69 -2.14
CA VAL F 382 0.69 -48.70 -3.24
C VAL F 382 1.22 -50.12 -3.45
N LEU F 383 1.59 -50.80 -2.36
CA LEU F 383 2.14 -52.14 -2.45
C LEU F 383 1.14 -53.16 -2.96
N GLN F 384 -0.16 -52.92 -2.75
CA GLN F 384 -1.19 -53.82 -3.23
C GLN F 384 -1.54 -53.57 -4.69
N ASP F 385 -1.69 -52.31 -5.09
CA ASP F 385 -1.93 -51.99 -6.49
C ASP F 385 -0.80 -52.53 -7.36
N PHE F 386 0.45 -52.26 -6.97
CA PHE F 386 1.58 -52.72 -7.75
C PHE F 386 1.51 -54.21 -8.02
N TYR F 387 1.34 -55.01 -6.96
CA TYR F 387 1.47 -56.45 -7.10
C TYR F 387 0.24 -57.09 -7.74
N THR F 388 -0.96 -56.57 -7.48
CA THR F 388 -2.12 -57.10 -8.18
C THR F 388 -2.03 -56.83 -9.68
N LYS F 389 -1.65 -55.62 -10.07
CA LYS F 389 -1.50 -55.34 -11.49
C LYS F 389 -0.30 -56.09 -12.08
N LYS F 390 0.64 -56.48 -11.21
CA LYS F 390 1.76 -57.30 -11.68
C LYS F 390 1.31 -58.71 -12.01
N TYR F 391 0.55 -59.33 -11.09
CA TYR F 391 -0.12 -60.59 -11.40
C TYR F 391 -0.86 -60.45 -12.73
N HIS F 392 -1.63 -59.37 -12.86
CA HIS F 392 -2.25 -59.02 -14.13
C HIS F 392 -1.28 -59.18 -15.29
N ALA F 393 -0.15 -58.48 -15.24
CA ALA F 393 0.76 -58.43 -16.38
C ALA F 393 1.28 -59.81 -16.75
N THR F 394 1.48 -60.68 -15.75
CA THR F 394 1.96 -62.04 -15.97
C THR F 394 0.83 -63.06 -15.91
N SER F 395 -0.40 -62.63 -16.21
CA SER F 395 -1.56 -63.52 -16.20
C SER F 395 -1.77 -64.13 -14.82
N SER F 412 5.99 -53.89 -18.32
CA SER F 412 6.90 -52.87 -17.79
C SER F 412 6.65 -52.63 -16.30
N VAL F 413 7.50 -53.18 -15.45
CA VAL F 413 7.39 -52.98 -14.00
C VAL F 413 7.43 -51.47 -13.65
N PRO F 414 8.35 -50.68 -14.21
CA PRO F 414 8.35 -49.26 -13.89
C PRO F 414 7.04 -48.59 -14.21
N ASN F 415 6.34 -49.01 -15.26
CA ASN F 415 5.00 -48.49 -15.52
C ASN F 415 4.06 -48.86 -14.38
N LEU F 416 4.15 -50.08 -13.87
CA LEU F 416 3.28 -50.50 -12.77
C LEU F 416 3.56 -49.71 -11.51
N LEU F 417 4.83 -49.60 -11.12
CA LEU F 417 5.19 -48.82 -9.94
C LEU F 417 4.82 -47.35 -10.13
N ARG F 418 5.02 -46.83 -11.33
CA ARG F 418 4.68 -45.43 -11.61
C ARG F 418 3.18 -45.21 -11.45
N ASN F 419 2.36 -46.12 -11.96
CA ASN F 419 0.91 -45.99 -11.79
C ASN F 419 0.52 -46.03 -10.31
N ALA F 420 1.08 -47.00 -9.57
CA ALA F 420 0.75 -47.10 -8.16
C ALA F 420 1.18 -45.86 -7.39
N LEU F 421 2.38 -45.34 -7.69
CA LEU F 421 2.85 -44.14 -7.01
C LEU F 421 2.05 -42.91 -7.40
N TYR F 422 1.67 -42.81 -8.68
CA TYR F 422 0.85 -41.69 -9.11
C TYR F 422 -0.47 -41.66 -8.37
N GLY F 423 -1.13 -42.81 -8.26
CA GLY F 423 -2.38 -42.87 -7.53
C GLY F 423 -2.21 -42.62 -6.04
N SER F 424 -1.20 -43.25 -5.43
CA SER F 424 -1.03 -43.15 -3.98
C SER F 424 -0.56 -41.76 -3.57
N MET F 425 0.39 -41.18 -4.31
CA MET F 425 0.91 -39.85 -4.01
C MET F 425 0.22 -38.78 -4.84
N LEU F 426 -1.04 -39.02 -5.23
CA LEU F 426 -1.72 -38.13 -6.15
C LEU F 426 -1.89 -36.73 -5.56
N SER F 427 -2.29 -36.65 -4.29
CA SER F 427 -2.47 -35.35 -3.68
C SER F 427 -1.14 -34.60 -3.57
N ASN F 428 -0.05 -35.33 -3.35
CA ASN F 428 1.26 -34.69 -3.25
C ASN F 428 1.67 -34.06 -4.59
N ILE F 429 1.56 -34.83 -5.68
CA ILE F 429 1.95 -34.28 -6.98
C ILE F 429 1.00 -33.17 -7.40
N TYR F 430 -0.30 -33.31 -7.11
CA TYR F 430 -1.24 -32.24 -7.43
C TYR F 430 -0.95 -30.99 -6.62
N ARG F 431 -0.39 -31.15 -5.42
CA ARG F 431 0.10 -30.00 -4.67
C ARG F 431 1.23 -29.30 -5.41
N ALA F 432 2.23 -30.06 -5.82
CA ALA F 432 3.46 -29.50 -6.33
C ALA F 432 3.28 -28.84 -7.69
N GLY F 433 2.12 -28.95 -8.31
CA GLY F 433 1.90 -28.39 -9.62
C GLY F 433 2.44 -29.22 -10.75
N LEU F 434 2.77 -30.48 -10.49
CA LEU F 434 3.25 -31.36 -11.54
C LEU F 434 2.08 -31.82 -12.42
N ASN F 435 2.41 -32.48 -13.53
CA ASN F 435 1.41 -32.83 -14.53
C ASN F 435 0.37 -33.76 -13.93
N TYR F 436 -0.93 -33.45 -14.10
CA TYR F 436 -1.93 -34.34 -13.54
C TYR F 436 -2.14 -35.48 -14.52
N GLU F 437 -2.36 -35.10 -15.78
CA GLU F 437 -2.89 -35.96 -16.84
C GLU F 437 -2.01 -37.19 -17.00
N GLN F 438 -2.62 -38.33 -17.28
CA GLN F 438 -1.85 -39.48 -17.76
C GLN F 438 -1.60 -39.39 -19.25
N HIS F 439 -2.54 -38.82 -19.99
CA HIS F 439 -2.47 -38.80 -21.44
C HIS F 439 -1.38 -37.89 -21.97
N ARG F 440 -0.66 -37.20 -21.11
CA ARG F 440 0.55 -36.51 -21.57
C ARG F 440 1.70 -36.78 -20.62
N PHE F 441 1.84 -38.02 -20.18
CA PHE F 441 2.99 -38.37 -19.36
C PHE F 441 4.26 -38.21 -20.20
N GLY F 442 4.37 -39.00 -21.28
CA GLY F 442 5.44 -38.83 -22.24
C GLY F 442 6.77 -38.52 -21.59
N MET F 443 7.61 -37.65 -22.19
CA MET F 443 8.69 -37.08 -21.43
C MET F 443 8.85 -35.57 -21.56
N ASP F 444 8.07 -34.94 -22.42
CA ASP F 444 8.10 -33.48 -22.44
C ASP F 444 7.66 -32.93 -21.09
N SER F 445 6.59 -33.51 -20.53
CA SER F 445 6.11 -33.08 -19.22
C SER F 445 6.98 -33.61 -18.10
N LEU F 446 7.72 -34.71 -18.32
CA LEU F 446 8.60 -35.23 -17.28
C LEU F 446 9.71 -34.25 -16.93
N CYS F 447 10.36 -33.66 -17.93
CA CYS F 447 11.43 -32.71 -17.66
C CYS F 447 10.90 -31.49 -16.91
N LYS F 448 9.72 -31.01 -17.30
CA LYS F 448 9.14 -29.86 -16.64
C LYS F 448 8.70 -30.22 -15.22
N ASP F 449 8.26 -31.46 -15.02
CA ASP F 449 7.94 -31.94 -13.67
C ASP F 449 9.19 -31.92 -12.80
N ILE F 450 10.31 -32.39 -13.33
CA ILE F 450 11.55 -32.41 -12.56
C ILE F 450 11.99 -30.98 -12.25
N PHE F 451 11.90 -30.09 -13.22
CA PHE F 451 12.28 -28.70 -12.96
C PHE F 451 11.41 -28.09 -11.88
N THR F 452 10.10 -28.36 -11.91
CA THR F 452 9.21 -27.85 -10.88
C THR F 452 9.56 -28.41 -9.50
N TYR F 453 9.79 -29.71 -9.43
CA TYR F 453 10.17 -30.34 -8.16
C TYR F 453 11.43 -29.71 -7.62
N VAL F 454 12.42 -29.51 -8.49
CA VAL F 454 13.68 -28.95 -8.06
C VAL F 454 13.47 -27.52 -7.58
N LYS F 455 12.59 -26.79 -8.27
CA LYS F 455 12.29 -25.41 -7.90
C LYS F 455 11.75 -25.33 -6.47
N GLN F 456 10.83 -26.22 -6.11
CA GLN F 456 10.29 -26.17 -4.75
C GLN F 456 11.19 -26.86 -3.74
N ASP F 457 11.96 -27.86 -4.17
CA ASP F 457 13.01 -28.43 -3.34
C ASP F 457 14.25 -27.54 -3.28
N ARG F 458 14.23 -26.40 -3.96
CA ARG F 458 15.39 -25.52 -4.02
C ARG F 458 16.56 -26.30 -4.58
N ASP F 459 17.58 -26.58 -3.77
CA ASP F 459 18.68 -27.45 -4.20
C ASP F 459 19.27 -26.97 -5.51
N PHE F 460 18.66 -27.33 -6.64
CA PHE F 460 19.16 -27.05 -7.98
C PHE F 460 20.52 -27.67 -8.27
N ASN F 461 21.06 -28.50 -7.37
CA ASN F 461 22.38 -29.12 -7.52
C ASN F 461 22.34 -30.63 -7.48
N THR F 462 21.59 -31.21 -6.55
CA THR F 462 21.35 -32.64 -6.50
C THR F 462 19.89 -32.97 -6.74
N GLY F 463 19.05 -31.97 -7.02
CA GLY F 463 17.62 -32.21 -7.12
C GLY F 463 17.25 -33.20 -8.21
N PHE F 464 17.98 -33.19 -9.33
CA PHE F 464 17.65 -34.09 -10.44
C PHE F 464 17.91 -35.55 -10.11
N TYR F 465 18.64 -35.83 -9.04
CA TYR F 465 18.76 -37.17 -8.46
C TYR F 465 17.42 -37.72 -8.02
N LEU F 466 16.49 -36.85 -7.64
CA LEU F 466 15.16 -37.25 -7.17
C LEU F 466 15.26 -38.15 -5.95
N ARG F 467 16.24 -37.89 -5.08
CA ARG F 467 16.34 -38.60 -3.82
C ARG F 467 15.35 -38.02 -2.81
N PRO F 468 14.81 -38.85 -1.90
CA PRO F 468 13.80 -38.37 -0.92
C PRO F 468 14.42 -37.78 0.36
N GLN F 469 14.77 -36.50 0.28
CA GLN F 469 15.60 -35.86 1.28
C GLN F 469 14.95 -34.57 1.78
N SER F 470 13.87 -34.16 1.15
CA SER F 470 13.27 -32.84 1.29
C SER F 470 12.78 -32.53 2.70
N GLU F 471 12.44 -31.25 2.92
CA GLU F 471 11.82 -30.86 4.17
C GLU F 471 10.64 -31.75 4.50
N SER F 472 9.81 -32.03 3.51
CA SER F 472 8.43 -32.40 3.74
C SER F 472 8.05 -33.70 3.05
N GLU F 473 7.04 -34.31 3.67
CA GLU F 473 6.38 -35.51 3.15
C GLU F 473 5.90 -35.34 1.71
N ALA F 474 5.37 -34.16 1.34
CA ALA F 474 4.79 -34.01 0.01
C ALA F 474 5.87 -34.12 -1.07
N LEU F 475 6.94 -33.33 -0.96
CA LEU F 475 8.00 -33.38 -1.94
C LEU F 475 8.78 -34.68 -1.89
N ARG F 476 8.93 -35.28 -0.70
CA ARG F 476 9.58 -36.58 -0.62
C ARG F 476 8.81 -37.64 -1.38
N ASN F 477 7.48 -37.62 -1.29
CA ASN F 477 6.67 -38.52 -2.11
C ASN F 477 6.82 -38.21 -3.59
N CYS F 478 6.80 -36.92 -3.94
CA CYS F 478 6.96 -36.53 -5.33
C CYS F 478 8.29 -37.01 -5.90
N SER F 479 9.33 -37.07 -5.07
CA SER F 479 10.64 -37.50 -5.54
C SER F 479 10.59 -38.95 -6.03
N ILE F 480 10.01 -39.85 -5.24
CA ILE F 480 9.95 -41.24 -5.66
C ILE F 480 9.02 -41.39 -6.86
N TYR F 481 7.92 -40.65 -6.88
CA TYR F 481 7.03 -40.71 -8.04
C TYR F 481 7.76 -40.30 -9.32
N LEU F 482 8.53 -39.21 -9.25
CA LEU F 482 9.27 -38.76 -10.42
C LEU F 482 10.39 -39.72 -10.80
N ALA F 483 11.01 -40.37 -9.80
CA ALA F 483 12.00 -41.40 -10.11
C ALA F 483 11.37 -42.53 -10.89
N SER F 484 10.17 -42.96 -10.49
CA SER F 484 9.45 -43.98 -11.25
C SER F 484 9.14 -43.49 -12.66
N GLN F 485 8.73 -42.22 -12.79
CA GLN F 485 8.47 -41.66 -14.11
C GLN F 485 9.71 -41.74 -14.99
N VAL F 486 10.86 -41.34 -14.46
CA VAL F 486 12.10 -41.39 -15.22
C VAL F 486 12.43 -42.83 -15.61
N SER F 487 12.31 -43.75 -14.66
CA SER F 487 12.68 -45.12 -14.94
C SER F 487 11.81 -45.70 -16.06
N GLU F 488 10.51 -45.43 -16.02
CA GLU F 488 9.62 -45.99 -17.04
C GLU F 488 9.86 -45.34 -18.38
N ASN F 489 9.93 -44.01 -18.43
CA ASN F 489 9.96 -43.31 -19.71
C ASN F 489 11.27 -43.53 -20.44
N CYS F 490 12.38 -43.58 -19.71
CA CYS F 490 13.70 -43.76 -20.30
C CYS F 490 14.04 -45.21 -20.58
N GLN F 491 13.19 -46.13 -20.19
CA GLN F 491 13.47 -47.55 -20.36
C GLN F 491 13.40 -47.95 -21.82
N GLY F 492 14.46 -48.62 -22.29
CA GLY F 492 14.52 -49.14 -23.63
C GLY F 492 14.66 -48.10 -24.70
N SER F 493 15.35 -47.00 -24.42
CA SER F 493 15.52 -45.94 -25.42
C SER F 493 16.78 -45.15 -25.13
N LEU F 494 17.71 -45.17 -26.09
CA LEU F 494 18.95 -44.40 -25.96
C LEU F 494 18.70 -42.92 -26.22
N SER F 495 17.81 -42.62 -27.17
CA SER F 495 17.39 -41.24 -27.41
C SER F 495 16.78 -40.64 -26.16
N LYS F 496 15.83 -41.33 -25.54
CA LYS F 496 15.16 -40.79 -24.36
C LYS F 496 16.11 -40.71 -23.17
N PHE F 497 17.09 -41.61 -23.09
CA PHE F 497 18.10 -41.49 -22.06
C PHE F 497 18.87 -40.19 -22.21
N LEU F 498 19.36 -39.90 -23.42
CA LEU F 498 20.06 -38.64 -23.65
C LEU F 498 19.14 -37.45 -23.40
N GLN F 499 17.85 -37.61 -23.69
CA GLN F 499 16.88 -36.56 -23.43
C GLN F 499 16.81 -36.23 -21.95
N MET F 500 16.36 -37.19 -21.14
CA MET F 500 16.44 -37.07 -19.70
C MET F 500 17.73 -36.37 -19.31
N LEU F 501 18.87 -36.97 -19.67
CA LEU F 501 20.16 -36.42 -19.28
C LEU F 501 20.25 -34.95 -19.65
N LEU F 502 19.92 -34.59 -20.90
CA LEU F 502 20.19 -33.22 -21.29
C LEU F 502 19.09 -32.30 -20.81
N VAL F 503 17.90 -32.45 -21.37
CA VAL F 503 16.84 -31.48 -21.11
C VAL F 503 16.55 -31.41 -19.62
N GLY F 504 16.31 -32.56 -18.97
CA GLY F 504 15.90 -32.52 -17.58
C GLY F 504 17.01 -32.07 -16.65
N CYS F 505 18.10 -32.83 -16.57
CA CYS F 505 19.17 -32.51 -15.62
C CYS F 505 19.89 -31.22 -16.01
N GLY F 506 20.30 -31.09 -17.27
CA GLY F 506 20.97 -29.87 -17.68
C GLY F 506 20.11 -28.63 -17.47
N SER F 507 18.80 -28.78 -17.65
CA SER F 507 17.88 -27.67 -17.48
C SER F 507 17.90 -27.16 -16.05
N VAL F 508 18.54 -27.94 -15.17
CA VAL F 508 18.65 -27.58 -13.76
C VAL F 508 20.05 -27.10 -13.42
N SER F 509 21.05 -27.77 -13.99
CA SER F 509 22.45 -27.42 -13.75
C SER F 509 22.80 -26.09 -14.42
N ILE F 510 22.46 -25.96 -15.70
CA ILE F 510 22.74 -24.74 -16.44
C ILE F 510 22.16 -23.52 -15.73
N PHE F 511 20.95 -23.66 -15.20
CA PHE F 511 20.29 -22.57 -14.48
C PHE F 511 21.10 -22.14 -13.27
N ASN F 512 21.61 -23.10 -12.51
CA ASN F 512 22.38 -22.74 -11.33
C ASN F 512 23.59 -21.88 -11.68
N GLN F 513 24.43 -22.35 -12.57
CA GLN F 513 25.76 -21.79 -12.66
C GLN F 513 25.83 -20.58 -13.56
N PHE F 514 24.81 -20.35 -14.39
CA PHE F 514 24.85 -19.29 -15.39
C PHE F 514 23.65 -18.36 -15.36
N VAL F 515 22.63 -18.63 -14.56
CA VAL F 515 21.45 -17.78 -14.51
C VAL F 515 21.10 -17.30 -13.12
N THR F 516 21.63 -17.93 -12.06
CA THR F 516 21.31 -17.51 -10.71
C THR F 516 22.00 -16.22 -10.32
N GLU F 517 23.05 -15.81 -11.03
CA GLU F 517 23.76 -14.59 -10.68
C GLU F 517 22.87 -13.35 -10.82
N LEU F 518 21.74 -13.47 -11.51
CA LEU F 518 20.83 -12.34 -11.66
C LEU F 518 19.94 -12.18 -10.44
N ALA F 519 19.21 -13.23 -10.08
CA ALA F 519 18.32 -13.19 -8.92
C ALA F 519 19.04 -13.69 -7.67
N ASP F 524 14.37 -11.12 -4.24
CA ASP F 524 12.92 -11.17 -4.37
C ASP F 524 12.48 -12.51 -4.93
N ARG F 525 11.28 -12.96 -4.52
CA ARG F 525 10.75 -14.22 -5.00
C ARG F 525 9.91 -14.03 -6.26
N GLU F 526 9.18 -12.91 -6.33
CA GLU F 526 8.42 -12.56 -7.53
C GLU F 526 9.32 -12.46 -8.74
N LYS F 527 10.47 -11.79 -8.58
CA LYS F 527 11.43 -11.69 -9.68
C LYS F 527 12.08 -13.06 -9.96
N PHE F 528 12.37 -13.83 -8.92
CA PHE F 528 13.08 -15.08 -9.11
C PHE F 528 12.26 -16.06 -9.93
N GLU F 529 10.99 -16.26 -9.57
CA GLU F 529 10.15 -17.13 -10.38
C GLU F 529 10.03 -16.63 -11.82
N GLN F 530 9.91 -15.32 -12.04
CA GLN F 530 9.78 -14.86 -13.42
C GLN F 530 11.04 -15.10 -14.21
N LEU F 531 12.20 -14.95 -13.57
CA LEU F 531 13.41 -15.35 -14.24
C LEU F 531 13.36 -16.83 -14.61
N ILE F 532 12.87 -17.66 -13.70
CA ILE F 532 12.67 -19.07 -14.02
C ILE F 532 11.70 -19.22 -15.19
N SER F 533 10.60 -18.46 -15.16
CA SER F 533 9.57 -18.63 -16.18
C SER F 533 10.13 -18.45 -17.58
N GLU F 534 10.92 -17.39 -17.81
CA GLU F 534 11.59 -17.24 -19.10
C GLU F 534 12.64 -18.32 -19.30
N TYR F 535 13.42 -18.64 -18.27
CA TYR F 535 14.42 -19.69 -18.44
C TYR F 535 13.76 -20.96 -18.94
N VAL F 536 12.58 -21.32 -18.40
CA VAL F 536 11.79 -22.39 -18.98
C VAL F 536 11.42 -22.07 -20.42
N ALA F 537 10.79 -20.91 -20.64
CA ALA F 537 10.23 -20.60 -21.95
C ALA F 537 11.32 -20.58 -23.01
N TYR F 538 12.45 -19.96 -22.69
CA TYR F 538 13.55 -19.90 -23.66
C TYR F 538 14.20 -21.27 -23.83
N MET F 539 14.41 -21.98 -22.73
CA MET F 539 15.02 -23.30 -22.77
C MET F 539 14.14 -24.31 -23.49
N SER F 540 12.84 -24.01 -23.66
CA SER F 540 11.84 -24.92 -24.22
C SER F 540 11.53 -26.09 -23.27
N VAL F 541 11.84 -25.92 -21.98
CA VAL F 541 11.65 -27.00 -21.02
C VAL F 541 10.16 -27.29 -20.90
N GLY F 542 9.79 -28.53 -21.18
CA GLY F 542 8.41 -28.94 -21.23
C GLY F 542 7.82 -28.99 -22.62
N ARG F 543 8.45 -28.30 -23.59
CA ARG F 543 7.93 -28.24 -24.94
C ARG F 543 9.06 -28.26 -25.98
N ILE F 544 10.15 -28.97 -25.69
CA ILE F 544 11.26 -29.03 -26.62
C ILE F 544 10.82 -29.68 -27.93
N GLU F 545 11.36 -29.20 -29.05
CA GLU F 545 11.17 -29.93 -30.29
C GLU F 545 12.17 -31.06 -30.40
N SER F 546 13.42 -30.75 -30.16
CA SER F 546 14.54 -31.63 -30.40
C SER F 546 15.61 -31.34 -29.36
N ALA F 547 16.45 -32.35 -29.12
CA ALA F 547 17.53 -32.18 -28.16
C ALA F 547 18.55 -31.16 -28.63
N SER F 548 18.83 -31.12 -29.94
CA SER F 548 19.76 -30.13 -30.46
C SER F 548 19.24 -28.71 -30.26
N HIS F 549 17.92 -28.52 -30.33
CA HIS F 549 17.36 -27.20 -30.07
C HIS F 549 17.68 -26.73 -28.65
N TRP F 550 17.53 -27.62 -27.67
CA TRP F 550 17.88 -27.27 -26.30
C TRP F 550 19.36 -26.91 -26.19
N ALA F 551 20.20 -27.71 -26.82
CA ALA F 551 21.64 -27.47 -26.75
C ALA F 551 22.02 -26.16 -27.45
N ASN F 552 21.34 -25.83 -28.55
CA ASN F 552 21.57 -24.53 -29.18
C ASN F 552 21.24 -23.38 -28.24
N ARG F 553 20.11 -23.48 -27.53
CA ARG F 553 19.74 -22.45 -26.56
C ARG F 553 20.66 -22.49 -25.36
N CYS F 554 21.18 -23.67 -25.00
CA CYS F 554 22.12 -23.76 -23.89
C CYS F 554 23.42 -23.03 -24.20
N CYS F 555 23.81 -22.98 -25.48
CA CYS F 555 25.04 -22.27 -25.83
C CYS F 555 24.93 -20.79 -25.49
N ALA F 556 23.79 -20.17 -25.80
CA ALA F 556 23.61 -18.76 -25.49
C ALA F 556 23.64 -18.51 -23.98
N VAL F 557 22.95 -19.36 -23.22
CA VAL F 557 22.88 -19.16 -21.77
C VAL F 557 24.28 -19.25 -21.16
N VAL F 558 25.06 -20.25 -21.56
CA VAL F 558 26.39 -20.42 -21.01
C VAL F 558 27.31 -19.26 -21.42
N ALA F 559 27.03 -18.63 -22.56
CA ALA F 559 27.97 -17.71 -23.17
C ALA F 559 27.73 -16.25 -22.79
N ASN F 560 26.94 -15.97 -21.76
CA ASN F 560 26.69 -14.60 -21.33
C ASN F 560 27.01 -14.42 -19.84
N SER F 561 28.19 -14.91 -19.42
CA SER F 561 28.60 -14.75 -18.03
C SER F 561 30.11 -14.84 -17.80
N PRO F 562 30.80 -15.86 -18.35
CA PRO F 562 32.21 -16.06 -17.96
C PRO F 562 33.07 -14.82 -18.13
N ASN F 563 34.23 -14.88 -17.49
CA ASN F 563 35.12 -13.73 -17.34
C ASN F 563 36.55 -14.26 -17.25
N ASP F 564 37.46 -13.47 -16.70
CA ASP F 564 38.84 -13.90 -16.48
C ASP F 564 39.57 -14.12 -17.81
N GLU F 565 39.81 -13.02 -18.51
CA GLU F 565 40.56 -12.88 -19.77
C GLU F 565 39.69 -13.20 -20.97
N LYS F 566 38.44 -13.60 -20.76
CA LYS F 566 37.43 -13.58 -21.84
C LYS F 566 37.84 -14.49 -23.00
N ILE F 567 38.31 -15.68 -22.66
CA ILE F 567 38.61 -16.69 -23.66
C ILE F 567 37.31 -17.38 -24.09
N GLY F 568 37.32 -17.89 -25.31
CA GLY F 568 36.20 -18.67 -25.81
C GLY F 568 36.24 -20.13 -25.39
N VAL F 569 36.81 -20.43 -24.22
CA VAL F 569 36.83 -21.78 -23.68
C VAL F 569 35.86 -21.81 -22.51
N PHE F 570 34.62 -22.15 -22.79
CA PHE F 570 33.53 -22.13 -21.82
C PHE F 570 33.40 -23.53 -21.22
N LEU F 571 32.27 -23.81 -20.56
CA LEU F 571 32.11 -25.06 -19.81
C LEU F 571 32.45 -26.28 -20.66
N GLY F 572 31.69 -26.53 -21.72
CA GLY F 572 31.88 -27.71 -22.52
C GLY F 572 31.98 -27.43 -24.00
N MET F 573 32.65 -26.35 -24.37
CA MET F 573 32.52 -25.79 -25.70
C MET F 573 33.75 -24.97 -26.03
N VAL F 574 33.87 -24.59 -27.30
CA VAL F 574 34.85 -23.62 -27.73
C VAL F 574 34.17 -22.64 -28.67
N GLN F 575 34.35 -21.34 -28.41
CA GLN F 575 33.82 -20.28 -29.27
C GLN F 575 34.87 -19.99 -30.33
N LEU F 576 34.60 -20.42 -31.56
CA LEU F 576 35.58 -20.28 -32.62
C LEU F 576 35.44 -18.93 -33.30
N ASN F 577 36.59 -18.35 -33.65
CA ASN F 577 36.59 -17.11 -34.42
C ASN F 577 36.04 -17.38 -35.82
N ARG F 578 35.19 -16.46 -36.30
CA ARG F 578 34.66 -16.56 -37.64
C ARG F 578 35.03 -15.42 -38.56
N LYS F 579 35.81 -14.44 -38.09
CA LYS F 579 36.28 -13.35 -38.94
C LYS F 579 37.80 -13.44 -39.04
N SER F 580 38.32 -13.52 -40.27
CA SER F 580 39.76 -13.63 -40.47
C SER F 580 40.42 -12.27 -40.37
N ARG F 581 40.16 -11.53 -39.28
CA ARG F 581 40.78 -10.22 -39.07
C ARG F 581 41.48 -10.27 -37.71
N GLN F 582 42.70 -10.83 -37.72
CA GLN F 582 43.55 -10.91 -36.55
C GLN F 582 44.91 -11.46 -36.97
N ASN F 583 46.00 -10.87 -36.50
CA ASN F 583 47.35 -11.21 -36.97
C ASN F 583 47.90 -12.42 -36.23
N MET F 584 48.01 -13.55 -36.95
CA MET F 584 48.42 -14.82 -36.31
C MET F 584 49.91 -15.10 -36.34
N PRO F 585 50.42 -15.67 -35.25
CA PRO F 585 51.61 -16.48 -35.31
C PRO F 585 51.30 -17.82 -35.95
N GLU F 586 52.32 -18.39 -36.59
CA GLU F 586 52.26 -19.75 -37.11
C GLU F 586 51.10 -19.99 -38.07
N GLY F 587 50.56 -21.21 -38.07
CA GLY F 587 49.54 -21.62 -39.02
C GLY F 587 48.13 -21.41 -38.51
N TYR F 588 47.99 -20.69 -37.41
CA TYR F 588 46.66 -20.41 -36.88
C TYR F 588 45.85 -19.60 -37.87
N LYS F 589 44.57 -19.93 -37.95
CA LYS F 589 43.67 -19.37 -38.95
C LYS F 589 42.25 -19.68 -38.50
N LYS F 590 41.31 -19.58 -39.43
CA LYS F 590 39.92 -19.69 -39.06
C LYS F 590 39.54 -21.15 -38.81
N PHE F 591 38.24 -21.36 -38.62
CA PHE F 591 37.62 -22.65 -38.80
C PHE F 591 36.82 -22.63 -40.08
N ASN F 592 36.97 -23.69 -40.89
CA ASN F 592 36.21 -23.86 -42.12
C ASN F 592 35.64 -25.27 -42.14
N ILE F 593 34.35 -25.38 -42.44
CA ILE F 593 33.71 -26.68 -42.54
C ILE F 593 34.01 -27.38 -43.86
N ASP F 594 34.40 -26.63 -44.90
CA ASP F 594 34.60 -27.24 -46.22
C ASP F 594 35.88 -28.07 -46.28
N THR F 595 36.92 -27.71 -45.55
CA THR F 595 38.13 -28.52 -45.58
C THR F 595 37.96 -29.85 -44.85
N GLU F 596 36.86 -30.03 -44.12
CA GLU F 596 36.57 -31.30 -43.46
C GLU F 596 35.55 -32.11 -44.24
N ASN F 597 35.67 -33.42 -44.14
CA ASN F 597 35.30 -34.32 -45.21
C ASN F 597 34.51 -35.51 -44.66
N GLY F 598 33.49 -35.94 -45.39
CA GLY F 598 32.80 -37.15 -44.97
C GLY F 598 32.27 -37.07 -43.55
N LEU F 599 32.52 -38.12 -42.77
CA LEU F 599 32.01 -38.18 -41.42
C LEU F 599 32.64 -37.11 -40.53
N ALA F 600 33.94 -36.83 -40.72
CA ALA F 600 34.59 -35.80 -39.91
C ALA F 600 33.84 -34.48 -40.03
N LYS F 601 33.42 -34.14 -41.25
CA LYS F 601 32.61 -32.95 -41.46
C LYS F 601 31.26 -33.09 -40.76
N ALA F 602 30.60 -34.23 -40.96
CA ALA F 602 29.29 -34.44 -40.37
C ALA F 602 29.35 -34.42 -38.85
N ALA F 603 30.34 -35.09 -38.27
CA ALA F 603 30.54 -35.02 -36.84
C ALA F 603 30.85 -33.60 -36.41
N MET F 604 31.72 -32.92 -37.15
CA MET F 604 32.09 -31.56 -36.78
C MET F 604 30.92 -30.60 -36.91
N ALA F 605 30.16 -30.70 -38.01
CA ALA F 605 29.09 -29.74 -38.22
C ALA F 605 27.95 -29.93 -37.23
N SER F 606 27.79 -31.13 -36.66
CA SER F 606 26.72 -31.31 -35.68
C SER F 606 26.92 -30.41 -34.48
N SER F 607 28.17 -30.17 -34.10
CA SER F 607 28.50 -29.38 -32.92
C SER F 607 28.50 -27.88 -33.19
N LEU F 608 28.35 -27.47 -34.46
CA LEU F 608 28.30 -26.05 -34.77
C LEU F 608 27.07 -25.42 -34.16
N SER F 609 27.25 -24.24 -33.55
CA SER F 609 26.17 -23.50 -32.92
C SER F 609 26.37 -22.01 -33.15
N THR F 610 25.34 -21.35 -33.68
CA THR F 610 25.39 -19.92 -33.94
C THR F 610 24.41 -19.22 -33.01
N VAL F 611 24.87 -18.16 -32.35
CA VAL F 611 24.05 -17.39 -31.42
C VAL F 611 23.99 -15.95 -31.93
N ALA F 612 22.78 -15.41 -32.04
CA ALA F 612 22.51 -14.21 -32.82
C ALA F 612 22.30 -12.97 -31.94
N SER F 613 23.06 -12.79 -30.87
CA SER F 613 22.86 -11.62 -30.03
C SER F 613 23.13 -10.35 -30.83
N ASN F 614 24.40 -10.11 -31.16
CA ASN F 614 24.78 -9.03 -32.06
C ASN F 614 25.89 -9.40 -33.04
N ASN F 615 26.71 -10.41 -32.76
CA ASN F 615 27.87 -10.75 -33.57
C ASN F 615 27.72 -12.08 -34.30
N LEU F 616 26.68 -12.86 -34.01
CA LEU F 616 26.42 -14.13 -34.68
C LEU F 616 27.62 -15.06 -34.64
N MET F 617 28.19 -15.27 -33.46
CA MET F 617 29.39 -16.08 -33.37
C MET F 617 29.07 -17.50 -33.79
N ASP F 618 30.04 -18.38 -33.63
CA ASP F 618 29.88 -19.80 -33.88
C ASP F 618 30.57 -20.59 -32.77
N PHE F 619 29.80 -21.44 -32.08
CA PHE F 619 30.35 -22.27 -31.03
C PHE F 619 30.38 -23.72 -31.48
N CYS F 620 31.49 -24.39 -31.18
CA CYS F 620 31.64 -25.83 -31.34
C CYS F 620 31.43 -26.44 -29.96
N SER F 621 30.24 -26.99 -29.71
CA SER F 621 29.82 -27.35 -28.37
C SER F 621 29.52 -28.84 -28.26
N VAL F 622 30.01 -29.43 -27.18
CA VAL F 622 29.77 -30.85 -26.89
C VAL F 622 28.28 -31.13 -26.65
N PHE F 623 27.55 -30.19 -26.05
CA PHE F 623 26.13 -30.43 -25.80
C PHE F 623 25.35 -30.62 -27.09
N ASN F 624 25.64 -29.80 -28.08
CA ASN F 624 24.96 -29.88 -29.36
C ASN F 624 25.31 -31.18 -30.10
N LEU F 625 26.53 -31.66 -29.88
CA LEU F 625 26.89 -32.99 -30.38
C LEU F 625 26.12 -34.08 -29.65
N ILE F 626 25.98 -33.97 -28.33
CA ILE F 626 25.14 -34.90 -27.59
C ILE F 626 23.69 -34.75 -28.04
N GLY F 627 23.22 -33.51 -28.20
CA GLY F 627 21.88 -33.29 -28.73
C GLY F 627 21.70 -33.88 -30.12
N ALA F 628 22.75 -33.80 -30.95
CA ALA F 628 22.68 -34.42 -32.27
C ALA F 628 22.51 -35.93 -32.16
N ILE F 629 23.29 -36.57 -31.29
CA ILE F 629 23.18 -38.02 -31.14
C ILE F 629 21.77 -38.41 -30.73
N ALA F 630 21.18 -37.66 -29.80
CA ALA F 630 19.82 -37.96 -29.37
C ALA F 630 18.85 -37.90 -30.54
N ASP F 631 19.06 -36.94 -31.45
CA ASP F 631 18.16 -36.74 -32.57
C ASP F 631 18.30 -37.79 -33.68
N ILE F 632 19.44 -38.47 -33.79
CA ILE F 632 19.56 -39.59 -34.73
C ILE F 632 19.61 -40.92 -33.98
N SER F 633 18.92 -41.01 -32.84
CA SER F 633 18.84 -42.28 -32.12
C SER F 633 17.45 -42.89 -32.17
N ALA F 634 16.42 -42.11 -32.47
CA ALA F 634 15.06 -42.61 -32.47
C ALA F 634 14.32 -42.03 -33.66
N CYS F 635 15.00 -41.93 -34.80
CA CYS F 635 14.30 -41.48 -36.01
C CYS F 635 13.49 -42.65 -36.54
N ARG F 636 14.17 -43.67 -37.07
CA ARG F 636 13.45 -44.86 -37.55
C ARG F 636 14.40 -45.81 -38.26
N CYS F 637 13.82 -46.89 -38.82
CA CYS F 637 14.55 -47.83 -39.66
C CYS F 637 14.96 -47.26 -41.01
N GLU F 638 14.43 -46.11 -41.43
CA GLU F 638 14.67 -45.67 -42.80
C GLU F 638 16.12 -45.20 -42.96
N ARG F 639 16.60 -45.18 -44.20
CA ARG F 639 17.83 -44.45 -44.47
C ARG F 639 17.53 -43.00 -44.85
N SER F 640 16.40 -42.77 -45.52
CA SER F 640 16.04 -41.40 -45.91
C SER F 640 15.72 -40.55 -44.69
N ALA F 641 15.05 -41.13 -43.69
CA ALA F 641 14.74 -40.37 -42.48
C ALA F 641 16.01 -39.96 -41.74
N ILE F 642 17.04 -40.81 -41.76
CA ILE F 642 18.32 -40.41 -41.19
C ILE F 642 18.91 -39.26 -41.99
N THR F 643 18.65 -39.22 -43.30
CA THR F 643 19.23 -38.19 -44.15
C THR F 643 18.82 -36.79 -43.70
N ASN F 644 17.51 -36.56 -43.58
CA ASN F 644 17.06 -35.26 -43.12
C ASN F 644 17.28 -35.07 -41.63
N ALA F 645 17.38 -36.15 -40.87
CA ALA F 645 17.79 -36.03 -39.47
C ALA F 645 19.17 -35.39 -39.37
N PHE F 646 20.09 -35.79 -40.26
CA PHE F 646 21.34 -35.07 -40.38
C PHE F 646 21.10 -33.60 -40.73
N ASN F 647 20.34 -33.37 -41.80
CA ASN F 647 20.19 -32.01 -42.33
C ASN F 647 19.63 -31.05 -41.29
N LYS F 648 18.91 -31.56 -40.28
CA LYS F 648 18.41 -30.69 -39.22
C LYS F 648 19.52 -30.27 -38.27
N VAL F 649 20.43 -31.19 -37.95
CA VAL F 649 21.49 -30.92 -36.98
C VAL F 649 22.73 -30.45 -37.71
N ILE F 650 22.91 -30.90 -38.95
CA ILE F 650 24.06 -30.48 -39.73
C ILE F 650 23.96 -29.01 -40.08
N ALA F 651 22.76 -28.56 -40.43
CA ALA F 651 22.56 -27.21 -40.93
C ALA F 651 22.89 -26.19 -39.85
N GLN F 652 23.33 -25.02 -40.29
CA GLN F 652 23.65 -23.94 -39.36
C GLN F 652 22.42 -23.61 -38.53
N THR F 653 22.49 -23.93 -37.24
CA THR F 653 21.40 -23.67 -36.31
C THR F 653 21.70 -22.37 -35.59
N THR F 654 20.78 -21.40 -35.70
CA THR F 654 21.01 -20.05 -35.23
C THR F 654 19.88 -19.68 -34.26
N CYS F 655 20.25 -19.08 -33.13
CA CYS F 655 19.27 -18.76 -32.10
C CYS F 655 19.67 -17.48 -31.39
N ILE F 656 18.73 -16.94 -30.63
CA ILE F 656 18.89 -15.64 -29.99
C ILE F 656 19.42 -15.86 -28.58
N VAL F 657 20.08 -14.86 -28.02
CA VAL F 657 20.44 -14.91 -26.60
C VAL F 657 19.16 -14.75 -25.78
N PRO F 658 19.05 -15.35 -24.60
CA PRO F 658 17.85 -15.17 -23.79
C PRO F 658 17.51 -13.71 -23.54
N PRO F 659 16.28 -13.42 -23.06
CA PRO F 659 15.91 -12.02 -22.68
C PRO F 659 16.42 -11.68 -21.27
N TRP F 660 17.65 -12.07 -20.95
CA TRP F 660 18.28 -11.63 -19.71
C TRP F 660 19.77 -11.35 -19.81
N SER F 661 20.35 -11.27 -21.01
CA SER F 661 21.79 -10.99 -21.09
C SER F 661 22.02 -9.48 -21.05
N THR F 704 25.87 -37.61 -51.62
CA THR F 704 26.80 -36.80 -52.39
C THR F 704 28.17 -36.77 -51.72
N GLU F 705 28.27 -36.00 -50.64
CA GLU F 705 29.50 -35.88 -49.87
C GLU F 705 29.40 -36.48 -48.48
N PHE F 706 28.22 -36.93 -48.06
CA PHE F 706 28.03 -37.58 -46.78
C PHE F 706 27.57 -39.03 -46.94
N SER F 707 27.83 -39.63 -48.11
CA SER F 707 27.17 -40.89 -48.46
C SER F 707 27.55 -42.01 -47.49
N ASP F 708 28.85 -42.21 -47.27
CA ASP F 708 29.27 -43.35 -46.44
C ASP F 708 28.96 -43.11 -44.97
N ALA F 709 29.06 -41.86 -44.51
CA ALA F 709 28.78 -41.55 -43.11
C ALA F 709 27.34 -41.92 -42.75
N ILE F 710 26.40 -41.75 -43.68
CA ILE F 710 25.01 -42.03 -43.39
C ILE F 710 24.78 -43.53 -43.21
N THR F 711 25.33 -44.36 -44.11
CA THR F 711 25.23 -45.80 -43.93
C THR F 711 25.73 -46.21 -42.55
N LYS F 712 26.77 -45.54 -42.09
CA LYS F 712 27.41 -45.80 -40.80
C LYS F 712 26.49 -45.44 -39.65
N VAL F 713 25.92 -44.24 -39.69
CA VAL F 713 24.89 -43.86 -38.74
C VAL F 713 23.68 -44.76 -38.89
N GLU F 714 23.33 -45.10 -40.12
CA GLU F 714 22.32 -46.12 -40.33
C GLU F 714 22.77 -47.44 -39.70
N GLN F 715 24.03 -47.81 -39.90
CA GLN F 715 24.66 -48.93 -39.19
C GLN F 715 24.41 -48.85 -37.69
N TRP F 716 24.98 -47.82 -37.07
CA TRP F 716 25.03 -47.77 -35.61
C TRP F 716 23.65 -47.62 -35.02
N LEU F 717 22.74 -46.98 -35.76
CA LEU F 717 21.37 -46.83 -35.28
C LEU F 717 20.70 -48.20 -35.16
N LYS F 718 20.84 -49.04 -36.17
CA LYS F 718 20.36 -50.42 -36.06
C LYS F 718 20.99 -51.12 -34.87
N ASN F 719 22.31 -51.00 -34.72
CA ASN F 719 23.01 -51.54 -33.56
C ASN F 719 22.35 -51.06 -32.26
N VAL F 720 22.01 -49.76 -32.19
CA VAL F 720 21.33 -49.23 -31.02
C VAL F 720 19.94 -49.85 -30.90
N ASN F 721 19.26 -50.01 -32.04
CA ASN F 721 17.86 -50.39 -32.06
C ASN F 721 17.64 -51.78 -31.46
N GLU F 722 18.48 -52.75 -31.79
CA GLU F 722 18.32 -54.12 -31.32
C GLU F 722 18.41 -54.22 -29.79
N ILE F 723 19.21 -53.36 -29.18
CA ILE F 723 19.86 -53.64 -27.90
C ILE F 723 19.79 -52.48 -26.93
N GLU F 724 19.31 -51.31 -27.37
CA GLU F 724 18.85 -50.25 -26.49
C GLU F 724 17.63 -50.65 -25.69
N ILE F 725 16.88 -51.65 -26.13
CA ILE F 725 15.64 -52.02 -25.45
C ILE F 725 15.98 -52.63 -24.11
N GLY F 726 17.22 -53.11 -23.95
CA GLY F 726 17.65 -53.75 -22.72
C GLY F 726 18.43 -52.82 -21.81
N ILE F 727 18.13 -51.52 -21.89
CA ILE F 727 18.79 -50.53 -21.03
C ILE F 727 17.80 -49.89 -20.06
N ARG F 728 17.95 -50.18 -18.77
CA ARG F 728 17.08 -49.63 -17.72
C ARG F 728 17.85 -48.73 -16.76
N PRO F 729 17.68 -47.41 -16.91
CA PRO F 729 18.37 -46.38 -16.13
C PRO F 729 17.48 -45.82 -15.03
N SER F 730 18.13 -45.24 -14.03
CA SER F 730 17.46 -44.62 -12.90
C SER F 730 17.80 -43.14 -12.86
N ALA F 731 16.97 -42.39 -12.13
CA ALA F 731 17.32 -41.00 -11.85
C ALA F 731 18.67 -40.91 -11.17
N LEU F 732 19.04 -41.95 -10.41
CA LEU F 732 20.36 -41.99 -9.78
C LEU F 732 21.46 -42.12 -10.82
N LEU F 733 21.33 -43.10 -11.74
CA LEU F 733 22.36 -43.29 -12.76
C LEU F 733 22.44 -42.07 -13.67
N ILE F 734 21.30 -41.60 -14.17
CA ILE F 734 21.29 -40.48 -15.09
C ILE F 734 21.84 -39.23 -14.39
N GLY F 735 21.43 -39.00 -13.14
CA GLY F 735 21.96 -37.88 -12.40
C GLY F 735 23.45 -38.00 -12.14
N LYS F 736 23.91 -39.22 -11.81
CA LYS F 736 25.32 -39.41 -11.49
C LYS F 736 26.19 -39.41 -12.74
N VAL F 737 25.69 -39.95 -13.86
CA VAL F 737 26.41 -39.81 -15.12
C VAL F 737 26.61 -38.34 -15.45
N TRP F 738 25.57 -37.53 -15.24
CA TRP F 738 25.69 -36.09 -15.46
C TRP F 738 26.68 -35.46 -14.49
N SER F 739 26.68 -35.92 -13.22
CA SER F 739 27.56 -35.33 -12.21
C SER F 739 29.03 -35.51 -12.57
N ARG F 740 29.46 -36.76 -12.81
CA ARG F 740 30.79 -36.99 -13.38
C ARG F 740 31.02 -36.18 -14.65
N PHE F 741 30.10 -36.29 -15.62
CA PHE F 741 30.29 -35.60 -16.88
C PHE F 741 30.42 -34.10 -16.66
N TYR F 742 29.50 -33.52 -15.89
CA TYR F 742 29.54 -32.09 -15.64
C TYR F 742 30.80 -31.69 -14.87
N PHE F 743 31.28 -32.55 -13.97
CA PHE F 743 32.49 -32.20 -13.23
C PHE F 743 33.72 -32.33 -14.11
N ASN F 744 33.87 -33.48 -14.76
CA ASN F 744 34.97 -33.65 -15.71
C ASN F 744 35.02 -32.48 -16.67
N LEU F 745 33.86 -31.87 -16.95
CA LEU F 745 33.80 -30.80 -17.93
C LEU F 745 34.54 -29.55 -17.47
N ASN F 746 34.46 -29.20 -16.17
CA ASN F 746 35.13 -27.99 -15.69
C ASN F 746 36.63 -28.18 -15.49
N ASN F 747 37.07 -29.40 -15.22
CA ASN F 747 38.50 -29.66 -15.20
C ASN F 747 39.12 -29.46 -16.58
N VAL F 748 38.40 -29.87 -17.63
CA VAL F 748 38.87 -29.60 -18.98
C VAL F 748 38.78 -28.11 -19.28
N ALA F 749 37.79 -27.41 -18.76
CA ALA F 749 37.63 -25.98 -19.01
C ALA F 749 38.69 -25.15 -18.29
N ASP F 750 39.48 -25.73 -17.40
CA ASP F 750 40.52 -24.99 -16.68
C ASP F 750 41.92 -25.48 -17.00
N GLN F 751 42.16 -26.79 -16.97
CA GLN F 751 43.49 -27.31 -17.26
C GLN F 751 43.91 -26.98 -18.68
N HIS F 752 43.02 -27.20 -19.65
CA HIS F 752 43.31 -26.89 -21.04
C HIS F 752 43.11 -25.41 -21.37
N LYS F 753 42.49 -24.63 -20.48
CA LYS F 753 42.37 -23.20 -20.75
C LYS F 753 43.74 -22.55 -20.84
N THR F 754 44.63 -22.80 -19.89
CA THR F 754 45.87 -22.04 -19.72
C THR F 754 47.04 -22.74 -20.40
N ARG F 755 46.76 -23.40 -21.54
CA ARG F 755 47.75 -24.16 -22.28
C ARG F 755 47.66 -23.87 -23.78
N LEU F 756 47.08 -22.75 -24.17
CA LEU F 756 46.91 -22.40 -25.57
C LEU F 756 48.08 -21.53 -25.99
N TYR F 757 49.19 -22.17 -26.34
CA TYR F 757 50.40 -21.51 -26.78
C TYR F 757 50.40 -21.41 -28.31
N ARG F 758 51.37 -20.69 -28.86
CA ARG F 758 51.44 -20.56 -30.32
C ARG F 758 51.83 -21.88 -30.95
N ASN F 759 52.72 -22.62 -30.30
CA ASN F 759 53.15 -23.95 -30.74
C ASN F 759 52.48 -25.07 -29.96
N ALA F 760 51.52 -24.74 -29.09
CA ALA F 760 50.75 -25.79 -28.43
C ALA F 760 50.01 -26.67 -29.42
N GLU F 761 49.78 -26.17 -30.63
CA GLU F 761 49.16 -26.98 -31.66
C GLU F 761 50.03 -28.19 -31.98
N HIS F 762 49.43 -29.15 -32.67
CA HIS F 762 49.94 -30.51 -32.85
C HIS F 762 49.74 -31.32 -31.57
N GLY F 763 49.34 -30.66 -30.48
CA GLY F 763 49.02 -31.31 -29.23
C GLY F 763 49.86 -32.51 -28.91
N ARG F 764 51.16 -32.45 -29.15
CA ARG F 764 51.94 -33.68 -29.06
C ARG F 764 52.18 -34.14 -27.66
N MET F 765 51.88 -33.28 -26.71
CA MET F 765 52.30 -33.46 -25.33
C MET F 765 51.14 -33.21 -24.32
N ALA F 766 51.43 -33.55 -23.07
CA ALA F 766 50.43 -33.39 -22.04
C ALA F 766 50.26 -31.95 -21.65
N SER F 767 51.24 -31.08 -21.78
CA SER F 767 51.07 -29.71 -21.35
C SER F 767 50.86 -28.75 -22.51
N GLN F 768 50.56 -29.27 -23.70
CA GLN F 768 50.17 -28.48 -24.86
C GLN F 768 48.73 -28.80 -25.22
N SER F 769 47.90 -27.76 -25.34
CA SER F 769 46.49 -27.94 -25.65
C SER F 769 46.07 -26.95 -26.73
N ASN F 770 45.03 -27.35 -27.46
CA ASN F 770 44.49 -26.60 -28.59
C ASN F 770 42.98 -26.80 -28.62
N ALA F 771 42.34 -26.30 -29.67
CA ALA F 771 40.89 -26.46 -29.80
C ALA F 771 40.48 -27.89 -30.08
N ALA F 772 41.38 -28.72 -30.61
CA ALA F 772 41.07 -30.12 -30.83
C ALA F 772 41.23 -30.97 -29.58
N LYS F 773 42.25 -30.69 -28.76
CA LYS F 773 42.44 -31.47 -27.53
C LYS F 773 41.34 -31.17 -26.52
N ILE F 774 40.93 -29.91 -26.39
CA ILE F 774 39.87 -29.58 -25.47
C ILE F 774 38.61 -30.35 -25.81
N MET F 775 38.27 -30.40 -27.10
CA MET F 775 37.02 -31.01 -27.52
C MET F 775 37.10 -32.52 -27.36
N ARG F 776 38.24 -33.11 -27.71
CA ARG F 776 38.40 -34.55 -27.57
C ARG F 776 38.19 -34.98 -26.12
N PHE F 777 38.76 -34.23 -25.16
CA PHE F 777 38.61 -34.63 -23.77
C PHE F 777 37.21 -34.31 -23.26
N ASN F 778 36.54 -33.31 -23.83
CA ASN F 778 35.13 -33.10 -23.51
C ASN F 778 34.30 -34.27 -23.99
N VAL F 779 34.60 -34.81 -25.17
CA VAL F 779 33.92 -36.03 -25.62
C VAL F 779 34.34 -37.21 -24.76
N LEU F 780 35.63 -37.32 -24.46
CA LEU F 780 36.10 -38.40 -23.59
C LEU F 780 35.52 -38.28 -22.19
N ALA F 781 35.29 -37.03 -21.73
CA ALA F 781 34.67 -36.83 -20.43
C ALA F 781 33.27 -37.43 -20.39
N PHE F 782 32.49 -37.23 -21.47
CA PHE F 782 31.20 -37.89 -21.57
C PHE F 782 31.37 -39.40 -21.44
N LEU F 783 32.14 -40.00 -22.36
CA LEU F 783 32.18 -41.45 -22.46
C LEU F 783 32.70 -42.07 -21.17
N HIS F 784 33.67 -41.43 -20.53
CA HIS F 784 34.17 -41.93 -19.26
C HIS F 784 33.11 -41.83 -18.17
N ALA F 785 32.35 -40.73 -18.14
CA ALA F 785 31.31 -40.58 -17.14
C ALA F 785 30.26 -41.67 -17.29
N VAL F 786 29.85 -41.97 -18.52
CA VAL F 786 28.89 -43.04 -18.76
C VAL F 786 29.46 -44.38 -18.33
N LEU F 787 30.72 -44.65 -18.71
CA LEU F 787 31.33 -45.95 -18.41
C LEU F 787 31.38 -46.19 -16.91
N VAL F 788 31.78 -45.18 -16.14
CA VAL F 788 32.01 -45.37 -14.71
C VAL F 788 30.69 -45.61 -13.99
N GLU F 789 29.76 -44.65 -14.08
CA GLU F 789 28.50 -44.76 -13.35
C GLU F 789 27.70 -45.97 -13.81
N GLU F 790 27.73 -46.25 -15.11
CA GLU F 790 27.01 -47.40 -15.63
C GLU F 790 27.61 -48.71 -15.13
N SER F 791 28.92 -48.73 -14.89
CA SER F 791 29.51 -49.87 -14.20
C SER F 791 29.07 -49.95 -12.75
N LEU F 792 28.52 -48.85 -12.21
CA LEU F 792 28.13 -48.76 -10.81
C LEU F 792 26.63 -48.79 -10.59
N TYR F 793 25.85 -48.13 -11.43
CA TYR F 793 24.46 -47.83 -11.13
C TYR F 793 23.51 -48.23 -12.25
N HIS F 794 23.86 -49.23 -13.05
CA HIS F 794 22.98 -49.76 -14.08
C HIS F 794 22.46 -51.12 -13.65
N SER F 795 21.13 -51.26 -13.65
CA SER F 795 20.45 -52.43 -13.10
C SER F 795 20.44 -53.61 -14.05
N VAL F 796 21.27 -53.58 -15.09
CA VAL F 796 21.39 -54.73 -15.99
C VAL F 796 22.37 -55.77 -15.46
N SER F 797 23.31 -55.37 -14.61
CA SER F 797 24.28 -56.29 -14.01
C SER F 797 24.25 -56.11 -12.50
N ASP F 798 24.43 -57.22 -11.78
CA ASP F 798 24.29 -57.17 -10.33
C ASP F 798 25.43 -56.40 -9.69
N ARG F 799 26.59 -56.36 -10.36
CA ARG F 799 27.83 -55.94 -9.74
C ARG F 799 28.60 -55.01 -10.67
N GLU F 800 29.64 -54.40 -10.11
CA GLU F 800 30.63 -53.66 -10.88
C GLU F 800 31.71 -54.57 -11.45
N TYR F 801 32.14 -54.22 -12.66
CA TYR F 801 33.33 -54.75 -13.30
C TYR F 801 34.46 -53.74 -13.30
N ILE F 802 34.28 -52.61 -12.63
CA ILE F 802 35.24 -51.52 -12.66
C ILE F 802 36.27 -51.63 -11.53
N GLY F 803 35.92 -52.27 -10.43
CA GLY F 803 36.86 -52.53 -9.35
C GLY F 803 36.84 -51.46 -8.26
N GLU F 804 37.32 -51.85 -7.09
CA GLU F 804 37.46 -50.94 -5.95
C GLU F 804 38.76 -50.18 -6.11
N GLY F 805 38.68 -48.98 -6.69
CA GLY F 805 39.85 -48.17 -6.96
C GLY F 805 39.56 -46.69 -6.78
N LEU F 806 40.62 -45.91 -6.84
CA LEU F 806 40.54 -44.45 -6.76
C LEU F 806 40.16 -43.92 -8.14
N ARG F 807 39.06 -43.16 -8.19
CA ARG F 807 38.33 -42.95 -9.44
C ARG F 807 38.48 -41.50 -9.89
N LEU F 808 39.25 -41.30 -10.95
CA LEU F 808 39.51 -39.98 -11.51
C LEU F 808 38.95 -39.89 -12.93
N ASN F 809 38.99 -38.68 -13.45
CA ASN F 809 38.45 -38.32 -14.75
C ASN F 809 39.57 -37.98 -15.72
N PRO F 810 39.47 -38.36 -17.00
CA PRO F 810 40.51 -37.95 -17.96
C PRO F 810 40.39 -36.47 -18.30
N VAL F 811 41.34 -35.67 -17.84
CA VAL F 811 41.33 -34.23 -18.06
C VAL F 811 42.37 -33.83 -19.10
N THR F 812 43.64 -34.14 -18.85
CA THR F 812 44.72 -33.78 -19.76
C THR F 812 45.36 -35.00 -20.42
N SER F 813 44.93 -36.20 -20.08
CA SER F 813 45.45 -37.42 -20.70
C SER F 813 44.43 -38.53 -20.50
N VAL F 814 44.69 -39.67 -21.13
CA VAL F 814 43.73 -40.78 -21.12
C VAL F 814 44.21 -41.89 -20.20
N ASP F 815 45.00 -41.55 -19.19
CA ASP F 815 45.36 -42.57 -18.21
C ASP F 815 44.11 -43.26 -17.69
N GLU F 816 43.17 -42.48 -17.16
CA GLU F 816 42.01 -43.05 -16.46
C GLU F 816 41.05 -43.77 -17.42
N PHE F 817 40.90 -43.27 -18.64
CA PHE F 817 39.96 -43.90 -19.57
C PHE F 817 40.52 -45.19 -20.14
N GLU F 818 41.76 -45.13 -20.65
CA GLU F 818 42.45 -46.34 -21.10
C GLU F 818 42.31 -47.44 -20.06
N LYS F 819 42.35 -47.04 -18.79
CA LYS F 819 42.29 -47.90 -17.62
C LYS F 819 40.99 -48.64 -17.43
N LYS F 820 39.93 -47.89 -17.14
CA LYS F 820 38.70 -48.50 -16.66
C LYS F 820 38.09 -49.40 -17.71
N ILE F 821 38.04 -48.95 -18.97
CA ILE F 821 37.60 -49.83 -20.06
C ILE F 821 38.32 -51.15 -19.92
N LYS F 822 39.64 -51.06 -19.80
CA LYS F 822 40.49 -52.20 -19.79
C LYS F 822 40.26 -53.12 -18.60
N ILE F 823 40.29 -52.58 -17.39
CA ILE F 823 40.11 -53.41 -16.21
C ILE F 823 38.75 -54.09 -16.28
N ILE F 824 37.76 -53.39 -16.85
CA ILE F 824 36.49 -54.01 -17.18
C ILE F 824 36.64 -54.99 -18.34
N GLY F 825 37.55 -54.68 -19.26
CA GLY F 825 37.65 -55.47 -20.49
C GLY F 825 37.96 -56.93 -20.25
N GLU F 826 38.99 -57.22 -19.44
CA GLU F 826 39.38 -58.60 -19.23
C GLU F 826 38.71 -59.23 -18.02
N LYS F 827 37.96 -58.45 -17.24
CA LYS F 827 37.09 -59.03 -16.23
C LYS F 827 35.88 -59.66 -16.87
N LEU F 828 35.37 -59.00 -17.92
CA LEU F 828 34.21 -59.46 -18.66
C LEU F 828 34.41 -60.88 -19.15
N LYS F 829 35.67 -61.23 -19.44
CA LYS F 829 35.98 -62.55 -19.99
C LYS F 829 36.03 -63.60 -18.90
N ALA F 830 36.71 -63.29 -17.79
CA ALA F 830 36.69 -64.21 -16.65
C ALA F 830 35.28 -64.37 -16.11
N ASP F 831 34.42 -63.39 -16.32
CA ASP F 831 33.03 -63.44 -15.93
C ASP F 831 32.13 -63.97 -17.05
N ASN F 832 32.71 -64.23 -18.22
CA ASN F 832 31.96 -64.67 -19.39
C ASN F 832 30.82 -63.70 -19.71
N LYS F 833 31.19 -62.42 -19.85
CA LYS F 833 30.26 -61.36 -20.20
C LYS F 833 30.87 -60.51 -21.31
N THR F 834 30.03 -59.79 -22.04
CA THR F 834 30.46 -58.89 -23.10
C THR F 834 30.02 -57.46 -22.78
N TRP F 835 30.55 -56.51 -23.56
CA TRP F 835 30.16 -55.11 -23.47
C TRP F 835 28.71 -54.89 -23.87
N LYS F 836 28.10 -55.90 -24.50
CA LYS F 836 26.71 -55.86 -24.89
C LYS F 836 25.80 -56.06 -23.69
N ASN F 837 25.87 -57.26 -23.12
CA ASN F 837 24.97 -57.63 -22.03
C ASN F 837 25.15 -56.69 -20.85
N THR F 838 26.40 -56.36 -20.54
CA THR F 838 26.74 -55.39 -19.50
C THR F 838 27.36 -54.16 -20.12
N HIS F 839 27.05 -53.01 -19.54
CA HIS F 839 27.48 -51.70 -20.04
C HIS F 839 26.94 -51.42 -21.43
N PRO F 840 25.62 -51.56 -21.66
CA PRO F 840 25.07 -51.25 -22.99
C PRO F 840 25.26 -49.80 -23.41
N LEU F 841 24.87 -48.85 -22.56
CA LEU F 841 24.85 -47.45 -22.98
C LEU F 841 26.24 -46.99 -23.41
N PHE F 842 27.28 -47.32 -22.64
CA PHE F 842 28.63 -46.96 -23.03
C PHE F 842 29.02 -47.61 -24.36
N PHE F 843 28.64 -48.87 -24.54
CA PHE F 843 28.96 -49.56 -25.79
C PHE F 843 28.32 -48.85 -26.98
N LEU F 844 27.06 -48.46 -26.86
CA LEU F 844 26.39 -47.77 -27.95
C LEU F 844 27.02 -46.40 -28.21
N LEU F 845 27.39 -45.69 -27.14
CA LEU F 845 27.96 -44.36 -27.27
C LEU F 845 29.37 -44.42 -27.85
N ILE F 846 30.21 -45.33 -27.35
CA ILE F 846 31.56 -45.44 -27.88
C ILE F 846 31.56 -45.91 -29.32
N SER F 847 30.53 -46.63 -29.75
CA SER F 847 30.43 -47.12 -31.12
C SER F 847 29.76 -46.14 -32.06
N CYS F 848 29.40 -44.95 -31.58
CA CYS F 848 28.73 -43.98 -32.43
C CYS F 848 29.71 -43.38 -33.43
N PRO F 849 29.46 -43.49 -34.74
CA PRO F 849 30.34 -42.80 -35.70
C PRO F 849 30.44 -41.30 -35.46
N ILE F 850 29.41 -40.68 -34.87
CA ILE F 850 29.45 -39.24 -34.67
C ILE F 850 30.60 -38.88 -33.74
N LEU F 851 30.87 -39.72 -32.76
CA LEU F 851 31.88 -39.43 -31.73
C LEU F 851 33.30 -39.75 -32.18
N HIS F 852 33.47 -40.73 -33.07
CA HIS F 852 34.81 -41.24 -33.34
C HIS F 852 35.79 -40.19 -33.84
N PRO F 853 35.42 -39.28 -34.74
CA PRO F 853 36.41 -38.26 -35.18
C PRO F 853 36.99 -37.44 -34.04
N PHE F 854 36.23 -37.21 -32.97
CA PHE F 854 36.72 -36.42 -31.84
C PHE F 854 37.62 -37.23 -30.91
N ILE F 855 37.61 -38.55 -31.05
CA ILE F 855 38.34 -39.40 -30.12
C ILE F 855 39.83 -39.30 -30.36
N PHE F 856 40.24 -39.37 -31.62
CA PHE F 856 41.65 -39.32 -32.02
C PHE F 856 41.80 -38.27 -33.11
N PRO F 857 41.59 -37.00 -32.77
CA PRO F 857 41.75 -35.94 -33.76
C PRO F 857 43.21 -35.59 -33.96
N ILE F 858 43.49 -34.92 -35.09
CA ILE F 858 44.84 -34.45 -35.35
C ILE F 858 45.16 -33.35 -34.34
N GLY F 859 46.31 -33.46 -33.69
CA GLY F 859 46.70 -32.50 -32.69
C GLY F 859 46.01 -32.65 -31.35
N GLY F 860 45.32 -33.76 -31.13
CA GLY F 860 44.70 -34.02 -29.84
C GLY F 860 45.26 -35.27 -29.20
N ILE F 861 46.30 -35.84 -29.82
CA ILE F 861 46.90 -37.10 -29.41
C ILE F 861 48.28 -36.80 -28.84
N ASN F 862 48.51 -37.22 -27.60
CA ASN F 862 49.79 -37.01 -26.95
C ASN F 862 50.84 -37.92 -27.58
N CYS F 863 52.03 -37.37 -27.82
CA CYS F 863 53.08 -38.05 -28.57
C CYS F 863 54.38 -38.11 -27.77
N SER F 864 54.27 -38.43 -26.49
CA SER F 864 55.43 -38.69 -25.65
C SER F 864 55.67 -40.19 -25.57
N VAL F 865 56.94 -40.56 -25.36
CA VAL F 865 57.26 -41.97 -25.19
C VAL F 865 56.41 -42.55 -24.08
N LYS F 866 56.28 -41.81 -22.99
CA LYS F 866 55.47 -42.30 -21.90
C LYS F 866 54.00 -42.32 -22.30
N ALA F 867 53.53 -41.20 -22.83
CA ALA F 867 52.12 -40.95 -23.06
C ALA F 867 51.55 -41.89 -24.10
N LEU F 868 52.37 -42.30 -25.08
CA LEU F 868 51.84 -43.17 -26.12
C LEU F 868 51.48 -44.56 -25.60
N ASN F 869 52.22 -45.05 -24.60
CA ASN F 869 51.99 -46.42 -24.16
C ASN F 869 50.54 -46.61 -23.75
N LYS F 870 49.91 -45.56 -23.22
CA LYS F 870 48.47 -45.60 -23.02
C LYS F 870 47.72 -45.49 -24.34
N GLU F 871 48.14 -44.55 -25.20
CA GLU F 871 47.22 -44.12 -26.25
C GLU F 871 47.16 -45.15 -27.37
N THR F 872 48.29 -45.75 -27.72
CA THR F 872 48.25 -46.89 -28.64
C THR F 872 47.48 -48.04 -28.01
N SER F 873 47.71 -48.28 -26.72
CA SER F 873 46.97 -49.31 -26.00
C SER F 873 45.57 -48.84 -25.62
N PHE F 874 45.33 -47.52 -25.72
CA PHE F 874 43.96 -47.02 -25.65
C PHE F 874 43.17 -47.37 -26.91
N ASN F 875 43.83 -47.37 -28.06
CA ASN F 875 43.14 -47.61 -29.33
C ASN F 875 42.62 -49.05 -29.42
N LYS F 876 43.47 -50.02 -29.11
CA LYS F 876 43.10 -51.43 -29.19
C LYS F 876 41.83 -51.74 -28.44
N LEU F 877 41.72 -51.23 -27.21
CA LEU F 877 40.56 -51.55 -26.38
C LEU F 877 39.29 -51.03 -27.01
N ILE F 878 39.38 -49.85 -27.64
CA ILE F 878 38.21 -49.26 -28.29
C ILE F 878 37.77 -50.12 -29.46
N ASP F 879 38.72 -50.52 -30.32
CA ASP F 879 38.38 -51.33 -31.49
C ASP F 879 37.70 -52.63 -31.05
N GLU F 880 38.20 -53.20 -29.96
CA GLU F 880 37.72 -54.51 -29.52
C GLU F 880 36.28 -54.42 -29.02
N ILE F 881 35.90 -53.26 -28.48
CA ILE F 881 34.51 -53.07 -28.06
C ILE F 881 33.61 -52.83 -29.26
N VAL F 882 34.01 -51.87 -30.12
CA VAL F 882 33.16 -51.46 -31.22
C VAL F 882 32.92 -52.61 -32.18
N GLY F 883 33.94 -53.44 -32.41
CA GLY F 883 33.86 -54.56 -33.31
C GLY F 883 34.45 -54.30 -34.68
N ASP F 884 34.65 -53.04 -35.04
CA ASP F 884 35.40 -52.68 -36.24
C ASP F 884 36.58 -51.83 -35.82
N LYS F 885 37.67 -51.95 -36.57
CA LYS F 885 38.92 -51.32 -36.19
C LYS F 885 38.94 -49.90 -36.72
N LEU F 886 39.27 -48.94 -35.84
CA LEU F 886 38.84 -47.56 -36.05
C LEU F 886 39.71 -46.85 -37.08
N LEU F 887 41.01 -46.76 -36.82
CA LEU F 887 41.93 -46.09 -37.74
C LEU F 887 42.98 -47.07 -38.21
N SER F 888 43.28 -47.06 -39.52
CA SER F 888 44.34 -47.89 -40.05
C SER F 888 45.70 -47.46 -39.50
N ASP F 889 46.62 -48.41 -39.37
CA ASP F 889 47.95 -48.04 -38.90
C ASP F 889 48.49 -46.87 -39.73
N GLU F 890 48.41 -47.03 -41.03
CA GLU F 890 48.66 -46.01 -42.01
C GLU F 890 47.71 -44.82 -41.90
N GLU F 891 46.65 -44.90 -41.10
CA GLU F 891 46.05 -43.66 -40.62
C GLU F 891 46.54 -43.34 -39.22
N TRP F 892 46.91 -44.36 -38.46
CA TRP F 892 47.43 -44.17 -37.10
C TRP F 892 48.81 -43.51 -37.11
N ASP F 893 49.65 -43.85 -38.09
CA ASP F 893 51.00 -43.30 -38.14
C ASP F 893 51.00 -41.79 -38.32
N TYR F 894 50.13 -41.24 -39.16
CA TYR F 894 50.10 -39.79 -39.33
C TYR F 894 49.71 -39.09 -38.04
N LEU F 895 48.85 -39.70 -37.23
CA LEU F 895 48.42 -39.07 -35.98
C LEU F 895 49.58 -38.85 -35.03
N THR F 896 50.48 -39.84 -34.91
CA THR F 896 51.45 -39.87 -33.82
C THR F 896 52.87 -39.50 -34.23
N PHE F 910 42.00 -36.92 -44.96
CA PHE F 910 41.74 -37.91 -43.93
C PHE F 910 40.27 -37.86 -43.48
N GLN F 911 39.52 -38.89 -43.88
CA GLN F 911 38.13 -39.03 -43.48
C GLN F 911 38.03 -39.73 -42.12
N ASN F 912 36.87 -39.55 -41.49
CA ASN F 912 36.61 -40.14 -40.18
C ASN F 912 37.62 -39.69 -39.13
N THR F 913 38.23 -38.51 -39.32
CA THR F 913 39.15 -37.97 -38.34
C THR F 913 39.24 -36.46 -38.55
N ILE F 914 39.15 -35.72 -37.45
CA ILE F 914 39.20 -34.26 -37.51
C ILE F 914 40.64 -33.81 -37.70
N THR F 915 40.88 -33.01 -38.74
CA THR F 915 42.21 -32.55 -39.10
C THR F 915 42.35 -31.03 -39.15
N SER F 916 41.28 -30.28 -38.88
CA SER F 916 41.32 -28.84 -39.02
C SER F 916 41.03 -28.09 -37.72
N LEU F 917 40.60 -28.78 -36.68
CA LEU F 917 40.31 -28.11 -35.42
C LEU F 917 41.59 -27.75 -34.65
N ASN F 918 42.68 -28.48 -34.87
CA ASN F 918 43.91 -28.21 -34.14
C ASN F 918 44.34 -26.76 -34.29
N SER F 919 44.41 -26.28 -35.53
CA SER F 919 44.91 -24.95 -35.83
C SER F 919 43.79 -23.92 -35.94
N SER F 920 42.65 -24.16 -35.29
CA SER F 920 41.56 -23.20 -35.25
C SER F 920 41.73 -22.33 -34.02
N THR F 921 41.78 -21.01 -34.23
CA THR F 921 42.02 -20.07 -33.14
C THR F 921 40.78 -19.91 -32.28
N ILE F 922 41.00 -19.71 -30.99
CA ILE F 922 39.93 -19.55 -30.00
C ILE F 922 39.90 -18.10 -29.54
N VAL F 923 38.69 -17.56 -29.38
CA VAL F 923 38.58 -16.16 -28.96
C VAL F 923 39.25 -15.97 -27.60
N GLY F 924 39.86 -14.81 -27.41
CA GLY F 924 40.48 -14.47 -26.15
C GLY F 924 41.84 -15.10 -25.96
N ALA F 925 42.06 -16.27 -26.57
CA ALA F 925 43.37 -16.89 -26.52
C ALA F 925 44.34 -16.01 -27.29
N SER F 926 45.18 -15.28 -26.56
CA SER F 926 46.15 -14.37 -27.17
C SER F 926 47.13 -15.13 -28.06
N TYR F 927 47.46 -16.37 -27.66
CA TYR F 927 48.38 -17.21 -28.40
C TYR F 927 49.68 -16.49 -28.74
N ASP F 928 50.28 -15.84 -27.75
CA ASP F 928 51.53 -15.12 -27.94
C ASP F 928 52.71 -15.88 -27.35
N LYS F 929 52.49 -16.54 -26.23
CA LYS F 929 53.53 -17.30 -25.56
C LYS F 929 53.77 -18.64 -26.27
N ASP F 930 54.93 -19.24 -26.01
CA ASP F 930 55.28 -20.50 -26.62
C ASP F 930 55.33 -21.63 -25.59
N LYS G 35 -48.35 26.19 -23.97
CA LYS G 35 -47.24 26.07 -24.91
C LYS G 35 -47.68 25.42 -26.22
N SER G 36 -47.01 25.78 -27.31
CA SER G 36 -47.13 25.01 -28.55
C SER G 36 -46.54 23.62 -28.38
N LEU G 37 -45.54 23.48 -27.51
CA LEU G 37 -44.96 22.17 -27.24
C LEU G 37 -45.93 21.24 -26.52
N ARG G 38 -46.74 21.77 -25.61
CA ARG G 38 -47.75 20.89 -25.05
C ARG G 38 -48.78 20.50 -26.12
N ASP G 39 -49.14 21.42 -27.02
CA ASP G 39 -49.95 21.03 -28.16
C ASP G 39 -49.29 19.87 -28.90
N GLN G 40 -47.99 20.00 -29.17
CA GLN G 40 -47.16 18.87 -29.60
C GLN G 40 -47.53 17.58 -28.89
N LEU G 41 -47.33 17.55 -27.58
CA LEU G 41 -47.44 16.28 -26.86
C LEU G 41 -48.86 15.71 -26.96
N VAL G 42 -49.86 16.57 -26.71
CA VAL G 42 -51.26 16.15 -26.86
C VAL G 42 -51.51 15.56 -28.24
N GLU G 43 -51.03 16.24 -29.26
CA GLU G 43 -51.53 16.04 -30.61
C GLU G 43 -50.84 14.85 -31.26
N SER G 44 -49.56 14.66 -30.95
CA SER G 44 -48.88 13.42 -31.30
C SER G 44 -49.43 12.23 -30.51
N ILE G 45 -49.79 12.41 -29.24
CA ILE G 45 -50.45 11.34 -28.51
C ILE G 45 -51.77 10.99 -29.18
N ARG G 46 -52.50 12.02 -29.61
CA ARG G 46 -53.80 11.81 -30.26
C ARG G 46 -53.66 10.90 -31.46
N ASN G 47 -52.72 11.22 -32.36
CA ASN G 47 -52.52 10.35 -33.53
C ASN G 47 -51.41 9.34 -33.31
N SER G 48 -51.13 8.96 -32.07
CA SER G 48 -50.21 7.86 -31.77
C SER G 48 -50.91 6.53 -31.54
N ILE G 49 -52.24 6.53 -31.39
CA ILE G 49 -53.00 5.31 -31.16
C ILE G 49 -53.84 4.91 -32.37
N ALA G 50 -54.12 5.83 -33.29
CA ALA G 50 -54.90 5.52 -34.48
C ALA G 50 -54.15 4.56 -35.39
N ARG G 69 -41.83 1.17 -27.64
CA ARG G 69 -43.03 1.24 -26.81
C ARG G 69 -43.92 2.40 -27.25
N ASN G 70 -44.92 2.70 -26.44
CA ASN G 70 -45.82 3.84 -26.66
C ASN G 70 -45.66 4.84 -25.52
N VAL G 71 -44.42 5.09 -25.12
CA VAL G 71 -44.10 5.90 -23.96
C VAL G 71 -43.47 7.20 -24.43
N PHE G 72 -43.99 8.32 -23.93
CA PHE G 72 -43.48 9.64 -24.23
C PHE G 72 -42.71 10.16 -23.03
N PHE G 73 -41.49 10.63 -23.26
CA PHE G 73 -40.63 11.12 -22.19
C PHE G 73 -40.42 12.63 -22.34
N VAL G 74 -40.42 13.32 -21.21
CA VAL G 74 -40.21 14.77 -21.17
C VAL G 74 -38.99 15.06 -20.31
N ASP G 75 -38.03 15.78 -20.88
CA ASP G 75 -36.87 16.22 -20.13
C ASP G 75 -37.19 17.47 -19.31
N GLY G 76 -36.30 17.79 -18.39
CA GLY G 76 -36.45 18.99 -17.58
C GLY G 76 -35.47 19.05 -16.41
N GLY G 81 -41.33 24.01 -16.36
CA GLY G 81 -41.47 22.99 -15.34
C GLY G 81 -42.09 21.69 -15.83
N LYS G 82 -41.55 20.58 -15.34
CA LYS G 82 -42.09 19.26 -15.66
C LYS G 82 -43.49 19.07 -15.08
N THR G 83 -43.66 19.33 -13.79
CA THR G 83 -44.97 19.11 -13.17
C THR G 83 -46.04 19.95 -13.86
N THR G 84 -45.76 21.23 -14.08
CA THR G 84 -46.75 22.11 -14.70
C THR G 84 -47.08 21.65 -16.12
N PHE G 85 -46.07 21.27 -16.90
CA PHE G 85 -46.30 20.81 -18.26
C PHE G 85 -47.12 19.52 -18.27
N ILE G 86 -46.81 18.60 -17.36
CA ILE G 86 -47.54 17.33 -17.28
C ILE G 86 -49.01 17.60 -16.98
N ASN G 87 -49.27 18.49 -16.02
CA ASN G 87 -50.66 18.81 -15.68
C ASN G 87 -51.36 19.48 -16.86
N SER G 88 -50.68 20.39 -17.55
CA SER G 88 -51.25 21.01 -18.74
C SER G 88 -51.68 19.95 -19.74
N VAL G 89 -50.81 18.97 -19.99
CA VAL G 89 -51.14 17.91 -20.93
C VAL G 89 -52.33 17.11 -20.45
N VAL G 90 -52.32 16.72 -19.18
CA VAL G 90 -53.42 15.94 -18.63
C VAL G 90 -54.75 16.63 -18.92
N LYS G 91 -54.72 17.95 -18.92
CA LYS G 91 -55.94 18.70 -19.11
C LYS G 91 -56.33 18.73 -20.56
N SER G 92 -55.40 19.19 -21.38
CA SER G 92 -55.62 19.32 -22.81
C SER G 92 -56.21 18.04 -23.38
N LEU G 93 -56.05 16.93 -22.66
CA LEU G 93 -56.69 15.67 -23.03
C LEU G 93 -58.02 15.44 -22.32
N ASN G 94 -58.32 16.20 -21.26
CA ASN G 94 -59.55 16.00 -20.49
C ASN G 94 -59.62 14.59 -19.93
N VAL G 102 -61.73 10.50 -31.04
CA VAL G 102 -60.79 11.51 -30.57
C VAL G 102 -60.68 11.46 -29.04
N ASN G 103 -61.30 10.45 -28.43
CA ASN G 103 -61.30 10.33 -26.98
C ASN G 103 -60.05 9.64 -26.49
N ILE G 104 -59.47 10.16 -25.41
CA ILE G 104 -58.43 9.50 -24.65
C ILE G 104 -58.69 9.78 -23.18
N LYS G 105 -58.81 8.72 -22.39
CA LYS G 105 -58.85 8.83 -20.93
C LYS G 105 -57.47 9.14 -20.39
N CYS G 106 -57.42 9.84 -19.26
CA CYS G 106 -56.17 10.17 -18.60
C CYS G 106 -56.31 9.94 -17.11
N LEU G 107 -55.46 9.06 -16.56
CA LEU G 107 -55.43 8.85 -15.13
C LEU G 107 -54.85 10.09 -14.44
N PRO G 108 -55.21 10.34 -13.19
CA PRO G 108 -54.55 11.42 -12.44
C PRO G 108 -53.06 11.17 -12.36
N THR G 109 -52.29 12.25 -12.45
CA THR G 109 -50.84 12.11 -12.51
C THR G 109 -50.32 11.42 -11.27
N ILE G 110 -49.44 10.43 -11.47
CA ILE G 110 -48.86 9.64 -10.40
C ILE G 110 -47.51 10.22 -10.07
N ASP G 111 -47.29 10.57 -8.80
CA ASP G 111 -45.98 11.00 -8.36
C ASP G 111 -45.29 9.84 -7.66
N PRO G 112 -44.33 9.16 -8.28
CA PRO G 112 -43.75 7.98 -7.65
C PRO G 112 -43.04 8.26 -6.33
N THR G 113 -42.61 9.51 -6.10
CA THR G 113 -41.93 9.84 -4.86
C THR G 113 -42.89 10.09 -3.70
N LYS G 114 -44.19 10.24 -3.96
CA LYS G 114 -45.18 10.48 -2.92
C LYS G 114 -46.04 9.27 -2.62
N LEU G 115 -45.87 8.17 -3.35
CA LEU G 115 -46.68 7.00 -3.10
C LEU G 115 -46.25 6.33 -1.80
N PRO G 116 -47.11 5.49 -1.22
CA PRO G 116 -46.62 4.64 -0.15
C PRO G 116 -45.36 3.99 -0.59
N ARG G 117 -44.55 3.66 0.37
CA ARG G 117 -43.30 3.11 0.00
C ARG G 117 -43.43 1.81 -0.76
N HIS G 118 -43.68 0.73 -0.04
CA HIS G 118 -43.70 -0.61 -0.61
C HIS G 118 -45.11 -0.72 -1.16
N GLU G 119 -45.27 -0.20 -2.38
CA GLU G 119 -46.53 -0.35 -3.08
C GLU G 119 -46.25 -0.35 -4.58
N PRO G 120 -46.49 -1.47 -5.26
CA PRO G 120 -46.20 -1.53 -6.69
C PRO G 120 -47.03 -0.50 -7.47
N ILE G 121 -46.41 0.04 -8.52
CA ILE G 121 -47.07 1.04 -9.34
C ILE G 121 -48.35 0.48 -9.94
N LEU G 122 -48.38 -0.84 -10.19
CA LEU G 122 -49.60 -1.45 -10.70
C LEU G 122 -50.76 -1.24 -9.75
N VAL G 123 -50.50 -1.29 -8.44
CA VAL G 123 -51.57 -1.09 -7.47
C VAL G 123 -52.16 0.31 -7.60
N THR G 124 -51.30 1.32 -7.65
CA THR G 124 -51.78 2.70 -7.76
C THR G 124 -52.54 2.91 -9.07
N VAL G 125 -51.98 2.41 -10.17
CA VAL G 125 -52.64 2.56 -11.46
C VAL G 125 -54.01 1.90 -11.44
N THR G 126 -54.09 0.69 -10.90
CA THR G 126 -55.36 -0.03 -10.86
C THR G 126 -56.36 0.67 -9.96
N ALA G 127 -55.91 1.23 -8.84
CA ALA G 127 -56.82 1.93 -7.95
C ALA G 127 -57.37 3.19 -8.60
N ARG G 128 -56.52 3.97 -9.27
CA ARG G 128 -57.01 5.17 -9.95
C ARG G 128 -57.95 4.79 -11.10
N LEU G 129 -57.62 3.74 -11.85
CA LEU G 129 -58.52 3.26 -12.89
C LEU G 129 -59.84 2.81 -12.30
N ASN G 130 -59.79 2.13 -11.15
CA ASN G 130 -61.01 1.69 -10.50
C ASN G 130 -61.87 2.87 -10.10
N LYS G 131 -61.27 3.93 -9.56
CA LYS G 131 -62.09 5.08 -9.21
C LYS G 131 -62.70 5.74 -10.43
N MET G 132 -61.91 5.92 -11.50
CA MET G 132 -62.47 6.53 -12.70
C MET G 132 -63.61 5.68 -13.27
N VAL G 133 -63.41 4.36 -13.32
CA VAL G 133 -64.41 3.48 -13.88
C VAL G 133 -65.66 3.45 -13.01
N SER G 134 -65.49 3.47 -11.67
CA SER G 134 -66.66 3.41 -10.80
C SER G 134 -67.40 4.74 -10.77
N ASP G 135 -66.67 5.86 -10.84
CA ASP G 135 -67.33 7.15 -10.94
C ASP G 135 -68.15 7.24 -12.22
N LYS G 136 -67.62 6.73 -13.33
CA LYS G 136 -68.44 6.68 -14.54
C LYS G 136 -69.60 5.70 -14.39
N LEU G 137 -69.30 4.47 -13.98
CA LEU G 137 -70.33 3.44 -13.83
C LEU G 137 -71.45 3.90 -12.94
N LYS G 138 -71.20 4.88 -12.06
CA LYS G 138 -72.23 5.26 -11.11
C LYS G 138 -73.39 5.99 -11.79
N GLY G 139 -73.13 7.07 -12.50
CA GLY G 139 -74.18 7.77 -13.20
C GLY G 139 -74.90 6.85 -14.16
N TYR G 140 -75.97 7.36 -14.74
CA TYR G 140 -76.71 6.68 -15.79
C TYR G 140 -76.76 5.17 -15.61
N ARG G 147 -75.44 -4.84 -11.66
CA ARG G 147 -75.59 -4.42 -13.05
C ARG G 147 -74.69 -5.26 -13.94
N LYS G 148 -75.07 -5.39 -15.23
CA LYS G 148 -74.43 -6.37 -16.11
C LYS G 148 -72.93 -6.17 -16.19
N GLN G 149 -72.50 -4.93 -16.38
CA GLN G 149 -71.09 -4.67 -16.63
C GLN G 149 -70.24 -4.81 -15.40
N LYS G 150 -70.81 -4.72 -14.21
CA LYS G 150 -70.00 -4.26 -13.10
C LYS G 150 -69.24 -5.42 -12.48
N GLU G 151 -69.96 -6.35 -11.86
CA GLU G 151 -69.40 -7.63 -11.42
C GLU G 151 -68.43 -8.24 -12.42
N GLN G 152 -68.52 -7.92 -13.72
CA GLN G 152 -67.48 -8.44 -14.62
C GLN G 152 -66.31 -7.48 -14.75
N TRP G 153 -66.42 -6.26 -14.19
CA TRP G 153 -65.23 -5.46 -13.86
C TRP G 153 -64.62 -5.90 -12.53
N GLN G 154 -65.49 -6.17 -11.55
CA GLN G 154 -65.10 -6.75 -10.27
C GLN G 154 -64.32 -8.03 -10.46
N ASN G 155 -64.71 -8.82 -11.46
CA ASN G 155 -64.14 -10.15 -11.66
C ASN G 155 -62.65 -9.99 -11.89
N HIS G 156 -62.31 -9.10 -12.83
CA HIS G 156 -60.93 -8.82 -13.19
C HIS G 156 -60.21 -8.11 -12.07
N LEU G 157 -60.89 -7.23 -11.34
CA LEU G 157 -60.24 -6.56 -10.21
C LEU G 157 -59.85 -7.58 -9.13
N ALA G 158 -60.78 -8.45 -8.76
CA ALA G 158 -60.50 -9.45 -7.73
C ALA G 158 -59.43 -10.43 -8.20
N GLN G 159 -59.49 -10.85 -9.46
CA GLN G 159 -58.52 -11.83 -9.94
C GLN G 159 -57.14 -11.21 -10.13
N LEU G 160 -57.08 -9.95 -10.56
CA LEU G 160 -55.82 -9.22 -10.54
C LEU G 160 -55.27 -9.12 -9.13
N GLN G 161 -56.15 -8.84 -8.16
CA GLN G 161 -55.71 -8.81 -6.77
C GLN G 161 -55.07 -10.13 -6.38
N ARG G 162 -55.85 -11.20 -6.44
CA ARG G 162 -55.39 -12.49 -5.96
C ARG G 162 -54.24 -13.02 -6.78
N GLY G 163 -53.95 -12.40 -7.92
CA GLY G 163 -52.76 -12.67 -8.69
C GLY G 163 -51.62 -11.74 -8.39
N LEU G 164 -51.72 -10.93 -7.34
CA LEU G 164 -50.76 -9.88 -7.03
C LEU G 164 -49.75 -10.26 -5.96
N HIS G 165 -49.92 -11.42 -5.33
CA HIS G 165 -48.87 -11.98 -4.49
C HIS G 165 -47.56 -12.18 -5.25
N LEU G 166 -47.63 -12.30 -6.58
CA LEU G 166 -46.45 -12.60 -7.38
C LEU G 166 -45.40 -11.48 -7.28
N LEU G 167 -45.86 -10.23 -7.23
CA LEU G 167 -44.92 -9.11 -7.23
C LEU G 167 -44.21 -8.95 -5.89
N THR G 168 -44.81 -9.42 -4.79
CA THR G 168 -44.39 -9.05 -3.46
C THR G 168 -43.69 -10.16 -2.68
N ASP G 169 -43.84 -11.42 -3.09
CA ASP G 169 -43.46 -12.52 -2.25
C ASP G 169 -41.94 -12.62 -2.09
N LYS G 170 -41.50 -12.97 -0.87
CA LYS G 170 -40.10 -13.35 -0.66
C LYS G 170 -39.73 -14.55 -1.51
N GLU G 171 -40.67 -15.46 -1.75
CA GLU G 171 -40.37 -16.64 -2.55
C GLU G 171 -41.67 -17.23 -3.08
N TYR G 172 -41.53 -18.29 -3.87
CA TYR G 172 -42.65 -19.05 -4.38
C TYR G 172 -42.98 -20.16 -3.40
N LYS G 173 -44.26 -20.35 -3.09
CA LYS G 173 -44.66 -21.54 -2.35
C LYS G 173 -45.63 -22.36 -3.19
N PRO G 174 -45.50 -23.69 -3.17
CA PRO G 174 -46.31 -24.54 -4.07
C PRO G 174 -47.83 -24.31 -4.03
N GLU G 175 -48.39 -23.73 -2.97
CA GLU G 175 -49.85 -23.58 -2.93
C GLU G 175 -50.39 -22.77 -4.10
N TYR G 176 -49.52 -21.96 -4.69
CA TYR G 176 -49.68 -21.07 -5.83
C TYR G 176 -49.70 -21.78 -7.17
N PHE G 177 -49.33 -23.06 -7.20
CA PHE G 177 -49.51 -23.82 -8.43
C PHE G 177 -50.99 -24.05 -8.71
N SER G 178 -51.73 -24.50 -7.70
CA SER G 178 -53.16 -24.72 -7.89
C SER G 178 -53.85 -23.45 -8.36
N ASP G 179 -53.30 -22.29 -7.96
CA ASP G 179 -53.86 -21.02 -8.38
C ASP G 179 -53.64 -20.74 -9.85
N ALA G 180 -52.66 -21.40 -10.47
CA ALA G 180 -52.26 -21.13 -11.84
C ALA G 180 -52.82 -22.12 -12.84
N LEU G 181 -53.65 -23.08 -12.41
CA LEU G 181 -54.14 -24.14 -13.29
C LEU G 181 -55.63 -24.03 -13.62
N LYS G 182 -56.36 -23.12 -12.98
CA LYS G 182 -57.78 -22.94 -13.25
C LYS G 182 -57.98 -21.79 -14.24
N LEU G 183 -58.90 -21.98 -15.17
CA LEU G 183 -59.15 -21.03 -16.24
C LEU G 183 -60.59 -20.51 -16.19
N SER G 190 -55.39 -15.63 -21.65
CA SER G 190 -55.55 -16.55 -22.78
C SER G 190 -54.23 -17.24 -23.11
N ILE G 191 -53.31 -17.28 -22.16
CA ILE G 191 -51.98 -17.82 -22.43
C ILE G 191 -51.65 -18.98 -21.51
N GLY G 192 -52.20 -18.99 -20.30
CA GLY G 192 -51.90 -20.04 -19.36
C GLY G 192 -51.20 -19.55 -18.10
N GLY G 193 -51.85 -19.73 -16.96
CA GLY G 193 -51.26 -19.33 -15.69
C GLY G 193 -51.93 -18.12 -15.08
N GLN G 194 -51.19 -17.43 -14.22
CA GLN G 194 -51.66 -16.26 -13.50
C GLN G 194 -50.84 -15.03 -13.87
N ASP G 195 -50.49 -14.91 -15.15
CA ASP G 195 -49.61 -13.83 -15.57
C ASP G 195 -50.32 -12.50 -15.40
N LEU G 196 -49.78 -11.64 -14.52
CA LEU G 196 -50.44 -10.38 -14.18
C LEU G 196 -50.54 -9.43 -15.37
N SER G 197 -49.61 -9.56 -16.31
CA SER G 197 -49.69 -8.75 -17.53
C SER G 197 -51.03 -8.93 -18.23
N GLU G 198 -51.44 -10.18 -18.45
CA GLU G 198 -52.69 -10.43 -19.17
C GLU G 198 -53.88 -9.87 -18.41
N ILE G 199 -53.91 -10.12 -17.10
CA ILE G 199 -55.06 -9.71 -16.29
C ILE G 199 -55.18 -8.19 -16.30
N PHE G 200 -54.05 -7.49 -16.22
CA PHE G 200 -54.09 -6.04 -16.26
C PHE G 200 -54.48 -5.54 -17.64
N GLU G 201 -54.07 -6.22 -18.70
CA GLU G 201 -54.47 -5.79 -20.03
C GLU G 201 -55.96 -5.97 -20.27
N GLU G 202 -56.56 -7.05 -19.77
CA GLU G 202 -58.03 -7.16 -19.75
C GLU G 202 -58.67 -6.15 -18.84
N LEU G 203 -58.01 -5.79 -17.73
CA LEU G 203 -58.59 -4.73 -16.91
C LEU G 203 -58.65 -3.42 -17.68
N VAL G 204 -57.62 -3.14 -18.45
CA VAL G 204 -57.59 -1.93 -19.26
C VAL G 204 -58.64 -2.01 -20.37
N LYS G 205 -58.82 -3.20 -20.96
CA LYS G 205 -59.90 -3.37 -21.93
C LYS G 205 -61.26 -3.11 -21.29
N ARG G 206 -61.48 -3.67 -20.10
CA ARG G 206 -62.65 -3.32 -19.30
C ARG G 206 -62.84 -1.81 -19.23
N ALA G 207 -61.82 -1.11 -18.72
CA ALA G 207 -61.97 0.31 -18.46
C ALA G 207 -62.25 1.09 -19.75
N CYS G 208 -61.60 0.70 -20.84
CA CYS G 208 -61.82 1.39 -22.11
C CYS G 208 -63.23 1.17 -22.64
N GLU G 209 -63.74 -0.06 -22.52
CA GLU G 209 -65.13 -0.29 -22.92
C GLU G 209 -66.09 0.51 -22.07
N ILE G 210 -65.86 0.57 -20.76
CA ILE G 210 -66.80 1.23 -19.86
C ILE G 210 -66.77 2.74 -20.06
N LEU G 211 -65.59 3.32 -20.21
CA LEU G 211 -65.41 4.77 -20.15
C LEU G 211 -65.63 5.46 -21.50
N ASP G 212 -65.96 4.72 -22.56
CA ASP G 212 -65.99 5.30 -23.90
C ASP G 212 -64.67 6.00 -24.21
N CYS G 213 -63.59 5.21 -24.18
CA CYS G 213 -62.27 5.65 -24.58
C CYS G 213 -61.53 4.46 -25.16
N LYS G 214 -60.50 4.77 -25.95
CA LYS G 214 -59.63 3.75 -26.51
C LYS G 214 -58.40 3.52 -25.63
N ALA G 215 -57.68 4.58 -25.34
CA ALA G 215 -56.40 4.47 -24.65
C ALA G 215 -56.45 5.31 -23.39
N ILE G 216 -55.81 4.80 -22.35
CA ILE G 216 -55.82 5.41 -21.03
C ILE G 216 -54.42 5.90 -20.74
N LEU G 217 -54.27 7.20 -20.58
CA LEU G 217 -52.96 7.83 -20.46
C LEU G 217 -52.48 7.69 -19.01
N ILE G 218 -51.54 6.77 -18.79
CA ILE G 218 -50.87 6.66 -17.51
C ILE G 218 -49.68 7.61 -17.54
N THR G 219 -49.75 8.67 -16.75
CA THR G 219 -48.78 9.75 -16.78
C THR G 219 -48.02 9.77 -15.47
N PHE G 220 -46.70 9.68 -15.55
CA PHE G 220 -45.84 9.57 -14.37
C PHE G 220 -45.09 10.86 -14.15
N ASP G 221 -45.01 11.29 -12.89
CA ASP G 221 -44.48 12.58 -12.55
C ASP G 221 -42.99 12.47 -12.23
N ASP G 222 -42.31 13.60 -12.17
CA ASP G 222 -40.86 13.61 -11.99
C ASP G 222 -40.46 13.06 -10.63
N ILE G 223 -39.23 12.53 -10.59
CA ILE G 223 -38.74 11.69 -9.51
C ILE G 223 -37.43 12.24 -8.96
N ASP G 224 -37.21 13.55 -9.12
CA ASP G 224 -35.90 14.10 -8.75
C ASP G 224 -35.65 13.91 -7.26
N THR G 225 -36.71 13.98 -6.45
CA THR G 225 -36.58 13.89 -5.00
C THR G 225 -35.92 12.58 -4.58
N GLN G 226 -36.44 11.45 -5.05
CA GLN G 226 -35.99 10.13 -4.62
C GLN G 226 -36.18 9.19 -5.81
N PHE G 227 -35.11 8.96 -6.57
CA PHE G 227 -35.21 8.28 -7.86
C PHE G 227 -35.12 6.74 -7.76
N ASP G 228 -35.25 6.15 -6.57
CA ASP G 228 -35.47 4.70 -6.53
C ASP G 228 -36.80 4.33 -7.16
N ALA G 229 -37.85 5.08 -6.86
CA ALA G 229 -39.17 4.70 -7.35
C ALA G 229 -39.20 4.67 -8.86
N GLY G 230 -38.25 5.31 -9.52
CA GLY G 230 -38.16 5.24 -10.98
C GLY G 230 -38.01 3.82 -11.48
N TRP G 231 -37.37 2.95 -10.70
CA TRP G 231 -37.19 1.57 -11.15
C TRP G 231 -38.51 0.82 -11.19
N ASP G 232 -39.34 1.00 -10.16
CA ASP G 232 -40.67 0.39 -10.18
C ASP G 232 -41.48 0.94 -11.35
N VAL G 233 -41.34 2.23 -11.62
CA VAL G 233 -42.04 2.84 -12.74
C VAL G 233 -41.60 2.19 -14.06
N LEU G 234 -40.29 2.04 -14.23
CA LEU G 234 -39.77 1.45 -15.47
C LEU G 234 -40.23 0.00 -15.62
N GLU G 235 -40.16 -0.77 -14.53
CA GLU G 235 -40.57 -2.18 -14.61
C GLU G 235 -42.06 -2.31 -14.89
N SER G 236 -42.88 -1.46 -14.27
CA SER G 236 -44.31 -1.50 -14.55
C SER G 236 -44.60 -1.11 -15.99
N ILE G 237 -43.89 -0.11 -16.51
CA ILE G 237 -44.06 0.27 -17.91
C ILE G 237 -43.69 -0.89 -18.82
N ARG G 238 -42.57 -1.56 -18.52
CA ARG G 238 -42.10 -2.65 -19.36
C ARG G 238 -43.06 -3.84 -19.33
N LYS G 239 -43.54 -4.21 -18.14
CA LYS G 239 -44.23 -5.47 -17.97
C LYS G 239 -45.75 -5.36 -17.99
N PHE G 240 -46.32 -4.20 -17.67
CA PHE G 240 -47.76 -4.10 -17.48
C PHE G 240 -48.46 -3.06 -18.35
N PHE G 241 -47.82 -1.92 -18.62
CA PHE G 241 -48.45 -0.82 -19.34
C PHE G 241 -48.17 -0.89 -20.82
N ASN G 242 -47.76 -2.05 -21.28
CA ASN G 242 -47.34 -2.28 -22.65
C ASN G 242 -48.61 -2.79 -23.31
N SER G 243 -49.33 -1.86 -23.92
CA SER G 243 -50.61 -2.23 -24.47
C SER G 243 -51.19 -1.00 -25.12
N ARG G 244 -52.07 -1.22 -26.08
CA ARG G 244 -52.53 -0.12 -26.89
C ARG G 244 -53.43 0.78 -26.12
N LYS G 245 -54.29 0.16 -25.34
CA LYS G 245 -55.23 0.81 -24.49
C LYS G 245 -54.55 1.64 -23.42
N LEU G 246 -53.22 1.67 -23.44
CA LEU G 246 -52.42 2.48 -22.54
C LEU G 246 -51.39 3.27 -23.33
N VAL G 247 -51.30 4.56 -23.05
CA VAL G 247 -50.23 5.42 -23.54
C VAL G 247 -49.59 6.04 -22.31
N VAL G 248 -48.27 5.98 -22.22
CA VAL G 248 -47.54 6.37 -21.03
C VAL G 248 -46.77 7.66 -21.32
N VAL G 249 -46.91 8.63 -20.43
CA VAL G 249 -46.11 9.86 -20.47
C VAL G 249 -45.31 9.91 -19.18
N ALA G 250 -44.00 9.69 -19.28
CA ALA G 250 -43.10 9.80 -18.15
C ALA G 250 -42.27 11.06 -18.32
N THR G 251 -41.77 11.57 -17.20
CA THR G 251 -40.94 12.77 -17.21
C THR G 251 -39.86 12.64 -16.15
N GLY G 252 -38.82 13.43 -16.32
CA GLY G 252 -37.68 13.40 -15.44
C GLY G 252 -36.43 13.74 -16.21
N ASP G 253 -35.31 13.24 -15.69
CA ASP G 253 -34.00 13.44 -16.30
C ASP G 253 -33.40 12.09 -16.63
N LEU G 254 -33.04 11.90 -17.91
CA LEU G 254 -32.67 10.57 -18.37
C LEU G 254 -31.36 10.07 -17.76
N ARG G 255 -30.52 10.95 -17.22
CA ARG G 255 -29.36 10.49 -16.46
C ARG G 255 -29.79 9.69 -15.24
N LEU G 256 -30.85 10.13 -14.58
CA LEU G 256 -31.34 9.44 -13.39
C LEU G 256 -31.77 8.01 -13.73
N TYR G 257 -32.55 7.86 -14.80
CA TYR G 257 -32.98 6.53 -15.23
C TYR G 257 -31.81 5.70 -15.74
N SER G 258 -30.84 6.35 -16.41
CA SER G 258 -29.60 5.67 -16.78
C SER G 258 -28.94 5.05 -15.55
N GLN G 259 -28.78 5.85 -14.51
CA GLN G 259 -28.23 5.39 -13.23
C GLN G 259 -29.01 4.21 -12.68
N LEU G 260 -30.32 4.34 -12.60
CA LEU G 260 -31.14 3.27 -12.04
C LEU G 260 -30.94 1.97 -12.80
N ILE G 261 -31.00 2.05 -14.13
CA ILE G 261 -30.92 0.86 -14.96
C ILE G 261 -29.53 0.24 -14.90
N ARG G 262 -28.50 1.07 -14.94
CA ARG G 262 -27.14 0.56 -14.88
C ARG G 262 -26.89 -0.16 -13.55
N GLY G 263 -27.32 0.45 -12.45
CA GLY G 263 -27.18 -0.22 -11.17
C GLY G 263 -27.93 -1.53 -11.12
N LYS G 264 -29.15 -1.55 -11.65
CA LYS G 264 -29.92 -2.78 -11.67
C LYS G 264 -29.27 -3.83 -12.56
N GLN G 265 -28.65 -3.40 -13.66
CA GLN G 265 -27.94 -4.35 -14.51
C GLN G 265 -26.71 -4.89 -13.80
N TYR G 266 -26.00 -4.05 -13.04
CA TYR G 266 -24.86 -4.60 -12.33
C TYR G 266 -25.35 -5.57 -11.27
N GLU G 267 -26.56 -5.35 -10.74
CA GLU G 267 -27.12 -6.24 -9.75
C GLU G 267 -27.17 -7.68 -10.23
N ASN G 268 -27.37 -7.88 -11.54
CA ASN G 268 -27.52 -9.26 -12.01
C ASN G 268 -26.22 -10.04 -11.95
N TYR G 269 -25.06 -9.41 -12.11
CA TYR G 269 -23.82 -10.17 -12.02
C TYR G 269 -23.71 -10.84 -10.66
N SER G 270 -23.28 -12.10 -10.68
CA SER G 270 -23.11 -12.85 -9.45
C SER G 270 -22.05 -12.22 -8.55
N LYS G 271 -22.27 -12.35 -7.24
CA LYS G 271 -21.38 -11.76 -6.23
C LYS G 271 -19.92 -12.13 -6.45
N THR G 272 -19.63 -13.41 -6.22
CA THR G 272 -18.26 -13.85 -6.09
C THR G 272 -17.56 -13.74 -7.43
N LEU G 273 -18.32 -13.78 -8.51
CA LEU G 273 -17.76 -13.39 -9.80
C LEU G 273 -17.20 -11.97 -9.74
N LEU G 274 -17.97 -11.03 -9.21
CA LEU G 274 -17.52 -9.65 -9.15
C LEU G 274 -16.30 -9.51 -8.24
N GLU G 275 -16.29 -10.20 -7.10
CA GLU G 275 -15.10 -10.12 -6.25
C GLU G 275 -13.90 -10.89 -6.79
N GLN G 276 -14.09 -11.78 -7.78
CA GLN G 276 -12.99 -12.59 -8.28
C GLN G 276 -12.34 -12.00 -9.53
N GLU G 277 -13.14 -11.65 -10.54
CA GLU G 277 -12.60 -11.14 -11.79
C GLU G 277 -12.51 -9.63 -11.64
N LYS G 278 -11.31 -9.15 -11.30
CA LYS G 278 -11.12 -7.73 -11.02
C LYS G 278 -9.92 -7.18 -11.78
N GLU G 279 -9.57 -7.83 -12.89
CA GLU G 279 -8.58 -7.26 -13.79
C GLU G 279 -9.18 -6.03 -14.47
N SER G 280 -8.31 -5.20 -15.03
CA SER G 280 -8.82 -4.01 -15.70
C SER G 280 -9.67 -4.40 -16.90
N VAL G 281 -9.32 -5.50 -17.57
CA VAL G 281 -10.08 -5.95 -18.73
C VAL G 281 -11.49 -6.38 -18.32
N ARG G 282 -11.63 -7.03 -17.16
CA ARG G 282 -12.93 -7.53 -16.75
C ARG G 282 -13.87 -6.39 -16.41
N LEU G 283 -13.40 -5.44 -15.60
CA LEU G 283 -14.21 -4.25 -15.32
C LEU G 283 -14.52 -3.50 -16.61
N ALA G 284 -13.55 -3.44 -17.54
CA ALA G 284 -13.75 -2.71 -18.78
C ALA G 284 -14.85 -3.34 -19.63
N GLU G 285 -14.77 -4.65 -19.84
CA GLU G 285 -15.79 -5.33 -20.64
C GLU G 285 -17.15 -5.33 -19.94
N ARG G 286 -17.19 -5.53 -18.62
CA ARG G 286 -18.47 -5.45 -17.94
C ARG G 286 -19.04 -4.04 -18.01
N GLY G 287 -18.19 -3.02 -18.05
CA GLY G 287 -18.68 -1.67 -18.27
C GLY G 287 -19.27 -1.49 -19.65
N TYR G 288 -18.56 -1.94 -20.68
CA TYR G 288 -19.12 -1.91 -22.03
C TYR G 288 -20.43 -2.67 -22.08
N MET G 289 -20.54 -3.68 -21.24
CA MET G 289 -21.64 -4.60 -21.36
C MET G 289 -22.89 -4.02 -20.70
N VAL G 290 -22.72 -3.52 -19.47
CA VAL G 290 -23.78 -2.78 -18.82
C VAL G 290 -24.15 -1.54 -19.65
N GLU G 291 -23.17 -0.95 -20.33
CA GLU G 291 -23.49 -0.03 -21.43
C GLU G 291 -24.55 -0.57 -22.35
N HIS G 292 -24.22 -1.64 -23.06
CA HIS G 292 -25.13 -2.12 -24.09
C HIS G 292 -26.51 -2.39 -23.52
N LEU G 293 -26.55 -3.03 -22.34
CA LEU G 293 -27.84 -3.39 -21.75
C LEU G 293 -28.64 -2.16 -21.35
N GLU G 294 -28.01 -1.21 -20.65
CA GLU G 294 -28.72 0.00 -20.23
C GLU G 294 -29.19 0.80 -21.43
N GLN G 295 -28.33 0.94 -22.45
CA GLN G 295 -28.74 1.67 -23.64
C GLN G 295 -29.93 1.01 -24.32
N GLN G 296 -29.90 -0.31 -24.49
CA GLN G 296 -31.02 -0.98 -25.13
C GLN G 296 -32.28 -0.83 -24.31
N TYR G 297 -32.15 -0.94 -22.98
CA TYR G 297 -33.29 -0.74 -22.09
C TYR G 297 -33.94 0.62 -22.32
N LEU G 298 -33.12 1.67 -22.41
CA LEU G 298 -33.65 3.02 -22.58
C LEU G 298 -34.18 3.29 -23.99
N LEU G 299 -33.51 2.79 -25.02
CA LEU G 299 -34.11 2.91 -26.35
C LEU G 299 -35.43 2.16 -26.41
N LYS G 300 -35.59 1.14 -25.57
CA LYS G 300 -36.82 0.36 -25.54
C LYS G 300 -37.94 1.12 -24.86
N LEU G 301 -37.74 1.49 -23.60
CA LEU G 301 -38.83 2.09 -22.83
C LEU G 301 -39.11 3.52 -23.24
N PHE G 302 -38.10 4.25 -23.71
CA PHE G 302 -38.25 5.65 -24.10
C PHE G 302 -37.78 5.80 -25.54
N PRO G 303 -38.64 5.55 -26.52
CA PRO G 303 -38.26 5.75 -27.91
C PRO G 303 -37.82 7.19 -28.15
N VAL G 304 -36.80 7.35 -28.99
CA VAL G 304 -36.22 8.66 -29.22
C VAL G 304 -37.23 9.59 -29.88
N GLN G 305 -38.01 9.08 -30.84
CA GLN G 305 -38.96 9.93 -31.54
C GLN G 305 -40.06 10.45 -30.64
N LYS G 306 -40.25 9.86 -29.46
CA LYS G 306 -41.32 10.23 -28.54
C LYS G 306 -40.84 11.10 -27.38
N ARG G 307 -39.60 11.57 -27.42
CA ARG G 307 -39.04 12.37 -26.33
C ARG G 307 -39.33 13.85 -26.56
N ILE G 308 -39.69 14.55 -25.49
CA ILE G 308 -40.14 15.93 -25.55
C ILE G 308 -39.02 16.87 -25.15
N GLN G 309 -38.96 18.02 -25.83
CA GLN G 309 -38.04 19.11 -25.54
C GLN G 309 -38.04 19.58 -24.10
N LEU G 310 -39.10 20.28 -23.70
CA LEU G 310 -39.05 21.09 -22.47
C LEU G 310 -37.73 21.92 -22.45
N LYS G 311 -37.72 23.01 -23.41
CA LYS G 311 -36.58 23.92 -23.56
C LYS G 311 -36.20 24.46 -22.18
N THR G 312 -35.29 25.42 -22.18
CA THR G 312 -34.99 26.15 -20.97
C THR G 312 -35.34 27.62 -21.15
N MET G 313 -35.05 28.39 -20.10
CA MET G 313 -35.43 29.80 -20.10
C MET G 313 -34.72 30.56 -21.21
N LEU G 314 -33.39 30.45 -21.26
CA LEU G 314 -32.62 31.22 -22.23
C LEU G 314 -33.12 30.99 -23.65
N GLN G 315 -33.65 29.80 -23.92
CA GLN G 315 -34.24 29.52 -25.22
C GLN G 315 -35.60 30.19 -25.39
N LEU G 316 -36.31 30.47 -24.31
CA LEU G 316 -37.59 31.15 -24.37
C LEU G 316 -37.45 32.66 -24.45
N VAL G 317 -36.24 33.20 -24.33
CA VAL G 317 -35.98 34.62 -24.43
C VAL G 317 -34.84 34.83 -25.41
N GLY G 318 -34.55 36.09 -25.70
CA GLY G 318 -33.51 36.41 -26.65
C GLY G 318 -32.14 36.02 -26.16
N GLU G 319 -31.26 35.71 -27.12
CA GLU G 319 -29.86 35.41 -26.80
C GLU G 319 -29.10 36.70 -26.51
N LYS G 320 -29.04 37.60 -27.50
CA LYS G 320 -28.41 38.91 -27.35
C LYS G 320 -29.25 39.99 -28.02
N GLY G 321 -30.56 39.78 -28.15
CA GLY G 321 -31.42 40.67 -28.88
C GLY G 321 -31.82 40.18 -30.25
N LYS G 322 -31.23 39.09 -30.74
CA LYS G 322 -31.53 38.51 -32.04
C LYS G 322 -32.49 37.34 -31.94
N ALA G 323 -33.18 37.19 -30.80
CA ALA G 323 -34.10 36.08 -30.57
C ALA G 323 -35.17 36.60 -29.61
N GLY G 324 -35.88 35.67 -28.95
CA GLY G 324 -36.91 36.06 -28.01
C GLY G 324 -38.30 35.54 -28.33
N LYS G 325 -38.37 34.34 -28.89
CA LYS G 325 -39.66 33.73 -29.19
C LYS G 325 -40.54 33.65 -27.94
N GLU G 326 -41.79 34.06 -28.08
CA GLU G 326 -42.78 34.03 -27.00
C GLU G 326 -42.21 34.54 -25.69
N GLU G 327 -41.80 35.80 -25.64
CA GLU G 327 -41.40 36.37 -24.36
C GLU G 327 -42.58 36.36 -23.39
N ILE G 328 -42.24 36.29 -22.13
CA ILE G 328 -43.14 35.94 -21.04
C ILE G 328 -43.27 37.06 -20.02
N LYS G 329 -42.20 37.83 -19.81
CA LYS G 329 -42.18 38.93 -18.85
C LYS G 329 -42.23 38.44 -17.42
N VAL G 330 -41.57 39.16 -16.53
CA VAL G 330 -41.72 38.97 -15.10
C VAL G 330 -42.23 40.27 -14.53
N LYS G 331 -42.77 40.19 -13.32
CA LYS G 331 -43.34 41.34 -12.62
C LYS G 331 -42.56 41.64 -11.36
N THR G 332 -42.08 42.88 -11.30
CA THR G 332 -41.17 43.29 -10.24
C THR G 332 -41.93 43.92 -9.07
N GLU G 333 -42.94 44.72 -9.37
CA GLU G 333 -43.64 45.50 -8.36
C GLU G 333 -45.04 44.97 -8.15
N PRO G 334 -45.64 45.28 -6.99
CA PRO G 334 -47.02 44.81 -6.75
C PRO G 334 -48.04 45.33 -7.74
N SER G 335 -47.95 46.59 -8.15
CA SER G 335 -48.99 47.18 -8.98
C SER G 335 -48.94 46.61 -10.40
N MET G 336 -47.88 46.92 -11.14
CA MET G 336 -47.54 46.25 -12.41
C MET G 336 -48.78 45.84 -13.19
N GLN G 337 -49.55 46.84 -13.62
CA GLN G 337 -50.80 46.63 -14.35
C GLN G 337 -50.70 45.97 -15.72
N ASP G 338 -49.96 44.87 -15.81
CA ASP G 338 -49.79 44.11 -17.05
C ASP G 338 -49.47 44.95 -18.28
N ILE G 339 -48.52 45.87 -18.12
CA ILE G 339 -48.10 46.76 -19.21
C ILE G 339 -46.78 47.39 -18.82
N ASP G 340 -46.58 47.55 -17.51
CA ASP G 340 -45.36 48.15 -16.98
C ASP G 340 -44.38 47.05 -16.58
N ALA G 341 -44.79 45.80 -16.70
CA ALA G 341 -43.93 44.68 -16.35
C ALA G 341 -42.65 44.77 -17.15
N ILE G 342 -41.52 44.91 -16.46
CA ILE G 342 -40.25 45.25 -17.13
C ILE G 342 -39.62 43.92 -17.54
N ASP G 343 -40.10 43.39 -18.67
CA ASP G 343 -39.49 42.24 -19.33
C ASP G 343 -39.22 41.08 -18.38
N VAL G 344 -38.37 40.14 -18.80
CA VAL G 344 -37.77 39.16 -17.91
C VAL G 344 -36.26 39.17 -17.99
N ARG G 345 -35.70 39.20 -19.21
CA ARG G 345 -34.27 39.42 -19.36
C ARG G 345 -33.86 40.68 -18.61
N GLN G 346 -34.71 41.71 -18.66
CA GLN G 346 -34.39 42.95 -17.98
C GLN G 346 -34.26 42.77 -16.48
N ALA G 347 -35.25 42.15 -15.84
CA ALA G 347 -35.23 42.07 -14.40
C ALA G 347 -33.91 41.49 -13.92
N ILE G 348 -33.43 40.44 -14.60
CA ILE G 348 -32.16 39.83 -14.27
C ILE G 348 -31.01 40.76 -14.59
N GLY G 349 -31.04 41.40 -15.77
CA GLY G 349 -29.96 42.30 -16.13
C GLY G 349 -29.82 43.42 -15.13
N ASP G 350 -30.94 43.87 -14.60
CA ASP G 350 -30.97 45.03 -13.74
C ASP G 350 -30.53 44.66 -12.33
N ALA G 351 -30.97 43.49 -11.85
CA ALA G 351 -30.42 42.95 -10.62
C ALA G 351 -28.91 42.77 -10.72
N VAL G 352 -28.44 42.19 -11.83
CA VAL G 352 -27.03 41.91 -11.99
C VAL G 352 -26.21 43.19 -12.05
N ARG G 353 -26.64 44.14 -12.90
CA ARG G 353 -25.93 45.40 -13.03
C ARG G 353 -25.93 46.20 -11.73
N GLU G 354 -27.06 46.25 -11.01
CA GLU G 354 -27.08 46.95 -9.72
C GLU G 354 -26.24 46.26 -8.65
N GLY G 355 -26.35 44.95 -8.51
CA GLY G 355 -25.73 44.27 -7.38
C GLY G 355 -24.32 43.79 -7.63
N LEU G 356 -23.88 43.82 -8.88
CA LEU G 356 -22.51 43.52 -9.24
C LEU G 356 -21.74 44.76 -9.67
N ASN G 357 -22.42 45.85 -9.97
CA ASN G 357 -21.78 47.10 -10.39
C ASN G 357 -20.96 46.87 -11.66
N LEU G 358 -21.68 46.52 -12.73
CA LEU G 358 -21.07 45.90 -13.91
C LEU G 358 -21.22 46.68 -15.21
N ARG G 359 -22.03 47.75 -15.23
CA ARG G 359 -22.27 48.50 -16.46
C ARG G 359 -23.03 47.63 -17.47
N GLU G 360 -23.42 48.17 -18.62
CA GLU G 360 -24.11 47.40 -19.66
C GLU G 360 -23.15 46.71 -20.64
N GLY G 361 -21.91 46.46 -20.26
CA GLY G 361 -21.01 45.81 -21.19
C GLY G 361 -21.39 44.36 -21.38
N SER G 362 -20.64 43.69 -22.26
CA SER G 362 -20.94 42.28 -22.55
C SER G 362 -20.84 41.42 -21.31
N ASP G 363 -20.22 41.92 -20.23
CA ASP G 363 -20.07 41.14 -19.01
C ASP G 363 -21.39 41.04 -18.23
N ALA G 364 -22.20 42.09 -18.25
CA ALA G 364 -23.49 41.99 -17.58
C ALA G 364 -24.44 41.07 -18.33
N ASP G 365 -24.51 41.21 -19.64
CA ASP G 365 -25.28 40.26 -20.44
C ASP G 365 -24.75 38.85 -20.27
N MET G 366 -23.43 38.72 -20.14
CA MET G 366 -22.84 37.48 -19.68
C MET G 366 -23.53 36.90 -18.46
N TYR G 367 -23.41 37.58 -17.33
CA TYR G 367 -23.91 37.03 -16.09
C TYR G 367 -25.40 36.70 -16.23
N VAL G 368 -26.13 37.55 -16.94
CA VAL G 368 -27.56 37.31 -17.15
C VAL G 368 -27.78 36.04 -17.97
N ASN G 369 -26.99 35.84 -19.02
CA ASN G 369 -27.13 34.64 -19.82
C ASN G 369 -26.92 33.40 -18.97
N GLU G 370 -25.87 33.42 -18.14
CA GLU G 370 -25.63 32.22 -17.35
C GLU G 370 -26.80 31.96 -16.41
N LEU G 371 -27.29 33.01 -15.76
CA LEU G 371 -28.35 32.90 -14.77
C LEU G 371 -29.70 32.56 -15.39
N LEU G 372 -29.90 32.86 -16.67
CA LEU G 372 -31.13 32.44 -17.36
C LEU G 372 -31.12 30.96 -17.66
N LYS G 373 -29.97 30.33 -17.70
CA LYS G 373 -29.84 28.91 -17.97
C LYS G 373 -30.11 28.06 -16.73
N GLN G 374 -30.41 28.69 -15.60
CA GLN G 374 -30.56 28.00 -14.34
C GLN G 374 -31.83 27.17 -14.30
N PRO G 375 -31.91 26.21 -13.39
CA PRO G 375 -33.21 25.60 -13.12
C PRO G 375 -34.20 26.69 -12.79
N VAL G 376 -35.36 26.58 -13.41
CA VAL G 376 -36.30 27.68 -13.49
C VAL G 376 -36.77 28.11 -12.10
N ARG G 377 -36.85 27.17 -11.16
CA ARG G 377 -37.17 27.50 -9.78
C ARG G 377 -36.10 28.38 -9.14
N LEU G 378 -34.82 28.06 -9.38
CA LEU G 378 -33.75 28.86 -8.77
C LEU G 378 -33.84 30.31 -9.22
N LEU G 379 -34.02 30.52 -10.53
CA LEU G 379 -34.18 31.87 -11.04
C LEU G 379 -35.40 32.53 -10.43
N MET G 380 -36.52 31.79 -10.35
CA MET G 380 -37.72 32.33 -9.74
C MET G 380 -37.42 32.85 -8.33
N GLN G 381 -36.80 32.01 -7.51
CA GLN G 381 -36.62 32.34 -6.10
C GLN G 381 -35.64 33.49 -5.92
N VAL G 382 -34.52 33.46 -6.63
CA VAL G 382 -33.55 34.55 -6.49
C VAL G 382 -34.14 35.87 -6.95
N LEU G 383 -34.79 35.87 -8.11
CA LEU G 383 -35.38 37.07 -8.69
C LEU G 383 -36.53 37.60 -7.85
N GLN G 384 -37.22 36.74 -7.11
CA GLN G 384 -38.31 37.17 -6.26
C GLN G 384 -37.83 37.70 -4.91
N ASP G 385 -36.88 37.00 -4.28
CA ASP G 385 -36.30 37.51 -3.04
C ASP G 385 -35.69 38.89 -3.25
N PHE G 386 -34.88 39.03 -4.31
CA PHE G 386 -34.23 40.31 -4.57
C PHE G 386 -35.24 41.44 -4.62
N TYR G 387 -36.29 41.29 -5.43
CA TYR G 387 -37.19 42.41 -5.70
C TYR G 387 -38.15 42.66 -4.55
N THR G 388 -38.61 41.62 -3.84
CA THR G 388 -39.43 41.87 -2.67
C THR G 388 -38.66 42.60 -1.59
N LYS G 389 -37.42 42.18 -1.32
CA LYS G 389 -36.62 42.90 -0.33
C LYS G 389 -36.23 44.27 -0.84
N LYS G 390 -36.23 44.47 -2.16
CA LYS G 390 -35.96 45.79 -2.71
C LYS G 390 -37.13 46.74 -2.47
N TYR G 391 -38.35 46.28 -2.75
CA TYR G 391 -39.55 47.01 -2.32
C TYR G 391 -39.42 47.36 -0.86
N HIS G 392 -39.08 46.37 -0.04
CA HIS G 392 -38.75 46.59 1.36
C HIS G 392 -37.86 47.82 1.54
N ALA G 393 -36.69 47.82 0.90
CA ALA G 393 -35.70 48.86 1.14
C ALA G 393 -36.23 50.24 0.80
N THR G 394 -37.08 50.33 -0.23
CA THR G 394 -37.68 51.59 -0.65
C THR G 394 -39.11 51.74 -0.16
N SER G 395 -39.44 51.09 0.95
CA SER G 395 -40.77 51.17 1.53
C SER G 395 -41.83 50.68 0.55
N SER G 412 -28.60 49.25 0.00
CA SER G 412 -27.52 48.66 -0.79
C SER G 412 -28.03 47.51 -1.66
N VAL G 413 -28.22 47.77 -2.95
CA VAL G 413 -28.65 46.74 -3.89
C VAL G 413 -27.68 45.53 -3.87
N PRO G 414 -26.38 45.74 -3.93
CA PRO G 414 -25.47 44.57 -3.87
C PRO G 414 -25.68 43.72 -2.65
N ASN G 415 -26.02 44.32 -1.51
CA ASN G 415 -26.38 43.52 -0.34
C ASN G 415 -27.61 42.68 -0.62
N LEU G 416 -28.61 43.25 -1.30
CA LEU G 416 -29.84 42.51 -1.59
C LEU G 416 -29.55 41.35 -2.55
N LEU G 417 -28.85 41.62 -3.65
CA LEU G 417 -28.49 40.56 -4.58
C LEU G 417 -27.61 39.51 -3.92
N ARG G 418 -26.68 39.95 -3.07
CA ARG G 418 -25.81 39.02 -2.38
C ARG G 418 -26.61 38.10 -1.46
N ASN G 419 -27.58 38.65 -0.73
CA ASN G 419 -28.41 37.81 0.13
C ASN G 419 -29.21 36.81 -0.70
N ALA G 420 -29.82 37.28 -1.79
CA ALA G 420 -30.61 36.38 -2.63
C ALA G 420 -29.74 35.28 -3.23
N LEU G 421 -28.53 35.63 -3.69
CA LEU G 421 -27.64 34.64 -4.28
C LEU G 421 -27.12 33.67 -3.22
N TYR G 422 -26.82 34.18 -2.02
CA TYR G 422 -26.36 33.31 -0.94
C TYR G 422 -27.41 32.26 -0.61
N GLY G 423 -28.66 32.69 -0.49
CA GLY G 423 -29.72 31.74 -0.20
C GLY G 423 -29.98 30.78 -1.35
N SER G 424 -30.04 31.29 -2.58
CA SER G 424 -30.37 30.46 -3.73
C SER G 424 -29.25 29.48 -4.06
N MET G 425 -28.01 29.95 -4.03
CA MET G 425 -26.85 29.12 -4.33
C MET G 425 -26.21 28.56 -3.07
N LEU G 426 -27.01 28.39 -2.01
CA LEU G 426 -26.45 28.03 -0.71
C LEU G 426 -25.78 26.66 -0.76
N SER G 427 -26.42 25.68 -1.41
CA SER G 427 -25.82 24.35 -1.49
C SER G 427 -24.52 24.39 -2.28
N ASN G 428 -24.46 25.23 -3.30
CA ASN G 428 -23.24 25.33 -4.10
C ASN G 428 -22.08 25.87 -3.28
N ILE G 429 -22.29 26.98 -2.57
CA ILE G 429 -21.20 27.54 -1.78
C ILE G 429 -20.84 26.61 -0.63
N TYR G 430 -21.82 25.96 -0.01
CA TYR G 430 -21.53 25.00 1.04
C TYR G 430 -20.75 23.81 0.50
N ARG G 431 -20.96 23.47 -0.76
CA ARG G 431 -20.11 22.46 -1.40
C ARG G 431 -18.66 22.93 -1.46
N ALA G 432 -18.46 24.14 -1.98
CA ALA G 432 -17.12 24.59 -2.31
C ALA G 432 -16.28 24.86 -1.07
N GLY G 433 -16.85 24.79 0.12
CA GLY G 433 -16.10 25.07 1.33
C GLY G 433 -15.97 26.55 1.64
N LEU G 434 -16.75 27.39 0.98
CA LEU G 434 -16.71 28.82 1.26
C LEU G 434 -17.43 29.11 2.58
N ASN G 435 -17.29 30.35 3.05
CA ASN G 435 -17.79 30.73 4.36
C ASN G 435 -19.30 30.55 4.42
N TYR G 436 -19.80 29.87 5.46
CA TYR G 436 -21.25 29.69 5.53
C TYR G 436 -21.83 30.93 6.16
N GLU G 437 -21.24 31.32 7.31
CA GLU G 437 -21.79 32.28 8.25
C GLU G 437 -22.08 33.61 7.55
N GLN G 438 -23.16 34.27 7.94
CA GLN G 438 -23.33 35.67 7.54
C GLN G 438 -22.59 36.59 8.49
N HIS G 439 -22.49 36.22 9.76
CA HIS G 439 -21.92 37.09 10.77
C HIS G 439 -20.41 37.27 10.61
N ARG G 440 -19.79 36.62 9.64
CA ARG G 440 -18.41 36.97 9.33
C ARG G 440 -18.24 37.10 7.83
N PHE G 441 -19.19 37.74 7.17
CA PHE G 441 -19.03 38.01 5.76
C PHE G 441 -17.86 38.96 5.55
N GLY G 442 -17.97 40.18 6.11
CA GLY G 442 -16.84 41.11 6.15
C GLY G 442 -16.05 41.12 4.87
N MET G 443 -14.71 41.26 4.92
CA MET G 443 -13.92 40.90 3.77
C MET G 443 -12.71 40.03 4.04
N ASP G 444 -12.42 39.75 5.31
CA ASP G 444 -11.37 38.79 5.59
C ASP G 444 -11.72 37.43 5.01
N SER G 445 -12.98 37.02 5.19
CA SER G 445 -13.44 35.75 4.63
C SER G 445 -13.70 35.84 3.13
N LEU G 446 -13.94 37.03 2.60
CA LEU G 446 -14.15 37.18 1.16
C LEU G 446 -12.90 36.81 0.37
N CYS G 447 -11.74 37.27 0.78
CA CYS G 447 -10.51 36.96 0.07
C CYS G 447 -10.24 35.46 0.10
N LYS G 448 -10.48 34.84 1.27
CA LYS G 448 -10.25 33.41 1.39
C LYS G 448 -11.28 32.63 0.57
N ASP G 449 -12.49 33.14 0.48
CA ASP G 449 -13.50 32.54 -0.39
C ASP G 449 -13.05 32.58 -1.84
N ILE G 450 -12.51 33.72 -2.28
CA ILE G 450 -12.05 33.82 -3.66
C ILE G 450 -10.88 32.87 -3.91
N PHE G 451 -9.94 32.80 -2.97
CA PHE G 451 -8.83 31.88 -3.13
C PHE G 451 -9.31 30.44 -3.23
N THR G 452 -10.28 30.06 -2.39
CA THR G 452 -10.84 28.71 -2.45
C THR G 452 -11.50 28.44 -3.79
N TYR G 453 -12.33 29.39 -4.26
CA TYR G 453 -13.00 29.24 -5.55
C TYR G 453 -11.97 29.06 -6.66
N VAL G 454 -10.93 29.86 -6.63
CA VAL G 454 -9.90 29.81 -7.66
C VAL G 454 -9.20 28.46 -7.59
N LYS G 455 -8.97 27.98 -6.37
CA LYS G 455 -8.31 26.69 -6.18
C LYS G 455 -9.09 25.56 -6.84
N GLN G 456 -10.41 25.54 -6.67
CA GLN G 456 -11.19 24.48 -7.30
C GLN G 456 -11.49 24.76 -8.76
N ASP G 457 -11.57 26.02 -9.16
CA ASP G 457 -11.64 26.39 -10.56
C ASP G 457 -10.29 26.31 -11.24
N ARG G 458 -9.23 25.91 -10.52
CA ARG G 458 -7.88 25.87 -11.05
C ARG G 458 -7.53 27.26 -11.57
N ASP G 459 -7.40 27.43 -12.89
CA ASP G 459 -7.21 28.75 -13.47
C ASP G 459 -6.02 29.46 -12.81
N PHE G 460 -6.25 30.10 -11.66
CA PHE G 460 -5.28 30.92 -10.95
C PHE G 460 -4.78 32.11 -11.76
N ASN G 461 -5.36 32.39 -12.93
CA ASN G 461 -4.95 33.48 -13.81
C ASN G 461 -6.06 34.47 -14.11
N THR G 462 -7.27 33.97 -14.40
CA THR G 462 -8.44 34.82 -14.56
C THR G 462 -9.47 34.52 -13.49
N GLY G 463 -9.17 33.63 -12.54
CA GLY G 463 -10.18 33.22 -11.57
C GLY G 463 -10.71 34.36 -10.73
N PHE G 464 -9.86 35.33 -10.39
CA PHE G 464 -10.29 36.44 -9.55
C PHE G 464 -11.29 37.36 -10.24
N TYR G 465 -11.43 37.25 -11.55
CA TYR G 465 -12.52 37.87 -12.32
C TYR G 465 -13.89 37.39 -11.86
N LEU G 466 -13.96 36.16 -11.35
CA LEU G 466 -15.22 35.57 -10.91
C LEU G 466 -16.25 35.50 -12.04
N ARG G 467 -15.77 35.25 -13.26
CA ARG G 467 -16.67 35.04 -14.39
C ARG G 467 -17.21 33.61 -14.36
N PRO G 468 -18.46 33.40 -14.82
CA PRO G 468 -19.08 32.05 -14.78
C PRO G 468 -18.74 31.18 -16.00
N GLN G 469 -17.59 30.52 -15.92
CA GLN G 469 -17.01 29.87 -17.08
C GLN G 469 -16.66 28.42 -16.76
N SER G 470 -16.79 28.03 -15.50
CA SER G 470 -16.28 26.78 -14.96
C SER G 470 -16.85 25.53 -15.60
N GLU G 471 -16.24 24.38 -15.28
CA GLU G 471 -16.78 23.10 -15.72
C GLU G 471 -18.24 22.99 -15.35
N SER G 472 -18.59 23.38 -14.13
CA SER G 472 -19.77 22.89 -13.48
C SER G 472 -20.68 24.00 -12.98
N GLU G 473 -21.95 23.61 -12.88
CA GLU G 473 -23.01 24.42 -12.30
C GLU G 473 -22.67 24.94 -10.90
N ALA G 474 -22.03 24.12 -10.06
CA ALA G 474 -21.78 24.54 -8.68
C ALA G 474 -20.82 25.72 -8.62
N LEU G 475 -19.65 25.59 -9.25
CA LEU G 475 -18.69 26.69 -9.23
C LEU G 475 -19.16 27.88 -10.05
N ARG G 476 -19.93 27.66 -11.12
CA ARG G 476 -20.47 28.78 -11.86
C ARG G 476 -21.43 29.60 -11.01
N ASN G 477 -22.26 28.94 -10.20
CA ASN G 477 -23.10 29.67 -9.25
C ASN G 477 -22.25 30.39 -8.21
N CYS G 478 -21.22 29.71 -7.69
CA CYS G 478 -20.35 30.33 -6.70
C CYS G 478 -19.68 31.59 -7.26
N SER G 479 -19.39 31.60 -8.57
CA SER G 479 -18.74 32.75 -9.16
C SER G 479 -19.60 34.00 -9.06
N ILE G 480 -20.88 33.90 -9.43
CA ILE G 480 -21.77 35.05 -9.35
C ILE G 480 -22.01 35.44 -7.90
N TYR G 481 -22.13 34.45 -7.01
CA TYR G 481 -22.30 34.78 -5.60
C TYR G 481 -21.11 35.58 -5.07
N LEU G 482 -19.89 35.15 -5.42
CA LEU G 482 -18.71 35.85 -4.95
C LEU G 482 -18.58 37.22 -5.61
N ALA G 483 -19.02 37.35 -6.86
CA ALA G 483 -19.03 38.67 -7.50
C ALA G 483 -19.94 39.62 -6.73
N SER G 484 -21.12 39.14 -6.31
CA SER G 484 -22.00 39.96 -5.49
C SER G 484 -21.34 40.31 -4.16
N GLN G 485 -20.65 39.35 -3.55
CA GLN G 485 -19.94 39.62 -2.31
C GLN G 485 -18.92 40.74 -2.51
N VAL G 486 -18.13 40.67 -3.57
CA VAL G 486 -17.14 41.71 -3.84
C VAL G 486 -17.82 43.05 -4.05
N SER G 487 -18.88 43.07 -4.85
CA SER G 487 -19.53 44.34 -5.15
C SER G 487 -20.07 44.99 -3.88
N GLU G 488 -20.69 44.20 -3.00
CA GLU G 488 -21.26 44.77 -1.79
C GLU G 488 -20.17 45.23 -0.83
N ASN G 489 -19.16 44.39 -0.59
CA ASN G 489 -18.20 44.69 0.45
C ASN G 489 -17.29 45.84 0.08
N CYS G 490 -16.91 45.95 -1.19
CA CYS G 490 -16.02 47.00 -1.65
C CYS G 490 -16.75 48.30 -1.96
N GLN G 491 -18.07 48.31 -1.87
CA GLN G 491 -18.84 49.49 -2.20
C GLN G 491 -18.65 50.60 -1.17
N GLY G 492 -18.32 51.78 -1.67
CA GLY G 492 -18.16 52.96 -0.83
C GLY G 492 -16.94 52.94 0.07
N SER G 493 -15.85 52.33 -0.38
CA SER G 493 -14.65 52.28 0.45
C SER G 493 -13.42 52.14 -0.45
N LEU G 494 -12.52 53.14 -0.36
CA LEU G 494 -11.27 53.09 -1.12
C LEU G 494 -10.28 52.13 -0.47
N SER G 495 -10.27 52.08 0.86
CA SER G 495 -9.46 51.10 1.57
C SER G 495 -9.85 49.68 1.19
N LYS G 496 -11.15 49.37 1.21
CA LYS G 496 -11.58 48.01 0.91
C LYS G 496 -11.38 47.69 -0.56
N PHE G 497 -11.44 48.69 -1.43
CA PHE G 497 -11.12 48.46 -2.83
C PHE G 497 -9.67 48.01 -2.98
N LEU G 498 -8.74 48.74 -2.35
CA LEU G 498 -7.33 48.33 -2.40
C LEU G 498 -7.14 46.98 -1.75
N GLN G 499 -7.93 46.67 -0.73
CA GLN G 499 -7.88 45.36 -0.07
C GLN G 499 -8.20 44.25 -1.03
N MET G 500 -9.45 44.24 -1.51
CA MET G 500 -9.84 43.34 -2.60
C MET G 500 -8.69 43.22 -3.60
N LEU G 501 -8.30 44.34 -4.19
CA LEU G 501 -7.26 44.32 -5.22
C LEU G 501 -6.03 43.58 -4.72
N LEU G 502 -5.53 43.92 -3.53
CA LEU G 502 -4.25 43.33 -3.16
C LEU G 502 -4.44 41.94 -2.61
N VAL G 503 -5.06 41.84 -1.44
CA VAL G 503 -5.11 40.57 -0.74
C VAL G 503 -5.78 39.50 -1.62
N GLY G 504 -6.97 39.80 -2.16
CA GLY G 504 -7.69 38.77 -2.89
C GLY G 504 -7.03 38.42 -4.21
N CYS G 505 -6.94 39.39 -5.13
CA CYS G 505 -6.41 39.08 -6.46
C CYS G 505 -4.91 38.76 -6.40
N GLY G 506 -4.12 39.59 -5.73
CA GLY G 506 -2.70 39.31 -5.64
C GLY G 506 -2.42 37.96 -4.98
N SER G 507 -3.25 37.59 -4.02
CA SER G 507 -3.09 36.33 -3.32
C SER G 507 -3.19 35.14 -4.27
N VAL G 508 -3.82 35.38 -5.42
CA VAL G 508 -3.99 34.34 -6.43
C VAL G 508 -2.98 34.51 -7.56
N SER G 509 -2.51 35.75 -7.76
CA SER G 509 -1.55 36.04 -8.81
C SER G 509 -0.14 35.68 -8.37
N ILE G 510 0.27 36.17 -7.19
CA ILE G 510 1.59 35.91 -6.66
C ILE G 510 1.85 34.40 -6.56
N PHE G 511 0.81 33.65 -6.22
CA PHE G 511 0.93 32.20 -6.09
C PHE G 511 1.28 31.55 -7.43
N ASN G 512 0.64 31.98 -8.50
CA ASN G 512 0.94 31.40 -9.80
C ASN G 512 2.41 31.56 -10.17
N GLN G 513 2.91 32.78 -10.17
CA GLN G 513 4.15 33.04 -10.87
C GLN G 513 5.38 32.77 -10.02
N PHE G 514 5.21 32.66 -8.70
CA PHE G 514 6.35 32.54 -7.80
C PHE G 514 6.27 31.36 -6.85
N VAL G 515 5.17 30.61 -6.81
CA VAL G 515 5.04 29.49 -5.90
C VAL G 515 4.65 28.19 -6.60
N THR G 516 4.16 28.23 -7.83
CA THR G 516 3.78 27.01 -8.53
C THR G 516 4.98 26.21 -9.01
N GLU G 517 6.16 26.83 -9.10
CA GLU G 517 7.33 26.11 -9.59
C GLU G 517 7.73 24.96 -8.67
N LEU G 518 7.20 24.94 -7.43
CA LEU G 518 7.50 23.86 -6.51
C LEU G 518 6.64 22.63 -6.78
N ALA G 519 5.32 22.80 -6.77
CA ALA G 519 4.39 21.71 -7.02
C ALA G 519 4.02 21.65 -8.49
N ASP G 524 1.79 15.80 -7.42
CA ASP G 524 0.92 15.27 -6.38
C ASP G 524 -0.10 16.31 -5.95
N ARG G 525 -1.28 15.84 -5.54
CA ARG G 525 -2.34 16.73 -5.08
C ARG G 525 -2.26 16.96 -3.58
N GLU G 526 -1.88 15.93 -2.83
CA GLU G 526 -1.67 16.05 -1.39
C GLU G 526 -0.60 17.09 -1.08
N LYS G 527 0.51 17.06 -1.82
CA LYS G 527 1.55 18.07 -1.65
C LYS G 527 1.07 19.44 -2.12
N PHE G 528 0.32 19.48 -3.23
CA PHE G 528 -0.06 20.76 -3.80
C PHE G 528 -0.96 21.53 -2.85
N GLU G 529 -1.99 20.90 -2.32
CA GLU G 529 -2.83 21.58 -1.34
C GLU G 529 -2.04 22.04 -0.12
N GLN G 530 -1.11 21.22 0.37
CA GLN G 530 -0.37 21.66 1.55
C GLN G 530 0.52 22.84 1.25
N LEU G 531 1.10 22.89 0.05
CA LEU G 531 1.79 24.10 -0.34
C LEU G 531 0.85 25.29 -0.32
N ILE G 532 -0.37 25.10 -0.83
CA ILE G 532 -1.38 26.15 -0.74
C ILE G 532 -1.65 26.49 0.72
N SER G 533 -1.80 25.48 1.57
CA SER G 533 -2.18 25.72 2.96
C SER G 533 -1.20 26.67 3.65
N GLU G 534 0.10 26.45 3.50
CA GLU G 534 1.07 27.40 4.03
C GLU G 534 1.03 28.72 3.27
N TYR G 535 0.91 28.68 1.95
CA TYR G 535 0.82 29.93 1.21
C TYR G 535 -0.30 30.79 1.76
N VAL G 536 -1.46 30.19 2.07
CA VAL G 536 -2.49 30.91 2.80
C VAL G 536 -1.98 31.37 4.16
N ALA G 537 -1.47 30.43 4.95
CA ALA G 537 -1.11 30.74 6.33
C ALA G 537 -0.06 31.82 6.40
N TYR G 538 0.97 31.73 5.55
CA TYR G 538 2.02 32.75 5.53
C TYR G 538 1.50 34.07 4.97
N MET G 539 0.73 33.99 3.89
CA MET G 539 0.19 35.18 3.26
C MET G 539 -0.81 35.90 4.17
N SER G 540 -1.32 35.21 5.19
CA SER G 540 -2.39 35.70 6.08
C SER G 540 -3.74 35.80 5.37
N VAL G 541 -3.89 35.07 4.27
CA VAL G 541 -5.11 35.16 3.49
C VAL G 541 -6.27 34.63 4.32
N GLY G 542 -7.28 35.46 4.52
CA GLY G 542 -8.39 35.15 5.39
C GLY G 542 -8.28 35.74 6.77
N ARG G 543 -7.07 36.11 7.20
CA ARG G 543 -6.85 36.64 8.55
C ARG G 543 -5.82 37.75 8.55
N ILE G 544 -5.76 38.56 7.47
CA ILE G 544 -4.78 39.63 7.42
C ILE G 544 -5.05 40.64 8.53
N GLU G 545 -3.99 41.21 9.08
CA GLU G 545 -4.17 42.36 9.97
C GLU G 545 -4.34 43.63 9.18
N SER G 546 -3.43 43.83 8.22
CA SER G 546 -3.30 45.07 7.49
C SER G 546 -2.82 44.74 6.10
N ALA G 547 -3.10 45.65 5.17
CA ALA G 547 -2.68 45.47 3.79
C ALA G 547 -1.16 45.50 3.67
N SER G 548 -0.50 46.37 4.44
CA SER G 548 0.96 46.42 4.41
C SER G 548 1.57 45.11 4.87
N HIS G 549 0.94 44.43 5.83
CA HIS G 549 1.45 43.14 6.28
C HIS G 549 1.47 42.13 5.13
N TRP G 550 0.39 42.10 4.33
CA TRP G 550 0.36 41.21 3.17
C TRP G 550 1.46 41.57 2.19
N ALA G 551 1.65 42.86 1.94
CA ALA G 551 2.66 43.30 0.99
C ALA G 551 4.06 42.98 1.50
N ASN G 552 4.29 43.09 2.82
CA ASN G 552 5.58 42.69 3.38
C ASN G 552 5.85 41.21 3.13
N ARG G 553 4.84 40.37 3.34
CA ARG G 553 5.00 38.94 3.08
C ARG G 553 5.11 38.66 1.58
N CYS G 554 4.45 39.48 0.77
CA CYS G 554 4.56 39.32 -0.68
C CYS G 554 5.98 39.59 -1.17
N CYS G 555 6.71 40.48 -0.49
CA CYS G 555 8.08 40.75 -0.90
C CYS G 555 8.95 39.49 -0.79
N ALA G 556 8.80 38.75 0.31
CA ALA G 556 9.58 37.53 0.48
C ALA G 556 9.23 36.50 -0.60
N VAL G 557 7.94 36.32 -0.86
CA VAL G 557 7.52 35.31 -1.83
C VAL G 557 8.08 35.62 -3.21
N VAL G 558 7.99 36.89 -3.63
CA VAL G 558 8.49 37.28 -4.94
C VAL G 558 10.01 37.15 -5.01
N ALA G 559 10.70 37.26 -3.88
CA ALA G 559 12.15 37.41 -3.88
C ALA G 559 12.91 36.10 -3.71
N ASN G 560 12.24 34.94 -3.88
CA ASN G 560 12.91 33.66 -3.77
C ASN G 560 12.71 32.82 -5.02
N SER G 561 12.91 33.42 -6.21
CA SER G 561 12.79 32.68 -7.46
C SER G 561 13.56 33.29 -8.62
N PRO G 562 13.46 34.60 -8.89
CA PRO G 562 14.02 35.14 -10.14
C PRO G 562 15.48 34.78 -10.34
N ASN G 563 15.92 34.97 -11.57
CA ASN G 563 17.22 34.50 -12.05
C ASN G 563 17.68 35.45 -13.15
N ASP G 564 18.59 35.00 -14.00
CA ASP G 564 19.06 35.77 -15.15
C ASP G 564 19.81 37.04 -14.71
N GLU G 565 20.99 36.79 -14.14
CA GLU G 565 21.99 37.77 -13.69
C GLU G 565 21.66 38.31 -12.31
N LYS G 566 20.56 37.90 -11.70
CA LYS G 566 20.34 38.06 -10.26
C LYS G 566 20.35 39.54 -9.86
N ILE G 567 19.68 40.36 -10.65
CA ILE G 567 19.50 41.77 -10.32
C ILE G 567 18.38 41.89 -9.28
N GLY G 568 18.45 42.97 -8.49
CA GLY G 568 17.40 43.28 -7.55
C GLY G 568 16.24 44.05 -8.17
N VAL G 569 15.97 43.82 -9.45
CA VAL G 569 14.81 44.43 -10.12
C VAL G 569 13.79 43.33 -10.34
N PHE G 570 12.89 43.17 -9.38
CA PHE G 570 11.89 42.11 -9.37
C PHE G 570 10.60 42.64 -10.01
N LEU G 571 9.49 41.93 -9.79
CA LEU G 571 8.24 42.26 -10.47
C LEU G 571 7.88 43.75 -10.33
N GLY G 572 7.62 44.19 -9.10
CA GLY G 572 7.19 45.56 -8.88
C GLY G 572 7.98 46.27 -7.81
N MET G 573 9.28 46.05 -7.77
CA MET G 573 10.08 46.40 -6.60
C MET G 573 11.53 46.58 -7.01
N VAL G 574 12.31 47.13 -6.10
CA VAL G 574 13.76 47.15 -6.24
C VAL G 574 14.39 46.74 -4.91
N GLN G 575 15.31 45.79 -4.97
CA GLN G 575 16.05 45.33 -3.79
C GLN G 575 17.28 46.23 -3.64
N LEU G 576 17.25 47.12 -2.66
CA LEU G 576 18.32 48.08 -2.51
C LEU G 576 19.44 47.50 -1.66
N ASN G 577 20.67 47.83 -2.04
CA ASN G 577 21.82 47.43 -1.24
C ASN G 577 21.80 48.19 0.08
N ARG G 578 22.12 47.48 1.16
CA ARG G 578 22.19 48.10 2.47
C ARG G 578 23.57 48.02 3.12
N LYS G 579 24.56 47.43 2.47
CA LYS G 579 25.92 47.41 2.98
C LYS G 579 26.82 48.21 2.04
N SER G 580 27.53 49.20 2.58
CA SER G 580 28.38 50.04 1.76
C SER G 580 29.72 49.36 1.51
N ARG G 581 29.70 48.10 1.04
CA ARG G 581 30.92 47.36 0.73
C ARG G 581 30.83 46.93 -0.74
N GLN G 582 31.17 47.85 -1.63
CA GLN G 582 31.21 47.59 -3.07
C GLN G 582 31.79 48.83 -3.75
N ASN G 583 32.71 48.63 -4.71
CA ASN G 583 33.46 49.74 -5.31
C ASN G 583 32.66 50.38 -6.46
N MET G 584 32.19 51.61 -6.23
CA MET G 584 31.30 52.28 -7.21
C MET G 584 32.02 53.15 -8.21
N PRO G 585 31.55 53.12 -9.45
CA PRO G 585 31.71 54.24 -10.35
C PRO G 585 30.79 55.39 -9.94
N GLU G 586 31.23 56.60 -10.27
CA GLU G 586 30.42 57.80 -10.11
C GLU G 586 29.89 58.00 -8.69
N GLY G 587 28.69 58.58 -8.58
CA GLY G 587 28.14 58.96 -7.29
C GLY G 587 27.24 57.90 -6.69
N TYR G 588 27.27 56.70 -7.26
CA TYR G 588 26.48 55.61 -6.72
C TYR G 588 26.92 55.27 -5.31
N LYS G 589 25.93 54.99 -4.47
CA LYS G 589 26.14 54.77 -3.04
C LYS G 589 24.90 54.09 -2.49
N LYS G 590 24.73 54.14 -1.19
CA LYS G 590 23.67 53.39 -0.56
C LYS G 590 22.32 54.06 -0.78
N PHE G 591 21.32 53.51 -0.10
CA PHE G 591 20.09 54.22 0.18
C PHE G 591 20.07 54.59 1.65
N ASN G 592 19.72 55.85 1.93
CA ASN G 592 19.57 56.35 3.29
C ASN G 592 18.23 57.06 3.41
N ILE G 593 17.47 56.73 4.45
CA ILE G 593 16.20 57.39 4.69
C ILE G 593 16.36 58.76 5.32
N ASP G 594 17.50 59.04 5.97
CA ASP G 594 17.66 60.31 6.68
C ASP G 594 17.86 61.49 5.72
N THR G 595 18.49 61.28 4.56
CA THR G 595 18.66 62.39 3.63
C THR G 595 17.35 62.77 2.96
N GLU G 596 16.29 61.98 3.12
CA GLU G 596 14.98 62.32 2.57
C GLU G 596 14.08 62.88 3.67
N ASN G 597 13.17 63.76 3.25
CA ASN G 597 12.69 64.83 4.09
C ASN G 597 11.17 64.96 3.98
N GLY G 598 10.52 65.22 5.09
CA GLY G 598 9.08 65.48 5.02
C GLY G 598 8.31 64.36 4.36
N LEU G 599 7.44 64.74 3.41
CA LEU G 599 6.60 63.75 2.74
C LEU G 599 7.42 62.80 1.90
N ALA G 600 8.47 63.29 1.25
CA ALA G 600 9.30 62.41 0.43
C ALA G 600 9.84 61.26 1.26
N LYS G 601 10.27 61.56 2.48
CA LYS G 601 10.69 60.50 3.40
C LYS G 601 9.53 59.59 3.76
N ALA G 602 8.39 60.18 4.12
CA ALA G 602 7.22 59.40 4.51
C ALA G 602 6.74 58.52 3.36
N ALA G 603 6.65 59.08 2.16
CA ALA G 603 6.31 58.27 0.99
C ALA G 603 7.35 57.19 0.76
N MET G 604 8.63 57.57 0.86
CA MET G 604 9.69 56.60 0.62
C MET G 604 9.70 55.50 1.67
N ALA G 605 9.57 55.87 2.94
CA ALA G 605 9.67 54.87 4.00
C ALA G 605 8.49 53.90 3.99
N SER G 606 7.34 54.30 3.45
CA SER G 606 6.21 53.38 3.39
C SER G 606 6.55 52.15 2.57
N SER G 607 7.33 52.34 1.51
CA SER G 607 7.68 51.26 0.60
C SER G 607 8.84 50.40 1.10
N LEU G 608 9.50 50.80 2.18
CA LEU G 608 10.59 50.00 2.72
C LEU G 608 10.06 48.66 3.21
N SER G 609 10.79 47.59 2.87
CA SER G 609 10.43 46.24 3.28
C SER G 609 11.69 45.45 3.60
N THR G 610 11.73 44.86 4.79
CA THR G 610 12.87 44.06 5.23
C THR G 610 12.42 42.61 5.33
N VAL G 611 13.22 41.71 4.76
CA VAL G 611 12.95 40.28 4.77
C VAL G 611 14.11 39.57 5.45
N ALA G 612 13.80 38.74 6.44
CA ALA G 612 14.77 38.24 7.41
C ALA G 612 15.21 36.80 7.16
N SER G 613 15.41 36.40 5.91
CA SER G 613 15.83 35.03 5.67
C SER G 613 17.18 34.75 6.32
N ASN G 614 18.24 35.36 5.77
CA ASN G 614 19.55 35.32 6.38
C ASN G 614 20.31 36.64 6.30
N ASN G 615 19.98 37.52 5.35
CA ASN G 615 20.74 38.74 5.11
C ASN G 615 19.98 40.01 5.48
N LEU G 616 18.69 39.90 5.81
CA LEU G 616 17.86 41.04 6.23
C LEU G 616 17.92 42.18 5.22
N MET G 617 17.70 41.88 3.94
CA MET G 617 17.82 42.92 2.92
C MET G 617 16.76 43.97 3.17
N ASP G 618 16.67 44.91 2.24
CA ASP G 618 15.65 45.95 2.25
C ASP G 618 15.11 46.14 0.84
N PHE G 619 13.80 45.97 0.68
CA PHE G 619 13.16 46.16 -0.62
C PHE G 619 12.32 47.43 -0.58
N CYS G 620 12.41 48.20 -1.67
CA CYS G 620 11.52 49.33 -1.92
C CYS G 620 10.48 48.85 -2.92
N SER G 621 9.29 48.55 -2.42
CA SER G 621 8.29 47.80 -3.19
C SER G 621 7.01 48.62 -3.36
N VAL G 622 6.49 48.61 -4.59
CA VAL G 622 5.25 49.29 -4.91
C VAL G 622 4.06 48.67 -4.17
N PHE G 623 4.06 47.36 -3.94
CA PHE G 623 2.93 46.73 -3.24
C PHE G 623 2.79 47.28 -1.82
N ASN G 624 3.91 47.44 -1.13
CA ASN G 624 3.90 47.94 0.24
C ASN G 624 3.46 49.39 0.28
N LEU G 625 3.76 50.15 -0.77
CA LEU G 625 3.23 51.49 -0.90
C LEU G 625 1.72 51.46 -1.14
N ILE G 626 1.25 50.55 -1.99
CA ILE G 626 -0.19 50.38 -2.14
C ILE G 626 -0.81 49.89 -0.84
N GLY G 627 -0.15 48.94 -0.18
CA GLY G 627 -0.61 48.50 1.13
C GLY G 627 -0.65 49.62 2.15
N ALA G 628 0.34 50.53 2.08
CA ALA G 628 0.33 51.68 2.96
C ALA G 628 -0.88 52.56 2.70
N ILE G 629 -1.17 52.85 1.43
CA ILE G 629 -2.32 53.69 1.11
C ILE G 629 -3.60 53.08 1.65
N ALA G 630 -3.75 51.76 1.53
CA ALA G 630 -4.96 51.12 2.04
C ALA G 630 -5.08 51.31 3.54
N ASP G 631 -3.94 51.30 4.26
CA ASP G 631 -3.95 51.41 5.71
C ASP G 631 -4.21 52.84 6.21
N ILE G 632 -3.96 53.87 5.41
CA ILE G 632 -4.35 55.23 5.80
C ILE G 632 -5.53 55.72 4.97
N SER G 633 -6.41 54.81 4.56
CA SER G 633 -7.62 55.20 3.85
C SER G 633 -8.88 55.04 4.68
N ALA G 634 -8.85 54.21 5.73
CA ALA G 634 -10.03 53.95 6.53
C ALA G 634 -9.64 53.92 7.99
N CYS G 635 -8.75 54.83 8.40
CA CYS G 635 -8.42 54.91 9.82
C CYS G 635 -9.55 55.65 10.51
N ARG G 636 -9.68 56.96 10.25
CA ARG G 636 -10.79 57.72 10.84
C ARG G 636 -10.63 59.21 10.55
N CYS G 637 -11.54 60.00 11.13
CA CYS G 637 -11.47 61.45 11.08
C CYS G 637 -10.33 62.04 11.90
N GLU G 638 -9.69 61.28 12.78
CA GLU G 638 -8.73 61.89 13.70
C GLU G 638 -7.48 62.31 12.95
N ARG G 639 -6.72 63.24 13.54
CA ARG G 639 -5.35 63.45 13.07
C ARG G 639 -4.37 62.56 13.84
N SER G 640 -4.65 62.29 15.11
CA SER G 640 -3.77 61.43 15.89
C SER G 640 -3.79 60.00 15.37
N ALA G 641 -4.97 59.50 14.99
CA ALA G 641 -5.05 58.14 14.45
C ALA G 641 -4.25 58.01 13.16
N ILE G 642 -4.22 59.04 12.34
CA ILE G 642 -3.37 59.02 11.16
C ILE G 642 -1.91 58.97 11.57
N THR G 643 -1.57 59.59 12.70
CA THR G 643 -0.18 59.65 13.14
C THR G 643 0.40 58.25 13.36
N ASN G 644 -0.27 57.45 14.17
CA ASN G 644 0.22 56.09 14.39
C ASN G 644 -0.04 55.18 13.20
N ALA G 645 -1.04 55.52 12.37
CA ALA G 645 -1.20 54.81 11.11
C ALA G 645 0.06 54.93 10.25
N PHE G 646 0.65 56.13 10.21
CA PHE G 646 1.97 56.28 9.61
C PHE G 646 2.98 55.39 10.32
N ASN G 647 3.08 55.51 11.65
CA ASN G 647 4.14 54.84 12.38
C ASN G 647 4.10 53.32 12.20
N LYS G 648 2.95 52.76 11.83
CA LYS G 648 2.88 51.32 11.56
C LYS G 648 3.51 50.98 10.22
N VAL G 649 3.30 51.81 9.21
CA VAL G 649 3.79 51.53 7.85
C VAL G 649 5.13 52.22 7.66
N ILE G 650 5.36 53.32 8.37
CA ILE G 650 6.64 54.01 8.25
C ILE G 650 7.75 53.16 8.86
N ALA G 651 7.46 52.53 10.00
CA ALA G 651 8.47 51.81 10.75
C ALA G 651 9.02 50.65 9.94
N GLN G 652 10.28 50.31 10.20
CA GLN G 652 10.90 49.18 9.53
C GLN G 652 10.09 47.92 9.80
N THR G 653 9.44 47.41 8.75
CA THR G 653 8.64 46.20 8.84
C THR G 653 9.48 45.03 8.38
N THR G 654 9.65 44.04 9.25
CA THR G 654 10.57 42.94 9.03
C THR G 654 9.81 41.63 9.13
N CYS G 655 10.06 40.72 8.18
CA CYS G 655 9.32 39.47 8.14
C CYS G 655 10.21 38.37 7.61
N ILE G 656 9.76 37.13 7.78
CA ILE G 656 10.55 35.95 7.47
C ILE G 656 10.21 35.52 6.05
N VAL G 657 11.12 34.81 5.38
CA VAL G 657 10.79 34.16 4.13
C VAL G 657 9.84 33.00 4.40
N PRO G 658 8.92 32.66 3.49
CA PRO G 658 8.04 31.54 3.73
C PRO G 658 8.77 30.25 4.05
N PRO G 659 8.06 29.22 4.57
CA PRO G 659 8.69 27.90 4.80
C PRO G 659 8.74 27.06 3.51
N TRP G 660 9.09 27.70 2.39
CA TRP G 660 9.33 26.94 1.17
C TRP G 660 10.48 27.48 0.32
N SER G 661 11.32 28.40 0.82
CA SER G 661 12.42 28.89 -0.02
C SER G 661 13.61 27.95 0.10
N THR G 704 6.93 66.59 14.32
CA THR G 704 8.35 66.91 14.43
C THR G 704 8.97 67.11 13.05
N GLU G 705 9.18 66.00 12.34
CA GLU G 705 9.74 66.03 11.00
C GLU G 705 8.75 65.57 9.93
N PHE G 706 7.57 65.10 10.32
CA PHE G 706 6.52 64.71 9.38
C PHE G 706 5.28 65.58 9.52
N SER G 707 5.43 66.77 10.10
CA SER G 707 4.26 67.55 10.52
C SER G 707 3.35 67.91 9.36
N ASP G 708 3.91 68.50 8.30
CA ASP G 708 3.07 68.96 7.21
C ASP G 708 2.53 67.81 6.38
N ALA G 709 3.31 66.74 6.22
CA ALA G 709 2.85 65.59 5.46
C ALA G 709 1.59 64.98 6.06
N ILE G 710 1.48 65.00 7.39
CA ILE G 710 0.33 64.39 8.05
C ILE G 710 -0.95 65.20 7.77
N THR G 711 -0.87 66.52 7.89
CA THR G 711 -2.03 67.36 7.55
C THR G 711 -2.51 67.05 6.15
N LYS G 712 -1.55 66.79 5.25
CA LYS G 712 -1.82 66.50 3.85
C LYS G 712 -2.53 65.17 3.68
N VAL G 713 -2.00 64.14 4.32
CA VAL G 713 -2.70 62.86 4.38
C VAL G 713 -4.03 63.01 5.11
N GLU G 714 -4.04 63.80 6.16
CA GLU G 714 -5.30 64.17 6.78
C GLU G 714 -6.20 64.89 5.78
N GLN G 715 -5.61 65.82 5.02
CA GLN G 715 -6.29 66.45 3.87
C GLN G 715 -6.92 65.40 2.97
N TRP G 716 -6.08 64.60 2.33
CA TRP G 716 -6.51 63.73 1.25
C TRP G 716 -7.47 62.67 1.76
N LEU G 717 -7.30 62.27 3.02
CA LEU G 717 -8.19 61.27 3.60
C LEU G 717 -9.61 61.81 3.68
N LYS G 718 -9.76 63.06 4.17
CA LYS G 718 -11.07 63.71 4.13
C LYS G 718 -11.61 63.76 2.71
N ASN G 719 -10.78 64.18 1.75
CA ASN G 719 -11.15 64.18 0.35
C ASN G 719 -11.68 62.80 -0.07
N VAL G 720 -11.00 61.73 0.36
CA VAL G 720 -11.44 60.38 0.05
C VAL G 720 -12.77 60.12 0.76
N ASN G 721 -12.88 60.59 2.01
CA ASN G 721 -14.00 60.23 2.87
C ASN G 721 -15.33 60.71 2.30
N GLU G 722 -15.40 61.94 1.80
CA GLU G 722 -16.64 62.52 1.30
C GLU G 722 -17.20 61.74 0.10
N ILE G 723 -16.32 61.14 -0.70
CA ILE G 723 -16.59 60.89 -2.11
C ILE G 723 -16.15 59.50 -2.54
N GLU G 724 -15.45 58.76 -1.68
CA GLU G 724 -15.29 57.30 -1.81
C GLU G 724 -16.61 56.56 -1.67
N ILE G 725 -17.60 57.20 -1.06
CA ILE G 725 -18.91 56.58 -0.86
C ILE G 725 -19.71 56.54 -2.16
N GLY G 726 -19.08 56.97 -3.26
CA GLY G 726 -19.74 56.98 -4.55
C GLY G 726 -19.05 56.09 -5.56
N ILE G 727 -18.46 55.00 -5.08
CA ILE G 727 -17.76 54.06 -5.95
C ILE G 727 -18.32 52.65 -5.82
N ARG G 728 -18.75 52.08 -6.93
CA ARG G 728 -19.30 50.73 -6.95
C ARG G 728 -18.51 49.86 -7.93
N PRO G 729 -17.41 49.27 -7.45
CA PRO G 729 -16.56 48.41 -8.28
C PRO G 729 -17.09 47.00 -8.39
N SER G 730 -16.63 46.31 -9.42
CA SER G 730 -17.01 44.93 -9.68
C SER G 730 -15.77 44.05 -9.64
N ALA G 731 -15.99 42.75 -9.49
CA ALA G 731 -14.90 41.81 -9.65
C ALA G 731 -14.26 41.94 -11.02
N LEU G 732 -15.04 42.37 -12.02
CA LEU G 732 -14.50 42.62 -13.35
C LEU G 732 -13.55 43.81 -13.33
N LEU G 733 -14.00 44.94 -12.78
CA LEU G 733 -13.15 46.13 -12.74
C LEU G 733 -11.90 45.88 -11.90
N ILE G 734 -12.08 45.34 -10.70
CA ILE G 734 -10.96 45.12 -9.81
C ILE G 734 -9.99 44.11 -10.43
N GLY G 735 -10.53 43.04 -11.03
CA GLY G 735 -9.67 42.08 -11.69
C GLY G 735 -8.95 42.67 -12.89
N LYS G 736 -9.66 43.51 -13.67
CA LYS G 736 -9.04 44.09 -14.86
C LYS G 736 -8.07 45.20 -14.53
N VAL G 737 -8.36 46.00 -13.49
CA VAL G 737 -7.38 46.97 -13.02
C VAL G 737 -6.09 46.25 -12.62
N TRP G 738 -6.23 45.12 -11.94
CA TRP G 738 -5.04 44.33 -11.57
C TRP G 738 -4.35 43.77 -12.81
N SER G 739 -5.13 43.35 -13.82
CA SER G 739 -4.53 42.75 -15.01
C SER G 739 -3.64 43.73 -15.76
N ARG G 740 -4.17 44.91 -16.11
CA ARG G 740 -3.34 46.00 -16.61
C ARG G 740 -2.17 46.29 -15.68
N PHE G 741 -2.46 46.52 -14.40
CA PHE G 741 -1.40 46.88 -13.46
C PHE G 741 -0.33 45.80 -13.42
N TYR G 742 -0.76 44.55 -13.26
CA TYR G 742 0.19 43.44 -13.20
C TYR G 742 0.96 43.28 -14.50
N PHE G 743 0.32 43.55 -15.64
CA PHE G 743 1.03 43.43 -16.91
C PHE G 743 2.01 44.57 -17.10
N ASN G 744 1.52 45.80 -16.95
CA ASN G 744 2.41 46.96 -17.02
C ASN G 744 3.62 46.76 -16.12
N LEU G 745 3.44 46.00 -15.04
CA LEU G 745 4.52 45.82 -14.08
C LEU G 745 5.69 45.03 -14.66
N ASN G 746 5.42 44.00 -15.48
CA ASN G 746 6.51 43.20 -16.03
C ASN G 746 7.21 43.88 -17.21
N ASN G 747 6.52 44.75 -17.92
CA ASN G 747 7.20 45.54 -18.93
C ASN G 747 8.21 46.49 -18.29
N VAL G 748 7.86 47.06 -17.14
CA VAL G 748 8.81 47.87 -16.41
C VAL G 748 9.93 47.02 -15.85
N ALA G 749 9.63 45.78 -15.44
CA ALA G 749 10.65 44.90 -14.88
C ALA G 749 11.62 44.38 -15.93
N ASP G 750 11.37 44.61 -17.22
CA ASP G 750 12.26 44.15 -18.27
C ASP G 750 12.89 45.29 -19.05
N GLN G 751 12.09 46.27 -19.49
CA GLN G 751 12.63 47.38 -20.26
C GLN G 751 13.63 48.18 -19.43
N HIS G 752 13.28 48.50 -18.19
CA HIS G 752 14.18 49.23 -17.31
C HIS G 752 15.22 48.34 -16.65
N LYS G 753 15.07 47.02 -16.72
CA LYS G 753 16.12 46.14 -16.18
C LYS G 753 17.45 46.36 -16.88
N THR G 754 17.46 46.38 -18.21
CA THR G 754 18.68 46.33 -19.00
C THR G 754 19.16 47.72 -19.42
N ARG G 755 18.92 48.70 -18.54
CA ARG G 755 19.26 50.09 -18.79
C ARG G 755 19.94 50.75 -17.59
N LEU G 756 20.51 49.94 -16.70
CA LEU G 756 21.17 50.45 -15.50
C LEU G 756 22.65 50.62 -15.80
N TYR G 757 22.98 51.76 -16.40
CA TYR G 757 24.35 52.12 -16.75
C TYR G 757 24.96 52.94 -15.61
N ARG G 758 26.26 53.22 -15.71
CA ARG G 758 26.92 54.00 -14.68
C ARG G 758 26.45 55.45 -14.73
N ASN G 759 26.22 55.96 -15.93
CA ASN G 759 25.71 57.31 -16.15
C ASN G 759 24.22 57.32 -16.49
N ALA G 760 23.55 56.16 -16.42
CA ALA G 760 22.11 56.14 -16.61
C ALA G 760 21.40 56.98 -15.57
N GLU G 761 22.04 57.24 -14.44
CA GLU G 761 21.46 58.12 -13.44
C GLU G 761 21.24 59.51 -14.03
N HIS G 762 20.45 60.30 -13.30
CA HIS G 762 19.85 61.55 -13.77
C HIS G 762 18.71 61.27 -14.73
N GLY G 763 18.54 60.00 -15.14
CA GLY G 763 17.43 59.58 -15.96
C GLY G 763 16.97 60.57 -16.98
N ARG G 764 17.89 61.25 -17.66
CA ARG G 764 17.47 62.38 -18.47
C ARG G 764 16.79 61.97 -19.73
N MET G 765 16.86 60.70 -20.06
CA MET G 765 16.50 60.20 -21.37
C MET G 765 15.62 58.93 -21.30
N ALA G 766 15.09 58.55 -22.47
CA ALA G 766 14.24 57.39 -22.53
C ALA G 766 15.02 56.12 -22.42
N SER G 767 16.27 56.04 -22.80
CA SER G 767 17.00 54.78 -22.73
C SER G 767 17.95 54.73 -21.56
N GLN G 768 17.83 55.63 -20.60
CA GLN G 768 18.58 55.61 -19.35
C GLN G 768 17.60 55.39 -18.20
N SER G 769 17.88 54.38 -17.37
CA SER G 769 17.01 54.06 -16.25
C SER G 769 17.84 53.83 -14.99
N ASN G 770 17.19 54.07 -13.85
CA ASN G 770 17.79 53.99 -12.53
C ASN G 770 16.75 53.45 -11.56
N ALA G 771 17.09 53.45 -10.27
CA ALA G 771 16.15 52.98 -9.26
C ALA G 771 14.98 53.94 -9.07
N ALA G 772 15.13 55.20 -9.43
CA ALA G 772 14.03 56.16 -9.33
C ALA G 772 13.06 56.07 -10.52
N LYS G 773 13.59 55.84 -11.73
CA LYS G 773 12.72 55.74 -12.90
C LYS G 773 11.90 54.46 -12.86
N ILE G 774 12.51 53.36 -12.43
CA ILE G 774 11.77 52.10 -12.35
C ILE G 774 10.57 52.27 -11.42
N MET G 775 10.79 52.89 -10.27
CA MET G 775 9.75 53.01 -9.26
C MET G 775 8.66 53.97 -9.71
N ARG G 776 9.07 55.08 -10.34
CA ARG G 776 8.09 56.04 -10.82
C ARG G 776 7.14 55.39 -11.81
N PHE G 777 7.68 54.59 -12.74
CA PHE G 777 6.81 53.96 -13.73
C PHE G 777 6.00 52.82 -13.13
N ASN G 778 6.51 52.18 -12.08
CA ASN G 778 5.69 51.23 -11.34
C ASN G 778 4.51 51.93 -10.68
N VAL G 779 4.74 53.12 -10.12
CA VAL G 779 3.64 53.91 -9.58
C VAL G 779 2.74 54.39 -10.71
N LEU G 780 3.34 54.87 -11.81
CA LEU G 780 2.54 55.29 -12.95
C LEU G 780 1.78 54.13 -13.56
N ALA G 781 2.36 52.92 -13.51
CA ALA G 781 1.66 51.75 -14.00
C ALA G 781 0.37 51.51 -13.22
N PHE G 782 0.43 51.66 -11.90
CA PHE G 782 -0.79 51.59 -11.10
C PHE G 782 -1.81 52.60 -11.61
N LEU G 783 -1.44 53.89 -11.55
CA LEU G 783 -2.42 54.95 -11.79
C LEU G 783 -3.00 54.85 -13.19
N HIS G 784 -2.18 54.47 -14.17
CA HIS G 784 -2.69 54.29 -15.52
C HIS G 784 -3.65 53.11 -15.60
N ALA G 785 -3.33 52.01 -14.92
CA ALA G 785 -4.22 50.86 -14.91
C ALA G 785 -5.59 51.22 -14.33
N VAL G 786 -5.60 51.96 -13.22
CA VAL G 786 -6.87 52.39 -12.63
C VAL G 786 -7.62 53.31 -13.58
N LEU G 787 -6.91 54.26 -14.19
CA LEU G 787 -7.57 55.23 -15.05
C LEU G 787 -8.25 54.56 -16.23
N VAL G 788 -7.56 53.60 -16.86
CA VAL G 788 -8.07 53.00 -18.08
C VAL G 788 -9.29 52.14 -17.79
N GLU G 789 -9.14 51.14 -16.92
CA GLU G 789 -10.25 50.22 -16.65
C GLU G 789 -11.43 50.95 -16.03
N GLU G 790 -11.14 51.92 -15.15
CA GLU G 790 -12.22 52.67 -14.51
C GLU G 790 -12.96 53.53 -15.53
N SER G 791 -12.26 53.99 -16.58
CA SER G 791 -12.96 54.63 -17.70
C SER G 791 -13.80 53.63 -18.47
N LEU G 792 -13.56 52.33 -18.28
CA LEU G 792 -14.22 51.28 -19.04
C LEU G 792 -15.24 50.50 -18.22
N TYR G 793 -14.93 50.20 -16.95
CA TYR G 793 -15.67 49.19 -16.20
C TYR G 793 -16.13 49.70 -14.83
N HIS G 794 -16.34 51.00 -14.69
CA HIS G 794 -16.88 51.57 -13.46
C HIS G 794 -18.32 52.00 -13.69
N SER G 795 -19.23 51.49 -12.85
CA SER G 795 -20.66 51.66 -13.04
C SER G 795 -21.17 53.02 -12.57
N VAL G 796 -20.27 53.98 -12.35
CA VAL G 796 -20.69 55.33 -11.99
C VAL G 796 -21.02 56.17 -13.22
N SER G 797 -20.48 55.82 -14.40
CA SER G 797 -20.75 56.51 -15.64
C SER G 797 -21.19 55.51 -16.69
N ASP G 798 -22.13 55.93 -17.54
CA ASP G 798 -22.69 54.98 -18.49
C ASP G 798 -21.68 54.58 -19.55
N ARG G 799 -20.71 55.46 -19.83
CA ARG G 799 -19.88 55.36 -21.02
C ARG G 799 -18.43 55.62 -20.66
N GLU G 800 -17.56 55.36 -21.63
CA GLU G 800 -16.16 55.76 -21.58
C GLU G 800 -15.94 57.18 -22.05
N TYR G 801 -15.00 57.84 -21.39
CA TYR G 801 -14.43 59.11 -21.81
C TYR G 801 -13.03 58.94 -22.35
N ILE G 802 -12.58 57.68 -22.50
CA ILE G 802 -11.20 57.40 -22.91
C ILE G 802 -11.06 57.27 -24.41
N GLY G 803 -12.13 56.90 -25.12
CA GLY G 803 -12.12 56.86 -26.56
C GLY G 803 -11.76 55.50 -27.13
N GLU G 804 -12.17 55.29 -28.39
CA GLU G 804 -11.85 54.07 -29.13
C GLU G 804 -10.47 54.23 -29.73
N GLY G 805 -9.46 53.73 -29.01
CA GLY G 805 -8.08 53.85 -29.43
C GLY G 805 -7.27 52.62 -29.08
N LEU G 806 -6.04 52.60 -29.58
CA LEU G 806 -5.09 51.54 -29.30
C LEU G 806 -4.45 51.80 -27.94
N ARG G 807 -4.55 50.84 -27.03
CA ARG G 807 -4.40 51.10 -25.60
C ARG G 807 -3.12 50.44 -25.09
N LEU G 808 -2.13 51.27 -24.79
CA LEU G 808 -0.84 50.82 -24.29
C LEU G 808 -0.61 51.34 -22.88
N ASN G 809 0.47 50.84 -22.28
CA ASN G 809 0.86 51.11 -20.92
C ASN G 809 2.13 51.95 -20.88
N PRO G 810 2.25 52.92 -19.96
CA PRO G 810 3.52 53.66 -19.86
C PRO G 810 4.61 52.82 -19.25
N VAL G 811 5.60 52.43 -20.05
CA VAL G 811 6.69 51.57 -19.61
C VAL G 811 7.98 52.38 -19.46
N THR G 812 8.44 53.01 -20.53
CA THR G 812 9.68 53.78 -20.51
C THR G 812 9.45 55.28 -20.68
N SER G 813 8.20 55.70 -20.88
CA SER G 813 7.88 57.12 -21.01
C SER G 813 6.40 57.29 -20.70
N VAL G 814 5.97 58.55 -20.64
CA VAL G 814 4.60 58.86 -20.23
C VAL G 814 3.77 59.30 -21.43
N ASP G 815 4.13 58.83 -22.63
CA ASP G 815 3.27 59.11 -23.77
C ASP G 815 1.84 58.71 -23.46
N GLU G 816 1.63 57.46 -23.07
CA GLU G 816 0.27 56.91 -22.93
C GLU G 816 -0.47 57.53 -21.75
N PHE G 817 0.23 57.84 -20.66
CA PHE G 817 -0.46 58.39 -19.50
C PHE G 817 -0.82 59.85 -19.70
N GLU G 818 0.15 60.66 -20.13
CA GLU G 818 -0.13 62.04 -20.48
C GLU G 818 -1.36 62.12 -21.37
N LYS G 819 -1.52 61.13 -22.23
CA LYS G 819 -2.58 60.99 -23.22
C LYS G 819 -3.97 60.81 -22.64
N LYS G 820 -4.17 59.66 -22.01
CA LYS G 820 -5.54 59.24 -21.68
C LYS G 820 -6.17 60.19 -20.68
N ILE G 821 -5.43 60.59 -19.65
CA ILE G 821 -5.92 61.63 -18.74
C ILE G 821 -6.47 62.76 -19.56
N LYS G 822 -5.65 63.22 -20.50
CA LYS G 822 -5.96 64.38 -21.30
C LYS G 822 -7.17 64.20 -22.20
N ILE G 823 -7.20 63.14 -22.99
CA ILE G 823 -8.33 62.92 -23.88
C ILE G 823 -9.60 62.82 -23.07
N ILE G 824 -9.49 62.24 -21.87
CA ILE G 824 -10.59 62.28 -20.91
C ILE G 824 -10.78 63.69 -20.37
N GLY G 825 -9.68 64.44 -20.24
CA GLY G 825 -9.74 65.73 -19.55
C GLY G 825 -10.67 66.72 -20.22
N GLU G 826 -10.55 66.90 -21.54
CA GLU G 826 -11.37 67.89 -22.23
C GLU G 826 -12.66 67.30 -22.78
N LYS G 827 -12.84 65.98 -22.70
CA LYS G 827 -14.13 65.40 -22.99
C LYS G 827 -15.08 65.66 -21.84
N LEU G 828 -14.54 65.60 -20.62
CA LEU G 828 -15.32 65.82 -19.40
C LEU G 828 -16.03 67.17 -19.46
N LYS G 829 -15.41 68.13 -20.14
CA LYS G 829 -15.95 69.48 -20.20
C LYS G 829 -17.07 69.58 -21.24
N ALA G 830 -16.83 69.03 -22.43
CA ALA G 830 -17.90 68.97 -23.42
C ALA G 830 -19.08 68.14 -22.92
N ASP G 831 -18.81 67.21 -22.01
CA ASP G 831 -19.84 66.39 -21.40
C ASP G 831 -20.36 67.01 -20.09
N ASN G 832 -19.77 68.12 -19.67
CA ASN G 832 -20.12 68.77 -18.40
C ASN G 832 -20.00 67.80 -17.23
N LYS G 833 -18.82 67.17 -17.12
CA LYS G 833 -18.52 66.25 -16.05
C LYS G 833 -17.14 66.59 -15.49
N THR G 834 -16.89 66.16 -14.25
CA THR G 834 -15.60 66.36 -13.60
C THR G 834 -14.96 65.01 -13.26
N TRP G 835 -13.69 65.06 -12.86
CA TRP G 835 -12.97 63.89 -12.39
C TRP G 835 -13.55 63.33 -11.10
N LYS G 836 -14.39 64.10 -10.44
CA LYS G 836 -15.09 63.68 -9.24
C LYS G 836 -16.20 62.71 -9.55
N ASN G 837 -17.23 63.22 -10.24
CA ASN G 837 -18.41 62.44 -10.52
C ASN G 837 -18.06 61.19 -11.31
N THR G 838 -17.17 61.34 -12.30
CA THR G 838 -16.67 60.24 -13.09
C THR G 838 -15.19 60.04 -12.81
N HIS G 839 -14.77 58.79 -12.80
CA HIS G 839 -13.40 58.38 -12.47
C HIS G 839 -13.03 58.75 -11.03
N PRO G 840 -13.85 58.40 -10.03
CA PRO G 840 -13.49 58.71 -8.64
C PRO G 840 -12.19 58.07 -8.18
N LEU G 841 -12.05 56.75 -8.36
CA LEU G 841 -10.92 56.04 -7.77
C LEU G 841 -9.59 56.60 -8.27
N PHE G 842 -9.49 56.85 -9.58
CA PHE G 842 -8.27 57.42 -10.12
C PHE G 842 -8.01 58.81 -9.53
N PHE G 843 -9.07 59.61 -9.40
CA PHE G 843 -8.92 60.95 -8.83
C PHE G 843 -8.38 60.88 -7.41
N LEU G 844 -8.91 59.98 -6.59
CA LEU G 844 -8.43 59.86 -5.22
C LEU G 844 -6.99 59.36 -5.18
N LEU G 845 -6.65 58.42 -6.06
CA LEU G 845 -5.31 57.85 -6.08
C LEU G 845 -4.29 58.86 -6.60
N ILE G 846 -4.60 59.55 -7.69
CA ILE G 846 -3.68 60.55 -8.22
C ILE G 846 -3.49 61.71 -7.26
N SER G 847 -4.48 61.98 -6.42
CA SER G 847 -4.40 63.08 -5.45
C SER G 847 -3.76 62.66 -4.14
N CYS G 848 -3.31 61.42 -4.01
CA CYS G 848 -2.73 60.95 -2.76
C CYS G 848 -1.34 61.58 -2.56
N PRO G 849 -1.11 62.31 -1.47
CA PRO G 849 0.26 62.79 -1.21
C PRO G 849 1.30 61.68 -1.16
N ILE G 850 0.90 60.46 -0.78
CA ILE G 850 1.88 59.39 -0.68
C ILE G 850 2.51 59.12 -2.04
N LEU G 851 1.71 59.22 -3.11
CA LEU G 851 2.16 58.88 -4.45
C LEU G 851 2.96 59.98 -5.12
N HIS G 852 2.69 61.24 -4.78
CA HIS G 852 3.23 62.35 -5.56
C HIS G 852 4.75 62.36 -5.63
N PRO G 853 5.50 62.10 -4.57
CA PRO G 853 6.97 62.12 -4.70
C PRO G 853 7.50 61.15 -5.74
N PHE G 854 6.82 60.03 -5.98
CA PHE G 854 7.27 59.06 -6.97
C PHE G 854 6.91 59.47 -8.39
N ILE G 855 6.01 60.43 -8.56
CA ILE G 855 5.52 60.79 -9.87
C ILE G 855 6.60 61.54 -10.66
N PHE G 856 7.24 62.50 -10.02
CA PHE G 856 8.28 63.33 -10.65
C PHE G 856 9.50 63.32 -9.75
N PRO G 857 10.15 62.17 -9.61
CA PRO G 857 11.36 62.10 -8.79
C PRO G 857 12.57 62.64 -9.54
N ILE G 858 13.60 62.97 -8.77
CA ILE G 858 14.86 63.41 -9.38
C ILE G 858 15.48 62.22 -10.10
N GLY G 859 15.86 62.42 -11.35
CA GLY G 859 16.42 61.36 -12.16
C GLY G 859 15.42 60.37 -12.70
N GLY G 860 14.12 60.68 -12.63
CA GLY G 860 13.11 59.83 -13.21
C GLY G 860 12.34 60.56 -14.29
N ILE G 861 12.78 61.77 -14.62
CA ILE G 861 12.10 62.64 -15.57
C ILE G 861 12.94 62.72 -16.83
N ASN G 862 12.34 62.38 -17.96
CA ASN G 862 13.04 62.44 -19.25
C ASN G 862 13.25 63.90 -19.65
N CYS G 863 14.46 64.20 -20.14
CA CYS G 863 14.88 65.56 -20.43
C CYS G 863 15.33 65.71 -21.88
N SER G 864 14.58 65.13 -22.80
CA SER G 864 14.81 65.33 -24.22
C SER G 864 13.86 66.41 -24.74
N VAL G 865 14.29 67.11 -25.80
CA VAL G 865 13.41 68.10 -26.40
C VAL G 865 12.09 67.47 -26.77
N LYS G 866 12.15 66.26 -27.32
CA LYS G 866 10.91 65.60 -27.69
C LYS G 866 10.15 65.18 -26.43
N ALA G 867 10.86 64.52 -25.51
CA ALA G 867 10.25 63.86 -24.38
C ALA G 867 9.62 64.86 -23.43
N LEU G 868 10.17 66.07 -23.33
CA LEU G 868 9.61 67.04 -22.40
C LEU G 868 8.22 67.51 -22.81
N ASN G 869 7.97 67.59 -24.11
CA ASN G 869 6.70 68.16 -24.55
C ASN G 869 5.53 67.40 -23.94
N LYS G 870 5.71 66.10 -23.70
CA LYS G 870 4.72 65.36 -22.91
C LYS G 870 4.83 65.72 -21.43
N GLU G 871 6.06 65.77 -20.89
CA GLU G 871 6.18 65.70 -19.44
C GLU G 871 5.82 67.01 -18.79
N THR G 872 6.21 68.14 -19.40
CA THR G 872 5.71 69.42 -18.93
C THR G 872 4.19 69.49 -19.11
N SER G 873 3.69 69.00 -20.24
CA SER G 873 2.25 68.95 -20.47
C SER G 873 1.61 67.78 -19.74
N PHE G 874 2.43 66.84 -19.26
CA PHE G 874 1.93 65.84 -18.30
C PHE G 874 1.66 66.47 -16.94
N ASN G 875 2.47 67.44 -16.53
CA ASN G 875 2.32 68.03 -15.20
C ASN G 875 1.02 68.81 -15.07
N LYS G 876 0.74 69.68 -16.04
CA LYS G 876 -0.45 70.52 -16.03
C LYS G 876 -1.72 69.72 -15.79
N LEU G 877 -1.85 68.60 -16.51
CA LEU G 877 -3.08 67.82 -16.43
C LEU G 877 -3.26 67.27 -15.02
N ILE G 878 -2.15 66.88 -14.39
CA ILE G 878 -2.21 66.34 -13.05
C ILE G 878 -2.66 67.41 -12.06
N ASP G 879 -2.06 68.61 -12.14
CA ASP G 879 -2.42 69.69 -11.23
C ASP G 879 -3.92 70.00 -11.36
N GLU G 880 -4.41 69.99 -12.58
CA GLU G 880 -5.78 70.40 -12.85
C GLU G 880 -6.78 69.40 -12.25
N ILE G 881 -6.38 68.12 -12.16
CA ILE G 881 -7.25 67.13 -11.52
C ILE G 881 -7.17 67.26 -10.00
N VAL G 882 -5.95 67.30 -9.46
CA VAL G 882 -5.77 67.29 -8.02
C VAL G 882 -6.39 68.52 -7.39
N GLY G 883 -6.29 69.67 -8.06
CA GLY G 883 -6.81 70.92 -7.55
C GLY G 883 -5.78 71.81 -6.89
N ASP G 884 -4.62 71.26 -6.52
CA ASP G 884 -3.49 72.05 -6.08
C ASP G 884 -2.31 71.75 -6.99
N LYS G 885 -1.48 72.76 -7.19
CA LYS G 885 -0.40 72.68 -8.17
C LYS G 885 0.81 72.03 -7.52
N LEU G 886 1.37 71.02 -8.17
CA LEU G 886 2.16 70.01 -7.47
C LEU G 886 3.57 70.52 -7.16
N LEU G 887 4.34 70.89 -8.19
CA LEU G 887 5.69 71.38 -8.00
C LEU G 887 5.79 72.81 -8.53
N SER G 888 6.45 73.68 -7.77
CA SER G 888 6.69 75.04 -8.25
C SER G 888 7.63 75.01 -9.45
N ASP G 889 7.47 76.00 -10.34
CA ASP G 889 8.38 76.07 -11.49
C ASP G 889 9.83 76.01 -11.01
N GLU G 890 10.13 76.84 -10.03
CA GLU G 890 11.36 76.84 -9.30
C GLU G 890 11.59 75.54 -8.52
N GLU G 891 10.60 74.65 -8.42
CA GLU G 891 10.94 73.26 -8.13
C GLU G 891 10.97 72.45 -9.42
N TRP G 892 10.19 72.85 -10.41
CA TRP G 892 10.17 72.17 -11.70
C TRP G 892 11.47 72.34 -12.47
N ASP G 893 12.09 73.52 -12.38
CA ASP G 893 13.31 73.79 -13.12
C ASP G 893 14.46 72.87 -12.70
N TYR G 894 14.60 72.60 -11.40
CA TYR G 894 15.68 71.70 -10.98
C TYR G 894 15.48 70.29 -11.53
N LEU G 895 14.23 69.85 -11.67
CA LEU G 895 13.97 68.50 -12.17
C LEU G 895 14.50 68.32 -13.58
N THR G 896 14.30 69.31 -14.46
CA THR G 896 14.48 69.14 -15.90
C THR G 896 15.76 69.75 -16.46
N LYS G 897 16.34 70.70 -15.75
CA LYS G 897 17.29 71.60 -16.44
C LYS G 897 18.70 71.16 -16.11
N PHE G 910 14.82 69.43 -0.99
CA PHE G 910 13.59 69.37 -1.77
C PHE G 910 12.58 68.44 -1.13
N GLN G 911 11.53 69.03 -0.53
CA GLN G 911 10.45 68.27 0.06
C GLN G 911 9.41 67.90 -1.00
N ASN G 912 8.60 66.89 -0.67
CA ASN G 912 7.56 66.40 -1.56
C ASN G 912 8.12 65.93 -2.89
N THR G 913 9.38 65.53 -2.92
CA THR G 913 9.98 65.00 -4.14
C THR G 913 11.18 64.14 -3.76
N ILE G 914 11.26 62.95 -4.35
CA ILE G 914 12.34 62.02 -4.06
C ILE G 914 13.60 62.48 -4.78
N THR G 915 14.69 62.64 -4.01
CA THR G 915 15.95 63.14 -4.55
C THR G 915 17.13 62.21 -4.31
N SER G 916 16.93 61.06 -3.65
CA SER G 916 18.03 60.18 -3.29
C SER G 916 17.92 58.79 -3.90
N LEU G 917 16.78 58.45 -4.52
CA LEU G 917 16.63 57.12 -5.12
C LEU G 917 17.39 57.00 -6.43
N ASN G 918 17.61 58.11 -7.13
CA ASN G 918 18.28 58.05 -8.43
C ASN G 918 19.64 57.35 -8.32
N SER G 919 20.46 57.78 -7.36
CA SER G 919 21.82 57.28 -7.22
C SER G 919 21.91 56.16 -6.20
N SER G 920 20.81 55.43 -5.97
CA SER G 920 20.81 54.27 -5.10
C SER G 920 21.10 53.03 -5.93
N THR G 921 22.14 52.29 -5.56
CA THR G 921 22.57 51.12 -6.32
C THR G 921 21.61 49.95 -6.10
N ILE G 922 21.43 49.15 -7.15
CA ILE G 922 20.53 48.00 -7.13
C ILE G 922 21.39 46.74 -7.16
N VAL G 923 20.98 45.73 -6.38
CA VAL G 923 21.76 44.49 -6.35
C VAL G 923 21.80 43.87 -7.74
N GLY G 924 22.94 43.25 -8.05
CA GLY G 924 23.09 42.55 -9.30
C GLY G 924 23.40 43.47 -10.47
N ALA G 925 22.94 44.72 -10.39
CA ALA G 925 23.27 45.71 -11.41
C ALA G 925 24.76 45.98 -11.32
N SER G 926 25.53 45.41 -12.23
CA SER G 926 26.98 45.53 -12.15
C SER G 926 27.43 46.97 -12.21
N TYR G 927 26.63 47.81 -12.87
CA TYR G 927 26.93 49.23 -13.04
C TYR G 927 28.36 49.45 -13.54
N ASP G 928 28.61 48.99 -14.77
CA ASP G 928 29.92 49.14 -15.39
C ASP G 928 29.80 49.69 -16.80
N LYS G 929 28.61 49.53 -17.40
CA LYS G 929 28.37 50.01 -18.75
C LYS G 929 28.02 51.50 -18.75
N ASP G 930 27.97 52.10 -19.94
CA ASP G 930 27.65 53.51 -20.07
C ASP G 930 26.56 53.73 -21.12
N THR G 931 26.32 54.99 -21.47
CA THR G 931 25.31 55.34 -22.45
C THR G 931 25.90 55.44 -23.86
N PRO G 932 25.06 55.28 -24.88
CA PRO G 932 25.48 55.34 -26.29
C PRO G 932 25.45 56.77 -26.84
N ALA G 933 25.46 56.88 -28.16
CA ALA G 933 25.44 58.18 -28.84
C ALA G 933 24.45 58.20 -30.01
N ARG G 934 24.50 59.28 -30.80
CA ARG G 934 23.60 59.52 -31.93
C ARG G 934 22.14 59.62 -31.46
#